data_5LOX
#
_entry.id   5LOX
#
_cell.length_a   150.070
_cell.length_b   230.080
_cell.length_c   171.720
_cell.angle_alpha   90.00
_cell.angle_beta   108.39
_cell.angle_gamma   90.00
#
_symmetry.space_group_name_H-M   'P 1 21 1'
#
_entity_poly.entity_id   1
_entity_poly.type   'polypeptide(L)'
_entity_poly.pdbx_seq_one_letter_code
;TYCVA(MSE)HLADGLVFASDSRTNAGIDHIATFRKLFTFGTPGERLLVVQTAGNLATSQSVINLLQQRIRRDGASLLNV
PSVYDATALVAETTREV(MSE)ARDSGNLAGNTDLSCSF(MSE)VGGQIAGGPPALYSIYPQGNFIQATPDTPFLQLGES
KYGKPILDRNLTFDTPLEQALRCALVSFDSTIRSNLSVG(MSE)PLDLLVYHRDSLILPEGYRVTEDDAYFSAIRRQWSA
GLHD(MSE)LERLPSPPSAYNI
;
_entity_poly.pdbx_strand_id   A,B,C,D,E,F,G,H,I,J,K,L,M,N,O,P,Q,R,S,T,U,V,W,X,Y,Z,1,2,3,4,5,6,7,8
#
# COMPACT_ATOMS: atom_id res chain seq x y z
N THR A 1 -50.50 -84.09 -12.63
CA THR A 1 -51.66 -84.66 -13.38
C THR A 1 -51.19 -85.29 -14.70
N TYR A 2 -51.24 -86.63 -14.76
CA TYR A 2 -50.93 -87.35 -15.97
C TYR A 2 -51.73 -88.61 -15.94
N CYS A 3 -52.51 -88.84 -16.99
CA CYS A 3 -53.36 -90.05 -17.03
C CYS A 3 -53.15 -90.73 -18.36
N VAL A 4 -53.23 -92.06 -18.33
CA VAL A 4 -53.11 -92.87 -19.54
C VAL A 4 -54.20 -93.90 -19.51
N ALA A 5 -54.74 -94.22 -20.68
CA ALA A 5 -55.66 -95.34 -20.82
C ALA A 5 -55.38 -96.04 -22.14
N HIS A 7 -56.70 -99.23 -24.80
CA HIS A 7 -57.71 -100.19 -25.22
C HIS A 7 -57.05 -101.18 -26.17
N LEU A 8 -56.92 -102.41 -25.66
CA LEU A 8 -56.15 -103.47 -26.28
C LEU A 8 -57.02 -104.68 -26.56
N ALA A 9 -56.46 -105.59 -27.33
CA ALA A 9 -57.16 -106.79 -27.72
C ALA A 9 -57.77 -107.47 -26.50
N ASP A 10 -57.00 -107.59 -25.42
CA ASP A 10 -57.48 -108.35 -24.25
C ASP A 10 -58.28 -107.53 -23.21
N GLY A 11 -58.38 -106.24 -23.40
CA GLY A 11 -59.18 -105.42 -22.49
C GLY A 11 -58.74 -103.96 -22.38
N LEU A 12 -58.86 -103.41 -21.18
CA LEU A 12 -58.48 -102.04 -20.91
C LEU A 12 -57.50 -101.95 -19.76
N VAL A 13 -56.64 -100.95 -19.81
CA VAL A 13 -55.72 -100.64 -18.71
C VAL A 13 -55.79 -99.14 -18.47
N PHE A 14 -55.96 -98.76 -17.21
CA PHE A 14 -56.01 -97.35 -16.84
C PHE A 14 -54.96 -97.02 -15.80
N ALA A 15 -54.34 -95.85 -15.88
CA ALA A 15 -53.40 -95.41 -14.85
C ALA A 15 -53.38 -93.90 -14.74
N SER A 16 -53.43 -93.41 -13.50
CA SER A 16 -53.43 -91.99 -13.23
C SER A 16 -52.49 -91.66 -12.09
N ASP A 17 -51.92 -90.46 -12.08
CA ASP A 17 -51.24 -89.97 -10.87
C ASP A 17 -52.28 -89.37 -9.94
N SER A 18 -51.81 -88.60 -8.96
CA SER A 18 -52.70 -87.99 -7.98
C SER A 18 -52.35 -86.56 -7.58
N ARG A 19 -51.22 -86.06 -8.06
CA ARG A 19 -50.79 -84.72 -7.67
C ARG A 19 -51.60 -83.69 -8.38
N THR A 20 -52.07 -82.71 -7.63
CA THR A 20 -53.15 -81.86 -8.09
C THR A 20 -52.93 -80.44 -7.64
N ASN A 21 -53.07 -79.52 -8.58
CA ASN A 21 -52.96 -78.15 -8.25
C ASN A 21 -54.32 -77.70 -7.73
N ALA A 22 -54.39 -77.43 -6.43
CA ALA A 22 -55.65 -77.07 -5.83
C ALA A 22 -55.69 -75.62 -5.40
N GLY A 23 -54.96 -74.74 -6.10
CA GLY A 23 -54.86 -73.37 -5.65
C GLY A 23 -53.40 -73.02 -5.51
N ILE A 24 -53.14 -71.78 -5.13
CA ILE A 24 -51.77 -71.30 -5.02
C ILE A 24 -51.24 -71.82 -3.71
N ASP A 25 -50.01 -72.32 -3.74
CA ASP A 25 -49.36 -72.85 -2.57
C ASP A 25 -50.19 -73.96 -1.92
N HIS A 26 -51.02 -74.64 -2.70
CA HIS A 26 -51.78 -75.73 -2.18
C HIS A 26 -51.76 -76.81 -3.25
N ILE A 27 -50.70 -77.60 -3.24
CA ILE A 27 -50.63 -78.80 -4.10
C ILE A 27 -50.95 -80.02 -3.26
N ALA A 28 -51.76 -80.93 -3.78
CA ALA A 28 -52.35 -81.95 -2.95
C ALA A 28 -52.67 -83.19 -3.69
N THR A 29 -53.00 -84.22 -2.93
CA THR A 29 -53.33 -85.55 -3.50
C THR A 29 -54.83 -85.72 -3.69
N PHE A 30 -55.24 -86.02 -4.91
CA PHE A 30 -56.65 -86.32 -5.24
C PHE A 30 -56.73 -87.45 -6.27
N ARG A 31 -57.61 -88.42 -6.01
CA ARG A 31 -57.80 -89.55 -6.90
C ARG A 31 -58.30 -89.05 -8.25
N LYS A 32 -57.74 -89.59 -9.36
CA LYS A 32 -58.12 -89.13 -10.69
C LYS A 32 -58.60 -90.30 -11.53
N LEU A 33 -59.02 -91.36 -10.88
CA LEU A 33 -59.53 -92.54 -11.56
C LEU A 33 -60.71 -93.06 -10.75
N PHE A 34 -61.88 -93.08 -11.36
CA PHE A 34 -63.10 -93.47 -10.69
C PHE A 34 -63.80 -94.59 -11.45
N THR A 35 -64.40 -95.53 -10.73
CA THR A 35 -65.06 -96.67 -11.36
C THR A 35 -66.56 -96.65 -11.07
N PHE A 36 -67.33 -97.21 -11.98
CA PHE A 36 -68.78 -97.29 -11.83
C PHE A 36 -69.23 -98.60 -12.46
N GLY A 37 -70.35 -99.17 -12.00
CA GLY A 37 -70.90 -100.32 -12.68
C GLY A 37 -71.77 -101.24 -11.84
N THR A 38 -72.36 -102.23 -12.51
CA THR A 38 -73.09 -103.31 -11.86
C THR A 38 -72.45 -104.62 -12.29
N PRO A 39 -72.04 -105.47 -11.31
CA PRO A 39 -71.33 -106.71 -11.69
C PRO A 39 -72.14 -107.62 -12.62
N GLY A 40 -71.48 -108.17 -13.64
CA GLY A 40 -72.12 -109.02 -14.62
C GLY A 40 -72.87 -108.27 -15.71
N GLU A 41 -72.93 -106.94 -15.61
CA GLU A 41 -73.60 -106.10 -16.60
C GLU A 41 -72.69 -104.98 -17.18
N ARG A 42 -71.96 -104.23 -16.35
CA ARG A 42 -71.10 -103.17 -16.91
C ARG A 42 -69.98 -102.69 -15.99
N LEU A 43 -68.90 -102.25 -16.61
CA LEU A 43 -67.85 -101.52 -15.94
C LEU A 43 -67.58 -100.21 -16.70
N LEU A 44 -67.53 -99.09 -15.99
CA LEU A 44 -67.10 -97.83 -16.60
C LEU A 44 -66.08 -97.15 -15.73
N VAL A 45 -65.05 -96.62 -16.35
CA VAL A 45 -64.00 -95.90 -15.64
C VAL A 45 -63.94 -94.49 -16.17
N VAL A 46 -63.84 -93.53 -15.27
CA VAL A 46 -63.63 -92.14 -15.67
C VAL A 46 -62.34 -91.61 -15.05
N GLN A 47 -61.49 -91.03 -15.89
CA GLN A 47 -60.29 -90.35 -15.42
C GLN A 47 -60.40 -88.88 -15.67
N THR A 48 -59.75 -88.10 -14.83
CA THR A 48 -59.91 -86.63 -14.85
C THR A 48 -58.58 -85.94 -14.97
N ALA A 49 -58.60 -84.79 -15.60
CA ALA A 49 -57.45 -83.90 -15.64
C ALA A 49 -57.94 -82.49 -15.81
N GLY A 50 -57.18 -81.51 -15.33
CA GLY A 50 -57.57 -80.11 -15.45
C GLY A 50 -58.07 -79.57 -14.15
N ASN A 51 -58.99 -78.63 -14.22
CA ASN A 51 -59.45 -77.94 -13.02
C ASN A 51 -60.10 -78.89 -12.03
N LEU A 52 -59.61 -78.85 -10.80
CA LEU A 52 -60.13 -79.69 -9.75
C LEU A 52 -61.60 -79.43 -9.47
N ALA A 53 -61.95 -78.19 -9.21
CA ALA A 53 -63.34 -77.85 -8.85
C ALA A 53 -64.30 -78.38 -9.88
N THR A 54 -63.96 -78.22 -11.14
CA THR A 54 -64.85 -78.59 -12.20
C THR A 54 -64.95 -80.10 -12.25
N SER A 55 -63.82 -80.78 -12.30
CA SER A 55 -63.86 -82.21 -12.44
C SER A 55 -64.50 -82.87 -11.23
N GLN A 56 -64.24 -82.36 -10.03
CA GLN A 56 -64.93 -82.88 -8.86
C GLN A 56 -66.42 -82.73 -8.97
N SER A 57 -66.88 -81.55 -9.35
CA SER A 57 -68.32 -81.36 -9.48
C SER A 57 -68.91 -82.37 -10.48
N VAL A 58 -68.21 -82.61 -11.59
CA VAL A 58 -68.73 -83.49 -12.61
C VAL A 58 -68.87 -84.87 -12.03
N ILE A 59 -67.82 -85.35 -11.39
CA ILE A 59 -67.83 -86.69 -10.80
C ILE A 59 -68.90 -86.83 -9.72
N ASN A 60 -69.00 -85.81 -8.87
CA ASN A 60 -69.98 -85.81 -7.84
C ASN A 60 -71.40 -85.90 -8.38
N LEU A 61 -71.70 -85.18 -9.43
CA LEU A 61 -73.05 -85.21 -9.97
C LEU A 61 -73.32 -86.59 -10.55
N LEU A 62 -72.33 -87.16 -11.23
CA LEU A 62 -72.51 -88.47 -11.84
C LEU A 62 -72.81 -89.49 -10.77
N GLN A 63 -72.18 -89.38 -9.61
CA GLN A 63 -72.47 -90.29 -8.48
C GLN A 63 -73.86 -90.07 -7.89
N GLN A 64 -74.22 -88.83 -7.57
CA GLN A 64 -75.56 -88.53 -7.07
C GLN A 64 -76.63 -89.06 -8.02
N ARG A 65 -76.47 -88.83 -9.32
CA ARG A 65 -77.48 -89.19 -10.31
C ARG A 65 -77.63 -90.68 -10.59
N ILE A 66 -76.61 -91.45 -10.23
CA ILE A 66 -76.64 -92.91 -10.36
C ILE A 66 -77.82 -93.47 -9.56
N ARG A 67 -77.99 -92.92 -8.35
CA ARG A 67 -79.09 -93.21 -7.44
C ARG A 67 -80.31 -92.31 -7.74
N ARG A 68 -80.78 -92.30 -9.00
CA ARG A 68 -81.92 -91.45 -9.40
C ARG A 68 -82.49 -91.90 -10.78
N ASP A 69 -83.83 -91.91 -10.86
CA ASP A 69 -84.56 -92.37 -12.07
C ASP A 69 -84.42 -91.36 -13.23
N GLY A 70 -83.53 -91.64 -14.17
CA GLY A 70 -83.24 -90.73 -15.27
C GLY A 70 -81.87 -91.07 -15.80
N ALA A 71 -81.37 -90.31 -16.77
CA ALA A 71 -80.06 -90.61 -17.40
C ALA A 71 -78.93 -90.70 -16.37
N SER A 72 -78.19 -91.81 -16.40
CA SER A 72 -77.08 -92.03 -15.49
C SER A 72 -76.10 -93.03 -16.05
N LEU A 73 -74.87 -93.03 -15.54
CA LEU A 73 -73.87 -93.97 -16.01
C LEU A 73 -74.27 -95.44 -15.87
N LEU A 74 -75.32 -95.76 -15.13
CA LEU A 74 -75.73 -97.16 -15.00
C LEU A 74 -76.79 -97.64 -15.96
N ASN A 75 -77.39 -96.75 -16.76
CA ASN A 75 -78.55 -97.15 -17.57
C ASN A 75 -78.31 -96.79 -19.06
N VAL A 76 -77.47 -95.79 -19.27
CA VAL A 76 -76.86 -95.47 -20.55
C VAL A 76 -76.49 -96.71 -21.40
N PRO A 77 -76.88 -96.75 -22.69
CA PRO A 77 -76.87 -98.05 -23.41
C PRO A 77 -75.53 -98.41 -24.04
N SER A 78 -74.59 -97.48 -24.10
CA SER A 78 -73.27 -97.76 -24.70
C SER A 78 -72.17 -96.88 -24.10
N VAL A 79 -70.93 -97.31 -24.26
CA VAL A 79 -69.79 -96.54 -23.71
C VAL A 79 -69.75 -95.17 -24.37
N TYR A 80 -70.07 -95.14 -25.66
CA TYR A 80 -70.25 -93.87 -26.34
C TYR A 80 -71.18 -92.95 -25.57
N ASP A 81 -72.40 -93.41 -25.30
CA ASP A 81 -73.42 -92.58 -24.61
C ASP A 81 -72.98 -92.19 -23.21
N ALA A 82 -72.18 -93.04 -22.57
CA ALA A 82 -71.61 -92.70 -21.28
C ALA A 82 -70.71 -91.49 -21.42
N THR A 83 -69.83 -91.55 -22.42
CA THR A 83 -68.90 -90.46 -22.70
C THR A 83 -69.69 -89.19 -22.92
N ALA A 84 -70.74 -89.32 -23.73
CA ALA A 84 -71.58 -88.17 -24.07
C ALA A 84 -72.20 -87.59 -22.81
N LEU A 85 -72.59 -88.48 -21.90
CA LEU A 85 -73.23 -88.05 -20.66
C LEU A 85 -72.27 -87.29 -19.78
N VAL A 86 -71.03 -87.79 -19.70
CA VAL A 86 -70.02 -87.08 -18.96
C VAL A 86 -69.85 -85.68 -19.54
N ALA A 87 -69.69 -85.58 -20.85
CA ALA A 87 -69.53 -84.30 -21.53
C ALA A 87 -70.72 -83.38 -21.23
N GLU A 88 -71.92 -83.92 -21.43
CA GLU A 88 -73.16 -83.21 -21.14
C GLU A 88 -73.10 -82.64 -19.72
N THR A 89 -72.67 -83.45 -18.77
CA THR A 89 -72.58 -83.03 -17.37
C THR A 89 -71.54 -81.92 -17.16
N THR A 90 -70.41 -82.06 -17.83
CA THR A 90 -69.38 -81.04 -17.81
C THR A 90 -69.98 -79.69 -18.24
N ARG A 91 -70.67 -79.65 -19.39
CA ARG A 91 -71.29 -78.42 -19.89
C ARG A 91 -72.13 -77.76 -18.82
N GLU A 92 -72.90 -78.59 -18.16
CA GLU A 92 -73.81 -78.12 -17.14
C GLU A 92 -73.07 -77.45 -15.99
N VAL A 93 -71.96 -78.04 -15.59
CA VAL A 93 -71.14 -77.48 -14.50
C VAL A 93 -70.48 -76.15 -14.88
N ALA A 95 -71.56 -74.02 -17.09
CA ALA A 95 -72.62 -73.01 -17.22
C ALA A 95 -72.90 -72.33 -15.87
N ARG A 96 -72.93 -73.13 -14.81
CA ARG A 96 -73.29 -72.62 -13.48
C ARG A 96 -72.19 -71.75 -12.82
N ASP A 97 -70.94 -72.21 -12.89
CA ASP A 97 -69.78 -71.54 -12.22
C ASP A 97 -69.24 -70.31 -12.97
N SER A 98 -69.43 -70.29 -14.28
CA SER A 98 -69.17 -69.12 -15.10
C SER A 98 -70.01 -67.89 -14.61
N GLY A 99 -69.36 -66.73 -14.60
CA GLY A 99 -69.96 -65.46 -14.16
C GLY A 99 -68.86 -64.41 -14.06
N ASN A 100 -69.18 -63.21 -13.58
CA ASN A 100 -68.14 -62.16 -13.37
C ASN A 100 -67.13 -62.54 -12.29
N LEU A 101 -67.61 -63.29 -11.29
CA LEU A 101 -66.82 -63.66 -10.11
C LEU A 101 -65.63 -64.59 -10.44
N ALA A 102 -65.86 -65.60 -11.30
CA ALA A 102 -64.76 -66.41 -11.80
C ALA A 102 -63.73 -65.53 -12.53
N GLY A 103 -64.21 -64.58 -13.35
CA GLY A 103 -63.32 -63.65 -14.08
C GLY A 103 -62.59 -64.36 -15.22
N ASN A 104 -61.27 -64.27 -15.24
CA ASN A 104 -60.45 -64.90 -16.30
C ASN A 104 -59.84 -66.23 -15.90
N THR A 105 -60.11 -66.68 -14.66
CA THR A 105 -59.63 -68.00 -14.19
C THR A 105 -60.13 -69.17 -15.10
N ASP A 106 -59.28 -70.16 -15.31
CA ASP A 106 -59.51 -71.19 -16.32
C ASP A 106 -60.15 -72.48 -15.78
N LEU A 107 -61.45 -72.62 -15.98
CA LEU A 107 -62.23 -73.70 -15.38
C LEU A 107 -62.32 -74.99 -16.18
N SER A 108 -61.53 -75.14 -17.22
CA SER A 108 -61.71 -76.26 -18.14
C SER A 108 -61.09 -77.53 -17.61
N CYS A 109 -61.65 -78.65 -18.02
CA CYS A 109 -61.00 -79.91 -17.75
C CYS A 109 -61.33 -80.95 -18.81
N SER A 110 -60.59 -82.04 -18.76
CA SER A 110 -60.69 -83.13 -19.69
C SER A 110 -60.84 -84.44 -18.97
N PHE A 111 -61.33 -85.44 -19.71
CA PHE A 111 -61.69 -86.72 -19.12
C PHE A 111 -61.36 -87.85 -20.05
N VAL A 113 -63.11 -91.76 -20.64
CA VAL A 113 -64.20 -92.60 -20.28
C VAL A 113 -64.00 -93.89 -21.05
N GLY A 114 -63.87 -94.99 -20.32
CA GLY A 114 -63.72 -96.29 -20.96
C GLY A 114 -64.37 -97.38 -20.17
N GLY A 115 -64.57 -98.52 -20.80
CA GLY A 115 -65.18 -99.64 -20.11
C GLY A 115 -65.90 -100.57 -21.06
N GLN A 116 -66.85 -101.33 -20.53
CA GLN A 116 -67.62 -102.27 -21.32
C GLN A 116 -69.01 -102.44 -20.76
N ILE A 117 -69.98 -102.43 -21.66
CA ILE A 117 -71.36 -102.71 -21.31
C ILE A 117 -71.77 -104.02 -21.97
N ALA A 118 -72.49 -104.85 -21.23
CA ALA A 118 -72.93 -106.16 -21.70
C ALA A 118 -73.48 -106.09 -23.10
N GLY A 119 -72.96 -106.93 -23.97
CA GLY A 119 -73.50 -107.06 -25.32
C GLY A 119 -72.80 -106.22 -26.35
N GLY A 120 -71.73 -105.56 -25.98
CA GLY A 120 -70.87 -104.91 -26.96
C GLY A 120 -69.44 -104.93 -26.50
N PRO A 121 -68.51 -104.78 -27.44
CA PRO A 121 -67.10 -104.76 -27.05
C PRO A 121 -66.71 -103.65 -26.05
N PRO A 122 -65.57 -103.79 -25.38
CA PRO A 122 -65.04 -102.67 -24.60
C PRO A 122 -64.68 -101.47 -25.52
N ALA A 123 -64.72 -100.27 -24.96
CA ALA A 123 -64.35 -99.05 -25.70
C ALA A 123 -63.70 -97.99 -24.78
N LEU A 124 -63.05 -97.01 -25.40
CA LEU A 124 -62.30 -95.98 -24.66
C LEU A 124 -62.37 -94.68 -25.41
N TYR A 125 -62.79 -93.63 -24.73
CA TYR A 125 -62.86 -92.29 -25.33
C TYR A 125 -62.05 -91.30 -24.52
N SER A 126 -61.68 -90.20 -25.17
CA SER A 126 -61.11 -89.06 -24.46
C SER A 126 -61.92 -87.82 -24.79
N ILE A 127 -62.30 -87.06 -23.78
CA ILE A 127 -63.06 -85.84 -23.95
C ILE A 127 -62.13 -84.66 -23.79
N TYR A 128 -62.18 -83.73 -24.71
CA TYR A 128 -61.31 -82.56 -24.69
C TYR A 128 -61.91 -81.44 -23.84
N PRO A 129 -61.07 -80.42 -23.51
CA PRO A 129 -61.58 -79.25 -22.80
C PRO A 129 -62.85 -78.65 -23.37
N GLN A 130 -63.01 -78.70 -24.70
CA GLN A 130 -64.14 -78.08 -25.37
C GLN A 130 -65.36 -79.01 -25.50
N GLY A 131 -65.27 -80.26 -25.05
CA GLY A 131 -66.48 -81.10 -24.85
C GLY A 131 -66.77 -82.09 -25.97
N ASN A 132 -65.94 -82.03 -27.02
CA ASN A 132 -65.99 -82.99 -28.11
C ASN A 132 -64.94 -84.08 -27.85
N PHE A 133 -65.19 -85.27 -28.38
CA PHE A 133 -64.37 -86.38 -27.99
C PHE A 133 -63.94 -87.27 -29.12
N ILE A 134 -62.89 -88.04 -28.83
CA ILE A 134 -62.41 -89.09 -29.74
C ILE A 134 -62.22 -90.45 -29.11
N GLN A 135 -62.19 -91.45 -29.97
CA GLN A 135 -62.27 -92.85 -29.60
C GLN A 135 -60.97 -93.51 -29.95
N ALA A 136 -60.44 -94.32 -29.05
CA ALA A 136 -59.23 -95.05 -29.33
C ALA A 136 -59.55 -96.24 -30.20
N THR A 137 -58.62 -96.57 -31.09
CA THR A 137 -58.79 -97.63 -32.07
C THR A 137 -57.55 -98.50 -32.07
N PRO A 138 -57.60 -99.63 -32.79
CA PRO A 138 -56.40 -100.44 -32.94
C PRO A 138 -55.15 -99.71 -33.42
N ASP A 139 -55.29 -98.79 -34.38
CA ASP A 139 -54.14 -98.04 -34.87
C ASP A 139 -53.64 -97.00 -33.83
N THR A 140 -54.55 -96.49 -33.00
CA THR A 140 -54.19 -95.52 -31.97
C THR A 140 -54.84 -96.00 -30.67
N PRO A 141 -54.18 -96.98 -30.02
CA PRO A 141 -54.79 -97.71 -28.93
C PRO A 141 -54.58 -97.14 -27.56
N PHE A 142 -53.80 -96.07 -27.42
CA PHE A 142 -53.71 -95.40 -26.14
C PHE A 142 -53.97 -93.92 -26.24
N LEU A 143 -54.44 -93.33 -25.13
CA LEU A 143 -54.75 -91.91 -25.04
C LEU A 143 -54.26 -91.36 -23.71
N GLN A 144 -53.86 -90.11 -23.70
CA GLN A 144 -53.26 -89.49 -22.52
C GLN A 144 -53.94 -88.19 -22.15
N LEU A 145 -53.87 -87.86 -20.88
CA LEU A 145 -54.34 -86.57 -20.43
C LEU A 145 -53.26 -85.98 -19.60
N GLY A 146 -53.32 -84.68 -19.47
CA GLY A 146 -52.42 -83.99 -18.58
C GLY A 146 -51.07 -83.82 -19.22
N GLU A 147 -50.06 -83.93 -18.37
CA GLU A 147 -48.70 -83.66 -18.71
C GLU A 147 -48.07 -84.94 -19.27
N SER A 148 -48.26 -85.15 -20.57
CA SER A 148 -48.06 -86.44 -21.20
C SER A 148 -46.95 -86.59 -22.21
N LYS A 149 -46.29 -85.49 -22.58
CA LYS A 149 -45.20 -85.59 -23.60
C LYS A 149 -43.98 -86.35 -23.06
N TYR A 150 -43.70 -86.21 -21.77
CA TYR A 150 -42.54 -86.84 -21.19
C TYR A 150 -42.57 -88.36 -21.34
N GLY A 151 -43.73 -88.95 -21.14
CA GLY A 151 -43.86 -90.41 -21.14
C GLY A 151 -44.50 -90.98 -22.39
N LYS A 152 -44.63 -90.15 -23.41
CA LYS A 152 -45.20 -90.61 -24.66
C LYS A 152 -44.27 -91.54 -25.45
N PRO A 153 -42.97 -91.26 -25.49
CA PRO A 153 -42.14 -92.01 -26.42
C PRO A 153 -42.14 -93.47 -26.09
N ILE A 154 -42.02 -93.82 -24.82
CA ILE A 154 -42.00 -95.23 -24.50
C ILE A 154 -43.28 -95.98 -24.95
N LEU A 155 -44.42 -95.30 -24.91
CA LEU A 155 -45.65 -95.89 -25.38
C LEU A 155 -45.68 -95.98 -26.90
N ASP A 156 -45.31 -94.91 -27.58
CA ASP A 156 -45.24 -94.91 -29.02
C ASP A 156 -44.37 -96.07 -29.47
N ARG A 157 -43.23 -96.28 -28.83
CA ARG A 157 -42.28 -97.31 -29.26
C ARG A 157 -42.77 -98.73 -29.12
N ASN A 158 -43.46 -99.03 -28.02
CA ASN A 158 -43.67 -100.41 -27.62
C ASN A 158 -45.10 -100.88 -27.63
N LEU A 159 -46.02 -99.97 -27.43
CA LEU A 159 -47.41 -100.36 -27.28
C LEU A 159 -48.10 -100.55 -28.61
N THR A 160 -48.87 -101.61 -28.73
CA THR A 160 -49.77 -101.83 -29.88
C THR A 160 -51.04 -102.52 -29.40
N PHE A 161 -52.04 -102.59 -30.27
CA PHE A 161 -53.34 -103.16 -29.91
C PHE A 161 -53.19 -104.53 -29.31
N ASP A 162 -52.23 -105.29 -29.83
CA ASP A 162 -52.01 -106.69 -29.42
C ASP A 162 -51.15 -106.86 -28.18
N THR A 163 -50.58 -105.78 -27.65
CA THR A 163 -49.79 -105.89 -26.44
C THR A 163 -50.66 -106.48 -25.34
N PRO A 164 -50.18 -107.51 -24.63
CA PRO A 164 -50.98 -108.05 -23.53
C PRO A 164 -51.12 -107.07 -22.39
N LEU A 165 -52.11 -107.27 -21.53
CA LEU A 165 -52.40 -106.33 -20.44
C LEU A 165 -51.25 -106.17 -19.43
N GLU A 166 -50.71 -107.28 -18.92
CA GLU A 166 -49.58 -107.18 -17.96
C GLU A 166 -48.42 -106.32 -18.57
N GLN A 167 -48.12 -106.47 -19.86
CA GLN A 167 -47.03 -105.72 -20.46
C GLN A 167 -47.37 -104.29 -20.68
N ALA A 168 -48.62 -104.04 -21.04
CA ALA A 168 -49.07 -102.67 -21.22
C ALA A 168 -48.96 -101.92 -19.93
N LEU A 169 -49.40 -102.55 -18.85
CA LEU A 169 -49.36 -101.92 -17.55
C LEU A 169 -47.93 -101.56 -17.18
N ARG A 170 -47.03 -102.50 -17.42
CA ARG A 170 -45.61 -102.32 -17.16
C ARG A 170 -45.10 -101.12 -17.93
N CYS A 171 -45.52 -101.07 -19.18
CA CYS A 171 -45.15 -99.99 -20.03
C CYS A 171 -45.62 -98.64 -19.47
N ALA A 172 -46.87 -98.60 -19.07
CA ALA A 172 -47.43 -97.40 -18.44
C ALA A 172 -46.59 -96.98 -17.26
N LEU A 173 -46.17 -97.92 -16.44
CA LEU A 173 -45.42 -97.58 -15.24
C LEU A 173 -44.12 -96.89 -15.59
N VAL A 174 -43.48 -97.36 -16.66
CA VAL A 174 -42.22 -96.76 -17.06
C VAL A 174 -42.50 -95.34 -17.56
N SER A 175 -43.62 -95.18 -18.27
CA SER A 175 -44.07 -93.87 -18.68
C SER A 175 -44.16 -92.92 -17.48
N PHE A 176 -44.70 -93.41 -16.38
CA PHE A 176 -44.82 -92.57 -15.18
C PHE A 176 -43.48 -92.28 -14.53
N ASP A 177 -42.60 -93.27 -14.56
CA ASP A 177 -41.28 -93.13 -14.02
C ASP A 177 -40.61 -91.90 -14.64
N SER A 178 -40.50 -91.89 -15.96
CA SER A 178 -39.85 -90.78 -16.63
C SER A 178 -40.53 -89.44 -16.37
N THR A 179 -41.88 -89.48 -16.39
CA THR A 179 -42.65 -88.26 -16.20
C THR A 179 -42.37 -87.67 -14.79
N ILE A 180 -42.46 -88.52 -13.76
CA ILE A 180 -42.23 -88.09 -12.40
C ILE A 180 -40.85 -87.49 -12.19
N ARG A 181 -39.84 -88.04 -12.85
CA ARG A 181 -38.50 -87.52 -12.72
C ARG A 181 -38.31 -86.19 -13.35
N SER A 182 -39.07 -85.90 -14.39
CA SER A 182 -38.81 -84.73 -15.22
C SER A 182 -39.81 -83.59 -15.04
N ASN A 183 -40.87 -83.82 -14.27
CA ASN A 183 -41.89 -82.81 -14.08
C ASN A 183 -42.56 -82.95 -12.71
N LEU A 184 -42.36 -81.95 -11.87
CA LEU A 184 -42.88 -82.02 -10.50
C LEU A 184 -44.38 -81.95 -10.36
N SER A 185 -45.08 -81.51 -11.40
CA SER A 185 -46.52 -81.36 -11.28
C SER A 185 -47.16 -82.75 -11.25
N VAL A 186 -46.39 -83.77 -11.62
CA VAL A 186 -46.84 -85.15 -11.62
C VAL A 186 -46.21 -85.90 -10.45
N GLY A 187 -47.00 -86.73 -9.79
CA GLY A 187 -46.59 -87.30 -8.53
C GLY A 187 -47.43 -88.45 -7.99
N PRO A 189 -49.22 -90.81 -4.92
CA PRO A 189 -49.50 -92.17 -5.38
C PRO A 189 -50.09 -92.22 -6.77
N LEU A 190 -49.97 -93.39 -7.40
CA LEU A 190 -50.67 -93.69 -8.64
C LEU A 190 -51.82 -94.62 -8.38
N ASP A 191 -52.78 -94.60 -9.29
CA ASP A 191 -53.95 -95.47 -9.20
C ASP A 191 -54.06 -96.23 -10.52
N LEU A 192 -54.14 -97.56 -10.44
CA LEU A 192 -54.21 -98.40 -11.64
C LEU A 192 -55.47 -99.19 -11.63
N LEU A 193 -55.91 -99.55 -12.82
CA LEU A 193 -56.99 -100.52 -12.96
C LEU A 193 -56.86 -101.27 -14.26
N VAL A 194 -56.95 -102.59 -14.17
CA VAL A 194 -56.88 -103.48 -15.34
C VAL A 194 -58.21 -104.17 -15.48
N TYR A 195 -58.77 -104.17 -16.69
CA TYR A 195 -60.07 -104.81 -16.93
C TYR A 195 -59.97 -105.80 -18.05
N HIS A 196 -60.47 -107.02 -17.83
CA HIS A 196 -60.35 -108.09 -18.83
C HIS A 196 -61.57 -108.10 -19.75
N ARG A 197 -61.32 -108.10 -21.07
CA ARG A 197 -62.40 -108.08 -22.04
C ARG A 197 -63.42 -109.16 -21.70
N ASP A 198 -64.69 -108.79 -21.68
CA ASP A 198 -65.85 -109.70 -21.49
C ASP A 198 -66.00 -110.22 -20.08
N SER A 199 -65.13 -109.83 -19.14
CA SER A 199 -65.26 -110.29 -17.77
C SER A 199 -66.51 -109.71 -17.10
N LEU A 200 -66.86 -108.47 -17.45
CA LEU A 200 -67.97 -107.73 -16.84
C LEU A 200 -67.99 -107.72 -15.30
N ILE A 201 -66.80 -107.65 -14.69
CA ILE A 201 -66.65 -107.51 -13.24
C ILE A 201 -66.02 -106.16 -12.95
N LEU A 202 -66.15 -105.69 -11.72
CA LEU A 202 -65.54 -104.42 -11.31
C LEU A 202 -64.25 -104.71 -10.59
N PRO A 203 -63.11 -104.62 -11.28
CA PRO A 203 -61.86 -104.87 -10.59
C PRO A 203 -61.63 -103.90 -9.46
N GLU A 204 -60.91 -104.31 -8.43
CA GLU A 204 -60.73 -103.42 -7.30
C GLU A 204 -59.72 -102.33 -7.64
N GLY A 205 -58.81 -102.59 -8.56
CA GLY A 205 -57.80 -101.61 -8.92
C GLY A 205 -56.74 -101.63 -7.81
N TYR A 206 -55.69 -100.82 -7.96
CA TYR A 206 -54.57 -100.90 -7.07
C TYR A 206 -53.86 -99.56 -6.99
N ARG A 207 -53.38 -99.24 -5.80
CA ARG A 207 -52.69 -97.98 -5.61
C ARG A 207 -51.20 -98.18 -5.37
N VAL A 208 -50.42 -97.47 -6.16
CA VAL A 208 -48.98 -97.54 -6.04
C VAL A 208 -48.46 -96.39 -5.19
N THR A 209 -47.94 -96.70 -4.01
CA THR A 209 -47.34 -95.67 -3.19
C THR A 209 -45.82 -95.55 -3.37
N GLU A 210 -45.29 -94.45 -2.88
CA GLU A 210 -43.89 -94.24 -2.64
C GLU A 210 -43.14 -95.53 -2.24
N ASP A 211 -43.73 -96.34 -1.37
CA ASP A 211 -43.06 -97.51 -0.79
C ASP A 211 -43.14 -98.76 -1.64
N ASP A 212 -43.92 -98.74 -2.74
CA ASP A 212 -44.26 -99.97 -3.45
C ASP A 212 -43.01 -100.74 -3.85
N ALA A 213 -42.91 -102.00 -3.42
CA ALA A 213 -41.70 -102.80 -3.67
C ALA A 213 -41.49 -102.97 -5.17
N TYR A 214 -42.53 -103.35 -5.89
CA TYR A 214 -42.40 -103.67 -7.31
C TYR A 214 -42.04 -102.46 -8.11
N PHE A 215 -42.77 -101.37 -7.92
CA PHE A 215 -42.47 -100.14 -8.65
C PHE A 215 -41.09 -99.59 -8.31
N SER A 216 -40.67 -99.64 -7.05
CA SER A 216 -39.33 -99.21 -6.71
C SER A 216 -38.31 -100.00 -7.46
N ALA A 217 -38.54 -101.30 -7.56
CA ALA A 217 -37.60 -102.21 -8.18
C ALA A 217 -37.46 -101.92 -9.67
N ILE A 218 -38.56 -101.77 -10.38
CA ILE A 218 -38.43 -101.64 -11.82
C ILE A 218 -37.84 -100.28 -12.15
N ARG A 219 -38.02 -99.30 -11.28
CA ARG A 219 -37.37 -98.01 -11.48
C ARG A 219 -35.86 -98.13 -11.36
N ARG A 220 -35.41 -98.81 -10.31
CA ARG A 220 -33.99 -99.03 -10.09
C ARG A 220 -33.38 -99.81 -11.26
N GLN A 221 -34.09 -100.82 -11.75
CA GLN A 221 -33.62 -101.63 -12.86
C GLN A 221 -33.55 -100.83 -14.14
N TRP A 222 -34.62 -100.13 -14.44
CA TRP A 222 -34.70 -99.29 -15.62
C TRP A 222 -33.58 -98.26 -15.65
N SER A 223 -33.24 -97.68 -14.51
CA SER A 223 -32.10 -96.74 -14.46
C SER A 223 -30.80 -97.38 -14.81
N ALA A 224 -30.51 -98.48 -14.12
CA ALA A 224 -29.30 -99.23 -14.33
C ALA A 224 -29.19 -99.63 -15.81
N GLY A 225 -30.30 -100.05 -16.37
CA GLY A 225 -30.32 -100.51 -17.76
C GLY A 225 -29.92 -99.39 -18.68
N LEU A 226 -30.63 -98.27 -18.58
CA LEU A 226 -30.35 -97.09 -19.41
C LEU A 226 -28.92 -96.61 -19.28
N HIS A 227 -28.41 -96.59 -18.06
CA HIS A 227 -27.05 -96.15 -17.82
C HIS A 227 -26.04 -97.08 -18.52
N ASP A 228 -26.28 -98.39 -18.43
CA ASP A 228 -25.49 -99.40 -19.12
C ASP A 228 -25.46 -99.22 -20.62
N LEU A 230 -26.11 -96.83 -22.44
CA LEU A 230 -25.51 -95.58 -22.84
C LEU A 230 -24.00 -95.67 -22.89
N GLU A 231 -23.41 -96.36 -21.92
CA GLU A 231 -21.95 -96.47 -21.86
C GLU A 231 -21.42 -97.43 -22.90
N ARG A 232 -22.25 -98.39 -23.27
CA ARG A 232 -21.87 -99.42 -24.23
C ARG A 232 -22.25 -99.10 -25.69
N LEU A 233 -22.91 -97.97 -25.91
CA LEU A 233 -23.02 -97.38 -27.25
C LEU A 233 -21.66 -96.93 -27.79
N PRO A 234 -21.47 -97.02 -29.11
CA PRO A 234 -20.19 -96.63 -29.69
C PRO A 234 -19.93 -95.12 -29.68
N SER A 235 -18.67 -94.74 -29.87
CA SER A 235 -18.29 -93.34 -30.02
C SER A 235 -18.58 -92.82 -31.43
N PRO A 236 -18.92 -91.53 -31.54
CA PRO A 236 -19.09 -90.91 -32.86
C PRO A 236 -17.79 -90.95 -33.64
N PRO A 237 -17.87 -91.21 -34.96
CA PRO A 237 -16.65 -91.23 -35.81
C PRO A 237 -15.83 -89.93 -35.79
N SER A 238 -14.70 -89.93 -36.48
CA SER A 238 -13.88 -88.71 -36.66
C SER A 238 -14.76 -87.57 -37.13
N ALA A 239 -15.41 -87.80 -38.28
CA ALA A 239 -16.27 -86.82 -38.94
C ALA A 239 -17.00 -85.84 -38.00
N TYR A 240 -17.55 -86.33 -36.89
CA TYR A 240 -18.45 -85.50 -36.06
C TYR A 240 -17.84 -84.29 -35.29
N ASN A 241 -16.55 -83.94 -35.45
CA ASN A 241 -15.96 -82.88 -34.61
C ASN A 241 -15.48 -81.61 -35.33
N THR B 1 -39.01 -78.23 -34.50
CA THR B 1 -38.10 -77.30 -33.80
C THR B 1 -37.79 -77.83 -32.41
N TYR B 2 -36.55 -78.27 -32.22
CA TYR B 2 -36.10 -78.66 -30.91
C TYR B 2 -34.63 -78.38 -30.84
N CYS B 3 -34.19 -77.63 -29.83
CA CYS B 3 -32.76 -77.32 -29.68
C CYS B 3 -32.31 -77.62 -28.28
N VAL B 4 -31.06 -78.05 -28.15
CA VAL B 4 -30.46 -78.31 -26.86
C VAL B 4 -29.08 -77.73 -26.86
N ALA B 5 -28.67 -77.26 -25.70
CA ALA B 5 -27.30 -76.80 -25.51
C ALA B 5 -26.88 -77.19 -24.12
N HIS B 7 -23.61 -76.83 -21.20
CA HIS B 7 -22.36 -76.21 -20.76
C HIS B 7 -21.79 -77.07 -19.66
N LEU B 8 -20.67 -77.71 -20.01
CA LEU B 8 -20.03 -78.74 -19.20
C LEU B 8 -18.62 -78.36 -18.86
N ALA B 9 -18.04 -79.14 -17.97
CA ALA B 9 -16.70 -78.88 -17.49
C ALA B 9 -15.72 -78.73 -18.63
N ASP B 10 -15.81 -79.61 -19.64
CA ASP B 10 -14.86 -79.59 -20.77
C ASP B 10 -15.25 -78.67 -21.94
N GLY B 11 -16.43 -78.07 -21.92
CA GLY B 11 -16.80 -77.14 -22.99
C GLY B 11 -18.29 -77.07 -23.23
N LEU B 12 -18.66 -76.88 -24.49
CA LEU B 12 -20.05 -76.68 -24.88
C LEU B 12 -20.44 -77.66 -25.97
N VAL B 13 -21.69 -78.07 -25.96
CA VAL B 13 -22.23 -78.90 -26.99
C VAL B 13 -23.55 -78.30 -27.41
N PHE B 14 -23.76 -78.15 -28.70
CA PHE B 14 -25.00 -77.63 -29.24
C PHE B 14 -25.63 -78.58 -30.25
N ALA B 15 -26.96 -78.69 -30.25
CA ALA B 15 -27.64 -79.50 -31.25
C ALA B 15 -29.02 -78.97 -31.55
N SER B 16 -29.37 -78.90 -32.82
CA SER B 16 -30.66 -78.40 -33.25
C SER B 16 -31.24 -79.26 -34.35
N ASP B 17 -32.56 -79.36 -34.43
CA ASP B 17 -33.18 -79.93 -35.62
C ASP B 17 -33.27 -78.84 -36.69
N SER B 18 -34.09 -79.09 -37.71
CA SER B 18 -34.23 -78.16 -38.82
C SER B 18 -35.64 -78.01 -39.36
N ARG B 19 -36.58 -78.80 -38.85
CA ARG B 19 -37.92 -78.78 -39.37
C ARG B 19 -38.61 -77.55 -38.85
N THR B 20 -39.29 -76.84 -39.75
CA THR B 20 -39.73 -75.51 -39.46
C THR B 20 -41.08 -75.28 -40.04
N ASN B 21 -41.96 -74.71 -39.24
CA ASN B 21 -43.27 -74.31 -39.72
C ASN B 21 -43.15 -72.95 -40.39
N ALA B 22 -43.28 -72.92 -41.70
CA ALA B 22 -43.05 -71.69 -42.43
C ALA B 22 -44.34 -71.20 -43.03
N GLY B 23 -45.47 -71.48 -42.40
CA GLY B 23 -46.75 -71.15 -43.01
C GLY B 23 -47.60 -72.38 -43.11
N ILE B 24 -48.82 -72.22 -43.61
CA ILE B 24 -49.77 -73.35 -43.69
C ILE B 24 -49.39 -74.18 -44.91
N ASP B 25 -49.39 -75.49 -44.73
CA ASP B 25 -48.98 -76.42 -45.76
C ASP B 25 -47.59 -76.11 -46.33
N HIS B 26 -46.73 -75.48 -45.54
CA HIS B 26 -45.38 -75.20 -45.98
C HIS B 26 -44.45 -75.48 -44.80
N ILE B 27 -44.14 -76.75 -44.63
CA ILE B 27 -43.16 -77.16 -43.62
C ILE B 27 -41.83 -77.41 -44.31
N ALA B 28 -40.75 -76.94 -43.73
CA ALA B 28 -39.53 -76.84 -44.48
C ALA B 28 -38.31 -76.93 -43.59
N THR B 29 -37.17 -77.08 -44.25
CA THR B 29 -35.91 -77.18 -43.59
C THR B 29 -35.23 -75.82 -43.48
N PHE B 30 -34.88 -75.43 -42.25
CA PHE B 30 -34.06 -74.24 -42.01
C PHE B 30 -33.07 -74.50 -40.90
N ARG B 31 -31.83 -74.09 -41.12
CA ARG B 31 -30.79 -74.20 -40.10
C ARG B 31 -31.18 -73.41 -38.87
N LYS B 32 -30.96 -73.99 -37.69
CA LYS B 32 -31.31 -73.31 -36.44
C LYS B 32 -30.11 -73.20 -35.52
N LEU B 33 -28.93 -73.26 -36.09
CA LEU B 33 -27.72 -73.17 -35.31
C LEU B 33 -26.71 -72.38 -36.15
N PHE B 34 -26.27 -71.24 -35.63
CA PHE B 34 -25.40 -70.31 -36.34
C PHE B 34 -24.18 -70.01 -35.51
N THR B 35 -23.03 -69.92 -36.16
CA THR B 35 -21.77 -69.67 -35.46
C THR B 35 -21.19 -68.32 -35.86
N PHE B 36 -20.41 -67.74 -34.97
CA PHE B 36 -19.78 -66.47 -35.22
C PHE B 36 -18.45 -66.49 -34.49
N GLY B 37 -17.47 -65.73 -34.97
CA GLY B 37 -16.25 -65.54 -34.20
C GLY B 37 -15.03 -65.18 -34.98
N THR B 38 -13.95 -64.93 -34.26
CA THR B 38 -12.63 -64.73 -34.85
C THR B 38 -11.70 -65.78 -34.22
N PRO B 39 -11.01 -66.60 -35.05
CA PRO B 39 -10.15 -67.65 -34.49
C PRO B 39 -9.07 -67.14 -33.52
N GLY B 40 -8.91 -67.84 -32.41
CA GLY B 40 -7.95 -67.47 -31.38
C GLY B 40 -8.44 -66.42 -30.40
N GLU B 41 -9.65 -65.89 -30.65
CA GLU B 41 -10.21 -64.81 -29.84
C GLU B 41 -11.62 -65.15 -29.34
N ARG B 42 -12.53 -65.62 -30.20
CA ARG B 42 -13.86 -65.95 -29.71
C ARG B 42 -14.67 -66.88 -30.59
N LEU B 43 -15.54 -67.64 -29.94
CA LEU B 43 -16.59 -68.40 -30.61
C LEU B 43 -17.93 -68.05 -29.96
N LEU B 44 -18.93 -67.74 -30.79
CA LEU B 44 -20.30 -67.62 -30.29
C LEU B 44 -21.26 -68.40 -31.15
N VAL B 45 -22.20 -69.09 -30.50
CA VAL B 45 -23.19 -69.87 -31.22
C VAL B 45 -24.57 -69.34 -30.84
N VAL B 46 -25.43 -69.16 -31.84
CA VAL B 46 -26.81 -68.79 -31.59
C VAL B 46 -27.75 -69.84 -32.15
N GLN B 47 -28.67 -70.32 -31.31
CA GLN B 47 -29.71 -71.23 -31.78
C GLN B 47 -31.04 -70.53 -31.71
N THR B 48 -31.96 -70.94 -32.59
CA THR B 48 -33.24 -70.26 -32.74
C THR B 48 -34.41 -71.21 -32.62
N ALA B 49 -35.51 -70.69 -32.13
CA ALA B 49 -36.77 -71.43 -32.06
C ALA B 49 -37.89 -70.43 -32.06
N GLY B 50 -39.04 -70.82 -32.59
CA GLY B 50 -40.17 -69.91 -32.65
C GLY B 50 -40.41 -69.39 -34.05
N ASN B 51 -40.97 -68.21 -34.16
CA ASN B 51 -41.35 -67.64 -35.45
C ASN B 51 -40.16 -67.49 -36.38
N LEU B 52 -40.29 -68.06 -37.56
CA LEU B 52 -39.23 -68.03 -38.56
C LEU B 52 -38.87 -66.61 -38.98
N ALA B 53 -39.88 -65.83 -39.37
CA ALA B 53 -39.64 -64.47 -39.86
C ALA B 53 -38.85 -63.66 -38.86
N THR B 54 -39.21 -63.79 -37.60
CA THR B 54 -38.60 -63.00 -36.58
C THR B 54 -37.19 -63.47 -36.40
N SER B 55 -37.01 -64.76 -36.21
CA SER B 55 -35.67 -65.24 -35.91
C SER B 55 -34.73 -65.01 -37.08
N GLN B 56 -35.23 -65.14 -38.29
CA GLN B 56 -34.41 -64.86 -39.44
C GLN B 56 -33.97 -63.42 -39.46
N SER B 57 -34.90 -62.51 -39.20
CA SER B 57 -34.55 -61.10 -39.18
C SER B 57 -33.50 -60.80 -38.13
N VAL B 58 -33.63 -61.40 -36.96
CA VAL B 58 -32.65 -61.19 -35.92
C VAL B 58 -31.26 -61.63 -36.40
N ILE B 59 -31.17 -62.84 -36.91
CA ILE B 59 -29.88 -63.40 -37.32
C ILE B 59 -29.30 -62.57 -38.42
N ASN B 60 -30.14 -62.19 -39.36
CA ASN B 60 -29.71 -61.40 -40.48
C ASN B 60 -29.11 -60.08 -40.05
N LEU B 61 -29.74 -59.41 -39.08
CA LEU B 61 -29.21 -58.13 -38.61
C LEU B 61 -27.91 -58.31 -37.86
N LEU B 62 -27.80 -59.36 -37.06
CA LEU B 62 -26.55 -59.65 -36.39
C LEU B 62 -25.41 -59.84 -37.40
N GLN B 63 -25.69 -60.50 -38.53
CA GLN B 63 -24.66 -60.72 -39.55
C GLN B 63 -24.28 -59.43 -40.22
N GLN B 64 -25.26 -58.67 -40.68
CA GLN B 64 -24.99 -57.38 -41.32
C GLN B 64 -24.15 -56.48 -40.42
N ARG B 65 -24.51 -56.42 -39.15
CA ARG B 65 -23.84 -55.52 -38.20
C ARG B 65 -22.44 -55.93 -37.76
N ILE B 66 -22.10 -57.20 -37.96
CA ILE B 66 -20.75 -57.70 -37.70
C ILE B 66 -19.73 -56.92 -38.53
N ARG B 67 -20.08 -56.71 -39.80
CA ARG B 67 -19.33 -55.91 -40.76
C ARG B 67 -19.71 -54.40 -40.65
N ARG B 68 -19.64 -53.83 -39.44
CA ARG B 68 -20.00 -52.42 -39.23
C ARG B 68 -19.48 -51.90 -37.86
N ASP B 69 -18.95 -50.67 -37.89
CA ASP B 69 -18.36 -50.01 -36.70
C ASP B 69 -19.42 -49.66 -35.66
N GLY B 70 -19.55 -50.48 -34.63
CA GLY B 70 -20.57 -50.28 -33.58
C GLY B 70 -20.80 -51.60 -32.90
N ALA B 71 -21.76 -51.67 -31.97
CA ALA B 71 -22.04 -52.91 -31.23
C ALA B 71 -22.33 -54.11 -32.16
N SER B 72 -21.60 -55.21 -31.95
CA SER B 72 -21.75 -56.42 -32.77
C SER B 72 -21.24 -57.62 -32.02
N LEU B 73 -21.68 -58.80 -32.44
CA LEU B 73 -21.22 -60.03 -31.80
C LEU B 73 -19.71 -60.24 -31.83
N LEU B 74 -18.96 -59.47 -32.61
CA LEU B 74 -17.51 -59.65 -32.63
C LEU B 74 -16.72 -58.74 -31.69
N ASN B 75 -17.35 -57.78 -31.01
CA ASN B 75 -16.60 -56.77 -30.25
C ASN B 75 -17.11 -56.72 -28.81
N VAL B 76 -18.37 -57.09 -28.65
CA VAL B 76 -18.99 -57.35 -27.36
C VAL B 76 -18.01 -58.02 -26.39
N PRO B 77 -17.86 -57.47 -25.18
CA PRO B 77 -16.79 -57.96 -24.28
C PRO B 77 -17.04 -59.27 -23.52
N SER B 78 -18.26 -59.79 -23.49
CA SER B 78 -18.56 -61.03 -22.76
C SER B 78 -19.73 -61.80 -23.37
N VAL B 79 -19.82 -63.09 -23.09
CA VAL B 79 -20.94 -63.90 -23.60
C VAL B 79 -22.27 -63.35 -23.08
N TYR B 80 -22.27 -62.89 -21.82
CA TYR B 80 -23.41 -62.18 -21.28
C TYR B 80 -23.86 -61.04 -22.22
N ASP B 81 -22.94 -60.14 -22.53
CA ASP B 81 -23.26 -58.97 -23.37
C ASP B 81 -23.67 -59.37 -24.79
N ALA B 82 -23.14 -60.49 -25.27
CA ALA B 82 -23.60 -61.06 -26.55
C ALA B 82 -25.08 -61.44 -26.47
N THR B 83 -25.44 -62.14 -25.40
CA THR B 83 -26.82 -62.55 -25.15
C THR B 83 -27.71 -61.33 -25.08
N ALA B 84 -27.27 -60.31 -24.35
CA ALA B 84 -28.01 -59.07 -24.23
C ALA B 84 -28.19 -58.39 -25.59
N LEU B 85 -27.16 -58.46 -26.43
CA LEU B 85 -27.24 -57.87 -27.74
C LEU B 85 -28.26 -58.59 -28.61
N VAL B 86 -28.27 -59.92 -28.56
CA VAL B 86 -29.26 -60.67 -29.31
C VAL B 86 -30.66 -60.25 -28.89
N ALA B 87 -30.88 -60.20 -27.57
CA ALA B 87 -32.17 -59.78 -27.02
C ALA B 87 -32.56 -58.37 -27.48
N GLU B 88 -31.62 -57.46 -27.31
CA GLU B 88 -31.76 -56.09 -27.79
C GLU B 88 -32.22 -56.08 -29.26
N THR B 89 -31.57 -56.91 -30.08
CA THR B 89 -31.89 -56.98 -31.50
C THR B 89 -33.31 -57.52 -31.70
N THR B 90 -33.66 -58.55 -30.95
CA THR B 90 -35.00 -59.12 -31.02
C THR B 90 -36.05 -58.04 -30.78
N ARG B 91 -35.90 -57.27 -29.70
CA ARG B 91 -36.83 -56.17 -29.38
C ARG B 91 -37.01 -55.24 -30.57
N GLU B 92 -35.91 -54.90 -31.20
CA GLU B 92 -35.92 -54.02 -32.33
C GLU B 92 -36.78 -54.59 -33.46
N VAL B 93 -36.64 -55.89 -33.71
CA VAL B 93 -37.38 -56.53 -34.80
C VAL B 93 -38.88 -56.58 -34.51
N ALA B 95 -40.61 -54.57 -32.57
CA ALA B 95 -41.13 -53.21 -32.68
C ALA B 95 -41.56 -52.85 -34.11
N ARG B 96 -40.74 -53.21 -35.09
CA ARG B 96 -40.98 -52.82 -36.47
C ARG B 96 -42.17 -53.58 -37.13
N ASP B 97 -42.23 -54.90 -36.94
CA ASP B 97 -43.21 -55.79 -37.60
C ASP B 97 -44.61 -55.74 -36.96
N SER B 98 -44.64 -55.42 -35.67
CA SER B 98 -45.88 -55.15 -34.97
C SER B 98 -46.65 -53.98 -35.64
N GLY B 99 -47.98 -54.14 -35.72
CA GLY B 99 -48.88 -53.16 -36.35
C GLY B 99 -50.26 -53.81 -36.47
N ASN B 100 -51.22 -53.12 -37.10
CA ASN B 100 -52.57 -53.70 -37.32
C ASN B 100 -52.51 -54.90 -38.28
N LEU B 101 -51.58 -54.84 -39.23
CA LEU B 101 -51.48 -55.83 -40.31
C LEU B 101 -51.09 -57.22 -39.81
N ALA B 102 -50.14 -57.29 -38.88
CA ALA B 102 -49.84 -58.57 -38.21
C ALA B 102 -51.09 -59.11 -37.50
N GLY B 103 -51.84 -58.23 -36.81
CA GLY B 103 -53.07 -58.61 -36.12
C GLY B 103 -52.80 -59.42 -34.87
N ASN B 104 -53.39 -60.61 -34.76
CA ASN B 104 -53.18 -61.51 -33.60
C ASN B 104 -52.14 -62.61 -33.82
N THR B 105 -51.56 -62.66 -35.02
CA THR B 105 -50.50 -63.64 -35.31
C THR B 105 -49.30 -63.53 -34.33
N ASP B 106 -48.72 -64.67 -33.96
CA ASP B 106 -47.73 -64.73 -32.87
C ASP B 106 -46.26 -64.67 -33.33
N LEU B 107 -45.65 -63.51 -33.21
CA LEU B 107 -44.32 -63.25 -33.75
C LEU B 107 -43.15 -63.56 -32.83
N SER B 108 -43.39 -64.25 -31.73
CA SER B 108 -42.34 -64.38 -30.70
C SER B 108 -41.38 -65.48 -31.05
N CYS B 109 -40.14 -65.34 -30.60
CA CYS B 109 -39.17 -66.43 -30.70
C CYS B 109 -38.12 -66.35 -29.59
N SER B 110 -37.42 -67.46 -29.44
CA SER B 110 -36.50 -67.68 -28.34
C SER B 110 -35.19 -68.14 -28.91
N PHE B 111 -34.14 -67.97 -28.12
CA PHE B 111 -32.79 -68.18 -28.60
C PHE B 111 -31.91 -68.77 -27.53
N VAL B 113 -27.73 -68.57 -26.65
CA VAL B 113 -26.48 -67.93 -27.01
C VAL B 113 -25.44 -68.52 -26.09
N GLY B 114 -24.43 -69.13 -26.67
CA GLY B 114 -23.35 -69.68 -25.88
C GLY B 114 -22.02 -69.55 -26.59
N GLY B 115 -20.94 -69.73 -25.86
CA GLY B 115 -19.63 -69.69 -26.45
C GLY B 115 -18.57 -69.26 -25.47
N GLN B 116 -17.47 -68.75 -25.99
CA GLN B 116 -16.35 -68.30 -25.16
C GLN B 116 -15.60 -67.17 -25.80
N ILE B 117 -15.30 -66.16 -24.99
CA ILE B 117 -14.51 -65.03 -25.43
C ILE B 117 -13.21 -65.07 -24.65
N ALA B 118 -12.10 -64.78 -25.34
CA ALA B 118 -10.75 -64.82 -24.76
C ALA B 118 -10.73 -64.14 -23.41
N GLY B 119 -10.23 -64.84 -22.40
CA GLY B 119 -9.99 -64.25 -21.11
C GLY B 119 -11.10 -64.48 -20.12
N GLY B 120 -12.09 -65.26 -20.48
CA GLY B 120 -13.09 -65.67 -19.51
C GLY B 120 -13.61 -67.05 -19.86
N PRO B 121 -14.19 -67.74 -18.89
CA PRO B 121 -14.70 -69.06 -19.15
C PRO B 121 -15.81 -69.11 -20.20
N PRO B 122 -16.12 -70.31 -20.70
CA PRO B 122 -17.25 -70.45 -21.61
C PRO B 122 -18.53 -70.27 -20.85
N ALA B 123 -19.61 -69.88 -21.55
CA ALA B 123 -20.92 -69.66 -20.92
C ALA B 123 -22.06 -69.99 -21.90
N LEU B 124 -23.26 -70.16 -21.34
CA LEU B 124 -24.44 -70.52 -22.13
C LEU B 124 -25.68 -69.87 -21.55
N TYR B 125 -26.43 -69.14 -22.37
CA TYR B 125 -27.66 -68.50 -21.94
C TYR B 125 -28.84 -68.92 -22.79
N SER B 126 -30.03 -68.79 -22.24
CA SER B 126 -31.25 -68.99 -23.01
C SER B 126 -32.12 -67.74 -22.88
N ILE B 127 -32.59 -67.20 -24.01
CA ILE B 127 -33.43 -66.03 -24.03
C ILE B 127 -34.86 -66.45 -24.24
N TYR B 128 -35.76 -65.91 -23.43
CA TYR B 128 -37.16 -66.30 -23.50
C TYR B 128 -37.90 -65.43 -24.49
N PRO B 129 -39.12 -65.86 -24.87
CA PRO B 129 -39.94 -65.05 -25.76
C PRO B 129 -40.00 -63.59 -25.38
N GLN B 130 -39.99 -63.30 -24.07
CA GLN B 130 -40.22 -61.95 -23.57
C GLN B 130 -38.93 -61.14 -23.47
N GLY B 131 -37.78 -61.74 -23.80
CA GLY B 131 -36.51 -61.00 -23.93
C GLY B 131 -35.55 -60.99 -22.72
N ASN B 132 -36.00 -61.57 -21.62
CA ASN B 132 -35.17 -61.77 -20.45
C ASN B 132 -34.53 -63.13 -20.58
N PHE B 133 -33.38 -63.28 -19.95
CA PHE B 133 -32.66 -64.55 -20.11
C PHE B 133 -32.07 -65.15 -18.85
N ILE B 134 -31.75 -66.43 -18.96
CA ILE B 134 -31.06 -67.15 -17.89
C ILE B 134 -29.81 -67.84 -18.36
N GLN B 135 -28.97 -68.16 -17.40
CA GLN B 135 -27.65 -68.73 -17.62
C GLN B 135 -27.63 -70.13 -17.10
N ALA B 136 -27.05 -71.03 -17.87
CA ALA B 136 -26.86 -72.40 -17.40
C ALA B 136 -25.72 -72.45 -16.39
N THR B 137 -25.85 -73.31 -15.39
CA THR B 137 -24.88 -73.46 -14.30
C THR B 137 -24.56 -74.92 -14.09
N PRO B 138 -23.58 -75.21 -13.22
CA PRO B 138 -23.27 -76.61 -12.94
C PRO B 138 -24.45 -77.43 -12.46
N ASP B 139 -25.33 -76.84 -11.65
CA ASP B 139 -26.53 -77.55 -11.15
C ASP B 139 -27.59 -77.73 -12.24
N THR B 140 -27.64 -76.82 -13.21
CA THR B 140 -28.57 -76.91 -14.34
C THR B 140 -27.78 -76.65 -15.62
N PRO B 141 -27.09 -77.69 -16.10
CA PRO B 141 -26.08 -77.53 -17.13
C PRO B 141 -26.57 -77.67 -18.54
N PHE B 142 -27.84 -78.01 -18.74
CA PHE B 142 -28.39 -77.99 -20.10
C PHE B 142 -29.67 -77.18 -20.18
N LEU B 143 -29.93 -76.65 -21.36
CA LEU B 143 -31.12 -75.86 -21.63
C LEU B 143 -31.73 -76.28 -22.97
N GLN B 144 -33.03 -76.17 -23.09
CA GLN B 144 -33.73 -76.59 -24.30
C GLN B 144 -34.60 -75.51 -24.87
N LEU B 145 -34.85 -75.58 -26.16
CA LEU B 145 -35.84 -74.73 -26.79
C LEU B 145 -36.73 -75.59 -27.60
N GLY B 146 -37.91 -75.07 -27.88
CA GLY B 146 -38.83 -75.75 -28.77
C GLY B 146 -39.59 -76.86 -28.07
N GLU B 147 -39.82 -77.92 -28.83
CA GLU B 147 -40.59 -79.04 -28.42
C GLU B 147 -39.67 -80.04 -27.66
N SER B 148 -39.52 -79.79 -26.36
CA SER B 148 -38.43 -80.41 -25.60
C SER B 148 -38.82 -81.40 -24.50
N LYS B 149 -40.10 -81.53 -24.19
CA LYS B 149 -40.49 -82.43 -23.11
C LYS B 149 -40.19 -83.91 -23.46
N TYR B 150 -40.33 -84.27 -24.72
CA TYR B 150 -40.16 -85.64 -25.14
C TYR B 150 -38.76 -86.17 -24.82
N GLY B 151 -37.75 -85.32 -25.01
CA GLY B 151 -36.36 -85.75 -24.86
C GLY B 151 -35.69 -85.23 -23.62
N LYS B 152 -36.48 -84.69 -22.70
CA LYS B 152 -35.93 -84.18 -21.47
C LYS B 152 -35.52 -85.28 -20.52
N PRO B 153 -36.33 -86.33 -20.37
CA PRO B 153 -35.98 -87.31 -19.34
C PRO B 153 -34.60 -87.92 -19.51
N ILE B 154 -34.22 -88.31 -20.71
CA ILE B 154 -32.88 -88.90 -20.85
C ILE B 154 -31.74 -87.93 -20.42
N LEU B 155 -31.95 -86.63 -20.62
CA LEU B 155 -30.96 -85.66 -20.20
C LEU B 155 -30.99 -85.50 -18.67
N ASP B 156 -32.17 -85.39 -18.10
CA ASP B 156 -32.29 -85.28 -16.66
C ASP B 156 -31.59 -86.44 -15.99
N ARG B 157 -31.80 -87.65 -16.52
CA ARG B 157 -31.26 -88.85 -15.91
C ARG B 157 -29.76 -88.94 -15.94
N ASN B 158 -29.15 -88.55 -17.05
CA ASN B 158 -27.75 -88.89 -17.29
C ASN B 158 -26.77 -87.76 -17.34
N LEU B 159 -27.26 -86.59 -17.70
CA LEU B 159 -26.35 -85.48 -17.92
C LEU B 159 -26.02 -84.74 -16.63
N THR B 160 -24.76 -84.39 -16.44
CA THR B 160 -24.31 -83.53 -15.33
C THR B 160 -23.17 -82.65 -15.84
N PHE B 161 -22.77 -81.68 -15.04
CA PHE B 161 -21.71 -80.78 -15.43
C PHE B 161 -20.45 -81.52 -15.85
N ASP B 162 -20.16 -82.63 -15.17
CA ASP B 162 -18.94 -83.38 -15.40
C ASP B 162 -19.01 -84.42 -16.51
N THR B 163 -20.17 -84.59 -17.12
CA THR B 163 -20.27 -85.48 -18.29
C THR B 163 -19.28 -85.01 -19.37
N PRO B 164 -18.45 -85.92 -19.90
CA PRO B 164 -17.57 -85.51 -21.00
C PRO B 164 -18.35 -85.16 -22.26
N LEU B 165 -17.70 -84.43 -23.17
CA LEU B 165 -18.39 -83.95 -24.36
C LEU B 165 -18.91 -85.07 -25.27
N GLU B 166 -18.06 -86.02 -25.64
CA GLU B 166 -18.47 -87.12 -26.52
C GLU B 166 -19.75 -87.77 -25.93
N GLN B 167 -19.83 -87.96 -24.61
CA GLN B 167 -21.00 -88.63 -24.01
C GLN B 167 -22.22 -87.74 -23.94
N ALA B 168 -22.00 -86.47 -23.71
CA ALA B 168 -23.09 -85.53 -23.75
C ALA B 168 -23.71 -85.49 -25.13
N LEU B 169 -22.88 -85.47 -26.15
CA LEU B 169 -23.37 -85.40 -27.52
C LEU B 169 -24.23 -86.61 -27.81
N ARG B 170 -23.73 -87.76 -27.39
CA ARG B 170 -24.42 -89.02 -27.57
C ARG B 170 -25.78 -88.95 -26.91
N CYS B 171 -25.77 -88.40 -25.71
CA CYS B 171 -26.98 -88.24 -24.95
C CYS B 171 -27.98 -87.37 -25.70
N ALA B 172 -27.50 -86.25 -26.20
CA ALA B 172 -28.33 -85.37 -27.00
C ALA B 172 -28.95 -86.12 -28.16
N LEU B 173 -28.16 -86.95 -28.83
CA LEU B 173 -28.69 -87.64 -30.02
C LEU B 173 -29.84 -88.56 -29.66
N VAL B 174 -29.75 -89.19 -28.49
CA VAL B 174 -30.83 -90.06 -28.06
C VAL B 174 -32.06 -89.23 -27.74
N SER B 175 -31.83 -88.07 -27.14
CA SER B 175 -32.91 -87.10 -26.92
C SER B 175 -33.66 -86.82 -28.23
N PHE B 176 -32.91 -86.61 -29.33
CA PHE B 176 -33.54 -86.32 -30.61
C PHE B 176 -34.25 -87.53 -31.19
N ASP B 177 -33.66 -88.70 -30.98
CA ASP B 177 -34.27 -89.93 -31.43
C ASP B 177 -35.71 -90.01 -30.90
N SER B 178 -35.87 -89.95 -29.57
CA SER B 178 -37.19 -90.08 -28.97
C SER B 178 -38.14 -88.98 -29.43
N THR B 179 -37.60 -87.77 -29.52
CA THR B 179 -38.40 -86.64 -29.91
C THR B 179 -38.95 -86.86 -31.34
N ILE B 180 -38.07 -87.22 -32.28
CA ILE B 180 -38.46 -87.38 -33.67
C ILE B 180 -39.49 -88.46 -33.85
N ARG B 181 -39.39 -89.52 -33.07
CA ARG B 181 -40.39 -90.59 -33.12
C ARG B 181 -41.77 -90.21 -32.63
N SER B 182 -41.83 -89.27 -31.69
CA SER B 182 -43.06 -88.97 -31.00
C SER B 182 -43.71 -87.64 -31.39
N ASN B 183 -43.04 -86.84 -32.20
CA ASN B 183 -43.56 -85.54 -32.59
C ASN B 183 -43.07 -85.13 -33.98
N LEU B 184 -44.01 -85.06 -34.91
CA LEU B 184 -43.66 -84.75 -36.30
C LEU B 184 -43.18 -83.34 -36.57
N SER B 185 -43.38 -82.42 -35.65
CA SER B 185 -42.94 -81.06 -35.88
C SER B 185 -41.42 -81.01 -35.80
N VAL B 186 -40.81 -82.03 -35.23
CA VAL B 186 -39.36 -82.12 -35.12
C VAL B 186 -38.81 -83.11 -36.16
N GLY B 187 -37.68 -82.77 -36.77
CA GLY B 187 -37.23 -83.50 -37.93
C GLY B 187 -35.81 -83.20 -38.43
N PRO B 189 -32.69 -82.82 -41.30
CA PRO B 189 -31.37 -82.96 -40.70
C PRO B 189 -31.18 -82.26 -39.39
N LEU B 190 -30.21 -82.75 -38.61
CA LEU B 190 -29.78 -82.10 -37.35
C LEU B 190 -28.45 -81.43 -37.58
N ASP B 191 -28.17 -80.44 -36.76
CA ASP B 191 -26.94 -79.71 -36.86
C ASP B 191 -26.33 -79.75 -35.48
N LEU B 192 -25.07 -80.19 -35.41
CA LEU B 192 -24.34 -80.28 -34.15
C LEU B 192 -23.13 -79.42 -34.16
N LEU B 193 -22.72 -79.03 -32.96
CA LEU B 193 -21.43 -78.38 -32.80
C LEU B 193 -20.89 -78.66 -31.42
N VAL B 194 -19.63 -79.08 -31.37
CA VAL B 194 -18.94 -79.31 -30.12
C VAL B 194 -17.80 -78.31 -30.00
N TYR B 195 -17.68 -77.66 -28.86
CA TYR B 195 -16.59 -76.71 -28.63
C TYR B 195 -15.79 -77.04 -27.40
N HIS B 196 -14.47 -77.05 -27.51
CA HIS B 196 -13.61 -77.44 -26.39
C HIS B 196 -13.21 -76.23 -25.57
N ARG B 197 -13.37 -76.32 -24.25
CA ARG B 197 -13.05 -75.20 -23.35
C ARG B 197 -11.64 -74.70 -23.62
N ASP B 198 -11.50 -73.38 -23.78
CA ASP B 198 -10.22 -72.70 -24.00
C ASP B 198 -9.55 -72.92 -25.35
N SER B 199 -10.17 -73.68 -26.25
CA SER B 199 -9.61 -73.88 -27.58
C SER B 199 -9.63 -72.59 -28.41
N LEU B 200 -10.66 -71.76 -28.23
CA LEU B 200 -10.86 -70.53 -29.00
C LEU B 200 -10.76 -70.70 -30.52
N ILE B 201 -11.23 -71.83 -31.03
CA ILE B 201 -11.32 -72.07 -32.48
C ILE B 201 -12.79 -72.16 -32.87
N LEU B 202 -13.09 -72.01 -34.16
CA LEU B 202 -14.45 -72.13 -34.66
C LEU B 202 -14.62 -73.51 -35.25
N PRO B 203 -15.21 -74.44 -34.49
CA PRO B 203 -15.39 -75.79 -35.05
C PRO B 203 -16.29 -75.76 -36.25
N GLU B 204 -16.10 -76.68 -37.20
CA GLU B 204 -16.91 -76.64 -38.39
C GLU B 204 -18.30 -77.14 -38.12
N GLY B 205 -18.46 -77.98 -37.10
CA GLY B 205 -19.79 -78.49 -36.76
C GLY B 205 -20.09 -79.59 -37.75
N TYR B 206 -21.23 -80.24 -37.60
CA TYR B 206 -21.55 -81.41 -38.39
C TYR B 206 -23.04 -81.55 -38.59
N ARG B 207 -23.44 -81.96 -39.78
CA ARG B 207 -24.85 -82.16 -40.06
C ARG B 207 -25.21 -83.65 -40.15
N VAL B 208 -26.23 -84.04 -39.38
CA VAL B 208 -26.69 -85.39 -39.39
C VAL B 208 -27.88 -85.56 -40.31
N THR B 209 -27.70 -86.27 -41.43
CA THR B 209 -28.82 -86.50 -42.33
C THR B 209 -29.51 -87.81 -42.06
N GLU B 210 -30.70 -87.95 -42.63
CA GLU B 210 -31.39 -89.20 -42.77
C GLU B 210 -30.45 -90.42 -42.95
N ASP B 211 -29.42 -90.26 -43.76
CA ASP B 211 -28.55 -91.38 -44.17
C ASP B 211 -27.42 -91.68 -43.21
N ASP B 212 -27.24 -90.84 -42.20
CA ASP B 212 -26.04 -90.92 -41.38
C ASP B 212 -25.83 -92.32 -40.79
N ALA B 213 -24.68 -92.92 -41.05
CA ALA B 213 -24.41 -94.30 -40.62
C ALA B 213 -24.44 -94.41 -39.11
N TYR B 214 -23.74 -93.51 -38.43
CA TYR B 214 -23.61 -93.57 -36.99
C TYR B 214 -24.95 -93.37 -36.29
N PHE B 215 -25.68 -92.31 -36.66
CA PHE B 215 -26.96 -92.04 -36.03
C PHE B 215 -27.95 -93.14 -36.32
N SER B 216 -27.95 -93.69 -37.53
CA SER B 216 -28.85 -94.82 -37.81
C SER B 216 -28.58 -95.95 -36.86
N ALA B 217 -27.30 -96.20 -36.62
CA ALA B 217 -26.85 -97.36 -35.87
C ALA B 217 -27.25 -97.22 -34.42
N ILE B 218 -27.00 -96.07 -33.83
CA ILE B 218 -27.31 -95.96 -32.41
C ILE B 218 -28.82 -95.94 -32.19
N ARG B 219 -29.60 -95.49 -33.16
CA ARG B 219 -31.06 -95.62 -33.07
C ARG B 219 -31.52 -97.07 -33.08
N ARG B 220 -30.98 -97.86 -33.99
CA ARG B 220 -31.27 -99.28 -34.06
C ARG B 220 -30.88 -100.01 -32.77
N GLN B 221 -29.73 -99.65 -32.21
CA GLN B 221 -29.24 -100.25 -30.98
C GLN B 221 -30.11 -99.88 -29.80
N TRP B 222 -30.38 -98.60 -29.69
CA TRP B 222 -31.18 -98.09 -28.61
C TRP B 222 -32.55 -98.76 -28.62
N SER B 223 -33.12 -98.99 -29.79
CA SER B 223 -34.43 -99.68 -29.85
C SER B 223 -34.36 -101.07 -29.30
N ALA B 224 -33.39 -101.83 -29.81
CA ALA B 224 -33.17 -103.18 -29.40
C ALA B 224 -32.96 -103.23 -27.89
N GLY B 225 -32.20 -102.26 -27.36
CA GLY B 225 -31.88 -102.23 -25.96
C GLY B 225 -33.13 -102.07 -25.14
N LEU B 226 -33.89 -101.03 -25.44
CA LEU B 226 -35.15 -100.76 -24.74
C LEU B 226 -36.09 -101.94 -24.79
N HIS B 227 -36.20 -102.58 -25.95
CA HIS B 227 -37.12 -103.68 -26.12
C HIS B 227 -36.70 -104.82 -25.21
N ASP B 228 -35.40 -105.08 -25.15
CA ASP B 228 -34.80 -106.12 -24.27
C ASP B 228 -35.13 -105.87 -22.82
N LEU B 230 -37.23 -104.10 -21.38
CA LEU B 230 -38.63 -104.16 -21.10
C LEU B 230 -39.12 -105.59 -20.89
N GLU B 231 -38.63 -106.52 -21.70
CA GLU B 231 -39.08 -107.91 -21.60
C GLU B 231 -38.47 -108.59 -20.39
N ARG B 232 -37.36 -108.05 -19.96
CA ARG B 232 -36.59 -108.51 -18.84
C ARG B 232 -36.90 -107.96 -17.49
N LEU B 233 -37.72 -106.94 -17.49
CA LEU B 233 -38.34 -106.46 -16.28
C LEU B 233 -39.33 -107.45 -15.72
N PRO B 234 -39.46 -107.46 -14.40
CA PRO B 234 -40.38 -108.42 -13.81
C PRO B 234 -41.85 -108.10 -14.08
N SER B 235 -42.69 -109.10 -13.94
CA SER B 235 -44.12 -108.90 -13.99
C SER B 235 -44.69 -108.35 -12.67
N PRO B 236 -45.78 -107.59 -12.77
CA PRO B 236 -46.43 -107.09 -11.55
C PRO B 236 -46.96 -108.23 -10.71
N PRO B 237 -46.85 -108.16 -9.37
CA PRO B 237 -47.33 -109.23 -8.52
C PRO B 237 -48.83 -109.52 -8.68
N SER B 238 -49.33 -110.56 -7.98
CA SER B 238 -50.76 -110.84 -7.92
C SER B 238 -51.53 -109.54 -7.61
N ALA B 239 -51.18 -108.93 -6.47
CA ALA B 239 -51.82 -107.71 -5.94
C ALA B 239 -52.34 -106.71 -6.99
N TYR B 240 -51.59 -106.45 -8.05
CA TYR B 240 -51.94 -105.44 -9.03
C TYR B 240 -53.18 -105.66 -9.95
N ASN B 241 -53.99 -106.71 -9.77
CA ASN B 241 -55.14 -106.92 -10.65
C ASN B 241 -56.47 -106.77 -9.84
N THR C 1 -57.41 -64.35 11.15
CA THR C 1 -58.33 -65.26 10.44
C THR C 1 -57.60 -66.53 10.01
N TYR C 2 -57.91 -67.64 10.66
CA TYR C 2 -57.38 -68.91 10.26
C TYR C 2 -58.43 -69.94 10.61
N CYS C 3 -58.84 -70.76 9.64
CA CYS C 3 -59.84 -71.80 9.90
C CYS C 3 -59.35 -73.12 9.36
N VAL C 4 -59.70 -74.20 10.07
CA VAL C 4 -59.35 -75.57 9.67
C VAL C 4 -60.55 -76.42 9.83
N ALA C 5 -60.70 -77.38 8.93
CA ALA C 5 -61.73 -78.37 9.03
C ALA C 5 -61.17 -79.68 8.55
N HIS C 7 -62.18 -83.87 7.73
CA HIS C 7 -63.16 -84.91 7.52
C HIS C 7 -62.43 -86.23 7.62
N LEU C 8 -62.76 -86.94 8.72
CA LEU C 8 -62.10 -88.17 9.13
C LEU C 8 -63.07 -89.33 9.22
N ALA C 9 -62.50 -90.52 9.39
CA ALA C 9 -63.28 -91.74 9.41
C ALA C 9 -64.37 -91.62 10.43
N ASP C 10 -64.05 -91.08 11.61
CA ASP C 10 -65.06 -91.00 12.71
C ASP C 10 -65.96 -89.76 12.72
N GLY C 11 -65.72 -88.80 11.84
CA GLY C 11 -66.58 -87.62 11.76
C GLY C 11 -65.86 -86.38 11.29
N LEU C 12 -66.25 -85.24 11.84
CA LEU C 12 -65.73 -83.94 11.41
C LEU C 12 -65.22 -83.18 12.60
N VAL C 13 -64.19 -82.38 12.37
CA VAL C 13 -63.68 -81.47 13.38
C VAL C 13 -63.48 -80.13 12.74
N PHE C 14 -63.99 -79.08 13.40
CA PHE C 14 -63.87 -77.72 12.88
C PHE C 14 -63.23 -76.80 13.91
N ALA C 15 -62.39 -75.88 13.47
CA ALA C 15 -61.79 -74.91 14.38
C ALA C 15 -61.47 -73.62 13.67
N SER C 16 -61.84 -72.51 14.29
CA SER C 16 -61.63 -71.17 13.73
C SER C 16 -61.11 -70.21 14.78
N ASP C 17 -60.30 -69.24 14.39
CA ASP C 17 -60.00 -68.13 15.29
C ASP C 17 -61.12 -67.12 15.21
N SER C 18 -60.85 -65.92 15.70
CA SER C 18 -61.88 -64.87 15.75
C SER C 18 -61.38 -63.48 15.44
N ARG C 19 -60.08 -63.32 15.28
CA ARG C 19 -59.53 -62.01 15.06
C ARG C 19 -59.83 -61.60 13.63
N THR C 20 -60.31 -60.37 13.47
CA THR C 20 -60.91 -59.96 12.23
C THR C 20 -60.52 -58.53 11.91
N ASN C 21 -60.11 -58.31 10.67
CA ASN C 21 -59.80 -57.00 10.21
C ASN C 21 -61.11 -56.37 9.79
N ALA C 22 -61.59 -55.41 10.56
CA ALA C 22 -62.87 -54.79 10.30
C ALA C 22 -62.72 -53.37 9.83
N GLY C 23 -61.61 -53.04 9.16
CA GLY C 23 -61.35 -51.64 8.82
C GLY C 23 -60.00 -51.24 9.35
N ILE C 24 -59.60 -50.01 9.06
CA ILE C 24 -58.28 -49.53 9.48
C ILE C 24 -58.37 -49.18 10.95
N ASP C 25 -57.36 -49.60 11.70
CA ASP C 25 -57.32 -49.37 13.13
C ASP C 25 -58.57 -49.89 13.85
N HIS C 26 -59.23 -50.90 13.27
CA HIS C 26 -60.37 -51.52 13.92
C HIS C 26 -60.23 -53.02 13.72
N ILE C 27 -59.42 -53.63 14.59
CA ILE C 27 -59.32 -55.09 14.63
C ILE C 27 -60.16 -55.61 15.75
N ALA C 28 -60.92 -56.66 15.51
CA ALA C 28 -61.98 -57.03 16.40
C ALA C 28 -62.27 -58.48 16.39
N THR C 29 -63.06 -58.89 17.38
CA THR C 29 -63.46 -60.29 17.52
C THR C 29 -64.80 -60.55 16.81
N PHE C 30 -64.81 -61.53 15.90
CA PHE C 30 -66.05 -62.02 15.29
C PHE C 30 -66.00 -63.53 15.14
N ARG C 31 -67.09 -64.19 15.48
CA ARG C 31 -67.22 -65.63 15.32
C ARG C 31 -67.10 -66.01 13.84
N LYS C 32 -66.34 -67.07 13.55
CA LYS C 32 -66.15 -67.50 12.15
C LYS C 32 -66.57 -68.93 11.94
N LEU C 33 -67.43 -69.43 12.82
CA LEU C 33 -67.90 -70.80 12.75
C LEU C 33 -69.35 -70.77 13.15
N PHE C 34 -70.21 -71.17 12.23
CA PHE C 34 -71.66 -71.11 12.42
C PHE C 34 -72.29 -72.48 12.17
N THR C 35 -73.27 -72.84 12.98
CA THR C 35 -73.90 -74.17 12.88
C THR C 35 -75.37 -74.03 12.49
N PHE C 36 -75.91 -75.04 11.83
CA PHE C 36 -77.29 -75.04 11.38
C PHE C 36 -77.74 -76.48 11.45
N GLY C 37 -79.03 -76.69 11.64
CA GLY C 37 -79.56 -78.04 11.52
C GLY C 37 -80.84 -78.32 12.27
N THR C 38 -81.37 -79.53 12.07
CA THR C 38 -82.50 -80.03 12.82
C THR C 38 -82.04 -81.35 13.47
N PRO C 39 -82.18 -81.47 14.81
CA PRO C 39 -81.69 -82.67 15.51
C PRO C 39 -82.32 -83.97 14.97
N GLY C 40 -81.48 -84.99 14.79
CA GLY C 40 -81.90 -86.28 14.26
C GLY C 40 -82.01 -86.32 12.76
N GLU C 41 -81.81 -85.18 12.09
CA GLU C 41 -81.93 -85.07 10.63
C GLU C 41 -80.65 -84.48 9.97
N ARG C 42 -80.11 -83.36 10.47
CA ARG C 42 -78.92 -82.81 9.84
C ARG C 42 -78.11 -81.84 10.69
N LEU C 43 -76.81 -81.83 10.44
CA LEU C 43 -75.91 -80.82 10.98
C LEU C 43 -75.11 -80.20 9.84
N LEU C 44 -75.07 -78.87 9.77
CA LEU C 44 -74.20 -78.20 8.81
C LEU C 44 -73.43 -77.10 9.49
N VAL C 45 -72.15 -77.02 9.18
CA VAL C 45 -71.29 -76.00 9.75
C VAL C 45 -70.74 -75.16 8.61
N VAL C 46 -70.74 -73.85 8.79
CA VAL C 46 -70.11 -72.94 7.83
C VAL C 46 -69.03 -72.11 8.51
N GLN C 47 -67.83 -72.11 7.95
CA GLN C 47 -66.76 -71.27 8.43
C GLN C 47 -66.45 -70.22 7.41
N THR C 48 -65.97 -69.08 7.88
CA THR C 48 -65.78 -67.91 7.03
C THR C 48 -64.38 -67.38 7.11
N ALA C 49 -63.94 -66.80 6.02
CA ALA C 49 -62.66 -66.09 5.98
C ALA C 49 -62.74 -65.06 4.89
N GLY C 50 -62.00 -63.98 5.03
CA GLY C 50 -62.01 -62.92 4.01
C GLY C 50 -62.80 -61.73 4.48
N ASN C 51 -63.38 -61.00 3.54
CA ASN C 51 -64.04 -59.76 3.87
C ASN C 51 -65.21 -59.96 4.82
N LEU C 52 -65.16 -59.21 5.92
CA LEU C 52 -66.19 -59.29 6.95
C LEU C 52 -67.58 -58.92 6.43
N ALA C 53 -67.71 -57.77 5.78
CA ALA C 53 -69.00 -57.34 5.25
C ALA C 53 -69.65 -58.38 4.36
N THR C 54 -68.87 -58.98 3.50
CA THR C 54 -69.39 -59.93 2.56
C THR C 54 -69.79 -61.17 3.30
N SER C 55 -68.91 -61.69 4.11
CA SER C 55 -69.24 -62.95 4.77
C SER C 55 -70.42 -62.79 5.70
N GLN C 56 -70.50 -61.65 6.38
CA GLN C 56 -71.62 -61.41 7.29
C GLN C 56 -72.91 -61.38 6.52
N SER C 57 -72.93 -60.70 5.40
CA SER C 57 -74.11 -60.68 4.58
C SER C 57 -74.53 -62.07 4.09
N VAL C 58 -73.57 -62.89 3.69
CA VAL C 58 -73.89 -64.23 3.27
C VAL C 58 -74.52 -65.04 4.40
N ILE C 59 -73.89 -65.02 5.58
CA ILE C 59 -74.41 -65.76 6.73
C ILE C 59 -75.79 -65.26 7.12
N ASN C 60 -75.95 -63.95 7.13
CA ASN C 60 -77.20 -63.37 7.52
C ASN C 60 -78.32 -63.80 6.60
N LEU C 61 -78.07 -63.86 5.31
CA LEU C 61 -79.11 -64.24 4.36
C LEU C 61 -79.45 -65.70 4.51
N LEU C 62 -78.45 -66.54 4.72
CA LEU C 62 -78.71 -67.94 4.97
C LEU C 62 -79.60 -68.12 6.19
N GLN C 63 -79.39 -67.33 7.24
CA GLN C 63 -80.22 -67.42 8.45
C GLN C 63 -81.65 -66.96 8.19
N GLN C 64 -81.81 -65.79 7.60
CA GLN C 64 -83.15 -65.29 7.27
C GLN C 64 -83.92 -66.29 6.42
N ARG C 65 -83.26 -66.88 5.43
CA ARG C 65 -83.93 -67.80 4.47
C ARG C 65 -84.28 -69.17 5.02
N ILE C 66 -83.64 -69.56 6.11
CA ILE C 66 -83.96 -70.81 6.81
C ILE C 66 -85.43 -70.80 7.21
N ARG C 67 -85.87 -69.65 7.73
CA ARG C 67 -87.26 -69.39 8.12
C ARG C 67 -88.07 -68.85 6.91
N ARG C 68 -88.06 -69.59 5.79
CA ARG C 68 -88.79 -69.16 4.58
C ARG C 68 -88.95 -70.33 3.57
N ASP C 69 -90.15 -70.43 2.98
CA ASP C 69 -90.53 -71.52 2.05
C ASP C 69 -89.77 -71.40 0.71
N GLY C 70 -88.68 -72.17 0.54
CA GLY C 70 -87.84 -72.08 -0.65
C GLY C 70 -86.48 -72.67 -0.30
N ALA C 71 -85.53 -72.61 -1.23
CA ALA C 71 -84.17 -73.15 -0.97
C ALA C 71 -83.52 -72.59 0.29
N SER C 72 -83.08 -73.49 1.17
CA SER C 72 -82.43 -73.09 2.41
C SER C 72 -81.56 -74.21 2.93
N LEU C 73 -80.61 -73.87 3.81
CA LEU C 73 -79.75 -74.90 4.40
C LEU C 73 -80.46 -76.00 5.14
N LEU C 74 -81.75 -75.86 5.41
CA LEU C 74 -82.48 -76.91 6.11
C LEU C 74 -83.23 -77.90 5.23
N ASN C 75 -83.31 -77.67 3.93
CA ASN C 75 -84.19 -78.48 3.07
C ASN C 75 -83.36 -79.08 1.91
N VAL C 76 -82.29 -78.37 1.55
CA VAL C 76 -81.26 -78.84 0.67
C VAL C 76 -80.97 -80.34 0.87
N PRO C 77 -81.01 -81.14 -0.19
CA PRO C 77 -80.89 -82.60 -0.03
C PRO C 77 -79.51 -83.21 0.26
N SER C 78 -78.41 -82.47 0.08
CA SER C 78 -77.06 -83.03 0.32
C SER C 78 -76.08 -81.93 0.76
N VAL C 79 -74.98 -82.34 1.40
CA VAL C 79 -73.95 -81.38 1.80
C VAL C 79 -73.38 -80.66 0.57
N TYR C 80 -73.22 -81.39 -0.52
CA TYR C 80 -72.88 -80.79 -1.80
C TYR C 80 -73.79 -79.59 -2.11
N ASP C 81 -75.10 -79.83 -2.15
CA ASP C 81 -76.06 -78.79 -2.50
C ASP C 81 -76.06 -77.64 -1.51
N ALA C 82 -75.71 -77.92 -0.26
CA ALA C 82 -75.57 -76.89 0.76
C ALA C 82 -74.44 -75.98 0.38
N THR C 83 -73.32 -76.59 0.03
CA THR C 83 -72.13 -75.85 -0.41
C THR C 83 -72.45 -74.98 -1.62
N ALA C 84 -73.16 -75.57 -2.57
CA ALA C 84 -73.59 -74.85 -3.77
C ALA C 84 -74.49 -73.68 -3.42
N LEU C 85 -75.36 -73.86 -2.42
CA LEU C 85 -76.25 -72.81 -2.00
C LEU C 85 -75.45 -71.65 -1.40
N VAL C 86 -74.46 -71.97 -0.58
CA VAL C 86 -73.67 -70.93 0.05
C VAL C 86 -73.03 -70.13 -1.06
N ALA C 87 -72.42 -70.84 -2.02
CA ALA C 87 -71.76 -70.19 -3.15
C ALA C 87 -72.71 -69.30 -3.92
N GLU C 88 -73.85 -69.88 -4.28
CA GLU C 88 -74.94 -69.15 -4.93
C GLU C 88 -75.24 -67.85 -4.17
N THR C 89 -75.34 -67.94 -2.84
CA THR C 89 -75.64 -66.80 -2.01
C THR C 89 -74.52 -65.76 -2.08
N THR C 90 -73.28 -66.24 -2.03
CA THR C 90 -72.13 -65.37 -2.13
C THR C 90 -72.19 -64.53 -3.41
N ARG C 91 -72.41 -65.19 -4.57
CA ARG C 91 -72.54 -64.50 -5.86
C ARG C 91 -73.56 -63.37 -5.79
N GLU C 92 -74.71 -63.67 -5.18
CA GLU C 92 -75.76 -62.70 -5.03
C GLU C 92 -75.29 -61.45 -4.26
N VAL C 93 -74.53 -61.67 -3.19
CA VAL C 93 -74.05 -60.56 -2.35
C VAL C 93 -73.04 -59.69 -3.09
N ALA C 95 -72.74 -59.31 -6.35
CA ALA C 95 -73.46 -58.57 -7.37
C ALA C 95 -74.03 -57.24 -6.87
N ARG C 96 -74.62 -57.25 -5.68
CA ARG C 96 -75.29 -56.07 -5.13
C ARG C 96 -74.32 -54.95 -4.68
N ASP C 97 -73.26 -55.33 -3.96
CA ASP C 97 -72.30 -54.38 -3.33
C ASP C 97 -71.28 -53.80 -4.32
N SER C 98 -71.00 -54.56 -5.38
CA SER C 98 -70.20 -54.08 -6.49
C SER C 98 -70.85 -52.84 -7.14
N GLY C 99 -69.99 -51.88 -7.51
CA GLY C 99 -70.41 -50.60 -8.12
C GLY C 99 -69.19 -49.68 -8.17
N ASN C 100 -69.38 -48.43 -8.62
CA ASN C 100 -68.27 -47.44 -8.60
C ASN C 100 -67.82 -47.09 -7.19
N LEU C 101 -68.76 -47.10 -6.25
CA LEU C 101 -68.53 -46.68 -4.86
C LEU C 101 -67.54 -47.59 -4.12
N ALA C 102 -67.69 -48.91 -4.28
CA ALA C 102 -66.69 -49.84 -3.74
C ALA C 102 -65.31 -49.54 -4.33
N GLY C 103 -65.25 -49.28 -5.64
CA GLY C 103 -63.99 -48.94 -6.31
C GLY C 103 -63.09 -50.15 -6.45
N ASN C 104 -61.85 -50.05 -5.97
CA ASN C 104 -60.88 -51.17 -6.05
C ASN C 104 -60.78 -52.00 -4.77
N THR C 105 -61.53 -51.63 -3.74
CA THR C 105 -61.55 -52.40 -2.48
C THR C 105 -61.96 -53.89 -2.71
N ASP C 106 -61.32 -54.79 -1.97
CA ASP C 106 -61.41 -56.24 -2.23
C ASP C 106 -62.49 -56.98 -1.39
N LEU C 107 -63.64 -57.25 -2.01
CA LEU C 107 -64.80 -57.77 -1.29
C LEU C 107 -64.90 -59.29 -1.19
N SER C 108 -63.83 -60.00 -1.53
CA SER C 108 -63.96 -61.45 -1.71
C SER C 108 -63.84 -62.16 -0.39
N CYS C 109 -64.48 -63.31 -0.31
CA CYS C 109 -64.30 -64.17 0.86
C CYS C 109 -64.52 -65.62 0.51
N SER C 110 -64.08 -66.46 1.42
CA SER C 110 -64.06 -67.89 1.24
C SER C 110 -64.76 -68.55 2.40
N PHE C 111 -65.19 -69.79 2.20
CA PHE C 111 -66.00 -70.51 3.17
C PHE C 111 -65.63 -71.96 3.24
N VAL C 113 -67.84 -75.51 4.19
CA VAL C 113 -69.15 -76.02 4.47
C VAL C 113 -68.99 -77.51 4.68
N GLY C 114 -69.37 -78.00 5.85
CA GLY C 114 -69.28 -79.41 6.14
C GLY C 114 -70.40 -79.85 7.02
N GLY C 115 -70.62 -81.15 7.09
CA GLY C 115 -71.63 -81.68 7.98
C GLY C 115 -72.16 -83.01 7.49
N GLN C 116 -73.38 -83.34 7.91
CA GLN C 116 -74.02 -84.56 7.51
C GLN C 116 -75.52 -84.43 7.46
N ILE C 117 -76.10 -84.95 6.41
CA ILE C 117 -77.54 -85.00 6.27
C ILE C 117 -77.96 -86.46 6.32
N ALA C 118 -79.07 -86.71 7.00
CA ALA C 118 -79.59 -88.07 7.18
C ALA C 118 -79.57 -88.84 5.86
N GLY C 119 -78.97 -90.03 5.88
CA GLY C 119 -79.04 -90.94 4.76
C GLY C 119 -77.84 -90.88 3.86
N GLY C 120 -76.86 -90.07 4.20
CA GLY C 120 -75.62 -90.08 3.44
C GLY C 120 -74.48 -89.76 4.36
N PRO C 121 -73.27 -90.11 3.95
CA PRO C 121 -72.11 -89.88 4.82
C PRO C 121 -71.87 -88.40 5.11
N PRO C 122 -71.06 -88.09 6.14
CA PRO C 122 -70.61 -86.74 6.32
C PRO C 122 -69.68 -86.30 5.19
N ALA C 123 -69.62 -85.00 4.95
CA ALA C 123 -68.78 -84.42 3.89
C ALA C 123 -68.26 -83.04 4.28
N LEU C 124 -67.25 -82.56 3.56
CA LEU C 124 -66.60 -81.27 3.84
C LEU C 124 -66.14 -80.63 2.56
N TYR C 125 -66.55 -79.40 2.31
CA TYR C 125 -66.14 -78.65 1.14
C TYR C 125 -65.49 -77.34 1.49
N SER C 126 -64.71 -76.81 0.55
CA SER C 126 -64.14 -75.48 0.71
C SER C 126 -64.49 -74.70 -0.52
N ILE C 127 -65.02 -73.49 -0.33
CA ILE C 127 -65.39 -72.60 -1.42
C ILE C 127 -64.36 -71.51 -1.58
N TYR C 128 -63.89 -71.31 -2.80
CA TYR C 128 -62.83 -70.35 -3.06
C TYR C 128 -63.40 -68.97 -3.26
N PRO C 129 -62.56 -67.93 -3.17
CA PRO C 129 -63.00 -66.57 -3.50
C PRO C 129 -63.86 -66.48 -4.73
N GLN C 130 -63.57 -67.27 -5.76
CA GLN C 130 -64.23 -67.15 -7.06
C GLN C 130 -65.52 -67.95 -7.15
N GLY C 131 -65.87 -68.71 -6.10
CA GLY C 131 -67.18 -69.38 -6.03
C GLY C 131 -67.27 -70.84 -6.45
N ASN C 132 -66.16 -71.38 -6.95
CA ASN C 132 -66.04 -72.79 -7.24
C ASN C 132 -65.48 -73.49 -5.99
N PHE C 133 -65.79 -74.77 -5.83
CA PHE C 133 -65.38 -75.45 -4.62
C PHE C 133 -64.81 -76.85 -4.79
N ILE C 134 -64.11 -77.26 -3.75
CA ILE C 134 -63.58 -78.62 -3.68
C ILE C 134 -64.01 -79.35 -2.44
N GLN C 135 -63.89 -80.66 -2.54
CA GLN C 135 -64.31 -81.57 -1.49
C GLN C 135 -63.09 -82.23 -0.89
N ALA C 136 -63.06 -82.34 0.42
CA ALA C 136 -62.02 -83.10 1.10
C ALA C 136 -62.25 -84.59 0.91
N THR C 137 -61.17 -85.33 0.79
CA THR C 137 -61.22 -86.77 0.58
C THR C 137 -60.27 -87.47 1.57
N PRO C 138 -60.33 -88.80 1.63
CA PRO C 138 -59.35 -89.52 2.44
C PRO C 138 -57.89 -89.14 2.21
N ASP C 139 -57.50 -88.92 0.94
CA ASP C 139 -56.10 -88.59 0.62
C ASP C 139 -55.76 -87.14 1.03
N THR C 140 -56.77 -86.28 1.03
CA THR C 140 -56.60 -84.88 1.44
C THR C 140 -57.74 -84.55 2.40
N PRO C 141 -57.58 -84.97 3.67
CA PRO C 141 -58.67 -84.97 4.62
C PRO C 141 -58.83 -83.70 5.42
N PHE C 142 -57.93 -82.74 5.26
CA PHE C 142 -58.15 -81.44 5.92
C PHE C 142 -57.99 -80.27 4.95
N LEU C 143 -58.67 -79.18 5.28
CA LEU C 143 -58.68 -78.00 4.45
C LEU C 143 -58.54 -76.78 5.34
N GLN C 144 -57.90 -75.74 4.82
CA GLN C 144 -57.66 -74.53 5.59
C GLN C 144 -58.13 -73.27 4.89
N LEU C 145 -58.44 -72.25 5.66
CA LEU C 145 -58.73 -70.96 5.12
C LEU C 145 -57.90 -69.99 5.85
N GLY C 146 -57.73 -68.85 5.23
CA GLY C 146 -57.06 -67.74 5.90
C GLY C 146 -55.57 -67.92 5.88
N GLU C 147 -54.98 -67.52 6.98
CA GLU C 147 -53.57 -67.46 7.18
C GLU C 147 -53.10 -68.82 7.71
N SER C 148 -52.87 -69.74 6.78
CA SER C 148 -52.74 -71.16 7.12
C SER C 148 -51.38 -71.82 6.92
N LYS C 149 -50.43 -71.14 6.32
CA LYS C 149 -49.13 -71.78 6.06
C LYS C 149 -48.40 -72.08 7.39
N TYR C 150 -48.56 -71.23 8.38
CA TYR C 150 -47.80 -71.37 9.62
C TYR C 150 -48.10 -72.67 10.32
N GLY C 151 -49.36 -73.08 10.27
CA GLY C 151 -49.79 -74.27 10.99
C GLY C 151 -50.06 -75.48 10.11
N LYS C 152 -49.66 -75.38 8.85
CA LYS C 152 -49.86 -76.50 7.95
C LYS C 152 -48.95 -77.67 8.23
N PRO C 153 -47.67 -77.42 8.55
CA PRO C 153 -46.77 -78.56 8.64
C PRO C 153 -47.20 -79.58 9.66
N ILE C 154 -47.62 -79.15 10.84
CA ILE C 154 -48.01 -80.13 11.84
C ILE C 154 -49.16 -81.03 11.36
N LEU C 155 -50.05 -80.48 10.55
CA LEU C 155 -51.17 -81.24 10.03
C LEU C 155 -50.68 -82.19 8.95
N ASP C 156 -49.85 -81.68 8.05
CA ASP C 156 -49.29 -82.52 7.01
C ASP C 156 -48.60 -83.72 7.62
N ARG C 157 -47.83 -83.48 8.68
CA ARG C 157 -47.03 -84.55 9.32
C ARG C 157 -47.85 -85.63 9.99
N ASN C 158 -48.92 -85.26 10.68
CA ASN C 158 -49.60 -86.17 11.60
C ASN C 158 -50.98 -86.58 11.25
N LEU C 159 -51.68 -85.74 10.51
CA LEU C 159 -53.09 -86.00 10.26
C LEU C 159 -53.31 -86.94 9.08
N THR C 160 -54.22 -87.89 9.24
CA THR C 160 -54.68 -88.74 8.13
C THR C 160 -56.16 -89.01 8.32
N PHE C 161 -56.79 -89.59 7.31
CA PHE C 161 -58.22 -89.91 7.37
C PHE C 161 -58.58 -90.73 8.62
N ASP C 162 -57.68 -91.63 9.02
CA ASP C 162 -57.91 -92.51 10.16
C ASP C 162 -57.55 -91.93 11.55
N THR C 163 -57.00 -90.73 11.61
CA THR C 163 -56.75 -90.09 12.89
C THR C 163 -58.07 -89.95 13.66
N PRO C 164 -58.10 -90.37 14.94
CA PRO C 164 -59.33 -90.21 15.73
C PRO C 164 -59.61 -88.76 16.02
N LEU C 165 -60.86 -88.45 16.37
CA LEU C 165 -61.29 -87.06 16.52
C LEU C 165 -60.53 -86.34 17.63
N GLU C 166 -60.46 -86.93 18.82
CA GLU C 166 -59.77 -86.31 19.96
C GLU C 166 -58.33 -85.90 19.53
N GLN C 167 -57.65 -86.76 18.78
CA GLN C 167 -56.27 -86.46 18.36
C GLN C 167 -56.18 -85.44 17.25
N ALA C 168 -57.15 -85.47 16.35
CA ALA C 168 -57.21 -84.47 15.31
C ALA C 168 -57.41 -83.09 15.94
N LEU C 169 -58.30 -83.00 16.92
CA LEU C 169 -58.59 -81.74 17.56
C LEU C 169 -57.34 -81.19 18.22
N ARG C 170 -56.64 -82.08 18.89
CA ARG C 170 -55.41 -81.73 19.56
C ARG C 170 -54.40 -81.20 18.56
N CYS C 171 -54.36 -81.86 17.43
CA CYS C 171 -53.48 -81.48 16.39
C CYS C 171 -53.81 -80.08 15.89
N ALA C 172 -55.09 -79.84 15.66
CA ALA C 172 -55.57 -78.51 15.27
C ALA C 172 -55.15 -77.44 16.25
N LEU C 173 -55.27 -77.74 17.53
CA LEU C 173 -54.86 -76.77 18.54
C LEU C 173 -53.38 -76.39 18.47
N VAL C 174 -52.53 -77.36 18.20
CA VAL C 174 -51.12 -77.08 18.06
C VAL C 174 -50.88 -76.22 16.82
N SER C 175 -51.62 -76.51 15.76
CA SER C 175 -51.61 -75.67 14.56
C SER C 175 -51.89 -74.20 14.91
N PHE C 176 -52.91 -73.96 15.73
CA PHE C 176 -53.25 -72.59 16.14
C PHE C 176 -52.20 -71.97 17.04
N ASP C 177 -51.61 -72.79 17.92
CA ASP C 177 -50.55 -72.34 18.76
C ASP C 177 -49.44 -71.68 17.92
N SER C 178 -48.89 -72.42 16.95
CA SER C 178 -47.80 -71.90 16.14
C SER C 178 -48.23 -70.67 15.37
N THR C 179 -49.45 -70.72 14.84
CA THR C 179 -49.95 -69.64 14.01
C THR C 179 -50.04 -68.34 14.83
N ILE C 180 -50.66 -68.45 16.00
CA ILE C 180 -50.82 -67.29 16.87
C ILE C 180 -49.51 -66.68 17.29
N ARG C 181 -48.48 -67.49 17.51
CA ARG C 181 -47.17 -66.98 17.88
C ARG C 181 -46.47 -66.26 16.77
N SER C 182 -46.75 -66.65 15.54
CA SER C 182 -45.99 -66.15 14.42
C SER C 182 -46.71 -65.14 13.53
N ASN C 183 -48.00 -64.90 13.79
CA ASN C 183 -48.80 -63.98 12.97
C ASN C 183 -49.89 -63.31 13.78
N LEU C 184 -49.77 -62.01 13.95
CA LEU C 184 -50.73 -61.26 14.77
C LEU C 184 -52.13 -61.14 14.21
N SER C 185 -52.32 -61.42 12.93
CA SER C 185 -53.64 -61.27 12.31
C SER C 185 -54.55 -62.42 12.79
N VAL C 186 -53.95 -63.45 13.37
CA VAL C 186 -54.67 -64.55 13.96
C VAL C 186 -54.65 -64.48 15.48
N GLY C 187 -55.78 -64.81 16.10
CA GLY C 187 -55.97 -64.51 17.53
C GLY C 187 -57.18 -65.12 18.20
N PRO C 189 -60.39 -65.35 20.97
CA PRO C 189 -60.80 -66.72 21.23
C PRO C 189 -60.88 -67.57 19.99
N LEU C 190 -60.80 -68.89 20.20
CA LEU C 190 -61.07 -69.88 19.17
C LEU C 190 -62.42 -70.52 19.39
N ASP C 191 -62.98 -71.06 18.32
CA ASP C 191 -64.24 -71.72 18.37
C ASP C 191 -64.04 -73.09 17.76
N LEU C 192 -64.42 -74.13 18.49
CA LEU C 192 -64.26 -75.51 18.03
C LEU C 192 -65.59 -76.19 17.95
N LEU C 193 -65.65 -77.19 17.08
CA LEU C 193 -66.80 -78.06 17.04
C LEU C 193 -66.38 -79.43 16.56
N VAL C 194 -66.77 -80.45 17.31
CA VAL C 194 -66.52 -81.85 16.93
C VAL C 194 -67.85 -82.54 16.66
N TYR C 195 -67.95 -83.25 15.55
CA TYR C 195 -69.18 -83.95 15.18
C TYR C 195 -68.90 -85.40 14.94
N HIS C 196 -69.70 -86.27 15.54
CA HIS C 196 -69.51 -87.70 15.41
C HIS C 196 -70.31 -88.27 14.23
N ARG C 197 -69.63 -89.04 13.37
CA ARG C 197 -70.28 -89.63 12.20
C ARG C 197 -71.56 -90.34 12.61
N ASP C 198 -72.64 -90.03 11.91
CA ASP C 198 -73.95 -90.68 12.09
C ASP C 198 -74.69 -90.32 13.37
N SER C 199 -74.14 -89.43 14.19
CA SER C 199 -74.84 -88.99 15.40
C SER C 199 -76.06 -88.12 15.09
N LEU C 200 -75.98 -87.33 14.02
CA LEU C 200 -77.06 -86.42 13.61
C LEU C 200 -77.60 -85.52 14.72
N ILE C 201 -76.71 -85.07 15.62
CA ILE C 201 -77.06 -84.13 16.67
C ILE C 201 -76.29 -82.84 16.41
N LEU C 202 -76.73 -81.74 17.01
CA LEU C 202 -76.03 -80.46 16.87
C LEU C 202 -75.16 -80.24 18.08
N PRO C 203 -73.86 -80.53 17.98
CA PRO C 203 -73.00 -80.34 19.16
C PRO C 203 -72.97 -78.90 19.56
N GLU C 204 -72.77 -78.62 20.83
CA GLU C 204 -72.80 -77.23 21.27
C GLU C 204 -71.54 -76.49 20.85
N GLY C 205 -70.45 -77.23 20.70
CA GLY C 205 -69.20 -76.61 20.31
C GLY C 205 -68.63 -75.97 21.53
N TYR C 206 -67.46 -75.38 21.42
CA TYR C 206 -66.75 -74.90 22.58
C TYR C 206 -65.86 -73.74 22.21
N ARG C 207 -65.78 -72.76 23.10
CA ARG C 207 -64.92 -71.63 22.87
C ARG C 207 -63.66 -71.63 23.76
N VAL C 208 -62.52 -71.50 23.12
CA VAL C 208 -61.27 -71.44 23.84
C VAL C 208 -60.82 -70.04 24.08
N THR C 209 -60.86 -69.59 25.33
CA THR C 209 -60.37 -68.26 25.63
C THR C 209 -58.90 -68.24 26.06
N GLU C 210 -58.33 -67.03 26.05
CA GLU C 210 -57.08 -66.69 26.69
C GLU C 210 -56.82 -67.49 27.97
N ASP C 211 -57.84 -67.65 28.80
CA ASP C 211 -57.70 -68.27 30.12
C ASP C 211 -57.77 -69.79 30.15
N ASP C 212 -58.09 -70.42 29.03
CA ASP C 212 -58.42 -71.84 29.03
C ASP C 212 -57.31 -72.65 29.67
N ALA C 213 -57.65 -73.43 30.69
CA ALA C 213 -56.66 -74.23 31.41
C ALA C 213 -55.98 -75.25 30.51
N TYR C 214 -56.79 -76.00 29.77
CA TYR C 214 -56.25 -77.06 28.93
C TYR C 214 -55.35 -76.52 27.84
N PHE C 215 -55.83 -75.53 27.08
CA PHE C 215 -55.03 -74.97 25.99
C PHE C 215 -53.77 -74.32 26.52
N SER C 216 -53.84 -73.63 27.65
CA SER C 216 -52.62 -73.05 28.24
C SER C 216 -51.60 -74.12 28.51
N ALA C 217 -52.08 -75.25 29.04
CA ALA C 217 -51.22 -76.35 29.47
C ALA C 217 -50.53 -77.01 28.29
N ILE C 218 -51.27 -77.32 27.25
CA ILE C 218 -50.62 -78.00 26.13
C ILE C 218 -49.67 -77.07 25.38
N ARG C 219 -49.91 -75.77 25.41
CA ARG C 219 -48.94 -74.83 24.87
C ARG C 219 -47.62 -74.83 25.65
N ARG C 220 -47.72 -74.78 26.97
CA ARG C 220 -46.55 -74.82 27.85
C ARG C 220 -45.78 -76.12 27.68
N GLN C 221 -46.50 -77.23 27.53
CA GLN C 221 -45.89 -78.55 27.33
C GLN C 221 -45.19 -78.65 25.99
N TRP C 222 -45.91 -78.25 24.96
CA TRP C 222 -45.38 -78.27 23.61
C TRP C 222 -44.11 -77.43 23.52
N SER C 223 -44.05 -76.27 24.18
CA SER C 223 -42.80 -75.47 24.20
C SER C 223 -41.63 -76.19 24.83
N ALA C 224 -41.85 -76.70 26.03
CA ALA C 224 -40.87 -77.45 26.77
C ALA C 224 -40.38 -78.63 25.96
N GLY C 225 -41.32 -79.32 25.29
CA GLY C 225 -40.97 -80.47 24.48
C GLY C 225 -40.03 -80.12 23.35
N LEU C 226 -40.43 -79.13 22.54
CA LEU C 226 -39.61 -78.64 21.43
C LEU C 226 -38.22 -78.18 21.87
N HIS C 227 -38.16 -77.47 22.99
CA HIS C 227 -36.92 -76.97 23.50
C HIS C 227 -35.99 -78.12 23.89
N ASP C 228 -36.55 -79.14 24.54
CA ASP C 228 -35.83 -80.37 24.90
C ASP C 228 -35.25 -81.07 23.70
N LEU C 230 -34.67 -80.16 20.80
CA LEU C 230 -33.69 -79.36 20.10
C LEU C 230 -32.31 -79.45 20.75
N GLU C 231 -32.27 -79.46 22.08
CA GLU C 231 -30.99 -79.52 22.77
C GLU C 231 -30.37 -80.91 22.72
N ARG C 232 -31.24 -81.92 22.62
CA ARG C 232 -30.81 -83.30 22.60
C ARG C 232 -30.55 -83.87 21.19
N LEU C 233 -30.79 -83.06 20.16
CA LEU C 233 -30.32 -83.36 18.79
C LEU C 233 -28.81 -83.30 18.70
N PRO C 234 -28.22 -84.13 17.84
CA PRO C 234 -26.77 -84.16 17.76
C PRO C 234 -26.20 -82.91 17.09
N SER C 235 -24.89 -82.70 17.27
CA SER C 235 -24.17 -81.64 16.57
C SER C 235 -23.85 -82.02 15.12
N PRO C 236 -23.86 -81.04 14.22
CA PRO C 236 -23.42 -81.28 12.84
C PRO C 236 -21.97 -81.77 12.83
N PRO C 237 -21.63 -82.75 11.97
CA PRO C 237 -20.24 -83.20 11.80
C PRO C 237 -19.21 -82.11 11.46
N SER C 238 -17.93 -82.48 11.38
CA SER C 238 -16.88 -81.55 10.93
C SER C 238 -17.27 -80.89 9.62
N ALA C 239 -17.54 -81.74 8.63
CA ALA C 239 -17.91 -81.34 7.26
C ALA C 239 -18.69 -79.99 7.15
N TYR C 240 -19.67 -79.78 8.01
CA TYR C 240 -20.59 -78.63 7.86
C TYR C 240 -20.03 -77.19 8.05
N ASN C 241 -18.71 -77.00 8.24
CA ASN C 241 -18.22 -75.63 8.55
C ASN C 241 -17.28 -75.03 7.49
N THR D 1 -38.12 -72.02 -3.34
CA THR D 1 -37.31 -70.84 -2.93
C THR D 1 -37.63 -70.46 -1.50
N TYR D 2 -36.68 -70.70 -0.61
CA TYR D 2 -36.80 -70.27 0.79
C TYR D 2 -35.43 -69.99 1.30
N CYS D 3 -35.20 -68.81 1.82
CA CYS D 3 -33.85 -68.44 2.31
C CYS D 3 -33.99 -67.87 3.69
N VAL D 4 -33.00 -68.14 4.53
CA VAL D 4 -32.94 -67.59 5.87
C VAL D 4 -31.56 -67.09 6.12
N ALA D 5 -31.46 -66.03 6.89
CA ALA D 5 -30.18 -65.52 7.36
C ALA D 5 -30.36 -65.01 8.76
N HIS D 7 -28.31 -62.99 12.06
CA HIS D 7 -27.19 -62.20 12.59
C HIS D 7 -27.24 -62.28 14.09
N LEU D 8 -26.26 -63.00 14.63
CA LEU D 8 -26.19 -63.37 16.03
C LEU D 8 -24.91 -62.83 16.68
N ALA D 9 -24.86 -62.94 17.99
CA ALA D 9 -23.76 -62.43 18.75
C ALA D 9 -22.47 -62.97 18.21
N ASP D 10 -22.41 -64.27 17.91
CA ASP D 10 -21.13 -64.88 17.47
C ASP D 10 -20.85 -64.79 15.98
N GLY D 11 -21.80 -64.30 15.19
CA GLY D 11 -21.56 -64.19 13.74
C GLY D 11 -22.81 -64.31 12.90
N LEU D 12 -22.69 -64.91 11.72
CA LEU D 12 -23.80 -64.99 10.76
C LEU D 12 -24.00 -66.41 10.33
N VAL D 13 -25.24 -66.75 10.04
CA VAL D 13 -25.57 -68.05 9.49
C VAL D 13 -26.50 -67.83 8.31
N PHE D 14 -26.21 -68.48 7.20
CA PHE D 14 -27.03 -68.37 6.01
C PHE D 14 -27.48 -69.73 5.53
N ALA D 15 -28.71 -69.84 5.05
CA ALA D 15 -29.18 -71.10 4.45
C ALA D 15 -30.20 -70.85 3.38
N SER D 16 -30.04 -71.54 2.25
CA SER D 16 -30.96 -71.38 1.12
C SER D 16 -31.33 -72.73 0.52
N ASP D 17 -32.54 -72.87 -0.02
CA ASP D 17 -32.82 -74.03 -0.85
C ASP D 17 -32.30 -73.76 -2.28
N SER D 18 -32.76 -74.55 -3.25
CA SER D 18 -32.28 -74.43 -4.61
C SER D 18 -33.35 -74.63 -5.67
N ARG D 19 -34.54 -75.00 -5.26
CA ARG D 19 -35.59 -75.28 -6.23
C ARG D 19 -36.10 -73.97 -6.78
N THR D 20 -36.22 -73.90 -8.10
CA THR D 20 -36.41 -72.63 -8.77
C THR D 20 -37.38 -72.76 -9.91
N ASN D 21 -38.31 -71.82 -9.98
CA ASN D 21 -39.26 -71.80 -11.04
C ASN D 21 -38.60 -71.08 -12.18
N ALA D 22 -38.25 -71.81 -13.23
CA ALA D 22 -37.52 -71.23 -14.34
C ALA D 22 -38.38 -71.12 -15.58
N GLY D 23 -39.69 -70.98 -15.43
CA GLY D 23 -40.57 -71.05 -16.59
C GLY D 23 -41.62 -72.11 -16.37
N ILE D 24 -42.50 -72.24 -17.35
CA ILE D 24 -43.61 -73.19 -17.22
C ILE D 24 -43.07 -74.56 -17.53
N ASP D 25 -43.46 -75.52 -16.70
CA ASP D 25 -43.02 -76.88 -16.85
C ASP D 25 -41.48 -76.97 -16.86
N HIS D 26 -40.81 -76.03 -16.23
CA HIS D 26 -39.36 -76.09 -16.12
C HIS D 26 -38.98 -75.67 -14.71
N ILE D 27 -39.04 -76.62 -13.81
CA ILE D 27 -38.57 -76.39 -12.44
C ILE D 27 -37.19 -76.98 -12.32
N ALA D 28 -36.29 -76.27 -11.68
CA ALA D 28 -34.89 -76.66 -11.74
C ALA D 28 -34.10 -76.26 -10.52
N THR D 29 -32.88 -76.77 -10.44
CA THR D 29 -31.97 -76.42 -9.35
C THR D 29 -31.06 -75.26 -9.72
N PHE D 30 -31.05 -74.23 -8.87
CA PHE D 30 -30.10 -73.09 -9.01
C PHE D 30 -29.64 -72.63 -7.64
N ARG D 31 -28.34 -72.40 -7.51
CA ARG D 31 -27.77 -71.92 -6.24
C ARG D 31 -28.34 -70.55 -5.91
N LYS D 32 -28.71 -70.34 -4.64
CA LYS D 32 -29.30 -69.06 -4.23
C LYS D 32 -28.49 -68.41 -3.11
N LEU D 33 -27.23 -68.79 -2.99
CA LEU D 33 -26.36 -68.26 -1.96
C LEU D 33 -24.99 -68.11 -2.56
N PHE D 34 -24.52 -66.87 -2.62
CA PHE D 34 -23.27 -66.52 -3.28
C PHE D 34 -22.36 -65.77 -2.33
N THR D 35 -21.08 -66.04 -2.41
CA THR D 35 -20.11 -65.42 -1.51
C THR D 35 -19.15 -64.55 -2.29
N PHE D 36 -18.62 -63.53 -1.63
CA PHE D 36 -17.65 -62.63 -2.22
C PHE D 36 -16.69 -62.18 -1.12
N GLY D 37 -15.47 -61.83 -1.48
CA GLY D 37 -14.57 -61.26 -0.49
C GLY D 37 -13.09 -61.42 -0.76
N THR D 38 -12.29 -60.80 0.09
CA THR D 38 -10.84 -60.96 0.10
C THR D 38 -10.46 -61.44 1.50
N PRO D 39 -9.72 -62.57 1.60
CA PRO D 39 -9.38 -63.10 2.94
C PRO D 39 -8.61 -62.12 3.82
N GLY D 40 -9.01 -62.03 5.08
CA GLY D 40 -8.38 -61.11 6.04
C GLY D 40 -8.93 -59.70 5.98
N GLU D 41 -9.82 -59.42 5.02
CA GLU D 41 -10.38 -58.09 4.82
C GLU D 41 -11.91 -58.08 4.80
N ARG D 42 -12.56 -58.96 4.04
CA ARG D 42 -14.01 -58.96 4.02
C ARG D 42 -14.68 -60.24 3.54
N LEU D 43 -15.86 -60.50 4.07
CA LEU D 43 -16.75 -61.53 3.55
C LEU D 43 -18.12 -60.92 3.29
N LEU D 44 -18.68 -61.16 2.11
CA LEU D 44 -20.06 -60.77 1.86
C LEU D 44 -20.80 -61.93 1.25
N VAL D 45 -22.04 -62.11 1.69
CA VAL D 45 -22.89 -63.17 1.14
C VAL D 45 -24.14 -62.52 0.58
N VAL D 46 -24.56 -62.98 -0.58
CA VAL D 46 -25.81 -62.54 -1.17
C VAL D 46 -26.72 -63.71 -1.42
N GLN D 47 -27.96 -63.63 -0.94
CA GLN D 47 -28.95 -64.63 -1.22
C GLN D 47 -30.00 -64.06 -2.12
N THR D 48 -30.61 -64.92 -2.92
CA THR D 48 -31.58 -64.47 -3.90
C THR D 48 -32.93 -65.17 -3.77
N ALA D 49 -33.98 -64.47 -4.16
CA ALA D 49 -35.31 -65.06 -4.26
C ALA D 49 -36.08 -64.26 -5.28
N GLY D 50 -37.06 -64.89 -5.92
CA GLY D 50 -37.89 -64.20 -6.91
C GLY D 50 -37.53 -64.61 -8.32
N ASN D 51 -37.71 -63.70 -9.26
CA ASN D 51 -37.44 -63.98 -10.67
C ASN D 51 -35.99 -64.38 -10.94
N LEU D 52 -35.84 -65.55 -11.54
CA LEU D 52 -34.51 -66.09 -11.85
C LEU D 52 -33.72 -65.19 -12.79
N ALA D 53 -34.32 -64.82 -13.92
CA ALA D 53 -33.64 -63.98 -14.89
C ALA D 53 -33.09 -62.69 -14.27
N THR D 54 -33.90 -62.07 -13.45
CA THR D 54 -33.50 -60.83 -12.84
C THR D 54 -32.38 -61.09 -11.85
N SER D 55 -32.57 -62.04 -10.95
CA SER D 55 -31.57 -62.24 -9.91
C SER D 55 -30.25 -62.71 -10.53
N GLN D 56 -30.33 -63.55 -11.54
CA GLN D 56 -29.11 -63.98 -12.19
C GLN D 56 -28.38 -62.81 -12.79
N SER D 57 -29.10 -61.95 -13.49
CA SER D 57 -28.45 -60.80 -14.09
C SER D 57 -27.78 -59.94 -13.02
N VAL D 58 -28.44 -59.73 -11.88
CA VAL D 58 -27.87 -58.92 -10.84
C VAL D 58 -26.56 -59.54 -10.34
N ILE D 59 -26.59 -60.82 -10.04
CA ILE D 59 -25.41 -61.50 -9.54
C ILE D 59 -24.29 -61.49 -10.57
N ASN D 60 -24.65 -61.74 -11.80
CA ASN D 60 -23.67 -61.75 -12.88
C ASN D 60 -22.97 -60.42 -13.00
N LEU D 61 -23.71 -59.31 -12.90
CA LEU D 61 -23.10 -58.01 -13.03
C LEU D 61 -22.20 -57.72 -11.86
N LEU D 62 -22.62 -58.10 -10.66
CA LEU D 62 -21.80 -57.91 -9.47
C LEU D 62 -20.47 -58.65 -9.60
N GLN D 63 -20.49 -59.85 -10.19
CA GLN D 63 -19.26 -60.60 -10.44
C GLN D 63 -18.38 -59.94 -11.49
N GLN D 64 -18.92 -59.61 -12.66
CA GLN D 64 -18.16 -58.93 -13.72
C GLN D 64 -17.50 -57.64 -13.19
N ARG D 65 -18.25 -56.86 -12.41
CA ARG D 65 -17.77 -55.55 -11.91
C ARG D 65 -16.74 -55.62 -10.79
N ILE D 66 -16.65 -56.76 -10.12
CA ILE D 66 -15.62 -57.01 -9.10
C ILE D 66 -14.23 -56.85 -9.72
N ARG D 67 -14.07 -57.43 -10.91
CA ARG D 67 -12.87 -57.31 -11.74
C ARG D 67 -12.94 -56.04 -12.64
N ARG D 68 -13.18 -54.87 -12.04
CA ARG D 68 -13.25 -53.61 -12.82
C ARG D 68 -13.14 -52.37 -11.87
N ASP D 69 -12.38 -51.38 -12.34
CA ASP D 69 -12.13 -50.15 -11.59
C ASP D 69 -13.39 -49.30 -11.43
N GLY D 70 -14.02 -49.35 -10.27
CA GLY D 70 -15.23 -48.58 -10.00
C GLY D 70 -15.91 -49.22 -8.82
N ALA D 71 -17.08 -48.74 -8.48
CA ALA D 71 -17.88 -49.35 -7.41
C ALA D 71 -18.08 -50.87 -7.58
N SER D 72 -17.74 -51.64 -6.55
CA SER D 72 -17.90 -53.09 -6.58
C SER D 72 -17.98 -53.65 -5.17
N LEU D 73 -18.51 -54.85 -5.03
CA LEU D 73 -18.62 -55.46 -3.71
C LEU D 73 -17.29 -55.61 -2.97
N LEU D 74 -16.17 -55.42 -3.65
CA LEU D 74 -14.88 -55.56 -2.97
C LEU D 74 -14.28 -54.28 -2.42
N ASN D 75 -14.85 -53.12 -2.71
CA ASN D 75 -14.19 -51.87 -2.38
C ASN D 75 -15.13 -50.99 -1.56
N VAL D 76 -16.41 -51.20 -1.77
CA VAL D 76 -17.48 -50.66 -0.93
C VAL D 76 -17.08 -50.64 0.54
N PRO D 77 -17.22 -49.50 1.20
CA PRO D 77 -16.70 -49.37 2.56
C PRO D 77 -17.49 -49.99 3.73
N SER D 78 -18.74 -50.41 3.53
CA SER D 78 -19.54 -51.00 4.61
C SER D 78 -20.59 -51.97 4.09
N VAL D 79 -21.08 -52.84 4.96
CA VAL D 79 -22.10 -53.82 4.54
C VAL D 79 -23.37 -53.10 4.08
N TYR D 80 -23.70 -52.01 4.76
CA TYR D 80 -24.74 -51.12 4.28
C TYR D 80 -24.56 -50.74 2.80
N ASP D 81 -23.41 -50.16 2.47
CA ASP D 81 -23.15 -49.72 1.10
C ASP D 81 -23.15 -50.89 0.10
N ALA D 82 -22.77 -52.08 0.58
CA ALA D 82 -22.85 -53.27 -0.25
C ALA D 82 -24.30 -53.57 -0.62
N THR D 83 -25.16 -53.52 0.40
CA THR D 83 -26.59 -53.73 0.22
C THR D 83 -27.12 -52.71 -0.75
N ALA D 84 -26.71 -51.46 -0.56
CA ALA D 84 -27.15 -50.38 -1.46
C ALA D 84 -26.72 -50.64 -2.89
N LEU D 85 -25.52 -51.19 -3.05
CA LEU D 85 -24.98 -51.45 -4.37
C LEU D 85 -25.75 -52.54 -5.06
N VAL D 86 -26.09 -53.58 -4.30
CA VAL D 86 -26.93 -54.64 -4.86
C VAL D 86 -28.25 -54.05 -5.36
N ALA D 87 -28.90 -53.28 -4.50
CA ALA D 87 -30.16 -52.64 -4.86
C ALA D 87 -29.99 -51.79 -6.13
N GLU D 88 -28.98 -50.93 -6.10
CA GLU D 88 -28.66 -50.08 -7.23
C GLU D 88 -28.60 -50.92 -8.49
N THR D 89 -27.93 -52.07 -8.39
CA THR D 89 -27.72 -52.95 -9.55
C THR D 89 -29.05 -53.54 -10.00
N THR D 90 -29.87 -53.94 -9.03
CA THR D 90 -31.19 -54.45 -9.33
C THR D 90 -31.97 -53.43 -10.17
N ARG D 91 -32.04 -52.18 -9.71
CA ARG D 91 -32.74 -51.09 -10.46
C ARG D 91 -32.29 -51.05 -11.91
N GLU D 92 -30.98 -51.13 -12.11
CA GLU D 92 -30.40 -51.06 -13.42
C GLU D 92 -30.89 -52.19 -14.31
N VAL D 93 -30.99 -53.40 -13.75
CA VAL D 93 -31.45 -54.58 -14.51
C VAL D 93 -32.94 -54.46 -14.88
N ALA D 95 -34.70 -51.71 -15.24
CA ALA D 95 -34.82 -50.67 -16.26
C ALA D 95 -34.64 -51.22 -17.67
N ARG D 96 -33.64 -52.08 -17.86
CA ARG D 96 -33.30 -52.59 -19.19
C ARG D 96 -34.32 -53.60 -19.77
N ASP D 97 -34.75 -54.56 -18.95
CA ASP D 97 -35.65 -55.68 -19.36
C ASP D 97 -37.13 -55.26 -19.49
N SER D 98 -37.52 -54.25 -18.72
CA SER D 98 -38.82 -53.63 -18.86
C SER D 98 -39.04 -53.08 -20.29
N GLY D 99 -40.24 -53.26 -20.81
CA GLY D 99 -40.65 -52.83 -22.15
C GLY D 99 -42.02 -53.42 -22.46
N ASN D 100 -42.53 -53.21 -23.67
CA ASN D 100 -43.82 -53.84 -24.09
C ASN D 100 -43.72 -55.37 -24.17
N LEU D 101 -42.54 -55.86 -24.52
CA LEU D 101 -42.30 -57.29 -24.74
C LEU D 101 -42.46 -58.12 -23.47
N ALA D 102 -41.92 -57.65 -22.34
CA ALA D 102 -42.15 -58.30 -21.05
C ALA D 102 -43.66 -58.34 -20.75
N GLY D 103 -44.36 -57.23 -21.01
CA GLY D 103 -45.82 -57.16 -20.81
C GLY D 103 -46.17 -57.09 -19.33
N ASN D 104 -47.03 -58.00 -18.87
CA ASN D 104 -47.45 -58.06 -17.45
C ASN D 104 -46.68 -59.06 -16.60
N THR D 105 -45.75 -59.79 -17.21
CA THR D 105 -44.91 -60.74 -16.47
C THR D 105 -44.11 -60.07 -15.32
N ASP D 106 -43.98 -60.77 -14.20
CA ASP D 106 -43.48 -60.18 -12.95
C ASP D 106 -41.97 -60.40 -12.72
N LEU D 107 -41.19 -59.37 -13.01
CA LEU D 107 -39.72 -59.46 -12.99
C LEU D 107 -39.04 -59.18 -11.65
N SER D 108 -39.80 -59.10 -10.57
CA SER D 108 -39.24 -58.59 -9.33
C SER D 108 -38.50 -59.69 -8.59
N CYS D 109 -37.50 -59.29 -7.81
CA CYS D 109 -36.86 -60.21 -6.88
C CYS D 109 -36.30 -59.50 -5.68
N SER D 110 -35.96 -60.32 -4.70
CA SER D 110 -35.51 -59.87 -3.41
C SER D 110 -34.21 -60.55 -3.04
N PHE D 111 -33.49 -59.95 -2.10
CA PHE D 111 -32.13 -60.39 -1.78
C PHE D 111 -31.87 -60.26 -0.30
N VAL D 113 -28.29 -59.53 1.98
CA VAL D 113 -26.89 -59.18 1.88
C VAL D 113 -26.36 -59.09 3.28
N GLY D 114 -25.40 -59.92 3.59
CA GLY D 114 -24.82 -59.91 4.93
C GLY D 114 -23.34 -60.22 4.89
N GLY D 115 -22.65 -59.90 5.97
CA GLY D 115 -21.23 -60.20 6.03
C GLY D 115 -20.53 -59.25 6.97
N GLN D 116 -19.21 -59.13 6.77
CA GLN D 116 -18.39 -58.28 7.62
C GLN D 116 -17.23 -57.72 6.84
N ILE D 117 -17.00 -56.44 7.03
CA ILE D 117 -15.86 -55.76 6.44
C ILE D 117 -14.95 -55.33 7.58
N ALA D 118 -13.65 -55.46 7.36
CA ALA D 118 -12.64 -55.14 8.37
C ALA D 118 -12.90 -53.83 9.00
N GLY D 119 -12.95 -53.81 10.32
CA GLY D 119 -13.05 -52.55 11.06
C GLY D 119 -14.44 -52.16 11.45
N GLY D 120 -15.41 -53.01 11.17
CA GLY D 120 -16.76 -52.81 11.71
C GLY D 120 -17.43 -54.14 11.96
N PRO D 121 -18.48 -54.15 12.77
CA PRO D 121 -19.13 -55.40 13.12
C PRO D 121 -19.78 -56.05 11.92
N PRO D 122 -20.14 -57.34 12.06
CA PRO D 122 -20.90 -57.98 11.01
C PRO D 122 -22.32 -57.39 10.95
N ALA D 123 -22.95 -57.46 9.78
CA ALA D 123 -24.30 -56.93 9.57
C ALA D 123 -25.09 -57.78 8.55
N LEU D 124 -26.40 -57.61 8.54
CA LEU D 124 -27.30 -58.39 7.67
C LEU D 124 -28.49 -57.56 7.25
N TYR D 125 -28.73 -57.45 5.96
CA TYR D 125 -29.83 -56.68 5.45
C TYR D 125 -30.71 -57.57 4.58
N SER D 126 -31.96 -57.15 4.40
CA SER D 126 -32.84 -57.76 3.43
C SER D 126 -33.36 -56.68 2.49
N ILE D 127 -33.28 -56.92 1.19
CA ILE D 127 -33.79 -55.97 0.18
C ILE D 127 -35.13 -56.46 -0.33
N TYR D 128 -36.11 -55.58 -0.36
CA TYR D 128 -37.44 -55.96 -0.80
C TYR D 128 -37.58 -55.82 -2.31
N PRO D 129 -38.68 -56.37 -2.86
CA PRO D 129 -38.92 -56.25 -4.30
C PRO D 129 -38.79 -54.84 -4.83
N GLN D 130 -39.18 -53.85 -4.02
CA GLN D 130 -39.23 -52.45 -4.44
C GLN D 130 -37.91 -51.72 -4.20
N GLY D 131 -36.90 -52.38 -3.63
CA GLY D 131 -35.52 -51.85 -3.65
C GLY D 131 -35.05 -51.15 -2.40
N ASN D 132 -35.97 -51.02 -1.45
CA ASN D 132 -35.67 -50.48 -0.14
C ASN D 132 -35.40 -51.63 0.81
N PHE D 133 -34.62 -51.38 1.83
CA PHE D 133 -34.16 -52.47 2.65
C PHE D 133 -34.17 -52.23 4.12
N ILE D 134 -34.13 -53.35 4.84
CA ILE D 134 -34.02 -53.30 6.30
C ILE D 134 -32.87 -54.11 6.84
N GLN D 135 -32.51 -53.76 8.07
CA GLN D 135 -31.35 -54.33 8.76
C GLN D 135 -31.82 -55.18 9.90
N ALA D 136 -31.23 -56.36 10.07
CA ALA D 136 -31.54 -57.21 11.19
C ALA D 136 -30.87 -56.65 12.43
N THR D 137 -31.55 -56.77 13.57
CA THR D 137 -31.06 -56.26 14.85
C THR D 137 -31.19 -57.33 15.93
N PRO D 138 -30.65 -57.04 17.11
CA PRO D 138 -30.79 -58.03 18.19
C PRO D 138 -32.22 -58.44 18.48
N ASP D 139 -33.16 -57.50 18.42
CA ASP D 139 -34.56 -57.79 18.69
C ASP D 139 -35.18 -58.60 17.55
N THR D 140 -34.69 -58.40 16.33
CA THR D 140 -35.18 -59.13 15.16
C THR D 140 -33.95 -59.65 14.39
N PRO D 141 -33.42 -60.78 14.86
CA PRO D 141 -32.11 -61.22 14.43
C PRO D 141 -32.13 -62.12 13.25
N PHE D 142 -33.29 -62.53 12.76
CA PHE D 142 -33.31 -63.33 11.54
C PHE D 142 -34.24 -62.75 10.52
N LEU D 143 -33.94 -63.00 9.26
CA LEU D 143 -34.75 -62.54 8.14
C LEU D 143 -34.95 -63.67 7.14
N GLN D 144 -36.10 -63.66 6.46
CA GLN D 144 -36.42 -64.72 5.52
C GLN D 144 -36.75 -64.17 4.15
N LEU D 145 -36.53 -64.97 3.13
CA LEU D 145 -37.05 -64.67 1.82
C LEU D 145 -37.83 -65.85 1.33
N GLY D 146 -38.69 -65.59 0.37
CA GLY D 146 -39.36 -66.68 -0.34
C GLY D 146 -40.53 -67.17 0.45
N GLU D 147 -40.70 -68.49 0.38
CA GLU D 147 -41.81 -69.19 0.95
C GLU D 147 -41.47 -69.54 2.41
N SER D 148 -41.71 -68.58 3.29
CA SER D 148 -41.12 -68.60 4.65
C SER D 148 -42.08 -68.76 5.83
N LYS D 149 -43.38 -68.69 5.58
CA LYS D 149 -44.30 -68.82 6.70
C LYS D 149 -44.23 -70.24 7.36
N TYR D 150 -44.01 -71.26 6.55
CA TYR D 150 -44.07 -72.63 7.05
C TYR D 150 -43.04 -72.87 8.15
N GLY D 151 -41.87 -72.27 7.98
CA GLY D 151 -40.76 -72.53 8.87
C GLY D 151 -40.46 -71.39 9.80
N LYS D 152 -41.36 -70.42 9.86
CA LYS D 152 -41.15 -69.28 10.73
C LYS D 152 -41.36 -69.60 12.20
N PRO D 153 -42.41 -70.37 12.54
CA PRO D 153 -42.66 -70.60 13.96
C PRO D 153 -41.48 -71.18 14.73
N ILE D 154 -40.80 -72.19 14.21
CA ILE D 154 -39.68 -72.74 14.94
C ILE D 154 -38.56 -71.69 15.20
N LEU D 155 -38.38 -70.74 14.29
CA LEU D 155 -37.42 -69.68 14.49
C LEU D 155 -37.91 -68.66 15.51
N ASP D 156 -39.16 -68.26 15.39
CA ASP D 156 -39.76 -67.35 16.37
C ASP D 156 -39.64 -67.90 17.78
N ARG D 157 -39.93 -69.19 17.94
CA ARG D 157 -39.89 -69.84 19.26
C ARG D 157 -38.52 -69.92 19.90
N ASN D 158 -37.49 -70.24 19.13
CA ASN D 158 -36.20 -70.66 19.70
C ASN D 158 -35.03 -69.74 19.44
N LEU D 159 -35.08 -68.98 18.36
CA LEU D 159 -33.97 -68.17 18.01
C LEU D 159 -33.93 -66.81 18.71
N THR D 160 -32.75 -66.42 19.19
CA THR D 160 -32.51 -65.08 19.71
C THR D 160 -31.09 -64.65 19.34
N PHE D 161 -30.78 -63.38 19.57
CA PHE D 161 -29.46 -62.86 19.23
C PHE D 161 -28.34 -63.66 19.84
N ASP D 162 -28.57 -64.16 21.06
CA ASP D 162 -27.56 -64.92 21.80
C ASP D 162 -27.49 -66.42 21.49
N THR D 163 -28.39 -66.94 20.67
CA THR D 163 -28.28 -68.32 20.24
C THR D 163 -26.90 -68.55 19.58
N PRO D 164 -26.15 -69.59 20.01
CA PRO D 164 -24.89 -69.90 19.35
C PRO D 164 -25.08 -70.36 17.92
N LEU D 165 -24.02 -70.30 17.13
CA LEU D 165 -24.13 -70.59 15.71
C LEU D 165 -24.57 -72.04 15.43
N GLU D 166 -23.91 -73.02 16.05
CA GLU D 166 -24.23 -74.46 15.79
C GLU D 166 -25.72 -74.67 16.04
N GLN D 167 -26.28 -74.05 17.08
CA GLN D 167 -27.71 -74.24 17.37
C GLN D 167 -28.63 -73.49 16.43
N ALA D 168 -28.21 -72.32 16.00
CA ALA D 168 -28.98 -71.57 15.04
C ALA D 168 -29.07 -72.34 13.74
N LEU D 169 -27.95 -72.91 13.31
CA LEU D 169 -27.93 -73.66 12.07
C LEU D 169 -28.91 -74.83 12.15
N ARG D 170 -28.86 -75.51 13.27
CA ARG D 170 -29.71 -76.66 13.51
C ARG D 170 -31.15 -76.23 13.40
N CYS D 171 -31.41 -75.09 14.00
CA CYS D 171 -32.75 -74.52 14.01
C CYS D 171 -33.21 -74.25 12.56
N ALA D 172 -32.34 -73.62 11.78
CA ALA D 172 -32.62 -73.38 10.36
C ALA D 172 -32.95 -74.67 9.64
N LEU D 173 -32.19 -75.73 9.92
CA LEU D 173 -32.44 -76.99 9.23
C LEU D 173 -33.83 -77.56 9.53
N VAL D 174 -34.28 -77.41 10.75
CA VAL D 174 -35.62 -77.87 11.10
C VAL D 174 -36.64 -77.00 10.35
N SER D 175 -36.37 -75.72 10.25
CA SER D 175 -37.22 -74.81 9.48
C SER D 175 -37.40 -75.36 8.07
N PHE D 176 -36.30 -75.79 7.45
CA PHE D 176 -36.35 -76.31 6.08
C PHE D 176 -37.07 -77.64 6.00
N ASP D 177 -36.90 -78.47 7.02
CA ASP D 177 -37.60 -79.73 7.09
C ASP D 177 -39.11 -79.52 6.94
N SER D 178 -39.69 -78.69 7.82
CA SER D 178 -41.14 -78.45 7.79
C SER D 178 -41.56 -77.84 6.46
N THR D 179 -40.75 -76.90 5.97
CA THR D 179 -41.09 -76.20 4.76
C THR D 179 -41.14 -77.19 3.57
N ILE D 180 -40.10 -78.00 3.46
CA ILE D 180 -40.05 -78.96 2.38
C ILE D 180 -41.22 -79.93 2.38
N ARG D 181 -41.66 -80.33 3.57
CA ARG D 181 -42.76 -81.26 3.67
C ARG D 181 -44.08 -80.68 3.25
N SER D 182 -44.23 -79.39 3.42
CA SER D 182 -45.53 -78.75 3.28
C SER D 182 -45.68 -77.89 2.02
N ASN D 183 -44.59 -77.69 1.26
CA ASN D 183 -44.63 -76.86 0.06
C ASN D 183 -43.61 -77.34 -0.98
N LEU D 184 -44.12 -77.81 -2.11
CA LEU D 184 -43.27 -78.39 -3.14
C LEU D 184 -42.41 -77.39 -3.89
N SER D 185 -42.71 -76.11 -3.79
CA SER D 185 -41.90 -75.13 -4.48
C SER D 185 -40.51 -74.99 -3.81
N VAL D 186 -40.38 -75.51 -2.60
CA VAL D 186 -39.13 -75.53 -1.88
C VAL D 186 -38.52 -76.94 -1.91
N GLY D 187 -37.21 -77.02 -2.08
CA GLY D 187 -36.56 -78.29 -2.35
C GLY D 187 -35.05 -78.31 -2.29
N PRO D 189 -31.14 -79.57 -3.35
CA PRO D 189 -30.17 -79.39 -2.26
C PRO D 189 -30.30 -78.07 -1.59
N LEU D 190 -29.79 -78.00 -0.36
CA LEU D 190 -29.64 -76.75 0.37
C LEU D 190 -28.19 -76.33 0.37
N ASP D 191 -27.97 -75.05 0.56
CA ASP D 191 -26.65 -74.50 0.64
C ASP D 191 -26.57 -73.72 1.95
N LEU D 192 -25.56 -74.05 2.76
CA LEU D 192 -25.36 -73.38 4.06
C LEU D 192 -24.04 -72.66 4.11
N LEU D 193 -23.98 -71.63 4.94
CA LEU D 193 -22.71 -70.99 5.25
C LEU D 193 -22.78 -70.41 6.64
N VAL D 194 -21.76 -70.71 7.42
CA VAL D 194 -21.61 -70.16 8.76
C VAL D 194 -20.38 -69.27 8.81
N TYR D 195 -20.49 -68.09 9.37
CA TYR D 195 -19.36 -67.15 9.44
C TYR D 195 -19.14 -66.69 10.86
N HIS D 196 -17.90 -66.75 11.33
CA HIS D 196 -17.60 -66.41 12.71
C HIS D 196 -17.21 -64.94 12.84
N ARG D 197 -17.84 -64.24 13.78
CA ARG D 197 -17.59 -62.82 13.98
C ARG D 197 -16.09 -62.57 14.09
N ASP D 198 -15.61 -61.58 13.33
CA ASP D 198 -14.20 -61.11 13.35
C ASP D 198 -13.19 -62.07 12.72
N SER D 199 -13.63 -63.20 12.20
CA SER D 199 -12.71 -64.14 11.57
C SER D 199 -12.14 -63.58 10.27
N LEU D 200 -12.95 -62.82 9.54
CA LEU D 200 -12.59 -62.27 8.23
C LEU D 200 -12.00 -63.29 7.26
N ILE D 201 -12.53 -64.52 7.28
CA ILE D 201 -12.17 -65.56 6.30
C ILE D 201 -13.41 -65.89 5.45
N LEU D 202 -13.19 -66.51 4.29
CA LEU D 202 -14.30 -66.90 3.43
C LEU D 202 -14.57 -68.37 3.66
N PRO D 203 -15.58 -68.70 4.45
CA PRO D 203 -15.85 -70.11 4.72
C PRO D 203 -16.24 -70.80 3.45
N GLU D 204 -15.98 -72.10 3.35
CA GLU D 204 -16.30 -72.78 2.10
C GLU D 204 -17.77 -73.03 1.98
N GLY D 205 -18.47 -73.11 3.11
CA GLY D 205 -19.90 -73.38 3.08
C GLY D 205 -20.10 -74.86 2.85
N TYR D 206 -21.34 -75.30 2.81
CA TYR D 206 -21.62 -76.71 2.68
C TYR D 206 -22.96 -76.97 1.99
N ARG D 207 -23.01 -78.00 1.16
CA ARG D 207 -24.25 -78.33 0.48
C ARG D 207 -24.91 -79.60 1.06
N VAL D 208 -26.18 -79.47 1.40
CA VAL D 208 -26.92 -80.59 1.93
C VAL D 208 -27.73 -81.27 0.85
N THR D 209 -27.35 -82.49 0.49
CA THR D 209 -28.12 -83.22 -0.51
C THR D 209 -29.16 -84.13 0.10
N GLU D 210 -30.07 -84.59 -0.74
CA GLU D 210 -30.96 -85.70 -0.48
C GLU D 210 -30.32 -86.79 0.41
N ASP D 211 -29.07 -87.13 0.15
CA ASP D 211 -28.40 -88.25 0.81
C ASP D 211 -27.77 -87.94 2.15
N ASP D 212 -27.76 -86.67 2.55
CA ASP D 212 -26.96 -86.25 3.69
C ASP D 212 -27.31 -87.05 4.92
N ALA D 213 -26.30 -87.69 5.52
CA ALA D 213 -26.53 -88.56 6.69
C ALA D 213 -27.09 -87.76 7.85
N TYR D 214 -26.46 -86.62 8.17
CA TYR D 214 -26.84 -85.83 9.33
C TYR D 214 -28.25 -85.28 9.19
N PHE D 215 -28.53 -84.63 8.06
CA PHE D 215 -29.85 -84.06 7.85
C PHE D 215 -30.92 -85.14 7.82
N SER D 216 -30.65 -86.29 7.21
CA SER D 216 -31.63 -87.38 7.22
C SER D 216 -31.97 -87.76 8.63
N ALA D 217 -30.93 -87.82 9.46
CA ALA D 217 -31.04 -88.30 10.83
C ALA D 217 -31.88 -87.36 11.67
N ILE D 218 -31.60 -86.06 11.60
CA ILE D 218 -32.33 -85.15 12.46
C ILE D 218 -33.77 -85.04 12.00
N ARG D 219 -34.04 -85.25 10.72
CA ARG D 219 -35.43 -85.29 10.25
C ARG D 219 -36.19 -86.47 10.85
N ARG D 220 -35.58 -87.64 10.80
CA ARG D 220 -36.16 -88.85 11.37
C ARG D 220 -36.42 -88.67 12.88
N GLN D 221 -35.46 -88.05 13.58
CA GLN D 221 -35.55 -87.84 15.02
C GLN D 221 -36.64 -86.87 15.36
N TRP D 222 -36.63 -85.75 14.65
CA TRP D 222 -37.65 -84.72 14.83
C TRP D 222 -39.05 -85.29 14.61
N SER D 223 -39.24 -86.16 13.61
CA SER D 223 -40.55 -86.77 13.41
C SER D 223 -40.98 -87.61 14.57
N ALA D 224 -40.09 -88.50 14.99
CA ALA D 224 -40.33 -89.39 16.11
C ALA D 224 -40.64 -88.58 17.36
N GLY D 225 -39.90 -87.49 17.56
CA GLY D 225 -40.12 -86.64 18.73
C GLY D 225 -41.50 -86.04 18.76
N LEU D 226 -41.87 -85.36 17.67
CA LEU D 226 -43.19 -84.77 17.52
C LEU D 226 -44.31 -85.78 17.71
N HIS D 227 -44.16 -86.94 17.12
CA HIS D 227 -45.18 -87.96 17.20
C HIS D 227 -45.35 -88.41 18.67
N ASP D 228 -44.23 -88.58 19.39
CA ASP D 228 -44.22 -88.92 20.80
C ASP D 228 -44.96 -87.90 21.65
N LEU D 230 -46.98 -85.68 20.96
CA LEU D 230 -48.39 -85.58 20.62
C LEU D 230 -49.22 -86.66 21.31
N GLU D 231 -48.71 -87.88 21.39
CA GLU D 231 -49.44 -88.97 22.01
C GLU D 231 -49.44 -88.88 23.53
N ARG D 232 -48.40 -88.25 24.07
CA ARG D 232 -48.26 -88.09 25.52
C ARG D 232 -48.85 -86.76 26.08
N LEU D 233 -49.38 -85.89 25.22
CA LEU D 233 -50.23 -84.79 25.63
C LEU D 233 -51.55 -85.30 26.23
N PRO D 234 -52.11 -84.58 27.20
CA PRO D 234 -53.36 -85.01 27.81
C PRO D 234 -54.57 -84.86 26.91
N SER D 235 -55.64 -85.54 27.26
CA SER D 235 -56.89 -85.42 26.55
C SER D 235 -57.64 -84.14 26.96
N PRO D 236 -58.37 -83.53 26.02
CA PRO D 236 -59.28 -82.45 26.39
C PRO D 236 -60.32 -82.88 27.42
N PRO D 237 -60.64 -82.03 28.41
CA PRO D 237 -61.70 -82.32 29.38
C PRO D 237 -63.09 -82.62 28.79
N SER D 238 -64.06 -82.98 29.64
CA SER D 238 -65.45 -83.17 29.22
C SER D 238 -65.94 -81.98 28.40
N ALA D 239 -65.85 -80.80 29.05
CA ALA D 239 -66.29 -79.52 28.48
C ALA D 239 -66.15 -79.42 26.93
N TYR D 240 -65.03 -79.86 26.36
CA TYR D 240 -64.75 -79.61 24.93
C TYR D 240 -65.63 -80.31 23.84
N ASN D 241 -66.71 -81.02 24.20
CA ASN D 241 -67.48 -81.78 23.17
C ASN D 241 -68.93 -81.34 22.95
N THR E 1 -66.85 -34.46 15.91
CA THR E 1 -67.66 -35.60 15.40
C THR E 1 -67.18 -36.89 16.02
N TYR E 2 -68.01 -37.44 16.91
CA TYR E 2 -67.72 -38.74 17.51
C TYR E 2 -69.05 -39.37 17.83
N CYS E 3 -69.29 -40.57 17.34
CA CYS E 3 -70.54 -41.27 17.61
C CYS E 3 -70.24 -42.67 18.10
N VAL E 4 -71.09 -43.18 19.00
CA VAL E 4 -70.99 -44.54 19.50
C VAL E 4 -72.37 -45.15 19.50
N ALA E 5 -72.43 -46.45 19.23
CA ALA E 5 -73.66 -47.17 19.35
C ALA E 5 -73.33 -48.53 19.90
N HIS E 7 -75.05 -52.47 20.94
CA HIS E 7 -76.14 -53.43 20.83
C HIS E 7 -75.88 -54.50 21.86
N LEU E 8 -76.73 -54.47 22.87
CA LEU E 8 -76.58 -55.24 24.09
C LEU E 8 -77.79 -56.15 24.30
N ALA E 9 -77.64 -57.05 25.26
CA ALA E 9 -78.67 -58.01 25.55
C ALA E 9 -80.00 -57.32 25.76
N ASP E 10 -80.01 -56.23 26.53
CA ASP E 10 -81.28 -55.55 26.86
C ASP E 10 -81.77 -54.50 25.85
N GLY E 11 -80.97 -54.20 24.83
CA GLY E 11 -81.42 -53.24 23.80
C GLY E 11 -80.28 -52.50 23.12
N LEU E 12 -80.54 -51.24 22.79
CA LEU E 12 -79.58 -50.42 22.09
C LEU E 12 -79.33 -49.13 22.83
N VAL E 13 -78.13 -48.61 22.72
CA VAL E 13 -77.79 -47.31 23.26
C VAL E 13 -77.05 -46.55 22.17
N PHE E 14 -77.45 -45.31 21.93
CA PHE E 14 -76.77 -44.46 20.96
C PHE E 14 -76.32 -43.16 21.58
N ALA E 15 -75.17 -42.67 21.16
CA ALA E 15 -74.71 -41.34 21.62
C ALA E 15 -73.87 -40.66 20.55
N SER E 16 -74.13 -39.38 20.32
CA SER E 16 -73.36 -38.61 19.36
C SER E 16 -73.00 -37.24 19.90
N ASP E 17 -71.86 -36.67 19.48
CA ASP E 17 -71.62 -35.24 19.73
C ASP E 17 -72.34 -34.42 18.67
N SER E 18 -71.99 -33.15 18.56
CA SER E 18 -72.67 -32.25 17.64
C SER E 18 -71.73 -31.28 16.93
N ARG E 19 -70.45 -31.26 17.31
CA ARG E 19 -69.55 -30.29 16.76
C ARG E 19 -69.18 -30.72 15.36
N THR E 20 -69.21 -29.78 14.44
CA THR E 20 -69.18 -30.12 13.05
C THR E 20 -68.34 -29.12 12.30
N ASN E 21 -67.45 -29.62 11.46
CA ASN E 21 -66.69 -28.77 10.59
C ASN E 21 -67.53 -28.44 9.36
N ALA E 22 -67.98 -27.21 9.24
CA ALA E 22 -68.88 -26.83 8.19
C ALA E 22 -68.20 -25.87 7.24
N GLY E 23 -66.89 -25.97 7.07
CA GLY E 23 -66.19 -25.02 6.25
C GLY E 23 -65.08 -24.42 7.07
N ILE E 24 -64.31 -23.52 6.44
CA ILE E 24 -63.17 -22.89 7.12
C ILE E 24 -63.70 -21.78 8.01
N ASP E 25 -63.18 -21.72 9.24
CA ASP E 25 -63.62 -20.75 10.23
C ASP E 25 -65.13 -20.82 10.47
N HIS E 26 -65.73 -21.97 10.23
CA HIS E 26 -67.13 -22.12 10.48
C HIS E 26 -67.35 -23.50 11.11
N ILE E 27 -67.12 -23.56 12.41
CA ILE E 27 -67.39 -24.75 13.18
C ILE E 27 -68.71 -24.56 13.90
N ALA E 28 -69.57 -25.57 13.87
CA ALA E 28 -70.94 -25.37 14.24
C ALA E 28 -71.57 -26.58 14.80
N THR E 29 -72.75 -26.38 15.37
CA THR E 29 -73.51 -27.45 15.99
C THR E 29 -74.52 -28.03 15.00
N PHE E 30 -74.44 -29.34 14.77
CA PHE E 30 -75.42 -30.06 13.97
C PHE E 30 -75.75 -31.41 14.63
N ARG E 31 -77.03 -31.73 14.76
CA ARG E 31 -77.46 -33.00 15.32
C ARG E 31 -76.90 -34.11 14.47
N LYS E 32 -76.38 -35.17 15.10
CA LYS E 32 -75.85 -36.31 14.35
C LYS E 32 -76.56 -37.62 14.72
N LEU E 33 -77.77 -37.51 15.26
CA LEU E 33 -78.51 -38.69 15.69
C LEU E 33 -79.95 -38.43 15.34
N PHE E 34 -80.51 -39.26 14.47
CA PHE E 34 -81.84 -39.06 13.94
C PHE E 34 -82.68 -40.31 14.13
N THR E 35 -83.95 -40.14 14.49
CA THR E 35 -84.82 -41.28 14.78
C THR E 35 -85.95 -41.35 13.77
N PHE E 36 -86.47 -42.55 13.55
CA PHE E 36 -87.56 -42.76 12.62
C PHE E 36 -88.38 -43.90 13.18
N GLY E 37 -89.65 -43.95 12.84
CA GLY E 37 -90.44 -45.13 13.19
C GLY E 37 -91.93 -44.91 13.34
N THR E 38 -92.63 -46.01 13.55
CA THR E 38 -94.05 -45.99 13.86
C THR E 38 -94.23 -46.72 15.20
N PRO E 39 -94.86 -46.06 16.21
CA PRO E 39 -94.99 -46.70 17.53
C PRO E 39 -95.71 -48.07 17.50
N GLY E 40 -95.16 -49.04 18.23
CA GLY E 40 -95.69 -50.39 18.27
C GLY E 40 -95.27 -51.28 17.10
N GLU E 41 -94.54 -50.71 16.14
CA GLU E 41 -94.10 -51.42 14.94
C GLU E 41 -92.56 -51.33 14.71
N ARG E 42 -91.96 -50.13 14.78
CA ARG E 42 -90.52 -50.04 14.55
C ARG E 42 -89.86 -48.79 15.08
N LEU E 43 -88.61 -48.95 15.43
CA LEU E 43 -87.71 -47.81 15.74
C LEU E 43 -86.43 -47.95 14.94
N LEU E 44 -86.01 -46.88 14.27
CA LEU E 44 -84.72 -46.89 13.61
C LEU E 44 -83.98 -45.63 13.92
N VAL E 45 -82.70 -45.76 14.20
CA VAL E 45 -81.85 -44.62 14.50
C VAL E 45 -80.72 -44.56 13.49
N VAL E 46 -80.45 -43.37 12.97
CA VAL E 46 -79.32 -43.17 12.09
C VAL E 46 -78.38 -42.14 12.68
N GLN E 47 -77.10 -42.48 12.78
CA GLN E 47 -76.08 -41.53 13.18
C GLN E 47 -75.16 -41.24 12.03
N THR E 48 -74.58 -40.05 12.02
CA THR E 48 -73.81 -39.55 10.87
C THR E 48 -72.44 -39.08 11.29
N ALA E 49 -71.49 -39.21 10.38
CA ALA E 49 -70.15 -38.69 10.56
C ALA E 49 -69.55 -38.48 9.20
N GLY E 50 -68.63 -37.53 9.10
CA GLY E 50 -68.03 -37.20 7.81
C GLY E 50 -68.56 -35.92 7.21
N ASN E 51 -68.56 -35.84 5.88
CA ASN E 51 -68.96 -34.61 5.20
C ASN E 51 -70.40 -34.19 5.48
N LEU E 52 -70.54 -32.93 5.92
CA LEU E 52 -71.84 -32.41 6.33
C LEU E 52 -72.81 -32.41 5.17
N ALA E 53 -72.39 -31.82 4.05
CA ALA E 53 -73.28 -31.70 2.89
C ALA E 53 -73.83 -33.03 2.44
N THR E 54 -72.97 -34.04 2.43
CA THR E 54 -73.37 -35.34 1.98
C THR E 54 -74.32 -35.93 2.99
N SER E 55 -73.94 -35.93 4.25
CA SER E 55 -74.80 -36.59 5.22
C SER E 55 -76.15 -35.90 5.34
N GLN E 56 -76.15 -34.58 5.24
CA GLN E 56 -77.42 -33.85 5.31
C GLN E 56 -78.32 -34.20 4.16
N SER E 57 -77.75 -34.26 2.98
CA SER E 57 -78.53 -34.69 1.84
C SER E 57 -79.11 -36.09 2.03
N VAL E 58 -78.32 -37.02 2.56
CA VAL E 58 -78.81 -38.36 2.74
C VAL E 58 -80.00 -38.36 3.67
N ILE E 59 -79.84 -37.71 4.80
CA ILE E 59 -80.90 -37.69 5.82
C ILE E 59 -82.15 -37.02 5.29
N ASN E 60 -81.95 -35.92 4.58
CA ASN E 60 -83.06 -35.20 4.00
C ASN E 60 -83.85 -36.04 3.02
N LEU E 61 -83.17 -36.81 2.19
CA LEU E 61 -83.87 -37.65 1.22
C LEU E 61 -84.63 -38.77 1.92
N LEU E 62 -84.01 -39.36 2.94
CA LEU E 62 -84.70 -40.39 3.70
C LEU E 62 -86.00 -39.86 4.31
N GLN E 63 -85.97 -38.62 4.80
CA GLN E 63 -87.17 -38.01 5.38
C GLN E 63 -88.22 -37.74 4.33
N GLN E 64 -87.85 -37.08 3.23
CA GLN E 64 -88.80 -36.81 2.15
C GLN E 64 -89.47 -38.10 1.67
N ARG E 65 -88.68 -39.16 1.50
CA ARG E 65 -89.17 -40.41 0.94
C ARG E 65 -90.06 -41.24 1.87
N ILE E 66 -89.97 -40.96 3.17
CA ILE E 66 -90.83 -41.62 4.17
C ILE E 66 -92.30 -41.37 3.83
N ARG E 67 -92.59 -40.11 3.47
CA ARG E 67 -93.89 -39.64 3.01
C ARG E 67 -94.08 -39.87 1.48
N ARG E 68 -93.87 -41.09 1.00
CA ARG E 68 -93.97 -41.41 -0.43
C ARG E 68 -94.04 -42.94 -0.69
N ASP E 69 -94.93 -43.32 -1.61
CA ASP E 69 -95.20 -44.75 -1.93
C ASP E 69 -94.02 -45.38 -2.67
N GLY E 70 -93.20 -46.12 -1.95
CA GLY E 70 -91.98 -46.73 -2.52
C GLY E 70 -91.03 -47.03 -1.39
N ALA E 71 -89.84 -47.52 -1.70
CA ALA E 71 -88.87 -47.88 -0.65
C ALA E 71 -88.58 -46.73 0.32
N SER E 72 -88.72 -46.99 1.63
CA SER E 72 -88.48 -46.00 2.66
C SER E 72 -88.18 -46.67 3.98
N LEU E 73 -87.55 -45.94 4.89
CA LEU E 73 -87.25 -46.48 6.22
C LEU E 73 -88.46 -46.97 6.99
N LEU E 74 -89.67 -46.65 6.57
CA LEU E 74 -90.84 -47.14 7.30
C LEU E 74 -91.45 -48.44 6.80
N ASN E 75 -91.00 -48.97 5.67
CA ASN E 75 -91.68 -50.10 5.06
C ASN E 75 -90.70 -51.26 4.84
N VAL E 76 -89.44 -50.89 4.68
CA VAL E 76 -88.31 -51.80 4.68
C VAL E 76 -88.49 -52.93 5.71
N PRO E 77 -88.33 -54.18 5.28
CA PRO E 77 -88.71 -55.31 6.15
C PRO E 77 -87.73 -55.71 7.29
N SER E 78 -86.49 -55.19 7.29
CA SER E 78 -85.52 -55.54 8.32
C SER E 78 -84.51 -54.44 8.55
N VAL E 79 -83.86 -54.46 9.70
CA VAL E 79 -82.83 -53.44 10.00
C VAL E 79 -81.70 -53.52 8.97
N TYR E 80 -81.36 -54.74 8.57
CA TYR E 80 -80.43 -54.95 7.47
C TYR E 80 -80.83 -54.12 6.25
N ASP E 81 -82.06 -54.31 5.77
CA ASP E 81 -82.53 -53.64 4.57
C ASP E 81 -82.58 -52.12 4.75
N ALA E 82 -82.80 -51.68 5.98
CA ALA E 82 -82.76 -50.25 6.29
C ALA E 82 -81.35 -49.72 6.07
N THR E 83 -80.38 -50.47 6.59
CA THR E 83 -78.98 -50.11 6.44
C THR E 83 -78.64 -50.04 4.95
N ALA E 84 -79.10 -51.04 4.21
CA ALA E 84 -78.83 -51.11 2.78
C ALA E 84 -79.42 -49.91 2.08
N LEU E 85 -80.59 -49.51 2.54
CA LEU E 85 -81.29 -48.38 1.92
C LEU E 85 -80.52 -47.09 2.15
N VAL E 86 -80.01 -46.93 3.37
CA VAL E 86 -79.21 -45.74 3.67
C VAL E 86 -78.02 -45.72 2.73
N ALA E 87 -77.32 -46.84 2.62
CA ALA E 87 -76.17 -46.95 1.75
C ALA E 87 -76.51 -46.64 0.31
N GLU E 88 -77.57 -47.28 -0.17
CA GLU E 88 -78.13 -47.02 -1.50
C GLU E 88 -78.33 -45.51 -1.71
N THR E 89 -78.92 -44.85 -0.72
CA THR E 89 -79.18 -43.41 -0.79
C THR E 89 -77.88 -42.61 -0.85
N THR E 90 -76.92 -43.00 -0.02
CA THR E 90 -75.62 -42.38 -0.03
C THR E 90 -75.02 -42.41 -1.44
N ARG E 91 -74.98 -43.59 -2.06
CA ARG E 91 -74.46 -43.74 -3.44
C ARG E 91 -75.10 -42.73 -4.39
N GLU E 92 -76.42 -42.62 -4.28
CA GLU E 92 -77.17 -41.71 -5.12
C GLU E 92 -76.72 -40.25 -4.94
N VAL E 93 -76.49 -39.84 -3.70
CA VAL E 93 -76.03 -38.48 -3.43
C VAL E 93 -74.63 -38.21 -3.98
N ALA E 95 -73.11 -39.70 -6.46
CA ALA E 95 -73.19 -39.65 -7.92
C ALA E 95 -73.52 -38.26 -8.43
N ARG E 96 -74.47 -37.60 -7.78
CA ARG E 96 -74.95 -36.31 -8.25
C ARG E 96 -73.95 -35.14 -8.04
N ASP E 97 -73.36 -35.07 -6.85
CA ASP E 97 -72.46 -33.96 -6.44
C ASP E 97 -71.05 -34.06 -7.03
N SER E 98 -70.62 -35.29 -7.32
CA SER E 98 -69.38 -35.54 -8.05
C SER E 98 -69.41 -34.84 -9.43
N GLY E 99 -68.27 -34.28 -9.80
CA GLY E 99 -68.09 -33.54 -11.06
C GLY E 99 -66.73 -32.83 -11.02
N ASN E 100 -66.41 -32.04 -12.05
CA ASN E 100 -65.15 -31.26 -12.05
C ASN E 100 -65.15 -30.18 -10.96
N LEU E 101 -66.33 -29.65 -10.65
CA LEU E 101 -66.49 -28.53 -9.72
C LEU E 101 -66.11 -28.90 -8.28
N ALA E 102 -66.53 -30.08 -7.82
CA ALA E 102 -66.08 -30.58 -6.51
C ALA E 102 -64.54 -30.71 -6.50
N GLY E 103 -63.96 -31.23 -7.59
CA GLY E 103 -62.50 -31.36 -7.72
C GLY E 103 -61.96 -32.47 -6.83
N ASN E 104 -60.98 -32.15 -5.97
CA ASN E 104 -60.38 -33.15 -5.06
C ASN E 104 -60.95 -33.12 -3.65
N THR E 105 -61.91 -32.22 -3.37
CA THR E 105 -62.57 -32.16 -2.07
C THR E 105 -63.26 -33.50 -1.68
N ASP E 106 -63.19 -33.87 -0.40
CA ASP E 106 -63.55 -35.22 0.06
C ASP E 106 -64.99 -35.35 0.59
N LEU E 107 -65.87 -35.91 -0.25
CA LEU E 107 -67.31 -35.89 0.03
C LEU E 107 -67.84 -37.10 0.76
N SER E 108 -66.95 -37.90 1.32
CA SER E 108 -67.38 -39.16 1.90
C SER E 108 -67.96 -38.98 3.29
N CYS E 109 -68.88 -39.87 3.66
CA CYS E 109 -69.34 -39.94 5.04
C CYS E 109 -69.79 -41.34 5.40
N SER E 110 -69.93 -41.54 6.69
CA SER E 110 -70.21 -42.83 7.28
C SER E 110 -71.41 -42.71 8.21
N PHE E 111 -72.03 -43.83 8.48
CA PHE E 111 -73.31 -43.83 9.20
C PHE E 111 -73.40 -45.02 10.12
N VAL E 113 -76.68 -47.39 11.62
CA VAL E 113 -78.08 -47.61 11.51
C VAL E 113 -78.40 -48.74 12.45
N GLY E 114 -79.26 -48.47 13.40
CA GLY E 114 -79.65 -49.49 14.35
C GLY E 114 -81.10 -49.34 14.74
N GLY E 115 -81.66 -50.38 15.34
CA GLY E 115 -83.02 -50.30 15.80
C GLY E 115 -83.68 -51.66 15.87
N GLN E 116 -85.01 -51.66 15.83
CA GLN E 116 -85.78 -52.90 15.85
C GLN E 116 -87.08 -52.79 15.07
N ILE E 117 -87.36 -53.81 14.28
CA ILE E 117 -88.60 -53.89 13.55
C ILE E 117 -89.38 -55.06 14.12
N ALA E 118 -90.68 -54.88 14.28
CA ALA E 118 -91.57 -55.90 14.83
C ALA E 118 -91.30 -57.26 14.23
N GLY E 119 -91.08 -58.26 15.09
CA GLY E 119 -90.97 -59.63 14.66
C GLY E 119 -89.56 -60.11 14.49
N GLY E 120 -88.59 -59.27 14.77
CA GLY E 120 -87.20 -59.71 14.76
C GLY E 120 -86.40 -58.95 15.79
N PRO E 121 -85.25 -59.49 16.19
CA PRO E 121 -84.48 -58.87 17.26
C PRO E 121 -83.96 -57.49 16.86
N PRO E 122 -83.51 -56.70 17.84
CA PRO E 122 -82.85 -55.45 17.52
C PRO E 122 -81.51 -55.73 16.85
N ALA E 123 -81.03 -54.78 16.05
CA ALA E 123 -79.75 -54.91 15.35
C ALA E 123 -79.05 -53.54 15.20
N LEU E 124 -77.77 -53.58 14.90
CA LEU E 124 -76.95 -52.39 14.74
C LEU E 124 -75.89 -52.58 13.67
N TYR E 125 -75.84 -51.67 12.70
CA TYR E 125 -74.87 -51.74 11.63
C TYR E 125 -74.07 -50.48 11.54
N SER E 126 -72.89 -50.57 10.94
CA SER E 126 -72.09 -49.39 10.63
C SER E 126 -71.77 -49.42 9.16
N ILE E 127 -71.99 -48.30 8.47
CA ILE E 127 -71.68 -48.19 7.06
C ILE E 127 -70.40 -47.42 6.90
N TYR E 128 -69.51 -47.93 6.08
CA TYR E 128 -68.22 -47.29 5.86
C TYR E 128 -68.28 -46.27 4.74
N PRO E 129 -67.22 -45.44 4.61
CA PRO E 129 -67.20 -44.43 3.56
C PRO E 129 -67.51 -45.00 2.20
N GLN E 130 -67.09 -46.25 1.96
CA GLN E 130 -67.19 -46.86 0.64
C GLN E 130 -68.54 -47.58 0.42
N GLY E 131 -69.42 -47.60 1.42
CA GLY E 131 -70.81 -48.05 1.21
C GLY E 131 -71.14 -49.48 1.59
N ASN E 132 -70.11 -50.22 1.98
CA ASN E 132 -70.26 -51.56 2.53
C ASN E 132 -70.37 -51.47 4.05
N PHE E 133 -71.05 -52.43 4.66
CA PHE E 133 -71.32 -52.32 6.08
C PHE E 133 -71.14 -53.59 6.89
N ILE E 134 -70.98 -53.38 8.19
CA ILE E 134 -70.85 -54.47 9.13
C ILE E 134 -71.86 -54.36 10.25
N GLN E 135 -72.07 -55.51 10.89
CA GLN E 135 -73.07 -55.68 11.92
C GLN E 135 -72.38 -55.92 13.23
N ALA E 136 -72.86 -55.29 14.27
CA ALA E 136 -72.35 -55.54 15.61
C ALA E 136 -72.88 -56.86 16.10
N THR E 137 -72.05 -57.56 16.87
CA THR E 137 -72.39 -58.88 17.41
C THR E 137 -72.07 -58.93 18.90
N PRO E 138 -72.45 -60.03 19.58
CA PRO E 138 -72.10 -60.16 20.98
C PRO E 138 -70.62 -60.03 21.28
N ASP E 139 -69.77 -60.56 20.40
CA ASP E 139 -68.31 -60.47 20.62
C ASP E 139 -67.80 -59.03 20.37
N THR E 140 -68.47 -58.30 19.48
CA THR E 140 -68.08 -56.92 19.15
C THR E 140 -69.34 -56.08 19.19
N PRO E 141 -69.77 -55.74 20.41
CA PRO E 141 -71.07 -55.19 20.66
C PRO E 141 -71.16 -53.68 20.58
N PHE E 142 -70.05 -52.99 20.37
CA PHE E 142 -70.14 -51.54 20.11
C PHE E 142 -69.38 -51.15 18.86
N LEU E 143 -69.82 -50.06 18.25
CA LEU E 143 -69.20 -49.51 17.04
C LEU E 143 -69.07 -47.98 17.18
N GLN E 144 -68.06 -47.40 16.57
CA GLN E 144 -67.81 -45.98 16.67
C GLN E 144 -67.64 -45.33 15.33
N LEU E 145 -67.93 -44.05 15.27
CA LEU E 145 -67.66 -43.27 14.08
C LEU E 145 -66.94 -42.05 14.52
N GLY E 146 -66.25 -41.46 13.58
CA GLY E 146 -65.58 -40.21 13.83
C GLY E 146 -64.31 -40.41 14.59
N GLU E 147 -64.05 -39.45 15.46
CA GLU E 147 -62.82 -39.31 16.17
C GLU E 147 -62.95 -40.16 17.44
N SER E 148 -62.67 -41.45 17.30
CA SER E 148 -63.03 -42.44 18.31
C SER E 148 -61.91 -43.11 19.10
N LYS E 149 -60.65 -42.90 18.74
CA LYS E 149 -59.56 -43.61 19.41
C LYS E 149 -59.45 -43.15 20.88
N TYR E 150 -59.74 -41.89 21.13
CA TYR E 150 -59.54 -41.32 22.47
C TYR E 150 -60.40 -42.02 23.49
N GLY E 151 -61.62 -42.35 23.10
CA GLY E 151 -62.59 -42.93 24.02
C GLY E 151 -62.85 -44.39 23.82
N LYS E 152 -62.01 -45.02 23.01
CA LYS E 152 -62.12 -46.47 22.81
C LYS E 152 -61.69 -47.32 24.01
N PRO E 153 -60.59 -46.98 24.69
CA PRO E 153 -60.12 -47.87 25.73
C PRO E 153 -61.12 -48.13 26.82
N ILE E 154 -61.81 -47.11 27.29
CA ILE E 154 -62.77 -47.34 28.36
C ILE E 154 -63.89 -48.34 27.92
N LEU E 155 -64.27 -48.29 26.64
CA LEU E 155 -65.28 -49.20 26.15
C LEU E 155 -64.72 -50.61 26.02
N ASP E 156 -63.53 -50.72 25.46
CA ASP E 156 -62.87 -52.01 25.35
C ASP E 156 -62.78 -52.67 26.71
N ARG E 157 -62.41 -51.90 27.71
CA ARG E 157 -62.19 -52.44 29.06
C ARG E 157 -63.44 -52.94 29.74
N ASN E 158 -64.53 -52.22 29.61
CA ASN E 158 -65.71 -52.46 30.46
C ASN E 158 -66.95 -52.99 29.78
N LEU E 159 -67.10 -52.70 28.51
CA LEU E 159 -68.35 -53.01 27.85
C LEU E 159 -68.36 -54.44 27.33
N THR E 160 -69.48 -55.12 27.51
CA THR E 160 -69.72 -56.44 26.91
C THR E 160 -71.20 -56.55 26.55
N PHE E 161 -71.55 -57.58 25.80
CA PHE E 161 -72.94 -57.75 25.37
C PHE E 161 -73.93 -57.72 26.54
N ASP E 162 -73.51 -58.26 27.68
CA ASP E 162 -74.35 -58.35 28.88
C ASP E 162 -74.37 -57.12 29.78
N THR E 163 -73.57 -56.10 29.47
CA THR E 163 -73.64 -54.86 30.22
C THR E 163 -75.07 -54.33 30.15
N PRO E 164 -75.68 -53.99 31.30
CA PRO E 164 -77.00 -53.34 31.27
C PRO E 164 -76.98 -51.96 30.64
N LEU E 165 -78.14 -51.50 30.20
CA LEU E 165 -78.20 -50.24 29.46
C LEU E 165 -77.71 -49.03 30.28
N GLU E 166 -78.23 -48.85 31.50
CA GLU E 166 -77.85 -47.69 32.33
C GLU E 166 -76.32 -47.64 32.44
N GLN E 167 -75.66 -48.79 32.58
CA GLN E 167 -74.19 -48.79 32.73
C GLN E 167 -73.46 -48.55 31.45
N ALA E 168 -74.02 -49.05 30.36
CA ALA E 168 -73.44 -48.80 29.05
C ALA E 168 -73.48 -47.33 28.73
N LEU E 169 -74.61 -46.69 29.00
CA LEU E 169 -74.75 -45.26 28.76
C LEU E 169 -73.73 -44.46 29.55
N ARG E 170 -73.57 -44.83 30.80
CA ARG E 170 -72.60 -44.22 31.68
C ARG E 170 -71.20 -44.36 31.13
N CYS E 171 -70.93 -45.54 30.65
CA CYS E 171 -69.67 -45.82 30.04
C CYS E 171 -69.44 -44.88 28.84
N ALA E 172 -70.44 -44.80 27.97
CA ALA E 172 -70.36 -43.94 26.80
C ALA E 172 -70.05 -42.52 27.21
N LEU E 173 -70.68 -42.04 28.25
CA LEU E 173 -70.46 -40.68 28.69
C LEU E 173 -69.01 -40.43 29.11
N VAL E 174 -68.41 -41.42 29.75
CA VAL E 174 -67.01 -41.28 30.13
C VAL E 174 -66.13 -41.26 28.87
N SER E 175 -66.51 -42.08 27.90
CA SER E 175 -65.83 -42.06 26.61
C SER E 175 -65.83 -40.64 26.05
N PHE E 176 -66.98 -39.96 26.12
CA PHE E 176 -67.07 -38.59 25.57
C PHE E 176 -66.27 -37.61 26.38
N ASP E 177 -66.24 -37.82 27.69
CA ASP E 177 -65.47 -36.98 28.59
C ASP E 177 -64.02 -36.92 28.13
N SER E 178 -63.39 -38.07 28.03
CA SER E 178 -61.98 -38.11 27.62
C SER E 178 -61.76 -37.54 26.24
N THR E 179 -62.68 -37.85 25.34
CA THR E 179 -62.56 -37.40 23.98
C THR E 179 -62.60 -35.87 23.93
N ILE E 180 -63.61 -35.30 24.57
CA ILE E 180 -63.77 -33.84 24.56
C ILE E 180 -62.57 -33.11 25.13
N ARG E 181 -61.94 -33.66 26.15
CA ARG E 181 -60.78 -33.05 26.74
C ARG E 181 -59.60 -33.05 25.83
N SER E 182 -59.50 -34.05 24.98
CA SER E 182 -58.25 -34.31 24.26
C SER E 182 -58.31 -33.96 22.78
N ASN E 183 -59.50 -33.61 22.30
CA ASN E 183 -59.69 -33.28 20.91
C ASN E 183 -60.78 -32.25 20.71
N LEU E 184 -60.40 -31.07 20.25
CA LEU E 184 -61.36 -29.99 20.06
C LEU E 184 -62.38 -30.17 18.97
N SER E 185 -62.16 -31.10 18.05
CA SER E 185 -63.10 -31.29 16.96
C SER E 185 -64.38 -31.93 17.49
N VAL E 186 -64.32 -32.48 18.69
CA VAL E 186 -65.47 -33.11 19.36
C VAL E 186 -65.97 -32.21 20.47
N GLY E 187 -67.30 -32.12 20.59
CA GLY E 187 -67.89 -31.06 21.41
C GLY E 187 -69.38 -31.18 21.68
N PRO E 189 -73.32 -29.74 22.47
CA PRO E 189 -74.14 -30.72 23.14
C PRO E 189 -74.01 -32.13 22.59
N LEU E 190 -74.35 -33.10 23.43
CA LEU E 190 -74.44 -34.50 23.03
C LEU E 190 -75.90 -34.88 22.93
N ASP E 191 -76.17 -35.90 22.12
CA ASP E 191 -77.51 -36.40 21.94
C ASP E 191 -77.47 -37.89 22.24
N LEU E 192 -78.34 -38.34 23.15
CA LEU E 192 -78.40 -39.74 23.57
C LEU E 192 -79.72 -40.32 23.27
N LEU E 193 -79.73 -41.63 23.07
CA LEU E 193 -80.98 -42.35 22.97
C LEU E 193 -80.79 -43.77 23.46
N VAL E 194 -81.67 -44.21 24.34
CA VAL E 194 -81.67 -45.56 24.86
C VAL E 194 -82.95 -46.25 24.40
N TYR E 195 -82.83 -47.47 23.89
CA TYR E 195 -84.00 -48.22 23.42
C TYR E 195 -84.04 -49.58 24.07
N HIS E 196 -85.20 -49.95 24.59
CA HIS E 196 -85.36 -51.24 25.31
C HIS E 196 -85.83 -52.35 24.38
N ARG E 197 -85.13 -53.48 24.42
CA ARG E 197 -85.42 -54.59 23.51
C ARG E 197 -86.89 -54.92 23.59
N ASP E 198 -87.54 -55.04 22.43
CA ASP E 198 -88.94 -55.45 22.29
C ASP E 198 -89.96 -54.40 22.71
N SER E 199 -89.53 -53.21 23.14
CA SER E 199 -90.47 -52.17 23.56
C SER E 199 -91.23 -51.61 22.37
N LEU E 200 -90.58 -51.56 21.21
CA LEU E 200 -91.16 -50.99 19.97
C LEU E 200 -91.80 -49.61 20.14
N ILE E 201 -91.21 -48.77 20.99
CA ILE E 201 -91.62 -47.38 21.17
C ILE E 201 -90.50 -46.47 20.65
N LEU E 202 -90.82 -45.21 20.38
CA LEU E 202 -89.83 -44.23 19.95
C LEU E 202 -89.42 -43.41 21.14
N PRO E 203 -88.31 -43.73 21.80
CA PRO E 203 -87.91 -42.94 22.95
C PRO E 203 -87.64 -41.50 22.54
N GLU E 204 -87.84 -40.56 23.45
CA GLU E 204 -87.64 -39.18 23.07
C GLU E 204 -86.18 -38.84 22.98
N GLY E 205 -85.35 -39.56 23.71
CA GLY E 205 -83.92 -39.30 23.67
C GLY E 205 -83.67 -38.11 24.55
N TYR E 206 -82.41 -37.72 24.69
CA TYR E 206 -82.04 -36.67 25.63
C TYR E 206 -80.80 -35.92 25.17
N ARG E 207 -80.79 -34.61 25.38
CA ARG E 207 -79.66 -33.81 25.00
C ARG E 207 -78.87 -33.35 26.24
N VAL E 208 -77.57 -33.59 26.19
CA VAL E 208 -76.70 -33.19 27.26
C VAL E 208 -76.02 -31.90 26.90
N THR E 209 -76.36 -30.84 27.60
CA THR E 209 -75.69 -29.57 27.37
C THR E 209 -74.51 -29.35 28.33
N GLU E 210 -73.70 -28.36 27.99
CA GLU E 210 -72.73 -27.73 28.86
C GLU E 210 -73.16 -27.71 30.33
N ASP E 211 -74.41 -27.36 30.58
CA ASP E 211 -74.91 -27.14 31.94
C ASP E 211 -75.36 -28.37 32.68
N ASP E 212 -75.40 -29.52 32.01
CA ASP E 212 -76.06 -30.70 32.58
C ASP E 212 -75.49 -31.06 33.95
N ALA E 213 -76.36 -31.13 34.95
CA ALA E 213 -75.92 -31.36 36.32
C ALA E 213 -75.26 -32.72 36.42
N TYR E 214 -75.91 -33.75 35.89
CA TYR E 214 -75.42 -35.12 36.03
C TYR E 214 -74.08 -35.32 35.33
N PHE E 215 -74.00 -34.91 34.07
CA PHE E 215 -72.76 -35.04 33.34
C PHE E 215 -71.64 -34.22 33.96
N SER E 216 -71.91 -33.02 34.44
CA SER E 216 -70.88 -32.24 35.11
C SER E 216 -70.33 -32.99 36.28
N ALA E 217 -71.24 -33.62 37.02
CA ALA E 217 -70.90 -34.30 38.26
C ALA E 217 -70.03 -35.51 38.00
N ILE E 218 -70.41 -36.36 37.07
CA ILE E 218 -69.60 -37.55 36.85
C ILE E 218 -68.25 -37.21 36.25
N ARG E 219 -68.14 -36.10 35.53
CA ARG E 219 -66.84 -35.64 35.06
C ARG E 219 -65.93 -35.24 36.22
N ARG E 220 -66.47 -34.45 37.14
CA ARG E 220 -65.72 -34.02 38.32
C ARG E 220 -65.27 -35.23 39.13
N GLN E 221 -66.15 -36.22 39.28
CA GLN E 221 -65.86 -37.42 40.07
C GLN E 221 -64.80 -38.25 39.41
N TRP E 222 -64.99 -38.49 38.12
CA TRP E 222 -64.03 -39.26 37.34
C TRP E 222 -62.64 -38.63 37.40
N SER E 223 -62.54 -37.31 37.37
CA SER E 223 -61.22 -36.67 37.49
C SER E 223 -60.56 -36.93 38.80
N ALA E 224 -61.32 -36.67 39.87
CA ALA E 224 -60.85 -36.89 41.22
C ALA E 224 -60.40 -38.34 41.40
N GLY E 225 -61.18 -39.26 40.84
CA GLY E 225 -60.87 -40.68 40.94
C GLY E 225 -59.53 -40.99 40.31
N LEU E 226 -59.37 -40.63 39.03
CA LEU E 226 -58.16 -40.86 38.29
C LEU E 226 -56.94 -40.26 38.99
N HIS E 227 -57.11 -39.06 39.50
CA HIS E 227 -56.00 -38.38 40.14
C HIS E 227 -55.58 -39.16 41.38
N ASP E 228 -56.56 -39.61 42.15
CA ASP E 228 -56.33 -40.39 43.34
C ASP E 228 -55.56 -41.68 43.03
N LEU E 230 -53.80 -42.56 40.64
CA LEU E 230 -52.51 -42.32 40.12
C LEU E 230 -51.51 -42.08 41.23
N GLU E 231 -51.92 -41.35 42.27
CA GLU E 231 -51.02 -41.02 43.35
C GLU E 231 -50.78 -42.22 44.24
N ARG E 232 -51.77 -43.10 44.30
CA ARG E 232 -51.73 -44.27 45.15
C ARG E 232 -51.20 -45.54 44.47
N LEU E 233 -50.86 -45.43 43.20
CA LEU E 233 -50.02 -46.44 42.51
C LEU E 233 -48.60 -46.45 43.05
N PRO E 234 -47.97 -47.63 43.07
CA PRO E 234 -46.62 -47.71 43.60
C PRO E 234 -45.55 -47.06 42.72
N SER E 235 -44.39 -46.79 43.32
CA SER E 235 -43.22 -46.32 42.58
C SER E 235 -42.49 -47.44 41.85
N PRO E 236 -41.87 -47.12 40.71
CA PRO E 236 -41.05 -48.12 39.99
C PRO E 236 -39.89 -48.56 40.85
N PRO E 237 -39.53 -49.84 40.83
CA PRO E 237 -38.40 -50.35 41.62
C PRO E 237 -37.06 -49.68 41.31
N SER E 238 -36.00 -50.07 42.03
CA SER E 238 -34.64 -49.61 41.74
C SER E 238 -34.30 -49.80 40.28
N ALA E 239 -34.42 -51.05 39.84
CA ALA E 239 -34.14 -51.47 38.45
C ALA E 239 -34.43 -50.41 37.35
N TYR E 240 -35.55 -49.72 37.43
CA TYR E 240 -35.96 -48.83 36.36
C TYR E 240 -35.13 -47.54 36.05
N ASN E 241 -33.98 -47.28 36.71
CA ASN E 241 -33.30 -45.97 36.51
C ASN E 241 -31.89 -45.99 35.91
N THR F 1 -46.45 -48.95 17.04
CA THR F 1 -45.58 -47.75 17.10
C THR F 1 -46.29 -46.64 17.90
N TYR F 2 -45.79 -46.37 19.10
CA TYR F 2 -46.27 -45.26 19.90
C TYR F 2 -45.14 -44.78 20.75
N CYS F 3 -44.82 -43.49 20.68
CA CYS F 3 -43.70 -42.93 21.44
C CYS F 3 -44.18 -41.70 22.17
N VAL F 4 -43.64 -41.49 23.37
CA VAL F 4 -43.92 -40.30 24.16
C VAL F 4 -42.63 -39.76 24.69
N ALA F 5 -42.56 -38.44 24.80
CA ALA F 5 -41.44 -37.79 25.43
C ALA F 5 -41.98 -36.62 26.20
N HIS F 7 -40.80 -33.15 28.67
CA HIS F 7 -39.79 -32.24 29.13
C HIS F 7 -40.41 -31.53 30.29
N LEU F 8 -39.86 -31.85 31.46
CA LEU F 8 -40.32 -31.39 32.76
C LEU F 8 -39.25 -30.64 33.54
N ALA F 9 -39.68 -30.01 34.61
CA ALA F 9 -38.82 -29.14 35.40
C ALA F 9 -37.55 -29.90 35.79
N ASP F 10 -37.69 -31.16 36.19
CA ASP F 10 -36.55 -31.95 36.68
C ASP F 10 -35.77 -32.71 35.60
N GLY F 11 -36.23 -32.71 34.35
CA GLY F 11 -35.49 -33.36 33.29
C GLY F 11 -36.38 -33.89 32.18
N LEU F 12 -35.98 -35.01 31.60
CA LEU F 12 -36.68 -35.57 30.44
C LEU F 12 -37.04 -37.01 30.71
N VAL F 13 -38.15 -37.42 30.14
CA VAL F 13 -38.56 -38.83 30.21
C VAL F 13 -38.94 -39.25 28.81
N PHE F 14 -38.42 -40.40 28.37
CA PHE F 14 -38.75 -40.93 27.07
C PHE F 14 -39.31 -42.34 27.16
N ALA F 15 -40.29 -42.68 26.34
CA ALA F 15 -40.81 -44.06 26.31
C ALA F 15 -41.33 -44.41 24.93
N SER F 16 -40.96 -45.59 24.45
CA SER F 16 -41.36 -46.06 23.13
C SER F 16 -41.79 -47.52 23.17
N ASP F 17 -42.71 -47.92 22.31
CA ASP F 17 -42.98 -49.34 22.12
C ASP F 17 -41.95 -49.89 21.14
N SER F 18 -42.20 -51.09 20.63
CA SER F 18 -41.27 -51.73 19.72
C SER F 18 -41.92 -52.46 18.55
N ARG F 19 -43.26 -52.53 18.53
CA ARG F 19 -43.93 -53.28 17.50
C ARG F 19 -43.92 -52.47 16.21
N THR F 20 -43.57 -53.14 15.12
CA THR F 20 -43.21 -52.44 13.92
C THR F 20 -43.76 -53.17 12.73
N ASN F 21 -44.38 -52.41 11.83
CA ASN F 21 -44.84 -52.97 10.58
C ASN F 21 -43.66 -53.00 9.61
N ALA F 22 -43.15 -54.19 9.31
CA ALA F 22 -41.96 -54.32 8.51
C ALA F 22 -42.31 -54.95 7.19
N GLY F 23 -43.52 -54.75 6.70
CA GLY F 23 -43.92 -55.42 5.47
C GLY F 23 -45.20 -56.16 5.72
N ILE F 24 -45.73 -56.81 4.70
CA ILE F 24 -46.98 -57.54 4.83
C ILE F 24 -46.68 -58.88 5.48
N ASP F 25 -47.52 -59.24 6.45
CA ASP F 25 -47.35 -60.46 7.22
C ASP F 25 -45.98 -60.53 7.89
N HIS F 26 -45.37 -59.39 8.17
CA HIS F 26 -44.10 -59.37 8.85
C HIS F 26 -44.11 -58.24 9.87
N ILE F 27 -44.71 -58.52 11.01
CA ILE F 27 -44.72 -57.57 12.11
C ILE F 27 -43.65 -58.01 13.08
N ALA F 28 -42.89 -57.08 13.58
CA ALA F 28 -41.66 -57.44 14.27
C ALA F 28 -41.27 -56.42 15.30
N THR F 29 -40.29 -56.82 16.11
CA THR F 29 -39.78 -55.97 17.18
C THR F 29 -38.57 -55.16 16.72
N PHE F 30 -38.63 -53.85 16.87
CA PHE F 30 -37.48 -52.99 16.60
C PHE F 30 -37.43 -51.88 17.64
N ARG F 31 -36.25 -51.63 18.20
CA ARG F 31 -36.04 -50.56 19.13
C ARG F 31 -36.39 -49.22 18.44
N LYS F 32 -37.10 -48.34 19.16
CA LYS F 32 -37.47 -47.02 18.61
C LYS F 32 -36.97 -45.88 19.49
N LEU F 33 -35.93 -46.14 20.28
CA LEU F 33 -35.38 -45.14 21.18
C LEU F 33 -33.89 -45.35 21.21
N PHE F 34 -33.16 -44.33 20.75
CA PHE F 34 -31.71 -44.41 20.58
C PHE F 34 -31.02 -43.27 21.30
N THR F 35 -29.89 -43.57 21.94
CA THR F 35 -29.19 -42.57 22.74
C THR F 35 -27.84 -42.26 22.14
N PHE F 36 -27.35 -41.06 22.37
CA PHE F 36 -26.05 -40.65 21.87
C PHE F 36 -25.47 -39.72 22.92
N GLY F 37 -24.15 -39.63 23.01
CA GLY F 37 -23.53 -38.60 23.84
C GLY F 37 -22.15 -38.89 24.32
N THR F 38 -21.58 -37.90 25.00
CA THR F 38 -20.29 -38.04 25.66
C THR F 38 -20.52 -37.68 27.13
N PRO F 39 -20.11 -38.57 28.06
CA PRO F 39 -20.40 -38.32 29.49
C PRO F 39 -19.78 -37.03 30.01
N GLY F 40 -20.56 -36.27 30.76
CA GLY F 40 -20.14 -34.99 31.30
C GLY F 40 -20.25 -33.82 30.33
N GLU F 41 -20.66 -34.10 29.10
CA GLU F 41 -20.80 -33.07 28.07
C GLU F 41 -22.21 -33.06 27.42
N ARG F 42 -22.74 -34.21 27.00
CA ARG F 42 -24.08 -34.19 26.38
C ARG F 42 -24.79 -35.52 26.36
N LEU F 43 -26.11 -35.45 26.41
CA LEU F 43 -26.99 -36.58 26.14
C LEU F 43 -27.99 -36.19 25.05
N LEU F 44 -28.15 -37.02 24.04
CA LEU F 44 -29.22 -36.83 23.08
C LEU F 44 -29.97 -38.13 22.84
N VAL F 45 -31.29 -38.04 22.75
CA VAL F 45 -32.12 -39.20 22.51
C VAL F 45 -32.88 -38.95 21.23
N VAL F 46 -32.94 -39.95 20.38
CA VAL F 46 -33.80 -39.90 19.22
C VAL F 46 -34.83 -41.03 19.23
N GLN F 47 -36.11 -40.69 19.05
CA GLN F 47 -37.16 -41.70 18.92
C GLN F 47 -37.71 -41.66 17.53
N THR F 48 -38.19 -42.80 17.06
CA THR F 48 -38.60 -42.95 15.66
C THR F 48 -40.01 -43.49 15.53
N ALA F 49 -40.67 -43.10 14.48
CA ALA F 49 -41.99 -43.60 14.14
C ALA F 49 -42.18 -43.45 12.65
N GLY F 50 -42.97 -44.31 12.06
CA GLY F 50 -43.18 -44.26 10.62
C GLY F 50 -42.40 -45.34 9.90
N ASN F 51 -42.04 -45.10 8.66
CA ASN F 51 -41.44 -46.12 7.82
C ASN F 51 -40.14 -46.62 8.40
N LEU F 52 -40.07 -47.94 8.57
CA LEU F 52 -38.89 -48.59 9.12
C LEU F 52 -37.62 -48.33 8.30
N ALA F 53 -37.68 -48.61 7.01
CA ALA F 53 -36.51 -48.43 6.14
C ALA F 53 -35.93 -47.03 6.23
N THR F 54 -36.80 -46.06 6.22
CA THR F 54 -36.37 -44.69 6.24
C THR F 54 -35.74 -44.41 7.59
N SER F 55 -36.45 -44.70 8.66
CA SER F 55 -35.94 -44.33 9.96
C SER F 55 -34.66 -45.06 10.26
N GLN F 56 -34.57 -46.30 9.85
CA GLN F 56 -33.33 -47.03 10.07
C GLN F 56 -32.19 -46.39 9.34
N SER F 57 -32.41 -46.02 8.10
CA SER F 57 -31.36 -45.37 7.35
C SER F 57 -30.92 -44.08 8.03
N VAL F 58 -31.87 -43.30 8.55
CA VAL F 58 -31.52 -42.08 9.19
C VAL F 58 -30.62 -42.37 10.38
N ILE F 59 -31.04 -43.28 11.23
CA ILE F 59 -30.32 -43.57 12.48
C ILE F 59 -28.94 -44.11 12.16
N ASN F 60 -28.90 -44.97 11.17
CA ASN F 60 -27.64 -45.53 10.77
C ASN F 60 -26.65 -44.49 10.31
N LEU F 61 -27.10 -43.52 9.53
CA LEU F 61 -26.19 -42.49 9.02
C LEU F 61 -25.72 -41.63 10.17
N LEU F 62 -26.61 -41.31 11.10
CA LEU F 62 -26.22 -40.52 12.25
C LEU F 62 -25.12 -41.21 13.03
N GLN F 63 -25.23 -42.54 13.18
CA GLN F 63 -24.21 -43.30 13.88
C GLN F 63 -22.88 -43.28 13.11
N GLN F 64 -22.90 -43.63 11.83
CA GLN F 64 -21.68 -43.65 11.03
C GLN F 64 -20.98 -42.30 11.10
N ARG F 65 -21.75 -41.22 10.99
CA ARG F 65 -21.18 -39.85 10.92
C ARG F 65 -20.63 -39.31 12.24
N ILE F 66 -21.06 -39.91 13.34
CA ILE F 66 -20.54 -39.56 14.66
C ILE F 66 -19.01 -39.75 14.63
N ARG F 67 -18.59 -40.87 14.05
CA ARG F 67 -17.20 -41.25 13.89
C ARG F 67 -16.66 -40.67 12.58
N ARG F 68 -16.82 -39.37 12.36
CA ARG F 68 -16.31 -38.73 11.11
C ARG F 68 -16.29 -37.19 11.20
N ASP F 69 -15.21 -36.60 10.65
CA ASP F 69 -14.89 -35.14 10.78
C ASP F 69 -15.92 -34.35 9.99
N GLY F 70 -16.93 -33.78 10.67
CA GLY F 70 -17.96 -33.01 10.02
C GLY F 70 -19.15 -32.96 10.95
N ALA F 71 -20.23 -32.34 10.51
CA ALA F 71 -21.44 -32.23 11.32
C ALA F 71 -21.94 -33.58 11.82
N SER F 72 -22.17 -33.66 13.13
CA SER F 72 -22.62 -34.90 13.78
C SER F 72 -23.31 -34.61 15.07
N LEU F 73 -24.12 -35.55 15.55
CA LEU F 73 -24.79 -35.37 16.83
C LEU F 73 -23.86 -35.13 18.02
N LEU F 74 -22.56 -35.35 17.89
CA LEU F 74 -21.67 -35.10 19.01
C LEU F 74 -21.04 -33.73 19.06
N ASN F 75 -21.19 -32.90 18.02
CA ASN F 75 -20.39 -31.67 17.92
C ASN F 75 -21.32 -30.47 17.76
N VAL F 76 -22.49 -30.76 17.18
CA VAL F 76 -23.61 -29.86 17.12
C VAL F 76 -23.79 -29.05 18.40
N PRO F 77 -23.95 -27.72 18.29
CA PRO F 77 -23.84 -26.88 19.49
C PRO F 77 -25.09 -26.75 20.37
N SER F 78 -26.23 -27.20 19.88
CA SER F 78 -27.46 -27.12 20.67
C SER F 78 -28.46 -28.23 20.31
N VAL F 79 -29.41 -28.49 21.20
CA VAL F 79 -30.42 -29.53 20.93
C VAL F 79 -31.25 -29.14 19.71
N TYR F 80 -31.52 -27.87 19.57
CA TYR F 80 -32.10 -27.34 18.32
C TYR F 80 -31.35 -27.81 17.07
N ASP F 81 -30.05 -27.52 17.02
CA ASP F 81 -29.23 -27.91 15.88
C ASP F 81 -29.17 -29.42 15.67
N ALA F 82 -29.28 -30.18 16.75
CA ALA F 82 -29.32 -31.64 16.65
C ALA F 82 -30.58 -32.05 15.91
N THR F 83 -31.69 -31.45 16.31
CA THR F 83 -32.97 -31.71 15.69
C THR F 83 -32.92 -31.37 14.24
N ALA F 84 -32.32 -30.23 13.94
CA ALA F 84 -32.17 -29.79 12.55
C ALA F 84 -31.35 -30.80 11.75
N LEU F 85 -30.32 -31.33 12.39
CA LEU F 85 -29.45 -32.25 11.72
C LEU F 85 -30.21 -33.52 11.38
N VAL F 86 -31.01 -33.99 12.32
CA VAL F 86 -31.79 -35.21 12.10
C VAL F 86 -32.67 -34.97 10.89
N ALA F 87 -33.36 -33.84 10.88
CA ALA F 87 -34.24 -33.48 9.78
C ALA F 87 -33.47 -33.42 8.45
N GLU F 88 -32.37 -32.70 8.46
CA GLU F 88 -31.46 -32.62 7.32
C GLU F 88 -31.13 -34.02 6.79
N THR F 89 -30.80 -34.93 7.70
CA THR F 89 -30.45 -36.31 7.33
C THR F 89 -31.64 -37.03 6.73
N THR F 90 -32.81 -36.84 7.32
CA THR F 90 -34.03 -37.41 6.79
C THR F 90 -34.23 -37.01 5.33
N ARG F 91 -34.16 -35.71 5.04
CA ARG F 91 -34.30 -35.21 3.67
C ARG F 91 -33.37 -35.95 2.73
N GLU F 92 -32.14 -36.11 3.16
CA GLU F 92 -31.12 -36.76 2.35
C GLU F 92 -31.51 -38.21 2.01
N VAL F 93 -32.06 -38.92 2.98
CA VAL F 93 -32.51 -40.29 2.76
C VAL F 93 -33.71 -40.38 1.81
N ALA F 95 -34.55 -38.25 -0.53
CA ALA F 95 -34.07 -37.91 -1.86
C ALA F 95 -33.53 -39.14 -2.61
N ARG F 96 -32.77 -39.97 -1.92
CA ARG F 96 -32.12 -41.10 -2.55
C ARG F 96 -33.07 -42.25 -2.93
N ASP F 97 -33.96 -42.61 -2.01
CA ASP F 97 -34.88 -43.77 -2.16
C ASP F 97 -36.10 -43.49 -3.08
N SER F 98 -36.49 -42.22 -3.15
CA SER F 98 -37.48 -41.76 -4.11
C SER F 98 -37.04 -42.06 -5.56
N GLY F 99 -38.02 -42.47 -6.37
CA GLY F 99 -37.81 -42.85 -7.78
C GLY F 99 -39.08 -43.52 -8.29
N ASN F 100 -39.08 -43.99 -9.55
CA ASN F 100 -40.24 -44.73 -10.09
C ASN F 100 -40.49 -46.05 -9.36
N LEU F 101 -39.40 -46.67 -8.90
CA LEU F 101 -39.43 -48.01 -8.28
C LEU F 101 -40.20 -48.02 -6.95
N ALA F 102 -40.00 -47.01 -6.10
CA ALA F 102 -40.81 -46.87 -4.89
C ALA F 102 -42.30 -46.72 -5.27
N GLY F 103 -42.60 -45.92 -6.29
CA GLY F 103 -43.96 -45.75 -6.78
C GLY F 103 -44.78 -44.89 -5.83
N ASN F 104 -45.94 -45.40 -5.38
CA ASN F 104 -46.82 -44.68 -4.44
C ASN F 104 -46.65 -45.08 -2.99
N THR F 105 -45.76 -46.03 -2.71
CA THR F 105 -45.47 -46.46 -1.33
C THR F 105 -44.99 -45.27 -0.44
N ASP F 106 -45.42 -45.27 0.82
CA ASP F 106 -45.27 -44.10 1.70
C ASP F 106 -44.04 -44.15 2.61
N LEU F 107 -42.99 -43.43 2.21
CA LEU F 107 -41.68 -43.52 2.88
C LEU F 107 -41.45 -42.56 4.04
N SER F 108 -42.50 -41.90 4.52
CA SER F 108 -42.30 -40.83 5.47
C SER F 108 -42.13 -41.38 6.88
N CYS F 109 -41.40 -40.63 7.71
CA CYS F 109 -41.35 -40.92 9.13
C CYS F 109 -41.10 -39.67 9.95
N SER F 110 -41.33 -39.83 11.24
CA SER F 110 -41.27 -38.75 12.19
C SER F 110 -40.37 -39.14 13.37
N PHE F 111 -39.88 -38.13 14.08
CA PHE F 111 -38.87 -38.34 15.09
C PHE F 111 -39.12 -37.44 16.28
N VAL F 113 -36.50 -35.62 19.16
CA VAL F 113 -35.10 -35.42 19.50
C VAL F 113 -35.09 -34.59 20.75
N GLY F 114 -34.48 -35.13 21.79
CA GLY F 114 -34.42 -34.40 23.06
C GLY F 114 -33.13 -34.68 23.77
N GLY F 115 -32.82 -33.86 24.75
CA GLY F 115 -31.62 -34.10 25.54
C GLY F 115 -31.07 -32.82 26.10
N GLN F 116 -29.78 -32.83 26.42
CA GLN F 116 -29.12 -31.66 27.00
C GLN F 116 -27.68 -31.61 26.59
N ILE F 117 -27.25 -30.44 26.19
CA ILE F 117 -25.86 -30.19 25.91
C ILE F 117 -25.31 -29.22 26.93
N ALA F 118 -24.09 -29.47 27.39
CA ALA F 118 -23.45 -28.67 28.44
C ALA F 118 -23.59 -27.19 28.17
N GLY F 119 -24.07 -26.45 29.16
CA GLY F 119 -24.15 -25.01 29.08
C GLY F 119 -25.47 -24.46 28.65
N GLY F 120 -26.45 -25.31 28.45
CA GLY F 120 -27.80 -24.85 28.19
C GLY F 120 -28.80 -25.84 28.75
N PRO F 121 -30.04 -25.39 28.95
CA PRO F 121 -31.06 -26.26 29.54
C PRO F 121 -31.39 -27.46 28.66
N PRO F 122 -32.06 -28.46 29.23
CA PRO F 122 -32.53 -29.57 28.42
C PRO F 122 -33.64 -29.09 27.52
N ALA F 123 -33.84 -29.78 26.40
CA ALA F 123 -34.89 -29.44 25.44
C ALA F 123 -35.44 -30.68 24.74
N LEU F 124 -36.59 -30.54 24.11
CA LEU F 124 -37.27 -31.63 23.42
C LEU F 124 -38.00 -31.12 22.19
N TYR F 125 -37.73 -31.73 21.04
CA TYR F 125 -38.40 -31.34 19.78
C TYR F 125 -39.08 -32.54 19.16
N SER F 126 -40.07 -32.27 18.31
CA SER F 126 -40.70 -33.32 17.51
C SER F 126 -40.65 -32.91 16.06
N ILE F 127 -40.17 -33.82 15.20
CA ILE F 127 -40.06 -33.55 13.77
C ILE F 127 -41.19 -34.23 13.08
N TYR F 128 -41.88 -33.51 12.22
CA TYR F 128 -43.01 -34.05 11.50
C TYR F 128 -42.58 -34.76 10.23
N PRO F 129 -43.50 -35.54 9.63
CA PRO F 129 -43.22 -36.19 8.34
C PRO F 129 -42.61 -35.26 7.29
N GLN F 130 -43.02 -33.99 7.27
CA GLN F 130 -42.59 -33.02 6.27
C GLN F 130 -41.28 -32.30 6.62
N GLY F 131 -40.70 -32.56 7.80
CA GLY F 131 -39.31 -32.13 8.09
C GLY F 131 -39.18 -30.85 8.92
N ASN F 132 -40.32 -30.22 9.19
CA ASN F 132 -40.39 -29.05 10.07
C ASN F 132 -40.79 -29.49 11.46
N PHE F 133 -40.41 -28.68 12.43
CA PHE F 133 -40.49 -29.14 13.76
C PHE F 133 -41.05 -28.22 14.76
N ILE F 134 -41.44 -28.80 15.91
CA ILE F 134 -41.78 -28.02 17.09
C ILE F 134 -41.17 -28.46 18.42
N GLN F 135 -41.18 -27.52 19.36
CA GLN F 135 -40.45 -27.61 20.62
C GLN F 135 -41.45 -27.68 21.73
N ALA F 136 -41.24 -28.61 22.65
CA ALA F 136 -42.09 -28.70 23.81
C ALA F 136 -41.76 -27.57 24.77
N THR F 137 -42.77 -27.07 25.46
CA THR F 137 -42.64 -25.96 26.40
C THR F 137 -43.35 -26.32 27.72
N PRO F 138 -43.22 -25.48 28.75
CA PRO F 138 -43.98 -25.68 29.98
C PRO F 138 -45.47 -25.82 29.80
N ASP F 139 -46.09 -25.04 28.91
CA ASP F 139 -47.54 -25.13 28.66
C ASP F 139 -47.89 -26.43 27.90
N THR F 140 -46.97 -26.93 27.08
CA THR F 140 -47.19 -28.16 26.30
C THR F 140 -45.95 -29.03 26.46
N PRO F 141 -45.88 -29.75 27.59
CA PRO F 141 -44.65 -30.35 28.02
C PRO F 141 -44.49 -31.78 27.61
N PHE F 142 -45.47 -32.36 26.93
CA PHE F 142 -45.24 -33.68 26.33
C PHE F 142 -45.61 -33.70 24.86
N LEU F 143 -44.96 -34.60 24.13
CA LEU F 143 -45.18 -34.79 22.68
C LEU F 143 -45.25 -36.28 22.35
N GLN F 144 -46.04 -36.64 21.34
CA GLN F 144 -46.25 -38.04 21.00
C GLN F 144 -45.98 -38.31 19.54
N LEU F 145 -45.60 -39.55 19.24
CA LEU F 145 -45.53 -40.02 17.88
C LEU F 145 -46.30 -41.29 17.74
N GLY F 146 -46.70 -41.58 16.53
CA GLY F 146 -47.35 -42.83 16.23
C GLY F 146 -48.81 -42.79 16.57
N GLU F 147 -49.24 -43.92 17.08
CA GLU F 147 -50.60 -44.19 17.39
C GLU F 147 -50.87 -43.69 18.83
N SER F 148 -51.17 -42.40 18.95
CA SER F 148 -51.15 -41.73 20.25
C SER F 148 -52.47 -41.23 20.84
N LYS F 149 -53.56 -41.30 20.07
CA LYS F 149 -54.81 -40.76 20.59
C LYS F 149 -55.32 -41.58 21.80
N TYR F 150 -55.10 -42.87 21.78
CA TYR F 150 -55.63 -43.73 22.80
C TYR F 150 -55.13 -43.33 24.18
N GLY F 151 -53.85 -42.98 24.25
CA GLY F 151 -53.20 -42.72 25.54
C GLY F 151 -52.98 -41.26 25.82
N LYS F 152 -53.58 -40.40 25.01
CA LYS F 152 -53.44 -38.96 25.21
C LYS F 152 -54.22 -38.43 26.38
N PRO F 153 -55.48 -38.87 26.57
CA PRO F 153 -56.23 -38.30 27.69
C PRO F 153 -55.57 -38.38 29.06
N ILE F 154 -55.01 -39.52 29.44
CA ILE F 154 -54.40 -39.60 30.76
C ILE F 154 -53.26 -38.58 30.92
N LEU F 155 -52.55 -38.28 29.83
CA LEU F 155 -51.46 -37.33 29.89
C LEU F 155 -52.01 -35.91 29.96
N ASP F 156 -53.01 -35.62 29.15
CA ASP F 156 -53.64 -34.32 29.20
C ASP F 156 -54.16 -34.03 30.60
N ARG F 157 -54.79 -35.01 31.22
CA ARG F 157 -55.39 -34.83 32.55
C ARG F 157 -54.38 -34.57 33.67
N ASN F 158 -53.26 -35.26 33.68
CA ASN F 158 -52.41 -35.30 34.86
C ASN F 158 -51.06 -34.68 34.72
N LEU F 159 -50.52 -34.67 33.51
CA LEU F 159 -49.15 -34.24 33.33
C LEU F 159 -49.04 -32.74 33.26
N THR F 160 -48.07 -32.17 33.95
CA THR F 160 -47.71 -30.76 33.82
C THR F 160 -46.20 -30.59 33.95
N PHE F 161 -45.71 -29.41 33.63
CA PHE F 161 -44.27 -29.18 33.63
C PHE F 161 -43.63 -29.55 34.95
N ASP F 162 -44.37 -29.31 36.03
CA ASP F 162 -43.89 -29.55 37.39
C ASP F 162 -44.03 -31.01 37.87
N THR F 163 -44.66 -31.87 37.10
CA THR F 163 -44.79 -33.26 37.50
C THR F 163 -43.40 -33.82 37.69
N PRO F 164 -43.12 -34.47 38.84
CA PRO F 164 -41.79 -35.12 39.00
C PRO F 164 -41.56 -36.28 38.06
N LEU F 165 -40.31 -36.65 37.85
CA LEU F 165 -39.98 -37.67 36.82
C LEU F 165 -40.58 -39.05 37.10
N GLU F 166 -40.41 -39.57 38.32
CA GLU F 166 -40.99 -40.88 38.70
C GLU F 166 -42.49 -40.88 38.36
N GLN F 167 -43.22 -39.79 38.62
CA GLN F 167 -44.68 -39.77 38.36
C GLN F 167 -45.01 -39.65 36.90
N ALA F 168 -44.20 -38.89 36.17
CA ALA F 168 -44.40 -38.75 34.73
C ALA F 168 -44.21 -40.09 34.07
N LEU F 169 -43.17 -40.81 34.48
CA LEU F 169 -42.91 -42.12 33.93
C LEU F 169 -44.10 -43.05 34.16
N ARG F 170 -44.61 -43.01 35.37
CA ARG F 170 -45.75 -43.82 35.76
C ARG F 170 -46.93 -43.50 34.86
N CYS F 171 -47.10 -42.22 34.64
CA CYS F 171 -48.18 -41.71 33.81
C CYS F 171 -48.04 -42.24 32.37
N ALA F 172 -46.84 -42.14 31.83
CA ALA F 172 -46.54 -42.71 30.55
C ALA F 172 -46.94 -44.20 30.49
N LEU F 173 -46.60 -44.96 31.53
CA LEU F 173 -46.86 -46.37 31.49
C LEU F 173 -48.34 -46.66 31.39
N VAL F 174 -49.15 -45.88 32.08
CA VAL F 174 -50.60 -46.05 32.01
C VAL F 174 -51.12 -45.68 30.62
N SER F 175 -50.53 -44.65 30.04
CA SER F 175 -50.77 -44.33 28.62
C SER F 175 -50.54 -45.56 27.71
N PHE F 176 -49.44 -46.28 27.92
CA PHE F 176 -49.16 -47.45 27.11
C PHE F 176 -50.11 -48.59 27.38
N ASP F 177 -50.50 -48.73 28.65
CA ASP F 177 -51.43 -49.76 29.04
C ASP F 177 -52.70 -49.64 28.17
N SER F 178 -53.33 -48.46 28.19
CA SER F 178 -54.57 -48.28 27.43
C SER F 178 -54.37 -48.50 25.95
N THR F 179 -53.24 -47.99 25.45
CA THR F 179 -52.96 -48.05 24.04
C THR F 179 -52.85 -49.52 23.60
N ILE F 180 -52.05 -50.28 24.34
CA ILE F 180 -51.84 -51.66 24.00
C ILE F 180 -53.12 -52.46 24.01
N ARG F 181 -54.02 -52.18 24.93
CA ARG F 181 -55.27 -52.88 25.01
C ARG F 181 -56.17 -52.61 23.83
N SER F 182 -56.06 -51.41 23.24
CA SER F 182 -57.05 -50.94 22.28
C SER F 182 -56.56 -50.89 20.87
N ASN F 183 -55.28 -51.15 20.66
CA ASN F 183 -54.70 -51.11 19.33
C ASN F 183 -53.54 -52.09 19.18
N LEU F 184 -53.72 -53.11 18.35
CA LEU F 184 -52.71 -54.14 18.17
C LEU F 184 -51.41 -53.70 17.50
N SER F 185 -51.40 -52.56 16.83
CA SER F 185 -50.21 -52.14 16.12
C SER F 185 -49.16 -51.69 17.14
N VAL F 186 -49.58 -51.49 18.40
CA VAL F 186 -48.69 -51.11 19.48
C VAL F 186 -48.47 -52.28 20.39
N GLY F 187 -47.24 -52.44 20.83
CA GLY F 187 -46.86 -53.70 21.52
C GLY F 187 -45.50 -53.72 22.20
N PRO F 189 -41.91 -55.39 23.69
CA PRO F 189 -41.35 -54.65 24.81
C PRO F 189 -41.40 -53.17 24.63
N LEU F 190 -41.34 -52.45 25.74
CA LEU F 190 -41.18 -50.99 25.75
C LEU F 190 -39.76 -50.65 26.14
N ASP F 191 -39.33 -49.48 25.74
CA ASP F 191 -38.01 -48.98 26.10
C ASP F 191 -38.17 -47.63 26.74
N LEU F 192 -37.61 -47.48 27.93
CA LEU F 192 -37.72 -46.22 28.69
C LEU F 192 -36.37 -45.62 28.91
N LEU F 193 -36.36 -44.30 29.09
CA LEU F 193 -35.17 -43.61 29.54
C LEU F 193 -35.56 -42.37 30.31
N VAL F 194 -34.98 -42.22 31.48
CA VAL F 194 -35.18 -41.03 32.32
C VAL F 194 -33.86 -40.28 32.45
N TYR F 195 -33.89 -38.98 32.24
CA TYR F 195 -32.67 -38.17 32.31
C TYR F 195 -32.85 -37.01 33.25
N HIS F 196 -31.89 -36.83 34.16
CA HIS F 196 -32.02 -35.80 35.21
C HIS F 196 -31.38 -34.48 34.75
N ARG F 197 -32.12 -33.38 34.87
CA ARG F 197 -31.63 -32.07 34.43
C ARG F 197 -30.26 -31.79 35.02
N ASP F 198 -29.34 -31.39 34.15
CA ASP F 198 -27.97 -31.02 34.50
C ASP F 198 -27.05 -32.18 34.90
N SER F 199 -27.52 -33.43 34.87
CA SER F 199 -26.67 -34.55 35.24
C SER F 199 -25.59 -34.81 34.19
N LEU F 200 -25.91 -34.54 32.93
CA LEU F 200 -25.00 -34.76 31.82
C LEU F 200 -24.35 -36.15 31.79
N ILE F 201 -25.10 -37.17 32.19
CA ILE F 201 -24.67 -38.57 32.10
C ILE F 201 -25.57 -39.29 31.10
N LEU F 202 -25.12 -40.43 30.60
CA LEU F 202 -25.93 -41.24 29.68
C LEU F 202 -26.61 -42.35 30.46
N PRO F 203 -27.87 -42.20 30.82
CA PRO F 203 -28.53 -43.24 31.58
C PRO F 203 -28.61 -44.50 30.78
N GLU F 204 -28.64 -45.65 31.45
CA GLU F 204 -28.68 -46.90 30.70
C GLU F 204 -30.05 -47.19 30.12
N GLY F 205 -31.09 -46.64 30.75
CA GLY F 205 -32.44 -46.83 30.23
C GLY F 205 -32.88 -48.21 30.65
N TYR F 206 -34.11 -48.59 30.34
CA TYR F 206 -34.67 -49.85 30.85
C TYR F 206 -35.70 -50.40 29.90
N ARG F 207 -35.73 -51.72 29.77
CA ARG F 207 -36.68 -52.35 28.88
C ARG F 207 -37.76 -53.08 29.66
N VAL F 208 -39.00 -52.77 29.33
CA VAL F 208 -40.13 -53.43 29.96
C VAL F 208 -40.62 -54.57 29.11
N THR F 209 -40.45 -55.81 29.58
CA THR F 209 -40.99 -56.94 28.85
C THR F 209 -42.36 -57.36 29.34
N GLU F 210 -43.01 -58.20 28.53
CA GLU F 210 -44.19 -58.96 28.91
C GLU F 210 -44.19 -59.40 30.38
N ASP F 211 -43.05 -59.85 30.88
CA ASP F 211 -42.96 -60.44 32.21
C ASP F 211 -42.80 -59.43 33.35
N ASP F 212 -42.62 -58.16 33.04
CA ASP F 212 -42.18 -57.21 34.05
C ASP F 212 -43.10 -57.20 35.24
N ALA F 213 -42.54 -57.43 36.43
CA ALA F 213 -43.34 -57.52 37.63
C ALA F 213 -44.08 -56.21 37.87
N TYR F 214 -43.34 -55.09 37.82
CA TYR F 214 -43.90 -53.79 38.19
C TYR F 214 -44.98 -53.36 37.24
N PHE F 215 -44.69 -53.43 35.95
CA PHE F 215 -45.70 -53.08 34.95
C PHE F 215 -46.92 -54.00 35.02
N SER F 216 -46.74 -55.31 35.21
CA SER F 216 -47.90 -56.19 35.35
C SER F 216 -48.79 -55.73 36.49
N ALA F 217 -48.15 -55.33 37.59
CA ALA F 217 -48.84 -54.97 38.82
C ALA F 217 -49.65 -53.71 38.65
N ILE F 218 -49.07 -52.68 38.07
CA ILE F 218 -49.81 -51.45 37.97
C ILE F 218 -50.93 -51.57 36.98
N ARG F 219 -50.78 -52.46 36.00
CA ARG F 219 -51.90 -52.71 35.08
C ARG F 219 -53.07 -53.34 35.82
N ARG F 220 -52.76 -54.34 36.66
CA ARG F 220 -53.78 -55.04 37.44
C ARG F 220 -54.49 -54.07 38.41
N GLN F 221 -53.71 -53.17 39.03
CA GLN F 221 -54.31 -52.15 40.00
C GLN F 221 -55.13 -51.13 39.28
N TRP F 222 -54.59 -50.61 38.18
CA TRP F 222 -55.34 -49.68 37.38
C TRP F 222 -56.68 -50.28 36.94
N SER F 223 -56.72 -51.55 36.54
CA SER F 223 -57.99 -52.15 36.11
C SER F 223 -58.97 -52.15 37.22
N ALA F 224 -58.51 -52.64 38.36
CA ALA F 224 -59.35 -52.77 39.54
C ALA F 224 -59.88 -51.42 39.95
N GLY F 225 -59.02 -50.42 39.87
CA GLY F 225 -59.40 -49.06 40.20
C GLY F 225 -60.53 -48.55 39.34
N LEU F 226 -60.33 -48.60 38.02
CA LEU F 226 -61.34 -48.19 37.05
C LEU F 226 -62.66 -48.91 37.23
N HIS F 227 -62.60 -50.21 37.46
CA HIS F 227 -63.80 -51.01 37.61
C HIS F 227 -64.58 -50.55 38.85
N ASP F 228 -63.85 -50.29 39.95
CA ASP F 228 -64.43 -49.74 41.20
C ASP F 228 -65.14 -48.42 40.99
N LEU F 230 -66.20 -47.00 38.47
CA LEU F 230 -67.32 -47.10 37.56
C LEU F 230 -68.57 -47.58 38.24
N GLU F 231 -68.42 -48.54 39.15
CA GLU F 231 -69.59 -49.08 39.86
C GLU F 231 -70.11 -48.13 40.94
N ARG F 232 -69.21 -47.33 41.46
CA ARG F 232 -69.56 -46.37 42.50
C ARG F 232 -69.96 -44.95 41.97
N LEU F 233 -69.92 -44.73 40.67
CA LEU F 233 -70.55 -43.57 40.05
C LEU F 233 -72.07 -43.63 40.17
N PRO F 234 -72.72 -42.46 40.28
CA PRO F 234 -74.18 -42.43 40.39
C PRO F 234 -74.93 -42.79 39.11
N SER F 235 -76.21 -43.14 39.27
CA SER F 235 -77.08 -43.42 38.12
C SER F 235 -77.59 -42.12 37.47
N PRO F 236 -77.81 -42.14 36.14
CA PRO F 236 -78.42 -40.99 35.46
C PRO F 236 -79.83 -40.75 36.00
N PRO F 237 -80.25 -39.46 36.16
CA PRO F 237 -81.58 -39.13 36.64
C PRO F 237 -82.70 -39.68 35.77
N SER F 238 -83.96 -39.45 36.19
CA SER F 238 -85.14 -39.83 35.39
C SER F 238 -85.00 -39.30 33.96
N ALA F 239 -84.84 -37.98 33.88
CA ALA F 239 -84.70 -37.24 32.62
C ALA F 239 -84.03 -38.02 31.47
N TYR F 240 -82.94 -38.73 31.73
CA TYR F 240 -82.14 -39.35 30.65
C TYR F 240 -82.76 -40.50 29.80
N ASN F 241 -84.05 -40.87 29.99
CA ASN F 241 -84.57 -42.09 29.28
C ASN F 241 -85.71 -41.84 28.28
N THR G 1 -69.56 -5.91 1.74
CA THR G 1 -70.36 -7.14 1.46
C THR G 1 -70.50 -7.98 2.72
N TYR G 2 -71.70 -8.00 3.28
CA TYR G 2 -72.00 -8.83 4.40
C TYR G 2 -73.46 -9.21 4.27
N CYS G 3 -73.76 -10.50 4.30
CA CYS G 3 -75.14 -10.96 4.23
C CYS G 3 -75.42 -11.94 5.33
N VAL G 4 -76.66 -11.93 5.84
CA VAL G 4 -77.11 -12.87 6.86
C VAL G 4 -78.45 -13.38 6.48
N ALA G 5 -78.70 -14.63 6.78
CA ALA G 5 -80.02 -15.21 6.62
C ALA G 5 -80.29 -16.15 7.80
N HIS G 7 -83.14 -19.02 9.46
CA HIS G 7 -84.28 -19.89 9.30
C HIS G 7 -84.74 -20.30 10.68
N LEU G 8 -85.91 -19.76 11.04
CA LEU G 8 -86.47 -19.85 12.37
C LEU G 8 -87.84 -20.53 12.35
N ALA G 9 -88.32 -20.84 13.54
CA ALA G 9 -89.57 -21.53 13.70
C ALA G 9 -90.66 -20.80 12.93
N ASP G 10 -90.71 -19.47 13.04
CA ASP G 10 -91.81 -18.69 12.42
C ASP G 10 -91.57 -18.28 10.97
N GLY G 11 -90.39 -18.53 10.43
CA GLY G 11 -90.13 -18.20 9.02
C GLY G 11 -88.68 -17.90 8.71
N LEU G 12 -88.47 -16.96 7.80
CA LEU G 12 -87.13 -16.60 7.36
C LEU G 12 -86.91 -15.10 7.50
N VAL G 13 -85.67 -14.72 7.77
CA VAL G 13 -85.27 -13.33 7.78
C VAL G 13 -83.99 -13.23 6.95
N PHE G 14 -83.95 -12.26 6.04
CA PHE G 14 -82.78 -12.01 5.23
C PHE G 14 -82.31 -10.57 5.37
N ALA G 15 -81.00 -10.36 5.39
CA ALA G 15 -80.45 -8.99 5.41
C ALA G 15 -79.12 -8.93 4.71
N SER G 16 -78.94 -7.91 3.86
CA SER G 16 -77.69 -7.73 3.13
C SER G 16 -77.26 -6.27 3.14
N ASP G 17 -75.97 -6.00 3.10
CA ASP G 17 -75.51 -4.64 2.81
C ASP G 17 -75.56 -4.41 1.29
N SER G 18 -74.88 -3.37 0.81
CA SER G 18 -74.85 -3.04 -0.60
C SER G 18 -73.51 -2.58 -1.12
N ARG G 19 -72.54 -2.39 -0.23
CA ARG G 19 -71.27 -1.82 -0.66
C ARG G 19 -70.48 -2.91 -1.36
N THR G 20 -69.90 -2.54 -2.50
CA THR G 20 -69.42 -3.53 -3.42
C THR G 20 -68.14 -3.05 -4.04
N ASN G 21 -67.16 -3.93 -4.08
CA ASN G 21 -65.92 -3.65 -4.73
C ASN G 21 -66.11 -3.95 -6.21
N ALA G 22 -66.15 -2.92 -7.02
CA ALA G 22 -66.42 -3.08 -8.44
C ALA G 22 -65.20 -2.76 -9.27
N GLY G 23 -64.02 -2.97 -8.74
CA GLY G 23 -62.82 -2.57 -9.45
C GLY G 23 -62.00 -1.68 -8.56
N ILE G 24 -60.85 -1.26 -9.06
CA ILE G 24 -59.94 -0.45 -8.25
C ILE G 24 -60.48 0.97 -8.28
N ASP G 25 -60.49 1.60 -7.10
CA ASP G 25 -61.00 2.96 -6.96
C ASP G 25 -62.42 3.09 -7.48
N HIS G 26 -63.18 2.01 -7.47
CA HIS G 26 -64.57 2.06 -7.87
C HIS G 26 -65.34 1.18 -6.87
N ILE G 27 -65.68 1.77 -5.73
CA ILE G 27 -66.55 1.15 -4.78
C ILE G 27 -67.95 1.71 -4.92
N ALA G 28 -68.95 0.86 -4.89
CA ALA G 28 -70.25 1.25 -5.34
C ALA G 28 -71.36 0.48 -4.69
N THR G 29 -72.58 0.97 -4.87
CA THR G 29 -73.77 0.35 -4.29
C THR G 29 -74.41 -0.61 -5.29
N PHE G 30 -74.59 -1.86 -4.87
CA PHE G 30 -75.34 -2.86 -5.64
C PHE G 30 -76.19 -3.72 -4.71
N ARG G 31 -77.44 -3.93 -5.09
CA ARG G 31 -78.35 -4.76 -4.29
C ARG G 31 -77.77 -6.16 -4.22
N LYS G 32 -77.83 -6.78 -3.03
CA LYS G 32 -77.33 -8.15 -2.88
C LYS G 32 -78.42 -9.10 -2.34
N LEU G 33 -79.67 -8.74 -2.57
CA LEU G 33 -80.78 -9.55 -2.10
C LEU G 33 -81.83 -9.48 -3.17
N PHE G 34 -82.16 -10.62 -3.73
CA PHE G 34 -83.10 -10.70 -4.84
C PHE G 34 -84.24 -11.68 -4.53
N THR G 35 -85.47 -11.33 -4.92
CA THR G 35 -86.62 -12.18 -4.64
C THR G 35 -87.24 -12.72 -5.92
N PHE G 36 -87.88 -13.87 -5.83
CA PHE G 36 -88.52 -14.50 -6.97
C PHE G 36 -89.74 -15.20 -6.43
N GLY G 37 -90.74 -15.39 -7.26
CA GLY G 37 -91.85 -16.26 -6.87
C GLY G 37 -93.18 -15.98 -7.54
N THR G 38 -94.15 -16.84 -7.24
CA THR G 38 -95.54 -16.67 -7.70
C THR G 38 -96.42 -16.66 -6.46
N PRO G 39 -97.24 -15.61 -6.27
CA PRO G 39 -98.02 -15.49 -5.02
C PRO G 39 -98.96 -16.67 -4.79
N GLY G 40 -99.00 -17.17 -3.56
CA GLY G 40 -99.81 -18.32 -3.20
C GLY G 40 -99.19 -19.65 -3.56
N GLU G 41 -98.03 -19.63 -4.21
CA GLU G 41 -97.30 -20.87 -4.57
C GLU G 41 -95.82 -20.91 -4.06
N ARG G 42 -95.03 -19.86 -4.25
CA ARG G 42 -93.65 -19.90 -3.77
C ARG G 42 -92.97 -18.55 -3.59
N LEU G 43 -92.04 -18.51 -2.63
CA LEU G 43 -91.12 -17.39 -2.46
C LEU G 43 -89.71 -17.92 -2.42
N LEU G 44 -88.82 -17.34 -3.21
CA LEU G 44 -87.41 -17.67 -3.11
C LEU G 44 -86.58 -16.41 -3.03
N VAL G 45 -85.58 -16.40 -2.15
CA VAL G 45 -84.68 -15.28 -2.02
C VAL G 45 -83.26 -15.73 -2.30
N VAL G 46 -82.53 -14.94 -3.08
CA VAL G 46 -81.13 -15.21 -3.32
C VAL G 46 -80.31 -14.02 -2.83
N GLN G 47 -79.31 -14.28 -2.00
CA GLN G 47 -78.32 -13.26 -1.65
C GLN G 47 -76.97 -13.59 -2.28
N THR G 48 -76.19 -12.55 -2.53
CA THR G 48 -74.94 -12.70 -3.24
C THR G 48 -73.78 -12.11 -2.48
N ALA G 49 -72.60 -12.69 -2.69
CA ALA G 49 -71.36 -12.15 -2.14
C ALA G 49 -70.22 -12.62 -3.02
N GLY G 50 -69.14 -11.85 -3.07
CA GLY G 50 -67.99 -12.20 -3.90
C GLY G 50 -67.92 -11.37 -5.16
N ASN G 51 -67.37 -11.94 -6.23
CA ASN G 51 -67.16 -11.20 -7.46
C ASN G 51 -68.45 -10.68 -8.07
N LEU G 52 -68.50 -9.37 -8.30
CA LEU G 52 -69.68 -8.72 -8.84
C LEU G 52 -70.06 -9.27 -10.20
N ALA G 53 -69.09 -9.31 -11.12
CA ALA G 53 -69.37 -9.76 -12.50
C ALA G 53 -70.00 -11.14 -12.52
N THR G 54 -69.48 -12.02 -11.69
CA THR G 54 -69.95 -13.37 -11.67
C THR G 54 -71.33 -13.43 -11.09
N SER G 55 -71.50 -12.84 -9.92
CA SER G 55 -72.81 -12.92 -9.28
C SER G 55 -73.90 -12.22 -10.11
N GLN G 56 -73.55 -11.10 -10.75
CA GLN G 56 -74.52 -10.44 -11.62
C GLN G 56 -74.91 -11.33 -12.76
N SER G 57 -73.95 -11.97 -13.40
CA SER G 57 -74.28 -12.86 -14.50
C SER G 57 -75.19 -13.99 -14.04
N VAL G 58 -74.92 -14.55 -12.87
CA VAL G 58 -75.74 -15.61 -12.37
C VAL G 58 -77.18 -15.14 -12.20
N ILE G 59 -77.36 -14.04 -11.52
CA ILE G 59 -78.68 -13.53 -11.25
C ILE G 59 -79.40 -13.20 -12.54
N ASN G 60 -78.69 -12.58 -13.45
CA ASN G 60 -79.27 -12.20 -14.70
C ASN G 60 -79.79 -13.40 -15.47
N LEU G 61 -79.03 -14.48 -15.48
CA LEU G 61 -79.45 -15.68 -16.21
C LEU G 61 -80.64 -16.31 -15.55
N LEU G 62 -80.66 -16.33 -14.23
CA LEU G 62 -81.81 -16.84 -13.53
C LEU G 62 -83.09 -16.06 -13.90
N GLN G 63 -82.98 -14.74 -14.04
CA GLN G 63 -84.13 -13.91 -14.41
C GLN G 63 -84.57 -14.19 -15.83
N GLN G 64 -83.65 -14.14 -16.78
CA GLN G 64 -83.97 -14.45 -18.17
C GLN G 64 -84.66 -15.79 -18.30
N ARG G 65 -84.14 -16.80 -17.61
CA ARG G 65 -84.66 -18.18 -17.73
C ARG G 65 -86.01 -18.44 -17.07
N ILE G 66 -86.40 -17.57 -16.16
CA ILE G 66 -87.71 -17.64 -15.51
C ILE G 66 -88.81 -17.57 -16.55
N ARG G 67 -88.62 -16.64 -17.51
CA ARG G 67 -89.49 -16.46 -18.66
C ARG G 67 -89.07 -17.39 -19.84
N ARG G 68 -88.98 -18.70 -19.59
CA ARG G 68 -88.55 -19.69 -20.60
C ARG G 68 -88.89 -21.14 -20.19
N ASP G 69 -89.39 -21.93 -21.15
CA ASP G 69 -89.83 -23.31 -20.92
C ASP G 69 -88.62 -24.23 -20.66
N GLY G 70 -88.36 -24.53 -19.40
CA GLY G 70 -87.21 -25.36 -19.02
C GLY G 70 -86.91 -25.09 -17.57
N ALA G 71 -85.85 -25.68 -17.03
CA ALA G 71 -85.50 -25.49 -15.61
C ALA G 71 -85.35 -24.02 -15.20
N SER G 72 -86.06 -23.62 -14.15
CA SER G 72 -86.03 -22.24 -13.68
C SER G 72 -86.45 -22.17 -12.23
N LEU G 73 -86.10 -21.08 -11.56
CA LEU G 73 -86.51 -20.90 -10.17
C LEU G 73 -88.02 -20.94 -9.92
N LEU G 74 -88.85 -20.86 -10.95
CA LEU G 74 -90.29 -20.91 -10.74
C LEU G 74 -90.93 -22.29 -10.84
N ASN G 75 -90.20 -23.32 -11.27
CA ASN G 75 -90.82 -24.60 -11.60
C ASN G 75 -90.14 -25.73 -10.83
N VAL G 76 -88.88 -25.49 -10.51
CA VAL G 76 -88.11 -26.28 -9.56
C VAL G 76 -88.94 -26.75 -8.36
N PRO G 77 -88.90 -28.06 -8.05
CA PRO G 77 -89.88 -28.62 -7.09
C PRO G 77 -89.57 -28.42 -5.60
N SER G 78 -88.35 -28.00 -5.25
CA SER G 78 -88.00 -27.81 -3.83
C SER G 78 -86.90 -26.77 -3.64
N VAL G 79 -86.80 -26.23 -2.44
CA VAL G 79 -85.80 -25.18 -2.17
C VAL G 79 -84.42 -25.75 -2.40
N TYR G 80 -84.25 -27.02 -2.04
CA TYR G 80 -83.03 -27.73 -2.35
C TYR G 80 -82.68 -27.59 -3.84
N ASP G 81 -83.62 -28.00 -4.71
CA ASP G 81 -83.38 -27.99 -6.15
C ASP G 81 -83.15 -26.58 -6.69
N ALA G 82 -83.74 -25.59 -6.04
CA ALA G 82 -83.48 -24.19 -6.38
C ALA G 82 -82.03 -23.86 -6.11
N THR G 83 -81.55 -24.23 -4.92
CA THR G 83 -80.16 -24.03 -4.52
C THR G 83 -79.23 -24.72 -5.52
N ALA G 84 -79.56 -25.96 -5.88
CA ALA G 84 -78.78 -26.71 -6.86
C ALA G 84 -78.75 -25.98 -8.20
N LEU G 85 -79.88 -25.38 -8.58
CA LEU G 85 -79.98 -24.69 -9.87
C LEU G 85 -79.11 -23.45 -9.89
N VAL G 86 -79.11 -22.72 -8.78
CA VAL G 86 -78.23 -21.56 -8.67
C VAL G 86 -76.77 -21.98 -8.83
N ALA G 87 -76.38 -23.02 -8.10
CA ALA G 87 -75.02 -23.58 -8.21
C ALA G 87 -74.69 -24.01 -9.63
N GLU G 88 -75.59 -24.80 -10.22
CA GLU G 88 -75.49 -25.22 -11.63
C GLU G 88 -75.23 -24.01 -12.54
N THR G 89 -75.99 -22.94 -12.34
CA THR G 89 -75.84 -21.72 -13.13
C THR G 89 -74.50 -21.07 -12.89
N THR G 90 -74.07 -21.02 -11.63
CA THR G 90 -72.76 -20.49 -11.30
C THR G 90 -71.67 -21.20 -12.10
N ARG G 91 -71.66 -22.54 -12.07
CA ARG G 91 -70.66 -23.33 -12.82
C ARG G 91 -70.61 -22.91 -14.26
N GLU G 92 -71.79 -22.74 -14.84
CA GLU G 92 -71.90 -22.36 -16.24
C GLU G 92 -71.24 -21.00 -16.52
N VAL G 93 -71.43 -20.05 -15.62
CA VAL G 93 -70.84 -18.72 -15.79
C VAL G 93 -69.30 -18.76 -15.65
N ALA G 95 -67.32 -21.29 -16.25
CA ALA G 95 -66.80 -21.97 -17.43
C ALA G 95 -66.55 -21.02 -18.62
N ARG G 96 -67.49 -20.12 -18.85
CA ARG G 96 -67.42 -19.20 -19.98
C ARG G 96 -66.34 -18.10 -19.82
N ASP G 97 -66.28 -17.46 -18.64
CA ASP G 97 -65.39 -16.29 -18.37
C ASP G 97 -63.93 -16.68 -18.12
N SER G 98 -63.72 -17.89 -17.61
CA SER G 98 -62.40 -18.46 -17.50
C SER G 98 -61.69 -18.53 -18.88
N GLY G 99 -60.40 -18.23 -18.88
CA GLY G 99 -59.56 -18.22 -20.08
C GLY G 99 -58.22 -17.59 -19.73
N ASN G 100 -57.32 -17.40 -20.71
CA ASN G 100 -56.03 -16.72 -20.46
C ASN G 100 -56.21 -15.25 -20.08
N LEU G 101 -57.26 -14.63 -20.63
CA LEU G 101 -57.52 -13.20 -20.47
C LEU G 101 -57.86 -12.81 -19.02
N ALA G 102 -58.68 -13.62 -18.35
CA ALA G 102 -58.93 -13.42 -16.91
C ALA G 102 -57.61 -13.53 -16.13
N GLY G 103 -56.77 -14.50 -16.47
CA GLY G 103 -55.45 -14.68 -15.83
C GLY G 103 -55.60 -15.22 -14.42
N ASN G 104 -55.01 -14.54 -13.45
CA ASN G 104 -55.08 -14.95 -12.02
C ASN G 104 -56.16 -14.25 -11.20
N THR G 105 -56.89 -13.34 -11.82
CA THR G 105 -58.00 -12.65 -11.15
C THR G 105 -59.07 -13.63 -10.60
N ASP G 106 -59.62 -13.32 -9.42
CA ASP G 106 -60.45 -14.25 -8.66
C ASP G 106 -61.95 -14.08 -8.89
N LEU G 107 -62.51 -14.95 -9.73
CA LEU G 107 -63.91 -14.83 -10.16
C LEU G 107 -64.97 -15.51 -9.28
N SER G 108 -64.60 -15.96 -8.09
CA SER G 108 -65.50 -16.81 -7.32
C SER G 108 -66.51 -15.98 -6.56
N CYS G 109 -67.66 -16.59 -6.31
CA CYS G 109 -68.65 -15.96 -5.43
C CYS G 109 -69.52 -17.00 -4.77
N SER G 110 -70.23 -16.51 -3.76
CA SER G 110 -71.05 -17.34 -2.90
C SER G 110 -72.45 -16.77 -2.80
N PHE G 111 -73.38 -17.62 -2.42
CA PHE G 111 -74.81 -17.27 -2.44
C PHE G 111 -75.53 -17.85 -1.24
N VAL G 113 -79.59 -19.15 -0.63
CA VAL G 113 -80.85 -19.40 -1.30
C VAL G 113 -81.79 -19.92 -0.25
N GLY G 114 -82.89 -19.22 -0.05
CA GLY G 114 -83.86 -19.63 0.94
C GLY G 114 -85.25 -19.31 0.48
N GLY G 115 -86.23 -19.91 1.13
CA GLY G 115 -87.60 -19.59 0.84
C GLY G 115 -88.51 -20.76 1.14
N GLN G 116 -89.66 -20.77 0.48
CA GLN G 116 -90.65 -21.82 0.68
C GLN G 116 -91.44 -22.06 -0.57
N ILE G 117 -91.60 -23.33 -0.87
CA ILE G 117 -92.43 -23.74 -1.97
C ILE G 117 -93.65 -24.48 -1.39
N ALA G 118 -94.82 -24.23 -1.98
CA ALA G 118 -96.09 -24.83 -1.53
C ALA G 118 -95.95 -26.30 -1.28
N GLY G 119 -96.36 -26.75 -0.09
CA GLY G 119 -96.39 -28.16 0.23
C GLY G 119 -95.20 -28.68 0.99
N GLY G 120 -94.26 -27.80 1.31
CA GLY G 120 -93.15 -28.22 2.16
C GLY G 120 -92.71 -27.06 3.01
N PRO G 121 -91.99 -27.34 4.10
CA PRO G 121 -91.56 -26.28 4.99
C PRO G 121 -90.60 -25.30 4.32
N PRO G 122 -90.41 -24.11 4.93
CA PRO G 122 -89.38 -23.19 4.45
C PRO G 122 -87.99 -23.80 4.70
N ALA G 123 -87.02 -23.38 3.89
CA ALA G 123 -85.63 -23.86 4.00
C ALA G 123 -84.61 -22.78 3.60
N LEU G 124 -83.36 -22.99 3.99
CA LEU G 124 -82.30 -22.00 3.77
C LEU G 124 -80.98 -22.70 3.53
N TYR G 125 -80.33 -22.39 2.42
CA TYR G 125 -79.05 -22.98 2.09
C TYR G 125 -78.00 -21.90 1.87
N SER G 126 -76.74 -22.29 2.01
CA SER G 126 -75.63 -21.42 1.63
C SER G 126 -74.76 -22.18 0.65
N ILE G 127 -74.40 -21.55 -0.47
CA ILE G 127 -73.54 -22.13 -1.47
C ILE G 127 -72.16 -21.53 -1.32
N TYR G 128 -71.14 -22.38 -1.31
CA TYR G 128 -69.76 -21.93 -1.14
C TYR G 128 -69.13 -21.57 -2.47
N PRO G 129 -67.96 -20.90 -2.44
CA PRO G 129 -67.24 -20.59 -3.67
C PRO G 129 -67.07 -21.76 -4.62
N GLN G 130 -66.90 -22.96 -4.06
CA GLN G 130 -66.62 -24.16 -4.83
C GLN G 130 -67.89 -24.91 -5.29
N GLY G 131 -69.07 -24.43 -4.92
CA GLY G 131 -70.33 -24.87 -5.59
C GLY G 131 -71.11 -25.94 -4.84
N ASN G 132 -70.54 -26.39 -3.72
CA ASN G 132 -71.22 -27.30 -2.81
C ASN G 132 -71.87 -26.49 -1.70
N PHE G 133 -72.93 -27.03 -1.13
CA PHE G 133 -73.73 -26.24 -0.22
C PHE G 133 -74.18 -26.93 1.02
N ILE G 134 -74.53 -26.11 2.00
CA ILE G 134 -75.10 -26.58 3.25
C ILE G 134 -76.42 -25.92 3.63
N GLN G 135 -77.13 -26.60 4.49
CA GLN G 135 -78.48 -26.26 4.86
C GLN G 135 -78.47 -25.84 6.30
N ALA G 136 -79.18 -24.75 6.61
CA ALA G 136 -79.36 -24.33 7.98
C ALA G 136 -80.36 -25.24 8.67
N THR G 137 -80.13 -25.48 9.95
CA THR G 137 -80.98 -26.36 10.77
C THR G 137 -81.33 -25.65 12.08
N PRO G 138 -82.20 -26.26 12.89
CA PRO G 138 -82.47 -25.72 14.22
C PRO G 138 -81.25 -25.47 15.09
N ASP G 139 -80.27 -26.39 15.06
CA ASP G 139 -79.04 -26.22 15.87
C ASP G 139 -78.14 -25.11 15.29
N THR G 140 -78.21 -24.88 13.99
CA THR G 140 -77.40 -23.84 13.32
C THR G 140 -78.31 -23.06 12.39
N PRO G 141 -79.06 -22.11 12.97
CA PRO G 141 -80.21 -21.55 12.30
C PRO G 141 -79.89 -20.28 11.56
N PHE G 142 -78.66 -19.80 11.63
CA PHE G 142 -78.28 -18.66 10.76
C PHE G 142 -76.99 -18.91 10.01
N LEU G 143 -76.88 -18.26 8.85
CA LEU G 143 -75.73 -18.41 7.97
C LEU G 143 -75.31 -17.05 7.47
N GLN G 144 -74.02 -16.88 7.23
CA GLN G 144 -73.49 -15.59 6.81
C GLN G 144 -72.68 -15.68 5.56
N LEU G 145 -72.61 -14.58 4.84
CA LEU G 145 -71.69 -14.47 3.73
C LEU G 145 -70.91 -13.20 3.88
N GLY G 146 -69.77 -13.16 3.23
CA GLY G 146 -68.97 -11.97 3.18
C GLY G 146 -68.17 -11.79 4.42
N GLU G 147 -68.06 -10.54 4.81
CA GLU G 147 -67.25 -10.08 5.91
C GLU G 147 -68.10 -10.20 7.21
N SER G 148 -68.08 -11.40 7.79
CA SER G 148 -69.07 -11.77 8.80
C SER G 148 -68.56 -12.00 10.24
N LYS G 149 -67.26 -12.03 10.45
CA LYS G 149 -66.76 -12.31 11.79
C LYS G 149 -67.15 -11.19 12.77
N TYR G 150 -67.19 -9.97 12.29
CA TYR G 150 -67.39 -8.82 13.17
C TYR G 150 -68.73 -8.90 13.88
N GLY G 151 -69.75 -9.33 13.13
CA GLY G 151 -71.10 -9.35 13.64
C GLY G 151 -71.59 -10.74 14.01
N LYS G 152 -70.68 -11.70 14.06
CA LYS G 152 -71.07 -13.05 14.44
C LYS G 152 -71.40 -13.20 15.93
N PRO G 153 -70.58 -12.59 16.81
CA PRO G 153 -70.82 -12.87 18.23
C PRO G 153 -72.22 -12.55 18.71
N ILE G 154 -72.77 -11.41 18.31
CA ILE G 154 -74.10 -11.07 18.77
C ILE G 154 -75.16 -12.10 18.32
N LEU G 155 -74.97 -12.70 17.15
CA LEU G 155 -75.88 -13.74 16.69
C LEU G 155 -75.68 -15.04 17.46
N ASP G 156 -74.44 -15.43 17.65
CA ASP G 156 -74.12 -16.63 18.42
C ASP G 156 -74.74 -16.53 19.78
N ARG G 157 -74.63 -15.37 20.40
CA ARG G 157 -75.11 -15.18 21.78
C ARG G 157 -76.60 -15.25 21.95
N ASN G 158 -77.35 -14.68 21.01
CA ASN G 158 -78.78 -14.45 21.23
C ASN G 158 -79.73 -15.23 20.34
N LEU G 159 -79.28 -15.58 19.16
CA LEU G 159 -80.19 -16.15 18.21
C LEU G 159 -80.35 -17.65 18.42
N THR G 160 -81.57 -18.13 18.31
CA THR G 160 -81.84 -19.58 18.30
C THR G 160 -83.02 -19.83 17.36
N PHE G 161 -83.30 -21.10 17.06
CA PHE G 161 -84.40 -21.46 16.16
C PHE G 161 -85.75 -20.87 16.57
N ASP G 162 -85.97 -20.79 17.88
CA ASP G 162 -87.21 -20.24 18.43
C ASP G 162 -87.30 -18.71 18.54
N THR G 163 -86.21 -17.97 18.25
CA THR G 163 -86.26 -16.51 18.30
C THR G 163 -87.34 -16.04 17.35
N PRO G 164 -88.26 -15.17 17.80
CA PRO G 164 -89.29 -14.63 16.89
C PRO G 164 -88.68 -13.73 15.82
N LEU G 165 -89.40 -13.53 14.73
CA LEU G 165 -88.83 -12.83 13.58
C LEU G 165 -88.46 -11.38 13.91
N GLU G 166 -89.38 -10.61 14.52
CA GLU G 166 -89.09 -9.20 14.88
C GLU G 166 -87.74 -9.13 15.66
N GLN G 167 -87.49 -10.06 16.58
CA GLN G 167 -86.28 -10.00 17.39
C GLN G 167 -85.07 -10.42 16.63
N ALA G 168 -85.25 -11.38 15.74
CA ALA G 168 -84.13 -11.83 14.91
C ALA G 168 -83.67 -10.71 14.01
N LEU G 169 -84.63 -10.00 13.43
CA LEU G 169 -84.32 -8.88 12.58
C LEU G 169 -83.54 -7.79 13.31
N ARG G 170 -84.00 -7.49 14.51
CA ARG G 170 -83.34 -6.55 15.37
C ARG G 170 -81.92 -7.00 15.60
N CYS G 171 -81.78 -8.28 15.86
CA CYS G 171 -80.49 -8.84 16.16
C CYS G 171 -79.54 -8.67 14.96
N ALA G 172 -80.05 -8.98 13.79
CA ALA G 172 -79.32 -8.77 12.55
C ALA G 172 -78.85 -7.34 12.41
N LEU G 173 -79.74 -6.38 12.72
CA LEU G 173 -79.38 -4.98 12.59
C LEU G 173 -78.21 -4.61 13.49
N VAL G 174 -78.17 -5.15 14.69
CA VAL G 174 -77.06 -4.88 15.59
C VAL G 174 -75.78 -5.49 15.03
N SER G 175 -75.91 -6.67 14.45
CA SER G 175 -74.82 -7.28 13.75
C SER G 175 -74.22 -6.30 12.72
N PHE G 176 -75.09 -5.66 11.94
CA PHE G 176 -74.61 -4.77 10.87
C PHE G 176 -73.99 -3.52 11.45
N ASP G 177 -74.55 -3.07 12.56
CA ASP G 177 -74.02 -1.90 13.25
C ASP G 177 -72.52 -2.10 13.55
N SER G 178 -72.21 -3.17 14.25
CA SER G 178 -70.84 -3.42 14.62
C SER G 178 -69.96 -3.57 13.39
N THR G 179 -70.49 -4.28 12.41
CA THR G 179 -69.71 -4.60 11.22
C THR G 179 -69.33 -3.29 10.48
N ILE G 180 -70.34 -2.44 10.26
CA ILE G 180 -70.13 -1.18 9.59
C ILE G 180 -69.11 -0.28 10.28
N ARG G 181 -69.10 -0.28 11.60
CA ARG G 181 -68.15 0.53 12.36
C ARG G 181 -66.74 0.06 12.23
N SER G 182 -66.57 -1.24 12.04
CA SER G 182 -65.25 -1.82 12.15
C SER G 182 -64.62 -2.21 10.82
N ASN G 183 -65.38 -2.12 9.74
CA ASN G 183 -64.90 -2.57 8.44
C ASN G 183 -65.55 -1.77 7.33
N LEU G 184 -64.73 -0.97 6.63
CA LEU G 184 -65.25 -0.09 5.60
C LEU G 184 -65.78 -0.78 4.36
N SER G 185 -65.46 -2.04 4.16
CA SER G 185 -65.88 -2.72 2.95
C SER G 185 -67.39 -3.01 3.05
N VAL G 186 -67.95 -2.90 4.25
CA VAL G 186 -69.37 -3.09 4.46
C VAL G 186 -70.06 -1.76 4.72
N GLY G 187 -71.26 -1.59 4.17
CA GLY G 187 -71.86 -0.27 4.07
C GLY G 187 -73.31 -0.20 3.63
N PRO G 189 -76.76 1.49 1.75
CA PRO G 189 -77.99 1.00 2.32
C PRO G 189 -78.01 -0.49 2.54
N LEU G 190 -78.88 -0.92 3.45
CA LEU G 190 -79.14 -2.33 3.68
C LEU G 190 -80.46 -2.69 3.07
N ASP G 191 -80.64 -3.97 2.77
CA ASP G 191 -81.86 -4.48 2.23
C ASP G 191 -82.33 -5.64 3.10
N LEU G 192 -83.57 -5.57 3.59
CA LEU G 192 -84.12 -6.57 4.50
C LEU G 192 -85.34 -7.21 3.92
N LEU G 193 -85.61 -8.44 4.34
CA LEU G 193 -86.82 -9.11 3.95
C LEU G 193 -87.17 -10.12 5.00
N VAL G 194 -88.41 -10.04 5.45
CA VAL G 194 -88.93 -10.97 6.42
C VAL G 194 -90.05 -11.80 5.77
N TYR G 195 -90.02 -13.12 5.95
CA TYR G 195 -91.03 -14.00 5.35
C TYR G 195 -91.67 -14.86 6.41
N HIS G 196 -92.99 -14.91 6.44
CA HIS G 196 -93.72 -15.66 7.45
C HIS G 196 -94.02 -17.09 6.99
N ARG G 197 -93.70 -18.07 7.84
CA ARG G 197 -93.86 -19.48 7.49
C ARG G 197 -95.27 -19.72 7.01
N ASP G 198 -95.41 -20.38 5.87
CA ASP G 198 -96.69 -20.79 5.26
C ASP G 198 -97.51 -19.65 4.67
N SER G 199 -97.03 -18.43 4.69
CA SER G 199 -97.77 -17.30 4.11
C SER G 199 -97.84 -17.43 2.58
N LEU G 200 -96.77 -17.95 1.97
CA LEU G 200 -96.63 -18.04 0.51
C LEU G 200 -96.93 -16.75 -0.26
N ILE G 201 -96.56 -15.61 0.32
CA ILE G 201 -96.67 -14.30 -0.35
C ILE G 201 -95.26 -13.77 -0.61
N LEU G 202 -95.13 -12.80 -1.51
CA LEU G 202 -93.84 -12.16 -1.76
C LEU G 202 -93.78 -10.86 -0.99
N PRO G 203 -93.13 -10.85 0.18
CA PRO G 203 -93.03 -9.59 0.91
C PRO G 203 -92.29 -8.53 0.12
N GLU G 204 -92.62 -7.27 0.33
CA GLU G 204 -91.98 -6.23 -0.46
C GLU G 204 -90.55 -6.02 0.01
N GLY G 205 -90.29 -6.30 1.27
CA GLY G 205 -88.95 -6.09 1.80
C GLY G 205 -88.78 -4.61 2.10
N TYR G 206 -87.63 -4.21 2.61
CA TYR G 206 -87.43 -2.84 3.05
C TYR G 206 -85.96 -2.43 2.98
N ARG G 207 -85.72 -1.18 2.61
CA ARG G 207 -84.36 -0.70 2.50
C ARG G 207 -84.03 0.31 3.60
N VAL G 208 -82.92 0.05 4.28
CA VAL G 208 -82.49 0.91 5.34
C VAL G 208 -81.45 1.85 4.83
N THR G 209 -81.78 3.15 4.76
CA THR G 209 -80.77 4.14 4.35
C THR G 209 -80.06 4.80 5.54
N GLU G 210 -78.98 5.47 5.22
CA GLU G 210 -78.29 6.41 6.10
C GLU G 210 -79.24 7.18 7.02
N ASP G 211 -80.37 7.61 6.49
CA ASP G 211 -81.28 8.48 7.22
C ASP G 211 -82.26 7.77 8.13
N ASP G 212 -82.31 6.44 8.07
CA ASP G 212 -83.41 5.74 8.68
C ASP G 212 -83.54 6.13 10.14
N ALA G 213 -84.73 6.59 10.55
CA ALA G 213 -84.94 7.00 11.92
C ALA G 213 -84.71 5.84 12.91
N TYR G 214 -85.33 4.71 12.63
CA TYR G 214 -85.27 3.60 13.56
C TYR G 214 -83.86 3.09 13.73
N PHE G 215 -83.20 2.83 12.61
CA PHE G 215 -81.85 2.25 12.67
C PHE G 215 -80.89 3.25 13.30
N SER G 216 -81.03 4.55 13.02
CA SER G 216 -80.21 5.56 13.70
C SER G 216 -80.39 5.50 15.21
N ALA G 217 -81.65 5.34 15.63
CA ALA G 217 -81.97 5.32 17.04
C ALA G 217 -81.36 4.12 17.75
N ILE G 218 -81.52 2.92 17.20
CA ILE G 218 -81.06 1.76 17.95
C ILE G 218 -79.54 1.72 17.97
N ARG G 219 -78.90 2.31 16.98
CA ARG G 219 -77.45 2.46 17.03
C ARG G 219 -76.97 3.39 18.17
N ARG G 220 -77.62 4.54 18.29
CA ARG G 220 -77.33 5.45 19.35
C ARG G 220 -77.54 4.79 20.70
N GLN G 221 -78.62 4.03 20.84
CA GLN G 221 -78.98 3.41 22.11
C GLN G 221 -77.95 2.36 22.45
N TRP G 222 -77.66 1.51 21.46
CA TRP G 222 -76.74 0.41 21.66
C TRP G 222 -75.38 0.93 22.08
N SER G 223 -74.93 2.05 21.51
CA SER G 223 -73.66 2.66 21.95
C SER G 223 -73.67 3.09 23.38
N ALA G 224 -74.68 3.88 23.74
CA ALA G 224 -74.85 4.34 25.10
C ALA G 224 -74.88 3.15 26.05
N GLY G 225 -75.59 2.09 25.67
CA GLY G 225 -75.74 0.94 26.54
C GLY G 225 -74.40 0.31 26.83
N LEU G 226 -73.68 -0.03 25.77
CA LEU G 226 -72.34 -0.63 25.88
C LEU G 226 -71.38 0.20 26.70
N HIS G 227 -71.41 1.50 26.47
CA HIS G 227 -70.54 2.40 27.20
C HIS G 227 -70.85 2.35 28.71
N ASP G 228 -72.14 2.37 29.03
CA ASP G 228 -72.63 2.28 30.42
C ASP G 228 -72.14 1.01 31.10
N LEU G 230 -69.89 -1.00 30.49
CA LEU G 230 -68.46 -1.07 30.61
C LEU G 230 -67.96 -0.32 31.80
N GLU G 231 -68.53 0.84 32.08
CA GLU G 231 -68.08 1.68 33.21
C GLU G 231 -68.55 1.13 34.53
N ARG G 232 -69.68 0.43 34.50
CA ARG G 232 -70.27 -0.16 35.70
C ARG G 232 -69.83 -1.60 35.99
N LEU G 233 -69.02 -2.19 35.11
CA LEU G 233 -68.29 -3.43 35.43
C LEU G 233 -67.28 -3.21 36.56
N PRO G 234 -67.07 -4.23 37.41
CA PRO G 234 -66.10 -4.10 38.49
C PRO G 234 -64.63 -4.04 38.05
N SER G 235 -63.78 -3.57 38.95
CA SER G 235 -62.34 -3.56 38.72
C SER G 235 -61.70 -4.93 38.99
N PRO G 236 -60.64 -5.26 38.26
CA PRO G 236 -59.88 -6.49 38.51
C PRO G 236 -59.28 -6.47 39.90
N PRO G 237 -59.25 -7.63 40.60
CA PRO G 237 -58.66 -7.71 41.95
C PRO G 237 -57.18 -7.33 42.01
N SER G 238 -56.60 -7.31 43.23
CA SER G 238 -55.16 -7.04 43.41
C SER G 238 -54.35 -7.94 42.49
N ALA G 239 -54.59 -9.25 42.65
CA ALA G 239 -53.90 -10.29 41.90
C ALA G 239 -53.48 -9.90 40.46
N TYR G 240 -54.35 -9.24 39.70
CA TYR G 240 -54.11 -9.02 38.26
C TYR G 240 -52.95 -8.06 37.82
N ASN G 241 -52.12 -7.54 38.74
CA ASN G 241 -51.10 -6.50 38.33
C ASN G 241 -49.60 -6.82 38.47
N THR H 1 -55.57 -18.28 18.44
CA THR H 1 -54.55 -17.20 18.42
C THR H 1 -55.20 -15.85 18.23
N TYR H 2 -55.20 -15.05 19.28
CA TYR H 2 -55.68 -13.68 19.19
C TYR H 2 -54.89 -12.87 20.20
N CYS H 3 -54.25 -11.79 19.76
CA CYS H 3 -53.46 -10.94 20.66
C CYS H 3 -53.88 -9.49 20.48
N VAL H 4 -53.86 -8.73 21.57
CA VAL H 4 -54.14 -7.31 21.55
C VAL H 4 -53.10 -6.60 22.38
N ALA H 5 -52.75 -5.40 21.95
CA ALA H 5 -51.88 -4.54 22.72
C ALA H 5 -52.35 -3.12 22.55
N HIS H 7 -51.49 1.06 23.60
CA HIS H 7 -50.57 2.07 24.09
C HIS H 7 -51.38 3.31 24.39
N LEU H 8 -51.49 3.58 25.68
CA LEU H 8 -52.36 4.61 26.24
C LEU H 8 -51.57 5.64 27.02
N ALA H 9 -52.25 6.72 27.37
CA ALA H 9 -51.63 7.79 28.07
C ALA H 9 -50.89 7.27 29.29
N ASP H 10 -51.53 6.37 30.05
CA ASP H 10 -50.94 5.90 31.32
C ASP H 10 -50.02 4.69 31.21
N GLY H 11 -49.90 4.10 30.04
CA GLY H 11 -48.94 3.01 29.85
C GLY H 11 -49.37 2.04 28.78
N LEU H 12 -49.07 0.75 29.01
CA LEU H 12 -49.32 -0.28 28.03
C LEU H 12 -50.12 -1.40 28.65
N VAL H 13 -50.95 -2.04 27.84
CA VAL H 13 -51.71 -3.20 28.25
C VAL H 13 -51.59 -4.25 27.16
N PHE H 14 -51.25 -5.48 27.55
CA PHE H 14 -51.06 -6.56 26.61
C PHE H 14 -51.93 -7.74 26.99
N ALA H 15 -52.50 -8.44 26.01
CA ALA H 15 -53.27 -9.63 26.29
C ALA H 15 -53.21 -10.59 25.14
N SER H 16 -52.96 -11.87 25.44
CA SER H 16 -52.91 -12.91 24.42
C SER H 16 -53.66 -14.15 24.85
N ASP H 17 -54.23 -14.91 23.89
CA ASP H 17 -54.73 -16.24 24.21
C ASP H 17 -53.56 -17.20 24.14
N SER H 18 -53.86 -18.50 24.08
CA SER H 18 -52.82 -19.53 24.13
C SER H 18 -53.09 -20.70 23.22
N ARG H 19 -54.26 -20.74 22.62
CA ARG H 19 -54.61 -21.89 21.81
C ARG H 19 -53.87 -21.81 20.49
N THR H 20 -53.29 -22.92 20.10
CA THR H 20 -52.31 -22.91 19.06
C THR H 20 -52.50 -24.13 18.18
N ASN H 21 -52.49 -23.90 16.87
CA ASN H 21 -52.51 -24.99 15.93
C ASN H 21 -51.09 -25.51 15.74
N ALA H 22 -50.80 -26.69 16.25
CA ALA H 22 -49.45 -27.21 16.25
C ALA H 22 -49.38 -28.43 15.36
N GLY H 23 -50.19 -28.48 14.31
CA GLY H 23 -50.22 -29.67 13.46
C GLY H 23 -51.62 -30.19 13.41
N ILE H 24 -51.81 -31.25 12.65
CA ILE H 24 -53.16 -31.81 12.46
C ILE H 24 -53.49 -32.62 13.70
N ASP H 25 -54.71 -32.45 14.20
CA ASP H 25 -55.18 -33.15 15.39
C ASP H 25 -54.25 -32.89 16.57
N HIS H 26 -53.54 -31.76 16.56
CA HIS H 26 -52.68 -31.42 17.68
C HIS H 26 -52.86 -29.94 17.93
N ILE H 27 -53.94 -29.62 18.63
CA ILE H 27 -54.16 -28.26 19.08
C ILE H 27 -53.73 -28.17 20.53
N ALA H 28 -53.03 -27.12 20.88
CA ALA H 28 -52.32 -27.11 22.14
C ALA H 28 -52.16 -25.73 22.70
N THR H 29 -51.75 -25.70 23.95
CA THR H 29 -51.52 -24.47 24.65
C THR H 29 -50.05 -24.04 24.52
N PHE H 30 -49.83 -22.82 24.05
CA PHE H 30 -48.50 -22.20 24.05
C PHE H 30 -48.60 -20.72 24.40
N ARG H 31 -47.74 -20.27 25.30
CA ARG H 31 -47.71 -18.87 25.72
C ARG H 31 -47.42 -18.03 24.52
N LYS H 32 -48.13 -16.91 24.38
CA LYS H 32 -47.90 -16.00 23.23
C LYS H 32 -47.54 -14.59 23.67
N LEU H 33 -47.03 -14.47 24.89
CA LEU H 33 -46.68 -13.18 25.45
C LEU H 33 -45.43 -13.40 26.27
N PHE H 34 -44.35 -12.75 25.89
CA PHE H 34 -43.07 -12.92 26.50
C PHE H 34 -42.53 -11.57 26.97
N THR H 35 -41.89 -11.54 28.13
CA THR H 35 -41.34 -10.30 28.68
C THR H 35 -39.82 -10.35 28.75
N PHE H 36 -39.19 -9.20 28.68
CA PHE H 36 -37.75 -9.10 28.79
C PHE H 36 -37.45 -7.81 29.50
N GLY H 37 -36.30 -7.73 30.15
CA GLY H 37 -35.86 -6.43 30.67
C GLY H 37 -34.91 -6.47 31.83
N THR H 38 -34.44 -5.29 32.23
CA THR H 38 -33.65 -5.11 33.45
C THR H 38 -34.39 -4.08 34.31
N PRO H 39 -34.72 -4.43 35.59
CA PRO H 39 -35.49 -3.51 36.45
C PRO H 39 -34.83 -2.14 36.63
N GLY H 40 -35.65 -1.08 36.53
CA GLY H 40 -35.16 0.29 36.62
C GLY H 40 -34.59 0.85 35.33
N GLU H 41 -34.48 0.03 34.30
CA GLU H 41 -33.88 0.42 33.02
C GLU H 41 -34.83 0.13 31.82
N ARG H 42 -35.40 -1.06 31.70
CA ARG H 42 -36.28 -1.32 30.56
C ARG H 42 -37.24 -2.50 30.72
N LEU H 43 -38.38 -2.38 30.07
CA LEU H 43 -39.33 -3.47 29.92
C LEU H 43 -39.68 -3.63 28.43
N LEU H 44 -39.59 -4.85 27.91
CA LEU H 44 -40.05 -5.11 26.55
C LEU H 44 -40.93 -6.33 26.54
N VAL H 45 -42.02 -6.26 25.81
CA VAL H 45 -42.94 -7.38 25.67
C VAL H 45 -43.06 -7.76 24.21
N VAL H 46 -42.99 -9.05 23.93
CA VAL H 46 -43.19 -9.56 22.59
C VAL H 46 -44.37 -10.50 22.56
N GLN H 47 -45.31 -10.25 21.66
CA GLN H 47 -46.41 -11.19 21.44
C GLN H 47 -46.27 -11.82 20.08
N THR H 48 -46.78 -13.03 19.94
CA THR H 48 -46.60 -13.82 18.72
C THR H 48 -47.93 -14.30 18.15
N ALA H 49 -47.96 -14.45 16.85
CA ALA H 49 -49.09 -15.04 16.16
C ALA H 49 -48.59 -15.62 14.85
N GLY H 50 -49.24 -16.65 14.35
CA GLY H 50 -48.81 -17.29 13.11
C GLY H 50 -48.12 -18.60 13.35
N ASN H 51 -47.21 -18.98 12.47
CA ASN H 51 -46.57 -20.31 12.53
C ASN H 51 -45.79 -20.54 13.80
N LEU H 52 -46.12 -21.63 14.50
CA LEU H 52 -45.54 -21.95 15.80
C LEU H 52 -44.05 -22.14 15.70
N ALA H 53 -43.62 -22.98 14.76
CA ALA H 53 -42.18 -23.25 14.58
C ALA H 53 -41.35 -22.01 14.36
N THR H 54 -41.86 -21.12 13.52
CA THR H 54 -41.15 -19.91 13.23
C THR H 54 -41.12 -19.05 14.47
N SER H 55 -42.26 -18.81 15.08
CA SER H 55 -42.25 -17.86 16.17
C SER H 55 -41.43 -18.37 17.32
N GLN H 56 -41.46 -19.67 17.52
CA GLN H 56 -40.69 -20.25 18.60
C GLN H 56 -39.23 -20.08 18.38
N SER H 57 -38.80 -20.34 17.16
CA SER H 57 -37.41 -20.10 16.81
C SER H 57 -36.97 -18.63 17.00
N VAL H 58 -37.82 -17.69 16.62
CA VAL H 58 -37.49 -16.32 16.84
C VAL H 58 -37.29 -16.03 18.33
N ILE H 59 -38.25 -16.43 19.14
CA ILE H 59 -38.21 -16.12 20.56
C ILE H 59 -37.02 -16.77 21.21
N ASN H 60 -36.77 -18.01 20.82
CA ASN H 60 -35.65 -18.76 21.34
C ASN H 60 -34.32 -18.11 21.04
N LEU H 61 -34.14 -17.59 19.83
CA LEU H 61 -32.90 -16.89 19.48
C LEU H 61 -32.75 -15.56 20.22
N LEU H 62 -33.84 -14.82 20.38
CA LEU H 62 -33.79 -13.61 21.19
C LEU H 62 -33.38 -13.87 22.63
N GLN H 63 -33.87 -14.97 23.21
CA GLN H 63 -33.45 -15.34 24.56
C GLN H 63 -31.98 -15.73 24.62
N GLN H 64 -31.54 -16.64 23.75
CA GLN H 64 -30.13 -17.06 23.74
C GLN H 64 -29.19 -15.86 23.60
N ARG H 65 -29.54 -14.94 22.70
CA ARG H 65 -28.68 -13.80 22.40
C ARG H 65 -28.63 -12.72 23.47
N ILE H 66 -29.61 -12.71 24.36
CA ILE H 66 -29.64 -11.79 25.49
C ILE H 66 -28.40 -12.00 26.36
N ARG H 67 -28.08 -13.27 26.59
CA ARG H 67 -26.87 -13.70 27.29
C ARG H 67 -25.66 -13.83 26.31
N ARG H 68 -25.35 -12.75 25.56
CA ARG H 68 -24.24 -12.75 24.59
C ARG H 68 -23.86 -11.33 24.15
N ASP H 69 -22.55 -11.08 24.05
CA ASP H 69 -22.00 -9.77 23.69
C ASP H 69 -22.29 -9.43 22.22
N GLY H 70 -23.31 -8.61 21.97
CA GLY H 70 -23.71 -8.22 20.62
C GLY H 70 -25.14 -7.73 20.69
N ALA H 71 -25.72 -7.40 19.54
CA ALA H 71 -27.11 -6.91 19.50
C ALA H 71 -28.09 -7.85 20.21
N SER H 72 -28.87 -7.29 21.13
CA SER H 72 -29.87 -8.07 21.89
C SER H 72 -30.94 -7.16 22.41
N LEU H 73 -32.08 -7.73 22.78
CA LEU H 73 -33.15 -6.94 23.35
C LEU H 73 -32.80 -6.19 24.63
N LEU H 74 -31.66 -6.48 25.27
CA LEU H 74 -31.29 -5.74 26.47
C LEU H 74 -30.38 -4.53 26.27
N ASN H 75 -29.87 -4.30 25.06
CA ASN H 75 -28.85 -3.28 24.87
C ASN H 75 -29.29 -2.28 23.78
N VAL H 76 -30.11 -2.77 22.88
CA VAL H 76 -30.83 -2.00 21.91
C VAL H 76 -31.28 -0.65 22.50
N PRO H 77 -30.99 0.46 21.83
CA PRO H 77 -31.24 1.76 22.44
C PRO H 77 -32.69 2.28 22.46
N SER H 78 -33.62 1.69 21.71
CA SER H 78 -35.01 2.19 21.63
C SER H 78 -35.99 1.09 21.31
N VAL H 79 -37.25 1.30 21.64
CA VAL H 79 -38.28 0.29 21.35
C VAL H 79 -38.37 0.06 19.86
N TYR H 80 -38.21 1.13 19.09
CA TYR H 80 -38.09 1.02 17.64
C TYR H 80 -37.03 -0.01 17.22
N ASP H 81 -35.81 0.19 17.70
CA ASP H 81 -34.71 -0.73 17.39
C ASP H 81 -34.93 -2.17 17.89
N ALA H 82 -35.67 -2.32 18.98
CA ALA H 82 -36.05 -3.63 19.46
C ALA H 82 -36.94 -4.32 18.45
N THR H 83 -37.94 -3.57 17.98
CA THR H 83 -38.86 -4.06 16.95
C THR H 83 -38.10 -4.47 15.72
N ALA H 84 -37.17 -3.63 15.31
CA ALA H 84 -36.33 -3.91 14.14
C ALA H 84 -35.52 -5.17 14.35
N LEU H 85 -35.05 -5.38 15.57
CA LEU H 85 -34.24 -6.54 15.88
C LEU H 85 -35.08 -7.81 15.79
N VAL H 86 -36.29 -7.76 16.31
CA VAL H 86 -37.18 -8.89 16.20
C VAL H 86 -37.37 -9.23 14.74
N ALA H 87 -37.69 -8.22 13.94
CA ALA H 87 -37.89 -8.41 12.50
C ALA H 87 -36.67 -9.00 11.82
N GLU H 88 -35.53 -8.40 12.09
CA GLU H 88 -34.22 -8.90 11.63
C GLU H 88 -34.07 -10.38 11.96
N THR H 89 -34.42 -10.76 13.18
CA THR H 89 -34.31 -12.13 13.61
C THR H 89 -35.28 -13.04 12.83
N THR H 90 -36.50 -12.55 12.63
CA THR H 90 -37.50 -13.31 11.85
C THR H 90 -36.96 -13.63 10.47
N ARG H 91 -36.43 -12.63 9.78
CA ARG H 91 -35.82 -12.82 8.44
C ARG H 91 -34.79 -13.94 8.44
N GLU H 92 -33.94 -13.92 9.46
CA GLU H 92 -32.93 -14.92 9.61
C GLU H 92 -33.52 -16.32 9.70
N VAL H 93 -34.60 -16.46 10.47
CA VAL H 93 -35.22 -17.77 10.67
C VAL H 93 -35.87 -18.29 9.39
N ALA H 95 -35.08 -17.49 6.29
CA ALA H 95 -34.00 -17.86 5.37
C ALA H 95 -33.52 -19.32 5.55
N ARG H 96 -33.33 -19.74 6.80
CA ARG H 96 -32.79 -21.07 7.08
C ARG H 96 -33.78 -22.23 6.78
N ASP H 97 -35.04 -22.07 7.20
CA ASP H 97 -36.08 -23.14 7.10
C ASP H 97 -36.67 -23.30 5.69
N SER H 98 -36.65 -22.21 4.93
CA SER H 98 -37.01 -22.23 3.52
C SER H 98 -36.09 -23.20 2.74
N GLY H 99 -36.71 -23.93 1.81
CA GLY H 99 -36.03 -24.95 0.98
C GLY H 99 -37.08 -25.73 0.21
N ASN H 100 -36.68 -26.74 -0.55
CA ASN H 100 -37.65 -27.62 -1.25
C ASN H 100 -38.53 -28.41 -0.28
N LEU H 101 -37.96 -28.77 0.87
CA LEU H 101 -38.60 -29.65 1.86
C LEU H 101 -39.83 -29.01 2.49
N ALA H 102 -39.73 -27.73 2.85
CA ALA H 102 -40.90 -26.99 3.32
C ALA H 102 -42.00 -27.00 2.23
N GLY H 103 -41.62 -26.78 0.97
CA GLY H 103 -42.56 -26.80 -0.16
C GLY H 103 -43.45 -25.57 -0.15
N ASN H 104 -44.77 -25.77 -0.18
CA ASN H 104 -45.74 -24.65 -0.17
C ASN H 104 -46.32 -24.32 1.21
N THR H 105 -45.91 -25.07 2.23
CA THR H 105 -46.35 -24.80 3.61
C THR H 105 -46.01 -23.35 4.07
N ASP H 106 -46.91 -22.75 4.85
CA ASP H 106 -46.84 -21.30 5.13
C ASP H 106 -46.16 -20.94 6.45
N LEU H 107 -44.90 -20.52 6.37
CA LEU H 107 -44.06 -20.34 7.55
C LEU H 107 -44.09 -18.95 8.17
N SER H 108 -45.03 -18.11 7.76
CA SER H 108 -45.00 -16.72 8.18
C SER H 108 -45.58 -16.56 9.58
N CYS H 109 -45.10 -15.54 10.28
CA CYS H 109 -45.74 -15.12 11.51
C CYS H 109 -45.53 -13.64 11.77
N SER H 110 -46.32 -13.15 12.72
CA SER H 110 -46.39 -11.75 13.04
C SER H 110 -46.14 -11.57 14.52
N PHE H 111 -45.78 -10.37 14.91
CA PHE H 111 -45.40 -10.07 16.27
C PHE H 111 -45.90 -8.69 16.71
N VAL H 113 -44.37 -5.79 19.49
CA VAL H 113 -43.26 -5.47 20.35
C VAL H 113 -43.61 -4.16 20.97
N GLY H 114 -43.68 -4.13 22.29
CA GLY H 114 -43.95 -2.88 23.00
C GLY H 114 -43.22 -2.81 24.31
N GLY H 115 -43.13 -1.62 24.86
CA GLY H 115 -42.47 -1.45 26.14
C GLY H 115 -41.91 -0.08 26.33
N GLN H 116 -40.93 0.04 27.23
CA GLN H 116 -40.30 1.32 27.51
C GLN H 116 -38.86 1.13 27.91
N ILE H 117 -38.00 1.97 27.35
CA ILE H 117 -36.61 2.00 27.70
C ILE H 117 -36.34 3.34 28.37
N ALA H 118 -35.53 3.31 29.43
CA ALA H 118 -35.21 4.51 30.21
C ALA H 118 -34.87 5.66 29.31
N GLY H 119 -35.54 6.79 29.51
CA GLY H 119 -35.17 8.01 28.82
C GLY H 119 -35.97 8.30 27.60
N GLY H 120 -36.94 7.47 27.32
CA GLY H 120 -37.90 7.80 26.27
C GLY H 120 -39.26 7.23 26.60
N PRO H 121 -40.31 7.75 25.97
CA PRO H 121 -41.65 7.29 26.29
C PRO H 121 -41.86 5.83 25.97
N PRO H 122 -42.93 5.24 26.51
CA PRO H 122 -43.32 3.90 26.07
C PRO H 122 -43.82 3.91 24.62
N ALA H 123 -43.69 2.76 23.94
CA ALA H 123 -44.08 2.62 22.56
C ALA H 123 -44.59 1.21 22.26
N LEU H 124 -45.28 1.07 21.13
CA LEU H 124 -45.86 -0.21 20.73
C LEU H 124 -45.86 -0.35 19.22
N TYR H 125 -45.29 -1.43 18.72
CA TYR H 125 -45.24 -1.70 17.30
C TYR H 125 -45.88 -3.04 16.95
N SER H 126 -46.29 -3.18 15.70
CA SER H 126 -46.77 -4.46 15.19
C SER H 126 -45.96 -4.79 13.94
N ILE H 127 -45.40 -5.99 13.89
CA ILE H 127 -44.64 -6.45 12.74
C ILE H 127 -45.51 -7.38 11.89
N TYR H 128 -45.53 -7.13 10.58
CA TYR H 128 -46.37 -7.89 9.70
C TYR H 128 -45.64 -9.11 9.19
N PRO H 129 -46.39 -10.05 8.55
CA PRO H 129 -45.78 -11.26 8.04
C PRO H 129 -44.55 -10.98 7.21
N GLN H 130 -44.56 -9.86 6.48
CA GLN H 130 -43.51 -9.55 5.51
C GLN H 130 -42.34 -8.81 6.14
N GLY H 131 -42.39 -8.48 7.43
CA GLY H 131 -41.22 -7.95 8.16
C GLY H 131 -41.12 -6.45 8.33
N ASN H 132 -42.05 -5.73 7.73
CA ASN H 132 -42.18 -4.29 7.91
C ASN H 132 -43.17 -4.06 9.06
N PHE H 133 -43.02 -2.93 9.73
CA PHE H 133 -43.86 -2.68 10.92
C PHE H 133 -44.41 -1.28 11.09
N ILE H 134 -45.45 -1.21 11.91
CA ILE H 134 -46.10 0.04 12.21
C ILE H 134 -46.17 0.29 13.68
N GLN H 135 -46.34 1.55 14.01
CA GLN H 135 -46.36 2.04 15.37
C GLN H 135 -47.75 2.49 15.74
N ALA H 136 -48.21 2.13 16.92
CA ALA H 136 -49.48 2.64 17.43
C ALA H 136 -49.33 4.07 17.88
N THR H 137 -50.38 4.85 17.67
CA THR H 137 -50.38 6.28 17.99
C THR H 137 -51.63 6.64 18.75
N PRO H 138 -51.72 7.89 19.25
CA PRO H 138 -52.94 8.31 19.92
C PRO H 138 -54.23 8.10 19.12
N ASP H 139 -54.18 8.36 17.82
CA ASP H 139 -55.36 8.17 16.95
C ASP H 139 -55.70 6.68 16.75
N THR H 140 -54.67 5.84 16.78
CA THR H 140 -54.86 4.39 16.59
C THR H 140 -54.05 3.69 17.69
N PRO H 141 -54.64 3.63 18.89
CA PRO H 141 -53.90 3.29 20.08
C PRO H 141 -53.92 1.82 20.41
N PHE H 142 -54.63 1.00 19.65
CA PHE H 142 -54.53 -0.45 19.86
C PHE H 142 -54.26 -1.20 18.57
N LEU H 143 -53.64 -2.36 18.70
CA LEU H 143 -53.27 -3.19 17.57
C LEU H 143 -53.57 -4.64 17.90
N GLN H 144 -53.93 -5.42 16.88
CA GLN H 144 -54.31 -6.80 17.08
C GLN H 144 -53.53 -7.76 16.20
N LEU H 145 -53.39 -9.00 16.64
CA LEU H 145 -52.86 -10.05 15.82
C LEU H 145 -53.78 -11.23 15.90
N GLY H 146 -53.68 -12.07 14.89
CA GLY H 146 -54.46 -13.29 14.86
C GLY H 146 -55.87 -13.07 14.41
N GLU H 147 -56.74 -13.80 15.06
CA GLU H 147 -58.15 -13.85 14.75
C GLU H 147 -58.87 -12.73 15.52
N SER H 148 -58.84 -11.54 14.93
CA SER H 148 -59.17 -10.32 15.65
C SER H 148 -60.45 -9.57 15.25
N LYS H 149 -61.11 -9.99 14.17
CA LYS H 149 -62.31 -9.26 13.74
C LYS H 149 -63.48 -9.39 14.74
N TYR H 150 -63.57 -10.54 15.39
CA TYR H 150 -64.67 -10.81 16.31
C TYR H 150 -64.71 -9.81 17.46
N GLY H 151 -63.53 -9.48 17.98
CA GLY H 151 -63.43 -8.62 19.16
C GLY H 151 -62.98 -7.21 18.86
N LYS H 152 -62.97 -6.83 17.59
CA LYS H 152 -62.60 -5.47 17.22
C LYS H 152 -63.63 -4.41 17.54
N PRO H 153 -64.90 -4.69 17.27
CA PRO H 153 -65.87 -3.65 17.50
C PRO H 153 -65.89 -3.06 18.89
N ILE H 154 -65.86 -3.89 19.92
CA ILE H 154 -65.89 -3.33 21.26
C ILE H 154 -64.69 -2.39 21.53
N LEU H 155 -63.55 -2.65 20.92
CA LEU H 155 -62.38 -1.79 21.08
C LEU H 155 -62.52 -0.53 20.29
N ASP H 156 -62.96 -0.66 19.04
CA ASP H 156 -63.25 0.52 18.26
C ASP H 156 -64.22 1.46 18.97
N ARG H 157 -65.28 0.92 19.54
CA ARG H 157 -66.30 1.75 20.18
C ARG H 157 -65.81 2.49 21.39
N ASN H 158 -65.03 1.84 22.24
CA ASN H 158 -64.79 2.36 23.59
C ASN H 158 -63.39 2.82 23.89
N LEU H 159 -62.42 2.26 23.21
CA LEU H 159 -61.04 2.52 23.56
C LEU H 159 -60.51 3.79 22.90
N THR H 160 -59.77 4.60 23.67
CA THR H 160 -59.07 5.75 23.15
C THR H 160 -57.79 5.93 23.91
N PHE H 161 -56.93 6.81 23.42
CA PHE H 161 -55.62 7.02 24.04
C PHE H 161 -55.71 7.33 25.53
N ASP H 162 -56.75 8.07 25.89
CA ASP H 162 -56.98 8.49 27.27
C ASP H 162 -57.71 7.47 28.18
N THR H 163 -58.17 6.35 27.63
CA THR H 163 -58.78 5.31 28.48
C THR H 163 -57.76 4.87 29.54
N PRO H 164 -58.18 4.78 30.81
CA PRO H 164 -57.24 4.35 31.87
C PRO H 164 -56.94 2.88 31.73
N LEU H 165 -55.85 2.43 32.34
CA LEU H 165 -55.39 1.06 32.15
C LEU H 165 -56.40 0.02 32.63
N GLU H 166 -56.90 0.17 33.87
CA GLU H 166 -57.86 -0.82 34.42
C GLU H 166 -59.05 -0.95 33.45
N GLN H 167 -59.52 0.13 32.83
CA GLN H 167 -60.66 0.05 31.91
C GLN H 167 -60.32 -0.52 30.55
N ALA H 168 -59.12 -0.23 30.07
CA ALA H 168 -58.65 -0.82 28.85
C ALA H 168 -58.53 -2.32 28.99
N LEU H 169 -57.98 -2.76 30.10
CA LEU H 169 -57.84 -4.20 30.35
C LEU H 169 -59.19 -4.88 30.33
N ARG H 170 -60.14 -4.26 31.01
CA ARG H 170 -61.49 -4.76 31.08
C ARG H 170 -62.07 -4.89 29.69
N CYS H 171 -61.82 -3.85 28.91
CA CYS H 171 -62.28 -3.81 27.54
C CYS H 171 -61.68 -4.98 26.72
N ALA H 172 -60.37 -5.17 26.84
CA ALA H 172 -59.70 -6.32 26.24
C ALA H 172 -60.34 -7.64 26.63
N LEU H 173 -60.66 -7.81 27.91
CA LEU H 173 -61.28 -9.05 28.33
C LEU H 173 -62.61 -9.32 27.67
N VAL H 174 -63.40 -8.27 27.47
CA VAL H 174 -64.68 -8.44 26.77
C VAL H 174 -64.45 -8.81 25.30
N SER H 175 -63.44 -8.20 24.70
CA SER H 175 -62.99 -8.58 23.37
C SER H 175 -62.72 -10.09 23.28
N PHE H 176 -62.00 -10.63 24.26
CA PHE H 176 -61.72 -12.06 24.27
C PHE H 176 -62.97 -12.92 24.50
N ASP H 177 -63.87 -12.43 25.35
CA ASP H 177 -65.10 -13.12 25.61
C ASP H 177 -65.82 -13.40 24.29
N SER H 178 -66.09 -12.35 23.52
CA SER H 178 -66.82 -12.51 22.28
C SER H 178 -66.05 -13.44 21.32
N THR H 179 -64.73 -13.26 21.27
CA THR H 179 -63.91 -14.00 20.33
C THR H 179 -63.98 -15.50 20.65
N ILE H 180 -63.78 -15.81 21.91
CA ILE H 180 -63.84 -17.20 22.35
C ILE H 180 -65.17 -17.89 22.06
N ARG H 181 -66.27 -17.15 22.20
CA ARG H 181 -67.57 -17.71 21.95
C ARG H 181 -67.82 -18.00 20.51
N SER H 182 -67.19 -17.22 19.64
CA SER H 182 -67.52 -17.28 18.23
C SER H 182 -66.47 -17.96 17.34
N ASN H 183 -65.33 -18.32 17.91
CA ASN H 183 -64.26 -18.93 17.14
C ASN H 183 -63.43 -19.88 17.99
N LEU H 184 -63.51 -21.17 17.68
CA LEU H 184 -62.79 -22.17 18.46
C LEU H 184 -61.28 -22.13 18.40
N SER H 185 -60.72 -21.45 17.42
CA SER H 185 -59.27 -21.46 17.27
C SER H 185 -58.66 -20.61 18.39
N VAL H 186 -59.50 -19.82 19.06
CA VAL H 186 -59.07 -18.97 20.14
C VAL H 186 -59.57 -19.54 21.45
N GLY H 187 -58.73 -19.47 22.48
CA GLY H 187 -58.97 -20.25 23.68
C GLY H 187 -58.06 -19.96 24.86
N PRO H 189 -55.94 -20.81 28.45
CA PRO H 189 -55.74 -19.63 29.26
C PRO H 189 -55.33 -18.41 28.49
N LEU H 190 -55.58 -17.24 29.07
CA LEU H 190 -55.08 -15.98 28.57
C LEU H 190 -53.93 -15.52 29.42
N ASP H 191 -53.09 -14.68 28.84
CA ASP H 191 -51.95 -14.10 29.54
C ASP H 191 -52.01 -12.58 29.39
N LEU H 192 -51.97 -11.87 30.51
CA LEU H 192 -52.13 -10.42 30.52
C LEU H 192 -50.91 -9.81 31.11
N LEU H 193 -50.66 -8.58 30.71
CA LEU H 193 -49.65 -7.78 31.37
C LEU H 193 -50.00 -6.31 31.27
N VAL H 194 -49.93 -5.62 32.39
CA VAL H 194 -50.17 -4.18 32.45
C VAL H 194 -48.89 -3.50 32.87
N TYR H 195 -48.50 -2.45 32.17
CA TYR H 195 -47.27 -1.71 32.49
C TYR H 195 -47.57 -0.24 32.66
N HIS H 196 -47.08 0.34 33.75
CA HIS H 196 -47.35 1.75 34.05
C HIS H 196 -46.26 2.66 33.49
N ARG H 197 -46.67 3.71 32.77
CA ARG H 197 -45.74 4.64 32.12
C ARG H 197 -44.72 5.13 33.12
N ASP H 198 -43.44 5.05 32.75
CA ASP H 198 -42.30 5.51 33.57
C ASP H 198 -41.98 4.67 34.81
N SER H 199 -42.70 3.58 35.07
CA SER H 199 -42.39 2.73 36.21
C SER H 199 -41.05 2.00 36.04
N LEU H 200 -40.72 1.64 34.82
CA LEU H 200 -39.52 0.86 34.51
C LEU H 200 -39.31 -0.38 35.39
N ILE H 201 -40.40 -1.05 35.74
CA ILE H 201 -40.36 -2.34 36.46
C ILE H 201 -40.92 -3.45 35.56
N LEU H 202 -40.61 -4.72 35.86
CA LEU H 202 -41.09 -5.82 35.07
C LEU H 202 -42.27 -6.38 35.80
N PRO H 203 -43.50 -6.03 35.39
CA PRO H 203 -44.66 -6.61 36.04
C PRO H 203 -44.70 -8.11 35.89
N GLU H 204 -45.29 -8.81 36.86
CA GLU H 204 -45.28 -10.25 36.78
C GLU H 204 -46.26 -10.72 35.74
N GLY H 205 -47.29 -9.94 35.48
CA GLY H 205 -48.31 -10.35 34.53
C GLY H 205 -49.19 -11.38 35.21
N TYR H 206 -50.23 -11.84 34.53
CA TYR H 206 -51.23 -12.66 35.16
C TYR H 206 -51.85 -13.60 34.15
N ARG H 207 -52.13 -14.82 34.57
CA ARG H 207 -52.78 -15.78 33.71
C ARG H 207 -54.23 -16.05 34.08
N VAL H 208 -55.11 -15.93 33.08
CA VAL H 208 -56.52 -16.12 33.31
C VAL H 208 -56.91 -17.51 32.88
N THR H 209 -57.24 -18.36 33.84
CA THR H 209 -57.69 -19.69 33.49
C THR H 209 -59.19 -19.79 33.37
N GLU H 210 -59.63 -20.90 32.79
CA GLU H 210 -61.00 -21.39 32.86
C GLU H 210 -61.73 -21.06 34.18
N ASP H 211 -61.03 -21.23 35.29
CA ASP H 211 -61.65 -21.10 36.62
C ASP H 211 -61.72 -19.69 37.17
N ASP H 212 -61.09 -18.74 36.50
CA ASP H 212 -60.91 -17.42 37.08
C ASP H 212 -62.24 -16.84 37.55
N ALA H 213 -62.29 -16.46 38.83
CA ALA H 213 -63.53 -15.93 39.41
C ALA H 213 -63.94 -14.64 38.71
N TYR H 214 -63.00 -13.71 38.57
CA TYR H 214 -63.32 -12.39 38.02
C TYR H 214 -63.77 -12.48 36.58
N PHE H 215 -63.01 -13.17 35.74
CA PHE H 215 -63.37 -13.29 34.37
C PHE H 215 -64.69 -14.03 34.21
N SER H 216 -64.93 -15.07 34.99
CA SER H 216 -66.21 -15.77 34.89
C SER H 216 -67.35 -14.80 35.15
N ALA H 217 -67.14 -13.93 36.13
CA ALA H 217 -68.18 -13.01 36.61
C ALA H 217 -68.51 -11.96 35.58
N ILE H 218 -67.50 -11.34 35.01
CA ILE H 218 -67.79 -10.31 34.03
C ILE H 218 -68.39 -10.89 32.74
N ARG H 219 -68.08 -12.13 32.41
CA ARG H 219 -68.75 -12.77 31.29
C ARG H 219 -70.25 -12.96 31.56
N ARG H 220 -70.58 -13.47 32.75
CA ARG H 220 -71.97 -13.68 33.16
C ARG H 220 -72.73 -12.36 33.17
N GLN H 221 -72.09 -11.31 33.66
CA GLN H 221 -72.69 -9.96 33.72
C GLN H 221 -72.90 -9.35 32.35
N TRP H 222 -71.85 -9.41 31.53
CA TRP H 222 -71.94 -8.95 30.19
C TRP H 222 -73.09 -9.64 29.43
N SER H 223 -73.28 -10.93 29.63
CA SER H 223 -74.37 -11.63 28.93
C SER H 223 -75.71 -11.07 29.33
N ALA H 224 -75.92 -10.98 30.64
CA ALA H 224 -77.15 -10.48 31.21
C ALA H 224 -77.41 -9.06 30.73
N GLY H 225 -76.35 -8.26 30.66
CA GLY H 225 -76.46 -6.89 30.19
C GLY H 225 -76.96 -6.82 28.76
N LEU H 226 -76.27 -7.50 27.86
CA LEU H 226 -76.64 -7.56 26.45
C LEU H 226 -78.07 -8.03 26.26
N HIS H 227 -78.46 -9.05 26.99
CA HIS H 227 -79.77 -9.63 26.85
C HIS H 227 -80.82 -8.58 27.25
N ASP H 228 -80.57 -7.86 28.34
CA ASP H 228 -81.43 -6.77 28.81
C ASP H 228 -81.61 -5.69 27.77
N LEU H 230 -81.12 -5.62 24.71
CA LEU H 230 -81.76 -6.09 23.51
C LEU H 230 -83.29 -6.10 23.64
N GLU H 231 -83.79 -6.49 24.81
CA GLU H 231 -85.24 -6.59 25.01
C GLU H 231 -85.85 -5.21 25.21
N ARG H 232 -85.04 -4.29 25.72
CA ARG H 232 -85.49 -2.93 25.97
C ARG H 232 -85.22 -1.91 24.82
N LEU H 233 -84.61 -2.36 23.73
CA LEU H 233 -84.62 -1.65 22.44
C LEU H 233 -85.99 -1.61 21.83
N PRO H 234 -86.28 -0.54 21.10
CA PRO H 234 -87.63 -0.40 20.57
C PRO H 234 -87.91 -1.36 19.40
N SER H 235 -89.19 -1.56 19.10
CA SER H 235 -89.61 -2.29 17.92
C SER H 235 -89.50 -1.47 16.64
N PRO H 236 -89.23 -2.13 15.51
CA PRO H 236 -89.21 -1.43 14.22
C PRO H 236 -90.58 -0.84 13.91
N PRO H 237 -90.63 0.37 13.32
CA PRO H 237 -91.91 0.97 12.93
C PRO H 237 -92.78 0.13 11.97
N SER H 238 -94.00 0.61 11.66
CA SER H 238 -94.85 -0.03 10.63
C SER H 238 -94.07 -0.27 9.34
N ALA H 239 -93.52 0.83 8.81
CA ALA H 239 -92.73 0.84 7.57
C ALA H 239 -91.92 -0.46 7.29
N TYR H 240 -91.25 -1.02 8.28
CA TYR H 240 -90.32 -2.14 8.05
C TYR H 240 -90.88 -3.51 7.59
N ASN H 241 -92.18 -3.65 7.31
CA ASN H 241 -92.70 -5.00 6.99
C ASN H 241 -93.29 -5.22 5.60
N THR I 1 -59.08 10.74 -23.06
CA THR I 1 -60.04 9.64 -23.07
C THR I 1 -60.85 9.69 -21.78
N TYR I 2 -62.11 10.05 -21.89
CA TYR I 2 -63.04 9.93 -20.78
C TYR I 2 -64.42 9.63 -21.35
N CYS I 3 -65.08 8.59 -20.88
CA CYS I 3 -66.41 8.25 -21.38
C CYS I 3 -67.34 8.03 -20.19
N VAL I 4 -68.60 8.39 -20.36
CA VAL I 4 -69.62 8.16 -19.37
C VAL I 4 -70.83 7.60 -20.07
N ALA I 5 -71.54 6.76 -19.36
CA ALA I 5 -72.84 6.28 -19.83
C ALA I 5 -73.75 6.15 -18.63
N HIS I 7 -77.73 4.80 -17.33
CA HIS I 7 -78.96 4.09 -17.58
C HIS I 7 -79.94 4.52 -16.53
N LEU I 8 -80.95 5.24 -17.04
CA LEU I 8 -81.94 5.91 -16.23
C LEU I 8 -83.35 5.43 -16.55
N ALA I 9 -84.29 5.84 -15.71
CA ALA I 9 -85.66 5.43 -15.84
C ALA I 9 -86.15 5.70 -17.25
N ASP I 10 -85.84 6.88 -17.79
CA ASP I 10 -86.37 7.26 -19.13
C ASP I 10 -85.52 6.83 -20.33
N GLY I 11 -84.36 6.25 -20.10
CA GLY I 11 -83.54 5.75 -21.20
C GLY I 11 -82.04 5.74 -20.91
N LEU I 12 -81.26 6.02 -21.94
CA LEU I 12 -79.82 5.98 -21.85
C LEU I 12 -79.23 7.29 -22.33
N VAL I 13 -78.10 7.66 -21.75
CA VAL I 13 -77.34 8.82 -22.19
C VAL I 13 -75.89 8.41 -22.27
N PHE I 14 -75.25 8.71 -23.39
CA PHE I 14 -73.84 8.40 -23.60
C PHE I 14 -73.04 9.64 -23.95
N ALA I 15 -71.80 9.74 -23.45
CA ALA I 15 -70.93 10.87 -23.79
C ALA I 15 -69.49 10.48 -23.74
N SER I 16 -68.75 10.84 -24.78
CA SER I 16 -67.33 10.50 -24.87
C SER I 16 -66.52 11.70 -25.34
N ASP I 17 -65.27 11.83 -24.89
CA ASP I 17 -64.35 12.78 -25.55
C ASP I 17 -63.79 12.14 -26.81
N SER I 18 -62.71 12.72 -27.33
CA SER I 18 -62.09 12.24 -28.56
C SER I 18 -60.56 12.25 -28.56
N ARG I 19 -59.96 12.81 -27.53
CA ARG I 19 -58.53 12.96 -27.51
C ARG I 19 -57.91 11.61 -27.21
N THR I 20 -56.89 11.25 -27.98
CA THR I 20 -56.44 9.89 -28.03
C THR I 20 -54.95 9.85 -28.13
N ASN I 21 -54.35 8.99 -27.32
CA ASN I 21 -52.94 8.78 -27.38
C ASN I 21 -52.70 7.74 -28.45
N ALA I 22 -52.12 8.16 -29.55
CA ALA I 22 -51.92 7.28 -30.67
C ALA I 22 -50.46 6.95 -30.89
N GLY I 23 -49.66 6.96 -29.84
CA GLY I 23 -48.22 6.83 -30.02
C GLY I 23 -47.54 7.98 -29.36
N ILE I 24 -46.21 7.95 -29.42
CA ILE I 24 -45.41 9.00 -28.76
C ILE I 24 -45.42 10.22 -29.66
N ASP I 25 -45.62 11.38 -29.06
CA ASP I 25 -45.69 12.61 -29.76
C ASP I 25 -46.73 12.57 -30.88
N HIS I 26 -47.75 11.74 -30.74
CA HIS I 26 -48.85 11.71 -31.70
C HIS I 26 -50.15 11.61 -30.92
N ILE I 27 -50.65 12.76 -30.47
CA ILE I 27 -51.97 12.82 -29.84
C ILE I 27 -52.97 13.32 -30.85
N ALA I 28 -54.14 12.70 -30.91
CA ALA I 28 -55.03 12.90 -32.05
C ALA I 28 -56.47 12.69 -31.70
N THR I 29 -57.34 13.08 -32.62
CA THR I 29 -58.79 12.97 -32.43
C THR I 29 -59.29 11.66 -33.04
N PHE I 30 -59.99 10.87 -32.24
CA PHE I 30 -60.70 9.68 -32.71
C PHE I 30 -62.03 9.52 -32.00
N ARG I 31 -63.07 9.20 -32.77
CA ARG I 31 -64.39 8.99 -32.19
C ARG I 31 -64.31 7.82 -31.23
N LYS I 32 -64.98 7.95 -30.07
CA LYS I 32 -65.01 6.87 -29.10
C LYS I 32 -66.45 6.47 -28.75
N LEU I 33 -67.38 6.74 -29.65
CA LEU I 33 -68.78 6.37 -29.44
C LEU I 33 -69.34 5.93 -30.77
N PHE I 34 -69.78 4.68 -30.85
CA PHE I 34 -70.24 4.08 -32.09
C PHE I 34 -71.65 3.51 -31.90
N THR I 35 -72.49 3.65 -32.91
CA THR I 35 -73.87 3.17 -32.84
C THR I 35 -74.13 2.07 -33.86
N PHE I 36 -75.07 1.19 -33.54
CA PHE I 36 -75.43 0.08 -34.42
C PHE I 36 -76.90 -0.13 -34.24
N GLY I 37 -77.57 -0.68 -35.25
CA GLY I 37 -78.95 -1.10 -35.05
C GLY I 37 -79.80 -1.17 -36.29
N THR I 38 -81.02 -1.65 -36.10
CA THR I 38 -82.04 -1.63 -37.15
C THR I 38 -83.26 -0.88 -36.60
N PRO I 39 -83.73 0.17 -37.30
CA PRO I 39 -84.84 0.98 -36.75
C PRO I 39 -86.11 0.18 -36.46
N GLY I 40 -86.72 0.43 -35.31
CA GLY I 40 -87.91 -0.28 -34.88
C GLY I 40 -87.63 -1.62 -34.22
N GLU I 41 -86.37 -2.04 -34.19
CA GLU I 41 -85.96 -3.34 -33.63
C GLU I 41 -84.84 -3.20 -32.57
N ARG I 42 -83.77 -2.46 -32.85
CA ARG I 42 -82.72 -2.34 -31.83
C ARG I 42 -81.78 -1.15 -32.00
N LEU I 43 -81.27 -0.68 -30.86
CA LEU I 43 -80.17 0.28 -30.82
C LEU I 43 -79.08 -0.22 -29.89
N LEU I 44 -77.83 -0.21 -30.36
CA LEU I 44 -76.70 -0.55 -29.49
C LEU I 44 -75.61 0.47 -29.66
N VAL I 45 -75.03 0.88 -28.55
CA VAL I 45 -73.95 1.85 -28.56
C VAL I 45 -72.74 1.25 -27.91
N VAL I 46 -71.60 1.44 -28.53
CA VAL I 46 -70.33 0.98 -27.96
C VAL I 46 -69.40 2.16 -27.77
N GLN I 47 -68.87 2.31 -26.56
CA GLN I 47 -67.83 3.30 -26.28
C GLN I 47 -66.53 2.61 -25.96
N THR I 48 -65.45 3.30 -26.25
CA THR I 48 -64.11 2.70 -26.18
C THR I 48 -63.18 3.53 -25.35
N ALA I 49 -62.23 2.87 -24.72
CA ALA I 49 -61.16 3.52 -23.98
C ALA I 49 -59.99 2.58 -23.94
N GLY I 50 -58.79 3.10 -23.83
CA GLY I 50 -57.59 2.26 -23.78
C GLY I 50 -56.85 2.26 -25.09
N ASN I 51 -56.16 1.17 -25.40
CA ASN I 51 -55.33 1.13 -26.57
C ASN I 51 -56.14 1.35 -27.86
N LEU I 52 -55.70 2.32 -28.65
CA LEU I 52 -56.36 2.63 -29.90
C LEU I 52 -56.37 1.45 -30.86
N ALA I 53 -55.21 0.87 -31.10
CA ALA I 53 -55.10 -0.23 -32.08
C ALA I 53 -56.07 -1.32 -31.77
N THR I 54 -56.15 -1.66 -30.50
CA THR I 54 -56.97 -2.77 -30.06
C THR I 54 -58.43 -2.42 -30.20
N SER I 55 -58.82 -1.28 -29.66
CA SER I 55 -60.21 -0.92 -29.74
C SER I 55 -60.65 -0.74 -31.21
N GLN I 56 -59.79 -0.17 -32.04
CA GLN I 56 -60.18 0.02 -33.43
C GLN I 56 -60.42 -1.33 -34.07
N SER I 57 -59.50 -2.26 -33.84
CA SER I 57 -59.66 -3.53 -34.44
C SER I 57 -60.97 -4.18 -34.01
N VAL I 58 -61.31 -4.03 -32.74
CA VAL I 58 -62.54 -4.63 -32.25
C VAL I 58 -63.75 -4.05 -32.96
N ILE I 59 -63.80 -2.74 -33.02
CA ILE I 59 -64.92 -2.08 -33.67
C ILE I 59 -65.00 -2.44 -35.14
N ASN I 60 -63.86 -2.44 -35.79
CA ASN I 60 -63.82 -2.76 -37.19
C ASN I 60 -64.36 -4.16 -37.49
N LEU I 61 -64.00 -5.12 -36.66
CA LEU I 61 -64.47 -6.46 -36.87
C LEU I 61 -65.97 -6.53 -36.63
N LEU I 62 -66.47 -5.85 -35.61
CA LEU I 62 -67.89 -5.85 -35.34
C LEU I 62 -68.65 -5.29 -36.53
N GLN I 63 -68.12 -4.26 -37.17
CA GLN I 63 -68.74 -3.71 -38.38
C GLN I 63 -68.71 -4.67 -39.57
N GLN I 64 -67.55 -5.21 -39.91
CA GLN I 64 -67.45 -6.18 -40.97
C GLN I 64 -68.44 -7.34 -40.77
N ARG I 65 -68.52 -7.86 -39.55
CA ARG I 65 -69.32 -9.04 -39.26
C ARG I 65 -70.83 -8.82 -39.25
N ILE I 66 -71.24 -7.56 -39.10
CA ILE I 66 -72.65 -7.19 -39.15
C ILE I 66 -73.24 -7.64 -40.51
N ARG I 67 -72.47 -7.38 -41.57
CA ARG I 67 -72.78 -7.78 -42.95
C ARG I 67 -72.28 -9.24 -43.22
N ARG I 68 -72.68 -10.20 -42.37
CA ARG I 68 -72.25 -11.61 -42.51
C ARG I 68 -73.13 -12.57 -41.69
N ASP I 69 -73.47 -13.72 -42.30
CA ASP I 69 -74.37 -14.75 -41.71
C ASP I 69 -73.67 -15.47 -40.54
N GLY I 70 -73.97 -15.07 -39.30
CA GLY I 70 -73.31 -15.62 -38.11
C GLY I 70 -73.45 -14.61 -36.99
N ALA I 71 -72.87 -14.88 -35.84
CA ALA I 71 -72.99 -13.98 -34.67
C ALA I 71 -72.57 -12.54 -34.96
N SER I 72 -73.45 -11.58 -34.67
CA SER I 72 -73.18 -10.17 -34.92
C SER I 72 -74.04 -9.32 -34.02
N LEU I 73 -73.64 -8.07 -33.82
CA LEU I 73 -74.43 -7.14 -33.04
C LEU I 73 -75.87 -6.95 -33.52
N LEU I 74 -76.23 -7.39 -34.72
CA LEU I 74 -77.60 -7.20 -35.19
C LEU I 74 -78.54 -8.37 -34.95
N ASN I 75 -78.04 -9.51 -34.50
CA ASN I 75 -78.86 -10.73 -34.44
C ASN I 75 -78.85 -11.31 -33.01
N VAL I 76 -77.78 -11.01 -32.28
CA VAL I 76 -77.65 -11.21 -30.85
C VAL I 76 -78.95 -10.91 -30.10
N PRO I 77 -79.42 -11.86 -29.26
CA PRO I 77 -80.80 -11.72 -28.70
C PRO I 77 -80.98 -10.79 -27.50
N SER I 78 -79.90 -10.31 -26.88
CA SER I 78 -80.01 -9.39 -25.73
C SER I 78 -78.81 -8.49 -25.60
N VAL I 79 -78.98 -7.38 -24.89
CA VAL I 79 -77.87 -6.45 -24.68
C VAL I 79 -76.72 -7.16 -23.95
N TYR I 80 -77.08 -8.02 -23.02
CA TYR I 80 -76.09 -8.89 -22.38
C TYR I 80 -75.24 -9.60 -23.42
N ASP I 81 -75.89 -10.34 -24.31
CA ASP I 81 -75.17 -11.13 -25.32
C ASP I 81 -74.34 -10.26 -26.26
N ALA I 82 -74.80 -9.02 -26.48
CA ALA I 82 -74.04 -8.06 -27.27
C ALA I 82 -72.73 -7.74 -26.57
N THR I 83 -72.83 -7.44 -25.27
CA THR I 83 -71.68 -7.15 -24.45
C THR I 83 -70.72 -8.33 -24.50
N ALA I 84 -71.26 -9.53 -24.35
CA ALA I 84 -70.45 -10.75 -24.39
C ALA I 84 -69.73 -10.86 -25.72
N LEU I 85 -70.41 -10.47 -26.78
CA LEU I 85 -69.84 -10.60 -28.11
C LEU I 85 -68.69 -9.65 -28.27
N VAL I 86 -68.85 -8.44 -27.75
CA VAL I 86 -67.78 -7.46 -27.84
C VAL I 86 -66.58 -8.02 -27.12
N ALA I 87 -66.80 -8.52 -25.91
CA ALA I 87 -65.72 -9.11 -25.13
C ALA I 87 -65.05 -10.24 -25.89
N GLU I 88 -65.86 -11.16 -26.39
CA GLU I 88 -65.41 -12.29 -27.21
C GLU I 88 -64.48 -11.77 -28.32
N THR I 89 -64.90 -10.72 -28.99
CA THR I 89 -64.15 -10.15 -30.10
C THR I 89 -62.84 -9.56 -29.61
N THR I 90 -62.90 -8.85 -28.48
CA THR I 90 -61.69 -8.31 -27.89
C THR I 90 -60.66 -9.43 -27.68
N ARG I 91 -61.06 -10.54 -27.03
CA ARG I 91 -60.16 -11.69 -26.78
C ARG I 91 -59.47 -12.13 -28.07
N GLU I 92 -60.25 -12.20 -29.13
CA GLU I 92 -59.74 -12.62 -30.41
C GLU I 92 -58.66 -11.70 -30.93
N VAL I 93 -58.86 -10.40 -30.75
CA VAL I 93 -57.87 -9.41 -31.22
C VAL I 93 -56.57 -9.45 -30.41
N ALA I 95 -55.36 -12.04 -28.84
CA ALA I 95 -54.68 -13.27 -29.16
C ALA I 95 -53.76 -13.08 -30.36
N ARG I 96 -54.24 -12.38 -31.36
CA ARG I 96 -53.52 -12.25 -32.65
C ARG I 96 -52.30 -11.31 -32.57
N ASP I 97 -52.47 -10.16 -31.92
CA ASP I 97 -51.41 -9.12 -31.81
C ASP I 97 -50.33 -9.39 -30.75
N SER I 98 -50.70 -10.15 -29.72
CA SER I 98 -49.74 -10.68 -28.77
C SER I 98 -48.64 -11.57 -29.46
N GLY I 99 -47.42 -11.42 -28.98
CA GLY I 99 -46.24 -12.13 -29.50
C GLY I 99 -44.99 -11.52 -28.86
N ASN I 100 -43.80 -11.97 -29.25
CA ASN I 100 -42.55 -11.34 -28.78
C ASN I 100 -42.40 -9.89 -29.25
N LEU I 101 -42.94 -9.60 -30.44
CA LEU I 101 -42.77 -8.30 -31.12
C LEU I 101 -43.45 -7.18 -30.36
N ALA I 102 -44.66 -7.41 -29.88
CA ALA I 102 -45.33 -6.45 -29.00
C ALA I 102 -44.48 -6.19 -27.73
N GLY I 103 -43.93 -7.26 -27.15
CA GLY I 103 -43.05 -7.15 -25.98
C GLY I 103 -43.85 -6.82 -24.73
N ASN I 104 -43.45 -5.74 -24.05
CA ASN I 104 -44.13 -5.31 -22.80
C ASN I 104 -45.15 -4.19 -23.01
N THR I 105 -45.31 -3.75 -24.24
CA THR I 105 -46.31 -2.73 -24.56
C THR I 105 -47.75 -3.17 -24.17
N ASP I 106 -48.56 -2.22 -23.67
CA ASP I 106 -49.84 -2.54 -23.04
C ASP I 106 -51.07 -2.43 -23.98
N LEU I 107 -51.52 -3.57 -24.48
CA LEU I 107 -52.56 -3.61 -25.52
C LEU I 107 -53.99 -3.66 -25.02
N SER I 108 -54.21 -3.44 -23.74
CA SER I 108 -55.55 -3.63 -23.18
C SER I 108 -56.47 -2.44 -23.45
N CYS I 109 -57.76 -2.71 -23.51
CA CYS I 109 -58.75 -1.67 -23.55
C CYS I 109 -60.06 -2.09 -22.97
N SER I 110 -60.91 -1.10 -22.75
CA SER I 110 -62.18 -1.27 -22.09
C SER I 110 -63.28 -0.64 -22.89
N PHE I 111 -64.51 -1.06 -22.63
CA PHE I 111 -65.64 -0.69 -23.45
C PHE I 111 -66.88 -0.49 -22.62
N VAL I 113 -71.07 -0.99 -23.39
CA VAL I 113 -72.03 -1.46 -24.36
C VAL I 113 -73.39 -1.24 -23.74
N GLY I 114 -74.22 -0.47 -24.41
CA GLY I 114 -75.55 -0.21 -23.90
C GLY I 114 -76.55 -0.07 -25.02
N GLY I 115 -77.83 -0.17 -24.68
CA GLY I 115 -78.85 -0.01 -25.70
C GLY I 115 -80.11 -0.76 -25.37
N GLN I 116 -80.91 -1.05 -26.39
CA GLN I 116 -82.17 -1.75 -26.21
C GLN I 116 -82.52 -2.57 -27.40
N ILE I 117 -82.95 -3.79 -27.13
CA ILE I 117 -83.42 -4.69 -28.16
C ILE I 117 -84.90 -4.93 -27.92
N ALA I 118 -85.66 -4.95 -29.01
CA ALA I 118 -87.11 -5.11 -28.96
C ALA I 118 -87.50 -6.24 -28.03
N GLY I 119 -88.41 -5.94 -27.10
CA GLY I 119 -88.98 -6.95 -26.22
C GLY I 119 -88.28 -7.10 -24.89
N GLY I 120 -87.30 -6.26 -24.61
CA GLY I 120 -86.75 -6.22 -23.28
C GLY I 120 -86.29 -4.82 -22.96
N PRO I 121 -86.13 -4.51 -21.66
CA PRO I 121 -85.77 -3.15 -21.26
C PRO I 121 -84.41 -2.73 -21.79
N PRO I 122 -84.12 -1.42 -21.77
CA PRO I 122 -82.77 -0.98 -22.08
C PRO I 122 -81.79 -1.42 -20.99
N ALA I 123 -80.51 -1.55 -21.35
CA ALA I 123 -79.47 -1.99 -20.43
C ALA I 123 -78.12 -1.33 -20.76
N LEU I 124 -77.20 -1.39 -19.80
CA LEU I 124 -75.87 -0.78 -19.95
C LEU I 124 -74.81 -1.58 -19.21
N TYR I 125 -73.76 -1.96 -19.91
CA TYR I 125 -72.67 -2.76 -19.32
C TYR I 125 -71.35 -2.05 -19.50
N SER I 126 -70.39 -2.37 -18.64
CA SER I 126 -69.02 -1.92 -18.82
C SER I 126 -68.11 -3.14 -18.81
N ILE I 127 -67.22 -3.24 -19.80
CA ILE I 127 -66.30 -4.35 -19.94
C ILE I 127 -64.92 -3.89 -19.50
N TYR I 128 -64.29 -4.68 -18.65
CA TYR I 128 -63.02 -4.30 -18.08
C TYR I 128 -61.89 -4.76 -18.98
N PRO I 129 -60.67 -4.25 -18.73
CA PRO I 129 -59.51 -4.70 -19.49
C PRO I 129 -59.39 -6.21 -19.60
N GLN I 130 -59.80 -6.92 -18.57
CA GLN I 130 -59.60 -8.37 -18.49
C GLN I 130 -60.77 -9.15 -19.08
N GLY I 131 -61.81 -8.48 -19.55
CA GLY I 131 -62.84 -9.13 -20.42
C GLY I 131 -64.11 -9.57 -19.72
N ASN I 132 -64.13 -9.40 -18.39
CA ASN I 132 -65.33 -9.60 -17.60
C ASN I 132 -66.07 -8.27 -17.43
N PHE I 133 -67.37 -8.33 -17.23
CA PHE I 133 -68.15 -7.12 -17.25
C PHE I 133 -69.21 -7.01 -16.19
N ILE I 134 -69.62 -5.76 -15.98
CA ILE I 134 -70.69 -5.46 -15.05
C ILE I 134 -71.79 -4.65 -15.67
N GLN I 135 -72.94 -4.72 -15.01
CA GLN I 135 -74.15 -4.09 -15.47
C GLN I 135 -74.52 -2.95 -14.55
N ALA I 136 -74.92 -1.84 -15.13
CA ALA I 136 -75.41 -0.72 -14.33
C ALA I 136 -76.81 -1.04 -13.85
N THR I 137 -77.12 -0.58 -12.63
CA THR I 137 -78.41 -0.80 -11.99
C THR I 137 -78.96 0.50 -11.43
N PRO I 138 -80.20 0.48 -10.95
CA PRO I 138 -80.75 1.68 -10.32
C PRO I 138 -79.90 2.26 -9.21
N ASP I 139 -79.29 1.42 -8.39
CA ASP I 139 -78.43 1.88 -7.28
C ASP I 139 -77.09 2.44 -7.80
N THR I 140 -76.63 1.92 -8.93
CA THR I 140 -75.38 2.41 -9.56
C THR I 140 -75.65 2.64 -11.05
N PRO I 141 -76.28 3.78 -11.36
CA PRO I 141 -76.86 4.01 -12.66
C PRO I 141 -75.95 4.68 -13.66
N PHE I 142 -74.73 5.05 -13.29
CA PHE I 142 -73.76 5.48 -14.28
C PHE I 142 -72.44 4.74 -14.19
N LEU I 143 -71.75 4.66 -15.33
CA LEU I 143 -70.45 4.01 -15.41
C LEU I 143 -69.50 4.86 -16.23
N GLN I 144 -68.21 4.80 -15.90
CA GLN I 144 -67.21 5.62 -16.55
C GLN I 144 -66.06 4.83 -17.09
N LEU I 145 -65.40 5.36 -18.11
CA LEU I 145 -64.17 4.78 -18.60
C LEU I 145 -63.19 5.85 -18.68
N GLY I 146 -61.95 5.45 -18.69
CA GLY I 146 -60.87 6.39 -18.92
C GLY I 146 -60.54 7.18 -17.68
N GLU I 147 -60.21 8.43 -17.92
CA GLU I 147 -59.72 9.34 -16.92
C GLU I 147 -60.95 10.00 -16.26
N SER I 148 -61.52 9.31 -15.27
CA SER I 148 -62.86 9.62 -14.77
C SER I 148 -62.97 10.17 -13.34
N LYS I 149 -61.88 10.19 -12.58
CA LYS I 149 -61.98 10.64 -11.19
C LYS I 149 -62.34 12.14 -11.11
N TYR I 150 -61.85 12.91 -12.06
CA TYR I 150 -62.02 14.35 -12.00
C TYR I 150 -63.49 14.74 -12.01
N GLY I 151 -64.27 14.03 -12.84
CA GLY I 151 -65.65 14.40 -13.07
C GLY I 151 -66.62 13.49 -12.37
N LYS I 152 -66.12 12.64 -11.49
CA LYS I 152 -66.99 11.73 -10.77
C LYS I 152 -67.86 12.42 -9.70
N PRO I 153 -67.29 13.36 -8.92
CA PRO I 153 -68.05 13.89 -7.82
C PRO I 153 -69.35 14.50 -8.25
N ILE I 154 -69.36 15.29 -9.32
CA ILE I 154 -70.61 15.90 -9.71
C ILE I 154 -71.71 14.83 -10.03
N LEU I 155 -71.30 13.69 -10.57
CA LEU I 155 -72.25 12.66 -10.90
C LEU I 155 -72.71 11.97 -9.63
N ASP I 156 -71.78 11.68 -8.76
CA ASP I 156 -72.13 11.08 -7.49
C ASP I 156 -73.14 11.93 -6.76
N ARG I 157 -72.93 13.24 -6.76
CA ARG I 157 -73.78 14.16 -5.99
C ARG I 157 -75.18 14.28 -6.51
N ASN I 158 -75.34 14.31 -7.83
CA ASN I 158 -76.61 14.70 -8.41
C ASN I 158 -77.37 13.63 -9.16
N LEU I 159 -76.67 12.65 -9.71
CA LEU I 159 -77.30 11.70 -10.60
C LEU I 159 -77.95 10.54 -9.85
N THR I 160 -79.16 10.17 -10.25
CA THR I 160 -79.84 8.99 -9.73
C THR I 160 -80.65 8.38 -10.86
N PHE I 161 -81.16 7.17 -10.62
CA PHE I 161 -81.91 6.45 -11.65
C PHE I 161 -83.05 7.28 -12.22
N ASP I 162 -83.67 8.08 -11.35
CA ASP I 162 -84.83 8.90 -11.74
C ASP I 162 -84.50 10.25 -12.36
N THR I 163 -83.23 10.63 -12.42
CA THR I 163 -82.88 11.87 -13.08
C THR I 163 -83.37 11.81 -14.52
N PRO I 164 -84.08 12.87 -14.99
CA PRO I 164 -84.49 12.90 -16.41
C PRO I 164 -83.32 13.05 -17.36
N LEU I 165 -83.53 12.68 -18.61
CA LEU I 165 -82.42 12.60 -19.56
C LEU I 165 -81.77 13.97 -19.78
N GLU I 166 -82.57 15.00 -20.06
CA GLU I 166 -82.01 16.33 -20.35
C GLU I 166 -81.07 16.73 -19.19
N GLN I 167 -81.45 16.42 -17.94
CA GLN I 167 -80.64 16.84 -16.79
C GLN I 167 -79.43 15.99 -16.61
N ALA I 168 -79.56 14.72 -16.92
CA ALA I 168 -78.41 13.84 -16.87
C ALA I 168 -77.36 14.28 -17.88
N LEU I 169 -77.79 14.62 -19.08
CA LEU I 169 -76.89 15.05 -20.11
C LEU I 169 -76.13 16.28 -19.66
N ARG I 170 -76.87 17.21 -19.08
CA ARG I 170 -76.31 18.45 -18.58
C ARG I 170 -75.27 18.16 -17.53
N CYS I 171 -75.60 17.22 -16.68
CA CYS I 171 -74.71 16.80 -15.63
C CYS I 171 -73.42 16.23 -16.21
N ALA I 172 -73.56 15.36 -17.20
CA ALA I 172 -72.40 14.82 -17.91
C ALA I 172 -71.52 15.94 -18.44
N LEU I 173 -72.12 16.96 -19.03
CA LEU I 173 -71.35 18.00 -19.63
C LEU I 173 -70.50 18.72 -18.61
N VAL I 174 -71.04 18.91 -17.43
CA VAL I 174 -70.28 19.58 -16.36
C VAL I 174 -69.14 18.69 -15.92
N SER I 175 -69.41 17.39 -15.87
CA SER I 175 -68.36 16.42 -15.63
C SER I 175 -67.18 16.60 -16.60
N PHE I 176 -67.49 16.76 -17.89
CA PHE I 176 -66.44 16.95 -18.91
C PHE I 176 -65.72 18.29 -18.74
N ASP I 177 -66.49 19.30 -18.36
CA ASP I 177 -65.92 20.60 -18.13
C ASP I 177 -64.77 20.50 -17.14
N SER I 178 -65.04 19.96 -15.95
CA SER I 178 -64.01 19.87 -14.92
C SER I 178 -62.84 19.03 -15.39
N THR I 179 -63.17 17.93 -16.07
CA THR I 179 -62.15 16.98 -16.47
C THR I 179 -61.19 17.69 -17.44
N ILE I 180 -61.76 18.35 -18.44
CA ILE I 180 -60.96 19.00 -19.46
C ILE I 180 -60.04 20.06 -18.89
N ARG I 181 -60.50 20.77 -17.89
CA ARG I 181 -59.68 21.78 -17.26
C ARG I 181 -58.53 21.25 -16.49
N SER I 182 -58.69 20.05 -15.95
CA SER I 182 -57.73 19.53 -15.00
C SER I 182 -56.85 18.40 -15.53
N ASN I 183 -57.11 17.93 -16.74
CA ASN I 183 -56.33 16.86 -17.35
C ASN I 183 -56.26 17.00 -18.86
N LEU I 184 -55.06 17.25 -19.37
CA LEU I 184 -54.88 17.44 -20.80
C LEU I 184 -55.10 16.21 -21.66
N SER I 185 -55.11 15.03 -21.10
CA SER I 185 -55.27 13.84 -21.92
C SER I 185 -56.72 13.79 -22.44
N VAL I 186 -57.61 14.57 -21.84
CA VAL I 186 -59.01 14.59 -22.20
C VAL I 186 -59.29 15.86 -22.95
N GLY I 187 -60.11 15.77 -23.98
CA GLY I 187 -60.22 16.90 -24.93
C GLY I 187 -61.33 16.80 -25.96
N PRO I 189 -63.25 17.47 -29.72
CA PRO I 189 -64.71 17.40 -29.62
C PRO I 189 -65.24 16.26 -28.77
N LEU I 190 -66.47 16.44 -28.28
CA LEU I 190 -67.19 15.41 -27.58
C LEU I 190 -68.25 14.87 -28.47
N ASP I 191 -68.68 13.65 -28.17
CA ASP I 191 -69.74 13.00 -28.91
C ASP I 191 -70.79 12.53 -27.93
N LEU I 192 -72.05 12.92 -28.18
CA LEU I 192 -73.15 12.59 -27.27
C LEU I 192 -74.19 11.81 -27.99
N LEU I 193 -74.93 11.03 -27.22
CA LEU I 193 -76.11 10.37 -27.74
C LEU I 193 -77.10 10.16 -26.63
N VAL I 194 -78.33 10.54 -26.88
CA VAL I 194 -79.42 10.31 -25.96
C VAL I 194 -80.42 9.34 -26.60
N TYR I 195 -80.85 8.33 -25.84
CA TYR I 195 -81.82 7.35 -26.35
C TYR I 195 -83.01 7.24 -25.43
N HIS I 196 -84.21 7.29 -26.00
CA HIS I 196 -85.43 7.26 -25.19
C HIS I 196 -85.92 5.83 -25.02
N ARG I 197 -86.21 5.44 -23.77
CA ARG I 197 -86.69 4.09 -23.48
C ARG I 197 -87.86 3.73 -24.38
N ASP I 198 -87.77 2.57 -25.01
CA ASP I 198 -88.82 2.01 -25.88
C ASP I 198 -89.04 2.71 -27.21
N SER I 199 -88.24 3.73 -27.51
CA SER I 199 -88.35 4.37 -28.82
C SER I 199 -87.91 3.46 -29.97
N LEU I 200 -86.90 2.63 -29.72
CA LEU I 200 -86.31 1.74 -30.74
C LEU I 200 -85.93 2.42 -32.07
N ILE I 201 -85.45 3.67 -31.96
CA ILE I 201 -84.92 4.40 -33.12
C ILE I 201 -83.44 4.62 -32.92
N LEU I 202 -82.73 4.93 -34.00
CA LEU I 202 -81.30 5.21 -33.91
C LEU I 202 -81.09 6.72 -33.88
N PRO I 203 -80.89 7.31 -32.71
CA PRO I 203 -80.71 8.77 -32.68
C PRO I 203 -79.48 9.16 -33.45
N GLU I 204 -79.45 10.36 -34.03
CA GLU I 204 -78.28 10.75 -34.80
C GLU I 204 -77.11 11.08 -33.88
N GLY I 205 -77.39 11.52 -32.65
CA GLY I 205 -76.32 11.88 -31.75
C GLY I 205 -75.81 13.24 -32.17
N TYR I 206 -74.86 13.79 -31.44
CA TYR I 206 -74.45 15.16 -31.62
C TYR I 206 -73.01 15.37 -31.20
N ARG I 207 -72.28 16.18 -31.96
CA ARG I 207 -70.90 16.46 -31.65
C ARG I 207 -70.68 17.88 -31.12
N VAL I 208 -70.02 17.95 -29.96
CA VAL I 208 -69.78 19.22 -29.33
C VAL I 208 -68.38 19.68 -29.67
N THR I 209 -68.27 20.75 -30.47
CA THR I 209 -66.96 21.29 -30.76
C THR I 209 -66.58 22.43 -29.82
N GLU I 210 -65.29 22.77 -29.86
CA GLU I 210 -64.72 23.99 -29.32
C GLU I 210 -65.68 25.20 -29.42
N ASP I 211 -66.36 25.34 -30.54
CA ASP I 211 -67.18 26.52 -30.81
C ASP I 211 -68.60 26.46 -30.27
N ASP I 212 -69.02 25.33 -29.74
CA ASP I 212 -70.42 25.13 -29.42
C ASP I 212 -70.94 26.24 -28.52
N ALA I 213 -72.01 26.91 -28.98
CA ALA I 213 -72.58 28.04 -28.23
C ALA I 213 -73.08 27.58 -26.84
N TYR I 214 -73.86 26.51 -26.81
CA TYR I 214 -74.47 26.06 -25.56
C TYR I 214 -73.41 25.62 -24.56
N PHE I 215 -72.49 24.76 -24.98
CA PHE I 215 -71.47 24.25 -24.07
C PHE I 215 -70.57 25.39 -23.58
N SER I 216 -70.23 26.33 -24.44
CA SER I 216 -69.43 27.46 -23.99
C SER I 216 -70.15 28.18 -22.90
N ALA I 217 -71.45 28.33 -23.08
CA ALA I 217 -72.27 29.14 -22.17
C ALA I 217 -72.35 28.49 -20.81
N ILE I 218 -72.63 27.21 -20.75
CA ILE I 218 -72.80 26.60 -19.46
C ILE I 218 -71.48 26.48 -18.73
N ARG I 219 -70.38 26.43 -19.46
CA ARG I 219 -69.07 26.50 -18.81
C ARG I 219 -68.82 27.86 -18.14
N ARG I 220 -69.11 28.92 -18.88
CA ARG I 220 -68.96 30.24 -18.36
C ARG I 220 -69.83 30.43 -17.11
N GLN I 221 -71.05 29.91 -17.16
CA GLN I 221 -72.04 30.08 -16.08
C GLN I 221 -71.59 29.32 -14.86
N TRP I 222 -71.22 28.07 -15.09
CA TRP I 222 -70.72 27.20 -14.03
C TRP I 222 -69.50 27.79 -13.33
N SER I 223 -68.60 28.42 -14.07
CA SER I 223 -67.48 29.13 -13.42
C SER I 223 -67.93 30.25 -12.51
N ALA I 224 -68.75 31.14 -13.07
CA ALA I 224 -69.25 32.26 -12.34
C ALA I 224 -69.95 31.77 -11.09
N GLY I 225 -70.73 30.70 -11.22
CA GLY I 225 -71.53 30.17 -10.10
C GLY I 225 -70.65 29.71 -8.97
N LEU I 226 -69.70 28.84 -9.29
CA LEU I 226 -68.71 28.39 -8.33
C LEU I 226 -67.94 29.52 -7.65
N HIS I 227 -67.52 30.51 -8.42
CA HIS I 227 -66.77 31.62 -7.88
C HIS I 227 -67.62 32.41 -6.88
N ASP I 228 -68.88 32.64 -7.22
CA ASP I 228 -69.86 33.30 -6.35
C ASP I 228 -70.03 32.57 -5.02
N LEU I 230 -68.33 30.48 -3.53
CA LEU I 230 -67.13 30.43 -2.75
C LEU I 230 -66.92 31.70 -1.96
N GLU I 231 -67.22 32.84 -2.56
CA GLU I 231 -67.03 34.13 -1.89
C GLU I 231 -68.10 34.39 -0.85
N ARG I 232 -69.27 33.80 -1.07
CA ARG I 232 -70.38 33.97 -0.16
C ARG I 232 -70.51 32.89 0.94
N LEU I 233 -69.61 31.91 0.94
CA LEU I 233 -69.42 31.02 2.07
C LEU I 233 -68.87 31.78 3.27
N PRO I 234 -69.25 31.36 4.48
CA PRO I 234 -68.76 32.05 5.67
C PRO I 234 -67.28 31.86 5.97
N SER I 235 -66.73 32.72 6.80
CA SER I 235 -65.35 32.60 7.25
C SER I 235 -65.22 31.54 8.35
N PRO I 236 -64.08 30.83 8.38
CA PRO I 236 -63.81 29.89 9.46
C PRO I 236 -63.75 30.60 10.79
N PRO I 237 -64.28 30.01 11.88
CA PRO I 237 -64.22 30.62 13.22
C PRO I 237 -62.81 30.94 13.72
N SER I 238 -62.69 31.55 14.90
CA SER I 238 -61.39 31.78 15.55
C SER I 238 -60.58 30.49 15.58
N ALA I 239 -61.19 29.48 16.22
CA ALA I 239 -60.60 28.17 16.41
C ALA I 239 -59.61 27.72 15.28
N TYR I 240 -59.95 27.93 14.02
CA TYR I 240 -59.19 27.33 12.91
C TYR I 240 -57.76 27.84 12.63
N ASN I 241 -57.19 28.72 13.47
CA ASN I 241 -55.86 29.29 13.13
C ASN I 241 -54.70 28.92 14.10
N THR J 1 -56.18 8.71 2.04
CA THR J 1 -54.93 9.55 2.00
C THR J 1 -55.02 10.58 0.90
N TYR J 2 -55.17 11.84 1.31
CA TYR J 2 -55.17 12.95 0.38
C TYR J 2 -54.59 14.13 1.12
N CYS J 3 -53.54 14.74 0.58
CA CYS J 3 -52.92 15.90 1.21
C CYS J 3 -52.79 17.02 0.19
N VAL J 4 -52.95 18.26 0.65
CA VAL J 4 -52.76 19.44 -0.16
C VAL J 4 -51.92 20.42 0.60
N ALA J 5 -51.09 21.15 -0.12
CA ALA J 5 -50.35 22.25 0.44
C ALA J 5 -50.29 23.35 -0.58
N HIS J 7 -48.60 27.33 -1.39
CA HIS J 7 -47.66 28.39 -1.07
C HIS J 7 -48.11 29.62 -1.81
N LEU J 8 -48.59 30.58 -1.01
CA LEU J 8 -49.25 31.78 -1.48
C LEU J 8 -48.52 33.03 -1.01
N ALA J 9 -48.93 34.17 -1.58
CA ALA J 9 -48.28 35.42 -1.28
C ALA J 9 -48.23 35.64 0.22
N ASP J 10 -49.34 35.35 0.93
CA ASP J 10 -49.40 35.65 2.38
C ASP J 10 -48.90 34.54 3.30
N GLY J 11 -48.56 33.39 2.76
CA GLY J 11 -48.00 32.32 3.57
C GLY J 11 -48.29 30.94 3.03
N LEU J 12 -48.50 29.99 3.94
CA LEU J 12 -48.69 28.58 3.59
C LEU J 12 -49.95 28.07 4.20
N VAL J 13 -50.60 27.14 3.50
CA VAL J 13 -51.75 26.44 4.03
C VAL J 13 -51.58 24.96 3.78
N PHE J 14 -51.78 24.14 4.81
CA PHE J 14 -51.61 22.70 4.71
C PHE J 14 -52.87 21.98 5.15
N ALA J 15 -53.23 20.90 4.47
CA ALA J 15 -54.41 20.10 4.89
C ALA J 15 -54.26 18.66 4.49
N SER J 16 -54.55 17.76 5.43
CA SER J 16 -54.41 16.34 5.20
C SER J 16 -55.59 15.60 5.75
N ASP J 17 -55.98 14.47 5.13
CA ASP J 17 -56.94 13.57 5.78
C ASP J 17 -56.17 12.66 6.76
N SER J 18 -56.81 11.57 7.20
CA SER J 18 -56.22 10.70 8.18
C SER J 18 -56.46 9.22 7.94
N ARG J 19 -57.28 8.90 6.94
CA ARG J 19 -57.66 7.52 6.70
C ARG J 19 -56.51 6.82 6.01
N THR J 20 -56.17 5.65 6.51
CA THR J 20 -54.90 5.05 6.19
C THR J 20 -55.08 3.57 6.02
N ASN J 21 -54.51 3.06 4.95
CA ASN J 21 -54.51 1.65 4.73
C ASN J 21 -53.35 1.07 5.52
N ALA J 22 -53.65 0.33 6.57
CA ALA J 22 -52.63 -0.20 7.43
C ALA J 22 -52.53 -1.72 7.32
N GLY J 23 -52.85 -2.28 6.16
CA GLY J 23 -52.92 -3.73 6.05
C GLY J 23 -54.29 -4.12 5.54
N ILE J 24 -54.47 -5.42 5.36
CA ILE J 24 -55.74 -5.92 4.81
C ILE J 24 -56.75 -5.94 5.95
N ASP J 25 -57.95 -5.46 5.65
CA ASP J 25 -59.02 -5.38 6.62
C ASP J 25 -58.60 -4.58 7.86
N HIS J 26 -57.66 -3.66 7.70
CA HIS J 26 -57.25 -2.83 8.80
C HIS J 26 -57.06 -1.43 8.23
N ILE J 27 -58.16 -0.72 8.12
CA ILE J 27 -58.12 0.69 7.78
C ILE J 27 -58.28 1.53 9.02
N ALA J 28 -57.48 2.57 9.15
CA ALA J 28 -57.33 3.23 10.44
C ALA J 28 -56.99 4.68 10.31
N THR J 29 -57.08 5.39 11.44
CA THR J 29 -56.76 6.81 11.49
C THR J 29 -55.30 7.03 11.90
N PHE J 30 -54.56 7.78 11.09
CA PHE J 30 -53.20 8.22 11.42
C PHE J 30 -52.99 9.65 10.96
N ARG J 31 -52.42 10.49 11.81
CA ARG J 31 -52.10 11.85 11.46
C ARG J 31 -51.12 11.85 10.27
N LYS J 32 -51.33 12.74 9.30
CA LYS J 32 -50.44 12.82 8.14
C LYS J 32 -49.87 14.22 7.97
N LEU J 33 -49.85 14.98 9.06
CA LEU J 33 -49.34 16.34 9.04
C LEU J 33 -48.59 16.56 10.33
N PHE J 34 -47.29 16.83 10.23
CA PHE J 34 -46.43 16.96 11.38
C PHE J 34 -45.68 18.29 11.33
N THR J 35 -45.50 18.91 12.48
CA THR J 35 -44.86 20.22 12.54
C THR J 35 -43.56 20.12 13.33
N PHE J 36 -42.64 21.01 13.03
CA PHE J 36 -41.37 21.07 13.72
C PHE J 36 -40.95 22.53 13.77
N GLY J 37 -40.16 22.92 14.75
CA GLY J 37 -39.58 24.25 14.73
C GLY J 37 -39.20 24.82 16.07
N THR J 38 -38.57 25.99 16.03
CA THR J 38 -38.25 26.76 17.22
C THR J 38 -38.90 28.13 17.03
N PRO J 39 -39.75 28.56 18.01
CA PRO J 39 -40.46 29.86 17.86
C PRO J 39 -39.55 31.06 17.65
N GLY J 40 -39.90 31.93 16.69
CA GLY J 40 -39.09 33.09 16.34
C GLY J 40 -37.94 32.80 15.38
N GLU J 41 -37.73 31.53 15.05
CA GLU J 41 -36.62 31.11 14.17
C GLU J 41 -37.12 30.26 12.98
N ARG J 42 -37.95 29.24 13.20
CA ARG J 42 -38.39 28.43 12.06
C ARG J 42 -39.64 27.60 12.28
N LEU J 43 -40.37 27.38 11.18
CA LEU J 43 -41.48 26.45 11.16
C LEU J 43 -41.29 25.53 10.00
N LEU J 44 -41.40 24.23 10.24
CA LEU J 44 -41.42 23.27 9.13
C LEU J 44 -42.57 22.29 9.29
N VAL J 45 -43.25 22.00 8.18
CA VAL J 45 -44.36 21.05 8.19
C VAL J 45 -44.04 19.92 7.24
N VAL J 46 -44.27 18.70 7.66
CA VAL J 46 -44.12 17.55 6.80
C VAL J 46 -45.45 16.83 6.68
N GLN J 47 -45.87 16.57 5.45
CA GLN J 47 -47.05 15.73 5.20
C GLN J 47 -46.63 14.45 4.55
N THR J 48 -47.40 13.40 4.79
CA THR J 48 -47.06 12.06 4.34
C THR J 48 -48.15 11.42 3.53
N ALA J 49 -47.77 10.57 2.60
CA ALA J 49 -48.71 9.76 1.83
C ALA J 49 -47.98 8.52 1.38
N GLY J 50 -48.70 7.42 1.20
CA GLY J 50 -48.09 6.17 0.76
C GLY J 50 -48.00 5.16 1.87
N ASN J 51 -46.99 4.32 1.82
CA ASN J 51 -46.84 3.27 2.82
C ASN J 51 -46.67 3.80 4.23
N LEU J 52 -47.55 3.33 5.11
CA LEU J 52 -47.53 3.71 6.51
C LEU J 52 -46.20 3.37 7.22
N ALA J 53 -45.76 2.13 7.13
CA ALA J 53 -44.54 1.72 7.77
C ALA J 53 -43.36 2.60 7.41
N THR J 54 -43.26 2.92 6.14
CA THR J 54 -42.15 3.67 5.66
C THR J 54 -42.25 5.11 6.14
N SER J 55 -43.40 5.71 5.95
CA SER J 55 -43.51 7.09 6.34
C SER J 55 -43.37 7.26 7.85
N GLN J 56 -43.89 6.32 8.61
CA GLN J 56 -43.74 6.39 10.06
C GLN J 56 -42.29 6.34 10.45
N SER J 57 -41.55 5.43 9.84
CA SER J 57 -40.14 5.32 10.14
C SER J 57 -39.39 6.61 9.82
N VAL J 58 -39.71 7.21 8.69
CA VAL J 58 -39.06 8.44 8.33
C VAL J 58 -39.33 9.53 9.36
N ILE J 59 -40.59 9.74 9.71
CA ILE J 59 -40.96 10.75 10.66
C ILE J 59 -40.31 10.49 12.02
N ASN J 60 -40.32 9.23 12.44
CA ASN J 60 -39.77 8.86 13.71
C ASN J 60 -38.29 9.19 13.78
N LEU J 61 -37.55 8.94 12.72
CA LEU J 61 -36.13 9.20 12.74
C LEU J 61 -35.85 10.67 12.73
N LEU J 62 -36.63 11.43 11.98
CA LEU J 62 -36.51 12.88 12.04
C LEU J 62 -36.73 13.43 13.44
N GLN J 63 -37.70 12.88 14.19
CA GLN J 63 -37.95 13.32 15.57
C GLN J 63 -36.80 12.95 16.48
N GLN J 64 -36.38 11.69 16.46
CA GLN J 64 -35.24 11.25 17.28
C GLN J 64 -34.00 12.12 17.03
N ARG J 65 -33.72 12.40 15.77
CA ARG J 65 -32.50 13.13 15.39
C ARG J 65 -32.51 14.62 15.69
N ILE J 66 -33.70 15.19 15.89
CA ILE J 66 -33.83 16.59 16.30
C ILE J 66 -33.08 16.84 17.61
N ARG J 67 -33.24 15.88 18.54
CA ARG J 67 -32.55 15.85 19.82
C ARG J 67 -31.20 15.14 19.68
N ARG J 68 -30.35 15.59 18.76
CA ARG J 68 -29.02 14.99 18.55
C ARG J 68 -28.09 15.89 17.70
N ASP J 69 -26.82 15.95 18.11
CA ASP J 69 -25.80 16.81 17.48
C ASP J 69 -25.41 16.33 16.10
N GLY J 70 -25.96 16.96 15.07
CA GLY J 70 -25.73 16.52 13.68
C GLY J 70 -26.87 17.03 12.83
N ALA J 71 -26.91 16.69 11.55
CA ALA J 71 -27.99 17.13 10.64
C ALA J 71 -29.40 16.80 11.14
N SER J 72 -30.25 17.83 11.21
CA SER J 72 -31.61 17.66 11.71
C SER J 72 -32.48 18.78 11.21
N LEU J 73 -33.80 18.57 11.22
CA LEU J 73 -34.72 19.60 10.75
C LEU J 73 -34.61 20.92 11.53
N LEU J 74 -33.93 20.96 12.68
CA LEU J 74 -33.81 22.22 13.42
C LEU J 74 -32.59 23.05 13.12
N ASN J 75 -31.63 22.55 12.34
CA ASN J 75 -30.33 23.24 12.19
C ASN J 75 -30.04 23.47 10.70
N VAL J 76 -30.61 22.60 9.87
CA VAL J 76 -30.67 22.74 8.43
C VAL J 76 -30.89 24.22 8.03
N PRO J 77 -30.04 24.75 7.15
CA PRO J 77 -30.09 26.18 6.86
C PRO J 77 -31.22 26.70 5.95
N SER J 78 -31.95 25.84 5.24
CA SER J 78 -33.00 26.29 4.31
C SER J 78 -34.10 25.25 4.16
N VAL J 79 -35.27 25.68 3.72
CA VAL J 79 -36.37 24.74 3.48
C VAL J 79 -35.97 23.71 2.42
N TYR J 80 -35.23 24.15 1.42
CA TYR J 80 -34.64 23.22 0.45
C TYR J 80 -33.88 22.10 1.14
N ASP J 81 -32.91 22.46 1.97
CA ASP J 81 -32.08 21.47 2.68
C ASP J 81 -32.87 20.59 3.64
N ALA J 82 -33.97 21.12 4.18
CA ALA J 82 -34.89 20.31 4.97
C ALA J 82 -35.52 19.22 4.11
N THR J 83 -36.02 19.62 2.94
CA THR J 83 -36.62 18.70 2.01
C THR J 83 -35.61 17.61 1.65
N ALA J 84 -34.38 18.03 1.37
CA ALA J 84 -33.32 17.11 0.99
C ALA J 84 -33.05 16.14 2.12
N LEU J 85 -33.12 16.64 3.35
CA LEU J 85 -32.88 15.79 4.49
C LEU J 85 -33.98 14.73 4.64
N VAL J 86 -35.23 15.13 4.44
CA VAL J 86 -36.32 14.19 4.50
C VAL J 86 -36.05 13.10 3.47
N ALA J 87 -35.72 13.51 2.25
CA ALA J 87 -35.46 12.54 1.16
C ALA J 87 -34.32 11.59 1.48
N GLU J 88 -33.22 12.18 1.93
CA GLU J 88 -32.07 11.45 2.44
C GLU J 88 -32.51 10.40 3.46
N THR J 89 -33.37 10.80 4.39
CA THR J 89 -33.85 9.89 5.43
C THR J 89 -34.70 8.78 4.83
N THR J 90 -35.56 9.14 3.88
CA THR J 90 -36.37 8.15 3.19
C THR J 90 -35.50 7.04 2.56
N ARG J 91 -34.48 7.44 1.79
CA ARG J 91 -33.55 6.49 1.19
C ARG J 91 -33.00 5.52 2.19
N GLU J 92 -32.61 6.06 3.32
CA GLU J 92 -32.05 5.25 4.38
C GLU J 92 -33.04 4.18 4.84
N VAL J 93 -34.32 4.55 4.98
CA VAL J 93 -35.34 3.63 5.48
C VAL J 93 -35.63 2.52 4.48
N ALA J 95 -33.56 1.39 2.14
CA ALA J 95 -32.41 0.51 2.13
C ALA J 95 -32.50 -0.62 3.18
N ARG J 96 -32.91 -0.28 4.39
CA ARG J 96 -32.93 -1.24 5.50
C ARG J 96 -34.04 -2.32 5.38
N ASP J 97 -35.26 -1.89 5.04
CA ASP J 97 -36.46 -2.77 5.00
C ASP J 97 -36.54 -3.65 3.73
N SER J 98 -35.94 -3.17 2.66
CA SER J 98 -35.76 -3.96 1.45
C SER J 98 -34.95 -5.26 1.74
N GLY J 99 -35.39 -6.35 1.10
CA GLY J 99 -34.79 -7.69 1.28
C GLY J 99 -35.69 -8.71 0.60
N ASN J 100 -35.36 -10.00 0.71
CA ASN J 100 -36.25 -11.06 0.15
C ASN J 100 -37.60 -11.13 0.87
N LEU J 101 -37.58 -10.82 2.17
CA LEU J 101 -38.76 -10.95 3.04
C LEU J 101 -39.89 -9.99 2.65
N ALA J 102 -39.56 -8.74 2.34
CA ALA J 102 -40.55 -7.81 1.80
C ALA J 102 -41.15 -8.36 0.49
N GLY J 103 -40.30 -8.91 -0.38
CA GLY J 103 -40.75 -9.51 -1.64
C GLY J 103 -41.17 -8.46 -2.65
N ASN J 104 -42.39 -8.56 -3.16
CA ASN J 104 -42.93 -7.60 -4.14
C ASN J 104 -43.83 -6.52 -3.55
N THR J 105 -44.06 -6.57 -2.24
CA THR J 105 -44.83 -5.53 -1.54
C THR J 105 -44.25 -4.10 -1.75
N ASP J 106 -45.14 -3.11 -1.90
CA ASP J 106 -44.75 -1.77 -2.32
C ASP J 106 -44.52 -0.78 -1.15
N LEU J 107 -43.25 -0.57 -0.81
CA LEU J 107 -42.88 0.25 0.34
C LEU J 107 -42.75 1.75 0.13
N SER J 108 -43.19 2.27 -1.00
CA SER J 108 -42.82 3.65 -1.36
C SER J 108 -43.77 4.62 -0.74
N CYS J 109 -43.26 5.82 -0.51
CA CYS J 109 -44.13 6.89 -0.04
C CYS J 109 -43.59 8.24 -0.45
N SER J 110 -44.46 9.23 -0.29
CA SER J 110 -44.20 10.57 -0.76
C SER J 110 -44.49 11.52 0.35
N PHE J 111 -43.92 12.72 0.24
CA PHE J 111 -43.98 13.71 1.30
C PHE J 111 -44.14 15.12 0.75
N VAL J 113 -42.87 18.95 2.13
CA VAL J 113 -42.13 19.65 3.13
C VAL J 113 -42.27 21.12 2.81
N GLY J 114 -42.81 21.88 3.74
CA GLY J 114 -42.93 23.33 3.56
C GLY J 114 -42.72 24.08 4.85
N GLY J 115 -42.47 25.38 4.75
CA GLY J 115 -42.31 26.19 5.94
C GLY J 115 -41.47 27.41 5.69
N GLN J 116 -40.90 27.95 6.76
CA GLN J 116 -40.06 29.13 6.67
C GLN J 116 -38.98 29.13 7.72
N ILE J 117 -37.77 29.45 7.30
CA ILE J 117 -36.65 29.60 8.20
C ILE J 117 -36.28 31.07 8.19
N ALA J 118 -35.94 31.59 9.37
CA ALA J 118 -35.56 33.00 9.55
C ALA J 118 -34.58 33.43 8.48
N GLY J 119 -34.90 34.52 7.79
CA GLY J 119 -33.98 35.15 6.86
C GLY J 119 -34.18 34.76 5.42
N GLY J 120 -35.19 33.96 5.14
CA GLY J 120 -35.53 33.69 3.76
C GLY J 120 -37.01 33.47 3.65
N PRO J 121 -37.56 33.62 2.45
CA PRO J 121 -39.00 33.47 2.27
C PRO J 121 -39.51 32.08 2.63
N PRO J 122 -40.82 31.93 2.83
CA PRO J 122 -41.41 30.63 2.95
C PRO J 122 -41.31 29.85 1.63
N ALA J 123 -41.31 28.52 1.73
CA ALA J 123 -41.23 27.65 0.57
C ALA J 123 -42.01 26.35 0.78
N LEU J 124 -42.26 25.64 -0.31
CA LEU J 124 -43.02 24.38 -0.29
C LEU J 124 -42.50 23.40 -1.35
N TYR J 125 -42.15 22.19 -0.93
CA TYR J 125 -41.66 21.17 -1.85
C TYR J 125 -42.49 19.92 -1.76
N SER J 126 -42.45 19.11 -2.82
CA SER J 126 -43.09 17.80 -2.81
C SER J 126 -42.03 16.79 -3.20
N ILE J 127 -41.89 15.73 -2.42
CA ILE J 127 -40.95 14.66 -2.70
C ILE J 127 -41.69 13.46 -3.28
N TYR J 128 -41.17 12.93 -4.37
CA TYR J 128 -41.82 11.85 -5.07
C TYR J 128 -41.41 10.52 -4.46
N PRO J 129 -42.15 9.45 -4.77
CA PRO J 129 -41.74 8.14 -4.38
C PRO J 129 -40.26 7.86 -4.58
N GLN J 130 -39.67 8.36 -5.66
CA GLN J 130 -38.31 7.98 -6.06
C GLN J 130 -37.26 8.83 -5.33
N GLY J 131 -37.68 9.82 -4.56
CA GLY J 131 -36.75 10.64 -3.78
C GLY J 131 -36.27 11.99 -4.33
N ASN J 132 -36.66 12.29 -5.58
CA ASN J 132 -36.38 13.57 -6.16
C ASN J 132 -37.59 14.48 -5.85
N PHE J 133 -37.37 15.79 -5.83
CA PHE J 133 -38.45 16.69 -5.48
C PHE J 133 -38.57 17.96 -6.29
N ILE J 134 -39.76 18.56 -6.15
CA ILE J 134 -40.05 19.79 -6.83
C ILE J 134 -40.52 20.82 -5.88
N GLN J 135 -40.43 22.06 -6.34
CA GLN J 135 -40.82 23.23 -5.57
C GLN J 135 -42.05 23.88 -6.17
N ALA J 136 -42.97 24.28 -5.32
CA ALA J 136 -44.11 25.04 -5.79
C ALA J 136 -43.67 26.47 -6.10
N THR J 137 -44.30 27.06 -7.10
CA THR J 137 -43.98 28.43 -7.53
C THR J 137 -45.26 29.22 -7.73
N PRO J 138 -45.12 30.53 -8.05
CA PRO J 138 -46.33 31.33 -8.27
C PRO J 138 -47.24 30.79 -9.36
N ASP J 139 -46.65 30.24 -10.43
CA ASP J 139 -47.43 29.68 -11.55
C ASP J 139 -48.07 28.35 -11.18
N THR J 140 -47.45 27.60 -10.27
CA THR J 140 -48.00 26.33 -9.78
C THR J 140 -47.91 26.33 -8.26
N PRO J 141 -48.86 27.03 -7.63
CA PRO J 141 -48.77 27.35 -6.20
C PRO J 141 -49.35 26.32 -5.26
N PHE J 142 -49.97 25.25 -5.77
CA PHE J 142 -50.40 24.16 -4.88
C PHE J 142 -49.93 22.80 -5.35
N LEU J 143 -49.78 21.88 -4.40
CA LEU J 143 -49.29 20.54 -4.68
C LEU J 143 -50.13 19.55 -3.90
N GLN J 144 -50.33 18.37 -4.46
CA GLN J 144 -51.14 17.36 -3.83
C GLN J 144 -50.42 16.04 -3.67
N LEU J 145 -50.85 15.27 -2.69
CA LEU J 145 -50.39 13.89 -2.57
C LEU J 145 -51.59 13.03 -2.43
N GLY J 146 -51.40 11.76 -2.73
CA GLY J 146 -52.42 10.78 -2.51
C GLY J 146 -53.45 10.82 -3.60
N GLU J 147 -54.68 10.61 -3.18
CA GLU J 147 -55.84 10.45 -4.05
C GLU J 147 -56.42 11.83 -4.35
N SER J 148 -55.83 12.49 -5.33
CA SER J 148 -56.01 13.93 -5.52
C SER J 148 -56.78 14.39 -6.75
N LYS J 149 -57.10 13.50 -7.67
CA LYS J 149 -57.76 13.93 -8.90
C LYS J 149 -59.18 14.44 -8.61
N TYR J 150 -59.85 13.84 -7.64
CA TYR J 150 -61.25 14.20 -7.34
C TYR J 150 -61.41 15.67 -6.94
N GLY J 151 -60.45 16.18 -6.16
CA GLY J 151 -60.53 17.54 -5.66
C GLY J 151 -59.60 18.52 -6.35
N LYS J 152 -59.02 18.12 -7.47
CA LYS J 152 -58.12 19.02 -8.21
C LYS J 152 -58.83 20.12 -8.94
N PRO J 153 -59.96 19.81 -9.60
CA PRO J 153 -60.61 20.87 -10.39
C PRO J 153 -60.93 22.13 -9.62
N ILE J 154 -61.51 22.03 -8.42
CA ILE J 154 -61.84 23.24 -7.69
C ILE J 154 -60.60 24.09 -7.39
N LEU J 155 -59.45 23.45 -7.20
CA LEU J 155 -58.22 24.19 -6.95
C LEU J 155 -57.70 24.81 -8.23
N ASP J 156 -57.70 24.04 -9.30
CA ASP J 156 -57.29 24.58 -10.58
C ASP J 156 -58.11 25.82 -10.94
N ARG J 157 -59.42 25.75 -10.74
CA ARG J 157 -60.30 26.84 -11.11
C ARG J 157 -60.08 28.12 -10.32
N ASN J 158 -59.85 28.01 -9.02
CA ASN J 158 -59.95 29.16 -8.15
C ASN J 158 -58.68 29.63 -7.54
N LEU J 159 -57.75 28.73 -7.36
CA LEU J 159 -56.58 29.07 -6.58
C LEU J 159 -55.52 29.72 -7.41
N THR J 160 -54.89 30.76 -6.87
CA THR J 160 -53.70 31.38 -7.51
C THR J 160 -52.77 31.85 -6.41
N PHE J 161 -51.56 32.24 -6.80
CA PHE J 161 -50.58 32.70 -5.81
C PHE J 161 -51.13 33.81 -4.88
N ASP J 162 -51.98 34.68 -5.43
CA ASP J 162 -52.53 35.82 -4.71
C ASP J 162 -53.78 35.55 -3.91
N THR J 163 -54.32 34.34 -4.00
CA THR J 163 -55.46 34.01 -3.16
C THR J 163 -55.07 34.21 -1.69
N PRO J 164 -55.89 34.92 -0.91
CA PRO J 164 -55.63 35.02 0.54
C PRO J 164 -55.79 33.70 1.29
N LEU J 165 -55.18 33.61 2.47
CA LEU J 165 -55.11 32.33 3.18
C LEU J 165 -56.50 31.81 3.55
N GLU J 166 -57.35 32.66 4.14
CA GLU J 166 -58.69 32.21 4.60
C GLU J 166 -59.44 31.60 3.40
N GLN J 167 -59.30 32.19 2.22
CA GLN J 167 -60.00 31.66 1.02
C GLN J 167 -59.38 30.41 0.43
N ALA J 168 -58.06 30.31 0.50
CA ALA J 168 -57.37 29.12 0.09
C ALA J 168 -57.78 27.94 0.98
N LEU J 169 -57.84 28.17 2.29
CA LEU J 169 -58.24 27.13 3.22
C LEU J 169 -59.64 26.62 2.92
N ARG J 170 -60.53 27.57 2.67
CA ARG J 170 -61.91 27.27 2.32
C ARG J 170 -61.96 26.42 1.07
N CYS J 171 -61.15 26.80 0.13
CA CYS J 171 -61.05 26.11 -1.13
C CYS J 171 -60.60 24.66 -0.90
N ALA J 172 -59.57 24.49 -0.09
CA ALA J 172 -59.07 23.17 0.26
C ALA J 172 -60.17 22.34 0.86
N LEU J 173 -60.97 22.92 1.73
CA LEU J 173 -62.02 22.15 2.39
C LEU J 173 -63.05 21.63 1.41
N VAL J 174 -63.38 22.44 0.41
CA VAL J 174 -64.30 21.98 -0.61
C VAL J 174 -63.67 20.85 -1.41
N SER J 175 -62.38 20.97 -1.68
CA SER J 175 -61.64 19.89 -2.31
C SER J 175 -61.85 18.58 -1.54
N PHE J 176 -61.75 18.64 -0.22
CA PHE J 176 -61.88 17.42 0.60
C PHE J 176 -63.30 16.91 0.60
N ASP J 177 -64.25 17.84 0.59
CA ASP J 177 -65.65 17.50 0.54
C ASP J 177 -65.91 16.57 -0.66
N SER J 178 -65.56 17.02 -1.86
CA SER J 178 -65.78 16.21 -3.05
C SER J 178 -65.05 14.88 -3.00
N THR J 179 -63.81 14.94 -2.50
CA THR J 179 -62.98 13.75 -2.47
C THR J 179 -63.63 12.70 -1.57
N ILE J 180 -64.01 13.14 -0.36
CA ILE J 180 -64.58 12.22 0.61
C ILE J 180 -65.86 11.56 0.12
N ARG J 181 -66.67 12.31 -0.61
CA ARG J 181 -67.89 11.76 -1.18
C ARG J 181 -67.67 10.72 -2.25
N SER J 182 -66.58 10.84 -2.98
CA SER J 182 -66.39 10.04 -4.18
C SER J 182 -65.35 8.93 -4.03
N ASN J 183 -64.64 8.89 -2.89
CA ASN J 183 -63.57 7.90 -2.68
C ASN J 183 -63.42 7.55 -1.22
N LEU J 184 -63.74 6.30 -0.88
CA LEU J 184 -63.72 5.86 0.49
C LEU J 184 -62.36 5.70 1.12
N SER J 185 -61.30 5.70 0.33
CA SER J 185 -59.97 5.60 0.89
C SER J 185 -59.56 6.92 1.57
N VAL J 186 -60.29 8.00 1.30
CA VAL J 186 -60.08 9.27 1.96
C VAL J 186 -61.16 9.53 3.01
N GLY J 187 -60.77 10.10 4.15
CA GLY J 187 -61.68 10.16 5.30
C GLY J 187 -61.23 11.02 6.46
N PRO J 189 -60.90 12.20 10.55
CA PRO J 189 -60.67 13.64 10.70
C PRO J 189 -59.66 14.18 9.73
N LEU J 190 -59.74 15.49 9.50
CA LEU J 190 -58.72 16.24 8.74
C LEU J 190 -57.88 17.03 9.69
N ASP J 191 -56.67 17.36 9.25
CA ASP J 191 -55.75 18.16 10.02
C ASP J 191 -55.30 19.33 9.16
N LEU J 192 -55.47 20.55 9.69
CA LEU J 192 -55.15 21.78 8.95
C LEU J 192 -54.11 22.55 9.66
N LEU J 193 -53.38 23.33 8.90
CA LEU J 193 -52.47 24.28 9.49
C LEU J 193 -52.31 25.45 8.54
N VAL J 194 -52.44 26.65 9.08
CA VAL J 194 -52.22 27.89 8.34
C VAL J 194 -51.03 28.63 8.94
N TYR J 195 -50.10 29.07 8.09
CA TYR J 195 -48.91 29.79 8.56
C TYR J 195 -48.77 31.10 7.84
N HIS J 196 -48.56 32.16 8.62
CA HIS J 196 -48.49 33.53 8.06
C HIS J 196 -47.05 33.91 7.71
N ARG J 197 -46.85 34.39 6.48
CA ARG J 197 -45.51 34.74 5.99
C ARG J 197 -44.82 35.65 7.00
N ASP J 198 -43.58 35.31 7.35
CA ASP J 198 -42.73 36.10 8.26
C ASP J 198 -43.15 36.10 9.73
N SER J 199 -44.20 35.38 10.11
CA SER J 199 -44.60 35.29 11.51
C SER J 199 -43.57 34.52 12.35
N LEU J 200 -42.95 33.51 11.76
CA LEU J 200 -42.00 32.63 12.47
C LEU J 200 -42.52 32.08 13.81
N ILE J 201 -43.82 31.76 13.87
CA ILE J 201 -44.41 31.09 15.03
C ILE J 201 -44.89 29.70 14.61
N LEU J 202 -45.10 28.80 15.57
CA LEU J 202 -45.59 27.45 15.30
C LEU J 202 -47.07 27.43 15.55
N PRO J 203 -47.88 27.57 14.51
CA PRO J 203 -49.33 27.56 14.75
C PRO J 203 -49.77 26.23 15.32
N GLU J 204 -50.84 26.22 16.10
CA GLU J 204 -51.24 24.97 16.73
C GLU J 204 -51.90 24.06 15.72
N GLY J 205 -52.49 24.63 14.68
CA GLY J 205 -53.18 23.83 13.69
C GLY J 205 -54.50 23.40 14.26
N TYR J 206 -55.31 22.72 13.47
CA TYR J 206 -56.68 22.46 13.87
C TYR J 206 -57.18 21.16 13.27
N ARG J 207 -57.95 20.41 14.03
CA ARG J 207 -58.47 19.15 13.55
C ARG J 207 -59.97 19.22 13.28
N VAL J 208 -60.34 18.83 12.08
CA VAL J 208 -61.73 18.85 11.70
C VAL J 208 -62.33 17.47 11.87
N THR J 209 -63.22 17.32 12.84
CA THR J 209 -63.90 16.05 12.99
C THR J 209 -65.24 15.99 12.26
N GLU J 210 -65.74 14.76 12.15
CA GLU J 210 -67.12 14.46 11.77
C GLU J 210 -68.14 15.52 12.27
N ASP J 211 -67.98 15.98 13.50
CA ASP J 211 -68.96 16.86 14.15
C ASP J 211 -68.79 18.32 13.85
N ASP J 212 -67.71 18.71 13.18
CA ASP J 212 -67.36 20.11 13.09
C ASP J 212 -68.51 20.94 12.56
N ALA J 213 -68.90 21.97 13.31
CA ALA J 213 -70.06 22.81 12.92
C ALA J 213 -69.81 23.52 11.61
N TYR J 214 -68.64 24.16 11.50
CA TYR J 214 -68.33 24.94 10.30
C TYR J 214 -68.25 24.07 9.06
N PHE J 215 -67.49 22.99 9.13
CA PHE J 215 -67.32 22.14 7.97
C PHE J 215 -68.66 21.53 7.59
N SER J 216 -69.47 21.13 8.57
CA SER J 216 -70.76 20.54 8.23
C SER J 216 -71.60 21.53 7.45
N ALA J 217 -71.52 22.78 7.87
CA ALA J 217 -72.33 23.86 7.30
C ALA J 217 -71.93 24.16 5.86
N ILE J 218 -70.64 24.30 5.59
CA ILE J 218 -70.26 24.64 4.26
C ILE J 218 -70.53 23.47 3.32
N ARG J 219 -70.51 22.24 3.82
CA ARG J 219 -70.85 21.10 2.98
C ARG J 219 -72.30 21.15 2.57
N ARG J 220 -73.17 21.41 3.54
CA ARG J 220 -74.60 21.53 3.29
C ARG J 220 -74.91 22.66 2.31
N GLN J 221 -74.21 23.79 2.46
CA GLN J 221 -74.39 24.96 1.58
C GLN J 221 -73.93 24.66 0.18
N TRP J 222 -72.72 24.11 0.09
CA TRP J 222 -72.14 23.76 -1.17
C TRP J 222 -73.08 22.80 -1.93
N SER J 223 -73.70 21.85 -1.24
CA SER J 223 -74.62 20.92 -1.94
C SER J 223 -75.81 21.62 -2.51
N ALA J 224 -76.44 22.42 -1.66
CA ALA J 224 -77.60 23.20 -2.04
C ALA J 224 -77.25 24.09 -3.22
N GLY J 225 -76.08 24.70 -3.18
CA GLY J 225 -75.66 25.59 -4.24
C GLY J 225 -75.60 24.85 -5.56
N LEU J 226 -74.83 23.76 -5.58
CA LEU J 226 -74.63 22.99 -6.80
C LEU J 226 -75.94 22.51 -7.37
N HIS J 227 -76.81 22.08 -6.49
CA HIS J 227 -78.10 21.57 -6.93
C HIS J 227 -78.89 22.69 -7.63
N ASP J 228 -78.85 23.88 -7.02
CA ASP J 228 -79.53 25.07 -7.55
C ASP J 228 -79.03 25.41 -8.93
N LEU J 230 -77.47 23.77 -11.04
CA LEU J 230 -77.75 22.74 -12.02
C LEU J 230 -79.16 22.85 -12.59
N GLU J 231 -80.13 23.16 -11.74
CA GLU J 231 -81.53 23.27 -12.19
C GLU J 231 -81.79 24.55 -12.97
N ARG J 232 -81.00 25.57 -12.67
CA ARG J 232 -81.13 26.86 -13.31
C ARG J 232 -80.24 27.06 -14.56
N LEU J 233 -79.44 26.06 -14.90
CA LEU J 233 -78.79 26.00 -16.21
C LEU J 233 -79.79 25.79 -17.31
N PRO J 234 -79.52 26.35 -18.48
CA PRO J 234 -80.48 26.21 -19.59
C PRO J 234 -80.55 24.82 -20.19
N SER J 235 -81.61 24.56 -20.94
CA SER J 235 -81.76 23.31 -21.66
C SER J 235 -80.95 23.32 -22.97
N PRO J 236 -80.43 22.16 -23.37
CA PRO J 236 -79.75 22.05 -24.65
C PRO J 236 -80.70 22.39 -25.80
N PRO J 237 -80.24 23.11 -26.85
CA PRO J 237 -81.07 23.42 -28.03
C PRO J 237 -81.67 22.19 -28.74
N SER J 238 -82.49 22.44 -29.77
CA SER J 238 -83.05 21.36 -30.61
C SER J 238 -81.94 20.43 -31.09
N ALA J 239 -80.97 21.05 -31.78
CA ALA J 239 -79.82 20.37 -32.34
C ALA J 239 -79.34 19.12 -31.56
N TYR J 240 -79.27 19.17 -30.23
CA TYR J 240 -78.61 18.11 -29.43
C TYR J 240 -79.28 16.73 -29.35
N ASN J 241 -80.37 16.48 -30.10
CA ASN J 241 -81.07 15.16 -29.96
C ASN J 241 -81.05 14.25 -31.21
N THR K 1 -35.69 8.99 -44.13
CA THR K 1 -36.95 8.22 -44.11
C THR K 1 -38.05 9.09 -43.55
N TYR K 2 -38.97 9.49 -44.42
CA TYR K 2 -40.16 10.17 -44.00
C TYR K 2 -41.27 9.77 -44.98
N CYS K 3 -42.40 9.30 -44.47
CA CYS K 3 -43.52 8.94 -45.34
C CYS K 3 -44.77 9.59 -44.82
N VAL K 4 -45.66 9.95 -45.73
CA VAL K 4 -46.97 10.49 -45.41
C VAL K 4 -48.01 9.80 -46.24
N ALA K 5 -49.19 9.60 -45.66
CA ALA K 5 -50.33 9.10 -46.43
C ALA K 5 -51.57 9.78 -45.93
N HIS K 7 -55.94 10.00 -46.32
CA HIS K 7 -57.20 9.43 -46.78
C HIS K 7 -58.22 10.50 -46.68
N LEU K 8 -58.65 10.94 -47.87
CA LEU K 8 -59.52 12.09 -48.05
C LEU K 8 -60.79 11.70 -48.78
N ALA K 9 -61.72 12.64 -48.80
CA ALA K 9 -63.02 12.40 -49.39
C ALA K 9 -62.85 11.87 -50.80
N ASP K 10 -61.94 12.47 -51.60
CA ASP K 10 -61.80 12.10 -53.03
C ASP K 10 -60.84 10.96 -53.30
N GLY K 11 -60.15 10.46 -52.30
CA GLY K 11 -59.28 9.31 -52.49
C GLY K 11 -58.08 9.29 -51.55
N LEU K 12 -56.95 8.82 -52.05
CA LEU K 12 -55.76 8.65 -51.25
C LEU K 12 -54.59 9.34 -51.91
N VAL K 13 -53.68 9.84 -51.08
CA VAL K 13 -52.43 10.40 -51.56
C VAL K 13 -51.29 9.84 -50.72
N PHE K 14 -50.23 9.35 -51.39
CA PHE K 14 -49.10 8.78 -50.72
C PHE K 14 -47.84 9.49 -51.13
N ALA K 15 -46.92 9.69 -50.19
CA ALA K 15 -45.60 10.26 -50.54
C ALA K 15 -44.52 9.79 -49.61
N SER K 16 -43.38 9.37 -50.18
CA SER K 16 -42.26 8.87 -49.40
C SER K 16 -40.96 9.46 -49.90
N ASP K 17 -39.98 9.61 -49.02
CA ASP K 17 -38.61 9.88 -49.48
C ASP K 17 -37.93 8.57 -49.85
N SER K 18 -36.62 8.60 -49.99
CA SER K 18 -35.85 7.42 -50.37
C SER K 18 -34.54 7.22 -49.63
N ARG K 19 -34.15 8.18 -48.83
CA ARG K 19 -32.84 8.11 -48.18
C ARG K 19 -32.94 7.14 -47.03
N THR K 20 -31.96 6.25 -46.95
CA THR K 20 -32.10 5.08 -46.13
C THR K 20 -30.81 4.77 -45.45
N ASN K 21 -30.91 4.49 -44.16
CA ASN K 21 -29.75 4.09 -43.41
C ASN K 21 -29.57 2.59 -43.61
N ALA K 22 -28.53 2.20 -44.33
CA ALA K 22 -28.34 0.83 -44.66
C ALA K 22 -27.15 0.23 -43.92
N GLY K 23 -26.82 0.74 -42.75
CA GLY K 23 -25.58 0.34 -42.11
C GLY K 23 -24.76 1.55 -41.80
N ILE K 24 -23.62 1.31 -41.17
CA ILE K 24 -22.75 2.43 -40.78
C ILE K 24 -21.97 2.86 -42.01
N ASP K 25 -21.89 4.17 -42.18
CA ASP K 25 -21.21 4.74 -43.31
C ASP K 25 -21.74 4.16 -44.63
N HIS K 26 -22.99 3.73 -44.65
CA HIS K 26 -23.63 3.33 -45.89
C HIS K 26 -25.06 3.91 -45.91
N ILE K 27 -25.20 5.15 -46.36
CA ILE K 27 -26.51 5.74 -46.59
C ILE K 27 -26.83 5.67 -48.06
N ALA K 28 -28.06 5.32 -48.39
CA ALA K 28 -28.36 4.97 -49.77
C ALA K 28 -29.79 5.19 -50.13
N THR K 29 -30.07 5.10 -51.42
CA THR K 29 -31.42 5.30 -51.95
C THR K 29 -32.17 3.97 -52.06
N PHE K 30 -33.34 3.89 -51.45
CA PHE K 30 -34.24 2.75 -51.60
C PHE K 30 -35.71 3.24 -51.67
N ARG K 31 -36.47 2.69 -52.61
CA ARG K 31 -37.89 3.01 -52.75
C ARG K 31 -38.62 2.60 -51.48
N LYS K 32 -39.52 3.46 -50.99
CA LYS K 32 -40.27 3.15 -49.77
C LYS K 32 -41.77 3.15 -50.02
N LEU K 33 -42.16 2.99 -51.27
CA LEU K 33 -43.57 3.05 -51.64
C LEU K 33 -43.79 2.01 -52.72
N PHE K 34 -44.63 1.02 -52.43
CA PHE K 34 -44.82 -0.12 -53.31
C PHE K 34 -46.29 -0.29 -53.58
N THR K 35 -46.61 -0.65 -54.82
CA THR K 35 -48.02 -0.81 -55.22
C THR K 35 -48.33 -2.25 -55.60
N PHE K 36 -49.58 -2.64 -55.44
CA PHE K 36 -50.01 -3.99 -55.76
C PHE K 36 -51.42 -3.87 -56.25
N GLY K 37 -51.87 -4.80 -57.08
CA GLY K 37 -53.28 -4.84 -57.44
C GLY K 37 -53.62 -5.47 -58.77
N THR K 38 -54.92 -5.59 -59.03
CA THR K 38 -55.44 -6.04 -60.30
C THR K 38 -56.37 -4.96 -60.82
N PRO K 39 -56.13 -4.46 -62.06
CA PRO K 39 -56.96 -3.35 -62.58
C PRO K 39 -58.46 -3.66 -62.62
N GLY K 40 -59.28 -2.70 -62.17
CA GLY K 40 -60.72 -2.86 -62.10
C GLY K 40 -61.21 -3.59 -60.86
N GLU K 41 -60.29 -4.08 -60.03
CA GLU K 41 -60.63 -4.87 -58.84
C GLU K 41 -59.98 -4.31 -57.57
N ARG K 42 -58.68 -4.02 -57.57
CA ARG K 42 -58.08 -3.46 -56.35
C ARG K 42 -56.77 -2.72 -56.56
N LEU K 43 -56.53 -1.75 -55.67
CA LEU K 43 -55.23 -1.11 -55.54
C LEU K 43 -54.81 -1.14 -54.09
N LEU K 44 -53.59 -1.58 -53.82
CA LEU K 44 -53.03 -1.49 -52.47
C LEU K 44 -51.65 -0.88 -52.52
N VAL K 45 -51.37 0.02 -51.59
CA VAL K 45 -50.05 0.64 -51.49
C VAL K 45 -49.45 0.37 -50.12
N VAL K 46 -48.18 -0.01 -50.10
CA VAL K 46 -47.49 -0.21 -48.86
C VAL K 46 -46.30 0.73 -48.79
N GLN K 47 -46.19 1.48 -47.70
CA GLN K 47 -45.01 2.29 -47.45
C GLN K 47 -44.25 1.74 -46.27
N THR K 48 -42.95 1.96 -46.27
CA THR K 48 -42.07 1.36 -45.28
C THR K 48 -41.23 2.43 -44.56
N ALA K 49 -40.88 2.13 -43.32
CA ALA K 49 -39.95 2.94 -42.57
C ALA K 49 -39.33 2.05 -41.53
N GLY K 50 -38.12 2.40 -41.10
CA GLY K 50 -37.42 1.58 -40.08
C GLY K 50 -36.35 0.73 -40.69
N ASN K 51 -36.07 -0.41 -40.08
CA ASN K 51 -34.97 -1.26 -40.52
C ASN K 51 -35.15 -1.73 -41.96
N LEU K 52 -34.15 -1.46 -42.78
CA LEU K 52 -34.16 -1.85 -44.19
C LEU K 52 -34.29 -3.37 -44.37
N ALA K 53 -33.42 -4.12 -43.73
CA ALA K 53 -33.45 -5.57 -43.88
C ALA K 53 -34.85 -6.12 -43.61
N THR K 54 -35.47 -5.64 -42.55
CA THR K 54 -36.71 -6.21 -42.12
C THR K 54 -37.79 -5.82 -43.09
N SER K 55 -37.87 -4.54 -43.40
CA SER K 55 -38.89 -4.10 -44.33
C SER K 55 -38.72 -4.73 -45.73
N GLN K 56 -37.49 -4.88 -46.19
CA GLN K 56 -37.28 -5.51 -47.47
C GLN K 56 -37.79 -6.92 -47.44
N SER K 57 -37.44 -7.66 -46.40
CA SER K 57 -37.87 -9.03 -46.34
C SER K 57 -39.38 -9.12 -46.36
N VAL K 58 -40.04 -8.23 -45.64
CA VAL K 58 -41.49 -8.25 -45.62
C VAL K 58 -42.04 -8.04 -47.02
N ILE K 59 -41.56 -7.01 -47.70
CA ILE K 59 -42.05 -6.69 -49.04
C ILE K 59 -41.76 -7.82 -50.02
N ASN K 60 -40.57 -8.38 -49.91
CA ASN K 60 -40.18 -9.47 -50.76
C ASN K 60 -41.09 -10.68 -50.60
N LEU K 61 -41.45 -11.01 -49.36
CA LEU K 61 -42.31 -12.16 -49.14
C LEU K 61 -43.72 -11.89 -49.66
N LEU K 62 -44.22 -10.68 -49.46
CA LEU K 62 -45.51 -10.33 -50.00
C LEU K 62 -45.54 -10.49 -51.52
N GLN K 63 -44.47 -10.13 -52.21
CA GLN K 63 -44.40 -10.27 -53.66
C GLN K 63 -44.37 -11.72 -54.04
N GLN K 64 -43.47 -12.50 -53.45
CA GLN K 64 -43.38 -13.91 -53.77
C GLN K 64 -44.73 -14.60 -53.60
N ARG K 65 -45.42 -14.28 -52.51
CA ARG K 65 -46.66 -14.96 -52.17
C ARG K 65 -47.87 -14.56 -53.01
N ILE K 66 -47.77 -13.43 -53.67
CA ILE K 66 -48.83 -12.97 -54.59
C ILE K 66 -49.05 -14.03 -55.68
N ARG K 67 -47.92 -14.55 -56.19
CA ARG K 67 -47.86 -15.64 -57.18
C ARG K 67 -47.89 -17.02 -56.48
N ARG K 68 -48.89 -17.26 -55.61
CA ARG K 68 -48.98 -18.54 -54.87
C ARG K 68 -50.38 -18.72 -54.23
N ASP K 69 -50.91 -19.94 -54.35
CA ASP K 69 -52.28 -20.28 -53.90
C ASP K 69 -52.38 -20.28 -52.37
N GLY K 70 -52.90 -19.20 -51.80
CA GLY K 70 -52.99 -19.03 -50.35
C GLY K 70 -53.12 -17.55 -50.05
N ALA K 71 -53.11 -17.18 -48.78
CA ALA K 71 -53.28 -15.77 -48.38
C ALA K 71 -52.25 -14.85 -49.06
N SER K 72 -52.74 -13.79 -49.72
CA SER K 72 -51.87 -12.83 -50.40
C SER K 72 -52.58 -11.51 -50.57
N LEU K 73 -51.82 -10.45 -50.80
CA LEU K 73 -52.41 -9.14 -50.98
C LEU K 73 -53.39 -9.05 -52.14
N LEU K 74 -53.44 -10.04 -53.01
CA LEU K 74 -54.41 -10.00 -54.12
C LEU K 74 -55.76 -10.68 -53.87
N ASN K 75 -55.94 -11.39 -52.76
CA ASN K 75 -57.12 -12.22 -52.58
C ASN K 75 -57.84 -11.85 -51.27
N VAL K 76 -57.04 -11.36 -50.35
CA VAL K 76 -57.49 -10.73 -49.14
C VAL K 76 -58.76 -9.91 -49.38
N PRO K 77 -59.81 -10.12 -48.58
CA PRO K 77 -61.10 -9.47 -48.86
C PRO K 77 -61.28 -7.99 -48.49
N SER K 78 -60.39 -7.38 -47.72
CA SER K 78 -60.54 -5.97 -47.33
C SER K 78 -59.21 -5.32 -47.03
N VAL K 79 -59.17 -4.00 -47.06
CA VAL K 79 -57.91 -3.27 -46.80
C VAL K 79 -57.45 -3.59 -45.37
N TYR K 80 -58.41 -3.71 -44.45
CA TYR K 80 -58.11 -4.15 -43.11
C TYR K 80 -57.30 -5.44 -43.12
N ASP K 81 -57.84 -6.46 -43.77
CA ASP K 81 -57.18 -7.77 -43.82
C ASP K 81 -55.83 -7.74 -44.52
N ALA K 82 -55.67 -6.83 -45.48
CA ALA K 82 -54.39 -6.59 -46.11
C ALA K 82 -53.37 -6.10 -45.07
N THR K 83 -53.79 -5.10 -44.29
CA THR K 83 -52.95 -4.55 -43.25
C THR K 83 -52.57 -5.64 -42.28
N ALA K 84 -53.55 -6.45 -41.91
CA ALA K 84 -53.30 -7.55 -40.97
C ALA K 84 -52.28 -8.50 -41.55
N LEU K 85 -52.36 -8.72 -42.85
CA LEU K 85 -51.47 -9.68 -43.50
C LEU K 85 -50.06 -9.16 -43.49
N VAL K 86 -49.91 -7.87 -43.75
CA VAL K 86 -48.59 -7.25 -43.70
C VAL K 86 -48.01 -7.45 -42.31
N ALA K 87 -48.79 -7.13 -41.30
CA ALA K 87 -48.36 -7.30 -39.92
C ALA K 87 -47.97 -8.74 -39.61
N GLU K 88 -48.86 -9.66 -39.94
CA GLU K 88 -48.62 -11.08 -39.82
C GLU K 88 -47.26 -11.43 -40.41
N THR K 89 -47.00 -10.92 -41.61
CA THR K 89 -45.76 -11.19 -42.32
C THR K 89 -44.57 -10.61 -41.54
N THR K 90 -44.73 -9.39 -41.02
CA THR K 90 -43.68 -8.75 -40.24
C THR K 90 -43.29 -9.63 -39.06
N ARG K 91 -44.27 -10.11 -38.29
CA ARG K 91 -44.02 -11.01 -37.17
C ARG K 91 -43.18 -12.22 -37.57
N GLU K 92 -43.54 -12.80 -38.71
CA GLU K 92 -42.84 -13.93 -39.22
C GLU K 92 -41.37 -13.62 -39.47
N VAL K 93 -41.09 -12.45 -40.04
CA VAL K 93 -39.72 -12.05 -40.36
C VAL K 93 -38.89 -11.79 -39.09
N ALA K 95 -39.40 -13.10 -36.09
CA ALA K 95 -39.16 -14.39 -35.47
C ALA K 95 -37.88 -15.06 -36.00
N ARG K 96 -37.69 -15.02 -37.32
CA ARG K 96 -36.60 -15.74 -37.95
C ARG K 96 -35.21 -15.11 -37.69
N ASP K 97 -35.12 -13.78 -37.82
CA ASP K 97 -33.85 -13.02 -37.73
C ASP K 97 -33.37 -12.75 -36.29
N SER K 98 -34.32 -12.70 -35.36
CA SER K 98 -34.02 -12.72 -33.94
C SER K 98 -33.18 -13.97 -33.51
N GLY K 99 -32.22 -13.75 -32.61
CA GLY K 99 -31.30 -14.77 -32.10
C GLY K 99 -30.21 -14.08 -31.29
N ASN K 100 -29.23 -14.84 -30.80
CA ASN K 100 -28.08 -14.23 -30.12
C ASN K 100 -27.22 -13.35 -31.05
N LEU K 101 -27.16 -13.74 -32.33
CA LEU K 101 -26.29 -13.11 -33.33
C LEU K 101 -26.70 -11.65 -33.61
N ALA K 102 -28.01 -11.41 -33.74
CA ALA K 102 -28.50 -10.03 -33.87
C ALA K 102 -28.10 -9.22 -32.62
N GLY K 103 -28.23 -9.81 -31.43
CA GLY K 103 -27.83 -9.15 -30.18
C GLY K 103 -28.79 -8.06 -29.77
N ASN K 104 -28.28 -6.85 -29.55
CA ASN K 104 -29.13 -5.69 -29.19
C ASN K 104 -29.51 -4.77 -30.37
N THR K 105 -29.03 -5.09 -31.57
CA THR K 105 -29.38 -4.33 -32.78
C THR K 105 -30.93 -4.27 -33.00
N ASP K 106 -31.42 -3.11 -33.47
CA ASP K 106 -32.86 -2.84 -33.51
C ASP K 106 -33.53 -3.13 -34.87
N LEU K 107 -34.20 -4.26 -34.95
CA LEU K 107 -34.74 -4.76 -36.22
C LEU K 107 -36.15 -4.31 -36.57
N SER K 108 -36.68 -3.34 -35.85
CA SER K 108 -38.10 -3.05 -35.96
C SER K 108 -38.34 -2.17 -37.17
N CYS K 109 -39.54 -2.28 -37.73
CA CYS K 109 -39.99 -1.30 -38.72
C CYS K 109 -41.50 -1.14 -38.70
N SER K 110 -41.92 -0.11 -39.37
CA SER K 110 -43.30 0.29 -39.44
C SER K 110 -43.73 0.44 -40.89
N PHE K 111 -45.04 0.41 -41.12
CA PHE K 111 -45.59 0.41 -42.45
C PHE K 111 -46.85 1.25 -42.52
N VAL K 113 -50.39 0.97 -44.95
CA VAL K 113 -51.08 0.14 -45.93
C VAL K 113 -52.37 0.83 -46.24
N GLY K 114 -52.56 1.21 -47.49
CA GLY K 114 -53.78 1.89 -47.88
C GLY K 114 -54.19 1.50 -49.28
N GLY K 115 -55.44 1.78 -49.62
CA GLY K 115 -55.92 1.45 -50.94
C GLY K 115 -57.41 1.21 -50.97
N GLN K 116 -57.86 0.50 -51.99
CA GLN K 116 -59.28 0.21 -52.16
C GLN K 116 -59.50 -1.11 -52.85
N ILE K 117 -60.43 -1.88 -52.31
CA ILE K 117 -60.82 -3.13 -52.90
C ILE K 117 -62.25 -2.97 -53.37
N ALA K 118 -62.54 -3.50 -54.55
CA ALA K 118 -63.88 -3.41 -55.14
C ALA K 118 -64.95 -3.72 -54.12
N GLY K 119 -65.92 -2.82 -54.00
CA GLY K 119 -67.11 -3.07 -53.20
C GLY K 119 -67.05 -2.48 -51.82
N GLY K 120 -65.98 -1.77 -51.52
CA GLY K 120 -65.92 -1.06 -50.25
C GLY K 120 -65.11 0.18 -50.42
N PRO K 121 -65.26 1.14 -49.49
CA PRO K 121 -64.58 2.40 -49.63
C PRO K 121 -63.07 2.25 -49.53
N PRO K 122 -62.33 3.28 -49.92
CA PRO K 122 -60.90 3.27 -49.72
C PRO K 122 -60.60 3.39 -48.25
N ALA K 123 -59.44 2.88 -47.84
CA ALA K 123 -59.00 2.96 -46.43
C ALA K 123 -57.47 3.13 -46.31
N LEU K 124 -57.01 3.53 -45.12
CA LEU K 124 -55.59 3.76 -44.86
C LEU K 124 -55.25 3.37 -43.43
N TYR K 125 -54.27 2.49 -43.26
CA TYR K 125 -53.84 2.06 -41.92
C TYR K 125 -52.36 2.35 -41.71
N SER K 126 -51.96 2.45 -40.44
CA SER K 126 -50.54 2.54 -40.11
C SER K 126 -50.23 1.44 -39.12
N ILE K 127 -49.17 0.66 -39.39
CA ILE K 127 -48.72 -0.43 -38.53
C ILE K 127 -47.51 -0.01 -37.73
N TYR K 128 -47.57 -0.23 -36.42
CA TYR K 128 -46.54 0.26 -35.54
C TYR K 128 -45.44 -0.76 -35.44
N PRO K 129 -44.27 -0.36 -34.90
CA PRO K 129 -43.18 -1.31 -34.68
C PRO K 129 -43.61 -2.60 -34.03
N GLN K 130 -44.59 -2.53 -33.13
CA GLN K 130 -45.00 -3.69 -32.35
C GLN K 130 -46.03 -4.57 -33.06
N GLY K 131 -46.48 -4.16 -34.26
CA GLY K 131 -47.41 -4.99 -35.06
C GLY K 131 -48.92 -4.74 -34.96
N ASN K 132 -49.33 -3.84 -34.05
CA ASN K 132 -50.70 -3.44 -33.95
C ASN K 132 -50.86 -2.23 -34.87
N PHE K 133 -52.09 -2.00 -35.33
CA PHE K 133 -52.30 -0.88 -36.24
C PHE K 133 -53.56 -0.05 -36.03
N ILE K 134 -53.51 1.12 -36.65
CA ILE K 134 -54.60 2.04 -36.57
C ILE K 134 -55.05 2.45 -37.94
N GLN K 135 -56.27 2.97 -37.98
CA GLN K 135 -56.89 3.40 -39.18
C GLN K 135 -57.05 4.91 -39.18
N ALA K 136 -56.79 5.54 -40.31
CA ALA K 136 -57.07 6.94 -40.46
C ALA K 136 -58.57 7.15 -40.60
N THR K 137 -59.06 8.26 -40.04
CA THR K 137 -60.48 8.63 -40.11
C THR K 137 -60.63 10.09 -40.53
N PRO K 138 -61.88 10.54 -40.68
CA PRO K 138 -62.06 11.93 -41.12
C PRO K 138 -61.46 12.93 -40.17
N ASP K 139 -61.52 12.63 -38.88
CA ASP K 139 -60.99 13.54 -37.86
C ASP K 139 -59.47 13.50 -37.84
N THR K 140 -58.90 12.38 -38.21
CA THR K 140 -57.44 12.23 -38.29
C THR K 140 -57.11 11.59 -39.65
N PRO K 141 -57.07 12.42 -40.70
CA PRO K 141 -57.04 11.91 -42.04
C PRO K 141 -55.68 11.69 -42.61
N PHE K 142 -54.62 12.05 -41.90
CA PHE K 142 -53.27 11.74 -42.40
C PHE K 142 -52.47 11.05 -41.36
N LEU K 143 -51.52 10.25 -41.82
CA LEU K 143 -50.62 9.50 -40.95
C LEU K 143 -49.18 9.59 -41.48
N GLN K 144 -48.22 9.57 -40.58
CA GLN K 144 -46.80 9.75 -40.95
C GLN K 144 -45.93 8.63 -40.43
N LEU K 145 -44.85 8.37 -41.12
CA LEU K 145 -43.85 7.45 -40.62
C LEU K 145 -42.54 8.11 -40.72
N GLY K 146 -41.63 7.64 -39.91
CA GLY K 146 -40.27 8.12 -39.95
C GLY K 146 -40.09 9.43 -39.22
N GLU K 147 -39.25 10.25 -39.80
CA GLU K 147 -38.83 11.51 -39.25
C GLU K 147 -39.86 12.61 -39.65
N SER K 148 -40.92 12.71 -38.88
CA SER K 148 -42.11 13.42 -39.31
C SER K 148 -42.47 14.71 -38.57
N LYS K 149 -41.78 15.04 -37.49
CA LYS K 149 -42.17 16.20 -36.69
C LYS K 149 -41.92 17.49 -37.49
N TYR K 150 -40.87 17.50 -38.29
CA TYR K 150 -40.50 18.71 -39.01
C TYR K 150 -41.62 19.20 -39.93
N GLY K 151 -42.27 18.26 -40.60
CA GLY K 151 -43.27 18.59 -41.61
C GLY K 151 -44.69 18.38 -41.15
N LYS K 152 -44.86 18.13 -39.86
CA LYS K 152 -46.21 17.95 -39.33
C LYS K 152 -47.04 19.25 -39.30
N PRO K 153 -46.45 20.37 -38.88
CA PRO K 153 -47.27 21.53 -38.67
C PRO K 153 -48.02 21.94 -39.92
N ILE K 154 -47.38 21.95 -41.07
CA ILE K 154 -48.09 22.40 -42.26
C ILE K 154 -49.33 21.51 -42.55
N LEU K 155 -49.24 20.23 -42.20
CA LEU K 155 -50.34 19.32 -42.42
C LEU K 155 -51.43 19.54 -41.39
N ASP K 156 -51.04 19.67 -40.13
CA ASP K 156 -51.99 20.01 -39.10
C ASP K 156 -52.78 21.26 -39.45
N ARG K 157 -52.10 22.30 -39.93
CA ARG K 157 -52.74 23.58 -40.22
C ARG K 157 -53.74 23.54 -41.36
N ASN K 158 -53.43 22.81 -42.41
CA ASN K 158 -54.15 22.97 -43.67
C ASN K 158 -54.97 21.78 -44.12
N LEU K 159 -54.57 20.60 -43.73
CA LEU K 159 -55.19 19.42 -44.25
C LEU K 159 -56.42 19.04 -43.47
N THR K 160 -57.47 18.63 -44.18
CA THR K 160 -58.66 18.04 -43.58
C THR K 160 -59.22 16.98 -44.53
N PHE K 161 -60.19 16.23 -44.06
CA PHE K 161 -60.78 15.16 -44.88
C PHE K 161 -61.26 15.66 -46.24
N ASP K 162 -61.80 16.88 -46.26
CA ASP K 162 -62.34 17.47 -47.48
C ASP K 162 -61.33 18.14 -48.41
N THR K 163 -60.07 18.22 -48.01
CA THR K 163 -59.07 18.82 -48.87
C THR K 163 -59.04 18.03 -50.16
N PRO K 164 -59.11 18.70 -51.32
CA PRO K 164 -58.95 17.95 -52.60
C PRO K 164 -57.57 17.34 -52.79
N LEU K 165 -57.48 16.35 -53.65
CA LEU K 165 -56.23 15.62 -53.81
C LEU K 165 -55.08 16.52 -54.28
N GLU K 166 -55.28 17.30 -55.37
CA GLU K 166 -54.19 18.15 -55.91
C GLU K 166 -53.63 19.04 -54.78
N GLN K 167 -54.49 19.57 -53.93
CA GLN K 167 -54.01 20.42 -52.82
C GLN K 167 -53.34 19.66 -51.68
N ALA K 168 -53.82 18.46 -51.39
CA ALA K 168 -53.22 17.63 -50.40
C ALA K 168 -51.82 17.28 -50.84
N LEU K 169 -51.67 16.91 -52.10
CA LEU K 169 -50.36 16.55 -52.61
C LEU K 169 -49.38 17.71 -52.45
N ARG K 170 -49.86 18.89 -52.82
CA ARG K 170 -49.06 20.10 -52.74
C ARG K 170 -48.63 20.34 -51.33
N CYS K 171 -49.56 20.12 -50.44
CA CYS K 171 -49.29 20.25 -49.03
C CYS K 171 -48.20 19.28 -48.57
N ALA K 172 -48.33 18.02 -48.98
CA ALA K 172 -47.31 17.03 -48.69
C ALA K 172 -45.93 17.45 -49.19
N LEU K 173 -45.87 18.00 -50.39
CA LEU K 173 -44.58 18.42 -50.92
C LEU K 173 -43.93 19.51 -50.07
N VAL K 174 -44.72 20.45 -49.55
CA VAL K 174 -44.17 21.48 -48.70
C VAL K 174 -43.67 20.85 -47.40
N SER K 175 -44.41 19.87 -46.91
CA SER K 175 -43.96 19.09 -45.76
C SER K 175 -42.55 18.54 -45.99
N PHE K 176 -42.34 17.96 -47.16
CA PHE K 176 -41.02 17.40 -47.48
C PHE K 176 -39.95 18.45 -47.64
N ASP K 177 -40.32 19.58 -48.22
CA ASP K 177 -39.42 20.69 -48.37
C ASP K 177 -38.80 21.04 -47.00
N SER K 178 -39.65 21.35 -46.01
CA SER K 178 -39.14 21.74 -44.69
C SER K 178 -38.31 20.62 -44.07
N THR K 179 -38.79 19.39 -44.22
CA THR K 179 -38.13 18.27 -43.60
C THR K 179 -36.70 18.17 -44.17
N ILE K 180 -36.60 18.17 -45.49
CA ILE K 180 -35.31 17.96 -46.15
C ILE K 180 -34.32 19.03 -45.77
N ARG K 181 -34.80 20.25 -45.58
CA ARG K 181 -33.91 21.33 -45.18
C ARG K 181 -33.37 21.17 -43.79
N SER K 182 -34.13 20.53 -42.92
CA SER K 182 -33.84 20.56 -41.51
C SER K 182 -33.29 19.25 -40.97
N ASN K 183 -33.28 18.21 -41.79
CA ASN K 183 -32.85 16.87 -41.33
C ASN K 183 -32.25 16.07 -42.48
N LEU K 184 -30.95 15.83 -42.40
CA LEU K 184 -30.26 15.14 -43.48
C LEU K 184 -30.64 13.69 -43.67
N SER K 185 -31.29 13.06 -42.70
CA SER K 185 -31.60 11.64 -42.82
C SER K 185 -32.71 11.48 -43.89
N VAL K 186 -33.38 12.57 -44.22
CA VAL K 186 -34.44 12.56 -45.21
C VAL K 186 -33.90 13.19 -46.49
N GLY K 187 -34.29 12.61 -47.63
CA GLY K 187 -33.67 13.00 -48.89
C GLY K 187 -34.31 12.46 -50.15
N PRO K 189 -34.45 11.10 -54.20
CA PRO K 189 -35.77 11.31 -54.80
C PRO K 189 -36.94 10.97 -53.90
N LEU K 190 -38.10 11.56 -54.22
CA LEU K 190 -39.36 11.22 -53.59
C LEU K 190 -40.17 10.40 -54.51
N ASP K 191 -41.09 9.64 -53.94
CA ASP K 191 -42.01 8.83 -54.73
C ASP K 191 -43.45 9.17 -54.30
N LEU K 192 -44.29 9.53 -55.28
CA LEU K 192 -45.67 9.94 -55.00
C LEU K 192 -46.62 8.99 -55.69
N LEU K 193 -47.81 8.89 -55.12
CA LEU K 193 -48.89 8.24 -55.80
C LEU K 193 -50.21 8.84 -55.36
N VAL K 194 -51.06 9.15 -56.33
CA VAL K 194 -52.39 9.66 -56.06
C VAL K 194 -53.41 8.67 -56.60
N TYR K 195 -54.42 8.36 -55.80
CA TYR K 195 -55.44 7.41 -56.21
C TYR K 195 -56.81 8.01 -56.06
N HIS K 196 -57.64 7.88 -57.11
CA HIS K 196 -58.98 8.49 -57.11
C HIS K 196 -60.06 7.50 -56.61
N ARG K 197 -60.88 7.96 -55.66
CA ARG K 197 -61.88 7.08 -55.01
C ARG K 197 -62.70 6.44 -56.08
N ASP K 198 -62.85 5.12 -55.98
CA ASP K 198 -63.68 4.29 -56.90
C ASP K 198 -63.12 4.10 -58.29
N SER K 199 -61.94 4.62 -58.60
CA SER K 199 -61.36 4.43 -59.93
C SER K 199 -60.93 2.98 -60.15
N LEU K 200 -60.47 2.31 -59.09
CA LEU K 200 -59.97 0.95 -59.15
C LEU K 200 -58.95 0.70 -60.26
N ILE K 201 -58.10 1.69 -60.51
CA ILE K 201 -56.95 1.55 -61.44
C ILE K 201 -55.66 1.64 -60.66
N LEU K 202 -54.57 1.16 -61.24
CA LEU K 202 -53.25 1.23 -60.59
C LEU K 202 -52.50 2.42 -61.16
N PRO K 203 -52.53 3.57 -60.47
CA PRO K 203 -51.82 4.70 -61.02
C PRO K 203 -50.34 4.39 -61.15
N GLU K 204 -49.65 5.02 -62.10
CA GLU K 204 -48.25 4.73 -62.26
C GLU K 204 -47.44 5.36 -61.15
N GLY K 205 -47.93 6.45 -60.57
CA GLY K 205 -47.16 7.15 -59.56
C GLY K 205 -46.04 7.93 -60.22
N TYR K 206 -45.27 8.68 -59.45
CA TYR K 206 -44.35 9.63 -60.03
C TYR K 206 -43.19 9.83 -59.11
N ARG K 207 -42.01 9.95 -59.69
CA ARG K 207 -40.81 10.20 -58.91
C ARG K 207 -40.29 11.63 -59.06
N VAL K 208 -40.09 12.27 -57.91
CA VAL K 208 -39.56 13.62 -57.90
C VAL K 208 -38.06 13.64 -57.68
N THR K 209 -37.30 14.00 -58.71
CA THR K 209 -35.86 14.08 -58.54
C THR K 209 -35.39 15.48 -58.19
N GLU K 210 -34.16 15.56 -57.74
CA GLU K 210 -33.39 16.78 -57.61
C GLU K 210 -33.73 17.82 -58.68
N ASP K 211 -33.87 17.37 -59.92
CA ASP K 211 -34.03 18.27 -61.06
C ASP K 211 -35.46 18.75 -61.33
N ASP K 212 -36.44 18.20 -60.62
CA ASP K 212 -37.84 18.38 -60.99
C ASP K 212 -38.20 19.85 -61.08
N ALA K 213 -38.72 20.26 -62.23
CA ALA K 213 -39.00 21.69 -62.48
C ALA K 213 -40.05 22.20 -61.51
N TYR K 214 -41.14 21.45 -61.38
CA TYR K 214 -42.25 21.89 -60.54
C TYR K 214 -41.86 21.97 -59.08
N PHE K 215 -41.26 20.92 -58.55
CA PHE K 215 -40.85 20.93 -57.15
C PHE K 215 -39.81 22.03 -56.90
N SER K 216 -38.86 22.24 -57.81
CA SER K 216 -37.88 23.29 -57.60
C SER K 216 -38.54 24.62 -57.48
N ALA K 217 -39.57 24.82 -58.30
CA ALA K 217 -40.28 26.08 -58.39
C ALA K 217 -41.06 26.38 -57.15
N ILE K 218 -41.81 25.41 -56.66
CA ILE K 218 -42.62 25.71 -55.48
C ILE K 218 -41.74 25.90 -54.26
N ARG K 219 -40.56 25.29 -54.23
CA ARG K 219 -39.64 25.51 -53.12
C ARG K 219 -39.14 26.95 -53.13
N ARG K 220 -38.76 27.43 -54.30
CA ARG K 220 -38.28 28.79 -54.47
C ARG K 220 -39.36 29.79 -54.10
N GLN K 221 -40.60 29.50 -54.51
CA GLN K 221 -41.74 30.37 -54.23
C GLN K 221 -42.07 30.39 -52.76
N TRP K 222 -42.16 29.20 -52.19
CA TRP K 222 -42.42 29.07 -50.76
C TRP K 222 -41.37 29.84 -49.93
N SER K 223 -40.10 29.81 -50.30
CA SER K 223 -39.09 30.56 -49.57
C SER K 223 -39.35 32.04 -49.63
N ALA K 224 -39.53 32.52 -50.85
CA ALA K 224 -39.78 33.94 -51.08
C ALA K 224 -41.00 34.38 -50.31
N GLY K 225 -42.03 33.55 -50.31
CA GLY K 225 -43.27 33.86 -49.62
C GLY K 225 -43.03 34.04 -48.12
N LEU K 226 -42.44 33.03 -47.48
CA LEU K 226 -42.12 33.08 -46.06
C LEU K 226 -41.29 34.28 -45.71
N HIS K 227 -40.30 34.58 -46.52
CA HIS K 227 -39.41 35.69 -46.25
C HIS K 227 -40.19 37.01 -46.29
N ASP K 228 -41.08 37.14 -47.27
CA ASP K 228 -41.96 38.31 -47.41
C ASP K 228 -42.82 38.51 -46.19
N LEU K 230 -42.68 37.47 -43.29
CA LEU K 230 -41.93 37.74 -42.10
C LEU K 230 -41.54 39.19 -41.99
N GLU K 231 -41.16 39.80 -43.10
CA GLU K 231 -40.74 41.21 -43.08
C GLU K 231 -41.90 42.16 -42.94
N ARG K 232 -43.05 41.70 -43.43
CA ARG K 232 -44.26 42.51 -43.39
C ARG K 232 -45.15 42.27 -42.14
N LEU K 233 -44.75 41.37 -41.26
CA LEU K 233 -45.32 41.30 -39.91
C LEU K 233 -44.96 42.52 -39.09
N PRO K 234 -45.87 42.96 -38.21
CA PRO K 234 -45.60 44.12 -37.37
C PRO K 234 -44.51 43.90 -36.34
N SER K 235 -43.99 45.01 -35.82
CA SER K 235 -42.99 44.97 -34.75
C SER K 235 -43.65 44.73 -33.39
N PRO K 236 -42.94 44.02 -32.49
CA PRO K 236 -43.43 43.83 -31.13
C PRO K 236 -43.55 45.16 -30.43
N PRO K 237 -44.60 45.35 -29.60
CA PRO K 237 -44.76 46.61 -28.84
C PRO K 237 -43.58 46.96 -27.92
N SER K 238 -43.64 48.11 -27.26
CA SER K 238 -42.65 48.50 -26.25
C SER K 238 -42.46 47.37 -25.25
N ALA K 239 -43.57 47.00 -24.61
CA ALA K 239 -43.62 45.95 -23.59
C ALA K 239 -42.57 44.80 -23.75
N TYR K 240 -42.38 44.27 -24.96
CA TYR K 240 -41.58 43.07 -25.15
C TYR K 240 -40.05 43.15 -24.90
N ASN K 241 -39.49 44.26 -24.39
CA ASN K 241 -38.01 44.35 -24.25
C ASN K 241 -37.45 44.48 -22.82
N THR L 1 -42.41 21.49 -23.25
CA THR L 1 -41.00 21.96 -23.05
C THR L 1 -40.32 22.18 -24.39
N TYR L 2 -40.08 23.44 -24.72
CA TYR L 2 -39.35 23.78 -25.93
C TYR L 2 -38.64 25.07 -25.64
N CYS L 3 -37.32 25.09 -25.81
CA CYS L 3 -36.55 26.31 -25.58
C CYS L 3 -35.67 26.59 -26.79
N VAL L 4 -35.46 27.87 -27.07
CA VAL L 4 -34.58 28.32 -28.14
C VAL L 4 -33.73 29.44 -27.63
N ALA L 5 -32.51 29.47 -28.12
CA ALA L 5 -31.63 30.58 -27.83
C ALA L 5 -30.83 30.88 -29.06
N HIS L 7 -27.57 33.36 -30.68
CA HIS L 7 -26.45 34.26 -30.47
C HIS L 7 -26.13 34.86 -31.79
N LEU L 8 -26.43 36.16 -31.87
CA LEU L 8 -26.34 36.93 -33.09
C LEU L 8 -25.36 38.10 -32.96
N ALA L 9 -25.09 38.72 -34.10
CA ALA L 9 -24.18 39.79 -34.15
C ALA L 9 -24.55 40.84 -33.12
N ASP L 10 -25.83 41.20 -33.02
CA ASP L 10 -26.25 42.31 -32.12
C ASP L 10 -26.55 41.89 -30.68
N GLY L 11 -26.52 40.61 -30.38
CA GLY L 11 -26.74 40.16 -29.01
C GLY L 11 -27.35 38.76 -28.90
N LEU L 12 -28.19 38.57 -27.89
CA LEU L 12 -28.77 37.27 -27.60
C LEU L 12 -30.27 37.40 -27.54
N VAL L 13 -30.94 36.33 -27.92
CA VAL L 13 -32.38 36.24 -27.78
C VAL L 13 -32.69 34.87 -27.18
N PHE L 14 -33.52 34.85 -26.15
CA PHE L 14 -33.94 33.62 -25.51
C PHE L 14 -35.45 33.49 -25.52
N ALA L 15 -35.95 32.28 -25.71
CA ALA L 15 -37.39 32.02 -25.57
C ALA L 15 -37.71 30.62 -25.11
N SER L 16 -38.60 30.50 -24.13
CA SER L 16 -38.97 29.21 -23.56
C SER L 16 -40.47 29.10 -23.41
N ASP L 17 -41.03 27.90 -23.53
CA ASP L 17 -42.41 27.66 -23.09
C ASP L 17 -42.42 27.42 -21.58
N SER L 18 -43.53 26.89 -21.08
CA SER L 18 -43.68 26.69 -19.66
C SER L 18 -44.38 25.37 -19.29
N ARG L 19 -44.89 24.65 -20.28
CA ARG L 19 -45.65 23.47 -19.98
C ARG L 19 -44.68 22.38 -19.58
N THR L 20 -45.01 21.69 -18.50
CA THR L 20 -44.04 20.84 -17.84
C THR L 20 -44.69 19.57 -17.36
N ASN L 21 -44.02 18.45 -17.63
CA ASN L 21 -44.50 17.17 -17.17
C ASN L 21 -43.99 16.97 -15.75
N ALA L 22 -44.88 17.05 -14.79
CA ALA L 22 -44.48 17.03 -13.40
C ALA L 22 -44.89 15.74 -12.73
N GLY L 23 -45.00 14.66 -13.48
CA GLY L 23 -45.57 13.44 -12.93
C GLY L 23 -46.71 12.97 -13.80
N ILE L 24 -47.29 11.85 -13.43
CA ILE L 24 -48.38 11.28 -14.22
C ILE L 24 -49.65 12.03 -13.88
N ASP L 25 -50.40 12.38 -14.93
CA ASP L 25 -51.62 13.14 -14.78
C ASP L 25 -51.40 14.46 -14.03
N HIS L 26 -50.19 15.01 -14.11
CA HIS L 26 -49.91 16.28 -13.47
C HIS L 26 -49.04 17.03 -14.44
N ILE L 27 -49.70 17.68 -15.38
CA ILE L 27 -49.02 18.62 -16.26
C ILE L 27 -49.23 20.05 -15.75
N ALA L 28 -48.19 20.86 -15.74
CA ALA L 28 -48.26 22.12 -15.05
C ALA L 28 -47.36 23.19 -15.65
N THR L 29 -47.55 24.43 -15.20
CA THR L 29 -46.75 25.55 -15.67
C THR L 29 -45.56 25.79 -14.75
N PHE L 30 -44.37 25.82 -15.33
CA PHE L 30 -43.14 26.20 -14.61
C PHE L 30 -42.21 27.02 -15.52
N ARG L 31 -41.66 28.12 -14.98
CA ARG L 31 -40.76 28.97 -15.73
C ARG L 31 -39.54 28.16 -16.13
N LYS L 32 -39.06 28.32 -17.38
CA LYS L 32 -37.88 27.60 -17.85
C LYS L 32 -36.80 28.55 -18.33
N LEU L 33 -36.85 29.79 -17.86
CA LEU L 33 -35.88 30.79 -18.25
C LEU L 33 -35.58 31.62 -17.04
N PHE L 34 -34.33 31.61 -16.62
CA PHE L 34 -33.91 32.29 -15.39
C PHE L 34 -32.75 33.23 -15.68
N THR L 35 -32.75 34.39 -15.03
CA THR L 35 -31.70 35.38 -15.26
C THR L 35 -30.87 35.62 -13.98
N PHE L 36 -29.63 36.03 -14.16
CA PHE L 36 -28.75 36.30 -13.07
C PHE L 36 -27.84 37.43 -13.50
N GLY L 37 -27.32 38.20 -12.57
CA GLY L 37 -26.31 39.18 -12.92
C GLY L 37 -26.20 40.38 -12.01
N THR L 38 -25.19 41.18 -12.27
CA THR L 38 -25.00 42.46 -11.59
C THR L 38 -24.99 43.54 -12.69
N PRO L 39 -25.86 44.57 -12.58
CA PRO L 39 -25.92 45.60 -13.63
C PRO L 39 -24.58 46.30 -13.89
N GLY L 40 -24.24 46.46 -15.17
CA GLY L 40 -22.99 47.09 -15.57
C GLY L 40 -21.79 46.16 -15.58
N GLU L 41 -22.00 44.92 -15.13
CA GLU L 41 -20.93 43.92 -15.04
C GLU L 41 -21.27 42.60 -15.76
N ARG L 42 -22.46 42.04 -15.54
CA ARG L 42 -22.79 40.79 -16.24
C ARG L 42 -24.25 40.45 -16.32
N LEU L 43 -24.60 39.73 -17.38
CA LEU L 43 -25.91 39.09 -17.52
C LEU L 43 -25.72 37.62 -17.85
N LEU L 44 -26.37 36.73 -17.12
CA LEU L 44 -26.40 35.32 -17.49
C LEU L 44 -27.81 34.79 -17.50
N VAL L 45 -28.15 33.99 -18.50
CA VAL L 45 -29.48 33.40 -18.60
C VAL L 45 -29.32 31.90 -18.64
N VAL L 46 -30.14 31.20 -17.86
CA VAL L 46 -30.17 29.74 -17.91
C VAL L 46 -31.55 29.27 -18.30
N GLN L 47 -31.62 28.41 -19.30
CA GLN L 47 -32.87 27.75 -19.67
C GLN L 47 -32.80 26.30 -19.33
N THR L 48 -33.94 25.70 -19.04
CA THR L 48 -34.00 24.33 -18.60
C THR L 48 -34.94 23.47 -19.43
N ALA L 49 -34.62 22.18 -19.49
CA ALA L 49 -35.48 21.21 -20.14
C ALA L 49 -35.19 19.87 -19.55
N GLY L 50 -36.16 18.97 -19.57
CA GLY L 50 -35.97 17.63 -19.02
C GLY L 50 -36.64 17.45 -17.71
N ASN L 51 -36.08 16.61 -16.87
CA ASN L 51 -36.67 16.35 -15.57
C ASN L 51 -36.81 17.61 -14.73
N LEU L 52 -38.04 17.87 -14.30
CA LEU L 52 -38.32 19.00 -13.42
C LEU L 52 -37.53 18.97 -12.10
N ALA L 53 -37.62 17.87 -11.36
CA ALA L 53 -36.95 17.80 -10.05
C ALA L 53 -35.48 18.14 -10.17
N THR L 54 -34.85 17.61 -11.19
CA THR L 54 -33.42 17.77 -11.35
C THR L 54 -33.10 19.19 -11.74
N SER L 55 -33.77 19.70 -12.74
CA SER L 55 -33.50 21.07 -13.14
C SER L 55 -33.84 22.09 -12.03
N GLN L 56 -34.92 21.88 -11.28
CA GLN L 56 -35.22 22.78 -10.20
C GLN L 56 -34.12 22.76 -9.17
N SER L 57 -33.67 21.57 -8.80
CA SER L 57 -32.63 21.49 -7.80
C SER L 57 -31.38 22.24 -8.27
N VAL L 58 -31.03 22.10 -9.55
CA VAL L 58 -29.86 22.77 -10.06
C VAL L 58 -30.00 24.28 -9.94
N ILE L 59 -31.13 24.80 -10.39
CA ILE L 59 -31.37 26.21 -10.34
C ILE L 59 -31.40 26.72 -8.90
N ASN L 60 -32.06 25.99 -8.04
CA ASN L 60 -32.13 26.35 -6.64
C ASN L 60 -30.75 26.46 -5.99
N LEU L 61 -29.86 25.51 -6.28
CA LEU L 61 -28.54 25.56 -5.71
C LEU L 61 -27.73 26.72 -6.25
N LEU L 62 -27.84 26.98 -7.54
CA LEU L 62 -27.18 28.14 -8.13
C LEU L 62 -27.61 29.43 -7.43
N GLN L 63 -28.90 29.56 -7.11
CA GLN L 63 -29.40 30.75 -6.44
C GLN L 63 -28.86 30.83 -5.04
N GLN L 64 -28.98 29.76 -4.27
CA GLN L 64 -28.46 29.76 -2.89
C GLN L 64 -26.98 30.14 -2.85
N ARG L 65 -26.21 29.58 -3.77
CA ARG L 65 -24.75 29.77 -3.78
C ARG L 65 -24.29 31.15 -4.23
N ILE L 66 -25.15 31.87 -4.92
CA ILE L 66 -24.86 33.25 -5.37
C ILE L 66 -24.57 34.11 -4.14
N ARG L 67 -25.39 33.91 -3.10
CA ARG L 67 -25.25 34.55 -1.80
C ARG L 67 -24.31 33.73 -0.88
N ARG L 68 -23.10 33.43 -1.35
CA ARG L 68 -22.12 32.63 -0.56
C ARG L 68 -20.69 32.74 -1.15
N ASP L 69 -19.70 32.90 -0.26
CA ASP L 69 -18.29 33.11 -0.63
C ASP L 69 -17.68 31.84 -1.23
N GLY L 70 -17.59 31.77 -2.56
CA GLY L 70 -17.09 30.58 -3.26
C GLY L 70 -17.59 30.63 -4.69
N ALA L 71 -17.33 29.61 -5.48
CA ALA L 71 -17.75 29.57 -6.88
C ALA L 71 -19.27 29.80 -7.05
N SER L 72 -19.63 30.77 -7.90
CA SER L 72 -21.04 31.12 -8.14
C SER L 72 -21.18 31.84 -9.44
N LEU L 73 -22.39 31.85 -9.99
CA LEU L 73 -22.62 32.50 -11.28
C LEU L 73 -22.27 33.98 -11.29
N LEU L 74 -22.03 34.58 -10.13
CA LEU L 74 -21.69 36.01 -10.11
C LEU L 74 -20.21 36.34 -10.12
N ASN L 75 -19.33 35.35 -9.97
CA ASN L 75 -17.90 35.64 -9.76
C ASN L 75 -17.06 34.89 -10.80
N VAL L 76 -17.61 33.80 -11.30
CA VAL L 76 -17.15 33.08 -12.46
C VAL L 76 -16.62 34.03 -13.54
N PRO L 77 -15.40 33.83 -14.02
CA PRO L 77 -14.79 34.80 -14.94
C PRO L 77 -15.24 34.82 -16.41
N SER L 78 -15.96 33.82 -16.89
CA SER L 78 -16.41 33.80 -18.29
C SER L 78 -17.71 33.03 -18.45
N VAL L 79 -18.40 33.28 -19.55
CA VAL L 79 -19.63 32.52 -19.83
C VAL L 79 -19.33 31.01 -19.94
N TYR L 80 -18.21 30.66 -20.55
CA TYR L 80 -17.75 29.28 -20.54
C TYR L 80 -17.78 28.70 -19.13
N ASP L 81 -17.08 29.35 -18.20
CA ASP L 81 -16.97 28.84 -16.84
C ASP L 81 -18.31 28.79 -16.13
N ALA L 82 -19.20 29.69 -16.52
CA ALA L 82 -20.57 29.66 -15.99
C ALA L 82 -21.25 28.35 -16.41
N THR L 83 -21.14 28.04 -17.70
CA THR L 83 -21.71 26.84 -18.28
C THR L 83 -21.14 25.63 -17.55
N ALA L 84 -19.82 25.64 -17.36
CA ALA L 84 -19.15 24.55 -16.66
C ALA L 84 -19.69 24.40 -15.26
N LEU L 85 -19.96 25.53 -14.63
CA LEU L 85 -20.44 25.50 -13.25
C LEU L 85 -21.82 24.89 -13.19
N VAL L 86 -22.68 25.25 -14.15
CA VAL L 86 -24.02 24.69 -14.20
C VAL L 86 -23.92 23.18 -14.35
N ALA L 87 -23.10 22.73 -15.29
CA ALA L 87 -22.85 21.31 -15.47
C ALA L 87 -22.33 20.61 -14.21
N GLU L 88 -21.28 21.17 -13.63
CA GLU L 88 -20.75 20.73 -12.36
C GLU L 88 -21.89 20.53 -11.35
N THR L 89 -22.78 21.52 -11.25
CA THR L 89 -23.86 21.49 -10.28
C THR L 89 -24.80 20.35 -10.62
N THR L 90 -25.09 20.19 -11.91
CA THR L 90 -25.98 19.12 -12.37
C THR L 90 -25.43 17.78 -11.90
N ARG L 91 -24.15 17.51 -12.14
CA ARG L 91 -23.51 16.27 -11.69
C ARG L 91 -23.74 16.01 -10.20
N GLU L 92 -23.56 17.06 -9.42
CA GLU L 92 -23.74 16.99 -7.99
C GLU L 92 -25.17 16.55 -7.62
N VAL L 93 -26.17 17.10 -8.31
CA VAL L 93 -27.58 16.77 -8.05
C VAL L 93 -27.91 15.31 -8.44
N ALA L 95 -25.79 12.77 -8.60
CA ALA L 95 -25.14 11.91 -7.64
C ALA L 95 -26.01 11.64 -6.42
N ARG L 96 -26.66 12.68 -5.90
CA ARG L 96 -27.40 12.57 -4.64
C ARG L 96 -28.72 11.79 -4.76
N ASP L 97 -29.47 12.07 -5.82
CA ASP L 97 -30.82 11.50 -6.05
C ASP L 97 -30.81 10.09 -6.62
N SER L 98 -29.74 9.75 -7.34
CA SER L 98 -29.46 8.38 -7.75
C SER L 98 -29.36 7.39 -6.53
N GLY L 99 -29.92 6.20 -6.71
CA GLY L 99 -29.97 5.15 -5.68
C GLY L 99 -30.90 4.04 -6.16
N ASN L 100 -31.15 3.03 -5.33
CA ASN L 100 -32.13 1.97 -5.69
C ASN L 100 -33.56 2.52 -5.80
N LEU L 101 -33.87 3.53 -4.97
CA LEU L 101 -35.24 4.07 -4.84
C LEU L 101 -35.71 4.74 -6.13
N ALA L 102 -34.84 5.52 -6.77
CA ALA L 102 -35.15 6.08 -8.09
C ALA L 102 -35.42 4.95 -9.10
N GLY L 103 -34.60 3.90 -9.07
CA GLY L 103 -34.79 2.72 -9.95
C GLY L 103 -34.41 3.03 -11.38
N ASN L 104 -35.33 2.79 -12.32
CA ASN L 104 -35.10 3.07 -13.76
C ASN L 104 -35.65 4.41 -14.25
N THR L 105 -36.30 5.16 -13.36
CA THR L 105 -36.82 6.49 -13.71
C THR L 105 -35.71 7.44 -14.24
N ASP L 106 -36.05 8.25 -15.24
CA ASP L 106 -35.06 9.03 -15.98
C ASP L 106 -34.86 10.46 -15.48
N LEU L 107 -33.80 10.69 -14.72
CA LEU L 107 -33.56 11.96 -14.03
C LEU L 107 -32.79 13.01 -14.80
N SER L 108 -32.58 12.80 -16.09
CA SER L 108 -31.66 13.65 -16.80
C SER L 108 -32.33 14.95 -17.23
N CYS L 109 -31.54 15.99 -17.38
CA CYS L 109 -32.01 17.22 -18.00
C CYS L 109 -30.89 17.98 -18.68
N SER L 110 -31.31 18.96 -19.46
CA SER L 110 -30.43 19.73 -20.29
C SER L 110 -30.68 21.20 -20.07
N PHE L 111 -29.70 22.01 -20.43
CA PHE L 111 -29.72 23.44 -20.13
C PHE L 111 -29.14 24.24 -21.26
N VAL L 113 -27.03 27.97 -21.40
CA VAL L 113 -26.45 29.02 -20.61
C VAL L 113 -25.88 30.03 -21.58
N GLY L 114 -26.34 31.26 -21.49
CA GLY L 114 -25.83 32.31 -22.36
C GLY L 114 -25.80 33.64 -21.66
N GLY L 115 -25.06 34.59 -22.23
CA GLY L 115 -24.99 35.91 -21.65
C GLY L 115 -23.73 36.64 -22.00
N GLN L 116 -23.36 37.63 -21.18
CA GLN L 116 -22.15 38.39 -21.37
C GLN L 116 -21.57 38.85 -20.07
N ILE L 117 -20.26 38.71 -19.95
CA ILE L 117 -19.53 39.20 -18.79
C ILE L 117 -18.62 40.31 -19.26
N ALA L 118 -18.53 41.37 -18.47
CA ALA L 118 -17.73 42.56 -18.82
C ALA L 118 -16.36 42.14 -19.32
N GLY L 119 -15.99 42.64 -20.50
CA GLY L 119 -14.64 42.47 -21.00
C GLY L 119 -14.49 41.36 -21.97
N GLY L 120 -15.59 40.72 -22.32
CA GLY L 120 -15.54 39.70 -23.38
C GLY L 120 -16.86 39.67 -24.09
N PRO L 121 -16.88 39.13 -25.31
CA PRO L 121 -18.11 39.11 -26.09
C PRO L 121 -19.19 38.26 -25.46
N PRO L 122 -20.42 38.40 -25.94
CA PRO L 122 -21.50 37.55 -25.46
C PRO L 122 -21.30 36.16 -26.02
N ALA L 123 -21.86 35.17 -25.33
CA ALA L 123 -21.72 33.76 -25.73
C ALA L 123 -22.95 32.95 -25.36
N LEU L 124 -23.09 31.78 -25.97
CA LEU L 124 -24.22 30.89 -25.73
C LEU L 124 -23.80 29.43 -25.80
N TYR L 125 -24.10 28.65 -24.76
CA TYR L 125 -23.77 27.23 -24.74
C TYR L 125 -25.00 26.39 -24.50
N SER L 126 -24.92 25.11 -24.88
CA SER L 126 -26.00 24.15 -24.58
C SER L 126 -25.35 22.98 -23.91
N ILE L 127 -25.92 22.58 -22.77
CA ILE L 127 -25.42 21.44 -22.02
C ILE L 127 -26.31 20.24 -22.26
N TYR L 128 -25.70 19.09 -22.56
CA TYR L 128 -26.44 17.90 -22.89
C TYR L 128 -26.76 17.11 -21.64
N PRO L 129 -27.68 16.14 -21.75
CA PRO L 129 -28.03 15.30 -20.63
C PRO L 129 -26.82 14.75 -19.92
N GLN L 130 -25.75 14.47 -20.66
CA GLN L 130 -24.58 13.78 -20.11
C GLN L 130 -23.58 14.74 -19.49
N GLY L 131 -23.82 16.06 -19.57
CA GLY L 131 -23.00 17.06 -18.87
C GLY L 131 -21.90 17.75 -19.67
N ASN L 132 -21.70 17.31 -20.92
CA ASN L 132 -20.76 17.94 -21.81
C ASN L 132 -21.54 19.01 -22.58
N PHE L 133 -20.84 20.04 -23.06
CA PHE L 133 -21.56 21.09 -23.76
C PHE L 133 -20.90 21.63 -25.02
N ILE L 134 -21.74 22.33 -25.77
CA ILE L 134 -21.27 22.99 -26.97
C ILE L 134 -21.58 24.44 -26.97
N GLN L 135 -20.88 25.15 -27.83
CA GLN L 135 -21.04 26.57 -27.99
C GLN L 135 -21.66 26.89 -29.35
N ALA L 136 -22.59 27.83 -29.37
CA ALA L 136 -23.09 28.34 -30.63
C ALA L 136 -22.05 29.23 -31.29
N THR L 137 -22.02 29.20 -32.62
CA THR L 137 -21.10 30.01 -33.41
C THR L 137 -21.84 30.73 -34.54
N PRO L 138 -21.13 31.57 -35.30
CA PRO L 138 -21.76 32.21 -36.45
C PRO L 138 -22.38 31.25 -37.45
N ASP L 139 -21.73 30.11 -37.69
CA ASP L 139 -22.24 29.09 -38.64
C ASP L 139 -23.43 28.30 -38.07
N THR L 140 -23.46 28.17 -36.75
CA THR L 140 -24.60 27.53 -36.07
C THR L 140 -25.04 28.44 -34.90
N PRO L 141 -25.81 29.49 -35.22
CA PRO L 141 -26.09 30.53 -34.28
C PRO L 141 -27.27 30.32 -33.39
N PHE L 142 -28.05 29.25 -33.59
CA PHE L 142 -29.14 28.98 -32.64
C PHE L 142 -29.08 27.57 -32.12
N LEU L 143 -29.60 27.39 -30.92
CA LEU L 143 -29.63 26.08 -30.27
C LEU L 143 -31.00 25.85 -29.62
N GLN L 144 -31.44 24.61 -29.60
CA GLN L 144 -32.78 24.29 -29.10
C GLN L 144 -32.73 23.23 -28.02
N LEU L 145 -33.72 23.25 -27.13
CA LEU L 145 -33.90 22.18 -26.18
C LEU L 145 -35.30 21.73 -26.25
N GLY L 146 -35.53 20.51 -25.79
CA GLY L 146 -36.85 19.99 -25.71
C GLY L 146 -37.37 19.54 -27.06
N GLU L 147 -38.66 19.77 -27.27
CA GLU L 147 -39.42 19.28 -28.38
C GLU L 147 -39.29 20.27 -29.51
N SER L 148 -38.21 20.14 -30.27
CA SER L 148 -37.74 21.22 -31.15
C SER L 148 -37.84 20.98 -32.65
N LYS L 149 -38.18 19.76 -33.07
CA LYS L 149 -38.14 19.48 -34.50
C LYS L 149 -39.26 20.25 -35.23
N TYR L 150 -40.39 20.43 -34.57
CA TYR L 150 -41.52 21.06 -35.20
C TYR L 150 -41.22 22.47 -35.66
N GLY L 151 -40.47 23.22 -34.84
CA GLY L 151 -40.18 24.60 -35.13
C GLY L 151 -38.77 24.86 -35.62
N LYS L 152 -38.06 23.80 -35.98
CA LYS L 152 -36.73 23.99 -36.51
C LYS L 152 -36.68 24.56 -37.93
N PRO L 153 -37.55 24.08 -38.84
CA PRO L 153 -37.41 24.51 -40.19
C PRO L 153 -37.42 26.02 -40.34
N ILE L 154 -38.36 26.70 -39.70
CA ILE L 154 -38.44 28.15 -39.91
C ILE L 154 -37.14 28.86 -39.47
N LEU L 155 -36.47 28.31 -38.47
CA LEU L 155 -35.21 28.88 -38.02
C LEU L 155 -34.11 28.55 -39.00
N ASP L 156 -34.04 27.30 -39.43
CA ASP L 156 -33.06 26.92 -40.45
C ASP L 156 -33.18 27.80 -41.69
N ARG L 157 -34.39 28.05 -42.14
CA ARG L 157 -34.62 28.81 -43.36
C ARG L 157 -34.20 30.27 -43.27
N ASN L 158 -34.47 30.92 -42.15
CA ASN L 158 -34.38 32.38 -42.08
C ASN L 158 -33.31 32.93 -41.21
N LEU L 159 -32.92 32.20 -40.19
CA LEU L 159 -32.03 32.75 -39.18
C LEU L 159 -30.57 32.61 -39.54
N THR L 160 -29.80 33.68 -39.33
CA THR L 160 -28.35 33.67 -39.52
C THR L 160 -27.73 34.55 -38.46
N PHE L 161 -26.42 34.49 -38.35
CA PHE L 161 -25.71 35.31 -37.36
C PHE L 161 -26.04 36.81 -37.46
N ASP L 162 -26.24 37.29 -38.69
CA ASP L 162 -26.52 38.71 -38.96
C ASP L 162 -28.00 39.11 -38.85
N THR L 163 -28.90 38.18 -38.63
CA THR L 163 -30.30 38.54 -38.39
C THR L 163 -30.37 39.51 -37.22
N PRO L 164 -31.04 40.66 -37.39
CA PRO L 164 -31.27 41.55 -36.24
C PRO L 164 -32.15 40.94 -35.14
N LEU L 165 -32.05 41.49 -33.93
CA LEU L 165 -32.72 40.88 -32.79
C LEU L 165 -34.25 40.88 -32.95
N GLU L 166 -34.86 42.03 -33.28
CA GLU L 166 -36.34 42.11 -33.42
C GLU L 166 -36.82 41.02 -34.39
N GLN L 167 -36.08 40.77 -35.48
CA GLN L 167 -36.49 39.74 -36.45
C GLN L 167 -36.23 38.32 -36.02
N ALA L 168 -35.16 38.11 -35.29
CA ALA L 168 -34.91 36.81 -34.69
C ALA L 168 -36.01 36.44 -33.68
N LEU L 169 -36.40 37.39 -32.85
CA LEU L 169 -37.45 37.16 -31.88
C LEU L 169 -38.74 36.77 -32.57
N ARG L 170 -39.05 37.49 -33.63
CA ARG L 170 -40.26 37.26 -34.40
C ARG L 170 -40.23 35.86 -34.97
N CYS L 171 -39.07 35.50 -35.44
CA CYS L 171 -38.83 34.19 -35.98
C CYS L 171 -39.07 33.10 -34.94
N ALA L 172 -38.50 33.30 -33.76
CA ALA L 172 -38.71 32.40 -32.64
C ALA L 172 -40.20 32.22 -32.35
N LEU L 173 -40.95 33.31 -32.36
CA LEU L 173 -42.37 33.24 -32.05
C LEU L 173 -43.15 32.39 -33.03
N VAL L 174 -42.78 32.48 -34.31
CA VAL L 174 -43.40 31.64 -35.29
C VAL L 174 -43.02 30.17 -35.05
N SER L 175 -41.78 29.93 -34.66
CA SER L 175 -41.34 28.61 -34.30
C SER L 175 -42.29 28.04 -33.22
N PHE L 176 -42.63 28.86 -32.21
CA PHE L 176 -43.48 28.40 -31.13
C PHE L 176 -44.90 28.20 -31.57
N ASP L 177 -45.36 29.05 -32.48
CA ASP L 177 -46.66 28.90 -33.04
C ASP L 177 -46.84 27.49 -33.63
N SER L 178 -45.95 27.09 -34.54
CA SER L 178 -46.09 25.80 -35.16
C SER L 178 -45.98 24.67 -34.16
N THR L 179 -45.04 24.82 -33.22
CA THR L 179 -44.80 23.78 -32.24
C THR L 179 -46.06 23.54 -31.37
N ILE L 180 -46.61 24.64 -30.87
CA ILE L 180 -47.79 24.54 -30.04
C ILE L 180 -48.98 23.89 -30.75
N ARG L 181 -49.13 24.15 -32.03
CA ARG L 181 -50.24 23.59 -32.79
C ARG L 181 -50.10 22.13 -32.99
N SER L 182 -48.85 21.65 -33.05
CA SER L 182 -48.60 20.27 -33.46
C SER L 182 -48.20 19.32 -32.34
N ASN L 183 -47.98 19.86 -31.15
CA ASN L 183 -47.52 19.05 -30.00
C ASN L 183 -48.00 19.60 -28.67
N LEU L 184 -48.87 18.86 -28.01
CA LEU L 184 -49.49 19.32 -26.78
C LEU L 184 -48.54 19.44 -25.61
N SER L 185 -47.37 18.83 -25.68
CA SER L 185 -46.48 18.85 -24.54
C SER L 185 -45.89 20.25 -24.40
N VAL L 186 -46.02 21.05 -25.47
CA VAL L 186 -45.53 22.42 -25.48
C VAL L 186 -46.69 23.40 -25.38
N GLY L 187 -46.50 24.46 -24.60
CA GLY L 187 -47.63 25.28 -24.20
C GLY L 187 -47.30 26.60 -23.51
N PRO L 189 -47.93 29.89 -20.88
CA PRO L 189 -47.23 31.09 -21.31
C PRO L 189 -45.82 30.84 -21.77
N LEU L 190 -45.32 31.76 -22.58
CA LEU L 190 -43.91 31.78 -22.99
C LEU L 190 -43.19 32.87 -22.24
N ASP L 191 -41.88 32.71 -22.15
CA ASP L 191 -41.04 33.68 -21.48
C ASP L 191 -39.92 34.06 -22.46
N LEU L 192 -39.77 35.36 -22.72
CA LEU L 192 -38.78 35.86 -23.67
C LEU L 192 -37.81 36.77 -22.99
N LEU L 193 -36.62 36.86 -23.56
CA LEU L 193 -35.66 37.83 -23.12
C LEU L 193 -34.76 38.18 -24.28
N VAL L 194 -34.60 39.48 -24.51
CA VAL L 194 -33.66 39.98 -25.50
C VAL L 194 -32.55 40.77 -24.82
N TYR L 195 -31.30 40.50 -25.19
CA TYR L 195 -30.16 41.18 -24.59
C TYR L 195 -29.30 41.81 -25.67
N HIS L 196 -28.93 43.08 -25.49
CA HIS L 196 -28.17 43.83 -26.50
C HIS L 196 -26.67 43.75 -26.23
N ARG L 197 -25.90 43.41 -27.25
CA ARG L 197 -24.47 43.21 -27.10
C ARG L 197 -23.86 44.42 -26.44
N ASP L 198 -23.05 44.19 -25.41
CA ASP L 198 -22.29 45.24 -24.69
C ASP L 198 -23.13 46.15 -23.81
N SER L 199 -24.44 45.92 -23.72
CA SER L 199 -25.28 46.74 -22.85
C SER L 199 -24.97 46.49 -21.36
N LEU L 200 -24.65 45.25 -21.02
CA LEU L 200 -24.41 44.83 -19.64
C LEU L 200 -25.50 45.25 -18.64
N ILE L 201 -26.75 45.20 -19.09
CA ILE L 201 -27.91 45.44 -18.22
C ILE L 201 -28.71 44.15 -18.10
N LEU L 202 -29.55 44.04 -17.08
CA LEU L 202 -30.42 42.86 -16.91
C LEU L 202 -31.80 43.20 -17.45
N PRO L 203 -32.11 42.80 -18.69
CA PRO L 203 -33.43 43.12 -19.22
C PRO L 203 -34.51 42.45 -18.39
N GLU L 204 -35.70 43.04 -18.35
CA GLU L 204 -36.72 42.47 -17.50
C GLU L 204 -37.31 41.26 -18.15
N GLY L 205 -37.27 41.18 -19.46
CA GLY L 205 -37.83 40.04 -20.15
C GLY L 205 -39.32 40.23 -20.19
N TYR L 206 -40.02 39.32 -20.84
CA TYR L 206 -41.45 39.50 -21.08
C TYR L 206 -42.16 38.16 -21.16
N ARG L 207 -43.36 38.11 -20.62
CA ARG L 207 -44.14 36.86 -20.67
C ARG L 207 -45.33 36.97 -21.62
N VAL L 208 -45.41 36.01 -22.51
CA VAL L 208 -46.48 35.98 -23.49
C VAL L 208 -47.58 35.07 -23.03
N THR L 209 -48.74 35.63 -22.67
CA THR L 209 -49.86 34.79 -22.30
C THR L 209 -50.79 34.49 -23.45
N GLU L 210 -51.64 33.52 -23.21
CA GLU L 210 -52.82 33.23 -24.04
C GLU L 210 -53.47 34.49 -24.64
N ASP L 211 -53.57 35.56 -23.86
CA ASP L 211 -54.28 36.77 -24.25
C ASP L 211 -53.47 37.77 -25.04
N ASP L 212 -52.18 37.54 -25.18
CA ASP L 212 -51.32 38.55 -25.75
C ASP L 212 -51.85 39.05 -27.11
N ALA L 213 -52.06 40.35 -27.23
CA ALA L 213 -52.58 40.94 -28.45
C ALA L 213 -51.63 40.72 -29.62
N TYR L 214 -50.35 41.03 -29.44
CA TYR L 214 -49.37 40.92 -30.52
C TYR L 214 -49.25 39.48 -31.00
N PHE L 215 -49.01 38.55 -30.09
CA PHE L 215 -48.80 37.16 -30.47
C PHE L 215 -50.06 36.60 -31.12
N SER L 216 -51.23 36.96 -30.63
CA SER L 216 -52.47 36.48 -31.25
C SER L 216 -52.56 36.94 -32.67
N ALA L 217 -52.15 38.19 -32.89
CA ALA L 217 -52.23 38.83 -34.21
C ALA L 217 -51.29 38.18 -35.22
N ILE L 218 -50.02 37.99 -34.86
CA ILE L 218 -49.13 37.43 -35.82
C ILE L 218 -49.52 35.98 -36.12
N ARG L 219 -50.13 35.28 -35.18
CA ARG L 219 -50.56 33.90 -35.45
C ARG L 219 -51.68 33.90 -36.49
N ARG L 220 -52.64 34.79 -36.31
CA ARG L 220 -53.75 34.94 -37.25
C ARG L 220 -53.25 35.34 -38.64
N GLN L 221 -52.28 36.25 -38.70
CA GLN L 221 -51.68 36.68 -39.95
C GLN L 221 -50.91 35.57 -40.64
N TRP L 222 -50.05 34.92 -39.88
CA TRP L 222 -49.26 33.84 -40.39
C TRP L 222 -50.17 32.76 -40.97
N SER L 223 -51.29 32.47 -40.34
CA SER L 223 -52.21 31.46 -40.90
C SER L 223 -52.76 31.87 -42.23
N ALA L 224 -53.29 33.08 -42.25
CA ALA L 224 -53.87 33.64 -43.46
C ALA L 224 -52.84 33.64 -44.57
N GLY L 225 -51.60 34.01 -44.24
CA GLY L 225 -50.54 34.08 -45.22
C GLY L 225 -50.28 32.72 -45.85
N LEU L 226 -50.02 31.73 -45.00
CA LEU L 226 -49.78 30.37 -45.46
C LEU L 226 -50.93 29.86 -46.34
N HIS L 227 -52.16 30.13 -45.93
CA HIS L 227 -53.31 29.61 -46.63
C HIS L 227 -53.34 30.24 -48.02
N ASP L 228 -53.05 31.53 -48.09
CA ASP L 228 -52.97 32.29 -49.36
C ASP L 228 -51.95 31.71 -50.30
N LEU L 230 -50.53 28.98 -50.43
CA LEU L 230 -50.83 27.63 -50.81
C LEU L 230 -51.82 27.59 -51.96
N GLU L 231 -52.82 28.45 -51.93
CA GLU L 231 -53.84 28.46 -52.98
C GLU L 231 -53.34 29.07 -54.27
N ARG L 232 -52.38 29.99 -54.13
CA ARG L 232 -51.79 30.68 -55.27
C ARG L 232 -50.53 29.99 -55.87
N LEU L 233 -50.08 28.89 -55.27
CA LEU L 233 -49.11 27.99 -55.90
C LEU L 233 -49.71 27.28 -57.11
N PRO L 234 -48.88 27.00 -58.11
CA PRO L 234 -49.43 26.38 -59.31
C PRO L 234 -49.86 24.92 -59.08
N SER L 235 -50.65 24.40 -59.98
CA SER L 235 -51.00 23.00 -59.98
C SER L 235 -49.86 22.14 -60.52
N PRO L 236 -49.72 20.91 -59.98
CA PRO L 236 -48.76 19.96 -60.58
C PRO L 236 -49.08 19.65 -62.02
N PRO L 237 -48.07 19.56 -62.87
CA PRO L 237 -48.30 19.25 -64.30
C PRO L 237 -49.06 17.95 -64.56
N SER L 238 -49.34 17.65 -65.84
CA SER L 238 -49.90 16.36 -66.23
C SER L 238 -49.10 15.20 -65.61
N ALA L 239 -47.80 15.18 -65.94
CA ALA L 239 -46.86 14.16 -65.50
C ALA L 239 -47.19 13.54 -64.12
N TYR L 240 -47.55 14.35 -63.13
CA TYR L 240 -47.65 13.87 -61.73
C TYR L 240 -48.78 12.87 -61.38
N ASN L 241 -49.58 12.37 -62.35
CA ASN L 241 -50.71 11.49 -61.98
C ASN L 241 -50.64 10.03 -62.47
N THR M 1 -9.38 -8.29 -47.42
CA THR M 1 -10.79 -8.71 -47.65
C THR M 1 -11.60 -7.53 -48.17
N TYR M 2 -11.95 -7.60 -49.45
CA TYR M 2 -12.83 -6.64 -50.05
C TYR M 2 -13.63 -7.35 -51.13
N CYS M 3 -14.95 -7.30 -51.07
CA CYS M 3 -15.79 -7.96 -52.08
C CYS M 3 -16.80 -6.96 -52.60
N VAL M 4 -17.13 -7.09 -53.89
CA VAL M 4 -18.15 -6.27 -54.52
C VAL M 4 -19.02 -7.17 -55.32
N ALA M 5 -20.28 -6.79 -55.40
CA ALA M 5 -21.21 -7.45 -56.29
C ALA M 5 -22.15 -6.42 -56.85
N HIS M 7 -25.72 -5.88 -59.34
CA HIS M 7 -26.89 -6.43 -60.01
C HIS M 7 -27.40 -5.36 -60.97
N LEU M 8 -27.24 -5.67 -62.26
CA LEU M 8 -27.46 -4.76 -63.35
C LEU M 8 -28.48 -5.31 -64.31
N ALA M 9 -28.89 -4.45 -65.22
CA ALA M 9 -29.90 -4.80 -66.17
C ALA M 9 -29.52 -6.07 -66.89
N ASP M 10 -28.27 -6.19 -67.33
CA ASP M 10 -27.85 -7.36 -68.13
C ASP M 10 -27.37 -8.57 -67.34
N GLY M 11 -27.30 -8.47 -66.02
CA GLY M 11 -26.93 -9.62 -65.20
C GLY M 11 -26.23 -9.26 -63.91
N LEU M 12 -25.28 -10.09 -63.53
CA LEU M 12 -24.57 -9.91 -62.28
C LEU M 12 -23.08 -9.92 -62.53
N VAL M 13 -22.36 -9.18 -61.71
CA VAL M 13 -20.91 -9.20 -61.71
C VAL M 13 -20.43 -9.31 -60.27
N PHE M 14 -19.50 -10.24 -60.03
CA PHE M 14 -18.95 -10.47 -58.70
C PHE M 14 -17.44 -10.34 -58.72
N ALA M 15 -16.86 -9.75 -57.68
CA ALA M 15 -15.39 -9.70 -57.57
C ALA M 15 -14.95 -9.68 -56.13
N SER M 16 -13.96 -10.49 -55.81
CA SER M 16 -13.42 -10.59 -54.44
C SER M 16 -11.92 -10.60 -54.45
N ASP M 17 -11.30 -10.08 -53.40
CA ASP M 17 -9.85 -10.34 -53.22
C ASP M 17 -9.67 -11.70 -52.55
N SER M 18 -8.49 -11.95 -52.01
CA SER M 18 -8.18 -13.23 -51.40
C SER M 18 -7.33 -13.13 -50.14
N ARG M 19 -6.87 -11.93 -49.80
CA ARG M 19 -6.00 -11.81 -48.66
C ARG M 19 -6.84 -11.92 -47.39
N THR M 20 -6.35 -12.71 -46.46
CA THR M 20 -7.17 -13.14 -45.35
C THR M 20 -6.37 -13.16 -44.07
N ASN M 21 -6.95 -12.62 -43.02
CA ASN M 21 -6.33 -12.65 -41.74
C ASN M 21 -6.70 -14.00 -41.13
N ALA M 22 -5.73 -14.88 -41.00
CA ALA M 22 -5.98 -16.20 -40.48
C ALA M 22 -5.34 -16.41 -39.14
N GLY M 23 -5.20 -15.37 -38.34
CA GLY M 23 -4.47 -15.51 -37.08
C GLY M 23 -3.35 -14.51 -37.05
N ILE M 24 -2.63 -14.48 -35.94
CA ILE M 24 -1.58 -13.47 -35.76
C ILE M 24 -0.38 -13.95 -36.54
N ASP M 25 0.24 -13.02 -37.27
CA ASP M 25 1.39 -13.33 -38.09
C ASP M 25 1.09 -14.45 -39.07
N HIS M 26 -0.16 -14.62 -39.46
CA HIS M 26 -0.53 -15.62 -40.45
C HIS M 26 -1.54 -14.98 -41.37
N ILE M 27 -1.05 -14.22 -42.33
CA ILE M 27 -1.89 -13.69 -43.36
C ILE M 27 -1.75 -14.58 -44.56
N ALA M 28 -2.86 -14.89 -45.21
CA ALA M 28 -2.85 -15.92 -46.22
C ALA M 28 -3.89 -15.75 -47.29
N THR M 29 -3.76 -16.55 -48.34
CA THR M 29 -4.68 -16.49 -49.46
C THR M 29 -5.80 -17.49 -49.27
N PHE M 30 -7.04 -17.01 -49.34
CA PHE M 30 -8.22 -17.89 -49.35
C PHE M 30 -9.27 -17.33 -50.34
N ARG M 31 -9.83 -18.22 -51.17
CA ARG M 31 -10.88 -17.83 -52.09
C ARG M 31 -12.05 -17.28 -51.29
N LYS M 32 -12.64 -16.20 -51.78
CA LYS M 32 -13.81 -15.61 -51.12
C LYS M 32 -15.02 -15.51 -52.05
N LEU M 33 -15.04 -16.33 -53.09
CA LEU M 33 -16.12 -16.33 -54.06
C LEU M 33 -16.38 -17.76 -54.46
N PHE M 34 -17.58 -18.26 -54.15
CA PHE M 34 -17.94 -19.65 -54.37
C PHE M 34 -19.19 -19.75 -55.22
N THR M 35 -19.22 -20.70 -56.14
CA THR M 35 -20.35 -20.86 -57.04
C THR M 35 -21.07 -22.21 -56.82
N PHE M 36 -22.34 -22.25 -57.12
CA PHE M 36 -23.14 -23.43 -56.93
C PHE M 36 -24.17 -23.42 -58.04
N GLY M 37 -24.66 -24.58 -58.43
CA GLY M 37 -25.79 -24.63 -59.36
C GLY M 37 -25.91 -25.87 -60.22
N THR M 38 -26.99 -25.93 -60.98
CA THR M 38 -27.22 -26.98 -61.96
C THR M 38 -27.43 -26.28 -63.31
N PRO M 39 -26.63 -26.62 -64.34
CA PRO M 39 -26.75 -25.95 -65.62
C PRO M 39 -28.15 -26.00 -66.23
N GLY M 40 -28.63 -24.87 -66.75
CA GLY M 40 -29.95 -24.77 -67.34
C GLY M 40 -31.06 -24.57 -66.34
N GLU M 41 -30.72 -24.58 -65.05
CA GLU M 41 -31.69 -24.41 -63.96
C GLU M 41 -31.31 -23.28 -62.98
N ARG M 42 -30.07 -23.23 -62.48
CA ARG M 42 -29.72 -22.18 -61.53
C ARG M 42 -28.25 -21.91 -61.34
N LEU M 43 -27.95 -20.66 -61.03
CA LEU M 43 -26.61 -20.25 -60.62
C LEU M 43 -26.71 -19.49 -59.32
N LEU M 44 -25.92 -19.86 -58.34
CA LEU M 44 -25.82 -19.07 -57.11
C LEU M 44 -24.36 -18.81 -56.76
N VAL M 45 -24.07 -17.58 -56.35
CA VAL M 45 -22.72 -17.23 -55.95
C VAL M 45 -22.76 -16.76 -54.52
N VAL M 46 -21.82 -17.21 -53.73
CA VAL M 46 -21.68 -16.72 -52.35
C VAL M 46 -20.30 -16.09 -52.16
N GLN M 47 -20.26 -14.87 -51.66
CA GLN M 47 -19.00 -14.24 -51.28
C GLN M 47 -18.93 -14.11 -49.79
N THR M 48 -17.71 -14.13 -49.26
CA THR M 48 -17.49 -14.13 -47.84
C THR M 48 -16.57 -12.99 -47.38
N ALA M 49 -16.79 -12.52 -46.15
CA ALA M 49 -15.91 -11.58 -45.53
C ALA M 49 -16.03 -11.80 -44.03
N GLY M 50 -14.99 -11.47 -43.30
CA GLY M 50 -15.05 -11.56 -41.84
C GLY M 50 -14.27 -12.74 -41.37
N ASN M 51 -14.67 -13.31 -40.25
CA ASN M 51 -13.91 -14.40 -39.65
C ASN M 51 -13.80 -15.60 -40.57
N LEU M 52 -12.56 -16.02 -40.80
CA LEU M 52 -12.29 -17.17 -41.66
C LEU M 52 -12.92 -18.46 -41.16
N ALA M 53 -12.68 -18.80 -39.90
CA ALA M 53 -13.25 -20.04 -39.34
C ALA M 53 -14.76 -20.14 -39.54
N THR M 54 -15.45 -19.04 -39.28
CA THR M 54 -16.87 -19.03 -39.36
C THR M 54 -17.30 -19.17 -40.80
N SER M 55 -16.77 -18.33 -41.67
CA SER M 55 -17.21 -18.37 -43.02
C SER M 55 -16.88 -19.71 -43.67
N GLN M 56 -15.74 -20.27 -43.35
CA GLN M 56 -15.41 -21.57 -43.90
C GLN M 56 -16.41 -22.60 -43.47
N SER M 57 -16.75 -22.61 -42.18
CA SER M 57 -17.69 -23.59 -41.69
C SER M 57 -19.05 -23.44 -42.36
N VAL M 58 -19.48 -22.21 -42.58
CA VAL M 58 -20.72 -21.99 -43.29
C VAL M 58 -20.69 -22.56 -44.72
N ILE M 59 -19.65 -22.23 -45.46
CA ILE M 59 -19.52 -22.71 -46.82
C ILE M 59 -19.44 -24.23 -46.84
N ASN M 60 -18.66 -24.78 -45.93
CA ASN M 60 -18.47 -26.21 -45.90
C ASN M 60 -19.78 -26.93 -45.68
N LEU M 61 -20.62 -26.41 -44.80
CA LEU M 61 -21.88 -27.07 -44.51
C LEU M 61 -22.81 -26.96 -45.68
N LEU M 62 -22.81 -25.82 -46.35
CA LEU M 62 -23.63 -25.67 -47.53
C LEU M 62 -23.24 -26.69 -48.59
N GLN M 63 -21.95 -26.94 -48.75
CA GLN M 63 -21.48 -27.93 -49.72
C GLN M 63 -21.93 -29.32 -49.30
N GLN M 64 -21.64 -29.74 -48.08
CA GLN M 64 -22.02 -31.07 -47.61
C GLN M 64 -23.51 -31.31 -47.78
N ARG M 65 -24.32 -30.31 -47.46
CA ARG M 65 -25.78 -30.45 -47.51
C ARG M 65 -26.42 -30.43 -48.91
N ILE M 66 -25.67 -29.93 -49.90
CA ILE M 66 -26.09 -30.00 -51.31
C ILE M 66 -26.34 -31.46 -51.72
N ARG M 67 -25.41 -32.33 -51.30
CA ARG M 67 -25.49 -33.77 -51.49
C ARG M 67 -26.28 -34.44 -50.34
N ARG M 68 -27.50 -33.98 -50.09
CA ARG M 68 -28.34 -34.56 -49.03
C ARG M 68 -29.82 -34.12 -49.18
N ASP M 69 -30.74 -35.08 -48.96
CA ASP M 69 -32.19 -34.88 -49.13
C ASP M 69 -32.77 -33.96 -48.04
N GLY M 70 -32.98 -32.69 -48.37
CA GLY M 70 -33.44 -31.69 -47.41
C GLY M 70 -33.08 -30.33 -47.93
N ALA M 71 -33.33 -29.28 -47.16
CA ALA M 71 -33.00 -27.91 -47.59
C ALA M 71 -31.53 -27.72 -48.02
N SER M 72 -31.32 -27.20 -49.23
CA SER M 72 -29.98 -26.96 -49.75
C SER M 72 -30.02 -25.91 -50.82
N LEU M 73 -28.86 -25.32 -51.11
CA LEU M 73 -28.79 -24.31 -52.17
C LEU M 73 -29.26 -24.78 -53.54
N LEU M 74 -29.44 -26.09 -53.75
CA LEU M 74 -29.88 -26.58 -55.06
C LEU M 74 -31.36 -26.80 -55.22
N ASN M 75 -32.16 -26.67 -54.15
CA ASN M 75 -33.56 -27.04 -54.22
C ASN M 75 -34.43 -25.85 -53.77
N VAL M 76 -33.84 -25.02 -52.93
CA VAL M 76 -34.38 -23.74 -52.53
C VAL M 76 -35.07 -23.05 -53.72
N PRO M 77 -36.33 -22.62 -53.54
CA PRO M 77 -37.09 -22.08 -54.67
C PRO M 77 -36.78 -20.65 -55.17
N SER M 78 -36.03 -19.84 -54.44
CA SER M 78 -35.70 -18.47 -54.88
C SER M 78 -34.37 -17.99 -54.34
N VAL M 79 -33.82 -16.97 -54.97
CA VAL M 79 -32.54 -16.41 -54.49
C VAL M 79 -32.74 -15.87 -53.07
N TYR M 80 -33.90 -15.26 -52.81
CA TYR M 80 -34.26 -14.85 -51.44
C TYR M 80 -34.07 -16.01 -50.43
N ASP M 81 -34.72 -17.13 -50.71
CA ASP M 81 -34.64 -18.29 -49.83
C ASP M 81 -33.23 -18.88 -49.71
N ALA M 82 -32.44 -18.73 -50.77
CA ALA M 82 -31.03 -19.12 -50.70
C ALA M 82 -30.30 -18.25 -49.67
N THR M 83 -30.52 -16.95 -49.77
CA THR M 83 -29.92 -16.00 -48.86
C THR M 83 -30.32 -16.34 -47.43
N ALA M 84 -31.62 -16.62 -47.24
CA ALA M 84 -32.14 -16.98 -45.93
C ALA M 84 -31.49 -18.24 -45.41
N LEU M 85 -31.23 -19.19 -46.31
CA LEU M 85 -30.59 -20.44 -45.92
C LEU M 85 -29.15 -20.21 -45.47
N VAL M 86 -28.42 -19.37 -46.19
CA VAL M 86 -27.08 -19.06 -45.80
C VAL M 86 -27.13 -18.49 -44.39
N ALA M 87 -28.02 -17.52 -44.16
CA ALA M 87 -28.13 -16.86 -42.86
C ALA M 87 -28.47 -17.83 -41.73
N GLU M 88 -29.49 -18.64 -42.00
CA GLU M 88 -29.83 -19.74 -41.16
C GLU M 88 -28.59 -20.57 -40.79
N THR M 89 -27.79 -20.91 -41.79
CA THR M 89 -26.61 -21.75 -41.56
C THR M 89 -25.59 -21.01 -40.69
N THR M 90 -25.42 -19.73 -40.95
CA THR M 90 -24.51 -18.91 -40.17
C THR M 90 -24.89 -18.94 -38.69
N ARG M 91 -26.16 -18.70 -38.38
CA ARG M 91 -26.66 -18.80 -37.01
C ARG M 91 -26.30 -20.13 -36.34
N GLU M 92 -26.49 -21.22 -37.06
CA GLU M 92 -26.16 -22.50 -36.57
C GLU M 92 -24.68 -22.60 -36.18
N VAL M 93 -23.80 -22.05 -37.01
CA VAL M 93 -22.35 -22.14 -36.78
C VAL M 93 -21.94 -21.33 -35.56
N ALA M 95 -23.84 -20.49 -32.98
CA ALA M 95 -24.33 -21.19 -31.80
C ALA M 95 -23.33 -22.23 -31.26
N ARG M 96 -22.74 -23.02 -32.15
CA ARG M 96 -21.87 -24.13 -31.74
C ARG M 96 -20.50 -23.68 -31.18
N ASP M 97 -19.86 -22.73 -31.86
CA ASP M 97 -18.49 -22.26 -31.53
C ASP M 97 -18.44 -21.30 -30.34
N SER M 98 -19.53 -20.59 -30.13
CA SER M 98 -19.70 -19.76 -28.94
C SER M 98 -19.60 -20.61 -27.65
N GLY M 99 -18.94 -20.05 -26.64
CA GLY M 99 -18.71 -20.71 -25.35
C GLY M 99 -17.72 -19.86 -24.55
N ASN M 100 -17.31 -20.32 -23.37
CA ASN M 100 -16.28 -19.61 -22.58
C ASN M 100 -14.92 -19.59 -23.28
N LEU M 101 -14.64 -20.67 -24.02
CA LEU M 101 -13.34 -20.88 -24.66
C LEU M 101 -13.03 -19.84 -25.74
N ALA M 102 -14.02 -19.51 -26.58
CA ALA M 102 -13.87 -18.41 -27.54
C ALA M 102 -13.57 -17.09 -26.79
N GLY M 103 -14.28 -16.85 -25.68
CA GLY M 103 -14.07 -15.65 -24.86
C GLY M 103 -14.60 -14.40 -25.53
N ASN M 104 -13.75 -13.39 -25.69
CA ASN M 104 -14.14 -12.12 -26.36
C ASN M 104 -13.76 -12.02 -27.83
N THR M 105 -13.11 -13.05 -28.36
CA THR M 105 -12.74 -13.09 -29.79
C THR M 105 -13.98 -12.95 -30.73
N ASP M 106 -13.80 -12.23 -31.85
CA ASP M 106 -14.93 -11.81 -32.69
C ASP M 106 -15.18 -12.76 -33.89
N LEU M 107 -16.19 -13.62 -33.74
CA LEU M 107 -16.47 -14.68 -34.72
C LEU M 107 -17.38 -14.30 -35.87
N SER M 108 -17.68 -13.02 -36.04
CA SER M 108 -18.77 -12.64 -36.95
C SER M 108 -18.26 -12.57 -38.37
N CYS M 109 -19.16 -12.82 -39.31
CA CYS M 109 -18.84 -12.62 -40.72
C CYS M 109 -20.08 -12.29 -41.51
N SER M 110 -19.83 -11.80 -42.71
CA SER M 110 -20.85 -11.32 -43.60
C SER M 110 -20.69 -12.00 -44.97
N PHE M 111 -21.76 -11.97 -45.75
CA PHE M 111 -21.83 -12.69 -47.00
C PHE M 111 -22.57 -11.89 -48.05
N VAL M 113 -24.99 -13.06 -51.39
CA VAL M 113 -25.59 -14.17 -52.08
C VAL M 113 -26.31 -13.60 -53.26
N GLY M 114 -25.94 -14.03 -54.46
CA GLY M 114 -26.60 -13.56 -55.67
C GLY M 114 -26.69 -14.65 -56.72
N GLY M 115 -27.55 -14.44 -57.70
CA GLY M 115 -27.66 -15.40 -58.78
C GLY M 115 -29.00 -15.37 -59.41
N GLN M 116 -29.36 -16.50 -60.04
CA GLN M 116 -30.65 -16.63 -60.73
C GLN M 116 -31.13 -18.06 -60.72
N ILE M 117 -32.40 -18.22 -60.39
CA ILE M 117 -33.04 -19.50 -60.47
C ILE M 117 -34.09 -19.44 -61.57
N ALA M 118 -34.20 -20.52 -62.33
CA ALA M 118 -35.12 -20.61 -63.48
C ALA M 118 -36.50 -20.13 -63.12
N GLY M 119 -37.03 -19.21 -63.92
CA GLY M 119 -38.37 -18.74 -63.76
C GLY M 119 -38.52 -17.47 -62.99
N GLY M 120 -37.41 -16.86 -62.59
CA GLY M 120 -37.49 -15.54 -61.95
C GLY M 120 -36.23 -14.77 -62.23
N PRO M 121 -36.29 -13.46 -62.09
CA PRO M 121 -35.14 -12.63 -62.44
C PRO M 121 -33.93 -12.91 -61.57
N PRO M 122 -32.74 -12.45 -62.00
CA PRO M 122 -31.59 -12.51 -61.13
C PRO M 122 -31.74 -11.57 -59.95
N ALA M 123 -31.06 -11.89 -58.85
CA ALA M 123 -31.11 -11.06 -57.64
C ALA M 123 -29.78 -11.09 -56.90
N LEU M 124 -29.61 -10.15 -55.97
CA LEU M 124 -28.39 -10.04 -55.17
C LEU M 124 -28.70 -9.53 -53.77
N TYR M 125 -28.25 -10.26 -52.76
CA TYR M 125 -28.45 -9.85 -51.37
C TYR M 125 -27.13 -9.73 -50.63
N SER M 126 -27.14 -8.97 -49.54
CA SER M 126 -25.98 -8.90 -48.63
C SER M 126 -26.47 -9.22 -47.23
N ILE M 127 -25.79 -10.15 -46.57
CA ILE M 127 -26.13 -10.56 -45.22
C ILE M 127 -25.17 -9.93 -44.24
N TYR M 128 -25.71 -9.33 -43.18
CA TYR M 128 -24.90 -8.56 -42.25
C TYR M 128 -24.38 -9.50 -41.17
N PRO M 129 -23.36 -9.05 -40.42
CA PRO M 129 -22.88 -9.82 -39.29
C PRO M 129 -24.00 -10.41 -38.45
N GLN M 130 -25.09 -9.68 -38.27
CA GLN M 130 -26.13 -10.06 -37.31
C GLN M 130 -27.14 -11.03 -37.93
N GLY M 131 -27.03 -11.32 -39.22
CA GLY M 131 -27.89 -12.31 -39.86
C GLY M 131 -29.13 -11.83 -40.64
N ASN M 132 -29.39 -10.53 -40.59
CA ASN M 132 -30.44 -9.94 -41.37
C ASN M 132 -29.82 -9.50 -42.70
N PHE M 133 -30.62 -9.42 -43.74
CA PHE M 133 -30.09 -9.03 -45.04
C PHE M 133 -30.89 -8.04 -45.88
N ILE M 134 -30.18 -7.46 -46.84
CA ILE M 134 -30.80 -6.55 -47.76
C ILE M 134 -30.57 -6.97 -49.17
N GLN M 135 -31.43 -6.42 -50.04
CA GLN M 135 -31.43 -6.71 -51.46
C GLN M 135 -30.97 -5.49 -52.23
N ALA M 136 -30.12 -5.70 -53.22
CA ALA M 136 -29.74 -4.62 -54.12
C ALA M 136 -30.89 -4.33 -55.08
N THR M 137 -31.04 -3.06 -55.44
CA THR M 137 -32.12 -2.59 -56.32
C THR M 137 -31.57 -1.66 -57.38
N PRO M 138 -32.42 -1.24 -58.33
CA PRO M 138 -31.91 -0.39 -59.37
C PRO M 138 -31.32 0.91 -58.86
N ASP M 139 -31.90 1.46 -57.79
CA ASP M 139 -31.39 2.71 -57.19
C ASP M 139 -30.09 2.46 -56.42
N THR M 140 -29.92 1.25 -55.88
CA THR M 140 -28.68 0.88 -55.17
C THR M 140 -28.22 -0.48 -55.70
N PRO M 141 -27.58 -0.45 -56.87
CA PRO M 141 -27.30 -1.67 -57.62
C PRO M 141 -26.01 -2.35 -57.30
N PHE M 142 -25.16 -1.78 -56.45
CA PHE M 142 -23.99 -2.53 -55.98
C PHE M 142 -23.88 -2.59 -54.49
N LEU M 143 -23.24 -3.64 -54.01
CA LEU M 143 -23.05 -3.87 -52.56
C LEU M 143 -21.63 -4.33 -52.28
N GLN M 144 -21.08 -3.93 -51.14
CA GLN M 144 -19.69 -4.23 -50.83
C GLN M 144 -19.55 -4.93 -49.49
N LEU M 145 -18.50 -5.70 -49.34
CA LEU M 145 -18.16 -6.25 -48.06
C LEU M 145 -16.74 -5.95 -47.80
N GLY M 146 -16.38 -6.01 -46.54
CA GLY M 146 -15.00 -5.85 -46.15
C GLY M 146 -14.59 -4.40 -46.17
N GLU M 147 -13.35 -4.21 -46.59
CA GLU M 147 -12.66 -2.96 -46.54
C GLU M 147 -12.99 -2.21 -47.84
N SER M 148 -14.14 -1.53 -47.81
CA SER M 148 -14.73 -1.02 -49.03
C SER M 148 -14.77 0.50 -49.27
N LYS M 149 -14.39 1.30 -48.27
CA LYS M 149 -14.52 2.74 -48.43
C LYS M 149 -13.56 3.24 -49.50
N TYR M 150 -12.41 2.61 -49.61
CA TYR M 150 -11.38 3.12 -50.49
C TYR M 150 -11.84 3.13 -51.93
N GLY M 151 -12.57 2.08 -52.29
CA GLY M 151 -12.97 1.89 -53.68
C GLY M 151 -14.42 2.19 -53.94
N LYS M 152 -15.08 2.81 -52.98
CA LYS M 152 -16.49 3.18 -53.13
C LYS M 152 -16.73 4.36 -54.08
N PRO M 153 -15.94 5.44 -53.95
CA PRO M 153 -16.18 6.57 -54.82
C PRO M 153 -16.25 6.28 -56.31
N ILE M 154 -15.31 5.52 -56.87
CA ILE M 154 -15.40 5.24 -58.28
C ILE M 154 -16.71 4.53 -58.68
N LEU M 155 -17.24 3.69 -57.80
CA LEU M 155 -18.48 3.02 -58.08
C LEU M 155 -19.65 3.99 -57.96
N ASP M 156 -19.67 4.78 -56.90
CA ASP M 156 -20.72 5.78 -56.74
C ASP M 156 -20.81 6.71 -57.93
N ARG M 157 -19.66 7.13 -58.44
CA ARG M 157 -19.60 8.05 -59.57
C ARG M 157 -20.10 7.49 -60.87
N ASN M 158 -19.76 6.24 -61.19
CA ASN M 158 -19.94 5.72 -62.54
C ASN M 158 -20.92 4.59 -62.72
N LEU M 159 -21.15 3.82 -61.68
CA LEU M 159 -22.01 2.67 -61.79
C LEU M 159 -23.50 2.98 -61.65
N THR M 160 -24.32 2.40 -62.51
CA THR M 160 -25.78 2.50 -62.40
C THR M 160 -26.37 1.18 -62.88
N PHE M 161 -27.67 1.00 -62.66
CA PHE M 161 -28.33 -0.26 -63.05
C PHE M 161 -28.13 -0.60 -64.50
N ASP M 162 -28.10 0.43 -65.34
CA ASP M 162 -27.94 0.24 -66.79
C ASP M 162 -26.50 0.05 -67.31
N THR M 163 -25.51 0.21 -66.45
CA THR M 163 -24.13 0.01 -66.88
C THR M 163 -24.00 -1.40 -67.43
N PRO M 164 -23.44 -1.56 -68.64
CA PRO M 164 -23.20 -2.90 -69.16
C PRO M 164 -22.20 -3.70 -68.34
N LEU M 165 -22.22 -5.03 -68.47
CA LEU M 165 -21.39 -5.89 -67.64
C LEU M 165 -19.88 -5.68 -67.84
N GLU M 166 -19.41 -5.68 -69.10
CA GLU M 166 -17.96 -5.43 -69.37
C GLU M 166 -17.50 -4.11 -68.68
N GLN M 167 -18.31 -3.06 -68.71
CA GLN M 167 -17.91 -1.78 -68.07
C GLN M 167 -18.00 -1.81 -66.57
N ALA M 168 -18.99 -2.51 -66.04
CA ALA M 168 -19.09 -2.66 -64.62
C ALA M 168 -17.87 -3.40 -64.08
N LEU M 169 -17.47 -4.47 -64.78
CA LEU M 169 -16.34 -5.26 -64.36
C LEU M 169 -15.09 -4.40 -64.32
N ARG M 170 -14.92 -3.60 -65.35
CA ARG M 170 -13.79 -2.68 -65.48
C ARG M 170 -13.78 -1.72 -64.32
N CYS M 171 -14.96 -1.23 -63.99
CA CYS M 171 -15.15 -0.32 -62.89
C CYS M 171 -14.77 -0.96 -61.56
N ALA M 172 -15.25 -2.16 -61.33
CA ALA M 172 -14.81 -2.96 -60.18
C ALA M 172 -13.28 -3.09 -60.08
N LEU M 173 -12.60 -3.37 -61.20
CA LEU M 173 -11.17 -3.55 -61.18
C LEU M 173 -10.44 -2.28 -60.73
N VAL M 174 -10.94 -1.13 -61.17
CA VAL M 174 -10.33 0.11 -60.75
C VAL M 174 -10.55 0.28 -59.24
N SER M 175 -11.74 -0.10 -58.77
CA SER M 175 -12.05 -0.08 -57.36
C SER M 175 -10.96 -0.86 -56.58
N PHE M 176 -10.59 -2.04 -57.08
CA PHE M 176 -9.60 -2.86 -56.41
C PHE M 176 -8.22 -2.27 -56.49
N ASP M 177 -7.91 -1.68 -57.62
CA ASP M 177 -6.65 -1.00 -57.80
C ASP M 177 -6.44 0.00 -56.64
N SER M 178 -7.38 0.94 -56.46
CA SER M 178 -7.20 1.96 -55.44
C SER M 178 -7.10 1.33 -54.06
N THR M 179 -7.94 0.33 -53.82
CA THR M 179 -8.03 -0.28 -52.51
C THR M 179 -6.68 -0.94 -52.20
N ILE M 180 -6.17 -1.72 -53.14
CA ILE M 180 -4.92 -2.40 -52.92
C ILE M 180 -3.75 -1.47 -52.66
N ARG M 181 -3.72 -0.32 -53.31
CA ARG M 181 -2.68 0.66 -53.11
C ARG M 181 -2.73 1.31 -51.75
N SER M 182 -3.92 1.43 -51.18
CA SER M 182 -4.10 2.21 -49.97
C SER M 182 -4.34 1.39 -48.70
N ASN M 183 -4.49 0.06 -48.82
CA ASN M 183 -4.75 -0.80 -47.67
C ASN M 183 -4.19 -2.20 -47.84
N LEU M 184 -3.20 -2.54 -47.03
CA LEU M 184 -2.51 -3.82 -47.17
C LEU M 184 -3.33 -5.03 -46.80
N SER M 185 -4.46 -4.86 -46.11
CA SER M 185 -5.26 -6.00 -45.71
C SER M 185 -5.97 -6.58 -46.95
N VAL M 186 -6.00 -5.82 -48.03
CA VAL M 186 -6.56 -6.27 -49.28
C VAL M 186 -5.46 -6.60 -50.28
N GLY M 187 -5.65 -7.67 -51.05
CA GLY M 187 -4.57 -8.21 -51.83
C GLY M 187 -4.93 -9.30 -52.83
N PRO M 189 -4.35 -12.76 -55.24
CA PRO M 189 -5.18 -12.78 -56.44
C PRO M 189 -6.60 -12.37 -56.20
N LEU M 190 -7.25 -11.91 -57.27
CA LEU M 190 -8.69 -11.58 -57.26
C LEU M 190 -9.43 -12.66 -57.98
N ASP M 191 -10.70 -12.79 -57.67
CA ASP M 191 -11.54 -13.79 -58.29
C ASP M 191 -12.74 -13.05 -58.81
N LEU M 192 -13.02 -13.22 -60.11
CA LEU M 192 -14.16 -12.55 -60.75
C LEU M 192 -15.14 -13.57 -61.27
N LEU M 193 -16.38 -13.16 -61.39
CA LEU M 193 -17.34 -13.92 -62.11
C LEU M 193 -18.37 -12.98 -62.71
N VAL M 194 -18.65 -13.17 -64.01
CA VAL M 194 -19.71 -12.44 -64.68
C VAL M 194 -20.81 -13.41 -65.09
N TYR M 195 -22.05 -13.05 -64.84
CA TYR M 195 -23.21 -13.90 -65.21
C TYR M 195 -24.18 -13.13 -66.04
N HIS M 196 -24.61 -13.72 -67.15
CA HIS M 196 -25.55 -13.04 -68.07
C HIS M 196 -27.00 -13.37 -67.74
N ARG M 197 -27.83 -12.33 -67.62
CA ARG M 197 -29.25 -12.51 -67.26
C ARG M 197 -29.89 -13.53 -68.15
N ASP M 198 -30.59 -14.49 -67.54
CA ASP M 198 -31.32 -15.56 -68.26
C ASP M 198 -30.47 -16.62 -68.95
N SER M 199 -29.15 -16.55 -68.84
CA SER M 199 -28.30 -17.58 -69.44
C SER M 199 -28.43 -18.92 -68.72
N LEU M 200 -28.65 -18.89 -67.40
CA LEU M 200 -28.73 -20.09 -66.57
C LEU M 200 -27.60 -21.10 -66.79
N ILE M 201 -26.39 -20.60 -67.00
CA ILE M 201 -25.16 -21.43 -67.08
C ILE M 201 -24.25 -21.06 -65.91
N LEU M 202 -23.31 -21.94 -65.59
CA LEU M 202 -22.34 -21.69 -64.51
C LEU M 202 -21.05 -21.20 -65.11
N PRO M 203 -20.81 -19.88 -65.09
CA PRO M 203 -19.60 -19.38 -65.74
C PRO M 203 -18.41 -19.89 -64.99
N GLU M 204 -17.28 -20.04 -65.65
CA GLU M 204 -16.12 -20.59 -64.97
C GLU M 204 -15.51 -19.56 -64.05
N GLY M 205 -15.66 -18.29 -64.38
CA GLY M 205 -15.08 -17.24 -63.57
C GLY M 205 -13.63 -17.15 -63.93
N TYR M 206 -12.92 -16.20 -63.35
CA TYR M 206 -11.53 -15.96 -63.74
C TYR M 206 -10.73 -15.42 -62.57
N ARG M 207 -9.48 -15.84 -62.48
CA ARG M 207 -8.62 -15.35 -61.43
C ARG M 207 -7.57 -14.37 -61.95
N VAL M 208 -7.52 -13.22 -61.30
CA VAL M 208 -6.54 -12.22 -61.66
C VAL M 208 -5.31 -12.31 -60.77
N THR M 209 -4.18 -12.72 -61.33
CA THR M 209 -2.95 -12.75 -60.54
C THR M 209 -2.11 -11.49 -60.69
N GLU M 210 -1.17 -11.35 -59.79
CA GLU M 210 -0.07 -10.41 -59.89
C GLU M 210 0.39 -10.18 -61.34
N ASP M 211 0.49 -11.24 -62.12
CA ASP M 211 1.09 -11.18 -63.45
C ASP M 211 0.14 -10.76 -64.53
N ASP M 212 -1.14 -10.62 -64.23
CA ASP M 212 -2.15 -10.50 -65.28
C ASP M 212 -1.83 -9.34 -66.21
N ALA M 213 -1.73 -9.63 -67.51
CA ALA M 213 -1.37 -8.61 -68.49
C ALA M 213 -2.39 -7.50 -68.52
N TYR M 214 -3.67 -7.87 -68.61
CA TYR M 214 -4.73 -6.87 -68.74
C TYR M 214 -4.81 -5.97 -67.52
N PHE M 215 -4.86 -6.57 -66.34
CA PHE M 215 -4.98 -5.77 -65.13
C PHE M 215 -3.75 -4.90 -64.96
N SER M 216 -2.56 -5.41 -65.26
CA SER M 216 -1.37 -4.61 -65.12
C SER M 216 -1.48 -3.38 -65.98
N ALA M 217 -2.01 -3.58 -67.19
CA ALA M 217 -2.09 -2.53 -68.19
C ALA M 217 -3.07 -1.44 -67.78
N ILE M 218 -4.26 -1.81 -67.34
CA ILE M 218 -5.20 -0.77 -66.99
C ILE M 218 -4.75 -0.02 -65.75
N ARG M 219 -4.00 -0.66 -64.86
CA ARG M 219 -3.46 0.06 -63.71
C ARG M 219 -2.48 1.14 -64.16
N ARG M 220 -1.58 0.76 -65.05
CA ARG M 220 -0.57 1.67 -65.59
C ARG M 220 -1.23 2.84 -66.32
N GLN M 221 -2.28 2.56 -67.08
CA GLN M 221 -3.04 3.57 -67.81
C GLN M 221 -3.78 4.50 -66.90
N TRP M 222 -4.50 3.92 -65.96
CA TRP M 222 -5.22 4.69 -64.98
C TRP M 222 -4.29 5.65 -64.23
N SER M 223 -3.08 5.22 -63.87
CA SER M 223 -2.13 6.11 -63.18
C SER M 223 -1.76 7.28 -64.04
N ALA M 224 -1.37 6.97 -65.26
CA ALA M 224 -0.96 7.97 -66.23
C ALA M 224 -2.10 8.98 -66.46
N GLY M 225 -3.31 8.46 -66.55
CA GLY M 225 -4.46 9.30 -66.78
C GLY M 225 -4.64 10.29 -65.64
N LEU M 226 -4.72 9.77 -64.41
CA LEU M 226 -4.89 10.60 -63.22
C LEU M 226 -3.80 11.67 -63.11
N HIS M 227 -2.58 11.27 -63.40
CA HIS M 227 -1.46 12.18 -63.27
C HIS M 227 -1.62 13.32 -64.27
N ASP M 228 -2.02 12.98 -65.50
CA ASP M 228 -2.29 13.96 -66.57
C ASP M 228 -3.35 14.97 -66.18
N LEU M 230 -4.51 15.81 -63.43
CA LEU M 230 -4.15 16.59 -62.29
C LEU M 230 -3.27 17.77 -62.68
N GLU M 231 -2.37 17.56 -63.62
CA GLU M 231 -1.47 18.64 -64.06
C GLU M 231 -2.16 19.64 -64.96
N ARG M 232 -3.18 19.16 -65.66
CA ARG M 232 -3.95 20.00 -66.57
C ARG M 232 -5.22 20.67 -65.96
N LEU M 233 -5.49 20.41 -64.69
CA LEU M 233 -6.43 21.21 -63.88
C LEU M 233 -5.91 22.61 -63.65
N PRO M 234 -6.81 23.60 -63.56
CA PRO M 234 -6.38 24.97 -63.37
C PRO M 234 -5.83 25.25 -61.99
N SER M 235 -5.10 26.35 -61.84
CA SER M 235 -4.62 26.81 -60.55
C SER M 235 -5.72 27.55 -59.76
N PRO M 236 -5.70 27.44 -58.42
CA PRO M 236 -6.64 28.19 -57.58
C PRO M 236 -6.42 29.69 -57.78
N PRO M 237 -7.48 30.50 -57.80
CA PRO M 237 -7.36 31.97 -57.91
C PRO M 237 -6.52 32.63 -56.81
N SER M 238 -6.30 33.94 -56.93
CA SER M 238 -5.59 34.71 -55.88
C SER M 238 -6.20 34.43 -54.52
N ALA M 239 -7.51 34.70 -54.43
CA ALA M 239 -8.30 34.51 -53.22
C ALA M 239 -7.82 33.36 -52.28
N TYR M 240 -7.49 32.19 -52.81
CA TYR M 240 -7.22 31.03 -51.96
C TYR M 240 -5.96 31.02 -51.03
N ASN M 241 -5.20 32.12 -50.94
CA ASN M 241 -3.92 32.04 -50.16
C ASN M 241 -3.81 32.92 -48.90
N THR N 1 -17.08 14.92 -40.99
CA THR N 1 -15.76 15.21 -40.37
C THR N 1 -14.66 14.50 -41.15
N TYR N 2 -13.86 15.27 -41.86
CA TYR N 2 -12.69 14.72 -42.53
C TYR N 2 -11.64 15.83 -42.57
N CYS N 3 -10.44 15.55 -42.09
CA CYS N 3 -9.40 16.55 -42.09
C CYS N 3 -8.15 15.96 -42.68
N VAL N 4 -7.37 16.79 -43.38
CA VAL N 4 -6.07 16.40 -43.93
C VAL N 4 -5.08 17.49 -43.63
N ALA N 5 -3.84 17.06 -43.41
CA ALA N 5 -2.74 17.99 -43.27
C ALA N 5 -1.54 17.38 -43.92
N HIS N 7 2.76 17.95 -44.68
CA HIS N 7 4.00 18.63 -44.41
C HIS N 7 4.95 18.27 -45.53
N LEU N 8 5.22 19.30 -46.33
CA LEU N 8 5.98 19.20 -47.55
C LEU N 8 7.24 20.06 -47.51
N ALA N 9 8.10 19.86 -48.50
CA ALA N 9 9.32 20.58 -48.60
C ALA N 9 9.09 22.07 -48.48
N ASP N 10 8.07 22.60 -49.18
CA ASP N 10 7.84 24.06 -49.21
C ASP N 10 6.98 24.61 -48.07
N GLY N 11 6.42 23.75 -47.24
CA GLY N 11 5.60 24.23 -46.12
C GLY N 11 4.50 23.27 -45.72
N LEU N 12 3.37 23.82 -45.29
CA LEU N 12 2.26 23.04 -44.78
C LEU N 12 0.99 23.41 -45.53
N VAL N 13 0.12 22.43 -45.66
CA VAL N 13 -1.21 22.64 -46.20
C VAL N 13 -2.20 21.94 -45.29
N PHE N 14 -3.27 22.64 -44.91
CA PHE N 14 -4.30 22.08 -44.07
C PHE N 14 -5.65 22.20 -44.74
N ALA N 15 -6.51 21.20 -44.58
CA ALA N 15 -7.89 21.31 -45.05
C ALA N 15 -8.82 20.50 -44.21
N SER N 16 -9.96 21.11 -43.87
CA SER N 16 -10.99 20.42 -43.05
C SER N 16 -12.39 20.66 -43.58
N ASP N 17 -13.30 19.70 -43.41
CA ASP N 17 -14.71 19.97 -43.70
C ASP N 17 -15.31 20.67 -42.49
N SER N 18 -16.63 20.69 -42.40
CA SER N 18 -17.31 21.37 -41.31
C SER N 18 -18.54 20.64 -40.77
N ARG N 19 -18.93 19.55 -41.42
CA ARG N 19 -20.15 18.90 -41.04
C ARG N 19 -19.89 18.11 -39.79
N THR N 20 -20.80 18.23 -38.84
CA THR N 20 -20.52 17.80 -37.49
C THR N 20 -21.75 17.17 -36.88
N ASN N 21 -21.53 16.04 -36.26
CA ASN N 21 -22.57 15.39 -35.53
C ASN N 21 -22.65 16.02 -34.15
N ALA N 22 -23.70 16.77 -33.90
CA ALA N 22 -23.84 17.47 -32.66
C ALA N 22 -24.92 16.89 -31.77
N GLY N 23 -25.20 15.61 -31.87
CA GLY N 23 -26.36 15.07 -31.19
C GLY N 23 -27.27 14.39 -32.18
N ILE N 24 -28.34 13.80 -31.68
CA ILE N 24 -29.23 13.03 -32.54
C ILE N 24 -30.13 14.01 -33.25
N ASP N 25 -30.31 13.78 -34.55
CA ASP N 25 -31.10 14.65 -35.37
C ASP N 25 -30.62 16.10 -35.29
N HIS N 26 -29.34 16.31 -35.00
CA HIS N 26 -28.80 17.65 -34.99
C HIS N 26 -27.42 17.58 -35.66
N ILE N 27 -27.41 17.64 -36.98
CA ILE N 27 -26.17 17.74 -37.72
C ILE N 27 -25.95 19.18 -38.12
N ALA N 28 -24.73 19.68 -37.99
CA ALA N 28 -24.51 21.11 -38.07
C ALA N 28 -23.14 21.45 -38.55
N THR N 29 -22.98 22.72 -38.89
CA THR N 29 -21.69 23.24 -39.35
C THR N 29 -20.85 23.81 -38.19
N PHE N 30 -19.62 23.32 -38.07
CA PHE N 30 -18.65 23.86 -37.08
C PHE N 30 -17.24 23.84 -37.67
N ARG N 31 -16.52 24.94 -37.48
CA ARG N 31 -15.15 25.06 -37.98
C ARG N 31 -14.28 24.00 -37.31
N LYS N 32 -13.43 23.33 -38.09
CA LYS N 32 -12.55 22.31 -37.55
C LYS N 32 -11.09 22.62 -37.86
N LEU N 33 -10.79 23.89 -38.10
CA LEU N 33 -9.41 24.32 -38.37
C LEU N 33 -9.20 25.67 -37.70
N PHE N 34 -8.27 25.72 -36.74
CA PHE N 34 -8.07 26.90 -35.91
C PHE N 34 -6.59 27.31 -35.96
N THR N 35 -6.34 28.62 -36.02
CA THR N 35 -4.99 29.13 -36.15
C THR N 35 -4.61 29.92 -34.89
N PHE N 36 -3.32 29.95 -34.61
CA PHE N 36 -2.80 30.69 -33.47
C PHE N 36 -1.42 31.21 -33.85
N GLY N 37 -1.00 32.32 -33.25
CA GLY N 37 0.37 32.76 -33.47
C GLY N 37 0.64 34.21 -33.27
N THR N 38 1.92 34.58 -33.34
CA THR N 38 2.38 35.96 -33.33
C THR N 38 3.18 36.21 -34.60
N PRO N 39 2.83 37.25 -35.39
CA PRO N 39 3.49 37.43 -36.71
C PRO N 39 4.99 37.63 -36.59
N GLY N 40 5.76 36.98 -37.45
CA GLY N 40 7.22 37.06 -37.43
C GLY N 40 7.87 36.13 -36.43
N GLU N 41 7.06 35.43 -35.63
CA GLU N 41 7.57 34.51 -34.60
C GLU N 41 6.98 33.08 -34.73
N ARG N 42 5.66 32.93 -34.89
CA ARG N 42 5.12 31.58 -34.98
C ARG N 42 3.74 31.48 -35.61
N LEU N 43 3.50 30.35 -36.25
CA LEU N 43 2.17 29.95 -36.68
C LEU N 43 1.86 28.52 -36.18
N LEU N 44 0.69 28.32 -35.58
CA LEU N 44 0.24 26.99 -35.21
C LEU N 44 -1.18 26.79 -35.66
N VAL N 45 -1.46 25.63 -36.22
CA VAL N 45 -2.79 25.28 -36.67
C VAL N 45 -3.23 24.02 -35.94
N VAL N 46 -4.45 24.03 -35.44
CA VAL N 46 -5.02 22.87 -34.83
C VAL N 46 -6.28 22.46 -35.60
N GLN N 47 -6.36 21.19 -35.98
CA GLN N 47 -7.58 20.62 -36.56
C GLN N 47 -8.20 19.62 -35.61
N THR N 48 -9.52 19.50 -35.67
CA THR N 48 -10.25 18.68 -34.73
C THR N 48 -11.13 17.66 -35.41
N ALA N 49 -11.33 16.55 -34.73
CA ALA N 49 -12.25 15.48 -35.20
C ALA N 49 -12.71 14.70 -34.00
N GLY N 50 -13.89 14.13 -34.06
CA GLY N 50 -14.42 13.38 -32.94
C GLY N 50 -15.47 14.14 -32.20
N ASN N 51 -15.59 13.89 -30.92
CA ASN N 51 -16.66 14.50 -30.14
C ASN N 51 -16.58 16.01 -30.11
N LEU N 52 -17.67 16.65 -30.51
CA LEU N 52 -17.73 18.10 -30.55
C LEU N 52 -17.49 18.72 -29.17
N ALA N 53 -18.23 18.28 -28.17
CA ALA N 53 -18.14 18.89 -26.84
C ALA N 53 -16.72 18.87 -26.32
N THR N 54 -16.05 17.76 -26.53
CA THR N 54 -14.69 17.60 -26.05
C THR N 54 -13.75 18.51 -26.83
N SER N 55 -13.80 18.43 -28.15
CA SER N 55 -12.88 19.22 -28.94
C SER N 55 -13.13 20.74 -28.75
N GLN N 56 -14.38 21.16 -28.64
CA GLN N 56 -14.65 22.55 -28.38
C GLN N 56 -14.04 22.97 -27.05
N SER N 57 -14.23 22.17 -26.02
CA SER N 57 -13.69 22.55 -24.75
C SER N 57 -12.18 22.70 -24.85
N VAL N 58 -11.55 21.79 -25.57
CA VAL N 58 -10.09 21.83 -25.68
C VAL N 58 -9.66 23.13 -26.33
N ILE N 59 -10.28 23.45 -27.45
CA ILE N 59 -9.94 24.65 -28.18
C ILE N 59 -10.20 25.89 -27.35
N ASN N 60 -11.34 25.91 -26.69
CA ASN N 60 -11.70 27.03 -25.87
C ASN N 60 -10.70 27.30 -24.76
N LEU N 61 -10.21 26.23 -24.13
CA LEU N 61 -9.25 26.42 -23.07
C LEU N 61 -7.93 26.92 -23.61
N LEU N 62 -7.50 26.39 -24.75
CA LEU N 62 -6.28 26.85 -25.36
C LEU N 62 -6.35 28.34 -25.67
N GLN N 63 -7.51 28.82 -26.12
CA GLN N 63 -7.70 30.26 -26.38
C GLN N 63 -7.67 31.10 -25.10
N GLN N 64 -8.48 30.74 -24.09
CA GLN N 64 -8.45 31.44 -22.81
C GLN N 64 -7.05 31.52 -22.24
N ARG N 65 -6.30 30.42 -22.28
CA ARG N 65 -4.98 30.35 -21.67
C ARG N 65 -3.87 31.12 -22.41
N ILE N 66 -4.10 31.41 -23.68
CA ILE N 66 -3.17 32.20 -24.48
C ILE N 66 -2.95 33.55 -23.81
N ARG N 67 -4.08 34.12 -23.35
CA ARG N 67 -4.13 35.38 -22.61
C ARG N 67 -3.93 35.12 -21.09
N ARG N 68 -2.84 34.42 -20.72
CA ARG N 68 -2.57 34.11 -19.31
C ARG N 68 -1.12 33.65 -19.10
N ASP N 69 -0.50 34.15 -18.01
CA ASP N 69 0.91 33.88 -17.67
C ASP N 69 1.12 32.42 -17.24
N GLY N 70 1.59 31.58 -18.16
CA GLY N 70 1.77 30.15 -17.89
C GLY N 70 1.82 29.43 -19.22
N ALA N 71 1.90 28.12 -19.21
CA ALA N 71 1.97 27.33 -20.46
C ALA N 71 0.83 27.65 -21.43
N SER N 72 1.17 27.98 -22.68
CA SER N 72 0.18 28.30 -23.70
C SER N 72 0.77 28.09 -25.06
N LEU N 73 -0.09 27.94 -26.07
CA LEU N 73 0.38 27.80 -27.44
C LEU N 73 1.27 28.94 -27.96
N LEU N 74 1.35 30.06 -27.26
CA LEU N 74 2.20 31.15 -27.73
C LEU N 74 3.60 31.18 -27.17
N ASN N 75 3.92 30.35 -26.17
CA ASN N 75 5.18 30.50 -25.44
C ASN N 75 5.96 29.18 -25.47
N VAL N 76 5.20 28.10 -25.60
CA VAL N 76 5.71 26.76 -25.91
C VAL N 76 6.87 26.79 -26.92
N PRO N 77 7.98 26.10 -26.61
CA PRO N 77 9.21 26.33 -27.39
C PRO N 77 9.33 25.58 -28.71
N SER N 78 8.47 24.61 -28.95
CA SER N 78 8.52 23.82 -30.21
C SER N 78 7.15 23.30 -30.62
N VAL N 79 7.00 22.96 -31.89
CA VAL N 79 5.73 22.39 -32.37
C VAL N 79 5.42 21.10 -31.61
N TYR N 80 6.46 20.31 -31.35
CA TYR N 80 6.32 19.14 -30.50
C TYR N 80 5.60 19.49 -29.20
N ASP N 81 6.16 20.44 -28.46
CA ASP N 81 5.61 20.81 -27.16
C ASP N 81 4.19 21.36 -27.27
N ALA N 82 3.89 21.98 -28.40
CA ALA N 82 2.54 22.49 -28.66
C ALA N 82 1.58 21.32 -28.74
N THR N 83 1.99 20.30 -29.50
CA THR N 83 1.20 19.08 -29.65
C THR N 83 0.99 18.43 -28.28
N ALA N 84 2.06 18.37 -27.49
CA ALA N 84 1.98 17.80 -26.15
C ALA N 84 0.99 18.60 -25.29
N LEU N 85 1.00 19.92 -25.46
CA LEU N 85 0.13 20.78 -24.66
C LEU N 85 -1.32 20.51 -25.01
N VAL N 86 -1.60 20.38 -26.31
CA VAL N 86 -2.95 20.10 -26.74
C VAL N 86 -3.37 18.80 -26.07
N ALA N 87 -2.53 17.78 -26.16
CA ALA N 87 -2.85 16.47 -25.58
C ALA N 87 -3.11 16.59 -24.09
N GLU N 88 -2.19 17.25 -23.41
CA GLU N 88 -2.30 17.53 -21.99
C GLU N 88 -3.69 18.13 -21.71
N THR N 89 -4.09 19.10 -22.52
CA THR N 89 -5.36 19.80 -22.32
C THR N 89 -6.53 18.87 -22.52
N THR N 90 -6.42 18.03 -23.55
CA THR N 90 -7.44 17.03 -23.80
C THR N 90 -7.66 16.15 -22.55
N ARG N 91 -6.57 15.62 -22.00
CA ARG N 91 -6.66 14.78 -20.78
C ARG N 91 -7.46 15.48 -19.71
N GLU N 92 -7.15 16.75 -19.53
CA GLU N 92 -7.80 17.55 -18.50
C GLU N 92 -9.30 17.65 -18.71
N VAL N 93 -9.72 17.82 -19.95
CA VAL N 93 -11.15 17.90 -20.30
C VAL N 93 -11.89 16.58 -20.12
N ALA N 95 -11.03 14.18 -18.02
CA ALA N 95 -11.10 13.93 -16.59
C ALA N 95 -12.34 14.56 -15.97
N ARG N 96 -12.65 15.79 -16.37
CA ARG N 96 -13.74 16.56 -15.75
C ARG N 96 -15.16 16.07 -16.15
N ASP N 97 -15.35 15.79 -17.44
CA ASP N 97 -16.67 15.38 -18.00
C ASP N 97 -17.03 13.91 -17.75
N SER N 98 -16.02 13.05 -17.61
CA SER N 98 -16.19 11.68 -17.16
C SER N 98 -16.91 11.63 -15.78
N GLY N 99 -17.82 10.66 -15.65
CA GLY N 99 -18.60 10.43 -14.42
C GLY N 99 -19.70 9.40 -14.73
N ASN N 100 -20.59 9.12 -13.77
CA ASN N 100 -21.74 8.22 -14.01
C ASN N 100 -22.73 8.80 -15.02
N LEU N 101 -22.85 10.13 -15.04
CA LEU N 101 -23.80 10.85 -15.88
C LEU N 101 -23.52 10.73 -17.39
N ALA N 102 -22.25 10.84 -17.78
CA ALA N 102 -21.89 10.54 -19.17
C ALA N 102 -22.26 9.09 -19.53
N GLY N 103 -21.98 8.15 -18.62
CA GLY N 103 -22.31 6.73 -18.84
C GLY N 103 -21.38 6.11 -19.88
N ASN N 104 -21.96 5.49 -20.91
CA ASN N 104 -21.17 4.81 -21.95
C ASN N 104 -20.95 5.64 -23.19
N THR N 105 -21.49 6.87 -23.21
CA THR N 105 -21.30 7.77 -24.35
C THR N 105 -19.80 8.06 -24.62
N ASP N 106 -19.43 8.17 -25.90
CA ASP N 106 -18.02 8.19 -26.31
C ASP N 106 -17.44 9.59 -26.50
N LEU N 107 -16.68 10.04 -25.51
CA LEU N 107 -16.21 11.43 -25.47
C LEU N 107 -14.86 11.68 -26.13
N SER N 108 -14.37 10.74 -26.90
CA SER N 108 -13.01 10.86 -27.40
C SER N 108 -12.93 11.74 -28.62
N CYS N 109 -11.77 12.37 -28.81
CA CYS N 109 -11.50 13.05 -30.06
C CYS N 109 -10.03 13.11 -30.37
N SER N 110 -9.75 13.48 -31.61
CA SER N 110 -8.42 13.50 -32.17
C SER N 110 -8.12 14.85 -32.78
N PHE N 111 -6.84 15.15 -32.95
CA PHE N 111 -6.40 16.46 -33.38
C PHE N 111 -5.24 16.35 -34.31
N VAL N 113 -1.90 18.96 -35.05
CA VAL N 113 -1.25 20.17 -34.66
C VAL N 113 -0.07 20.31 -35.59
N GLY N 114 -0.03 21.40 -36.33
CA GLY N 114 1.13 21.68 -37.18
C GLY N 114 1.48 23.15 -37.22
N GLY N 115 2.67 23.46 -37.70
CA GLY N 115 3.05 24.85 -37.84
C GLY N 115 4.54 25.02 -37.75
N GLN N 116 4.96 26.24 -37.41
CA GLN N 116 6.38 26.57 -37.35
C GLN N 116 6.64 27.63 -36.34
N ILE N 117 7.66 27.39 -35.54
CA ILE N 117 8.11 28.34 -34.54
C ILE N 117 9.50 28.81 -34.96
N ALA N 118 9.72 30.11 -34.81
CA ALA N 118 10.99 30.73 -35.22
C ALA N 118 12.16 29.92 -34.75
N GLY N 119 13.06 29.60 -35.66
CA GLY N 119 14.31 28.96 -35.31
C GLY N 119 14.31 27.47 -35.44
N GLY N 120 13.23 26.91 -35.94
CA GLY N 120 13.23 25.50 -36.27
C GLY N 120 12.31 25.25 -37.43
N PRO N 121 12.48 24.12 -38.10
CA PRO N 121 11.67 23.83 -39.28
C PRO N 121 10.19 23.70 -38.95
N PRO N 122 9.33 23.76 -39.97
CA PRO N 122 7.93 23.45 -39.76
C PRO N 122 7.75 21.98 -39.41
N ALA N 123 6.67 21.65 -38.71
CA ALA N 123 6.36 20.28 -38.32
C ALA N 123 4.85 20.03 -38.27
N LEU N 124 4.47 18.76 -38.26
CA LEU N 124 3.07 18.36 -38.25
C LEU N 124 2.87 17.09 -37.44
N TYR N 125 1.97 17.12 -36.48
CA TYR N 125 1.68 15.95 -35.68
C TYR N 125 0.20 15.57 -35.76
N SER N 126 -0.11 14.31 -35.45
CA SER N 126 -1.48 13.87 -35.26
C SER N 126 -1.61 13.23 -33.90
N ILE N 127 -2.61 13.65 -33.15
CA ILE N 127 -2.88 13.11 -31.82
C ILE N 127 -4.03 12.13 -31.91
N TYR N 128 -3.86 10.96 -31.33
CA TYR N 128 -4.88 9.93 -31.39
C TYR N 128 -5.87 10.07 -30.26
N PRO N 129 -6.98 9.32 -30.34
CA PRO N 129 -7.97 9.37 -29.26
C PRO N 129 -7.41 9.15 -27.89
N GLN N 130 -6.36 8.34 -27.80
CA GLN N 130 -5.78 7.94 -26.53
C GLN N 130 -4.67 8.87 -26.07
N GLY N 131 -4.33 9.89 -26.86
CA GLY N 131 -3.50 11.01 -26.33
C GLY N 131 -2.03 10.96 -26.67
N ASN N 132 -1.65 9.87 -27.31
CA ASN N 132 -0.30 9.72 -27.84
C ASN N 132 -0.30 10.18 -29.29
N PHE N 133 0.85 10.63 -29.77
CA PHE N 133 0.88 11.21 -31.08
C PHE N 133 2.03 10.80 -31.97
N ILE N 134 1.83 11.02 -33.26
CA ILE N 134 2.88 10.81 -34.24
C ILE N 134 3.15 12.02 -35.12
N GLN N 135 4.33 12.01 -35.70
CA GLN N 135 4.85 13.10 -36.48
C GLN N 135 4.92 12.68 -37.93
N ALA N 136 4.51 13.56 -38.82
CA ALA N 136 4.63 13.30 -40.24
C ALA N 136 6.10 13.48 -40.64
N THR N 137 6.54 12.68 -41.60
CA THR N 137 7.91 12.71 -42.10
C THR N 137 7.91 12.72 -43.63
N PRO N 138 9.08 12.88 -44.25
CA PRO N 138 9.15 12.83 -45.69
C PRO N 138 8.59 11.57 -46.31
N ASP N 139 8.81 10.41 -45.69
CA ASP N 139 8.28 9.15 -46.19
C ASP N 139 6.72 9.06 -45.98
N THR N 140 6.20 9.71 -44.94
CA THR N 140 4.77 9.73 -44.67
C THR N 140 4.39 11.18 -44.41
N PRO N 141 4.21 11.94 -45.49
CA PRO N 141 4.08 13.38 -45.40
C PRO N 141 2.69 13.91 -45.24
N PHE N 142 1.67 13.05 -45.27
CA PHE N 142 0.32 13.54 -44.95
C PHE N 142 -0.35 12.69 -43.90
N LEU N 143 -1.27 13.31 -43.18
CA LEU N 143 -2.01 12.65 -42.13
C LEU N 143 -3.47 13.04 -42.22
N GLN N 144 -4.35 12.12 -41.85
CA GLN N 144 -5.78 12.37 -41.95
C GLN N 144 -6.49 12.15 -40.62
N LEU N 145 -7.62 12.82 -40.45
CA LEU N 145 -8.51 12.54 -39.36
C LEU N 145 -9.90 12.34 -39.89
N GLY N 146 -10.70 11.65 -39.12
CA GLY N 146 -12.09 11.48 -39.44
C GLY N 146 -12.28 10.40 -40.45
N GLU N 147 -13.26 10.64 -41.32
CA GLU N 147 -13.73 9.72 -42.31
C GLU N 147 -12.83 9.84 -43.58
N SER N 148 -11.70 9.13 -43.54
CA SER N 148 -10.58 9.41 -44.46
C SER N 148 -10.25 8.33 -45.49
N LYS N 149 -10.87 7.17 -45.40
CA LYS N 149 -10.51 6.10 -46.34
C LYS N 149 -10.94 6.47 -47.78
N TYR N 150 -12.05 7.17 -47.93
CA TYR N 150 -12.58 7.45 -49.24
C TYR N 150 -11.60 8.25 -50.09
N GLY N 151 -10.93 9.20 -49.45
CA GLY N 151 -10.07 10.14 -50.17
C GLY N 151 -8.60 9.85 -49.98
N LYS N 152 -8.28 8.71 -49.40
CA LYS N 152 -6.89 8.34 -49.20
C LYS N 152 -6.17 7.96 -50.50
N PRO N 153 -6.82 7.18 -51.37
CA PRO N 153 -6.08 6.72 -52.54
C PRO N 153 -5.47 7.84 -53.38
N ILE N 154 -6.20 8.89 -53.65
CA ILE N 154 -5.65 9.94 -54.50
C ILE N 154 -4.40 10.57 -53.86
N LEU N 155 -4.36 10.63 -52.53
CA LEU N 155 -3.20 11.16 -51.86
C LEU N 155 -2.06 10.17 -51.90
N ASP N 156 -2.35 8.92 -51.63
CA ASP N 156 -1.33 7.89 -51.73
C ASP N 156 -0.67 7.89 -53.10
N ARG N 157 -1.48 8.00 -54.14
CA ARG N 157 -0.97 7.94 -55.51
C ARG N 157 -0.09 9.09 -55.91
N ASN N 158 -0.44 10.32 -55.52
CA ASN N 158 0.18 11.50 -56.10
C ASN N 158 1.01 12.35 -55.19
N LEU N 159 0.73 12.31 -53.90
CA LEU N 159 1.41 13.17 -52.96
C LEU N 159 2.75 12.63 -52.50
N THR N 160 3.76 13.49 -52.46
CA THR N 160 5.06 13.16 -51.87
C THR N 160 5.62 14.40 -51.19
N PHE N 161 6.70 14.22 -50.44
CA PHE N 161 7.30 15.34 -49.71
C PHE N 161 7.63 16.53 -50.63
N ASP N 162 8.04 16.22 -51.86
CA ASP N 162 8.42 17.23 -52.84
C ASP N 162 7.28 17.84 -53.67
N THR N 163 6.06 17.36 -53.50
CA THR N 163 4.92 17.99 -54.17
C THR N 163 4.85 19.48 -53.76
N PRO N 164 4.77 20.39 -54.73
CA PRO N 164 4.56 21.81 -54.39
C PRO N 164 3.23 22.09 -53.72
N LEU N 165 3.13 23.21 -53.03
CA LEU N 165 1.93 23.49 -52.23
C LEU N 165 0.67 23.61 -53.09
N GLU N 166 0.71 24.41 -54.16
CA GLU N 166 -0.48 24.63 -55.01
C GLU N 166 -1.00 23.26 -55.49
N GLN N 167 -0.11 22.33 -55.81
CA GLN N 167 -0.56 20.99 -56.26
C GLN N 167 -1.06 20.07 -55.16
N ALA N 168 -0.45 20.17 -54.00
CA ALA N 168 -0.91 19.43 -52.84
C ALA N 168 -2.33 19.88 -52.49
N LEU N 169 -2.56 21.19 -52.49
CA LEU N 169 -3.86 21.71 -52.15
C LEU N 169 -4.92 21.19 -53.10
N ARG N 170 -4.57 21.20 -54.38
CA ARG N 170 -5.45 20.71 -55.42
C ARG N 170 -5.79 19.26 -55.17
N CYS N 171 -4.76 18.52 -54.81
CA CYS N 171 -4.89 17.11 -54.53
C CYS N 171 -5.86 16.91 -53.37
N ALA N 172 -5.67 17.68 -52.32
CA ALA N 172 -6.58 17.63 -51.18
C ALA N 172 -8.02 17.87 -51.60
N LEU N 173 -8.23 18.85 -52.46
CA LEU N 173 -9.57 19.16 -52.87
C LEU N 173 -10.25 18.00 -53.58
N VAL N 174 -9.48 17.29 -54.38
CA VAL N 174 -10.03 16.13 -55.04
C VAL N 174 -10.38 15.06 -54.01
N SER N 175 -9.52 14.92 -53.02
CA SER N 175 -9.78 14.01 -51.92
C SER N 175 -11.15 14.31 -51.31
N PHE N 176 -11.44 15.59 -51.10
CA PHE N 176 -12.72 15.97 -50.51
C PHE N 176 -13.88 15.71 -51.44
N ASP N 177 -13.64 15.93 -52.73
CA ASP N 177 -14.66 15.69 -53.71
C ASP N 177 -15.18 14.27 -53.56
N SER N 178 -14.28 13.31 -53.64
CA SER N 178 -14.69 11.90 -53.58
C SER N 178 -15.37 11.57 -52.27
N THR N 179 -14.83 12.13 -51.20
CA THR N 179 -15.32 11.83 -49.88
C THR N 179 -16.77 12.33 -49.78
N ILE N 180 -16.98 13.58 -50.17
CA ILE N 180 -18.30 14.16 -50.06
C ILE N 180 -19.35 13.39 -50.85
N ARG N 181 -18.96 12.86 -51.99
CA ARG N 181 -19.88 12.13 -52.83
C ARG N 181 -20.30 10.82 -52.22
N SER N 182 -19.40 10.24 -51.43
CA SER N 182 -19.58 8.86 -51.01
C SER N 182 -19.93 8.71 -49.56
N ASN N 183 -19.93 9.81 -48.82
CA ASN N 183 -20.23 9.75 -47.39
C ASN N 183 -20.88 11.04 -46.88
N LEU N 184 -22.14 10.95 -46.46
CA LEU N 184 -22.90 12.15 -46.04
C LEU N 184 -22.47 12.78 -44.75
N SER N 185 -21.66 12.09 -43.95
CA SER N 185 -21.22 12.67 -42.69
C SER N 185 -20.18 13.75 -42.95
N VAL N 186 -19.64 13.78 -44.17
CA VAL N 186 -18.69 14.81 -44.58
C VAL N 186 -19.35 15.82 -45.52
N GLY N 187 -19.01 17.10 -45.36
CA GLY N 187 -19.78 18.15 -45.99
C GLY N 187 -19.19 19.54 -45.93
N PRO N 189 -19.35 23.84 -45.81
CA PRO N 189 -18.11 24.43 -46.29
C PRO N 189 -16.83 23.73 -45.83
N LEU N 190 -15.76 23.92 -46.62
CA LEU N 190 -14.43 23.51 -46.24
C LEU N 190 -13.63 24.70 -45.81
N ASP N 191 -12.59 24.44 -45.02
CA ASP N 191 -11.69 25.48 -44.56
C ASP N 191 -10.27 25.06 -44.91
N LEU N 192 -9.55 25.93 -45.62
CA LEU N 192 -8.19 25.64 -46.08
C LEU N 192 -7.22 26.62 -45.50
N LEU N 193 -5.97 26.18 -45.36
CA LEU N 193 -4.90 27.08 -45.00
C LEU N 193 -3.61 26.56 -45.59
N VAL N 194 -2.89 27.43 -46.28
CA VAL N 194 -1.59 27.13 -46.82
C VAL N 194 -0.53 27.99 -46.10
N TYR N 195 0.56 27.39 -45.65
CA TYR N 195 1.62 28.11 -44.97
C TYR N 195 2.96 27.87 -45.64
N HIS N 196 3.71 28.95 -45.90
CA HIS N 196 4.98 28.84 -46.62
C HIS N 196 6.14 28.71 -45.64
N ARG N 197 7.00 27.71 -45.88
CA ARG N 197 8.12 27.43 -44.99
C ARG N 197 8.92 28.70 -44.76
N ASP N 198 9.21 28.98 -43.49
CA ASP N 198 10.01 30.13 -43.07
C ASP N 198 9.35 31.51 -43.25
N SER N 199 8.11 31.57 -43.72
CA SER N 199 7.43 32.85 -43.84
C SER N 199 7.10 33.48 -42.46
N LEU N 200 6.78 32.64 -41.48
CA LEU N 200 6.40 33.08 -40.14
C LEU N 200 5.31 34.14 -40.10
N ILE N 201 4.37 34.04 -41.04
CA ILE N 201 3.17 34.91 -41.05
C ILE N 201 1.94 34.06 -40.78
N LEU N 202 0.83 34.69 -40.38
CA LEU N 202 -0.43 33.98 -40.15
C LEU N 202 -1.30 34.13 -41.38
N PRO N 203 -1.31 33.13 -42.26
CA PRO N 203 -2.17 33.27 -43.44
C PRO N 203 -3.62 33.37 -43.06
N GLU N 204 -4.43 34.04 -43.88
CA GLU N 204 -5.82 34.23 -43.50
C GLU N 204 -6.59 32.96 -43.71
N GLY N 205 -6.15 32.11 -44.63
CA GLY N 205 -6.86 30.89 -44.91
C GLY N 205 -8.06 31.23 -45.75
N TYR N 206 -8.84 30.24 -46.13
CA TYR N 206 -9.92 30.45 -47.08
C TYR N 206 -11.01 29.43 -46.89
N ARG N 207 -12.24 29.85 -47.08
CA ARG N 207 -13.39 28.97 -46.93
C ARG N 207 -14.04 28.66 -48.28
N VAL N 208 -14.20 27.39 -48.55
CA VAL N 208 -14.81 26.96 -49.79
C VAL N 208 -16.27 26.65 -49.56
N THR N 209 -17.14 27.46 -50.13
CA THR N 209 -18.57 27.18 -50.01
C THR N 209 -19.12 26.40 -51.19
N GLU N 210 -20.32 25.87 -51.00
CA GLU N 210 -21.18 25.34 -52.04
C GLU N 210 -21.04 26.09 -53.38
N ASP N 211 -20.95 27.40 -53.33
CA ASP N 211 -20.96 28.24 -54.54
C ASP N 211 -19.62 28.45 -55.18
N ASP N 212 -18.54 27.99 -54.56
CA ASP N 212 -17.20 28.35 -55.01
C ASP N 212 -17.01 28.02 -56.48
N ALA N 213 -16.65 29.03 -57.26
CA ALA N 213 -16.49 28.83 -58.71
C ALA N 213 -15.39 27.81 -59.01
N TYR N 214 -14.22 27.98 -58.39
CA TYR N 214 -13.09 27.15 -58.70
C TYR N 214 -13.37 25.70 -58.32
N PHE N 215 -13.84 25.47 -57.10
CA PHE N 215 -14.08 24.11 -56.65
C PHE N 215 -15.17 23.45 -57.47
N SER N 216 -16.21 24.20 -57.83
CA SER N 216 -17.26 23.65 -58.70
C SER N 216 -16.68 23.18 -60.02
N ALA N 217 -15.78 23.99 -60.56
CA ALA N 217 -15.17 23.72 -61.84
C ALA N 217 -14.30 22.46 -61.83
N ILE N 218 -13.43 22.34 -60.84
CA ILE N 218 -12.54 21.19 -60.85
C ILE N 218 -13.29 19.91 -60.53
N ARG N 219 -14.40 19.99 -59.81
CA ARG N 219 -15.26 18.83 -59.64
C ARG N 219 -15.90 18.37 -60.95
N ARG N 220 -16.46 19.32 -61.70
CA ARG N 220 -17.03 19.03 -63.01
C ARG N 220 -15.99 18.41 -63.94
N GLN N 221 -14.77 18.94 -63.92
CA GLN N 221 -13.69 18.48 -64.81
C GLN N 221 -13.24 17.11 -64.44
N TRP N 222 -13.01 16.91 -63.16
CA TRP N 222 -12.60 15.62 -62.62
C TRP N 222 -13.63 14.54 -62.93
N SER N 223 -14.92 14.84 -62.86
CA SER N 223 -15.93 13.87 -63.29
C SER N 223 -15.84 13.49 -64.73
N ALA N 224 -15.83 14.50 -65.59
CA ALA N 224 -15.71 14.30 -67.01
C ALA N 224 -14.47 13.47 -67.32
N GLY N 225 -13.36 13.77 -66.65
CA GLY N 225 -12.10 13.10 -66.91
C GLY N 225 -12.18 11.63 -66.59
N LEU N 226 -12.62 11.31 -65.37
CA LEU N 226 -12.81 9.93 -64.96
C LEU N 226 -13.75 9.15 -65.86
N HIS N 227 -14.85 9.78 -66.25
CA HIS N 227 -15.80 9.12 -67.11
C HIS N 227 -15.14 8.79 -68.47
N ASP N 228 -14.40 9.74 -69.03
CA ASP N 228 -13.66 9.58 -70.29
C ASP N 228 -12.70 8.40 -70.22
N LEU N 230 -12.45 5.95 -68.33
CA LEU N 230 -13.10 4.69 -68.12
C LEU N 230 -13.64 4.12 -69.42
N GLU N 231 -14.19 4.95 -70.29
CA GLU N 231 -14.75 4.48 -71.55
C GLU N 231 -13.68 4.16 -72.57
N ARG N 232 -12.54 4.84 -72.44
CA ARG N 232 -11.40 4.66 -73.32
C ARG N 232 -10.45 3.52 -72.90
N LEU N 233 -10.65 2.94 -71.73
CA LEU N 233 -9.91 1.74 -71.31
C LEU N 233 -10.30 0.58 -72.20
N PRO N 234 -9.33 -0.32 -72.48
CA PRO N 234 -9.62 -1.47 -73.27
C PRO N 234 -10.58 -2.50 -72.65
N SER N 235 -11.15 -3.35 -73.49
CA SER N 235 -12.01 -4.44 -73.03
C SER N 235 -11.18 -5.60 -72.50
N PRO N 236 -11.70 -6.30 -71.49
CA PRO N 236 -11.05 -7.53 -71.02
C PRO N 236 -10.97 -8.58 -72.12
N PRO N 237 -9.87 -9.34 -72.20
CA PRO N 237 -9.73 -10.41 -73.21
C PRO N 237 -10.81 -11.49 -73.16
N SER N 238 -10.77 -12.43 -74.10
CA SER N 238 -11.66 -13.61 -74.07
C SER N 238 -11.64 -14.26 -72.68
N ALA N 239 -10.43 -14.66 -72.28
CA ALA N 239 -10.17 -15.34 -71.00
C ALA N 239 -11.14 -14.95 -69.85
N TYR N 240 -11.45 -13.68 -69.68
CA TYR N 240 -12.16 -13.21 -68.48
C TYR N 240 -13.66 -13.59 -68.32
N ASN N 241 -14.23 -14.44 -69.19
CA ASN N 241 -15.71 -14.71 -69.07
C ASN N 241 -16.20 -16.14 -68.74
N THR O 1 8.76 -27.66 -30.15
CA THR O 1 7.40 -27.95 -30.69
C THR O 1 7.21 -27.21 -32.01
N TYR O 2 7.18 -27.98 -33.09
CA TYR O 2 6.89 -27.44 -34.38
C TYR O 2 6.20 -28.54 -35.15
N CYS O 3 5.02 -28.26 -35.70
CA CYS O 3 4.30 -29.24 -36.51
C CYS O 3 3.89 -28.63 -37.83
N VAL O 4 3.88 -29.44 -38.88
CA VAL O 4 3.40 -29.03 -40.20
C VAL O 4 2.50 -30.10 -40.73
N ALA O 5 1.50 -29.67 -41.47
CA ALA O 5 0.66 -30.60 -42.21
C ALA O 5 0.29 -29.98 -43.53
N HIS O 7 -2.07 -30.56 -47.21
CA HIS O 7 -3.13 -31.23 -47.93
C HIS O 7 -2.97 -30.87 -49.38
N LEU O 8 -2.57 -31.90 -50.13
CA LEU O 8 -2.19 -31.79 -51.52
C LEU O 8 -3.05 -32.65 -52.42
N ALA O 9 -2.90 -32.44 -53.73
CA ALA O 9 -3.70 -33.15 -54.71
C ALA O 9 -3.64 -34.63 -54.47
N ASP O 10 -2.43 -35.16 -54.20
CA ASP O 10 -2.26 -36.63 -54.04
C ASP O 10 -2.49 -37.18 -52.63
N GLY O 11 -2.70 -36.33 -51.65
CA GLY O 11 -2.97 -36.81 -50.30
C GLY O 11 -2.53 -35.85 -49.20
N LEU O 12 -2.07 -36.42 -48.09
CA LEU O 12 -1.69 -35.65 -46.92
C LEU O 12 -0.29 -36.01 -46.46
N VAL O 13 0.39 -35.02 -45.91
CA VAL O 13 1.71 -35.24 -45.34
C VAL O 13 1.72 -34.55 -43.99
N PHE O 14 2.17 -35.26 -42.96
CA PHE O 14 2.27 -34.72 -41.63
C PHE O 14 3.69 -34.84 -41.10
N ALA O 15 4.16 -33.84 -40.35
CA ALA O 15 5.45 -33.94 -39.68
C ALA O 15 5.48 -33.13 -38.41
N SER O 16 6.01 -33.73 -37.35
CA SER O 16 6.12 -33.08 -36.06
C SER O 16 7.48 -33.30 -35.45
N ASP O 17 7.97 -32.34 -34.66
CA ASP O 17 9.12 -32.64 -33.78
C ASP O 17 8.62 -33.34 -32.51
N SER O 18 9.48 -33.39 -31.49
CA SER O 18 9.16 -34.10 -30.26
C SER O 18 9.64 -33.41 -29.01
N ARG O 19 10.39 -32.32 -29.17
CA ARG O 19 10.92 -31.66 -27.99
C ARG O 19 9.83 -30.88 -27.30
N THR O 20 9.78 -31.01 -25.98
CA THR O 20 8.64 -30.58 -25.27
C THR O 20 9.05 -29.95 -23.97
N ASN O 21 8.48 -28.79 -23.67
CA ASN O 21 8.69 -28.14 -22.40
C ASN O 21 7.73 -28.75 -21.37
N ALA O 22 8.25 -29.52 -20.45
CA ALA O 22 7.43 -30.25 -19.53
C ALA O 22 7.64 -29.72 -18.15
N GLY O 23 7.96 -28.45 -18.01
CA GLY O 23 8.27 -27.91 -16.68
C GLY O 23 9.63 -27.27 -16.71
N ILE O 24 10.04 -26.69 -15.58
CA ILE O 24 11.33 -25.98 -15.50
C ILE O 24 12.42 -27.02 -15.35
N ASP O 25 13.49 -26.84 -16.12
CA ASP O 25 14.60 -27.78 -16.15
C ASP O 25 14.17 -29.22 -16.52
N HIS O 26 13.05 -29.36 -17.24
CA HIS O 26 12.56 -30.67 -17.62
C HIS O 26 12.07 -30.55 -19.02
N ILE O 27 13.03 -30.60 -19.94
CA ILE O 27 12.71 -30.66 -21.34
C ILE O 27 12.82 -32.11 -21.79
N ALA O 28 11.86 -32.56 -22.58
CA ALA O 28 11.74 -33.96 -22.81
C ALA O 28 11.15 -34.28 -24.16
N THR O 29 11.23 -35.55 -24.51
CA THR O 29 10.70 -36.04 -25.75
C THR O 29 9.26 -36.57 -25.56
N PHE O 30 8.33 -36.06 -26.36
CA PHE O 30 6.98 -36.58 -26.41
C PHE O 30 6.49 -36.58 -27.86
N ARG O 31 5.87 -37.67 -28.28
CA ARG O 31 5.29 -37.76 -29.61
C ARG O 31 4.21 -36.71 -29.74
N LYS O 32 4.17 -36.05 -30.90
CA LYS O 32 3.15 -35.03 -31.16
C LYS O 32 2.34 -35.32 -32.40
N LEU O 33 2.29 -36.58 -32.78
CA LEU O 33 1.57 -37.00 -33.98
C LEU O 33 0.94 -38.35 -33.66
N PHE O 34 -0.37 -38.42 -33.69
CA PHE O 34 -1.11 -39.59 -33.32
C PHE O 34 -2.05 -39.99 -34.46
N THR O 35 -2.18 -41.29 -34.70
CA THR O 35 -3.03 -41.79 -35.77
C THR O 35 -4.21 -42.59 -35.21
N PHE O 36 -5.32 -42.61 -35.94
CA PHE O 36 -6.50 -43.35 -35.54
C PHE O 36 -7.14 -43.85 -36.81
N GLY O 37 -7.89 -44.94 -36.71
CA GLY O 37 -8.67 -45.38 -37.87
C GLY O 37 -9.01 -46.84 -37.94
N THR O 38 -9.80 -47.20 -38.94
CA THR O 38 -10.12 -48.59 -39.26
C THR O 38 -9.74 -48.83 -40.73
N PRO O 39 -8.90 -49.85 -41.01
CA PRO O 39 -8.40 -50.03 -42.39
C PRO O 39 -9.52 -50.24 -43.40
N GLY O 40 -9.42 -49.58 -44.56
CA GLY O 40 -10.43 -49.66 -45.60
C GLY O 40 -11.62 -48.75 -45.38
N GLU O 41 -11.64 -48.06 -44.24
CA GLU O 41 -12.74 -47.14 -43.90
C GLU O 41 -12.26 -45.70 -43.54
N ARG O 42 -11.26 -45.54 -42.68
CA ARG O 42 -10.82 -44.19 -42.35
C ARG O 42 -9.42 -44.09 -41.74
N LEU O 43 -8.78 -42.96 -42.02
CA LEU O 43 -7.55 -42.57 -41.35
C LEU O 43 -7.69 -41.16 -40.79
N LEU O 44 -7.33 -40.96 -39.53
CA LEU O 44 -7.29 -39.63 -38.96
C LEU O 44 -5.99 -39.45 -38.23
N VAL O 45 -5.39 -38.30 -38.41
CA VAL O 45 -4.17 -37.94 -37.71
C VAL O 45 -4.43 -36.70 -36.85
N VAL O 46 -3.96 -36.73 -35.62
CA VAL O 46 -3.99 -35.54 -34.76
C VAL O 46 -2.59 -35.13 -34.37
N GLN O 47 -2.25 -33.86 -34.58
CA GLN O 47 -0.98 -33.31 -34.09
C GLN O 47 -1.24 -32.30 -33.00
N THR O 48 -0.28 -32.17 -32.09
CA THR O 48 -0.47 -31.35 -30.90
C THR O 48 0.63 -30.35 -30.72
N ALA O 49 0.28 -29.23 -30.11
CA ALA O 49 1.25 -28.18 -29.77
C ALA O 49 0.68 -27.38 -28.61
N GLY O 50 1.54 -26.84 -27.77
CA GLY O 50 1.10 -26.10 -26.61
C GLY O 50 1.27 -26.87 -25.32
N ASN O 51 0.42 -26.61 -24.35
CA ASN O 51 0.56 -27.23 -23.03
C ASN O 51 0.47 -28.74 -23.07
N LEU O 52 1.50 -29.38 -22.54
CA LEU O 52 1.59 -30.83 -22.52
C LEU O 52 0.44 -31.46 -21.76
N ALA O 53 0.20 -31.00 -20.54
CA ALA O 53 -0.87 -31.59 -19.71
C ALA O 53 -2.21 -31.59 -20.42
N THR O 54 -2.51 -30.47 -21.05
CA THR O 54 -3.79 -30.32 -21.69
C THR O 54 -3.82 -31.26 -22.89
N SER O 55 -2.81 -31.21 -23.72
CA SER O 55 -2.89 -31.97 -24.96
C SER O 55 -2.88 -33.45 -24.67
N GLN O 56 -2.13 -33.85 -23.67
CA GLN O 56 -2.14 -35.25 -23.28
C GLN O 56 -3.51 -35.70 -22.82
N SER O 57 -4.15 -34.89 -21.99
CA SER O 57 -5.50 -35.22 -21.55
C SER O 57 -6.49 -35.33 -22.71
N VAL O 58 -6.38 -34.43 -23.68
CA VAL O 58 -7.26 -34.51 -24.82
C VAL O 58 -7.06 -35.82 -25.54
N ILE O 59 -5.81 -36.13 -25.85
CA ILE O 59 -5.50 -37.32 -26.63
C ILE O 59 -5.95 -38.57 -25.89
N ASN O 60 -5.68 -38.57 -24.61
CA ASN O 60 -6.04 -39.69 -23.79
C ASN O 60 -7.53 -39.94 -23.79
N LEU O 61 -8.32 -38.88 -23.72
CA LEU O 61 -9.77 -39.06 -23.70
C LEU O 61 -10.27 -39.56 -25.04
N LEU O 62 -9.70 -39.05 -26.12
CA LEU O 62 -10.08 -39.51 -27.43
C LEU O 62 -9.81 -40.99 -27.59
N GLN O 63 -8.70 -41.48 -27.04
CA GLN O 63 -8.38 -42.91 -27.09
C GLN O 63 -9.35 -43.73 -26.26
N GLN O 64 -9.58 -43.35 -25.00
CA GLN O 64 -10.50 -44.07 -24.12
C GLN O 64 -11.90 -44.16 -24.75
N ARG O 65 -12.35 -43.07 -25.33
CA ARG O 65 -13.70 -43.01 -25.91
C ARG O 65 -13.91 -43.75 -27.23
N ILE O 66 -12.83 -44.04 -27.92
CA ILE O 66 -12.86 -44.84 -29.14
C ILE O 66 -13.49 -46.21 -28.84
N ARG O 67 -13.07 -46.78 -27.70
CA ARG O 67 -13.59 -48.03 -27.18
C ARG O 67 -14.83 -47.79 -26.28
N ARG O 68 -15.84 -47.10 -26.81
CA ARG O 68 -17.06 -46.80 -26.04
C ARG O 68 -18.20 -46.31 -26.96
N ASP O 69 -19.41 -46.80 -26.67
CA ASP O 69 -20.63 -46.51 -27.47
C ASP O 69 -21.05 -45.05 -27.31
N GLY O 70 -20.70 -44.21 -28.29
CA GLY O 70 -21.02 -42.79 -28.26
C GLY O 70 -20.09 -42.08 -29.21
N ALA O 71 -20.17 -40.76 -29.28
CA ALA O 71 -19.29 -39.99 -30.17
C ALA O 71 -17.80 -40.30 -29.99
N SER O 72 -17.13 -40.64 -31.09
CA SER O 72 -15.72 -40.95 -31.06
C SER O 72 -15.09 -40.76 -32.42
N LEU O 73 -13.77 -40.63 -32.46
CA LEU O 73 -13.09 -40.46 -33.75
C LEU O 73 -13.31 -41.60 -34.75
N LEU O 74 -13.86 -42.73 -34.32
CA LEU O 74 -14.10 -43.82 -35.27
C LEU O 74 -15.50 -43.87 -35.88
N ASN O 75 -16.45 -43.03 -35.44
CA ASN O 75 -17.84 -43.17 -35.89
C ASN O 75 -18.33 -41.83 -36.49
N VAL O 76 -17.72 -40.74 -36.03
CA VAL O 76 -17.84 -39.41 -36.59
C VAL O 76 -17.90 -39.45 -38.13
N PRO O 77 -18.90 -38.78 -38.73
CA PRO O 77 -19.14 -38.98 -40.17
C PRO O 77 -18.23 -38.21 -41.14
N SER O 78 -17.46 -37.24 -40.69
CA SER O 78 -16.59 -36.46 -41.58
C SER O 78 -15.36 -35.92 -40.86
N VAL O 79 -14.33 -35.57 -41.62
CA VAL O 79 -13.13 -35.01 -41.01
C VAL O 79 -13.45 -33.72 -40.26
N TYR O 80 -14.35 -32.93 -40.83
CA TYR O 80 -14.89 -31.75 -40.14
C TYR O 80 -15.37 -32.10 -38.74
N ASP O 81 -16.30 -33.05 -38.65
CA ASP O 81 -16.85 -33.44 -37.36
C ASP O 81 -15.80 -34.01 -36.41
N ALA O 82 -14.76 -34.65 -36.97
CA ALA O 82 -13.65 -35.14 -36.16
C ALA O 82 -12.95 -33.97 -35.51
N THR O 83 -12.67 -32.95 -36.32
CA THR O 83 -12.05 -31.73 -35.84
C THR O 83 -12.89 -31.11 -34.74
N ALA O 84 -14.19 -31.04 -34.99
CA ALA O 84 -15.13 -30.47 -34.01
C ALA O 84 -15.10 -31.26 -32.72
N LEU O 85 -14.97 -32.57 -32.84
CA LEU O 85 -14.96 -33.42 -31.66
C LEU O 85 -13.70 -33.17 -30.84
N VAL O 86 -12.56 -33.03 -31.51
CA VAL O 86 -11.32 -32.74 -30.82
C VAL O 86 -11.49 -31.44 -30.04
N ALA O 87 -12.00 -30.41 -30.73
CA ALA O 87 -12.23 -29.11 -30.10
C ALA O 87 -13.17 -29.21 -28.90
N GLU O 88 -14.30 -29.86 -29.12
CA GLU O 88 -15.26 -30.18 -28.05
C GLU O 88 -14.54 -30.80 -26.84
N THR O 89 -13.67 -31.78 -27.10
CA THR O 89 -12.94 -32.46 -26.05
C THR O 89 -11.98 -31.50 -25.33
N THR O 90 -11.29 -30.66 -26.10
CA THR O 90 -10.41 -29.66 -25.53
C THR O 90 -11.16 -28.78 -24.54
N ARG O 91 -12.29 -28.22 -24.94
CA ARG O 91 -13.13 -27.40 -24.05
C ARG O 91 -13.43 -28.10 -22.73
N GLU O 92 -13.79 -29.36 -22.83
CA GLU O 92 -14.09 -30.16 -21.68
C GLU O 92 -12.88 -30.22 -20.70
N VAL O 93 -11.68 -30.40 -21.25
CA VAL O 93 -10.48 -30.52 -20.43
C VAL O 93 -10.17 -29.20 -19.73
N ALA O 95 -12.21 -26.75 -18.97
CA ALA O 95 -13.22 -26.54 -17.94
C ALA O 95 -12.83 -27.17 -16.59
N ARG O 96 -12.35 -28.41 -16.64
CA ARG O 96 -12.05 -29.17 -15.42
C ARG O 96 -10.80 -28.66 -14.66
N ASP O 97 -9.71 -28.40 -15.40
CA ASP O 97 -8.40 -28.03 -14.81
C ASP O 97 -8.32 -26.57 -14.34
N SER O 98 -9.12 -25.72 -14.98
CA SER O 98 -9.29 -24.34 -14.56
C SER O 98 -9.82 -24.27 -13.10
N GLY O 99 -9.28 -23.32 -12.35
CA GLY O 99 -9.62 -23.11 -10.93
C GLY O 99 -8.64 -22.11 -10.35
N ASN O 100 -8.73 -21.83 -9.04
CA ASN O 100 -7.75 -20.93 -8.38
C ASN O 100 -6.34 -21.51 -8.37
N LEU O 101 -6.25 -22.85 -8.29
CA LEU O 101 -4.98 -23.57 -8.14
C LEU O 101 -4.08 -23.41 -9.38
N ALA O 102 -4.66 -23.53 -10.58
CA ALA O 102 -3.90 -23.22 -11.80
C ALA O 102 -3.38 -21.78 -11.77
N GLY O 103 -4.22 -20.83 -11.35
CA GLY O 103 -3.83 -19.43 -11.24
C GLY O 103 -3.71 -18.76 -12.60
N ASN O 104 -2.55 -18.16 -12.88
CA ASN O 104 -2.29 -17.50 -14.18
C ASN O 104 -1.51 -18.34 -15.18
N THR O 105 -1.13 -19.56 -14.79
CA THR O 105 -0.46 -20.50 -15.71
C THR O 105 -1.29 -20.80 -17.00
N ASP O 106 -0.61 -20.91 -18.15
CA ASP O 106 -1.27 -20.91 -19.45
C ASP O 106 -1.54 -22.32 -20.01
N LEU O 107 -2.78 -22.77 -19.89
CA LEU O 107 -3.15 -24.15 -20.21
C LEU O 107 -3.56 -24.42 -21.65
N SER O 108 -3.35 -23.47 -22.54
CA SER O 108 -3.92 -23.58 -23.87
C SER O 108 -3.08 -24.46 -24.74
N CYS O 109 -3.73 -25.09 -25.72
CA CYS O 109 -3.01 -25.79 -26.77
C CYS O 109 -3.80 -25.82 -28.05
N SER O 110 -3.08 -26.18 -29.10
CA SER O 110 -3.59 -26.17 -30.47
C SER O 110 -3.34 -27.53 -31.11
N PHE O 111 -4.09 -27.82 -32.16
CA PHE O 111 -4.08 -29.13 -32.78
C PHE O 111 -4.22 -29.03 -34.26
N VAL O 113 -5.91 -31.60 -37.25
CA VAL O 113 -6.68 -32.82 -37.45
C VAL O 113 -6.85 -32.98 -38.94
N GLY O 114 -6.34 -34.06 -39.48
CA GLY O 114 -6.47 -34.32 -40.90
C GLY O 114 -6.65 -35.78 -41.21
N GLY O 115 -7.10 -36.09 -42.40
CA GLY O 115 -7.27 -37.48 -42.78
C GLY O 115 -8.33 -37.65 -43.84
N GLN O 116 -8.86 -38.86 -43.91
CA GLN O 116 -9.90 -39.18 -44.89
C GLN O 116 -10.84 -40.24 -44.37
N ILE O 117 -12.11 -40.01 -44.57
CA ILE O 117 -13.15 -40.97 -44.24
C ILE O 117 -13.78 -41.43 -45.54
N ALA O 118 -14.08 -42.74 -45.62
CA ALA O 118 -14.65 -43.36 -46.83
C ALA O 118 -15.78 -42.56 -47.37
N GLY O 119 -15.71 -42.22 -48.67
CA GLY O 119 -16.81 -41.57 -49.35
C GLY O 119 -16.69 -40.08 -49.45
N GLY O 120 -15.60 -39.50 -48.95
CA GLY O 120 -15.38 -38.09 -49.16
C GLY O 120 -13.91 -37.84 -49.30
N PRO O 121 -13.53 -36.69 -49.86
CA PRO O 121 -12.12 -36.39 -50.06
C PRO O 121 -11.34 -36.25 -48.76
N PRO O 122 -10.00 -36.31 -48.84
CA PRO O 122 -9.21 -36.04 -47.65
C PRO O 122 -9.31 -34.57 -47.29
N ALA O 123 -9.09 -34.27 -46.02
CA ALA O 123 -9.15 -32.89 -45.51
C ALA O 123 -8.16 -32.65 -44.38
N LEU O 124 -7.93 -31.37 -44.08
CA LEU O 124 -6.97 -30.97 -43.04
C LEU O 124 -7.40 -29.70 -42.34
N TYR O 125 -7.48 -29.73 -41.02
CA TYR O 125 -7.91 -28.56 -40.25
C TYR O 125 -6.88 -28.21 -39.22
N SER O 126 -6.90 -26.96 -38.78
CA SER O 126 -6.09 -26.54 -37.64
C SER O 126 -7.00 -25.91 -36.61
N ILE O 127 -6.87 -26.34 -35.36
CA ILE O 127 -7.66 -25.79 -34.25
C ILE O 127 -6.80 -24.82 -33.48
N TYR O 128 -7.35 -23.63 -33.21
CA TYR O 128 -6.61 -22.62 -32.50
C TYR O 128 -6.76 -22.76 -31.00
N PRO O 129 -5.90 -22.06 -30.23
CA PRO O 129 -6.02 -22.09 -28.78
C PRO O 129 -7.43 -21.89 -28.28
N GLN O 130 -8.21 -21.06 -28.97
CA GLN O 130 -9.52 -20.66 -28.50
C GLN O 130 -10.62 -21.62 -28.95
N GLY O 131 -10.27 -22.65 -29.73
CA GLY O 131 -11.23 -23.73 -30.04
C GLY O 131 -11.97 -23.66 -31.38
N ASN O 132 -11.78 -22.56 -32.10
CA ASN O 132 -12.32 -22.40 -33.43
C ASN O 132 -11.25 -22.87 -34.42
N PHE O 133 -11.69 -23.31 -35.58
CA PHE O 133 -10.75 -23.89 -36.52
C PHE O 133 -10.91 -23.50 -37.97
N ILE O 134 -9.83 -23.72 -38.71
CA ILE O 134 -9.81 -23.46 -40.14
C ILE O 134 -9.33 -24.63 -40.93
N GLN O 135 -9.69 -24.62 -42.19
CA GLN O 135 -9.45 -25.72 -43.10
C GLN O 135 -8.42 -25.28 -44.10
N ALA O 136 -7.48 -26.16 -44.41
CA ALA O 136 -6.55 -25.93 -45.52
C ALA O 136 -7.21 -26.14 -46.86
N THR O 137 -6.84 -25.30 -47.83
CA THR O 137 -7.43 -25.29 -49.16
C THR O 137 -6.32 -25.27 -50.21
N PRO O 138 -6.68 -25.43 -51.48
CA PRO O 138 -5.67 -25.37 -52.51
C PRO O 138 -4.82 -24.12 -52.50
N ASP O 139 -5.43 -22.97 -52.21
CA ASP O 139 -4.68 -21.70 -52.18
C ASP O 139 -3.78 -21.62 -50.94
N THR O 140 -4.18 -22.28 -49.85
CA THR O 140 -3.37 -22.31 -48.60
C THR O 140 -3.29 -23.75 -48.11
N PRO O 141 -2.37 -24.52 -48.73
CA PRO O 141 -2.39 -25.95 -48.63
C PRO O 141 -1.53 -26.52 -47.54
N PHE O 142 -0.82 -25.67 -46.81
CA PHE O 142 -0.15 -26.16 -45.58
C PHE O 142 -0.46 -25.29 -44.36
N LEU O 143 -0.39 -25.92 -43.19
CA LEU O 143 -0.66 -25.27 -41.94
C LEU O 143 0.41 -25.66 -40.92
N GLN O 144 0.74 -24.77 -40.01
CA GLN O 144 1.79 -24.99 -39.02
C GLN O 144 1.33 -24.77 -37.59
N LEU O 145 1.98 -25.45 -36.66
CA LEU O 145 1.75 -25.19 -35.26
C LEU O 145 3.08 -24.99 -34.63
N GLY O 146 3.06 -24.33 -33.50
CA GLY O 146 4.24 -24.18 -32.71
C GLY O 146 5.11 -23.10 -33.26
N GLU O 147 6.40 -23.36 -33.17
CA GLU O 147 7.46 -22.43 -33.45
C GLU O 147 7.76 -22.54 -34.95
N SER O 148 6.97 -21.83 -35.75
CA SER O 148 6.91 -22.09 -37.20
C SER O 148 7.49 -21.02 -38.13
N LYS O 149 7.85 -19.84 -37.61
CA LYS O 149 8.24 -18.75 -38.49
C LYS O 149 9.58 -19.09 -39.16
N TYR O 150 10.41 -19.81 -38.47
CA TYR O 150 11.74 -20.12 -38.98
C TYR O 150 11.71 -20.92 -40.27
N GLY O 151 10.78 -21.87 -40.33
CA GLY O 151 10.68 -22.76 -41.48
C GLY O 151 9.52 -22.47 -42.42
N LYS O 152 8.89 -21.33 -42.25
CA LYS O 152 7.80 -20.95 -43.13
C LYS O 152 8.24 -20.53 -44.53
N PRO O 153 9.31 -19.71 -44.64
CA PRO O 153 9.68 -19.26 -45.99
C PRO O 153 9.88 -20.37 -47.01
N ILE O 154 10.61 -21.43 -46.67
CA ILE O 154 10.83 -22.48 -47.67
C ILE O 154 9.50 -23.10 -48.15
N LEU O 155 8.49 -23.17 -47.28
CA LEU O 155 7.21 -23.72 -47.66
C LEU O 155 6.44 -22.72 -48.52
N ASP O 156 6.43 -21.47 -48.11
CA ASP O 156 5.81 -20.42 -48.90
C ASP O 156 6.38 -20.40 -50.32
N ARG O 157 7.69 -20.51 -50.45
CA ARG O 157 8.34 -20.44 -51.75
C ARG O 157 8.01 -21.60 -52.68
N ASN O 158 7.98 -22.82 -52.17
CA ASN O 158 8.02 -24.02 -53.02
C ASN O 158 6.79 -24.89 -53.01
N LEU O 159 6.03 -24.84 -51.93
CA LEU O 159 4.89 -25.72 -51.80
C LEU O 159 3.63 -25.18 -52.46
N THR O 160 2.92 -26.04 -53.17
CA THR O 160 1.61 -25.71 -53.76
C THR O 160 0.73 -26.96 -53.74
N PHE O 161 -0.55 -26.80 -54.01
CA PHE O 161 -1.49 -27.90 -53.94
C PHE O 161 -1.05 -29.09 -54.78
N ASP O 162 -0.43 -28.77 -55.92
CA ASP O 162 0.01 -29.78 -56.89
C ASP O 162 1.39 -30.39 -56.62
N THR O 163 2.12 -29.91 -55.61
CA THR O 163 3.40 -30.54 -55.24
C THR O 163 3.15 -32.01 -54.90
N PRO O 164 3.93 -32.93 -55.48
CA PRO O 164 3.76 -34.34 -55.15
C PRO O 164 4.20 -34.63 -53.73
N LEU O 165 3.77 -35.76 -53.19
CA LEU O 165 3.99 -36.06 -51.76
C LEU O 165 5.46 -36.18 -51.42
N GLU O 166 6.23 -36.98 -52.18
CA GLU O 166 7.67 -37.17 -51.91
C GLU O 166 8.37 -35.78 -51.83
N GLN O 167 7.99 -34.85 -52.69
CA GLN O 167 8.64 -33.52 -52.67
C GLN O 167 8.18 -32.65 -51.56
N ALA O 168 6.90 -32.78 -51.21
CA ALA O 168 6.38 -32.03 -50.09
C ALA O 168 7.06 -32.46 -48.81
N LEU O 169 7.22 -33.77 -48.66
CA LEU O 169 7.88 -34.30 -47.47
C LEU O 169 9.30 -33.76 -47.36
N ARG O 170 10.00 -33.77 -48.47
CA ARG O 170 11.36 -33.26 -48.55
C ARG O 170 11.40 -31.82 -48.12
N CYS O 171 10.42 -31.09 -48.60
CA CYS O 171 10.32 -29.70 -48.29
C CYS O 171 10.12 -29.48 -46.79
N ALA O 172 9.21 -30.24 -46.22
CA ALA O 172 9.00 -30.21 -44.79
C ALA O 172 10.29 -30.47 -44.03
N LEU O 173 11.09 -31.45 -44.47
CA LEU O 173 12.31 -31.77 -43.77
C LEU O 173 13.28 -30.60 -43.76
N VAL O 174 13.34 -29.86 -44.85
CA VAL O 174 14.21 -28.71 -44.91
C VAL O 174 13.70 -27.65 -43.95
N SER O 175 12.38 -27.53 -43.89
CA SER O 175 11.76 -26.62 -42.93
C SER O 175 12.25 -26.94 -41.50
N PHE O 176 12.28 -28.21 -41.15
CA PHE O 176 12.74 -28.61 -39.82
C PHE O 176 14.21 -28.37 -39.61
N ASP O 177 14.98 -28.59 -40.66
CA ASP O 177 16.41 -28.35 -40.61
C ASP O 177 16.66 -26.91 -40.14
N SER O 178 16.11 -25.94 -40.85
CA SER O 178 16.35 -24.54 -40.50
C SER O 178 15.84 -24.21 -39.10
N THR O 179 14.68 -24.78 -38.77
CA THR O 179 14.07 -24.51 -37.47
C THR O 179 14.97 -25.03 -36.33
N ILE O 180 15.40 -26.27 -36.45
CA ILE O 180 16.24 -26.88 -35.45
C ILE O 180 17.54 -26.12 -35.22
N ARG O 181 18.12 -25.58 -36.29
CA ARG O 181 19.35 -24.82 -36.15
C ARG O 181 19.20 -23.52 -35.44
N SER O 182 18.03 -22.92 -35.55
CA SER O 182 17.84 -21.56 -35.12
C SER O 182 17.01 -21.43 -33.85
N ASN O 183 16.46 -22.53 -33.36
CA ASN O 183 15.63 -22.49 -32.18
C ASN O 183 15.73 -23.80 -31.41
N LEU O 184 16.28 -23.72 -30.20
CA LEU O 184 16.46 -24.91 -29.39
C LEU O 184 15.21 -25.57 -28.84
N SER O 185 14.08 -24.87 -28.84
CA SER O 185 12.87 -25.44 -28.28
C SER O 185 12.37 -26.54 -29.21
N VAL O 186 12.88 -26.57 -30.44
CA VAL O 186 12.51 -27.57 -31.43
C VAL O 186 13.63 -28.56 -31.62
N GLY O 187 13.27 -29.82 -31.76
CA GLY O 187 14.26 -30.88 -31.64
C GLY O 187 13.81 -32.29 -32.03
N PRO O 189 13.74 -36.53 -31.87
CA PRO O 189 13.30 -37.14 -33.12
C PRO O 189 12.10 -36.47 -33.71
N LEU O 190 11.94 -36.66 -35.03
CA LEU O 190 10.76 -36.20 -35.74
C LEU O 190 9.90 -37.37 -36.07
N ASP O 191 8.62 -37.12 -36.28
CA ASP O 191 7.69 -38.16 -36.62
C ASP O 191 6.97 -37.73 -37.89
N LEU O 192 6.97 -38.59 -38.89
CA LEU O 192 6.38 -38.27 -40.18
C LEU O 192 5.28 -39.25 -40.48
N LEU O 193 4.34 -38.81 -41.28
CA LEU O 193 3.36 -39.71 -41.86
C LEU O 193 2.87 -39.19 -43.20
N VAL O 194 2.87 -40.08 -44.19
CA VAL O 194 2.40 -39.75 -45.54
C VAL O 194 1.19 -40.60 -45.84
N TYR O 195 0.12 -39.99 -46.33
CA TYR O 195 -1.11 -40.71 -46.63
C TYR O 195 -1.53 -40.46 -48.06
N HIS O 196 -1.85 -41.52 -48.78
CA HIS O 196 -2.20 -41.40 -50.21
C HIS O 196 -3.70 -41.27 -50.40
N ARG O 197 -4.11 -40.27 -51.18
CA ARG O 197 -5.54 -39.99 -51.39
C ARG O 197 -6.26 -41.25 -51.84
N ASP O 198 -7.37 -41.54 -51.18
CA ASP O 198 -8.23 -42.70 -51.47
C ASP O 198 -7.66 -44.08 -51.10
N SER O 199 -6.47 -44.16 -50.51
CA SER O 199 -5.91 -45.44 -50.11
C SER O 199 -6.67 -46.06 -48.95
N LEU O 200 -7.18 -45.22 -48.05
CA LEU O 200 -7.90 -45.67 -46.83
C LEU O 200 -7.17 -46.74 -46.01
N ILE O 201 -5.84 -46.63 -45.94
CA ILE O 201 -5.02 -47.51 -45.10
C ILE O 201 -4.38 -46.67 -44.01
N LEU O 202 -3.91 -47.31 -42.95
CA LEU O 202 -3.23 -46.60 -41.88
C LEU O 202 -1.75 -46.77 -42.09
N PRO O 203 -1.09 -45.77 -42.68
CA PRO O 203 0.37 -45.90 -42.84
C PRO O 203 1.07 -46.04 -41.51
N GLU O 204 2.20 -46.72 -41.48
CA GLU O 204 2.89 -46.89 -40.20
C GLU O 204 3.59 -45.63 -39.77
N GLY O 205 3.95 -44.79 -40.72
CA GLY O 205 4.64 -43.54 -40.39
C GLY O 205 6.09 -43.88 -40.09
N TYR O 206 6.92 -42.88 -39.84
CA TYR O 206 8.32 -43.10 -39.72
C TYR O 206 8.94 -42.08 -38.76
N ARG O 207 9.88 -42.53 -37.97
CA ARG O 207 10.55 -41.65 -37.05
C ARG O 207 11.98 -41.31 -37.50
N VAL O 208 12.27 -40.02 -37.58
CA VAL O 208 13.60 -39.58 -37.96
C VAL O 208 14.46 -39.30 -36.73
N THR O 209 15.48 -40.13 -36.48
CA THR O 209 16.36 -39.87 -35.36
C THR O 209 17.60 -39.08 -35.76
N GLU O 210 18.26 -38.56 -34.75
CA GLU O 210 19.62 -38.03 -34.84
C GLU O 210 20.50 -38.76 -35.89
N ASP O 211 20.40 -40.07 -35.93
CA ASP O 211 21.30 -40.90 -36.75
C ASP O 211 20.87 -41.07 -38.17
N ASP O 212 19.68 -40.61 -38.52
CA ASP O 212 19.08 -40.96 -39.81
C ASP O 212 20.01 -40.62 -40.96
N ALA O 213 20.33 -41.61 -41.78
CA ALA O 213 21.28 -41.43 -42.88
C ALA O 213 20.75 -40.40 -43.86
N TYR O 214 19.50 -40.56 -44.26
CA TYR O 214 18.93 -39.70 -45.30
C TYR O 214 18.83 -38.26 -44.85
N PHE O 215 18.25 -38.05 -43.68
CA PHE O 215 18.10 -36.71 -43.16
C PHE O 215 19.48 -36.07 -42.94
N SER O 216 20.47 -36.83 -42.45
CA SER O 216 21.79 -36.24 -42.26
C SER O 216 22.31 -35.72 -43.57
N ALA O 217 22.07 -36.51 -44.61
CA ALA O 217 22.63 -36.24 -45.92
C ALA O 217 22.03 -34.97 -46.52
N ILE O 218 20.73 -34.85 -46.48
CA ILE O 218 20.13 -33.71 -47.11
C ILE O 218 20.41 -32.45 -46.34
N ARG O 219 20.67 -32.56 -45.04
CA ARG O 219 21.14 -31.40 -44.28
C ARG O 219 22.52 -30.93 -44.72
N ARG O 220 23.44 -31.88 -44.89
CA ARG O 220 24.78 -31.57 -45.33
C ARG O 220 24.76 -30.95 -46.71
N GLN O 221 23.92 -31.48 -47.59
CA GLN O 221 23.80 -30.97 -48.97
C GLN O 221 23.20 -29.58 -49.00
N TRP O 222 22.09 -29.42 -48.29
CA TRP O 222 21.43 -28.13 -48.18
C TRP O 222 22.36 -27.04 -47.64
N SER O 223 23.20 -27.35 -46.68
CA SER O 223 24.20 -26.38 -46.23
C SER O 223 25.13 -25.97 -47.30
N ALA O 224 25.74 -26.99 -47.93
CA ALA O 224 26.72 -26.74 -48.96
C ALA O 224 26.06 -25.87 -50.04
N GLY O 225 24.82 -26.19 -50.36
CA GLY O 225 24.13 -25.49 -51.43
C GLY O 225 23.97 -24.01 -51.13
N LEU O 226 23.40 -23.72 -49.96
CA LEU O 226 23.22 -22.34 -49.50
C LEU O 226 24.54 -21.57 -49.44
N HIS O 227 25.58 -22.22 -48.96
CA HIS O 227 26.84 -21.56 -48.85
C HIS O 227 27.31 -21.18 -50.26
N ASP O 228 27.16 -22.10 -51.22
CA ASP O 228 27.57 -21.93 -52.62
C ASP O 228 26.87 -20.73 -53.23
N LEU O 230 25.34 -18.32 -51.99
CA LEU O 230 25.68 -17.09 -51.36
C LEU O 230 26.99 -16.51 -51.91
N GLU O 231 28.00 -17.34 -52.15
CA GLU O 231 29.31 -16.85 -52.60
C GLU O 231 29.27 -16.47 -54.05
N ARG O 232 28.34 -17.11 -54.77
CA ARG O 232 28.20 -16.86 -56.19
C ARG O 232 27.16 -15.80 -56.58
N LEU O 233 26.50 -15.24 -55.59
CA LEU O 233 25.73 -13.99 -55.76
C LEU O 233 26.66 -12.81 -56.06
N PRO O 234 26.17 -11.84 -56.84
CA PRO O 234 27.01 -10.71 -57.15
C PRO O 234 27.26 -9.77 -55.96
N SER O 235 28.28 -8.95 -56.08
CA SER O 235 28.55 -7.90 -55.12
C SER O 235 27.62 -6.69 -55.33
N PRO O 236 27.26 -6.01 -54.23
CA PRO O 236 26.52 -4.75 -54.36
C PRO O 236 27.31 -3.70 -55.18
N PRO O 237 26.64 -2.94 -56.06
CA PRO O 237 27.30 -1.85 -56.80
C PRO O 237 28.04 -0.80 -55.95
N SER O 238 28.71 0.16 -56.62
CA SER O 238 29.31 1.32 -55.93
C SER O 238 28.29 1.98 -54.99
N ALA O 239 27.18 2.41 -55.60
CA ALA O 239 26.08 3.10 -54.92
C ALA O 239 25.88 2.71 -53.44
N TYR O 240 25.91 1.43 -53.12
CA TYR O 240 25.53 0.97 -51.77
C TYR O 240 26.43 1.36 -50.54
N ASN O 241 27.47 2.22 -50.70
CA ASN O 241 28.40 2.46 -49.55
C ASN O 241 28.45 3.88 -49.00
N THR P 1 8.23 -4.30 -39.65
CA THR P 1 9.36 -3.89 -38.78
C THR P 1 10.29 -5.08 -38.58
N TYR P 2 11.48 -4.96 -39.16
CA TYR P 2 12.52 -5.93 -38.94
C TYR P 2 13.85 -5.20 -39.08
N CYS P 3 14.71 -5.30 -38.08
CA CYS P 3 16.03 -4.62 -38.12
C CYS P 3 17.09 -5.60 -37.76
N VAL P 4 18.25 -5.45 -38.38
CA VAL P 4 19.41 -6.27 -38.11
C VAL P 4 20.61 -5.39 -38.00
N ALA P 5 21.54 -5.78 -37.13
CA ALA P 5 22.81 -5.08 -37.01
C ALA P 5 23.86 -6.10 -36.73
N HIS P 7 28.15 -6.66 -35.86
CA HIS P 7 29.42 -6.11 -35.45
C HIS P 7 30.45 -7.15 -35.75
N LEU P 8 31.27 -6.81 -36.76
CA LEU P 8 32.24 -7.70 -37.37
C LEU P 8 33.64 -7.13 -37.26
N ALA P 9 34.61 -7.97 -37.60
CA ALA P 9 36.01 -7.63 -37.48
C ALA P 9 36.28 -6.33 -38.21
N ASP P 10 35.73 -6.18 -39.41
CA ASP P 10 36.00 -4.97 -40.21
C ASP P 10 35.10 -3.75 -39.95
N GLY P 11 34.07 -3.90 -39.12
CA GLY P 11 33.20 -2.76 -38.81
C GLY P 11 31.78 -3.15 -38.48
N LEU P 12 30.83 -2.30 -38.87
CA LEU P 12 29.44 -2.50 -38.55
C LEU P 12 28.60 -2.48 -39.81
N VAL P 13 27.51 -3.24 -39.80
CA VAL P 13 26.54 -3.21 -40.88
C VAL P 13 25.15 -3.12 -40.25
N PHE P 14 24.33 -2.19 -40.74
CA PHE P 14 22.99 -2.02 -40.23
C PHE P 14 21.99 -2.11 -41.36
N ALA P 15 20.84 -2.72 -41.08
CA ALA P 15 19.76 -2.74 -42.08
C ALA P 15 18.40 -2.78 -41.43
N SER P 16 17.48 -1.95 -41.92
CA SER P 16 16.13 -1.89 -41.38
C SER P 16 15.09 -1.83 -42.49
N ASP P 17 13.90 -2.37 -42.26
CA ASP P 17 12.79 -2.11 -43.18
C ASP P 17 12.17 -0.77 -42.84
N SER P 18 10.97 -0.51 -43.36
CA SER P 18 10.30 0.76 -43.10
C SER P 18 8.80 0.64 -42.83
N ARG P 19 8.26 -0.57 -42.93
CA ARG P 19 6.82 -0.72 -42.84
C ARG P 19 6.47 -0.64 -41.39
N THR P 20 5.42 0.14 -41.11
CA THR P 20 5.16 0.52 -39.75
C THR P 20 3.67 0.52 -39.48
N ASN P 21 3.29 -0.07 -38.36
CA ASN P 21 1.92 -0.05 -37.95
C ASN P 21 1.69 1.26 -37.23
N ALA P 22 0.94 2.15 -37.83
CA ALA P 22 0.74 3.47 -37.26
C ALA P 22 -0.69 3.65 -36.81
N GLY P 23 -1.36 2.58 -36.41
CA GLY P 23 -2.79 2.70 -36.11
C GLY P 23 -3.57 1.71 -36.94
N ILE P 24 -4.88 1.66 -36.73
CA ILE P 24 -5.71 0.67 -37.42
C ILE P 24 -5.96 1.20 -38.80
N ASP P 25 -5.84 0.31 -39.78
CA ASP P 25 -5.99 0.66 -41.18
C ASP P 25 -5.08 1.83 -41.58
N HIS P 26 -3.94 1.97 -40.90
CA HIS P 26 -2.98 2.98 -41.28
C HIS P 26 -1.59 2.35 -41.15
N ILE P 27 -1.20 1.62 -42.19
CA ILE P 27 0.15 1.09 -42.29
C ILE P 27 0.94 1.98 -43.21
N ALA P 28 2.17 2.29 -42.82
CA ALA P 28 2.88 3.38 -43.46
C ALA P 28 4.36 3.22 -43.42
N THR P 29 5.03 4.06 -44.18
CA THR P 29 6.49 4.02 -44.26
C THR P 29 7.12 5.01 -43.29
N PHE P 30 8.00 4.52 -42.43
CA PHE P 30 8.79 5.37 -41.55
C PHE P 30 10.22 4.82 -41.46
N ARG P 31 11.20 5.70 -41.57
CA ARG P 31 12.60 5.33 -41.44
C ARG P 31 12.84 4.75 -40.06
N LYS P 32 13.59 3.66 -39.99
CA LYS P 32 13.90 3.02 -38.68
C LYS P 32 15.40 2.94 -38.42
N LEU P 33 16.17 3.80 -39.08
CA LEU P 33 17.62 3.79 -38.96
C LEU P 33 18.10 5.22 -39.02
N PHE P 34 18.71 5.68 -37.93
CA PHE P 34 19.06 7.07 -37.77
C PHE P 34 20.51 7.18 -37.41
N THR P 35 21.19 8.18 -37.97
CA THR P 35 22.64 8.33 -37.75
C THR P 35 22.93 9.63 -36.99
N PHE P 36 24.02 9.64 -36.25
CA PHE P 36 24.42 10.83 -35.50
C PHE P 36 25.93 10.84 -35.50
N GLY P 37 26.54 12.02 -35.37
CA GLY P 37 27.98 12.06 -35.19
C GLY P 37 28.66 13.33 -35.61
N THR P 38 29.96 13.40 -35.33
CA THR P 38 30.83 14.47 -35.81
C THR P 38 31.97 13.81 -36.60
N PRO P 39 32.20 14.21 -37.86
CA PRO P 39 33.23 13.56 -38.68
C PRO P 39 34.62 13.61 -38.07
N GLY P 40 35.34 12.48 -38.11
CA GLY P 40 36.67 12.37 -37.53
C GLY P 40 36.68 12.12 -36.04
N GLU P 41 35.50 12.11 -35.41
CA GLU P 41 35.38 11.88 -33.96
C GLU P 41 34.40 10.73 -33.60
N ARG P 42 33.19 10.70 -34.19
CA ARG P 42 32.26 9.62 -33.85
C ARG P 42 31.15 9.37 -34.84
N LEU P 43 30.71 8.12 -34.89
CA LEU P 43 29.48 7.73 -35.60
C LEU P 43 28.62 6.91 -34.66
N LEU P 44 27.34 7.26 -34.57
CA LEU P 44 26.42 6.42 -33.83
C LEU P 44 25.17 6.20 -34.67
N VAL P 45 24.68 4.96 -34.66
CA VAL P 45 23.46 4.62 -35.38
C VAL P 45 22.45 4.10 -34.39
N VAL P 46 21.21 4.56 -34.51
CA VAL P 46 20.12 4.02 -33.71
C VAL P 46 19.06 3.42 -34.62
N GLN P 47 18.68 2.19 -34.35
CA GLN P 47 17.53 1.56 -35.03
C GLN P 47 16.39 1.36 -34.07
N THR P 48 15.19 1.38 -34.60
CA THR P 48 13.98 1.37 -33.77
C THR P 48 13.04 0.27 -34.18
N ALA P 49 12.29 -0.22 -33.22
CA ALA P 49 11.23 -1.18 -33.46
C ALA P 49 10.23 -1.03 -32.33
N GLY P 50 8.99 -1.36 -32.60
CA GLY P 50 7.95 -1.28 -31.58
C GLY P 50 7.10 -0.06 -31.81
N ASN P 51 6.52 0.47 -30.74
CA ASN P 51 5.54 1.51 -30.87
C ASN P 51 6.12 2.75 -31.54
N LEU P 52 5.44 3.18 -32.59
CA LEU P 52 5.87 4.36 -33.35
C LEU P 52 5.93 5.61 -32.51
N ALA P 53 4.85 5.92 -31.82
CA ALA P 53 4.81 7.14 -31.00
C ALA P 53 5.96 7.23 -30.02
N THR P 54 6.24 6.12 -29.37
CA THR P 54 7.27 6.10 -28.36
C THR P 54 8.62 6.26 -29.02
N SER P 55 8.90 5.45 -30.02
CA SER P 55 10.21 5.52 -30.64
C SER P 55 10.45 6.88 -31.30
N GLN P 56 9.42 7.47 -31.89
CA GLN P 56 9.58 8.78 -32.49
C GLN P 56 9.93 9.79 -31.44
N SER P 57 9.23 9.75 -30.33
CA SER P 57 9.52 10.70 -29.27
C SER P 57 10.95 10.55 -28.78
N VAL P 58 11.41 9.31 -28.64
CA VAL P 58 12.76 9.09 -28.17
C VAL P 58 13.77 9.70 -29.13
N ILE P 59 13.62 9.40 -30.39
CA ILE P 59 14.54 9.93 -31.41
C ILE P 59 14.50 11.45 -31.47
N ASN P 60 13.30 11.99 -31.41
CA ASN P 60 13.13 13.40 -31.46
C ASN P 60 13.84 14.11 -30.32
N LEU P 61 13.74 13.56 -29.12
CA LEU P 61 14.38 14.18 -27.99
C LEU P 61 15.89 14.09 -28.12
N LEU P 62 16.39 12.95 -28.59
CA LEU P 62 17.81 12.81 -28.79
C LEU P 62 18.33 13.85 -29.77
N GLN P 63 17.57 14.13 -30.82
CA GLN P 63 17.96 15.18 -31.79
C GLN P 63 17.93 16.57 -31.17
N GLN P 64 16.83 16.96 -30.54
CA GLN P 64 16.75 18.25 -29.88
C GLN P 64 17.90 18.48 -28.90
N ARG P 65 18.20 17.46 -28.10
CA ARG P 65 19.21 17.58 -27.04
C ARG P 65 20.66 17.61 -27.53
N ILE P 66 20.88 17.15 -28.75
CA ILE P 66 22.21 17.21 -29.40
C ILE P 66 22.68 18.68 -29.46
N ARG P 67 21.74 19.56 -29.82
CA ARG P 67 21.92 21.00 -29.84
C ARG P 67 21.60 21.63 -28.45
N ARG P 68 22.24 21.13 -27.38
CA ARG P 68 22.01 21.63 -26.01
C ARG P 68 23.12 21.19 -25.04
N ASP P 69 23.55 22.12 -24.19
CA ASP P 69 24.65 21.91 -23.20
C ASP P 69 24.22 20.94 -22.10
N GLY P 70 24.60 19.67 -22.22
CA GLY P 70 24.21 18.64 -21.25
C GLY P 70 24.37 17.30 -21.94
N ALA P 71 23.99 16.23 -21.26
CA ALA P 71 24.13 14.88 -21.84
C ALA P 71 23.46 14.73 -23.20
N SER P 72 24.22 14.23 -24.18
CA SER P 72 23.70 14.05 -25.53
C SER P 72 24.53 13.02 -26.27
N LEU P 73 23.97 12.46 -27.34
CA LEU P 73 24.72 11.49 -28.14
C LEU P 73 26.02 12.01 -28.72
N LEU P 74 26.28 13.30 -28.71
CA LEU P 74 27.54 13.82 -29.23
C LEU P 74 28.68 13.97 -28.22
N ASN P 75 28.43 13.82 -26.91
CA ASN P 75 29.42 14.18 -25.93
C ASN P 75 29.68 12.98 -24.98
N VAL P 76 28.66 12.14 -24.86
CA VAL P 76 28.76 10.82 -24.27
C VAL P 76 30.09 10.12 -24.58
N PRO P 77 30.77 9.59 -23.57
CA PRO P 77 32.16 9.15 -23.80
C PRO P 77 32.36 7.76 -24.43
N SER P 78 31.32 6.94 -24.51
CA SER P 78 31.44 5.59 -25.07
C SER P 78 30.14 5.10 -25.67
N VAL P 79 30.24 4.10 -26.54
CA VAL P 79 29.01 3.54 -27.18
C VAL P 79 28.09 2.95 -26.12
N TYR P 80 28.69 2.34 -25.11
CA TYR P 80 27.94 1.92 -23.94
C TYR P 80 27.06 3.05 -23.39
N ASP P 81 27.70 4.17 -23.04
CA ASP P 81 26.98 5.29 -22.44
C ASP P 81 25.93 5.87 -23.37
N ALA P 82 26.17 5.77 -24.67
CA ALA P 82 25.19 6.19 -25.67
C ALA P 82 23.94 5.33 -25.57
N THR P 83 24.17 4.02 -25.51
CA THR P 83 23.10 3.07 -25.34
C THR P 83 22.31 3.37 -24.07
N ALA P 84 23.05 3.60 -22.98
CA ALA P 84 22.42 3.92 -21.70
C ALA P 84 21.56 5.18 -21.82
N LEU P 85 22.05 6.15 -22.59
CA LEU P 85 21.35 7.41 -22.73
C LEU P 85 20.06 7.20 -23.46
N VAL P 86 20.11 6.38 -24.51
CA VAL P 86 18.90 6.08 -25.27
C VAL P 86 17.88 5.45 -24.34
N ALA P 87 18.32 4.45 -23.57
CA ALA P 87 17.45 3.79 -22.59
C ALA P 87 16.86 4.78 -21.58
N GLU P 88 17.75 5.57 -20.99
CA GLU P 88 17.36 6.64 -20.08
C GLU P 88 16.26 7.51 -20.69
N THR P 89 16.44 7.89 -21.95
CA THR P 89 15.47 8.72 -22.66
C THR P 89 14.15 7.97 -22.83
N THR P 90 14.22 6.69 -23.17
CA THR P 90 13.03 5.86 -23.34
C THR P 90 12.21 5.86 -22.05
N ARG P 91 12.85 5.60 -20.91
CA ARG P 91 12.17 5.64 -19.61
C ARG P 91 11.40 6.95 -19.41
N GLU P 92 12.07 8.05 -19.75
CA GLU P 92 11.48 9.36 -19.60
C GLU P 92 10.21 9.52 -20.43
N VAL P 93 10.22 9.02 -21.65
CA VAL P 93 9.05 9.10 -22.53
C VAL P 93 7.89 8.24 -22.02
N ALA P 95 7.28 7.34 -18.93
CA ALA P 95 6.75 7.97 -17.73
C ALA P 95 5.68 9.02 -18.04
N ARG P 96 5.92 9.84 -19.06
CA ARG P 96 5.03 10.94 -19.39
C ARG P 96 3.70 10.48 -20.03
N ASP P 97 3.77 9.56 -21.00
CA ASP P 97 2.60 9.11 -21.80
C ASP P 97 1.70 8.11 -21.06
N SER P 98 2.28 7.37 -20.13
CA SER P 98 1.53 6.52 -19.21
C SER P 98 0.52 7.35 -18.39
N GLY P 99 -0.67 6.76 -18.20
CA GLY P 99 -1.78 7.38 -17.47
C GLY P 99 -3.02 6.52 -17.68
N ASN P 100 -4.18 6.96 -17.16
CA ASN P 100 -5.45 6.24 -17.41
C ASN P 100 -5.87 6.27 -18.88
N LEU P 101 -5.52 7.36 -19.56
CA LEU P 101 -5.94 7.62 -20.95
C LEU P 101 -5.33 6.62 -21.94
N ALA P 102 -4.05 6.31 -21.78
CA ALA P 102 -3.44 5.24 -22.58
C ALA P 102 -4.19 3.90 -22.33
N GLY P 103 -4.51 3.61 -21.07
CA GLY P 103 -5.25 2.39 -20.71
C GLY P 103 -4.38 1.15 -20.82
N ASN P 104 -4.83 0.14 -21.58
CA ASN P 104 -4.07 -1.11 -21.77
C ASN P 104 -3.25 -1.16 -23.05
N THR P 105 -3.31 -0.10 -23.86
CA THR P 105 -2.50 -0.01 -25.09
C THR P 105 -0.96 -0.14 -24.81
N ASP P 106 -0.26 -0.83 -25.71
CA ASP P 106 1.13 -1.25 -25.45
C ASP P 106 2.19 -0.29 -26.03
N LEU P 107 2.76 0.53 -25.17
CA LEU P 107 3.66 1.62 -25.60
C LEU P 107 5.14 1.27 -25.67
N SER P 108 5.46 0.00 -25.59
CA SER P 108 6.88 -0.38 -25.48
C SER P 108 7.57 -0.36 -26.84
N CYS P 109 8.87 -0.12 -26.82
CA CYS P 109 9.69 -0.30 -28.01
C CYS P 109 11.12 -0.64 -27.67
N SER P 110 11.82 -1.09 -28.69
CA SER P 110 13.16 -1.58 -28.57
C SER P 110 14.08 -0.88 -29.58
N PHE P 111 15.38 -0.93 -29.32
CA PHE P 111 16.33 -0.18 -30.08
C PHE P 111 17.61 -0.94 -30.28
N VAL P 113 21.71 0.28 -30.80
CA VAL P 113 22.60 1.40 -30.78
C VAL P 113 23.98 0.85 -31.04
N GLY P 114 24.61 1.33 -32.10
CA GLY P 114 25.94 0.89 -32.44
C GLY P 114 26.74 2.00 -33.03
N GLY P 115 28.05 1.82 -33.10
CA GLY P 115 28.90 2.80 -33.73
C GLY P 115 30.29 2.78 -33.17
N GLN P 116 30.98 3.90 -33.30
CA GLN P 116 32.35 4.02 -32.81
C GLN P 116 32.65 5.44 -32.39
N ILE P 117 33.28 5.56 -31.24
CA ILE P 117 33.76 6.83 -30.75
C ILE P 117 35.27 6.79 -30.75
N ALA P 118 35.89 7.91 -31.16
CA ALA P 118 37.37 8.01 -31.25
C ALA P 118 38.02 7.46 -30.01
N GLY P 119 38.97 6.55 -30.22
CA GLY P 119 39.80 6.06 -29.12
C GLY P 119 39.35 4.75 -28.53
N GLY P 120 38.31 4.17 -29.07
CA GLY P 120 37.89 2.85 -28.63
C GLY P 120 37.28 2.12 -29.79
N PRO P 121 37.24 0.79 -29.70
CA PRO P 121 36.72 0.00 -30.81
C PRO P 121 35.24 0.29 -31.11
N PRO P 122 34.77 -0.12 -32.28
CA PRO P 122 33.35 -0.07 -32.52
C PRO P 122 32.60 -1.04 -31.62
N ALA P 123 31.33 -0.75 -31.35
CA ALA P 123 30.48 -1.61 -30.51
C ALA P 123 29.00 -1.58 -30.97
N LEU P 124 28.23 -2.56 -30.51
CA LEU P 124 26.83 -2.69 -30.88
C LEU P 124 26.02 -3.24 -29.73
N TYR P 125 24.94 -2.55 -29.36
CA TYR P 125 24.07 -3.00 -28.31
C TYR P 125 22.64 -3.13 -28.78
N SER P 126 21.85 -3.93 -28.08
CA SER P 126 20.43 -3.98 -28.30
C SER P 126 19.74 -3.69 -26.98
N ILE P 127 18.77 -2.77 -27.00
CA ILE P 127 17.97 -2.45 -25.83
C ILE P 127 16.63 -3.16 -25.93
N TYR P 128 16.23 -3.83 -24.86
CA TYR P 128 14.96 -4.53 -24.82
C TYR P 128 13.79 -3.62 -24.42
N PRO P 129 12.56 -4.10 -24.61
CA PRO P 129 11.39 -3.32 -24.18
C PRO P 129 11.47 -2.81 -22.77
N GLN P 130 12.11 -3.57 -21.89
CA GLN P 130 12.16 -3.24 -20.45
C GLN P 130 13.35 -2.35 -20.08
N GLY P 131 14.21 -2.00 -21.04
CA GLY P 131 15.22 -0.92 -20.83
C GLY P 131 16.62 -1.37 -20.45
N ASN P 132 16.77 -2.69 -20.28
CA ASN P 132 18.07 -3.30 -20.07
C ASN P 132 18.61 -3.82 -21.40
N PHE P 133 19.93 -3.90 -21.51
CA PHE P 133 20.51 -4.15 -22.80
C PHE P 133 21.65 -5.12 -22.81
N ILE P 134 21.90 -5.64 -24.01
CA ILE P 134 23.03 -6.51 -24.26
C ILE P 134 23.89 -6.09 -25.43
N GLN P 135 25.10 -6.61 -25.41
CA GLN P 135 26.17 -6.21 -26.30
C GLN P 135 26.50 -7.37 -27.20
N ALA P 136 26.66 -7.11 -28.48
CA ALA P 136 27.07 -8.13 -29.42
C ALA P 136 28.55 -8.40 -29.24
N THR P 137 28.93 -9.65 -29.41
CA THR P 137 30.31 -10.09 -29.25
C THR P 137 30.73 -10.92 -30.48
N PRO P 138 32.03 -11.25 -30.59
CA PRO P 138 32.45 -12.20 -31.61
C PRO P 138 31.65 -13.51 -31.70
N ASP P 139 31.31 -14.12 -30.56
CA ASP P 139 30.53 -15.38 -30.58
C ASP P 139 29.08 -15.13 -31.01
N THR P 140 28.55 -13.94 -30.72
CA THR P 140 27.16 -13.58 -31.09
C THR P 140 27.19 -12.20 -31.76
N PRO P 141 27.54 -12.17 -33.06
CA PRO P 141 27.96 -10.93 -33.71
C PRO P 141 26.86 -10.24 -34.42
N PHE P 142 25.66 -10.81 -34.46
CA PHE P 142 24.52 -10.06 -34.97
C PHE P 142 23.33 -10.06 -34.02
N LEU P 143 22.54 -9.01 -34.11
CA LEU P 143 21.36 -8.84 -33.26
C LEU P 143 20.17 -8.37 -34.11
N GLN P 144 18.97 -8.78 -33.74
CA GLN P 144 17.79 -8.45 -34.51
C GLN P 144 16.71 -7.76 -33.68
N LEU P 145 15.88 -6.96 -34.33
CA LEU P 145 14.68 -6.45 -33.71
C LEU P 145 13.51 -6.75 -34.60
N GLY P 146 12.36 -6.76 -33.99
CA GLY P 146 11.13 -6.88 -34.73
C GLY P 146 10.88 -8.31 -35.08
N GLU P 147 10.31 -8.48 -36.27
CA GLU P 147 9.81 -9.72 -36.78
C GLU P 147 10.99 -10.47 -37.45
N SER P 148 11.76 -11.18 -36.63
CA SER P 148 13.09 -11.63 -37.03
C SER P 148 13.31 -13.13 -37.19
N LYS P 149 12.35 -13.95 -36.79
CA LYS P 149 12.54 -15.40 -36.86
C LYS P 149 12.64 -15.89 -38.30
N TYR P 150 11.89 -15.26 -39.20
CA TYR P 150 11.89 -15.68 -40.58
C TYR P 150 13.29 -15.66 -41.23
N GLY P 151 14.06 -14.62 -40.92
CA GLY P 151 15.35 -14.40 -41.57
C GLY P 151 16.53 -14.69 -40.68
N LYS P 152 16.28 -15.31 -39.56
CA LYS P 152 17.36 -15.69 -38.67
C LYS P 152 18.21 -16.85 -39.19
N PRO P 153 17.60 -17.90 -39.77
CA PRO P 153 18.42 -19.04 -40.12
C PRO P 153 19.55 -18.71 -41.03
N ILE P 154 19.30 -17.93 -42.07
CA ILE P 154 20.39 -17.64 -42.99
C ILE P 154 21.58 -16.94 -42.29
N LEU P 155 21.29 -16.13 -41.29
CA LEU P 155 22.35 -15.46 -40.55
C LEU P 155 23.05 -16.43 -39.63
N ASP P 156 22.29 -17.25 -38.93
CA ASP P 156 22.87 -18.27 -38.08
C ASP P 156 23.83 -19.15 -38.89
N ARG P 157 23.41 -19.55 -40.07
CA ARG P 157 24.22 -20.46 -40.90
C ARG P 157 25.53 -19.86 -41.39
N ASN P 158 25.52 -18.62 -41.81
CA ASN P 158 26.63 -18.09 -42.60
C ASN P 158 27.45 -17.00 -41.94
N LEU P 159 26.84 -16.26 -41.04
CA LEU P 159 27.50 -15.10 -40.51
C LEU P 159 28.40 -15.45 -39.35
N THR P 160 29.58 -14.85 -39.32
CA THR P 160 30.50 -14.95 -38.20
C THR P 160 31.25 -13.64 -38.04
N PHE P 161 31.96 -13.48 -36.94
CA PHE P 161 32.67 -12.24 -36.68
C PHE P 161 33.57 -11.84 -37.82
N ASP P 162 34.17 -12.84 -38.45
CA ASP P 162 35.16 -12.63 -39.53
C ASP P 162 34.56 -12.43 -40.91
N THR P 163 33.24 -12.59 -41.05
CA THR P 163 32.62 -12.34 -42.32
C THR P 163 32.95 -10.90 -42.75
N PRO P 164 33.41 -10.69 -44.00
CA PRO P 164 33.64 -9.31 -44.48
C PRO P 164 32.36 -8.54 -44.64
N LEU P 165 32.45 -7.21 -44.68
CA LEU P 165 31.26 -6.37 -44.69
C LEU P 165 30.39 -6.60 -45.92
N GLU P 166 30.98 -6.56 -47.13
CA GLU P 166 30.18 -6.73 -48.37
C GLU P 166 29.37 -8.03 -48.26
N GLN P 167 29.96 -9.08 -47.71
CA GLN P 167 29.22 -10.37 -47.62
C GLN P 167 28.18 -10.39 -46.54
N ALA P 168 28.45 -9.73 -45.44
CA ALA P 168 27.48 -9.62 -44.37
C ALA P 168 26.25 -8.88 -44.86
N LEU P 169 26.48 -7.80 -45.59
CA LEU P 169 25.40 -7.01 -46.12
C LEU P 169 24.52 -7.88 -47.04
N ARG P 170 25.18 -8.63 -47.90
CA ARG P 170 24.50 -9.52 -48.84
C ARG P 170 23.65 -10.51 -48.09
N CYS P 171 24.24 -11.04 -47.04
CA CYS P 171 23.55 -11.95 -46.20
C CYS P 171 22.28 -11.33 -45.58
N ALA P 172 22.43 -10.14 -45.03
CA ALA P 172 21.30 -9.40 -44.51
C ALA P 172 20.22 -9.26 -45.55
N LEU P 173 20.58 -8.93 -46.78
CA LEU P 173 19.56 -8.73 -47.82
C LEU P 173 18.75 -9.98 -48.09
N VAL P 174 19.42 -11.12 -48.05
CA VAL P 174 18.70 -12.37 -48.23
C VAL P 174 17.74 -12.61 -47.04
N SER P 175 18.21 -12.27 -45.84
CA SER P 175 17.39 -12.32 -44.66
C SER P 175 16.09 -11.53 -44.90
N PHE P 176 16.21 -10.34 -45.48
CA PHE P 176 15.02 -9.51 -45.73
C PHE P 176 14.13 -10.10 -46.80
N ASP P 177 14.75 -10.70 -47.80
CA ASP P 177 14.01 -11.32 -48.87
C ASP P 177 13.02 -12.31 -48.29
N SER P 178 13.53 -13.27 -47.51
CA SER P 178 12.67 -14.32 -46.97
C SER P 178 11.61 -13.73 -46.08
N THR P 179 12.02 -12.75 -45.28
CA THR P 179 11.12 -12.15 -44.32
C THR P 179 9.92 -11.48 -45.08
N ILE P 180 10.27 -10.65 -46.06
CA ILE P 180 9.25 -9.93 -46.81
C ILE P 180 8.25 -10.88 -47.48
N ARG P 181 8.72 -12.01 -47.96
CA ARG P 181 7.83 -12.96 -48.62
C ARG P 181 6.87 -13.61 -47.68
N SER P 182 7.27 -13.76 -46.42
CA SER P 182 6.55 -14.62 -45.50
C SER P 182 5.81 -13.86 -44.44
N ASN P 183 6.01 -12.53 -44.39
CA ASN P 183 5.33 -11.70 -43.38
C ASN P 183 5.05 -10.29 -43.92
N LEU P 184 3.77 -9.97 -44.09
CA LEU P 184 3.39 -8.67 -44.61
C LEU P 184 3.67 -7.48 -43.73
N SER P 185 3.93 -7.68 -42.45
CA SER P 185 4.17 -6.56 -41.57
C SER P 185 5.58 -5.95 -41.87
N VAL P 186 6.40 -6.69 -42.60
CA VAL P 186 7.69 -6.22 -43.01
C VAL P 186 7.69 -5.87 -44.49
N GLY P 187 8.39 -4.80 -44.84
CA GLY P 187 8.22 -4.20 -46.18
C GLY P 187 9.22 -3.11 -46.56
N PRO P 189 10.53 0.45 -48.48
CA PRO P 189 11.97 0.49 -48.72
C PRO P 189 12.78 0.08 -47.52
N LEU P 190 14.02 -0.35 -47.78
CA LEU P 190 14.95 -0.71 -46.73
C LEU P 190 15.98 0.36 -46.66
N ASP P 191 16.61 0.47 -45.50
CA ASP P 191 17.65 1.46 -45.28
C ASP P 191 18.85 0.73 -44.76
N LEU P 192 19.98 0.93 -45.41
CA LEU P 192 21.24 0.24 -45.06
C LEU P 192 22.29 1.25 -44.70
N LEU P 193 23.22 0.82 -43.87
CA LEU P 193 24.40 1.60 -43.59
C LEU P 193 25.56 0.68 -43.25
N VAL P 194 26.69 0.91 -43.90
CA VAL P 194 27.89 0.16 -43.65
C VAL P 194 28.92 1.12 -43.08
N TYR P 195 29.59 0.74 -42.01
CA TYR P 195 30.62 1.58 -41.40
C TYR P 195 31.92 0.82 -41.26
N HIS P 196 33.01 1.43 -41.68
CA HIS P 196 34.32 0.77 -41.66
C HIS P 196 35.06 1.05 -40.34
N ARG P 197 35.55 -0.02 -39.69
CA ARG P 197 36.27 0.12 -38.42
C ARG P 197 37.34 1.18 -38.51
N ASP P 198 37.36 2.11 -37.56
CA ASP P 198 38.35 3.18 -37.44
C ASP P 198 38.26 4.29 -38.49
N SER P 199 37.28 4.24 -39.40
CA SER P 199 37.16 5.29 -40.40
C SER P 199 36.73 6.61 -39.77
N LEU P 200 35.90 6.53 -38.73
CA LEU P 200 35.32 7.70 -38.05
C LEU P 200 34.67 8.74 -38.98
N ILE P 201 34.02 8.26 -40.04
CA ILE P 201 33.25 9.12 -40.97
C ILE P 201 31.78 8.76 -40.84
N LEU P 202 30.89 9.64 -41.29
CA LEU P 202 29.48 9.35 -41.30
C LEU P 202 29.08 8.89 -42.69
N PRO P 203 28.95 7.58 -42.91
CA PRO P 203 28.54 7.13 -44.25
C PRO P 203 27.17 7.65 -44.60
N GLU P 204 26.90 7.84 -45.89
CA GLU P 204 25.60 8.37 -46.25
C GLU P 204 24.51 7.32 -46.14
N GLY P 205 24.88 6.06 -46.25
CA GLY P 205 23.90 4.99 -46.16
C GLY P 205 23.18 4.92 -47.48
N TYR P 206 22.26 3.98 -47.63
CA TYR P 206 21.62 3.74 -48.91
C TYR P 206 20.22 3.18 -48.74
N ARG P 207 19.29 3.62 -49.59
CA ARG P 207 17.94 3.13 -49.51
C ARG P 207 17.62 2.19 -50.66
N VAL P 208 17.11 1.02 -50.31
CA VAL P 208 16.72 0.04 -51.31
C VAL P 208 15.23 0.13 -51.59
N THR P 209 14.86 0.58 -52.79
CA THR P 209 13.47 0.61 -53.15
C THR P 209 13.01 -0.63 -53.89
N GLU P 210 11.70 -0.78 -53.97
CA GLU P 210 11.02 -1.70 -54.88
C GLU P 210 11.78 -1.88 -56.21
N ASP P 211 12.30 -0.81 -56.77
CA ASP P 211 12.87 -0.83 -58.11
C ASP P 211 14.32 -1.26 -58.19
N ASP P 212 14.96 -1.40 -57.04
CA ASP P 212 16.41 -1.54 -57.02
C ASP P 212 16.88 -2.66 -57.92
N ALA P 213 17.77 -2.36 -58.85
CA ALA P 213 18.23 -3.35 -59.81
C ALA P 213 18.92 -4.51 -59.09
N TYR P 214 19.84 -4.19 -58.20
CA TYR P 214 20.67 -5.21 -57.57
C TYR P 214 19.87 -6.11 -56.70
N PHE P 215 19.05 -5.53 -55.83
CA PHE P 215 18.23 -6.31 -54.96
C PHE P 215 17.22 -7.15 -55.75
N SER P 216 16.63 -6.61 -56.81
CA SER P 216 15.72 -7.42 -57.61
C SER P 216 16.43 -8.64 -58.16
N ALA P 217 17.66 -8.43 -58.59
CA ALA P 217 18.44 -9.49 -59.23
C ALA P 217 18.78 -10.60 -58.26
N ILE P 218 19.27 -10.26 -57.08
CA ILE P 218 19.68 -11.31 -56.18
C ILE P 218 18.46 -12.07 -55.64
N ARG P 219 17.31 -11.43 -55.59
CA ARG P 219 16.08 -12.16 -55.23
C ARG P 219 15.67 -13.18 -56.29
N ARG P 220 15.71 -12.78 -57.54
CA ARG P 220 15.44 -13.67 -58.65
C ARG P 220 16.40 -14.85 -58.67
N GLN P 221 17.68 -14.58 -58.43
CA GLN P 221 18.73 -15.61 -58.44
C GLN P 221 18.51 -16.58 -57.30
N TRP P 222 18.31 -16.02 -56.11
CA TRP P 222 18.13 -16.81 -54.90
C TRP P 222 16.93 -17.73 -55.05
N SER P 223 15.87 -17.28 -55.69
CA SER P 223 14.73 -18.16 -55.93
C SER P 223 15.07 -19.32 -56.80
N ALA P 224 15.68 -19.01 -57.94
CA ALA P 224 16.06 -20.00 -58.92
C ALA P 224 16.97 -21.01 -58.27
N GLY P 225 17.90 -20.52 -57.46
CA GLY P 225 18.85 -21.40 -56.78
C GLY P 225 18.13 -22.41 -55.88
N LEU P 226 17.30 -21.90 -54.96
CA LEU P 226 16.54 -22.73 -54.03
C LEU P 226 15.67 -23.75 -54.74
N HIS P 227 15.02 -23.32 -55.81
CA HIS P 227 14.16 -24.20 -56.55
C HIS P 227 14.99 -25.35 -57.16
N ASP P 228 16.14 -25.02 -57.72
CA ASP P 228 17.09 -26.00 -58.28
C ASP P 228 17.50 -27.03 -57.27
N LEU P 230 16.36 -27.93 -54.58
CA LEU P 230 15.28 -28.73 -54.06
C LEU P 230 14.95 -29.88 -54.99
N GLU P 231 15.00 -29.63 -56.29
CA GLU P 231 14.66 -30.68 -57.25
C GLU P 231 15.78 -31.68 -57.40
N ARG P 232 17.00 -31.23 -57.15
CA ARG P 232 18.18 -32.07 -57.26
C ARG P 232 18.61 -32.77 -55.95
N LEU P 233 17.90 -32.52 -54.85
CA LEU P 233 17.96 -33.37 -53.65
C LEU P 233 17.42 -34.77 -53.90
N PRO P 234 17.97 -35.77 -53.20
CA PRO P 234 17.54 -37.16 -53.43
C PRO P 234 16.17 -37.48 -52.86
N SER P 235 15.58 -38.55 -53.35
CA SER P 235 14.31 -39.06 -52.83
C SER P 235 14.51 -39.84 -51.54
N PRO P 236 13.50 -39.80 -50.65
CA PRO P 236 13.56 -40.59 -49.42
C PRO P 236 13.59 -42.07 -49.74
N PRO P 237 14.38 -42.89 -49.00
CA PRO P 237 14.41 -44.34 -49.22
C PRO P 237 13.06 -45.04 -49.09
N SER P 238 13.04 -46.35 -49.34
CA SER P 238 11.82 -47.17 -49.14
C SER P 238 11.24 -46.93 -47.75
N ALA P 239 12.10 -47.18 -46.77
CA ALA P 239 11.75 -47.05 -45.35
C ALA P 239 10.71 -45.96 -45.02
N TYR P 240 10.83 -44.77 -45.60
CA TYR P 240 10.00 -43.64 -45.17
C TYR P 240 8.47 -43.67 -45.44
N ASN P 241 7.90 -44.77 -45.95
CA ASN P 241 6.46 -44.73 -46.32
C ASN P 241 5.52 -45.67 -45.52
N THR Q 1 15.52 -36.09 -0.08
CA THR Q 1 14.29 -36.39 -0.85
C THR Q 1 14.62 -36.53 -2.33
N TYR Q 2 14.53 -37.74 -2.83
CA TYR Q 2 14.70 -38.01 -4.25
C TYR Q 2 13.85 -39.22 -4.56
N CYS Q 3 12.96 -39.10 -5.52
CA CYS Q 3 12.12 -40.23 -5.92
C CYS Q 3 12.19 -40.41 -7.43
N VAL Q 4 12.11 -41.67 -7.87
CA VAL Q 4 12.08 -41.99 -9.30
C VAL Q 4 11.00 -43.01 -9.54
N ALA Q 5 10.38 -42.92 -10.70
CA ALA Q 5 9.40 -43.91 -11.10
C ALA Q 5 9.55 -44.11 -12.56
N HIS Q 7 7.85 -46.24 -16.03
CA HIS Q 7 6.78 -47.01 -16.65
C HIS Q 7 7.33 -47.60 -17.93
N LEU Q 8 7.49 -48.92 -17.87
CA LEU Q 8 8.16 -49.70 -18.90
C LEU Q 8 7.25 -50.76 -19.47
N ALA Q 9 7.71 -51.37 -20.56
CA ALA Q 9 6.92 -52.35 -21.28
C ALA Q 9 6.42 -53.43 -20.34
N ASP Q 10 7.30 -53.92 -19.45
CA ASP Q 10 6.92 -55.02 -18.54
C ASP Q 10 6.24 -54.60 -17.22
N GLY Q 11 6.14 -53.30 -16.94
CA GLY Q 11 5.46 -52.86 -15.73
C GLY Q 11 5.99 -51.54 -15.18
N LEU Q 12 6.00 -51.43 -13.85
CA LEU Q 12 6.40 -50.20 -13.17
C LEU Q 12 7.46 -50.49 -12.14
N VAL Q 13 8.34 -49.51 -11.95
CA VAL Q 13 9.36 -49.60 -10.90
C VAL Q 13 9.36 -48.28 -10.18
N PHE Q 14 9.33 -48.34 -8.87
CA PHE Q 14 9.35 -47.16 -8.02
C PHE Q 14 10.50 -47.19 -7.03
N ALA Q 15 11.13 -46.05 -6.78
CA ALA Q 15 12.18 -45.99 -5.74
C ALA Q 15 12.26 -44.62 -5.12
N SER Q 16 12.35 -44.58 -3.79
CA SER Q 16 12.40 -43.35 -3.04
C SER Q 16 13.43 -43.41 -1.94
N ASP Q 17 14.05 -42.28 -1.60
CA ASP Q 17 14.84 -42.22 -0.39
C ASP Q 17 13.92 -41.98 0.79
N SER Q 18 14.49 -41.59 1.92
CA SER Q 18 13.71 -41.37 3.14
C SER Q 18 14.14 -40.18 3.97
N ARG Q 19 15.22 -39.52 3.59
CA ARG Q 19 15.73 -38.41 4.36
C ARG Q 19 14.85 -37.20 4.13
N THR Q 20 14.49 -36.54 5.21
CA THR Q 20 13.42 -35.57 5.19
C THR Q 20 13.74 -34.40 6.06
N ASN Q 21 13.55 -33.21 5.52
CA ASN Q 21 13.74 -32.02 6.30
C ASN Q 21 12.46 -31.78 7.08
N ALA Q 22 12.50 -31.97 8.40
CA ALA Q 22 11.30 -31.87 9.22
C ALA Q 22 11.39 -30.68 10.14
N GLY Q 23 12.07 -29.63 9.72
CA GLY Q 23 12.26 -28.48 10.62
C GLY Q 23 13.73 -28.20 10.74
N ILE Q 24 14.06 -27.17 11.50
CA ILE Q 24 15.47 -26.77 11.64
C ILE Q 24 16.11 -27.71 12.64
N ASP Q 25 17.31 -28.18 12.31
CA ASP Q 25 18.04 -29.12 13.14
C ASP Q 25 17.21 -30.38 13.43
N HIS Q 26 16.28 -30.73 12.56
CA HIS Q 26 15.51 -31.93 12.72
C HIS Q 26 15.38 -32.60 11.36
N ILE Q 27 16.40 -33.32 10.99
CA ILE Q 27 16.38 -34.12 9.77
C ILE Q 27 16.13 -35.56 10.13
N ALA Q 28 15.27 -36.22 9.39
CA ALA Q 28 14.70 -37.46 9.88
C ALA Q 28 14.28 -38.37 8.79
N THR Q 29 13.98 -39.61 9.17
CA THR Q 29 13.56 -40.63 8.23
C THR Q 29 12.04 -40.71 8.13
N PHE Q 30 11.52 -40.59 6.90
CA PHE Q 30 10.11 -40.79 6.65
C PHE Q 30 9.96 -41.54 5.33
N ARG Q 31 9.11 -42.54 5.33
CA ARG Q 31 8.75 -43.27 4.11
C ARG Q 31 8.15 -42.31 3.09
N LYS Q 32 8.57 -42.44 1.83
CA LYS Q 32 8.03 -41.56 0.77
C LYS Q 32 7.41 -42.37 -0.37
N LEU Q 33 7.01 -43.59 -0.07
CA LEU Q 33 6.44 -44.47 -1.07
C LEU Q 33 5.34 -45.24 -0.38
N PHE Q 34 4.12 -45.07 -0.85
CA PHE Q 34 2.94 -45.65 -0.23
C PHE Q 34 2.15 -46.45 -1.26
N THR Q 35 1.61 -47.60 -0.84
CA THR Q 35 0.87 -48.46 -1.76
C THR Q 35 -0.59 -48.54 -1.34
N PHE Q 36 -1.47 -48.76 -2.30
CA PHE Q 36 -2.90 -48.92 -2.04
C PHE Q 36 -3.41 -49.95 -3.02
N GLY Q 37 -4.49 -50.65 -2.67
CA GLY Q 37 -5.15 -51.50 -3.66
C GLY Q 37 -5.96 -52.63 -3.11
N THR Q 38 -6.63 -53.34 -4.02
CA THR Q 38 -7.34 -54.59 -3.69
C THR Q 38 -6.80 -55.70 -4.61
N PRO Q 39 -6.37 -56.84 -4.03
CA PRO Q 39 -5.68 -57.84 -4.87
C PRO Q 39 -6.59 -58.37 -5.97
N GLY Q 40 -6.04 -58.52 -7.17
CA GLY Q 40 -6.78 -59.01 -8.30
C GLY Q 40 -7.59 -57.95 -9.01
N GLU Q 41 -7.60 -56.74 -8.46
CA GLU Q 41 -8.35 -55.63 -9.03
C GLU Q 41 -7.47 -54.36 -9.29
N ARG Q 42 -6.66 -53.91 -8.32
CA ARG Q 42 -5.84 -52.73 -8.56
C ARG Q 42 -4.65 -52.55 -7.64
N LEU Q 43 -3.62 -51.91 -8.18
CA LEU Q 43 -2.48 -51.45 -7.41
C LEU Q 43 -2.26 -49.98 -7.72
N LEU Q 44 -2.09 -49.17 -6.69
CA LEU Q 44 -1.69 -47.80 -6.87
C LEU Q 44 -0.57 -47.44 -5.92
N VAL Q 45 0.41 -46.72 -6.42
CA VAL Q 45 1.52 -46.28 -5.61
C VAL Q 45 1.54 -44.77 -5.63
N VAL Q 46 1.74 -44.17 -4.46
CA VAL Q 46 1.97 -42.72 -4.37
C VAL Q 46 3.34 -42.43 -3.77
N GLN Q 47 4.13 -41.60 -4.46
CA GLN Q 47 5.39 -41.12 -3.89
C GLN Q 47 5.28 -39.64 -3.60
N THR Q 48 6.02 -39.18 -2.58
CA THR Q 48 5.89 -37.81 -2.09
C THR Q 48 7.23 -37.10 -2.06
N ALA Q 49 7.18 -35.80 -2.25
CA ALA Q 49 8.33 -34.94 -2.14
C ALA Q 49 7.86 -33.55 -1.79
N GLY Q 50 8.69 -32.78 -1.08
CA GLY Q 50 8.32 -31.43 -0.70
C GLY Q 50 7.96 -31.37 0.76
N ASN Q 51 7.07 -30.45 1.12
CA ASN Q 51 6.74 -30.21 2.51
C ASN Q 51 6.14 -31.41 3.21
N LEU Q 52 6.75 -31.79 4.33
CA LEU Q 52 6.35 -32.96 5.07
C LEU Q 52 4.93 -32.85 5.56
N ALA Q 53 4.63 -31.77 6.21
CA ALA Q 53 3.28 -31.57 6.79
C ALA Q 53 2.21 -31.71 5.76
N THR Q 54 2.44 -31.13 4.59
CA THR Q 54 1.45 -31.15 3.54
C THR Q 54 1.30 -32.57 3.01
N SER Q 55 2.40 -33.19 2.67
CA SER Q 55 2.31 -34.48 2.07
C SER Q 55 1.73 -35.49 3.03
N GLN Q 56 2.10 -35.40 4.29
CA GLN Q 56 1.55 -36.30 5.27
C GLN Q 56 0.07 -36.13 5.39
N SER Q 57 -0.39 -34.89 5.45
CA SER Q 57 -1.82 -34.69 5.49
C SER Q 57 -2.53 -35.27 4.27
N VAL Q 58 -1.94 -35.13 3.08
CA VAL Q 58 -2.56 -35.63 1.89
C VAL Q 58 -2.69 -37.13 2.01
N ILE Q 59 -1.62 -37.79 2.37
CA ILE Q 59 -1.62 -39.25 2.44
C ILE Q 59 -2.58 -39.75 3.48
N ASN Q 60 -2.57 -39.08 4.59
CA ASN Q 60 -3.46 -39.44 5.65
C ASN Q 60 -4.92 -39.37 5.25
N LEU Q 61 -5.31 -38.32 4.54
CA LEU Q 61 -6.69 -38.17 4.14
C LEU Q 61 -7.07 -39.24 3.13
N LEU Q 62 -6.16 -39.54 2.21
CA LEU Q 62 -6.41 -40.59 1.28
C LEU Q 62 -6.66 -41.92 1.97
N GLN Q 63 -5.90 -42.20 3.02
CA GLN Q 63 -6.11 -43.42 3.79
C GLN Q 63 -7.45 -43.41 4.50
N GLN Q 64 -7.75 -42.38 5.27
CA GLN Q 64 -9.02 -42.28 5.98
C GLN Q 64 -10.21 -42.46 5.04
N ARG Q 65 -10.14 -41.82 3.88
CA ARG Q 65 -11.26 -41.83 2.92
C ARG Q 65 -11.46 -43.14 2.15
N ILE Q 66 -10.41 -43.97 2.12
CA ILE Q 66 -10.51 -45.30 1.52
C ILE Q 66 -11.63 -46.09 2.22
N ARG Q 67 -11.67 -45.99 3.55
CA ARG Q 67 -12.67 -46.60 4.42
C ARG Q 67 -13.87 -45.64 4.58
N ARG Q 68 -14.44 -45.16 3.46
CA ARG Q 68 -15.61 -44.23 3.51
C ARG Q 68 -16.31 -44.07 2.14
N ASP Q 69 -17.64 -44.02 2.20
CA ASP Q 69 -18.53 -44.02 1.02
C ASP Q 69 -18.36 -42.71 0.29
N GLY Q 70 -17.60 -42.71 -0.81
CA GLY Q 70 -17.39 -41.52 -1.61
C GLY Q 70 -16.14 -41.74 -2.41
N ALA Q 71 -15.73 -40.73 -3.16
CA ALA Q 71 -14.50 -40.81 -3.95
C ALA Q 71 -13.28 -41.24 -3.14
N SER Q 72 -12.57 -42.25 -3.61
CA SER Q 72 -11.37 -42.77 -2.92
C SER Q 72 -10.47 -43.49 -3.89
N LEU Q 73 -9.20 -43.65 -3.53
CA LEU Q 73 -8.28 -44.40 -4.38
C LEU Q 73 -8.69 -45.83 -4.70
N LEU Q 74 -9.69 -46.39 -3.99
CA LEU Q 74 -10.10 -47.75 -4.29
C LEU Q 74 -11.26 -47.89 -5.26
N ASN Q 75 -11.91 -46.79 -5.67
CA ASN Q 75 -13.15 -46.91 -6.44
C ASN Q 75 -13.03 -46.10 -7.73
N VAL Q 76 -12.18 -45.09 -7.68
CA VAL Q 76 -11.72 -44.32 -8.84
C VAL Q 76 -11.46 -45.21 -10.07
N PRO Q 77 -11.97 -44.81 -11.24
CA PRO Q 77 -12.04 -45.77 -12.35
C PRO Q 77 -10.79 -45.89 -13.19
N SER Q 78 -9.83 -45.00 -13.01
CA SER Q 78 -8.59 -45.05 -13.79
C SER Q 78 -7.41 -44.43 -13.04
N VAL Q 79 -6.20 -44.78 -13.45
CA VAL Q 79 -5.01 -44.21 -12.82
C VAL Q 79 -5.01 -42.68 -12.99
N TYR Q 80 -5.44 -42.22 -14.14
CA TYR Q 80 -5.64 -40.80 -14.33
C TYR Q 80 -6.47 -40.18 -13.22
N ASP Q 81 -7.68 -40.71 -13.01
CA ASP Q 81 -8.59 -40.19 -12.00
C ASP Q 81 -7.98 -40.28 -10.60
N ALA Q 82 -7.14 -41.28 -10.36
CA ALA Q 82 -6.48 -41.43 -9.10
C ALA Q 82 -5.57 -40.24 -8.90
N THR Q 83 -4.80 -39.94 -9.94
CA THR Q 83 -3.87 -38.81 -9.93
C THR Q 83 -4.63 -37.53 -9.67
N ALA Q 84 -5.75 -37.38 -10.35
CA ALA Q 84 -6.60 -36.19 -10.18
C ALA Q 84 -7.10 -36.07 -8.74
N LEU Q 85 -7.42 -37.22 -8.14
CA LEU Q 85 -7.93 -37.23 -6.79
C LEU Q 85 -6.86 -36.79 -5.84
N VAL Q 86 -5.64 -37.27 -6.04
CA VAL Q 86 -4.52 -36.87 -5.18
C VAL Q 86 -4.34 -35.37 -5.26
N ALA Q 87 -4.32 -34.85 -6.48
CA ALA Q 87 -4.23 -33.40 -6.70
C ALA Q 87 -5.37 -32.61 -6.02
N GLU Q 88 -6.59 -33.04 -6.28
CA GLU Q 88 -7.78 -32.53 -5.61
C GLU Q 88 -7.57 -32.46 -4.09
N THR Q 89 -7.07 -33.55 -3.50
CA THR Q 89 -6.83 -33.64 -2.07
C THR Q 89 -5.76 -32.65 -1.63
N THR Q 90 -4.69 -32.55 -2.41
CA THR Q 90 -3.64 -31.58 -2.14
C THR Q 90 -4.21 -30.16 -2.04
N ARG Q 91 -4.99 -29.75 -3.03
CA ARG Q 91 -5.63 -28.43 -3.02
C ARG Q 91 -6.35 -28.21 -1.71
N GLU Q 92 -7.10 -29.22 -1.30
CA GLU Q 92 -7.92 -29.12 -0.10
C GLU Q 92 -7.05 -28.84 1.13
N VAL Q 93 -5.92 -29.52 1.21
CA VAL Q 93 -5.03 -29.35 2.34
C VAL Q 93 -4.39 -27.95 2.35
N ALA Q 95 -5.56 -25.20 1.05
CA ALA Q 95 -6.60 -24.24 1.41
C ALA Q 95 -6.75 -24.07 2.93
N ARG Q 96 -6.72 -25.18 3.66
CA ARG Q 96 -6.94 -25.14 5.11
C ARG Q 96 -5.77 -24.53 5.91
N ASP Q 97 -4.54 -24.93 5.57
CA ASP Q 97 -3.32 -24.53 6.32
C ASP Q 97 -2.82 -23.11 5.98
N SER Q 98 -3.12 -22.65 4.78
CA SER Q 98 -2.90 -21.28 4.39
C SER Q 98 -3.66 -20.29 5.33
N GLY Q 99 -2.98 -19.19 5.65
CA GLY Q 99 -3.49 -18.15 6.56
C GLY Q 99 -2.36 -17.18 6.89
N ASN Q 100 -2.60 -16.21 7.77
CA ASN Q 100 -1.52 -15.28 8.21
C ASN Q 100 -0.44 -16.00 9.01
N LEU Q 101 -0.85 -17.03 9.76
CA LEU Q 101 0.03 -17.76 10.67
C LEU Q 101 1.16 -18.52 9.94
N ALA Q 102 0.84 -19.19 8.82
CA ALA Q 102 1.87 -19.80 7.99
C ALA Q 102 2.85 -18.71 7.50
N GLY Q 103 2.34 -17.56 7.07
CA GLY Q 103 3.17 -16.43 6.62
C GLY Q 103 3.78 -16.70 5.26
N ASN Q 104 5.10 -16.58 5.15
CA ASN Q 104 5.82 -16.85 3.88
C ASN Q 104 6.41 -18.24 3.75
N THR Q 105 6.25 -19.08 4.78
CA THR Q 105 6.72 -20.47 4.75
C THR Q 105 6.12 -21.28 3.55
N ASP Q 106 6.92 -22.14 2.94
CA ASP Q 106 6.57 -22.77 1.67
C ASP Q 106 5.94 -24.16 1.81
N LEU Q 107 4.61 -24.23 1.68
CA LEU Q 107 3.87 -25.46 1.96
C LEU Q 107 3.66 -26.40 0.79
N SER Q 108 4.36 -26.18 -0.32
CA SER Q 108 4.07 -26.94 -1.53
C SER Q 108 4.70 -28.31 -1.48
N CYS Q 109 4.08 -29.25 -2.19
CA CYS Q 109 4.71 -30.54 -2.44
C CYS Q 109 4.23 -31.17 -3.72
N SER Q 110 4.94 -32.20 -4.13
CA SER Q 110 4.75 -32.87 -5.39
C SER Q 110 4.65 -34.36 -5.16
N PHE Q 111 4.07 -35.05 -6.12
CA PHE Q 111 3.73 -36.45 -5.97
C PHE Q 111 3.94 -37.21 -7.27
N VAL Q 113 2.03 -40.64 -8.95
CA VAL Q 113 0.95 -41.60 -8.79
C VAL Q 113 1.04 -42.55 -9.96
N GLY Q 114 1.21 -43.82 -9.67
CA GLY Q 114 1.30 -44.81 -10.73
C GLY Q 114 0.66 -46.11 -10.31
N GLY Q 115 0.38 -46.96 -11.28
CA GLY Q 115 -0.17 -48.27 -10.95
C GLY Q 115 -1.01 -48.83 -12.09
N GLN Q 116 -1.90 -49.74 -11.75
CA GLN Q 116 -2.76 -50.37 -12.74
C GLN Q 116 -4.09 -50.75 -12.14
N ILE Q 117 -5.15 -50.43 -12.88
CA ILE Q 117 -6.49 -50.81 -12.49
C ILE Q 117 -7.00 -51.82 -13.52
N ALA Q 118 -7.68 -52.84 -13.04
CA ALA Q 118 -8.19 -53.93 -13.88
C ALA Q 118 -8.86 -53.39 -15.11
N GLY Q 119 -8.45 -53.88 -16.29
CA GLY Q 119 -9.11 -53.56 -17.52
C GLY Q 119 -8.47 -52.43 -18.29
N GLY Q 120 -7.34 -51.94 -17.83
CA GLY Q 120 -6.57 -51.00 -18.62
C GLY Q 120 -5.10 -51.14 -18.30
N PRO Q 121 -4.25 -50.62 -19.18
CA PRO Q 121 -2.82 -50.74 -18.98
C PRO Q 121 -2.33 -50.02 -17.74
N PRO Q 122 -1.11 -50.34 -17.30
CA PRO Q 122 -0.52 -49.58 -16.22
C PRO Q 122 -0.22 -48.16 -16.70
N ALA Q 123 -0.16 -47.22 -15.76
CA ALA Q 123 0.17 -45.82 -16.06
C ALA Q 123 0.95 -45.15 -14.92
N LEU Q 124 1.58 -44.03 -15.23
CA LEU Q 124 2.40 -43.30 -14.25
C LEU Q 124 2.28 -41.80 -14.50
N TYR Q 125 1.93 -41.05 -13.46
CA TYR Q 125 1.82 -39.58 -13.56
C TYR Q 125 2.71 -38.90 -12.52
N SER Q 126 3.06 -37.65 -12.80
CA SER Q 126 3.74 -36.82 -11.83
C SER Q 126 2.92 -35.55 -11.65
N ILE Q 127 2.65 -35.19 -10.39
CA ILE Q 127 1.91 -33.98 -10.07
C ILE Q 127 2.89 -32.92 -9.61
N TYR Q 128 2.77 -31.72 -10.16
CA TYR Q 128 3.68 -30.63 -9.82
C TYR Q 128 3.20 -29.87 -8.61
N PRO Q 129 4.08 -29.02 -8.05
CA PRO Q 129 3.67 -28.18 -6.93
C PRO Q 129 2.36 -27.44 -7.12
N GLN Q 130 2.08 -27.04 -8.36
CA GLN Q 130 0.92 -26.22 -8.67
C GLN Q 130 -0.33 -27.05 -9.00
N GLY Q 131 -0.22 -28.38 -9.01
CA GLY Q 131 -1.43 -29.25 -9.00
C GLY Q 131 -1.84 -29.82 -10.35
N ASN Q 132 -1.12 -29.39 -11.39
CA ASN Q 132 -1.30 -29.92 -12.73
C ASN Q 132 -0.27 -31.02 -12.96
N PHE Q 133 -0.60 -31.97 -13.82
CA PHE Q 133 0.21 -33.15 -13.92
C PHE Q 133 0.49 -33.63 -15.31
N ILE Q 134 1.54 -34.44 -15.40
CA ILE Q 134 1.91 -35.09 -16.65
C ILE Q 134 2.11 -36.58 -16.52
N GLN Q 135 2.03 -37.22 -17.68
CA GLN Q 135 1.99 -38.66 -17.79
C GLN Q 135 3.24 -39.12 -18.48
N ALA Q 136 3.83 -40.18 -17.96
CA ALA Q 136 4.98 -40.75 -18.61
C ALA Q 136 4.56 -41.53 -19.81
N THR Q 137 5.39 -41.52 -20.83
CA THR Q 137 5.11 -42.21 -22.10
C THR Q 137 6.34 -43.03 -22.52
N PRO Q 138 6.20 -43.84 -23.58
CA PRO Q 138 7.36 -44.57 -24.09
C PRO Q 138 8.56 -43.70 -24.40
N ASP Q 139 8.34 -42.51 -24.96
CA ASP Q 139 9.46 -41.61 -25.29
C ASP Q 139 10.08 -40.99 -24.02
N THR Q 140 9.28 -40.82 -22.98
CA THR Q 140 9.76 -40.25 -21.70
C THR Q 140 9.25 -41.13 -20.56
N PRO Q 141 9.95 -42.25 -20.35
CA PRO Q 141 9.41 -43.34 -19.56
C PRO Q 141 9.80 -43.31 -18.11
N PHE Q 142 10.61 -42.35 -17.70
CA PHE Q 142 10.81 -42.14 -16.26
C PHE Q 142 10.59 -40.71 -15.82
N LEU Q 143 10.23 -40.56 -14.56
CA LEU Q 143 9.96 -39.25 -13.96
C LEU Q 143 10.58 -39.17 -12.58
N GLN Q 144 11.01 -37.98 -12.18
CA GLN Q 144 11.72 -37.81 -10.92
C GLN Q 144 11.11 -36.72 -10.06
N LEU Q 145 11.31 -36.84 -8.76
CA LEU Q 145 10.91 -35.78 -7.83
C LEU Q 145 12.07 -35.52 -6.94
N GLY Q 146 12.04 -34.34 -6.35
CA GLY Q 146 13.05 -33.97 -5.41
C GLY Q 146 14.33 -33.55 -6.06
N GLU Q 147 15.40 -33.92 -5.40
CA GLU Q 147 16.72 -33.56 -5.76
C GLU Q 147 17.26 -34.58 -6.80
N SER Q 148 16.93 -34.32 -8.07
CA SER Q 148 17.06 -35.34 -9.12
C SER Q 148 18.09 -35.08 -10.22
N LYS Q 149 18.72 -33.92 -10.25
CA LYS Q 149 19.67 -33.64 -11.32
C LYS Q 149 20.93 -34.54 -11.22
N TYR Q 150 21.34 -34.84 -9.99
CA TYR Q 150 22.56 -35.62 -9.79
C TYR Q 150 22.50 -37.00 -10.45
N GLY Q 151 21.32 -37.63 -10.38
CA GLY Q 151 21.15 -38.98 -10.87
C GLY Q 151 20.35 -39.09 -12.13
N LYS Q 152 20.14 -37.96 -12.77
CA LYS Q 152 19.45 -37.97 -14.07
C LYS Q 152 20.28 -38.55 -15.22
N PRO Q 153 21.57 -38.20 -15.32
CA PRO Q 153 22.28 -38.63 -16.49
C PRO Q 153 22.29 -40.14 -16.70
N ILE Q 154 22.53 -40.91 -15.66
CA ILE Q 154 22.58 -42.35 -15.87
C ILE Q 154 21.24 -42.89 -16.41
N LEU Q 155 20.12 -42.26 -16.02
CA LEU Q 155 18.85 -42.70 -16.52
C LEU Q 155 18.64 -42.28 -17.96
N ASP Q 156 18.99 -41.03 -18.27
CA ASP Q 156 18.91 -40.56 -19.63
C ASP Q 156 19.71 -41.43 -20.56
N ARG Q 157 20.92 -41.80 -20.16
CA ARG Q 157 21.78 -42.63 -20.99
C ARG Q 157 21.27 -44.04 -21.28
N ASN Q 158 20.72 -44.72 -20.29
CA ASN Q 158 20.51 -46.16 -20.37
C ASN Q 158 19.07 -46.64 -20.37
N LEU Q 159 18.19 -45.87 -19.78
CA LEU Q 159 16.84 -46.30 -19.65
C LEU Q 159 16.02 -46.04 -20.92
N THR Q 160 15.22 -47.03 -21.32
CA THR Q 160 14.20 -46.84 -22.36
C THR Q 160 12.95 -47.64 -22.01
N PHE Q 161 11.88 -47.44 -22.76
CA PHE Q 161 10.61 -48.13 -22.48
C PHE Q 161 10.78 -49.64 -22.41
N ASP Q 162 11.66 -50.16 -23.25
CA ASP Q 162 11.90 -51.60 -23.37
C ASP Q 162 12.89 -52.18 -22.38
N THR Q 163 13.54 -51.34 -21.57
CA THR Q 163 14.42 -51.84 -20.51
C THR Q 163 13.63 -52.77 -19.62
N PRO Q 164 14.14 -53.99 -19.36
CA PRO Q 164 13.45 -54.90 -18.41
C PRO Q 164 13.47 -54.38 -17.00
N LEU Q 165 12.57 -54.87 -16.17
CA LEU Q 165 12.40 -54.34 -14.81
C LEU Q 165 13.66 -54.51 -13.97
N GLU Q 166 14.22 -55.72 -13.92
CA GLU Q 166 15.42 -55.97 -13.10
C GLU Q 166 16.52 -54.93 -13.46
N GLN Q 167 16.68 -54.62 -14.74
CA GLN Q 167 17.73 -53.68 -15.14
C GLN Q 167 17.40 -52.25 -14.87
N ALA Q 168 16.13 -51.90 -14.99
CA ALA Q 168 15.69 -50.57 -14.64
C ALA Q 168 15.92 -50.31 -13.16
N LEU Q 169 15.58 -51.28 -12.34
CA LEU Q 169 15.79 -51.15 -10.90
C LEU Q 169 17.25 -50.90 -10.59
N ARG Q 170 18.11 -51.68 -11.23
CA ARG Q 170 19.54 -51.57 -11.06
C ARG Q 170 20.00 -50.18 -11.41
N CYS Q 171 19.45 -49.71 -12.50
CA CYS Q 171 19.77 -48.40 -13.00
C CYS Q 171 19.37 -47.34 -11.98
N ALA Q 172 18.17 -47.46 -11.47
CA ALA Q 172 17.72 -46.56 -10.42
C ALA Q 172 18.71 -46.55 -9.25
N LEU Q 173 19.20 -47.72 -8.83
CA LEU Q 173 20.05 -47.80 -7.67
C LEU Q 173 21.32 -47.03 -7.89
N VAL Q 174 21.84 -47.08 -9.11
CA VAL Q 174 23.04 -46.34 -9.42
C VAL Q 174 22.75 -44.84 -9.37
N SER Q 175 21.57 -44.47 -9.85
CA SER Q 175 21.12 -43.09 -9.72
C SER Q 175 21.19 -42.60 -8.27
N PHE Q 176 20.72 -43.43 -7.35
CA PHE Q 176 20.72 -43.07 -5.94
C PHE Q 176 22.12 -43.00 -5.41
N ASP Q 177 22.96 -43.93 -5.88
CA ASP Q 177 24.36 -43.95 -5.45
C ASP Q 177 24.99 -42.57 -5.66
N SER Q 178 24.94 -42.08 -6.89
CA SER Q 178 25.57 -40.82 -7.21
C SER Q 178 24.94 -39.69 -6.43
N THR Q 179 23.62 -39.74 -6.32
CA THR Q 179 22.90 -38.68 -5.64
C THR Q 179 23.34 -38.60 -4.15
N ILE Q 180 23.33 -39.74 -3.48
CA ILE Q 180 23.69 -39.79 -2.10
C ILE Q 180 25.10 -39.26 -1.84
N ARG Q 181 26.03 -39.53 -2.74
CA ARG Q 181 27.40 -39.10 -2.58
C ARG Q 181 27.56 -37.63 -2.71
N SER Q 182 26.69 -37.01 -3.49
CA SER Q 182 26.90 -35.63 -3.89
C SER Q 182 25.95 -34.64 -3.22
N ASN Q 183 24.98 -35.14 -2.46
CA ASN Q 183 23.98 -34.28 -1.84
C ASN Q 183 23.46 -34.90 -0.55
N LEU Q 184 23.75 -34.24 0.56
CA LEU Q 184 23.38 -34.77 1.86
C LEU Q 184 21.91 -34.75 2.17
N SER Q 185 21.12 -34.01 1.43
CA SER Q 185 19.69 -33.93 1.73
C SER Q 185 19.02 -35.27 1.34
N VAL Q 186 19.71 -36.09 0.55
CA VAL Q 186 19.25 -37.38 0.15
C VAL Q 186 19.97 -38.46 0.93
N GLY Q 187 19.25 -39.50 1.33
CA GLY Q 187 19.77 -40.46 2.26
C GLY Q 187 18.96 -41.72 2.47
N PRO Q 189 17.40 -45.03 4.62
CA PRO Q 189 17.05 -46.14 3.79
C PRO Q 189 16.32 -45.74 2.55
N LEU Q 190 16.38 -46.59 1.55
CA LEU Q 190 15.55 -46.46 0.36
C LEU Q 190 14.40 -47.44 0.38
N ASP Q 191 13.35 -47.13 -0.35
CA ASP Q 191 12.17 -48.00 -0.43
C ASP Q 191 11.91 -48.26 -1.90
N LEU Q 192 11.82 -49.54 -2.27
CA LEU Q 192 11.63 -49.91 -3.68
C LEU Q 192 10.37 -50.69 -3.86
N LEU Q 193 9.81 -50.63 -5.06
CA LEU Q 193 8.69 -51.48 -5.39
C LEU Q 193 8.69 -51.74 -6.86
N VAL Q 194 8.58 -53.00 -7.21
CA VAL Q 194 8.50 -53.41 -8.61
C VAL Q 194 7.11 -54.05 -8.84
N TYR Q 195 6.42 -53.65 -9.91
CA TYR Q 195 5.09 -54.19 -10.22
C TYR Q 195 5.03 -54.72 -11.63
N HIS Q 196 4.52 -55.92 -11.78
CA HIS Q 196 4.55 -56.59 -13.08
C HIS Q 196 3.25 -56.30 -13.84
N ARG Q 197 3.37 -55.89 -15.10
CA ARG Q 197 2.21 -55.55 -15.91
C ARG Q 197 1.21 -56.69 -15.88
N ASP Q 198 -0.05 -56.34 -15.61
CA ASP Q 198 -1.19 -57.27 -15.59
C ASP Q 198 -1.21 -58.26 -14.43
N SER Q 199 -0.27 -58.19 -13.51
CA SER Q 199 -0.29 -59.09 -12.36
C SER Q 199 -1.43 -58.77 -11.40
N LEU Q 200 -1.77 -57.49 -11.28
CA LEU Q 200 -2.83 -57.01 -10.35
C LEU Q 200 -2.69 -57.50 -8.90
N ILE Q 201 -1.45 -57.64 -8.42
CA ILE Q 201 -1.17 -58.03 -7.04
C ILE Q 201 -0.46 -56.84 -6.37
N LEU Q 202 -0.44 -56.83 -5.04
CA LEU Q 202 0.23 -55.78 -4.30
C LEU Q 202 1.55 -56.30 -3.87
N PRO Q 203 2.62 -55.96 -4.60
CA PRO Q 203 3.93 -56.42 -4.15
C PRO Q 203 4.30 -55.87 -2.79
N GLU Q 204 5.12 -56.62 -2.04
CA GLU Q 204 5.46 -56.17 -0.69
C GLU Q 204 6.48 -55.05 -0.72
N GLY Q 205 7.29 -54.99 -1.77
CA GLY Q 205 8.27 -53.94 -1.89
C GLY Q 205 9.43 -54.32 -1.01
N TYR Q 206 10.48 -53.49 -0.97
CA TYR Q 206 11.69 -53.84 -0.26
C TYR Q 206 12.43 -52.60 0.20
N ARG Q 207 13.03 -52.68 1.38
CA ARG Q 207 13.76 -51.55 1.93
C ARG Q 207 15.25 -51.79 1.93
N VAL Q 208 15.97 -50.84 1.36
CA VAL Q 208 17.41 -50.95 1.29
C VAL Q 208 18.07 -50.16 2.41
N THR Q 209 18.69 -50.85 3.35
CA THR Q 209 19.36 -50.15 4.43
C THR Q 209 20.84 -49.94 4.14
N GLU Q 210 21.44 -49.07 4.92
CA GLU Q 210 22.87 -48.95 5.08
C GLU Q 210 23.64 -50.27 4.94
N ASP Q 211 23.11 -51.33 5.54
CA ASP Q 211 23.81 -52.61 5.60
C ASP Q 211 23.61 -53.51 4.40
N ASP Q 212 22.75 -53.14 3.47
CA ASP Q 212 22.34 -54.05 2.39
C ASP Q 212 23.55 -54.59 1.63
N ALA Q 213 23.67 -55.91 1.59
CA ALA Q 213 24.83 -56.53 0.97
C ALA Q 213 24.90 -56.17 -0.50
N TYR Q 214 23.77 -56.33 -1.20
CA TYR Q 214 23.75 -56.19 -2.64
C TYR Q 214 24.07 -54.74 -3.01
N PHE Q 215 23.39 -53.79 -2.37
CA PHE Q 215 23.61 -52.39 -2.70
C PHE Q 215 25.03 -51.95 -2.35
N SER Q 216 25.57 -52.41 -1.22
CA SER Q 216 26.96 -52.10 -0.90
C SER Q 216 27.88 -52.57 -2.00
N ALA Q 217 27.60 -53.76 -2.52
CA ALA Q 217 28.47 -54.41 -3.51
C ALA Q 217 28.45 -53.65 -4.82
N ILE Q 218 27.27 -53.32 -5.32
CA ILE Q 218 27.25 -52.68 -6.62
C ILE Q 218 27.83 -51.28 -6.53
N ARG Q 219 27.74 -50.63 -5.37
CA ARG Q 219 28.40 -49.33 -5.20
C ARG Q 219 29.92 -49.47 -5.30
N ARG Q 220 30.47 -50.47 -4.63
CA ARG Q 220 31.90 -50.71 -4.63
C ARG Q 220 32.36 -51.01 -6.06
N GLN Q 221 31.57 -51.79 -6.79
CA GLN Q 221 31.92 -52.21 -8.16
C GLN Q 221 31.87 -51.03 -9.09
N TRP Q 222 30.77 -50.30 -8.99
CA TRP Q 222 30.60 -49.11 -9.80
C TRP Q 222 31.76 -48.13 -9.60
N SER Q 223 32.23 -47.94 -8.37
CA SER Q 223 33.37 -47.05 -8.14
C SER Q 223 34.59 -47.52 -8.87
N ALA Q 224 34.91 -48.79 -8.64
CA ALA Q 224 36.09 -49.39 -9.24
C ALA Q 224 36.02 -49.28 -10.75
N GLY Q 225 34.83 -49.50 -11.29
CA GLY Q 225 34.63 -49.43 -12.73
C GLY Q 225 34.96 -48.05 -13.27
N LEU Q 226 34.30 -47.03 -12.71
CA LEU Q 226 34.51 -45.65 -13.10
C LEU Q 226 35.96 -45.25 -12.99
N HIS Q 227 36.61 -45.66 -11.92
CA HIS Q 227 38.00 -45.28 -11.71
C HIS Q 227 38.87 -45.86 -12.81
N ASP Q 228 38.62 -47.12 -13.12
CA ASP Q 228 39.30 -47.83 -14.18
C ASP Q 228 39.15 -47.13 -15.56
N LEU Q 230 38.35 -44.26 -16.34
CA LEU Q 230 38.92 -42.95 -16.34
C LEU Q 230 40.41 -42.99 -16.61
N GLU Q 231 41.10 -43.97 -16.02
CA GLU Q 231 42.56 -44.08 -16.19
C GLU Q 231 42.95 -44.60 -17.55
N ARG Q 232 42.04 -45.39 -18.13
CA ARG Q 232 42.27 -45.97 -19.44
C ARG Q 232 41.73 -45.13 -20.63
N LEU Q 233 41.09 -43.99 -20.36
CA LEU Q 233 40.80 -42.97 -21.38
C LEU Q 233 42.08 -42.32 -21.88
N PRO Q 234 42.10 -41.90 -23.15
CA PRO Q 234 43.32 -41.32 -23.72
C PRO Q 234 43.61 -39.93 -23.21
N SER Q 235 44.85 -39.49 -23.39
CA SER Q 235 45.26 -38.13 -23.04
C SER Q 235 44.84 -37.14 -24.12
N PRO Q 236 44.56 -35.88 -23.72
CA PRO Q 236 44.25 -34.83 -24.69
C PRO Q 236 45.45 -34.57 -25.59
N PRO Q 237 45.24 -34.34 -26.90
CA PRO Q 237 46.35 -34.04 -27.80
C PRO Q 237 47.19 -32.81 -27.41
N SER Q 238 48.27 -32.54 -28.18
CA SER Q 238 49.09 -31.34 -27.98
C SER Q 238 48.22 -30.09 -27.91
N ALA Q 239 47.45 -29.89 -28.97
CA ALA Q 239 46.53 -28.77 -29.13
C ALA Q 239 45.93 -28.22 -27.81
N TYR Q 240 45.47 -29.07 -26.91
CA TYR Q 240 44.72 -28.63 -25.74
C TYR Q 240 45.43 -27.77 -24.65
N ASN Q 241 46.70 -27.36 -24.83
CA ASN Q 241 47.44 -26.66 -23.71
C ASN Q 241 47.88 -25.22 -23.93
N THR R 1 24.65 -22.69 -19.26
CA THR R 1 25.65 -22.06 -18.38
C THR R 1 26.10 -23.06 -17.31
N TYR R 2 27.34 -23.53 -17.45
CA TYR R 2 27.93 -24.35 -16.42
C TYR R 2 29.40 -24.04 -16.45
N CYS R 3 29.97 -23.68 -15.29
CA CYS R 3 31.41 -23.42 -15.20
C CYS R 3 32.02 -24.23 -14.06
N VAL R 4 33.27 -24.66 -14.25
CA VAL R 4 34.02 -25.35 -13.21
C VAL R 4 35.40 -24.77 -13.16
N ALA R 5 35.96 -24.73 -11.96
CA ALA R 5 37.34 -24.33 -11.77
C ALA R 5 37.92 -25.18 -10.67
N HIS R 7 41.50 -25.84 -8.22
CA HIS R 7 42.79 -25.39 -7.72
C HIS R 7 43.46 -26.59 -7.09
N LEU R 8 44.52 -27.03 -7.79
CA LEU R 8 45.23 -28.25 -7.49
C LEU R 8 46.70 -27.98 -7.20
N ALA R 9 47.36 -29.03 -6.71
CA ALA R 9 48.73 -28.93 -6.32
C ALA R 9 49.54 -28.32 -7.46
N ASP R 10 49.31 -28.79 -8.69
CA ASP R 10 50.15 -28.36 -9.83
C ASP R 10 49.67 -27.09 -10.55
N GLY R 11 48.53 -26.56 -10.17
CA GLY R 11 48.05 -25.32 -10.77
C GLY R 11 46.54 -25.18 -10.80
N LEU R 12 46.03 -24.57 -11.87
CA LEU R 12 44.61 -24.31 -11.99
C LEU R 12 44.10 -24.87 -13.29
N VAL R 13 42.85 -25.30 -13.28
CA VAL R 13 42.15 -25.70 -14.48
C VAL R 13 40.79 -25.01 -14.50
N PHE R 14 40.44 -24.40 -15.62
CA PHE R 14 39.15 -23.73 -15.78
C PHE R 14 38.41 -24.29 -16.98
N ALA R 15 37.09 -24.40 -16.87
CA ALA R 15 36.26 -24.84 -18.03
C ALA R 15 34.87 -24.28 -17.95
N SER R 16 34.40 -23.73 -19.05
CA SER R 16 33.06 -23.14 -19.11
C SER R 16 32.35 -23.57 -20.37
N ASP R 17 31.03 -23.66 -20.33
CA ASP R 17 30.25 -23.77 -21.58
C ASP R 17 30.05 -22.35 -22.16
N SER R 18 29.13 -22.23 -23.10
CA SER R 18 28.89 -20.97 -23.78
C SER R 18 27.42 -20.65 -24.03
N ARG R 19 26.54 -21.60 -23.75
CA ARG R 19 25.15 -21.43 -24.10
C ARG R 19 24.54 -20.50 -23.08
N THR R 20 23.76 -19.54 -23.57
CA THR R 20 23.39 -18.40 -22.77
C THR R 20 21.97 -18.04 -23.08
N ASN R 21 21.19 -17.83 -22.04
CA ASN R 21 19.85 -17.32 -22.20
C ASN R 21 19.91 -15.81 -22.33
N ALA R 22 19.65 -15.29 -23.51
CA ALA R 22 19.82 -13.87 -23.76
C ALA R 22 18.48 -13.24 -24.00
N GLY R 23 17.43 -13.77 -23.41
CA GLY R 23 16.09 -13.27 -23.72
C GLY R 23 15.22 -14.41 -24.19
N ILE R 24 13.95 -14.12 -24.45
CA ILE R 24 12.99 -15.16 -24.84
C ILE R 24 13.24 -15.47 -26.29
N ASP R 25 13.27 -16.76 -26.62
CA ASP R 25 13.52 -17.22 -27.97
C ASP R 25 14.84 -16.67 -28.52
N HIS R 26 15.80 -16.34 -27.64
CA HIS R 26 17.09 -15.88 -28.09
C HIS R 26 18.12 -16.55 -27.20
N ILE R 27 18.43 -17.79 -27.54
CA ILE R 27 19.50 -18.52 -26.87
C ILE R 27 20.74 -18.48 -27.75
N ALA R 28 21.89 -18.21 -27.17
CA ALA R 28 23.02 -17.80 -27.94
C ALA R 28 24.32 -18.16 -27.30
N THR R 29 25.37 -18.03 -28.09
CA THR R 29 26.71 -18.35 -27.64
C THR R 29 27.43 -17.12 -27.13
N PHE R 30 27.91 -17.19 -25.89
CA PHE R 30 28.75 -16.13 -25.32
C PHE R 30 29.85 -16.75 -24.50
N ARG R 31 31.06 -16.26 -24.70
CA ARG R 31 32.22 -16.75 -23.93
C ARG R 31 31.99 -16.47 -22.46
N LYS R 32 32.30 -17.43 -21.61
CA LYS R 32 32.13 -17.24 -20.15
C LYS R 32 33.45 -17.42 -19.38
N LEU R 33 34.57 -17.27 -20.07
CA LEU R 33 35.88 -17.46 -19.47
C LEU R 33 36.82 -16.41 -20.08
N PHE R 34 37.32 -15.52 -19.23
CA PHE R 34 38.09 -14.38 -19.67
C PHE R 34 39.41 -14.36 -18.94
N THR R 35 40.48 -14.00 -19.66
CA THR R 35 41.81 -13.99 -19.08
C THR R 35 42.39 -12.58 -19.04
N PHE R 36 43.26 -12.32 -18.09
CA PHE R 36 43.89 -11.02 -17.92
C PHE R 36 45.28 -11.28 -17.42
N GLY R 37 46.22 -10.38 -17.69
CA GLY R 37 47.52 -10.47 -17.06
C GLY R 37 48.67 -9.84 -17.80
N THR R 38 49.84 -9.83 -17.17
CA THR R 38 51.09 -9.39 -17.78
C THR R 38 52.07 -10.56 -17.69
N PRO R 39 52.65 -11.00 -18.83
CA PRO R 39 53.52 -12.18 -18.81
C PRO R 39 54.72 -12.03 -17.86
N GLY R 40 55.00 -13.09 -17.09
CA GLY R 40 56.09 -13.08 -16.12
C GLY R 40 55.72 -12.44 -14.80
N GLU R 41 54.52 -11.87 -14.69
CA GLU R 41 54.06 -11.18 -13.47
C GLU R 41 52.71 -11.73 -12.96
N ARG R 42 51.69 -11.88 -13.81
CA ARG R 42 50.41 -12.40 -13.31
C ARG R 42 49.48 -12.97 -14.38
N LEU R 43 48.68 -13.94 -13.95
CA LEU R 43 47.56 -14.44 -14.71
C LEU R 43 46.30 -14.40 -13.84
N LEU R 44 45.21 -13.85 -14.38
CA LEU R 44 43.92 -13.92 -13.71
C LEU R 44 42.85 -14.36 -14.69
N VAL R 45 41.99 -15.25 -14.24
CA VAL R 45 40.90 -15.74 -15.06
C VAL R 45 39.59 -15.43 -14.36
N VAL R 46 38.61 -14.93 -15.10
CA VAL R 46 37.28 -14.69 -14.58
C VAL R 46 36.25 -15.47 -15.37
N GLN R 47 35.42 -16.24 -14.67
CA GLN R 47 34.32 -16.95 -15.29
C GLN R 47 33.02 -16.35 -14.81
N THR R 48 32.00 -16.43 -15.66
CA THR R 48 30.73 -15.76 -15.41
C THR R 48 29.55 -16.71 -15.53
N ALA R 49 28.52 -16.42 -14.76
CA ALA R 49 27.27 -17.19 -14.80
C ALA R 49 26.18 -16.27 -14.28
N GLY R 50 24.98 -16.46 -14.77
CA GLY R 50 23.87 -15.61 -14.36
C GLY R 50 23.49 -14.62 -15.43
N ASN R 51 22.93 -13.49 -15.03
CA ASN R 51 22.42 -12.51 -15.98
C ASN R 51 23.50 -12.00 -16.94
N LEU R 52 23.21 -12.14 -18.23
CA LEU R 52 24.13 -11.74 -19.27
C LEU R 52 24.48 -10.25 -19.17
N ALA R 53 23.46 -9.41 -19.14
CA ALA R 53 23.68 -7.96 -19.14
C ALA R 53 24.57 -7.53 -18.01
N THR R 54 24.35 -8.11 -16.85
CA THR R 54 25.10 -7.72 -15.70
C THR R 54 26.52 -8.20 -15.88
N SER R 55 26.69 -9.46 -16.20
CA SER R 55 28.04 -9.98 -16.25
C SER R 55 28.82 -9.32 -17.33
N GLN R 56 28.18 -9.01 -18.44
CA GLN R 56 28.87 -8.33 -19.52
C GLN R 56 29.33 -6.97 -19.10
N SER R 57 28.47 -6.24 -18.41
CA SER R 57 28.85 -4.95 -17.91
C SER R 57 30.03 -5.02 -16.96
N VAL R 58 30.03 -6.01 -16.08
CA VAL R 58 31.13 -6.15 -15.16
C VAL R 58 32.43 -6.38 -15.90
N ILE R 59 32.44 -7.32 -16.84
CA ILE R 59 33.64 -7.66 -17.57
C ILE R 59 34.12 -6.48 -18.38
N ASN R 60 33.18 -5.80 -19.01
CA ASN R 60 33.50 -4.65 -19.82
C ASN R 60 34.19 -3.56 -19.02
N LEU R 61 33.70 -3.31 -17.81
CA LEU R 61 34.30 -2.26 -16.97
C LEU R 61 35.70 -2.67 -16.51
N LEU R 62 35.87 -3.93 -16.15
CA LEU R 62 37.17 -4.42 -15.78
C LEU R 62 38.18 -4.23 -16.91
N GLN R 63 37.76 -4.46 -18.15
CA GLN R 63 38.64 -4.27 -19.30
C GLN R 63 38.98 -2.79 -19.52
N GLN R 64 37.96 -1.92 -19.57
CA GLN R 64 38.20 -0.50 -19.73
C GLN R 64 39.15 0.04 -18.66
N ARG R 65 38.95 -0.38 -17.42
CA ARG R 65 39.73 0.14 -16.29
C ARG R 65 41.18 -0.36 -16.23
N ILE R 66 41.46 -1.46 -16.89
CA ILE R 66 42.82 -2.00 -16.98
C ILE R 66 43.75 -0.96 -17.59
N ARG R 67 43.25 -0.30 -18.64
CA ARG R 67 43.92 0.80 -19.32
C ARG R 67 43.57 2.15 -18.63
N ARG R 68 43.79 2.26 -17.32
CA ARG R 68 43.51 3.49 -16.55
C ARG R 68 44.21 3.50 -15.19
N ASP R 69 44.75 4.67 -14.83
CA ASP R 69 45.51 4.87 -13.57
C ASP R 69 44.58 4.80 -12.33
N GLY R 70 44.53 3.65 -11.67
CA GLY R 70 43.65 3.45 -10.52
C GLY R 70 43.47 1.97 -10.33
N ALA R 71 42.63 1.56 -9.38
CA ALA R 71 42.41 0.11 -9.11
C ALA R 71 41.98 -0.68 -10.35
N SER R 72 42.70 -1.75 -10.64
CA SER R 72 42.45 -2.58 -11.82
C SER R 72 43.01 -3.96 -11.64
N LEU R 73 42.50 -4.92 -12.39
CA LEU R 73 43.00 -6.29 -12.28
C LEU R 73 44.50 -6.45 -12.53
N LEU R 74 45.17 -5.44 -13.06
CA LEU R 74 46.60 -5.56 -13.32
C LEU R 74 47.51 -5.04 -12.22
N ASN R 75 46.98 -4.39 -11.18
CA ASN R 75 47.83 -3.70 -10.23
C ASN R 75 47.49 -4.19 -8.82
N VAL R 76 46.25 -4.62 -8.65
CA VAL R 76 45.77 -5.33 -7.47
C VAL R 76 46.82 -6.32 -6.91
N PRO R 77 47.11 -6.26 -5.60
CA PRO R 77 48.30 -6.97 -5.09
C PRO R 77 48.12 -8.48 -4.81
N SER R 78 46.89 -8.99 -4.82
CA SER R 78 46.67 -10.43 -4.57
C SER R 78 45.42 -10.94 -5.27
N VAL R 79 45.34 -12.25 -5.45
CA VAL R 79 44.15 -12.82 -6.09
C VAL R 79 42.92 -12.50 -5.26
N TYR R 80 43.07 -12.54 -3.94
CA TYR R 80 42.00 -12.11 -3.05
C TYR R 80 41.46 -10.75 -3.46
N ASP R 81 42.36 -9.77 -3.55
CA ASP R 81 41.97 -8.38 -3.87
C ASP R 81 41.38 -8.26 -5.27
N ALA R 82 41.81 -9.12 -6.18
CA ALA R 82 41.21 -9.20 -7.51
C ALA R 82 39.75 -9.62 -7.42
N THR R 83 39.52 -10.67 -6.64
CA THR R 83 38.17 -11.16 -6.37
C THR R 83 37.31 -10.05 -5.76
N ALA R 84 37.86 -9.36 -4.77
CA ALA R 84 37.17 -8.25 -4.11
C ALA R 84 36.84 -7.15 -5.10
N LEU R 85 37.76 -6.90 -6.02
CA LEU R 85 37.53 -5.87 -7.03
C LEU R 85 36.38 -6.25 -7.95
N VAL R 86 36.35 -7.51 -8.37
CA VAL R 86 35.28 -7.97 -9.24
C VAL R 86 33.97 -7.72 -8.52
N ALA R 87 33.91 -8.15 -7.27
CA ALA R 87 32.69 -8.00 -6.47
C ALA R 87 32.28 -6.55 -6.36
N GLU R 88 33.25 -5.73 -6.00
CA GLU R 88 33.09 -4.28 -5.92
C GLU R 88 32.45 -3.77 -7.21
N THR R 89 32.98 -4.22 -8.35
CA THR R 89 32.50 -3.79 -9.65
C THR R 89 31.06 -4.24 -9.86
N THR R 90 30.79 -5.48 -9.47
CA THR R 90 29.45 -6.02 -9.59
C THR R 90 28.45 -5.12 -8.86
N ARG R 91 28.75 -4.78 -7.61
CA ARG R 91 27.88 -3.90 -6.79
C ARG R 91 27.57 -2.61 -7.53
N GLU R 92 28.61 -2.04 -8.14
CA GLU R 92 28.49 -0.81 -8.87
C GLU R 92 27.50 -0.94 -10.04
N VAL R 93 27.57 -2.06 -10.75
CA VAL R 93 26.69 -2.29 -11.89
C VAL R 93 25.23 -2.46 -11.44
N ALA R 95 23.79 -1.32 -8.73
CA ALA R 95 23.29 -0.04 -8.28
C ALA R 95 22.71 0.80 -9.42
N ARG R 96 23.41 0.84 -10.54
CA ARG R 96 23.01 1.69 -11.67
C ARG R 96 21.73 1.19 -12.40
N ASP R 97 21.66 -0.12 -12.69
CA ASP R 97 20.58 -0.73 -13.50
C ASP R 97 19.27 -0.95 -12.73
N SER R 98 19.40 -1.11 -11.41
CA SER R 98 18.26 -1.13 -10.53
C SER R 98 17.44 0.18 -10.64
N GLY R 99 16.11 0.03 -10.61
CA GLY R 99 15.16 1.15 -10.72
C GLY R 99 13.76 0.56 -10.89
N ASN R 100 12.75 1.41 -11.10
CA ASN R 100 11.38 0.92 -11.36
C ASN R 100 11.28 0.14 -12.68
N LEU R 101 12.09 0.56 -13.67
CA LEU R 101 12.04 0.03 -15.02
C LEU R 101 12.45 -1.45 -15.11
N ALA R 102 13.50 -1.82 -14.39
CA ALA R 102 13.86 -3.24 -14.26
C ALA R 102 12.68 -4.03 -13.65
N GLY R 103 12.06 -3.48 -12.61
CA GLY R 103 10.90 -4.12 -11.96
C GLY R 103 11.31 -5.32 -11.12
N ASN R 104 10.70 -6.48 -11.39
CA ASN R 104 11.03 -7.72 -10.66
C ASN R 104 12.00 -8.65 -11.39
N THR R 105 12.44 -8.25 -12.58
CA THR R 105 13.44 -9.03 -13.33
C THR R 105 14.77 -9.25 -12.54
N ASP R 106 15.37 -10.44 -12.67
CA ASP R 106 16.46 -10.87 -11.79
C ASP R 106 17.87 -10.63 -12.36
N LEU R 107 18.51 -9.57 -11.88
CA LEU R 107 19.77 -9.10 -12.47
C LEU R 107 21.02 -9.68 -11.86
N SER R 108 20.89 -10.72 -11.06
CA SER R 108 22.05 -11.20 -10.31
C SER R 108 22.95 -12.07 -11.17
N CYS R 109 24.22 -12.08 -10.83
CA CYS R 109 25.14 -13.08 -11.42
C CYS R 109 26.30 -13.40 -10.48
N SER R 110 26.98 -14.47 -10.82
CA SER R 110 28.04 -15.03 -10.02
C SER R 110 29.28 -15.19 -10.87
N PHE R 111 30.43 -15.29 -10.21
CA PHE R 111 31.71 -15.29 -10.89
C PHE R 111 32.68 -16.23 -10.23
N VAL R 113 36.95 -16.29 -9.82
CA VAL R 113 38.15 -15.53 -10.06
C VAL R 113 39.28 -16.38 -9.54
N GLY R 114 40.21 -16.72 -10.43
CA GLY R 114 41.36 -17.48 -10.02
C GLY R 114 42.60 -17.07 -10.80
N GLY R 115 43.75 -17.47 -10.29
CA GLY R 115 44.99 -17.19 -10.98
C GLY R 115 46.16 -17.13 -10.04
N GLN R 116 47.21 -16.44 -10.47
CA GLN R 116 48.42 -16.29 -9.66
C GLN R 116 49.09 -14.97 -9.92
N ILE R 117 49.49 -14.32 -8.85
CA ILE R 117 50.27 -13.11 -8.95
C ILE R 117 51.66 -13.40 -8.41
N ALA R 118 52.68 -12.84 -9.09
CA ALA R 118 54.09 -13.06 -8.71
C ALA R 118 54.28 -12.91 -7.22
N GLY R 119 54.88 -13.92 -6.59
CA GLY R 119 55.28 -13.83 -5.20
C GLY R 119 54.31 -14.43 -4.24
N GLY R 120 53.26 -15.03 -4.74
CA GLY R 120 52.34 -15.78 -3.88
C GLY R 120 51.73 -16.92 -4.64
N PRO R 121 51.22 -17.91 -3.93
CA PRO R 121 50.74 -19.11 -4.60
C PRO R 121 49.53 -18.80 -5.47
N PRO R 122 49.16 -19.73 -6.36
CA PRO R 122 47.91 -19.58 -7.07
C PRO R 122 46.72 -19.73 -6.12
N ALA R 123 45.59 -19.13 -6.50
CA ALA R 123 44.36 -19.18 -5.69
C ALA R 123 43.11 -19.15 -6.57
N LEU R 124 41.98 -19.52 -5.98
CA LEU R 124 40.71 -19.59 -6.71
C LEU R 124 39.56 -19.22 -5.78
N TYR R 125 38.74 -18.27 -6.21
CA TYR R 125 37.59 -17.86 -5.43
C TYR R 125 36.30 -17.98 -6.23
N SER R 126 35.16 -18.05 -5.53
CA SER R 126 33.88 -18.02 -6.17
C SER R 126 33.09 -16.92 -5.50
N ILE R 127 32.49 -16.04 -6.31
CA ILE R 127 31.66 -14.94 -5.79
C ILE R 127 30.19 -15.30 -5.98
N TYR R 128 29.41 -15.12 -4.93
CA TYR R 128 28.02 -15.48 -4.96
C TYR R 128 27.18 -14.34 -5.49
N PRO R 129 25.91 -14.62 -5.83
CA PRO R 129 25.02 -13.57 -6.28
C PRO R 129 25.03 -12.35 -5.38
N GLN R 130 25.19 -12.55 -4.08
CA GLN R 130 25.06 -11.47 -3.10
C GLN R 130 26.38 -10.72 -2.86
N GLY R 131 27.46 -11.15 -3.51
CA GLY R 131 28.71 -10.36 -3.50
C GLY R 131 29.78 -10.76 -2.50
N ASN R 132 29.46 -11.73 -1.65
CA ASN R 132 30.42 -12.33 -0.74
C ASN R 132 31.02 -13.55 -1.41
N PHE R 133 32.25 -13.89 -1.01
CA PHE R 133 32.94 -14.98 -1.71
C PHE R 133 33.68 -15.96 -0.84
N ILE R 134 33.97 -17.11 -1.45
CA ILE R 134 34.73 -18.15 -0.80
C ILE R 134 35.89 -18.59 -1.63
N GLN R 135 36.83 -19.21 -0.95
CA GLN R 135 38.09 -19.64 -1.51
C GLN R 135 38.14 -21.15 -1.55
N ALA R 136 38.63 -21.71 -2.64
CA ALA R 136 38.84 -23.14 -2.72
C ALA R 136 40.07 -23.52 -1.95
N THR R 137 40.03 -24.69 -1.33
CA THR R 137 41.12 -25.19 -0.49
C THR R 137 41.45 -26.63 -0.89
N PRO R 138 42.53 -27.17 -0.35
CA PRO R 138 42.80 -28.58 -0.58
C PRO R 138 41.66 -29.54 -0.29
N ASP R 139 40.91 -29.31 0.80
CA ASP R 139 39.76 -30.20 1.16
C ASP R 139 38.58 -30.00 0.19
N THR R 140 38.45 -28.79 -0.36
CA THR R 140 37.39 -28.48 -1.31
C THR R 140 38.02 -27.76 -2.50
N PRO R 141 38.63 -28.54 -3.40
CA PRO R 141 39.51 -28.00 -4.41
C PRO R 141 38.84 -27.64 -5.71
N PHE R 142 37.54 -27.91 -5.87
CA PHE R 142 36.84 -27.42 -7.07
C PHE R 142 35.58 -26.70 -6.72
N LEU R 143 35.20 -25.79 -7.59
CA LEU R 143 34.01 -24.95 -7.41
C LEU R 143 33.24 -24.87 -8.72
N GLN R 144 31.93 -24.76 -8.65
CA GLN R 144 31.09 -24.75 -9.83
C GLN R 144 30.16 -23.56 -9.86
N LEU R 145 29.77 -23.16 -11.07
CA LEU R 145 28.74 -22.16 -11.23
C LEU R 145 27.75 -22.68 -12.19
N GLY R 146 26.57 -22.12 -12.13
CA GLY R 146 25.55 -22.45 -13.07
C GLY R 146 24.93 -23.78 -12.73
N GLU R 147 24.61 -24.51 -13.80
CA GLU R 147 23.81 -25.69 -13.75
C GLU R 147 24.76 -26.87 -13.51
N SER R 148 25.05 -27.10 -12.24
CA SER R 148 26.19 -27.94 -11.87
C SER R 148 25.93 -29.27 -11.18
N LYS R 149 24.68 -29.53 -10.81
CA LYS R 149 24.40 -30.76 -10.06
C LYS R 149 24.62 -32.00 -10.95
N TYR R 150 24.35 -31.87 -12.24
CA TYR R 150 24.44 -32.99 -13.13
C TYR R 150 25.83 -33.58 -13.17
N GLY R 151 26.82 -32.70 -13.17
CA GLY R 151 28.21 -33.13 -13.34
C GLY R 151 29.03 -33.10 -12.07
N LYS R 152 28.36 -32.92 -10.96
CA LYS R 152 29.07 -32.88 -9.69
C LYS R 152 29.58 -34.25 -9.26
N PRO R 153 28.79 -35.32 -9.47
CA PRO R 153 29.20 -36.57 -8.86
C PRO R 153 30.53 -37.05 -9.37
N ILE R 154 30.77 -36.95 -10.66
CA ILE R 154 32.06 -37.43 -11.16
C ILE R 154 33.26 -36.66 -10.53
N LEU R 155 33.07 -35.39 -10.21
CA LEU R 155 34.11 -34.60 -9.59
C LEU R 155 34.28 -34.97 -8.13
N ASP R 156 33.17 -35.10 -7.42
CA ASP R 156 33.20 -35.56 -6.05
C ASP R 156 33.94 -36.88 -5.93
N ARG R 157 33.66 -37.80 -6.84
CA ARG R 157 34.24 -39.15 -6.76
C ARG R 157 35.72 -39.20 -7.01
N ASN R 158 36.22 -38.43 -7.96
CA ASN R 158 37.57 -38.63 -8.47
C ASN R 158 38.56 -37.51 -8.22
N LEU R 159 38.06 -36.29 -8.07
CA LEU R 159 38.96 -35.16 -7.97
C LEU R 159 39.47 -34.94 -6.55
N THR R 160 40.75 -34.65 -6.41
CA THR R 160 41.35 -34.23 -5.13
C THR R 160 42.44 -33.22 -5.40
N PHE R 161 42.94 -32.57 -4.35
CA PHE R 161 43.97 -31.55 -4.50
C PHE R 161 45.17 -32.06 -5.30
N ASP R 162 45.52 -33.33 -5.09
CA ASP R 162 46.68 -33.95 -5.73
C ASP R 162 46.45 -34.48 -7.15
N THR R 163 45.22 -34.45 -7.66
CA THR R 163 44.96 -34.88 -9.02
C THR R 163 45.80 -34.03 -9.97
N PRO R 164 46.55 -34.68 -10.90
CA PRO R 164 47.33 -33.89 -11.87
C PRO R 164 46.43 -33.12 -12.83
N LEU R 165 46.98 -32.09 -13.48
CA LEU R 165 46.17 -31.22 -14.32
C LEU R 165 45.52 -31.95 -15.51
N GLU R 166 46.29 -32.73 -16.29
CA GLU R 166 45.74 -33.45 -17.47
C GLU R 166 44.55 -34.31 -17.01
N GLN R 167 44.63 -34.94 -15.84
CA GLN R 167 43.51 -35.78 -15.37
C GLN R 167 42.32 -35.00 -14.85
N ALA R 168 42.59 -33.86 -14.22
CA ALA R 168 41.53 -33.00 -13.77
C ALA R 168 40.75 -32.48 -14.94
N LEU R 169 41.47 -32.06 -15.98
CA LEU R 169 40.82 -31.55 -17.18
C LEU R 169 39.91 -32.60 -17.80
N ARG R 170 40.43 -33.82 -17.88
CA ARG R 170 39.69 -34.93 -18.42
C ARG R 170 38.42 -35.13 -17.61
N CYS R 171 38.57 -35.04 -16.32
CA CYS R 171 37.48 -35.22 -15.43
C CYS R 171 36.41 -34.16 -15.70
N ALA R 172 36.85 -32.93 -15.82
CA ALA R 172 35.95 -31.83 -16.13
C ALA R 172 35.18 -32.12 -17.39
N LEU R 173 35.86 -32.64 -18.39
CA LEU R 173 35.20 -32.89 -19.66
C LEU R 173 34.07 -33.91 -19.53
N VAL R 174 34.28 -34.92 -18.70
CA VAL R 174 33.25 -35.91 -18.50
C VAL R 174 32.07 -35.25 -17.77
N SER R 175 32.39 -34.38 -16.85
CA SER R 175 31.37 -33.60 -16.17
C SER R 175 30.48 -32.90 -17.19
N PHE R 176 31.12 -32.28 -18.18
CA PHE R 176 30.34 -31.54 -19.18
C PHE R 176 29.53 -32.49 -20.04
N ASP R 177 30.11 -33.66 -20.34
CA ASP R 177 29.43 -34.65 -21.15
C ASP R 177 28.07 -34.98 -20.54
N SER R 178 28.07 -35.38 -19.29
CA SER R 178 26.83 -35.72 -18.63
C SER R 178 25.87 -34.54 -18.59
N THR R 179 26.42 -33.35 -18.31
CA THR R 179 25.59 -32.18 -18.13
C THR R 179 24.87 -31.88 -19.45
N ILE R 180 25.64 -31.84 -20.53
CA ILE R 180 25.09 -31.52 -21.84
C ILE R 180 23.99 -32.49 -22.24
N ARG R 181 24.13 -33.75 -21.89
CA ARG R 181 23.14 -34.74 -22.25
C ARG R 181 21.86 -34.59 -21.52
N SER R 182 21.93 -34.07 -20.30
CA SER R 182 20.79 -34.08 -19.42
C SER R 182 20.15 -32.73 -19.23
N ASN R 183 20.74 -31.66 -19.78
CA ASN R 183 20.21 -30.32 -19.60
C ASN R 183 20.53 -29.42 -20.79
N LEU R 184 19.50 -29.03 -21.53
CA LEU R 184 19.69 -28.25 -22.73
C LEU R 184 20.21 -26.84 -22.51
N SER R 185 20.14 -26.32 -21.29
CA SER R 185 20.54 -24.93 -21.07
C SER R 185 22.06 -24.86 -21.15
N VAL R 186 22.72 -26.02 -21.09
CA VAL R 186 24.17 -26.11 -21.18
C VAL R 186 24.58 -26.68 -22.54
N GLY R 187 25.65 -26.11 -23.11
CA GLY R 187 25.93 -26.35 -24.52
C GLY R 187 27.25 -25.85 -25.03
N PRO R 189 30.03 -24.33 -27.86
CA PRO R 189 31.42 -24.70 -27.57
C PRO R 189 31.78 -24.51 -26.13
N LEU R 190 32.81 -25.23 -25.70
CA LEU R 190 33.39 -25.07 -24.36
C LEU R 190 34.69 -24.34 -24.49
N ASP R 191 35.09 -23.69 -23.41
CA ASP R 191 36.31 -22.96 -23.37
C ASP R 191 37.09 -23.47 -22.18
N LEU R 192 38.33 -23.89 -22.42
CA LEU R 192 39.20 -24.44 -21.38
C LEU R 192 40.44 -23.62 -21.21
N LEU R 193 41.00 -23.65 -20.01
CA LEU R 193 42.29 -23.06 -19.78
C LEU R 193 42.99 -23.79 -18.66
N VAL R 194 44.23 -24.17 -18.90
CA VAL R 194 45.05 -24.84 -17.91
C VAL R 194 46.24 -23.95 -17.58
N TYR R 195 46.52 -23.75 -16.30
CA TYR R 195 47.61 -22.89 -15.87
C TYR R 195 48.53 -23.64 -14.94
N HIS R 196 49.83 -23.57 -15.19
CA HIS R 196 50.81 -24.32 -14.41
C HIS R 196 51.33 -23.47 -13.26
N ARG R 197 51.31 -24.03 -12.05
CA ARG R 197 51.77 -23.31 -10.85
C ARG R 197 53.15 -22.71 -11.08
N ASP R 198 53.29 -21.43 -10.78
CA ASP R 198 54.56 -20.68 -10.88
C ASP R 198 55.04 -20.38 -12.31
N SER R 199 54.30 -20.77 -13.34
CA SER R 199 54.71 -20.47 -14.72
C SER R 199 54.59 -18.98 -15.05
N LEU R 200 53.60 -18.30 -14.47
CA LEU R 200 53.35 -16.88 -14.69
C LEU R 200 53.29 -16.47 -16.15
N ILE R 201 52.73 -17.36 -16.97
CA ILE R 201 52.48 -17.06 -18.39
C ILE R 201 50.97 -17.04 -18.62
N LEU R 202 50.54 -16.43 -19.72
CA LEU R 202 49.11 -16.41 -20.08
C LEU R 202 48.81 -17.49 -21.10
N PRO R 203 48.28 -18.64 -20.68
CA PRO R 203 48.06 -19.72 -21.63
C PRO R 203 47.03 -19.29 -22.62
N GLU R 204 47.09 -19.81 -23.83
CA GLU R 204 46.15 -19.36 -24.83
C GLU R 204 44.78 -19.91 -24.57
N GLY R 205 44.73 -21.07 -23.92
CA GLY R 205 43.45 -21.72 -23.67
C GLY R 205 43.01 -22.39 -24.94
N TYR R 206 41.87 -23.06 -24.91
CA TYR R 206 41.46 -23.88 -26.03
C TYR R 206 39.93 -23.98 -26.09
N ARG R 207 39.38 -23.95 -27.30
CA ARG R 207 37.96 -24.07 -27.46
C ARG R 207 37.56 -25.42 -28.02
N VAL R 208 36.64 -26.07 -27.33
CA VAL R 208 36.14 -27.36 -27.77
C VAL R 208 34.84 -27.21 -28.55
N THR R 209 34.87 -27.47 -29.86
CA THR R 209 33.65 -27.40 -30.66
C THR R 209 32.98 -28.74 -30.79
N GLU R 210 31.74 -28.69 -31.23
CA GLU R 210 30.99 -29.82 -31.75
C GLU R 210 31.86 -30.87 -32.46
N ASP R 211 32.80 -30.40 -33.28
CA ASP R 211 33.59 -31.29 -34.13
C ASP R 211 34.80 -31.91 -33.47
N ASP R 212 35.13 -31.49 -32.25
CA ASP R 212 36.43 -31.83 -31.66
C ASP R 212 36.66 -33.33 -31.64
N ALA R 213 37.76 -33.77 -32.24
CA ALA R 213 38.03 -35.20 -32.37
C ALA R 213 38.18 -35.84 -31.02
N TYR R 214 38.98 -35.23 -30.16
CA TYR R 214 39.27 -35.81 -28.87
C TYR R 214 38.03 -35.91 -28.02
N PHE R 215 37.30 -34.81 -27.90
CA PHE R 215 36.12 -34.81 -27.06
C PHE R 215 35.08 -35.76 -27.59
N SER R 216 34.91 -35.84 -28.90
CA SER R 216 33.97 -36.79 -29.46
C SER R 216 34.32 -38.19 -29.04
N ALA R 217 35.62 -38.47 -29.06
CA ALA R 217 36.12 -39.81 -28.80
C ALA R 217 35.90 -40.23 -27.36
N ILE R 218 36.23 -39.36 -26.41
CA ILE R 218 36.10 -39.77 -25.05
C ILE R 218 34.62 -39.88 -24.67
N ARG R 219 33.75 -39.14 -25.33
CA ARG R 219 32.32 -39.30 -25.10
C ARG R 219 31.85 -40.68 -25.56
N ARG R 220 32.26 -41.07 -26.75
CA ARG R 220 31.90 -42.38 -27.30
C ARG R 220 32.42 -43.51 -26.42
N GLN R 221 33.64 -43.35 -25.92
CA GLN R 221 34.25 -44.36 -25.05
C GLN R 221 33.54 -44.46 -23.74
N TRP R 222 33.32 -43.30 -23.12
CA TRP R 222 32.65 -43.25 -21.85
C TRP R 222 31.29 -43.90 -21.94
N SER R 223 30.56 -43.71 -23.05
CA SER R 223 29.25 -44.34 -23.20
C SER R 223 29.36 -45.82 -23.21
N ALA R 224 30.25 -46.30 -24.05
CA ALA R 224 30.46 -47.72 -24.21
C ALA R 224 30.82 -48.33 -22.87
N GLY R 225 31.68 -47.63 -22.13
CA GLY R 225 32.15 -48.13 -20.88
C GLY R 225 30.99 -48.32 -19.92
N LEU R 226 30.23 -47.24 -19.72
CA LEU R 226 29.09 -47.27 -18.83
C LEU R 226 28.13 -48.39 -19.20
N HIS R 227 27.89 -48.55 -20.49
CA HIS R 227 26.90 -49.51 -20.95
C HIS R 227 27.37 -50.92 -20.60
N ASP R 228 28.67 -51.16 -20.81
CA ASP R 228 29.32 -52.42 -20.44
C ASP R 228 29.19 -52.76 -18.97
N LEU R 230 27.26 -51.72 -16.80
CA LEU R 230 25.89 -51.86 -16.37
C LEU R 230 25.38 -53.26 -16.65
N GLU R 231 25.76 -53.82 -17.78
CA GLU R 231 25.28 -55.15 -18.16
C GLU R 231 25.97 -56.24 -17.37
N ARG R 232 27.19 -55.93 -16.95
CA ARG R 232 28.01 -56.89 -16.21
C ARG R 232 27.87 -56.80 -14.70
N LEU R 233 27.08 -55.84 -14.21
CA LEU R 233 26.65 -55.81 -12.80
C LEU R 233 25.73 -56.98 -12.49
N PRO R 234 25.79 -57.50 -11.28
CA PRO R 234 24.94 -58.63 -10.91
C PRO R 234 23.46 -58.29 -10.74
N SER R 235 22.63 -59.33 -10.75
CA SER R 235 21.20 -59.18 -10.51
C SER R 235 20.91 -59.06 -9.01
N PRO R 236 19.86 -58.32 -8.64
CA PRO R 236 19.43 -58.26 -7.25
C PRO R 236 19.02 -59.63 -6.76
N PRO R 237 19.35 -59.99 -5.51
CA PRO R 237 18.97 -61.29 -4.95
C PRO R 237 17.46 -61.57 -4.95
N SER R 238 17.07 -62.77 -4.52
CA SER R 238 15.65 -63.11 -4.34
C SER R 238 14.95 -62.02 -3.53
N ALA R 239 15.49 -61.80 -2.32
CA ALA R 239 14.95 -60.84 -1.36
C ALA R 239 14.26 -59.60 -1.99
N TYR R 240 14.84 -59.00 -3.02
CA TYR R 240 14.37 -57.71 -3.51
C TYR R 240 12.97 -57.64 -4.20
N ASN R 241 12.18 -58.71 -4.23
CA ASN R 241 10.92 -58.65 -5.05
C ASN R 241 9.60 -58.80 -4.32
N THR S 1 12.27 -26.49 30.28
CA THR S 1 11.21 -27.02 29.37
C THR S 1 11.82 -28.02 28.39
N TYR S 2 11.49 -29.30 28.59
CA TYR S 2 11.90 -30.33 27.67
C TYR S 2 10.82 -31.38 27.74
N CYS S 3 10.26 -31.75 26.59
CA CYS S 3 9.23 -32.80 26.54
C CYS S 3 9.58 -33.81 25.47
N VAL S 4 9.23 -35.07 25.73
CA VAL S 4 9.44 -36.15 24.79
C VAL S 4 8.21 -36.97 24.74
N ALA S 5 7.91 -37.48 23.56
CA ALA S 5 6.82 -38.42 23.37
C ALA S 5 7.23 -39.44 22.36
N HIS S 7 5.88 -42.96 20.11
CA HIS S 7 4.81 -43.81 19.63
C HIS S 7 5.47 -45.07 19.14
N LEU S 8 5.21 -46.14 19.89
CA LEU S 8 5.82 -47.44 19.71
C LEU S 8 4.78 -48.52 19.45
N ALA S 9 5.28 -49.69 19.08
CA ALA S 9 4.43 -50.81 18.72
C ALA S 9 3.42 -51.07 19.82
N ASP S 10 3.87 -51.04 21.07
CA ASP S 10 2.98 -51.39 22.20
C ASP S 10 2.17 -50.25 22.78
N GLY S 11 2.40 -49.03 22.31
CA GLY S 11 1.64 -47.89 22.83
C GLY S 11 2.39 -46.56 22.80
N LEU S 12 2.14 -45.71 23.80
CA LEU S 12 2.70 -44.40 23.85
C LEU S 12 3.40 -44.19 25.16
N VAL S 13 4.45 -43.39 25.14
CA VAL S 13 5.12 -42.96 26.36
C VAL S 13 5.33 -41.46 26.29
N PHE S 14 4.97 -40.75 27.35
CA PHE S 14 5.13 -39.30 27.40
C PHE S 14 5.95 -38.91 28.61
N ALA S 15 6.80 -37.91 28.47
CA ALA S 15 7.54 -37.38 29.62
C ALA S 15 7.85 -35.91 29.44
N SER S 16 7.63 -35.14 30.49
CA SER S 16 7.89 -33.70 30.46
C SER S 16 8.60 -33.24 31.74
N ASP S 17 9.43 -32.20 31.66
CA ASP S 17 9.90 -31.54 32.88
C ASP S 17 8.83 -30.57 33.35
N SER S 18 9.21 -29.66 34.26
CA SER S 18 8.27 -28.70 34.81
C SER S 18 8.81 -27.30 34.97
N ARG S 19 10.10 -27.12 34.73
CA ARG S 19 10.71 -25.82 34.99
C ARG S 19 10.30 -24.89 33.90
N THR S 20 9.90 -23.69 34.28
CA THR S 20 9.20 -22.82 33.37
C THR S 20 9.61 -21.37 33.57
N ASN S 21 9.87 -20.68 32.47
CA ASN S 21 10.20 -19.32 32.52
C ASN S 21 8.91 -18.57 32.57
N ALA S 22 8.60 -17.97 33.71
CA ALA S 22 7.34 -17.26 33.89
C ALA S 22 7.50 -15.76 33.97
N GLY S 23 8.52 -15.21 33.34
CA GLY S 23 8.80 -13.79 33.52
C GLY S 23 10.23 -13.64 33.98
N ILE S 24 10.63 -12.40 34.15
CA ILE S 24 12.01 -12.13 34.54
C ILE S 24 12.12 -12.39 36.03
N ASP S 25 13.19 -13.05 36.41
CA ASP S 25 13.45 -13.36 37.80
C ASP S 25 12.28 -14.14 38.42
N HIS S 26 11.51 -14.85 37.59
CA HIS S 26 10.43 -15.67 38.10
C HIS S 26 10.43 -17.00 37.35
N ILE S 27 11.28 -17.93 37.78
CA ILE S 27 11.31 -19.26 37.24
C ILE S 27 10.53 -20.14 38.17
N ALA S 28 9.71 -21.01 37.64
CA ALA S 28 8.74 -21.71 38.47
C ALA S 28 8.36 -23.06 37.93
N THR S 29 7.67 -23.82 38.76
CA THR S 29 7.19 -25.15 38.39
C THR S 29 5.76 -25.12 37.82
N PHE S 30 5.58 -25.66 36.61
CA PHE S 30 4.28 -25.82 36.01
C PHE S 30 4.21 -27.12 35.26
N ARG S 31 3.12 -27.85 35.46
CA ARG S 31 2.87 -29.11 34.76
C ARG S 31 2.85 -28.86 33.25
N LYS S 32 3.52 -29.72 32.48
CA LYS S 32 3.53 -29.58 31.03
C LYS S 32 2.99 -30.85 30.34
N LEU S 33 2.18 -31.62 31.03
CA LEU S 33 1.61 -32.83 30.48
C LEU S 33 0.20 -32.95 31.03
N PHE S 34 -0.78 -32.93 30.13
CA PHE S 34 -2.18 -32.91 30.50
C PHE S 34 -2.94 -34.03 29.82
N THR S 35 -3.87 -34.66 30.52
CA THR S 35 -4.57 -35.81 29.98
C THR S 35 -6.05 -35.48 29.84
N PHE S 36 -6.71 -36.12 28.89
CA PHE S 36 -8.14 -35.92 28.65
C PHE S 36 -8.70 -37.24 28.19
N GLY S 37 -9.98 -37.48 28.43
CA GLY S 37 -10.61 -38.68 27.88
C GLY S 37 -11.82 -39.20 28.60
N THR S 38 -12.44 -40.22 28.01
CA THR S 38 -13.53 -40.97 28.63
C THR S 38 -13.11 -42.43 28.67
N PRO S 39 -13.13 -43.05 29.86
CA PRO S 39 -12.66 -44.45 29.94
C PRO S 39 -13.40 -45.40 29.01
N GLY S 40 -12.66 -46.27 28.33
CA GLY S 40 -13.24 -47.25 27.42
C GLY S 40 -13.53 -46.69 26.04
N GLU S 41 -13.28 -45.40 25.85
CA GLU S 41 -13.52 -44.72 24.57
C GLU S 41 -12.30 -43.96 24.05
N ARG S 42 -11.63 -43.16 24.88
CA ARG S 42 -10.46 -42.43 24.38
C ARG S 42 -9.50 -41.90 25.45
N LEU S 43 -8.24 -41.82 25.08
CA LEU S 43 -7.24 -41.12 25.86
C LEU S 43 -6.54 -40.11 24.97
N LEU S 44 -6.42 -38.86 25.43
CA LEU S 44 -5.57 -37.88 24.72
C LEU S 44 -4.64 -37.19 25.68
N VAL S 45 -3.40 -37.02 25.27
CA VAL S 45 -2.43 -36.32 26.08
C VAL S 45 -1.92 -35.10 25.32
N VAL S 46 -1.81 -33.97 25.99
CA VAL S 46 -1.22 -32.79 25.42
C VAL S 46 -0.03 -32.36 26.24
N GLN S 47 1.09 -32.15 25.57
CA GLN S 47 2.26 -31.56 26.20
C GLN S 47 2.53 -30.19 25.65
N THR S 48 3.13 -29.34 26.48
CA THR S 48 3.32 -27.93 26.14
C THR S 48 4.74 -27.51 26.25
N ALA S 49 5.11 -26.54 25.44
CA ALA S 49 6.41 -25.90 25.52
C ALA S 49 6.28 -24.51 24.96
N GLY S 50 7.11 -23.58 25.42
CA GLY S 50 7.08 -22.21 24.91
C GLY S 50 6.44 -21.30 25.88
N ASN S 51 5.82 -20.24 25.38
CA ASN S 51 5.25 -19.21 26.25
C ASN S 51 4.18 -19.77 27.18
N LEU S 52 4.37 -19.53 28.47
CA LEU S 52 3.45 -20.00 29.50
C LEU S 52 2.04 -19.44 29.32
N ALA S 53 1.93 -18.12 29.20
CA ALA S 53 0.62 -17.49 29.08
C ALA S 53 -0.17 -18.06 27.94
N THR S 54 0.48 -18.26 26.82
CA THR S 54 -0.20 -18.76 25.65
C THR S 54 -0.61 -20.21 25.86
N SER S 55 0.33 -21.06 26.25
CA SER S 55 0.00 -22.45 26.41
C SER S 55 -1.05 -22.67 27.49
N GLN S 56 -0.98 -21.91 28.57
CA GLN S 56 -1.98 -22.03 29.61
C GLN S 56 -3.36 -21.68 29.06
N SER S 57 -3.45 -20.58 28.34
CA SER S 57 -4.72 -20.20 27.81
C SER S 57 -5.26 -21.32 26.93
N VAL S 58 -4.39 -21.92 26.12
CA VAL S 58 -4.85 -22.91 25.19
C VAL S 58 -5.43 -24.09 25.97
N ILE S 59 -4.69 -24.57 26.95
CA ILE S 59 -5.13 -25.70 27.76
C ILE S 59 -6.40 -25.39 28.54
N ASN S 60 -6.46 -24.19 29.09
CA ASN S 60 -7.63 -23.77 29.78
C ASN S 60 -8.87 -23.79 28.88
N LEU S 61 -8.75 -23.30 27.66
CA LEU S 61 -9.91 -23.23 26.79
C LEU S 61 -10.35 -24.66 26.43
N LEU S 62 -9.39 -25.54 26.18
CA LEU S 62 -9.70 -26.93 25.84
C LEU S 62 -10.45 -27.61 26.97
N GLN S 63 -10.10 -27.29 28.22
CA GLN S 63 -10.83 -27.80 29.38
C GLN S 63 -12.24 -27.21 29.50
N GLN S 64 -12.38 -25.88 29.46
CA GLN S 64 -13.71 -25.24 29.50
C GLN S 64 -14.65 -25.78 28.42
N ARG S 65 -14.13 -25.93 27.19
CA ARG S 65 -14.94 -26.39 26.05
C ARG S 65 -15.33 -27.87 26.03
N ILE S 66 -14.60 -28.69 26.80
CA ILE S 66 -14.94 -30.10 26.99
C ILE S 66 -16.36 -30.24 27.55
N ARG S 67 -16.66 -29.39 28.55
CA ARG S 67 -17.97 -29.25 29.15
C ARG S 67 -18.83 -28.21 28.36
N ARG S 68 -18.96 -28.40 27.04
CA ARG S 68 -19.77 -27.48 26.19
C ARG S 68 -20.11 -28.11 24.80
N ASP S 69 -21.34 -27.89 24.37
CA ASP S 69 -21.84 -28.39 23.10
C ASP S 69 -21.13 -27.76 21.93
N GLY S 70 -20.20 -28.48 21.33
CA GLY S 70 -19.48 -27.99 20.15
C GLY S 70 -18.22 -28.80 20.05
N ALA S 71 -17.38 -28.45 19.10
CA ALA S 71 -16.08 -29.10 18.97
C ALA S 71 -15.26 -29.11 20.27
N SER S 72 -14.78 -30.29 20.67
CA SER S 72 -13.99 -30.45 21.87
C SER S 72 -13.15 -31.69 21.79
N LEU S 73 -12.10 -31.78 22.61
CA LEU S 73 -11.26 -32.97 22.63
C LEU S 73 -11.98 -34.26 22.98
N LEU S 74 -13.22 -34.21 23.46
CA LEU S 74 -13.94 -35.43 23.74
C LEU S 74 -14.84 -35.97 22.62
N ASN S 75 -15.03 -35.23 21.52
CA ASN S 75 -16.04 -35.62 20.54
C ASN S 75 -15.39 -35.71 19.15
N VAL S 76 -14.31 -34.96 18.99
CA VAL S 76 -13.40 -35.06 17.87
C VAL S 76 -13.17 -36.52 17.45
N PRO S 77 -13.30 -36.81 16.16
CA PRO S 77 -13.32 -38.21 15.73
C PRO S 77 -11.99 -38.92 15.57
N SER S 78 -10.88 -38.21 15.56
CA SER S 78 -9.55 -38.82 15.41
C SER S 78 -8.44 -38.01 16.09
N VAL S 79 -7.31 -38.66 16.37
CA VAL S 79 -6.20 -37.98 17.03
C VAL S 79 -5.72 -36.85 16.16
N TYR S 80 -5.71 -37.08 14.85
CA TYR S 80 -5.44 -36.01 13.90
C TYR S 80 -6.30 -34.76 14.18
N ASP S 81 -7.62 -34.95 14.19
CA ASP S 81 -8.56 -33.83 14.39
C ASP S 81 -8.37 -33.18 15.77
N ALA S 82 -7.94 -33.96 16.76
CA ALA S 82 -7.63 -33.42 18.08
C ALA S 82 -6.49 -32.46 17.94
N THR S 83 -5.44 -32.91 17.25
CA THR S 83 -4.26 -32.08 17.03
C THR S 83 -4.68 -30.80 16.34
N ALA S 84 -5.51 -30.94 15.31
CA ALA S 84 -5.99 -29.78 14.54
C ALA S 84 -6.74 -28.81 15.43
N LEU S 85 -7.50 -29.36 16.38
CA LEU S 85 -8.30 -28.53 17.27
C LEU S 85 -7.41 -27.76 18.19
N VAL S 86 -6.37 -28.41 18.71
CA VAL S 86 -5.42 -27.72 19.56
C VAL S 86 -4.83 -26.56 18.79
N ALA S 87 -4.36 -26.83 17.56
CA ALA S 87 -3.77 -25.80 16.72
C ALA S 87 -4.75 -24.66 16.50
N GLU S 88 -5.96 -25.02 16.09
CA GLU S 88 -7.05 -24.06 15.89
C GLU S 88 -7.20 -23.15 17.12
N THR S 89 -7.16 -23.77 18.30
CA THR S 89 -7.32 -23.04 19.56
C THR S 89 -6.14 -22.10 19.79
N THR S 90 -4.94 -22.60 19.50
CA THR S 90 -3.74 -21.78 19.61
C THR S 90 -3.91 -20.50 18.78
N ARG S 91 -4.28 -20.63 17.51
CA ARG S 91 -4.48 -19.48 16.63
C ARG S 91 -5.37 -18.46 17.28
N GLU S 92 -6.46 -18.95 17.85
CA GLU S 92 -7.46 -18.11 18.46
C GLU S 92 -6.88 -17.31 19.61
N VAL S 93 -6.04 -17.94 20.41
CA VAL S 93 -5.39 -17.27 21.55
C VAL S 93 -4.38 -16.20 21.11
N ALA S 95 -4.41 -14.54 18.28
CA ALA S 95 -5.18 -13.44 17.70
C ALA S 95 -5.60 -12.42 18.76
N ARG S 96 -6.06 -12.90 19.90
CA ARG S 96 -6.61 -12.03 20.95
C ARG S 96 -5.53 -11.21 21.70
N ASP S 97 -4.43 -11.87 22.08
CA ASP S 97 -3.35 -11.26 22.89
C ASP S 97 -2.40 -10.34 22.09
N SER S 98 -2.27 -10.62 20.79
CA SER S 98 -1.56 -9.74 19.87
C SER S 98 -2.19 -8.32 19.86
N GLY S 99 -1.32 -7.32 19.81
CA GLY S 99 -1.71 -5.90 19.82
C GLY S 99 -0.45 -5.07 20.00
N ASN S 100 -0.60 -3.74 20.12
CA ASN S 100 0.56 -2.85 20.39
C ASN S 100 1.17 -3.12 21.77
N LEU S 101 0.32 -3.50 22.73
CA LEU S 101 0.71 -3.68 24.14
C LEU S 101 1.71 -4.84 24.34
N ALA S 102 1.47 -5.97 23.67
CA ALA S 102 2.46 -7.06 23.65
C ALA S 102 3.80 -6.57 23.07
N GLY S 103 3.75 -5.80 21.97
CA GLY S 103 4.96 -5.23 21.37
C GLY S 103 5.75 -6.30 20.64
N ASN S 104 7.04 -6.42 20.97
CA ASN S 104 7.93 -7.42 20.33
C ASN S 104 8.10 -8.70 21.13
N THR S 105 7.46 -8.78 22.29
CA THR S 105 7.51 -9.99 23.13
C THR S 105 6.99 -11.27 22.39
N ASP S 106 7.64 -12.40 22.61
CA ASP S 106 7.43 -13.61 21.79
C ASP S 106 6.42 -14.60 22.38
N LEU S 107 5.20 -14.57 21.85
CA LEU S 107 4.09 -15.32 22.44
C LEU S 107 3.92 -16.74 21.92
N SER S 108 4.89 -17.27 21.19
CA SER S 108 4.67 -18.54 20.48
C SER S 108 4.84 -19.71 21.41
N CYS S 109 4.15 -20.79 21.09
CA CYS S 109 4.42 -22.06 21.78
C CYS S 109 4.11 -23.24 20.90
N SER S 110 4.58 -24.38 21.36
CA SER S 110 4.46 -25.65 20.65
C SER S 110 3.86 -26.72 21.56
N PHE S 111 3.33 -27.77 20.94
CA PHE S 111 2.57 -28.77 21.64
C PHE S 111 2.86 -30.16 21.07
N VAL S 113 0.48 -33.71 20.81
CA VAL S 113 -0.85 -34.28 21.03
C VAL S 113 -0.78 -35.72 20.60
N GLY S 114 -1.05 -36.62 21.53
CA GLY S 114 -1.02 -38.04 21.23
C GLY S 114 -2.09 -38.77 22.00
N GLY S 115 -2.40 -39.98 21.56
CA GLY S 115 -3.37 -40.79 22.29
C GLY S 115 -4.04 -41.78 21.37
N GLN S 116 -5.21 -42.23 21.77
CA GLN S 116 -5.96 -43.22 21.01
C GLN S 116 -7.43 -43.03 21.21
N ILE S 117 -8.14 -43.08 20.09
CA ILE S 117 -9.58 -43.03 20.11
C ILE S 117 -10.09 -44.38 19.64
N ALA S 118 -11.14 -44.86 20.29
CA ALA S 118 -11.75 -46.16 19.97
C ALA S 118 -11.96 -46.35 18.48
N GLY S 119 -11.44 -47.46 17.97
CA GLY S 119 -11.65 -47.83 16.59
C GLY S 119 -10.55 -47.45 15.65
N GLY S 120 -9.47 -46.89 16.17
CA GLY S 120 -8.30 -46.62 15.33
C GLY S 120 -7.06 -46.72 16.17
N PRO S 121 -5.93 -46.90 15.51
CA PRO S 121 -4.69 -47.08 16.25
C PRO S 121 -4.30 -45.84 17.05
N PRO S 122 -3.39 -46.00 18.01
CA PRO S 122 -2.83 -44.83 18.67
C PRO S 122 -1.99 -43.97 17.67
N ALA S 123 -1.89 -42.67 17.95
CA ALA S 123 -1.14 -41.73 17.13
C ALA S 123 -0.50 -40.61 17.97
N LEU S 124 0.48 -39.93 17.38
CA LEU S 124 1.24 -38.89 18.07
C LEU S 124 1.64 -37.82 17.09
N TYR S 125 1.30 -36.58 17.39
CA TYR S 125 1.65 -35.45 16.54
C TYR S 125 2.42 -34.40 17.33
N SER S 126 3.16 -33.57 16.61
CA SER S 126 3.83 -32.42 17.20
C SER S 126 3.41 -31.18 16.42
N ILE S 127 2.99 -30.14 17.14
CA ILE S 127 2.58 -28.88 16.52
C ILE S 127 3.67 -27.86 16.70
N TYR S 128 4.04 -27.20 15.62
CA TYR S 128 5.13 -26.24 15.67
C TYR S 128 4.62 -24.88 16.07
N PRO S 129 5.55 -23.95 16.40
CA PRO S 129 5.16 -22.58 16.71
C PRO S 129 4.22 -21.93 15.72
N GLN S 130 4.37 -22.28 14.44
CA GLN S 130 3.59 -21.68 13.37
C GLN S 130 2.27 -22.40 13.08
N GLY S 131 1.97 -23.50 13.78
CA GLY S 131 0.60 -24.05 13.79
C GLY S 131 0.37 -25.24 12.87
N ASN S 132 1.41 -25.56 12.10
CA ASN S 132 1.40 -26.75 11.25
C ASN S 132 2.09 -27.89 11.98
N PHE S 133 1.71 -29.11 11.66
CA PHE S 133 2.12 -30.21 12.46
C PHE S 133 2.55 -31.45 11.71
N ILE S 134 3.31 -32.29 12.42
CA ILE S 134 3.74 -33.56 11.89
C ILE S 134 3.43 -34.71 12.79
N GLN S 135 3.43 -35.89 12.18
CA GLN S 135 3.02 -37.14 12.80
C GLN S 135 4.22 -38.05 12.95
N ALA S 136 4.34 -38.68 14.11
CA ALA S 136 5.41 -39.64 14.33
C ALA S 136 5.05 -40.92 13.62
N THR S 137 6.06 -41.60 13.08
CA THR S 137 5.90 -42.84 12.34
C THR S 137 6.88 -43.88 12.86
N PRO S 138 6.75 -45.13 12.40
CA PRO S 138 7.74 -46.13 12.76
C PRO S 138 9.20 -45.75 12.50
N ASP S 139 9.49 -45.08 11.37
CA ASP S 139 10.87 -44.67 11.05
C ASP S 139 11.33 -43.50 11.96
N THR S 140 10.38 -42.67 12.39
CA THR S 140 10.68 -41.55 13.29
C THR S 140 9.66 -41.59 14.45
N PRO S 141 9.92 -42.47 15.42
CA PRO S 141 8.96 -42.82 16.43
C PRO S 141 8.99 -41.97 17.67
N PHE S 142 9.94 -41.04 17.80
CA PHE S 142 9.87 -40.10 18.93
C PHE S 142 9.98 -38.66 18.48
N LEU S 143 9.39 -37.77 19.27
CA LEU S 143 9.37 -36.34 18.98
C LEU S 143 9.67 -35.56 20.26
N GLN S 144 10.34 -34.42 20.11
CA GLN S 144 10.75 -33.64 21.26
C GLN S 144 10.27 -32.20 21.18
N LEU S 145 10.10 -31.58 22.33
CA LEU S 145 9.86 -30.16 22.38
C LEU S 145 10.84 -29.56 23.36
N GLY S 146 11.07 -28.26 23.19
CA GLY S 146 11.85 -27.54 24.11
C GLY S 146 13.31 -27.74 23.86
N GLU S 147 14.05 -27.79 24.95
CA GLU S 147 15.48 -27.85 24.98
C GLU S 147 15.91 -29.33 24.87
N SER S 148 15.99 -29.81 23.64
CA SER S 148 16.03 -31.26 23.35
C SER S 148 17.31 -31.82 22.73
N LYS S 149 18.25 -30.96 22.34
CA LYS S 149 19.45 -31.47 21.71
C LYS S 149 20.30 -32.29 22.71
N TYR S 150 20.31 -31.89 23.97
CA TYR S 150 21.18 -32.51 24.97
C TYR S 150 20.87 -33.99 25.12
N GLY S 151 19.58 -34.33 25.09
CA GLY S 151 19.15 -35.69 25.34
C GLY S 151 18.73 -36.44 24.09
N LYS S 152 19.00 -35.89 22.93
CA LYS S 152 18.62 -36.54 21.69
C LYS S 152 19.48 -37.76 21.36
N PRO S 153 20.80 -37.66 21.53
CA PRO S 153 21.61 -38.77 21.12
C PRO S 153 21.20 -40.10 21.72
N ILE S 154 20.94 -40.14 23.03
CA ILE S 154 20.61 -41.43 23.62
C ILE S 154 19.34 -42.04 22.98
N LEU S 155 18.41 -41.19 22.57
CA LEU S 155 17.21 -41.67 21.94
C LEU S 155 17.53 -42.13 20.53
N ASP S 156 18.29 -41.33 19.79
CA ASP S 156 18.68 -41.71 18.45
C ASP S 156 19.34 -43.08 18.47
N ARG S 157 20.21 -43.30 19.43
CA ARG S 157 21.00 -44.54 19.48
C ARG S 157 20.18 -45.77 19.77
N ASN S 158 19.22 -45.67 20.67
CA ASN S 158 18.60 -46.86 21.23
C ASN S 158 17.16 -47.08 20.90
N LEU S 159 16.44 -46.02 20.65
CA LEU S 159 15.02 -46.13 20.49
C LEU S 159 14.61 -46.51 19.09
N THR S 160 13.65 -47.41 18.97
CA THR S 160 13.02 -47.75 17.70
C THR S 160 11.56 -48.05 17.93
N PHE S 161 10.80 -48.18 16.85
CA PHE S 161 9.37 -48.46 16.96
C PHE S 161 9.06 -49.69 17.82
N ASP S 162 9.93 -50.69 17.73
CA ASP S 162 9.76 -51.96 18.46
C ASP S 162 10.28 -51.97 19.91
N THR S 163 10.92 -50.90 20.36
CA THR S 163 11.35 -50.83 21.75
C THR S 163 10.12 -51.00 22.63
N PRO S 164 10.18 -51.91 23.63
CA PRO S 164 9.06 -52.01 24.58
C PRO S 164 8.91 -50.78 25.46
N LEU S 165 7.74 -50.61 26.04
CA LEU S 165 7.42 -49.38 26.78
C LEU S 165 8.33 -49.17 27.99
N GLU S 166 8.49 -50.19 28.84
CA GLU S 166 9.33 -50.06 30.06
C GLU S 166 10.73 -49.56 29.62
N GLN S 167 11.27 -50.04 28.51
CA GLN S 167 12.62 -49.64 28.10
C GLN S 167 12.67 -48.28 27.49
N ALA S 168 11.62 -47.92 26.78
CA ALA S 168 11.53 -46.60 26.22
C ALA S 168 11.48 -45.58 27.33
N LEU S 169 10.68 -45.86 28.35
CA LEU S 169 10.57 -44.95 29.48
C LEU S 169 11.92 -44.74 30.15
N ARG S 170 12.63 -45.84 30.33
CA ARG S 170 13.95 -45.81 30.92
C ARG S 170 14.87 -44.94 30.11
N CYS S 171 14.76 -45.11 28.81
CA CYS S 171 15.57 -44.36 27.88
C CYS S 171 15.29 -42.88 28.01
N ALA S 172 14.00 -42.54 28.04
CA ALA S 172 13.59 -41.17 28.26
C ALA S 172 14.21 -40.59 29.53
N LEU S 173 14.20 -41.36 30.61
CA LEU S 173 14.73 -40.86 31.86
C LEU S 173 16.21 -40.50 31.76
N VAL S 174 16.96 -41.31 31.03
CA VAL S 174 18.37 -41.02 30.87
C VAL S 174 18.53 -39.75 30.04
N SER S 175 17.66 -39.60 29.05
CA SER S 175 17.62 -38.38 28.28
C SER S 175 17.51 -37.16 29.23
N PHE S 176 16.61 -37.26 30.20
CA PHE S 176 16.38 -36.14 31.10
C PHE S 176 17.56 -35.92 32.03
N ASP S 177 18.17 -37.02 32.44
CA ASP S 177 19.34 -36.95 33.27
C ASP S 177 20.40 -36.03 32.63
N SER S 178 20.79 -36.34 31.41
CA SER S 178 21.82 -35.55 30.73
C SER S 178 21.40 -34.13 30.55
N THR S 179 20.13 -33.95 30.19
CA THR S 179 19.63 -32.63 29.90
C THR S 179 19.72 -31.77 31.18
N ILE S 180 19.21 -32.30 32.27
CA ILE S 180 19.19 -31.57 33.52
C ILE S 180 20.59 -31.17 33.96
N ARG S 181 21.57 -32.02 33.74
CA ARG S 181 22.93 -31.73 34.13
C ARG S 181 23.54 -30.62 33.32
N SER S 182 23.11 -30.46 32.09
CA SER S 182 23.81 -29.61 31.15
C SER S 182 23.08 -28.32 30.82
N ASN S 183 21.85 -28.18 31.31
CA ASN S 183 21.03 -27.00 31.01
C ASN S 183 20.05 -26.68 32.13
N LEU S 184 20.28 -25.56 32.80
CA LEU S 184 19.47 -25.17 33.96
C LEU S 184 18.02 -24.81 33.66
N SER S 185 17.69 -24.55 32.39
CA SER S 185 16.32 -24.17 32.07
C SER S 185 15.41 -25.38 32.17
N VAL S 186 16.00 -26.57 32.24
CA VAL S 186 15.28 -27.81 32.43
C VAL S 186 15.44 -28.33 33.85
N GLY S 187 14.36 -28.87 34.41
CA GLY S 187 14.34 -29.17 35.85
C GLY S 187 13.17 -29.97 36.37
N PRO S 189 10.25 -31.22 39.19
CA PRO S 189 9.79 -32.58 38.95
C PRO S 189 9.51 -32.87 37.49
N LEU S 190 9.52 -34.16 37.17
CA LEU S 190 9.10 -34.65 35.87
C LEU S 190 7.75 -35.32 35.98
N ASP S 191 7.05 -35.36 34.86
CA ASP S 191 5.73 -35.98 34.81
C ASP S 191 5.77 -37.00 33.69
N LEU S 192 5.40 -38.24 34.01
CA LEU S 192 5.42 -39.32 33.04
C LEU S 192 4.03 -39.88 32.85
N LEU S 193 3.81 -40.44 31.68
CA LEU S 193 2.61 -41.20 31.44
C LEU S 193 2.90 -42.28 30.41
N VAL S 194 2.51 -43.51 30.72
CA VAL S 194 2.63 -44.62 29.81
C VAL S 194 1.23 -45.10 29.44
N TYR S 195 0.97 -45.31 28.15
CA TYR S 195 -0.34 -45.78 27.71
C TYR S 195 -0.19 -47.03 26.89
N HIS S 196 -0.99 -48.06 27.20
CA HIS S 196 -0.90 -49.34 26.48
C HIS S 196 -1.85 -49.38 25.26
N ARG S 197 -1.32 -49.75 24.10
CA ARG S 197 -2.13 -49.81 22.88
C ARG S 197 -3.40 -50.59 23.11
N ASP S 198 -4.52 -50.02 22.70
CA ASP S 198 -5.86 -50.64 22.77
C ASP S 198 -6.43 -50.79 24.19
N SER S 199 -5.75 -50.31 25.22
CA SER S 199 -6.29 -50.37 26.56
C SER S 199 -7.48 -49.44 26.76
N LEU S 200 -7.45 -48.28 26.09
CA LEU S 200 -8.50 -47.25 26.21
C LEU S 200 -8.86 -46.87 27.63
N ILE S 201 -7.86 -46.86 28.51
CA ILE S 201 -8.03 -46.39 29.90
C ILE S 201 -7.20 -45.11 30.07
N LEU S 202 -7.51 -44.34 31.11
CA LEU S 202 -6.73 -43.11 31.42
C LEU S 202 -5.73 -43.40 32.51
N PRO S 203 -4.46 -43.64 32.16
CA PRO S 203 -3.48 -43.98 33.18
C PRO S 203 -3.28 -42.82 34.10
N GLU S 204 -2.94 -43.07 35.37
CA GLU S 204 -2.84 -41.97 36.31
C GLU S 204 -1.58 -41.19 36.08
N GLY S 205 -0.57 -41.84 35.51
CA GLY S 205 0.68 -41.15 35.25
C GLY S 205 1.43 -41.07 36.57
N TYR S 206 2.63 -40.52 36.55
CA TYR S 206 3.50 -40.55 37.72
C TYR S 206 4.45 -39.35 37.73
N ARG S 207 4.70 -38.81 38.90
CA ARG S 207 5.57 -37.67 39.02
C ARG S 207 6.88 -38.05 39.69
N VAL S 208 7.96 -37.70 39.03
CA VAL S 208 9.28 -37.97 39.55
C VAL S 208 9.85 -36.77 40.27
N THR S 209 9.99 -36.84 41.59
CA THR S 209 10.58 -35.73 42.32
C THR S 209 12.06 -35.91 42.54
N GLU S 210 12.69 -34.81 42.92
CA GLU S 210 14.03 -34.78 43.49
C GLU S 210 14.38 -36.03 44.32
N ASP S 211 13.44 -36.48 45.14
CA ASP S 211 13.69 -37.57 46.09
C ASP S 211 13.54 -38.97 45.52
N ASP S 212 13.06 -39.10 44.29
CA ASP S 212 12.63 -40.41 43.79
C ASP S 212 13.76 -41.43 43.94
N ALA S 213 13.47 -42.54 44.60
CA ALA S 213 14.48 -43.57 44.82
C ALA S 213 14.99 -44.16 43.52
N TYR S 214 14.08 -44.55 42.65
CA TYR S 214 14.46 -45.20 41.40
C TYR S 214 15.27 -44.28 40.51
N PHE S 215 14.77 -43.06 40.28
CA PHE S 215 15.47 -42.13 39.41
C PHE S 215 16.82 -41.74 39.97
N SER S 216 16.91 -41.54 41.28
CA SER S 216 18.21 -41.27 41.89
C SER S 216 19.19 -42.38 41.62
N ALA S 217 18.70 -43.62 41.71
CA ALA S 217 19.54 -44.81 41.56
C ALA S 217 20.06 -44.95 40.14
N ILE S 218 19.20 -44.83 39.15
CA ILE S 218 19.68 -45.04 37.81
C ILE S 218 20.63 -43.91 37.39
N ARG S 219 20.46 -42.72 37.95
CA ARG S 219 21.41 -41.64 37.68
C ARG S 219 22.79 -41.96 38.24
N ARG S 220 22.84 -42.44 39.49
CA ARG S 220 24.08 -42.84 40.13
C ARG S 220 24.77 -43.98 39.38
N GLN S 221 23.98 -44.95 38.92
CA GLN S 221 24.50 -46.08 38.14
C GLN S 221 25.04 -45.62 36.78
N TRP S 222 24.23 -44.84 36.07
CA TRP S 222 24.61 -44.33 34.76
C TRP S 222 25.91 -43.54 34.86
N SER S 223 26.10 -42.75 35.91
CA SER S 223 27.36 -42.00 36.09
C SER S 223 28.53 -42.91 36.24
N ALA S 224 28.40 -43.85 37.16
CA ALA S 224 29.44 -44.82 37.42
C ALA S 224 29.79 -45.57 36.14
N GLY S 225 28.78 -45.96 35.38
CA GLY S 225 28.99 -46.71 34.18
C GLY S 225 29.83 -45.93 33.21
N LEU S 226 29.38 -44.71 32.90
CA LEU S 226 30.08 -43.83 31.96
C LEU S 226 31.53 -43.58 32.39
N HIS S 227 31.73 -43.35 33.68
CA HIS S 227 33.05 -43.06 34.17
C HIS S 227 33.96 -44.29 33.95
N ASP S 228 33.43 -45.48 34.22
CA ASP S 228 34.14 -46.76 34.01
C ASP S 228 34.58 -46.94 32.58
N LEU S 230 34.88 -44.96 30.23
CA LEU S 230 35.81 -43.95 29.79
C LEU S 230 37.24 -44.27 30.19
N GLU S 231 37.43 -44.78 31.40
CA GLU S 231 38.77 -45.11 31.86
C GLU S 231 39.31 -46.37 31.23
N ARG S 232 38.40 -47.26 30.84
CA ARG S 232 38.77 -48.53 30.22
C ARG S 232 38.82 -48.52 28.68
N LEU S 233 38.51 -47.38 28.07
CA LEU S 233 38.84 -47.14 26.65
C LEU S 233 40.33 -47.06 26.44
N PRO S 234 40.81 -47.50 25.27
CA PRO S 234 42.24 -47.44 25.00
C PRO S 234 42.80 -46.04 24.79
N SER S 235 44.10 -45.92 24.88
CA SER S 235 44.80 -44.68 24.61
C SER S 235 44.96 -44.45 23.10
N PRO S 236 44.93 -43.18 22.66
CA PRO S 236 45.22 -42.85 21.27
C PRO S 236 46.63 -43.28 20.89
N PRO S 237 46.82 -43.82 19.67
CA PRO S 237 48.17 -44.22 19.22
C PRO S 237 49.21 -43.10 19.21
N SER S 238 50.46 -43.43 18.87
CA SER S 238 51.51 -42.43 18.72
C SER S 238 51.05 -41.30 17.81
N ALA S 239 50.66 -41.70 16.60
CA ALA S 239 50.18 -40.79 15.55
C ALA S 239 49.45 -39.52 16.06
N TYR S 240 48.55 -39.64 17.02
CA TYR S 240 47.69 -38.50 17.41
C TYR S 240 48.34 -37.25 18.09
N ASN S 241 49.69 -37.15 18.22
CA ASN S 241 50.30 -36.01 19.03
C ASN S 241 51.24 -34.99 18.37
N THR T 1 29.38 -28.07 11.69
CA THR T 1 30.28 -27.13 12.42
C THR T 1 30.13 -27.33 13.90
N TYR T 2 31.14 -27.89 14.53
CA TYR T 2 31.18 -28.03 15.96
C TYR T 2 32.63 -27.97 16.37
N CYS T 3 32.96 -27.07 17.29
CA CYS T 3 34.34 -26.95 17.75
C CYS T 3 34.35 -26.95 19.27
N VAL T 4 35.42 -27.52 19.84
CA VAL T 4 35.64 -27.53 21.27
C VAL T 4 37.07 -27.16 21.51
N ALA T 5 37.29 -26.47 22.62
CA ALA T 5 38.63 -26.21 23.09
C ALA T 5 38.62 -26.30 24.59
N HIS T 7 41.12 -25.74 28.20
CA HIS T 7 42.30 -25.22 28.83
C HIS T 7 42.39 -25.87 30.18
N LEU T 8 43.41 -26.73 30.28
CA LEU T 8 43.59 -27.59 31.42
C LEU T 8 44.95 -27.35 32.08
N ALA T 9 45.12 -27.96 33.25
CA ALA T 9 46.33 -27.80 34.03
C ALA T 9 47.56 -28.10 33.18
N ASP T 10 47.52 -29.18 32.39
CA ASP T 10 48.71 -29.60 31.59
C ASP T 10 48.82 -28.96 30.20
N GLY T 11 47.83 -28.20 29.77
CA GLY T 11 47.93 -27.52 28.48
C GLY T 11 46.59 -27.28 27.82
N LEU T 12 46.58 -27.35 26.50
CA LEU T 12 45.38 -27.07 25.73
C LEU T 12 45.06 -28.24 24.82
N VAL T 13 43.76 -28.44 24.56
CA VAL T 13 43.32 -29.41 23.58
C VAL T 13 42.29 -28.74 22.69
N PHE T 14 42.43 -28.87 21.38
CA PHE T 14 41.50 -28.30 20.40
C PHE T 14 40.96 -29.36 19.48
N ALA T 15 39.67 -29.27 19.13
CA ALA T 15 39.08 -30.23 18.16
C ALA T 15 37.96 -29.61 17.40
N SER T 16 37.97 -29.78 16.09
CA SER T 16 36.96 -29.20 15.23
C SER T 16 36.49 -30.22 14.21
N ASP T 17 35.24 -30.13 13.78
CA ASP T 17 34.79 -30.87 12.59
C ASP T 17 35.20 -30.08 11.33
N SER T 18 34.63 -30.46 10.19
CA SER T 18 34.96 -29.82 8.93
C SER T 18 33.77 -29.57 8.00
N ARG T 19 32.60 -30.06 8.36
CA ARG T 19 31.45 -29.97 7.49
C ARG T 19 30.95 -28.56 7.55
N THR T 20 30.67 -28.01 6.38
CA THR T 20 30.47 -26.57 6.27
C THR T 20 29.37 -26.29 5.28
N ASN T 21 28.47 -25.40 5.67
CA ASN T 21 27.45 -24.94 4.80
C ASN T 21 28.04 -23.83 3.95
N ALA T 22 28.27 -24.12 2.68
CA ALA T 22 28.88 -23.17 1.80
C ALA T 22 27.90 -22.62 0.77
N GLY T 23 26.61 -22.54 1.10
CA GLY T 23 25.63 -22.16 0.09
C GLY T 23 24.56 -23.22 0.02
N ILE T 24 23.57 -22.99 -0.82
CA ILE T 24 22.45 -23.94 -0.94
C ILE T 24 22.93 -25.10 -1.81
N ASP T 25 22.61 -26.31 -1.36
CA ASP T 25 23.00 -27.52 -2.05
C ASP T 25 24.51 -27.59 -2.26
N HIS T 26 25.27 -26.94 -1.39
CA HIS T 26 26.70 -27.01 -1.47
C HIS T 26 27.22 -27.13 -0.06
N ILE T 27 27.21 -28.35 0.45
CA ILE T 27 27.83 -28.65 1.74
C ILE T 27 29.19 -29.28 1.50
N ALA T 28 30.19 -28.85 2.25
CA ALA T 28 31.55 -29.15 1.87
C ALA T 28 32.47 -29.22 3.03
N THR T 29 33.67 -29.70 2.77
CA THR T 29 34.70 -29.81 3.80
C THR T 29 35.61 -28.59 3.82
N PHE T 30 35.74 -27.95 4.97
CA PHE T 30 36.70 -26.87 5.17
C PHE T 30 37.33 -27.00 6.56
N ARG T 31 38.64 -26.85 6.62
CA ARG T 31 39.36 -26.89 7.90
C ARG T 31 38.86 -25.75 8.79
N LYS T 32 38.66 -26.03 10.07
CA LYS T 32 38.18 -25.01 11.00
C LYS T 32 39.13 -24.83 12.18
N LEU T 33 40.38 -25.20 12.00
CA LEU T 33 41.37 -25.14 13.06
C LEU T 33 42.66 -24.74 12.39
N PHE T 34 43.19 -23.57 12.78
CA PHE T 34 44.38 -23.01 12.16
C PHE T 34 45.42 -22.70 13.22
N THR T 35 46.70 -22.95 12.90
CA THR T 35 47.78 -22.74 13.87
C THR T 35 48.74 -21.67 13.39
N PHE T 36 49.38 -20.99 14.32
CA PHE T 36 50.30 -19.91 14.01
C PHE T 36 51.36 -19.94 15.07
N GLY T 37 52.55 -19.47 14.75
CA GLY T 37 53.58 -19.32 15.78
C GLY T 37 55.01 -19.36 15.31
N THR T 38 55.92 -19.11 16.25
CA THR T 38 57.34 -19.26 16.04
C THR T 38 57.86 -20.24 17.09
N PRO T 39 58.55 -21.34 16.67
CA PRO T 39 58.98 -22.35 17.64
C PRO T 39 59.88 -21.78 18.75
N GLY T 40 59.63 -22.19 19.98
CA GLY T 40 60.38 -21.73 21.14
C GLY T 40 59.92 -20.39 21.69
N GLU T 41 58.96 -19.76 21.00
CA GLU T 41 58.44 -18.44 21.41
C GLU T 41 56.89 -18.43 21.57
N ARG T 42 56.14 -18.95 20.60
CA ARG T 42 54.68 -18.92 20.74
C ARG T 42 53.91 -19.90 19.87
N LEU T 43 52.77 -20.35 20.39
CA LEU T 43 51.79 -21.11 19.63
C LEU T 43 50.44 -20.45 19.78
N LEU T 44 49.75 -20.23 18.66
CA LEU T 44 48.38 -19.74 18.74
C LEU T 44 47.51 -20.57 17.82
N VAL T 45 46.33 -20.93 18.29
CA VAL T 45 45.38 -21.66 17.50
C VAL T 45 44.12 -20.83 17.36
N VAL T 46 43.55 -20.78 16.15
CA VAL T 46 42.26 -20.17 15.92
C VAL T 46 41.28 -21.17 15.34
N GLN T 47 40.11 -21.27 15.96
CA GLN T 47 39.04 -22.11 15.42
C GLN T 47 37.92 -21.24 14.97
N THR T 48 37.17 -21.73 13.97
CA THR T 48 36.13 -20.91 13.34
C THR T 48 34.81 -21.59 13.30
N ALA T 49 33.75 -20.80 13.35
CA ALA T 49 32.39 -21.28 13.22
C ALA T 49 31.53 -20.16 12.69
N GLY T 50 30.48 -20.48 11.97
CA GLY T 50 29.63 -19.45 11.40
C GLY T 50 29.86 -19.27 9.91
N ASN T 51 29.60 -18.08 9.41
CA ASN T 51 29.67 -17.83 7.99
C ASN T 51 31.05 -18.10 7.42
N LEU T 52 31.08 -18.94 6.40
CA LEU T 52 32.33 -19.31 5.77
C LEU T 52 33.06 -18.10 5.16
N ALA T 53 32.37 -17.31 4.34
CA ALA T 53 33.01 -16.16 3.68
C ALA T 53 33.70 -15.24 4.69
N THR T 54 33.01 -14.99 5.79
CA THR T 54 33.53 -14.07 6.78
C THR T 54 34.69 -14.67 7.47
N SER T 55 34.55 -15.89 7.97
CA SER T 55 35.67 -16.51 8.70
C SER T 55 36.88 -16.71 7.80
N GLN T 56 36.66 -17.06 6.54
CA GLN T 56 37.79 -17.21 5.63
C GLN T 56 38.52 -15.91 5.47
N SER T 57 37.77 -14.84 5.27
CA SER T 57 38.40 -13.54 5.07
C SER T 57 39.20 -13.14 6.29
N VAL T 58 38.67 -13.43 7.47
CA VAL T 58 39.39 -13.11 8.68
C VAL T 58 40.72 -13.86 8.74
N ILE T 59 40.66 -15.16 8.54
CA ILE T 59 41.85 -15.98 8.61
C ILE T 59 42.87 -15.56 7.56
N ASN T 60 42.38 -15.30 6.36
CA ASN T 60 43.23 -14.91 5.27
C ASN T 60 43.97 -13.63 5.58
N LEU T 61 43.30 -12.65 6.18
CA LEU T 61 43.95 -11.39 6.50
C LEU T 61 44.98 -11.57 7.60
N LEU T 62 44.66 -12.37 8.59
CA LEU T 62 45.61 -12.67 9.63
C LEU T 62 46.88 -13.28 9.05
N GLN T 63 46.74 -14.17 8.07
CA GLN T 63 47.91 -14.79 7.44
C GLN T 63 48.72 -13.78 6.65
N GLN T 64 48.07 -13.02 5.78
CA GLN T 64 48.77 -12.00 4.99
C GLN T 64 49.54 -11.04 5.90
N ARG T 65 48.91 -10.61 6.98
CA ARG T 65 49.50 -9.61 7.87
C ARG T 65 50.64 -10.10 8.74
N ILE T 66 50.74 -11.41 8.90
CA ILE T 66 51.85 -12.02 9.65
C ILE T 66 53.17 -11.64 9.01
N ARG T 67 53.18 -11.69 7.68
CA ARG T 67 54.29 -11.28 6.84
C ARG T 67 54.21 -9.76 6.53
N ARG T 68 54.12 -8.92 7.56
CA ARG T 68 54.02 -7.47 7.39
C ARG T 68 54.32 -6.70 8.70
N ASP T 69 55.10 -5.62 8.58
CA ASP T 69 55.55 -4.80 9.74
C ASP T 69 54.36 -4.04 10.34
N GLY T 70 53.80 -4.55 11.43
CA GLY T 70 52.63 -3.93 12.07
C GLY T 70 51.96 -5.00 12.91
N ALA T 71 50.82 -4.68 13.53
CA ALA T 71 50.12 -5.64 14.37
C ALA T 71 49.82 -6.97 13.67
N SER T 72 50.22 -8.07 14.29
CA SER T 72 50.00 -9.39 13.74
C SER T 72 50.02 -10.45 14.83
N LEU T 73 49.44 -11.61 14.56
CA LEU T 73 49.48 -12.71 15.53
C LEU T 73 50.87 -13.16 15.96
N LEU T 74 51.93 -12.72 15.29
CA LEU T 74 53.28 -13.10 15.72
C LEU T 74 53.99 -12.13 16.66
N ASN T 75 53.44 -10.93 16.90
CA ASN T 75 54.20 -9.90 17.61
C ASN T 75 53.38 -9.40 18.82
N VAL T 76 52.08 -9.52 18.69
CA VAL T 76 51.13 -9.35 19.77
C VAL T 76 51.67 -9.91 21.09
N PRO T 77 51.63 -9.11 22.18
CA PRO T 77 52.32 -9.50 23.41
C PRO T 77 51.63 -10.55 24.32
N SER T 78 50.36 -10.86 24.10
CA SER T 78 49.64 -11.81 24.97
C SER T 78 48.52 -12.51 24.20
N VAL T 79 48.08 -13.65 24.72
CA VAL T 79 46.96 -14.38 24.09
C VAL T 79 45.70 -13.51 24.09
N TYR T 80 45.50 -12.76 25.17
CA TYR T 80 44.44 -11.76 25.20
C TYR T 80 44.49 -10.86 23.96
N ASP T 81 45.63 -10.21 23.73
CA ASP T 81 45.77 -9.26 22.63
C ASP T 81 45.63 -9.93 21.27
N ALA T 82 45.99 -11.20 21.19
CA ALA T 82 45.75 -11.98 19.99
C ALA T 82 44.26 -12.09 19.73
N THR T 83 43.52 -12.45 20.78
CA THR T 83 42.08 -12.57 20.69
C THR T 83 41.48 -11.25 20.24
N ALA T 84 41.95 -10.17 20.84
CA ALA T 84 41.47 -8.84 20.50
C ALA T 84 41.74 -8.52 19.05
N LEU T 85 42.89 -8.97 18.56
CA LEU T 85 43.27 -8.70 17.19
C LEU T 85 42.35 -9.43 16.25
N VAL T 86 42.05 -10.68 16.57
CA VAL T 86 41.14 -11.44 15.72
C VAL T 86 39.82 -10.70 15.65
N ALA T 87 39.30 -10.30 16.82
CA ALA T 87 38.03 -9.58 16.89
C ALA T 87 38.07 -8.29 16.07
N GLU T 88 39.11 -7.50 16.30
CA GLU T 88 39.39 -6.31 15.52
C GLU T 88 39.29 -6.62 14.01
N THR T 89 39.92 -7.70 13.59
CA THR T 89 39.95 -8.07 12.18
C THR T 89 38.55 -8.42 11.70
N THR T 90 37.81 -9.14 12.53
CA THR T 90 36.45 -9.51 12.19
C THR T 90 35.63 -8.27 11.90
N ARG T 91 35.67 -7.29 12.81
CA ARG T 91 34.95 -6.01 12.62
C ARG T 91 35.25 -5.39 11.27
N GLU T 92 36.52 -5.40 10.92
CA GLU T 92 36.96 -4.85 9.66
C GLU T 92 36.31 -5.55 8.46
N VAL T 93 36.21 -6.87 8.53
CA VAL T 93 35.65 -7.65 7.42
C VAL T 93 34.14 -7.41 7.30
N ALA T 95 32.48 -4.71 8.21
CA ALA T 95 32.30 -3.35 7.71
C ALA T 95 32.31 -3.31 6.18
N ARG T 96 33.25 -4.03 5.56
CA ARG T 96 33.43 -3.98 4.10
C ARG T 96 32.31 -4.70 3.30
N ASP T 97 31.92 -5.90 3.75
CA ASP T 97 30.94 -6.77 3.03
C ASP T 97 29.48 -6.34 3.24
N SER T 98 29.22 -5.70 4.37
CA SER T 98 27.92 -5.08 4.62
C SER T 98 27.60 -4.01 3.54
N GLY T 99 26.32 -3.98 3.14
CA GLY T 99 25.82 -3.06 2.10
C GLY T 99 24.41 -3.49 1.75
N ASN T 100 23.78 -2.83 0.76
CA ASN T 100 22.44 -3.24 0.28
C ASN T 100 22.45 -4.62 -0.37
N LEU T 101 23.58 -4.95 -1.02
CA LEU T 101 23.73 -6.17 -1.81
C LEU T 101 23.67 -7.44 -0.94
N ALA T 102 24.33 -7.43 0.21
CA ALA T 102 24.19 -8.53 1.16
C ALA T 102 22.72 -8.68 1.60
N GLY T 103 22.05 -7.56 1.86
CA GLY T 103 20.64 -7.57 2.24
C GLY T 103 20.44 -8.09 3.66
N ASN T 104 19.60 -9.10 3.82
CA ASN T 104 19.31 -9.69 5.16
C ASN T 104 20.11 -10.95 5.46
N THR T 105 20.94 -11.39 4.52
CA THR T 105 21.80 -12.56 4.73
C THR T 105 22.74 -12.39 5.96
N ASP T 106 22.96 -13.48 6.71
CA ASP T 106 23.61 -13.42 8.02
C ASP T 106 25.13 -13.72 7.99
N LEU T 107 25.94 -12.65 8.05
CA LEU T 107 27.39 -12.75 7.85
C LEU T 107 28.19 -13.00 9.10
N SER T 108 27.55 -13.34 10.21
CA SER T 108 28.26 -13.37 11.48
C SER T 108 29.02 -14.66 11.65
N CYS T 109 30.11 -14.59 12.43
CA CYS T 109 30.81 -15.80 12.84
C CYS T 109 31.52 -15.61 14.15
N SER T 110 31.95 -16.74 14.69
CA SER T 110 32.54 -16.81 15.99
C SER T 110 33.85 -17.56 15.91
N PHE T 111 34.68 -17.37 16.90
CA PHE T 111 36.02 -17.91 16.90
C PHE T 111 36.45 -18.37 18.29
N VAL T 113 40.25 -18.56 20.24
CA VAL T 113 41.67 -18.23 20.13
C VAL T 113 42.34 -18.71 21.39
N GLY T 114 43.31 -19.59 21.25
CA GLY T 114 44.00 -20.11 22.41
C GLY T 114 45.45 -20.38 22.09
N GLY T 115 46.25 -20.53 23.14
CA GLY T 115 47.66 -20.84 22.94
C GLY T 115 48.52 -20.33 24.08
N GLN T 116 49.80 -20.13 23.80
CA GLN T 116 50.74 -19.68 24.78
C GLN T 116 51.83 -18.86 24.15
N ILE T 117 52.13 -17.74 24.78
CA ILE T 117 53.24 -16.91 24.39
C ILE T 117 54.29 -16.95 25.50
N ALA T 118 55.56 -17.01 25.09
CA ALA T 118 56.69 -17.11 26.04
C ALA T 118 56.55 -16.13 27.16
N GLY T 119 56.66 -16.61 28.39
CA GLY T 119 56.67 -15.75 29.57
C GLY T 119 55.33 -15.57 30.26
N GLY T 120 54.31 -16.24 29.76
CA GLY T 120 53.04 -16.23 30.45
C GLY T 120 52.35 -17.55 30.26
N PRO T 121 51.42 -17.87 31.15
CA PRO T 121 50.73 -19.15 31.03
C PRO T 121 49.94 -19.30 29.70
N PRO T 122 49.55 -20.54 29.35
CA PRO T 122 48.61 -20.72 28.27
C PRO T 122 47.22 -20.15 28.61
N ALA T 123 46.46 -19.78 27.58
CA ALA T 123 45.12 -19.22 27.74
C ALA T 123 44.20 -19.59 26.59
N LEU T 124 42.90 -19.43 26.80
CA LEU T 124 41.89 -19.79 25.80
C LEU T 124 40.71 -18.86 25.86
N TYR T 125 40.38 -18.25 24.74
CA TYR T 125 39.24 -17.32 24.68
C TYR T 125 38.23 -17.77 23.63
N SER T 126 36.99 -17.31 23.77
CA SER T 126 35.97 -17.51 22.75
C SER T 126 35.41 -16.15 22.39
N ILE T 127 35.34 -15.85 21.09
CA ILE T 127 34.79 -14.61 20.59
C ILE T 127 33.38 -14.86 20.08
N TYR T 128 32.45 -14.01 20.47
CA TYR T 128 31.07 -14.17 20.10
C TYR T 128 30.79 -13.48 18.77
N PRO T 129 29.62 -13.79 18.16
CA PRO T 129 29.25 -13.13 16.94
C PRO T 129 29.44 -11.63 17.00
N GLN T 130 29.19 -11.03 18.16
CA GLN T 130 29.13 -9.58 18.28
C GLN T 130 30.49 -8.99 18.57
N GLY T 131 31.51 -9.82 18.73
CA GLY T 131 32.90 -9.32 18.82
C GLY T 131 33.52 -9.16 20.21
N ASN T 132 32.71 -9.40 21.23
CA ASN T 132 33.16 -9.39 22.61
C ASN T 132 33.51 -10.84 22.97
N PHE T 133 34.41 -11.02 23.92
CA PHE T 133 34.88 -12.34 24.22
C PHE T 133 35.02 -12.68 25.67
N ILE T 134 35.08 -13.98 25.91
CA ILE T 134 35.34 -14.49 27.23
C ILE T 134 36.51 -15.43 27.29
N GLN T 135 37.02 -15.60 28.50
CA GLN T 135 38.18 -16.44 28.78
C GLN T 135 37.79 -17.66 29.58
N ALA T 136 38.32 -18.81 29.21
CA ALA T 136 38.07 -20.05 29.96
C ALA T 136 38.88 -20.01 31.22
N THR T 137 38.33 -20.57 32.29
CA THR T 137 38.98 -20.58 33.60
C THR T 137 38.94 -21.98 34.19
N PRO T 138 39.64 -22.19 35.31
CA PRO T 138 39.52 -23.49 35.97
C PRO T 138 38.10 -23.98 36.26
N ASP T 139 37.20 -23.07 36.66
CA ASP T 139 35.79 -23.44 36.95
C ASP T 139 35.01 -23.73 35.66
N THR T 140 35.39 -23.08 34.58
CA THR T 140 34.77 -23.31 33.26
C THR T 140 35.88 -23.51 32.22
N PRO T 141 36.42 -24.74 32.19
CA PRO T 141 37.65 -24.99 31.46
C PRO T 141 37.48 -25.39 30.02
N PHE T 142 36.26 -25.57 29.55
CA PHE T 142 36.06 -25.82 28.13
C PHE T 142 35.04 -24.88 27.51
N LEU T 143 35.21 -24.63 26.23
CA LEU T 143 34.33 -23.74 25.47
C LEU T 143 33.98 -24.39 24.11
N GLN T 144 32.77 -24.13 23.61
CA GLN T 144 32.29 -24.75 22.39
C GLN T 144 31.80 -23.74 21.40
N LEU T 145 31.86 -24.10 20.13
CA LEU T 145 31.28 -23.29 19.10
C LEU T 145 30.44 -24.17 18.28
N GLY T 146 29.53 -23.57 17.58
CA GLY T 146 28.73 -24.30 16.62
C GLY T 146 27.66 -25.08 17.33
N GLU T 147 27.41 -26.25 16.78
CA GLU T 147 26.31 -27.09 17.14
C GLU T 147 26.78 -27.99 18.28
N SER T 148 26.66 -27.45 19.48
CA SER T 148 27.37 -27.99 20.64
C SER T 148 26.53 -28.62 21.75
N LYS T 149 25.21 -28.49 21.71
CA LYS T 149 24.38 -29.01 22.81
C LYS T 149 24.46 -30.54 22.86
N TYR T 150 24.58 -31.18 21.70
CA TYR T 150 24.50 -32.63 21.64
C TYR T 150 25.63 -33.26 22.43
N GLY T 151 26.80 -32.67 22.34
CA GLY T 151 28.00 -33.24 22.96
C GLY T 151 28.44 -32.53 24.22
N LYS T 152 27.59 -31.65 24.73
CA LYS T 152 27.93 -30.95 25.96
C LYS T 152 27.87 -31.84 27.20
N PRO T 153 26.86 -32.72 27.31
CA PRO T 153 26.73 -33.43 28.58
C PRO T 153 27.94 -34.24 28.95
N ILE T 154 28.51 -34.96 28.01
CA ILE T 154 29.65 -35.77 28.36
C ILE T 154 30.81 -34.90 28.89
N LEU T 155 30.93 -33.67 28.39
CA LEU T 155 32.00 -32.80 28.85
C LEU T 155 31.66 -32.27 30.23
N ASP T 156 30.41 -31.86 30.41
CA ASP T 156 29.97 -31.37 31.72
C ASP T 156 30.21 -32.44 32.78
N ARG T 157 29.90 -33.68 32.47
CA ARG T 157 30.03 -34.78 33.44
C ARG T 157 31.45 -35.10 33.85
N ASN T 158 32.39 -35.10 32.93
CA ASN T 158 33.70 -35.71 33.15
C ASN T 158 34.85 -34.75 33.15
N LEU T 159 34.74 -33.66 32.43
CA LEU T 159 35.88 -32.78 32.27
C LEU T 159 36.04 -31.80 33.43
N THR T 160 37.27 -31.60 33.88
CA THR T 160 37.62 -30.57 34.86
C THR T 160 39.01 -30.03 34.53
N PHE T 161 39.39 -28.95 35.19
CA PHE T 161 40.69 -28.34 34.94
C PHE T 161 41.85 -29.33 35.06
N ASP T 162 41.72 -30.25 36.01
CA ASP T 162 42.77 -31.25 36.28
C ASP T 162 42.75 -32.51 35.40
N THR T 163 41.74 -32.66 34.53
CA THR T 163 41.73 -33.78 33.61
C THR T 163 43.01 -33.75 32.77
N PRO T 164 43.73 -34.87 32.68
CA PRO T 164 44.92 -34.91 31.81
C PRO T 164 44.58 -34.79 30.34
N LEU T 165 45.55 -34.41 29.52
CA LEU T 165 45.28 -34.14 28.12
C LEU T 165 44.75 -35.36 27.36
N GLU T 166 45.43 -36.50 27.46
CA GLU T 166 45.03 -37.71 26.74
C GLU T 166 43.54 -38.00 27.06
N GLN T 167 43.11 -37.82 28.30
CA GLN T 167 41.71 -38.12 28.67
C GLN T 167 40.74 -37.08 28.22
N ALA T 168 41.17 -35.82 28.22
CA ALA T 168 40.35 -34.76 27.70
C ALA T 168 40.09 -34.99 26.21
N LEU T 169 41.14 -35.35 25.48
CA LEU T 169 41.01 -35.56 24.05
C LEU T 169 40.02 -36.66 23.78
N ARG T 170 40.13 -37.73 24.53
CA ARG T 170 39.25 -38.87 24.43
C ARG T 170 37.82 -38.44 24.66
N CYS T 171 37.67 -37.61 25.66
CA CYS T 171 36.38 -37.08 26.02
C CYS T 171 35.78 -36.27 24.87
N ALA T 172 36.59 -35.39 24.29
CA ALA T 172 36.20 -34.63 23.11
C ALA T 172 35.73 -35.53 21.99
N LEU T 173 36.46 -36.62 21.73
CA LEU T 173 36.08 -37.50 20.67
C LEU T 173 34.70 -38.13 20.88
N VAL T 174 34.38 -38.50 22.12
CA VAL T 174 33.07 -39.05 22.39
C VAL T 174 32.01 -37.96 22.17
N SER T 175 32.34 -36.73 22.55
CA SER T 175 31.47 -35.60 22.27
C SER T 175 31.13 -35.55 20.78
N PHE T 176 32.14 -35.70 19.92
CA PHE T 176 31.91 -35.66 18.48
C PHE T 176 31.11 -36.85 17.99
N ASP T 177 31.34 -38.00 18.60
CA ASP T 177 30.62 -39.21 18.27
C ASP T 177 29.11 -38.95 18.38
N SER T 178 28.67 -38.52 19.55
CA SER T 178 27.25 -38.29 19.75
C SER T 178 26.70 -37.22 18.82
N THR T 179 27.49 -36.18 18.64
CA THR T 179 27.06 -35.07 17.83
C THR T 179 26.83 -35.55 16.39
N ILE T 180 27.82 -36.24 15.85
CA ILE T 180 27.74 -36.69 14.47
C ILE T 180 26.55 -37.59 14.24
N ARG T 181 26.20 -38.41 15.21
CA ARG T 181 25.07 -39.32 15.07
C ARG T 181 23.75 -38.61 15.07
N SER T 182 23.67 -37.48 15.75
CA SER T 182 22.40 -36.84 15.99
C SER T 182 22.17 -35.55 15.21
N ASN T 183 23.18 -35.07 14.48
CA ASN T 183 23.06 -33.85 13.69
C ASN T 183 23.93 -33.91 12.43
N LEU T 184 23.28 -33.92 11.27
CA LEU T 184 23.99 -34.02 10.00
C LEU T 184 24.83 -32.82 9.61
N SER T 185 24.64 -31.68 10.26
CA SER T 185 25.38 -30.50 9.88
C SER T 185 26.81 -30.65 10.36
N VAL T 186 27.04 -31.61 11.25
CA VAL T 186 28.38 -31.88 11.78
C VAL T 186 28.92 -33.15 11.15
N GLY T 187 30.21 -33.16 10.84
CA GLY T 187 30.75 -34.24 10.02
C GLY T 187 32.27 -34.29 9.90
N PRO T 189 35.97 -35.13 7.98
CA PRO T 189 37.06 -35.32 8.94
C PRO T 189 37.05 -34.35 10.10
N LEU T 190 37.70 -34.76 11.18
CA LEU T 190 37.97 -33.87 12.32
C LEU T 190 39.42 -33.47 12.30
N ASP T 191 39.71 -32.36 12.96
CA ASP T 191 41.06 -31.88 13.11
C ASP T 191 41.34 -31.66 14.59
N LEU T 192 42.41 -32.24 15.09
CA LEU T 192 42.75 -32.15 16.51
C LEU T 192 44.07 -31.50 16.66
N LEU T 193 44.27 -30.90 17.82
CA LEU T 193 45.60 -30.44 18.20
C LEU T 193 45.71 -30.46 19.71
N VAL T 194 46.80 -31.06 20.20
CA VAL T 194 47.12 -31.07 21.62
C VAL T 194 48.39 -30.26 21.87
N TYR T 195 48.38 -29.37 22.86
CA TYR T 195 49.56 -28.55 23.15
C TYR T 195 49.93 -28.68 24.60
N HIS T 196 51.21 -28.92 24.86
CA HIS T 196 51.68 -29.16 26.24
C HIS T 196 52.15 -27.84 26.89
N ARG T 197 51.66 -27.58 28.10
CA ARG T 197 51.97 -26.33 28.79
C ARG T 197 53.48 -26.13 28.82
N ASP T 198 53.93 -24.93 28.45
CA ASP T 198 55.33 -24.53 28.49
C ASP T 198 56.23 -25.18 27.43
N SER T 199 55.69 -26.02 26.56
CA SER T 199 56.50 -26.64 25.51
C SER T 199 56.96 -25.62 24.47
N LEU T 200 56.12 -24.63 24.20
CA LEU T 200 56.39 -23.61 23.17
C LEU T 200 56.85 -24.19 21.82
N ILE T 201 56.27 -25.33 21.43
CA ILE T 201 56.47 -25.90 20.09
C ILE T 201 55.14 -25.87 19.33
N LEU T 202 55.20 -25.99 18.00
CA LEU T 202 54.00 -26.02 17.17
C LEU T 202 53.68 -27.46 16.86
N PRO T 203 52.75 -28.07 17.59
CA PRO T 203 52.41 -29.47 17.29
C PRO T 203 51.83 -29.62 15.92
N GLU T 204 52.01 -30.76 15.28
CA GLU T 204 51.56 -30.90 13.91
C GLU T 204 50.06 -31.07 13.87
N GLY T 205 49.50 -31.61 14.93
CA GLY T 205 48.06 -31.81 14.97
C GLY T 205 47.76 -33.03 14.15
N TYR T 206 46.50 -33.43 14.09
CA TYR T 206 46.15 -34.70 13.51
C TYR T 206 44.76 -34.66 12.94
N ARG T 207 44.58 -35.32 11.82
CA ARG T 207 43.27 -35.38 11.21
C ARG T 207 42.63 -36.77 11.34
N VAL T 208 41.41 -36.78 11.84
CA VAL T 208 40.68 -38.01 11.97
C VAL T 208 39.75 -38.20 10.80
N THR T 209 40.03 -39.19 9.95
CA THR T 209 39.11 -39.49 8.85
C THR T 209 38.11 -40.58 9.19
N GLU T 210 37.10 -40.66 8.34
CA GLU T 210 36.19 -41.80 8.26
C GLU T 210 36.87 -43.14 8.59
N ASP T 211 38.08 -43.35 8.09
CA ASP T 211 38.75 -44.64 8.17
C ASP T 211 39.54 -44.86 9.46
N ASP T 212 39.66 -43.84 10.29
CA ASP T 212 40.57 -43.91 11.41
C ASP T 212 40.31 -45.15 12.27
N ALA T 213 41.34 -45.97 12.46
CA ALA T 213 41.20 -47.21 13.23
C ALA T 213 40.78 -46.92 14.67
N TYR T 214 41.50 -46.01 15.33
CA TYR T 214 41.26 -45.73 16.72
C TYR T 214 39.85 -45.16 16.95
N PHE T 215 39.49 -44.14 16.18
CA PHE T 215 38.21 -43.53 16.38
C PHE T 215 37.10 -44.51 16.07
N SER T 216 37.26 -45.33 15.03
CA SER T 216 36.24 -46.34 14.74
C SER T 216 36.03 -47.27 15.90
N ALA T 217 37.14 -47.63 16.53
CA ALA T 217 37.13 -48.58 17.63
C ALA T 217 36.43 -48.03 18.86
N ILE T 218 36.76 -46.80 19.26
CA ILE T 218 36.16 -46.32 20.48
C ILE T 218 34.69 -46.03 20.25
N ARG T 219 34.28 -45.74 19.03
CA ARG T 219 32.85 -45.58 18.74
C ARG T 219 32.09 -46.89 18.91
N ARG T 220 32.65 -47.95 18.36
CA ARG T 220 32.08 -49.29 18.49
C ARG T 220 31.99 -49.73 19.95
N GLN T 221 33.04 -49.44 20.72
CA GLN T 221 33.09 -49.78 22.15
C GLN T 221 32.07 -49.00 22.93
N TRP T 222 32.07 -47.69 22.71
CA TRP T 222 31.14 -46.80 23.39
C TRP T 222 29.70 -47.22 23.12
N SER T 223 29.36 -47.65 21.92
CA SER T 223 28.01 -48.14 21.64
C SER T 223 27.66 -49.36 22.44
N ALA T 224 28.55 -50.35 22.38
CA ALA T 224 28.37 -51.58 23.09
C ALA T 224 28.20 -51.31 24.57
N GLY T 225 29.00 -50.40 25.09
CA GLY T 225 28.98 -50.08 26.50
C GLY T 225 27.61 -49.55 26.89
N LEU T 226 27.18 -48.50 26.19
CA LEU T 226 25.89 -47.87 26.46
C LEU T 226 24.75 -48.88 26.37
N HIS T 227 24.79 -49.75 25.37
CA HIS T 227 23.73 -50.71 25.16
C HIS T 227 23.68 -51.67 26.35
N ASP T 228 24.85 -52.10 26.80
CA ASP T 228 24.98 -52.97 27.98
C ASP T 228 24.36 -52.34 29.22
N LEU T 230 22.38 -50.05 29.68
CA LEU T 230 20.97 -49.80 29.56
C LEU T 230 20.16 -51.05 29.87
N GLU T 231 20.63 -52.21 29.42
CA GLU T 231 19.90 -53.45 29.64
C GLU T 231 20.03 -53.93 31.08
N ARG T 232 21.14 -53.55 31.69
CA ARG T 232 21.46 -53.94 33.04
C ARG T 232 20.99 -52.99 34.14
N LEU T 233 20.41 -51.86 33.74
CA LEU T 233 19.67 -50.99 34.65
C LEU T 233 18.41 -51.67 35.15
N PRO T 234 18.01 -51.39 36.40
CA PRO T 234 16.82 -52.03 36.96
C PRO T 234 15.52 -51.54 36.33
N SER T 235 14.46 -52.31 36.54
CA SER T 235 13.12 -51.92 36.11
C SER T 235 12.49 -50.91 37.07
N PRO T 236 11.66 -49.99 36.54
CA PRO T 236 10.92 -49.08 37.40
C PRO T 236 9.98 -49.85 38.32
N PRO T 237 9.85 -49.43 39.59
CA PRO T 237 8.92 -50.09 40.54
C PRO T 237 7.48 -50.15 40.08
N SER T 238 6.62 -50.80 40.87
CA SER T 238 5.17 -50.81 40.62
C SER T 238 4.66 -49.39 40.38
N ALA T 239 4.89 -48.55 41.39
CA ALA T 239 4.46 -47.15 41.41
C ALA T 239 4.40 -46.46 40.02
N TYR T 240 5.39 -46.66 39.17
CA TYR T 240 5.50 -45.88 37.95
C TYR T 240 4.46 -46.09 36.83
N ASN T 241 3.40 -46.89 37.05
CA ASN T 241 2.48 -47.18 35.91
C ASN T 241 1.03 -46.66 36.10
N THR U 1 4.10 -0.56 46.91
CA THR U 1 3.19 -1.47 46.15
C THR U 1 3.73 -2.90 46.19
N TYR U 2 3.04 -3.76 46.92
CA TYR U 2 3.37 -5.17 46.94
C TYR U 2 2.06 -5.91 47.17
N CYS U 3 1.73 -6.85 46.29
CA CYS U 3 0.52 -7.64 46.45
C CYS U 3 0.86 -9.11 46.36
N VAL U 4 0.14 -9.92 47.11
CA VAL U 4 0.27 -11.38 47.05
C VAL U 4 -1.11 -11.98 47.00
N ALA U 5 -1.24 -13.08 46.29
CA ALA U 5 -2.46 -13.86 46.29
C ALA U 5 -2.09 -15.32 46.24
N HIS U 7 -3.73 -19.39 45.96
CA HIS U 7 -4.82 -20.28 45.69
C HIS U 7 -4.44 -21.62 46.23
N LEU U 8 -5.16 -22.00 47.29
CA LEU U 8 -4.89 -23.18 48.08
C LEU U 8 -6.07 -24.14 48.09
N ALA U 9 -5.81 -25.33 48.62
CA ALA U 9 -6.82 -26.38 48.67
C ALA U 9 -8.09 -25.84 49.30
N ASP U 10 -7.98 -25.11 50.41
CA ASP U 10 -9.18 -24.64 51.12
C ASP U 10 -9.79 -23.33 50.62
N GLY U 11 -9.14 -22.65 49.69
CA GLY U 11 -9.66 -21.38 49.19
C GLY U 11 -8.59 -20.40 48.76
N LEU U 12 -8.86 -19.11 48.95
CA LEU U 12 -8.00 -18.05 48.44
C LEU U 12 -7.67 -17.09 49.56
N VAL U 13 -6.47 -16.53 49.48
CA VAL U 13 -6.03 -15.52 50.43
C VAL U 13 -5.39 -14.39 49.62
N PHE U 14 -5.79 -13.16 49.90
CA PHE U 14 -5.28 -12.00 49.20
C PHE U 14 -4.72 -11.00 50.19
N ALA U 15 -3.62 -10.35 49.83
CA ALA U 15 -3.07 -9.28 50.67
C ALA U 15 -2.34 -8.26 49.86
N SER U 16 -2.62 -6.99 50.13
CA SER U 16 -1.98 -5.89 49.42
C SER U 16 -1.52 -4.80 50.40
N ASP U 17 -0.45 -4.08 50.06
CA ASP U 17 -0.14 -2.84 50.79
C ASP U 17 -0.98 -1.70 50.21
N SER U 18 -0.60 -0.46 50.52
CA SER U 18 -1.36 0.70 50.07
C SER U 18 -0.52 1.88 49.63
N ARG U 19 0.80 1.79 49.81
CA ARG U 19 1.64 2.92 49.54
C ARG U 19 1.80 3.02 48.04
N THR U 20 1.64 4.22 47.52
CA THR U 20 1.46 4.40 46.11
C THR U 20 2.20 5.61 45.63
N ASN U 21 2.93 5.43 44.54
CA ASN U 21 3.61 6.54 43.92
C ASN U 21 2.62 7.28 43.03
N ALA U 22 2.22 8.46 43.43
CA ALA U 22 1.20 9.17 42.73
C ALA U 22 1.75 10.37 42.02
N GLY U 23 3.02 10.33 41.63
CA GLY U 23 3.63 11.54 41.09
C GLY U 23 4.88 11.83 41.86
N ILE U 24 5.56 12.89 41.45
CA ILE U 24 6.84 13.23 42.09
C ILE U 24 6.51 13.96 43.39
N ASP U 25 7.23 13.58 44.44
CA ASP U 25 7.03 14.15 45.75
C ASP U 25 5.57 14.02 46.20
N HIS U 26 4.85 13.03 45.70
CA HIS U 26 3.49 12.80 46.13
C HIS U 26 3.33 11.29 46.30
N ILE U 27 3.72 10.80 47.45
CA ILE U 27 3.48 9.41 47.81
C ILE U 27 2.28 9.35 48.73
N ALA U 28 1.40 8.38 48.52
CA ALA U 28 0.10 8.43 49.17
C ALA U 28 -0.50 7.06 49.37
N THR U 29 -1.56 7.01 50.15
CA THR U 29 -2.26 5.77 50.43
C THR U 29 -3.42 5.56 49.45
N PHE U 30 -3.44 4.41 48.78
CA PHE U 30 -4.58 4.00 47.92
C PHE U 30 -4.84 2.49 48.05
N ARG U 31 -6.10 2.11 48.20
CA ARG U 31 -6.46 0.71 48.32
C ARG U 31 -6.03 0.01 47.04
N LYS U 32 -5.48 -1.20 47.17
CA LYS U 32 -5.07 -1.99 46.01
C LYS U 32 -5.73 -3.39 45.99
N LEU U 33 -6.86 -3.52 46.65
CA LEU U 33 -7.58 -4.77 46.69
C LEU U 33 -9.06 -4.42 46.66
N PHE U 34 -9.75 -4.88 45.63
CA PHE U 34 -11.15 -4.58 45.40
C PHE U 34 -11.96 -5.85 45.24
N THR U 35 -13.18 -5.85 45.77
CA THR U 35 -14.03 -7.04 45.73
C THR U 35 -15.29 -6.79 44.93
N PHE U 36 -15.84 -7.83 44.36
CA PHE U 36 -17.05 -7.72 43.56
C PHE U 36 -17.81 -9.02 43.76
N GLY U 37 -19.14 -8.98 43.62
CA GLY U 37 -19.89 -10.22 43.58
C GLY U 37 -21.32 -10.12 43.97
N THR U 38 -22.02 -11.25 43.85
CA THR U 38 -23.39 -11.40 44.33
C THR U 38 -23.40 -12.59 45.31
N PRO U 39 -23.91 -12.38 46.54
CA PRO U 39 -23.84 -13.45 47.56
C PRO U 39 -24.57 -14.72 47.12
N GLY U 40 -23.94 -15.88 47.36
CA GLY U 40 -24.51 -17.18 46.98
C GLY U 40 -24.26 -17.54 45.54
N GLU U 41 -23.65 -16.64 44.77
CA GLU U 41 -23.37 -16.86 43.35
C GLU U 41 -21.89 -16.64 42.97
N ARG U 42 -21.27 -15.54 43.39
CA ARG U 42 -19.86 -15.32 43.03
C ARG U 42 -19.10 -14.32 43.88
N LEU U 43 -17.80 -14.56 44.02
CA LEU U 43 -16.88 -13.60 44.59
C LEU U 43 -15.73 -13.39 43.62
N LEU U 44 -15.39 -12.12 43.34
CA LEU U 44 -14.18 -11.84 42.57
C LEU U 44 -13.38 -10.76 43.25
N VAL U 45 -12.07 -10.94 43.28
CA VAL U 45 -11.17 -9.96 43.86
C VAL U 45 -10.18 -9.49 42.81
N VAL U 46 -9.96 -8.20 42.73
CA VAL U 46 -8.95 -7.66 41.85
C VAL U 46 -7.92 -6.87 42.66
N GLN U 47 -6.65 -7.17 42.45
CA GLN U 47 -5.58 -6.39 43.03
C GLN U 47 -4.84 -5.66 41.94
N THR U 48 -4.24 -4.54 42.33
CA THR U 48 -3.61 -3.65 41.36
C THR U 48 -2.21 -3.32 41.73
N ALA U 49 -1.40 -3.05 40.71
CA ALA U 49 -0.04 -2.59 40.89
C ALA U 49 0.36 -1.84 39.64
N GLY U 50 1.29 -0.91 39.76
CA GLY U 50 1.78 -0.15 38.62
C GLY U 50 1.20 1.23 38.62
N ASN U 51 1.02 1.81 37.44
CA ASN U 51 0.55 3.16 37.33
C ASN U 51 -0.84 3.37 37.95
N LEU U 52 -0.92 4.34 38.87
CA LEU U 52 -2.15 4.64 39.56
C LEU U 52 -3.26 5.05 38.61
N ALA U 53 -2.97 6.03 37.75
CA ALA U 53 -3.99 6.55 36.84
C ALA U 53 -4.63 5.45 36.02
N THR U 54 -3.81 4.57 35.51
CA THR U 54 -4.28 3.53 34.68
C THR U 54 -5.11 2.56 35.50
N SER U 55 -4.56 2.08 36.59
CA SER U 55 -5.27 1.06 37.35
C SER U 55 -6.59 1.63 37.92
N GLN U 56 -6.59 2.89 38.35
CA GLN U 56 -7.82 3.48 38.82
C GLN U 56 -8.84 3.52 37.72
N SER U 57 -8.44 3.93 36.52
CA SER U 57 -9.41 4.00 35.44
C SER U 57 -9.99 2.62 35.17
N VAL U 58 -9.15 1.61 35.20
CA VAL U 58 -9.63 0.27 34.94
C VAL U 58 -10.67 -0.16 35.95
N ILE U 59 -10.35 0.02 37.22
CA ILE U 59 -11.27 -0.36 38.29
C ILE U 59 -12.56 0.43 38.22
N ASN U 60 -12.42 1.72 37.97
CA ASN U 60 -13.58 2.57 37.84
C ASN U 60 -14.54 2.10 36.74
N LEU U 61 -13.99 1.73 35.59
CA LEU U 61 -14.82 1.32 34.49
C LEU U 61 -15.50 0.01 34.83
N LEU U 62 -14.78 -0.89 35.47
CA LEU U 62 -15.37 -2.17 35.86
C LEU U 62 -16.56 -1.95 36.79
N GLN U 63 -16.45 -0.98 37.69
CA GLN U 63 -17.55 -0.66 38.61
C GLN U 63 -18.72 -0.05 37.86
N GLN U 64 -18.48 0.99 37.06
CA GLN U 64 -19.56 1.60 36.28
C GLN U 64 -20.32 0.55 35.44
N ARG U 65 -19.58 -0.35 34.80
CA ARG U 65 -20.16 -1.32 33.88
C ARG U 65 -20.92 -2.47 34.54
N ILE U 66 -20.67 -2.69 35.82
CA ILE U 66 -21.39 -3.69 36.60
C ILE U 66 -22.89 -3.37 36.57
N ARG U 67 -23.19 -2.08 36.75
CA ARG U 67 -24.56 -1.54 36.68
C ARG U 67 -24.95 -1.18 35.22
N ARG U 68 -24.82 -2.14 34.30
CA ARG U 68 -25.12 -1.89 32.89
C ARG U 68 -25.24 -3.22 32.09
N ASP U 69 -26.25 -3.27 31.22
CA ASP U 69 -26.57 -4.48 30.41
C ASP U 69 -25.51 -4.75 29.34
N GLY U 70 -24.60 -5.68 29.62
CA GLY U 70 -23.47 -5.99 28.72
C GLY U 70 -22.38 -6.64 29.55
N ALA U 71 -21.25 -6.95 28.93
CA ALA U 71 -20.18 -7.68 29.62
C ALA U 71 -19.74 -6.97 30.89
N SER U 72 -19.71 -7.70 32.00
CA SER U 72 -19.32 -7.15 33.29
C SER U 72 -18.84 -8.23 34.21
N LEU U 73 -18.08 -7.86 35.23
CA LEU U 73 -17.63 -8.84 36.21
C LEU U 73 -18.74 -9.63 36.91
N LEU U 74 -20.01 -9.23 36.79
CA LEU U 74 -21.08 -9.98 37.45
C LEU U 74 -21.76 -11.02 36.59
N ASN U 75 -21.48 -11.10 35.30
CA ASN U 75 -22.27 -11.93 34.40
C ASN U 75 -21.34 -12.90 33.65
N VAL U 76 -20.10 -12.46 33.49
CA VAL U 76 -18.99 -13.26 33.01
C VAL U 76 -19.05 -14.69 33.57
N PRO U 77 -18.91 -15.70 32.71
CA PRO U 77 -19.23 -17.07 33.14
C PRO U 77 -18.14 -17.84 33.89
N SER U 78 -16.92 -17.33 33.89
CA SER U 78 -15.82 -18.00 34.61
C SER U 78 -14.76 -17.01 35.11
N VAL U 79 -13.96 -17.42 36.08
CA VAL U 79 -12.89 -16.54 36.59
C VAL U 79 -11.89 -16.22 35.48
N TYR U 80 -11.61 -17.20 34.62
CA TYR U 80 -10.86 -16.95 33.42
C TYR U 80 -11.41 -15.74 32.65
N ASP U 81 -12.69 -15.78 32.28
CA ASP U 81 -13.31 -14.72 31.48
C ASP U 81 -13.31 -13.40 32.21
N ALA U 82 -13.34 -13.45 33.54
CA ALA U 82 -13.23 -12.23 34.34
C ALA U 82 -11.87 -11.59 34.16
N THR U 83 -10.83 -12.43 34.25
CA THR U 83 -9.47 -12.02 34.04
C THR U 83 -9.29 -11.43 32.65
N ALA U 84 -9.84 -12.11 31.67
CA ALA U 84 -9.81 -11.60 30.30
C ALA U 84 -10.49 -10.24 30.19
N LEU U 85 -11.59 -10.07 30.90
CA LEU U 85 -12.35 -8.82 30.82
C LEU U 85 -11.53 -7.69 31.41
N VAL U 86 -10.85 -7.97 32.52
CA VAL U 86 -10.01 -6.96 33.14
C VAL U 86 -8.95 -6.54 32.14
N ALA U 87 -8.30 -7.53 31.52
CA ALA U 87 -7.27 -7.26 30.53
C ALA U 87 -7.80 -6.44 29.37
N GLU U 88 -8.92 -6.89 28.84
CA GLU U 88 -9.63 -6.19 27.79
C GLU U 88 -9.80 -4.72 28.18
N THR U 89 -10.25 -4.48 29.40
CA THR U 89 -10.54 -3.14 29.87
C THR U 89 -9.25 -2.33 29.96
N THR U 90 -8.20 -2.97 30.45
CA THR U 90 -6.90 -2.33 30.50
C THR U 90 -6.47 -1.82 29.11
N ARG U 91 -6.55 -2.69 28.10
CA ARG U 91 -6.21 -2.30 26.73
C ARG U 91 -6.95 -1.03 26.33
N GLU U 92 -8.23 -1.01 26.66
CA GLU U 92 -9.07 0.11 26.30
C GLU U 92 -8.59 1.42 26.93
N VAL U 93 -8.18 1.36 28.18
CA VAL U 93 -7.68 2.52 28.89
C VAL U 93 -6.34 3.03 28.34
N ALA U 95 -5.22 2.62 25.27
CA ALA U 95 -5.48 3.18 23.96
C ALA U 95 -5.86 4.66 24.04
N ARG U 96 -6.70 5.01 25.01
CA ARG U 96 -7.23 6.38 25.11
C ARG U 96 -6.20 7.40 25.61
N ASP U 97 -5.44 7.03 26.65
CA ASP U 97 -4.47 7.93 27.32
C ASP U 97 -3.14 8.10 26.57
N SER U 98 -2.77 7.07 25.79
CA SER U 98 -1.66 7.17 24.86
C SER U 98 -1.87 8.32 23.84
N GLY U 99 -0.78 9.03 23.55
CA GLY U 99 -0.76 10.18 22.61
C GLY U 99 0.60 10.86 22.72
N ASN U 100 0.79 11.99 22.02
CA ASN U 100 2.05 12.77 22.14
C ASN U 100 2.22 13.38 23.54
N LEU U 101 1.10 13.73 24.17
CA LEU U 101 1.08 14.41 25.47
C LEU U 101 1.65 13.56 26.61
N ALA U 102 1.29 12.27 26.66
CA ALA U 102 1.90 11.34 27.61
C ALA U 102 3.42 11.27 27.38
N GLY U 103 3.84 11.20 26.11
CA GLY U 103 5.28 11.18 25.75
C GLY U 103 5.90 9.83 26.07
N ASN U 104 6.99 9.84 26.85
CA ASN U 104 7.68 8.60 27.26
C ASN U 104 7.31 8.08 28.64
N THR U 105 6.43 8.78 29.33
CA THR U 105 5.96 8.35 30.65
C THR U 105 5.32 6.93 30.60
N ASP U 106 5.55 6.13 31.64
CA ASP U 106 5.21 4.70 31.64
C ASP U 106 3.85 4.38 32.28
N LEU U 107 2.84 4.16 31.43
CA LEU U 107 1.46 4.00 31.89
C LEU U 107 1.03 2.56 32.23
N SER U 108 1.96 1.64 32.34
CA SER U 108 1.57 0.24 32.42
C SER U 108 1.20 -0.12 33.82
N CYS U 109 0.34 -1.12 33.94
CA CYS U 109 0.08 -1.73 35.24
C CYS U 109 -0.34 -3.17 35.13
N SER U 110 -0.33 -3.83 36.28
CA SER U 110 -0.57 -5.24 36.38
C SER U 110 -1.64 -5.50 37.42
N PHE U 111 -2.25 -6.68 37.34
CA PHE U 111 -3.38 -7.01 38.17
C PHE U 111 -3.33 -8.44 38.62
N VAL U 113 -6.45 -11.30 39.50
CA VAL U 113 -7.87 -11.52 39.51
C VAL U 113 -8.09 -12.92 40.02
N GLY U 114 -8.82 -13.05 41.10
CA GLY U 114 -9.11 -14.36 41.64
C GLY U 114 -10.49 -14.42 42.25
N GLY U 115 -10.98 -15.61 42.49
CA GLY U 115 -12.27 -15.77 43.12
C GLY U 115 -12.94 -17.08 42.75
N GLN U 116 -14.26 -17.11 42.86
CA GLN U 116 -15.03 -18.30 42.54
C GLN U 116 -16.40 -17.95 42.05
N ILE U 117 -16.80 -18.60 40.98
CA ILE U 117 -18.14 -18.46 40.42
C ILE U 117 -18.86 -19.79 40.62
N ALA U 118 -20.14 -19.70 41.02
CA ALA U 118 -20.93 -20.88 41.29
C ALA U 118 -20.74 -21.90 40.20
N GLY U 119 -20.42 -23.13 40.60
CA GLY U 119 -20.42 -24.27 39.69
C GLY U 119 -19.07 -24.60 39.14
N GLY U 120 -18.06 -23.90 39.59
CA GLY U 120 -16.70 -24.28 39.26
C GLY U 120 -15.77 -23.93 40.39
N PRO U 121 -14.60 -24.55 40.43
CA PRO U 121 -13.68 -24.32 41.52
C PRO U 121 -13.18 -22.88 41.58
N PRO U 122 -12.56 -22.49 42.71
CA PRO U 122 -11.94 -21.17 42.79
C PRO U 122 -10.70 -21.14 41.92
N ALA U 123 -10.31 -19.95 41.47
CA ALA U 123 -9.15 -19.79 40.60
C ALA U 123 -8.45 -18.45 40.85
N LEU U 124 -7.21 -18.34 40.38
CA LEU U 124 -6.42 -17.13 40.57
C LEU U 124 -5.52 -16.86 39.39
N TYR U 125 -5.59 -15.66 38.82
CA TYR U 125 -4.76 -15.30 37.68
C TYR U 125 -3.94 -14.07 37.98
N SER U 126 -2.84 -13.90 37.24
CA SER U 126 -2.07 -12.66 37.29
C SER U 126 -1.92 -12.12 35.87
N ILE U 127 -2.23 -10.83 35.69
CA ILE U 127 -2.14 -10.19 34.39
C ILE U 127 -0.89 -9.35 34.35
N TYR U 128 -0.12 -9.49 33.29
CA TYR U 128 1.15 -8.79 33.17
C TYR U 128 0.94 -7.45 32.53
N PRO U 129 1.99 -6.60 32.56
CA PRO U 129 1.90 -5.28 31.94
C PRO U 129 1.42 -5.33 30.54
N GLN U 130 1.77 -6.38 29.83
CA GLN U 130 1.48 -6.49 28.39
C GLN U 130 0.11 -7.10 28.09
N GLY U 131 -0.64 -7.50 29.11
CA GLY U 131 -2.05 -7.90 28.95
C GLY U 131 -2.34 -9.39 28.83
N ASN U 132 -1.29 -10.19 28.76
CA ASN U 132 -1.40 -11.63 28.78
C ASN U 132 -1.31 -12.10 30.23
N PHE U 133 -1.91 -13.23 30.52
CA PHE U 133 -1.97 -13.67 31.90
C PHE U 133 -1.68 -15.13 32.16
N ILE U 134 -1.37 -15.41 33.42
CA ILE U 134 -1.16 -16.77 33.88
C ILE U 134 -1.97 -17.13 35.08
N GLN U 135 -2.12 -18.42 35.27
CA GLN U 135 -2.98 -18.99 36.28
C GLN U 135 -2.13 -19.67 37.30
N ALA U 136 -2.46 -19.47 38.56
CA ALA U 136 -1.81 -20.21 39.61
C ALA U 136 -2.30 -21.64 39.66
N THR U 137 -1.40 -22.56 40.00
CA THR U 137 -1.69 -24.00 40.06
C THR U 137 -1.18 -24.59 41.36
N PRO U 138 -1.49 -25.85 41.62
CA PRO U 138 -0.96 -26.50 42.81
C PRO U 138 0.56 -26.46 42.94
N ASP U 139 1.29 -26.63 41.83
CA ASP U 139 2.76 -26.56 41.84
C ASP U 139 3.28 -25.11 42.04
N THR U 140 2.51 -24.11 41.58
CA THR U 140 2.86 -22.69 41.78
C THR U 140 1.63 -21.93 42.33
N PRO U 141 1.40 -22.02 43.63
CA PRO U 141 0.11 -21.67 44.20
C PRO U 141 0.03 -20.27 44.68
N PHE U 142 1.12 -19.52 44.60
CA PHE U 142 1.03 -18.09 44.92
C PHE U 142 1.64 -17.23 43.83
N LEU U 143 1.15 -16.01 43.74
CA LEU U 143 1.60 -15.05 42.75
C LEU U 143 1.77 -13.69 43.40
N GLN U 144 2.71 -12.91 42.90
CA GLN U 144 3.00 -11.61 43.49
C GLN U 144 2.99 -10.49 42.47
N LEU U 145 2.71 -9.29 42.93
CA LEU U 145 2.85 -8.12 42.09
C LEU U 145 3.66 -7.12 42.84
N GLY U 146 4.22 -6.21 42.10
CA GLY U 146 4.95 -5.11 42.68
C GLY U 146 6.34 -5.52 43.12
N GLU U 147 6.71 -4.96 44.25
CA GLU U 147 8.02 -5.08 44.79
C GLU U 147 8.04 -6.34 45.67
N SER U 148 8.29 -7.47 45.03
CA SER U 148 8.04 -8.78 45.63
C SER U 148 9.24 -9.69 45.92
N LYS U 149 10.43 -9.31 45.50
CA LYS U 149 11.58 -10.18 45.75
C LYS U 149 11.92 -10.27 47.26
N TYR U 150 11.71 -9.19 48.00
CA TYR U 150 12.08 -9.15 49.40
C TYR U 150 11.35 -10.21 50.22
N GLY U 151 10.08 -10.40 49.90
CA GLY U 151 9.24 -11.31 50.69
C GLY U 151 8.95 -12.62 49.99
N LYS U 152 9.65 -12.89 48.91
CA LYS U 152 9.45 -14.15 48.21
C LYS U 152 9.99 -15.38 48.93
N PRO U 153 11.20 -15.27 49.52
CA PRO U 153 11.78 -16.47 50.10
C PRO U 153 10.90 -17.13 51.14
N ILE U 154 10.31 -16.37 52.04
CA ILE U 154 9.50 -17.01 53.07
C ILE U 154 8.32 -17.80 52.46
N LEU U 155 7.79 -17.32 51.34
CA LEU U 155 6.69 -18.01 50.68
C LEU U 155 7.18 -19.22 49.94
N ASP U 156 8.28 -19.09 49.23
CA ASP U 156 8.90 -20.25 48.59
C ASP U 156 9.17 -21.37 49.60
N ARG U 157 9.73 -21.02 50.76
CA ARG U 157 10.10 -22.01 51.77
C ARG U 157 8.93 -22.76 52.38
N ASN U 158 7.84 -22.06 52.69
CA ASN U 158 6.80 -22.62 53.54
C ASN U 158 5.47 -22.88 52.90
N LEU U 159 5.15 -22.15 51.85
CA LEU U 159 3.82 -22.24 51.27
C LEU U 159 3.68 -23.37 50.27
N THR U 160 2.58 -24.10 50.34
CA THR U 160 2.24 -25.12 49.35
C THR U 160 0.74 -25.15 49.17
N PHE U 161 0.27 -25.87 48.17
CA PHE U 161 -1.16 -25.93 47.86
C PHE U 161 -2.00 -26.35 49.06
N ASP U 162 -1.44 -27.26 49.86
CA ASP U 162 -2.11 -27.77 51.05
C ASP U 162 -2.00 -26.94 52.34
N THR U 163 -1.22 -25.86 52.33
CA THR U 163 -1.13 -24.99 53.49
C THR U 163 -2.55 -24.48 53.81
N PRO U 164 -2.98 -24.59 55.09
CA PRO U 164 -4.31 -24.06 55.46
C PRO U 164 -4.34 -22.53 55.39
N LEU U 165 -5.53 -21.96 55.31
CA LEU U 165 -5.67 -20.53 55.06
C LEU U 165 -5.06 -19.70 56.20
N GLU U 166 -5.40 -20.01 57.45
CA GLU U 166 -4.90 -19.21 58.59
C GLU U 166 -3.36 -19.16 58.51
N GLN U 167 -2.71 -20.27 58.14
CA GLN U 167 -1.24 -20.28 58.09
C GLN U 167 -0.67 -19.58 56.89
N ALA U 168 -1.38 -19.64 55.78
CA ALA U 168 -0.98 -18.91 54.57
C ALA U 168 -1.05 -17.44 54.81
N LEU U 169 -2.12 -17.00 55.48
CA LEU U 169 -2.25 -15.59 55.81
C LEU U 169 -1.10 -15.11 56.67
N ARG U 170 -0.80 -15.89 57.68
CA ARG U 170 0.27 -15.59 58.59
C ARG U 170 1.56 -15.45 57.80
N CYS U 171 1.75 -16.37 56.89
CA CYS U 171 2.93 -16.40 56.07
C CYS U 171 3.04 -15.12 55.25
N ALA U 172 1.93 -14.75 54.64
CA ALA U 172 1.85 -13.50 53.90
C ALA U 172 2.25 -12.31 54.75
N LEU U 173 1.76 -12.28 55.98
CA LEU U 173 2.09 -11.17 56.84
C LEU U 173 3.60 -11.05 57.11
N VAL U 174 4.26 -12.16 57.26
CA VAL U 174 5.69 -12.13 57.49
C VAL U 174 6.38 -11.62 56.23
N SER U 175 5.88 -12.05 55.10
CA SER U 175 6.37 -11.55 53.83
C SER U 175 6.34 -10.01 53.83
N PHE U 176 5.22 -9.41 54.28
CA PHE U 176 5.08 -7.96 54.29
C PHE U 176 5.99 -7.31 55.31
N ASP U 177 6.17 -8.00 56.44
CA ASP U 177 7.09 -7.54 57.46
C ASP U 177 8.48 -7.28 56.84
N SER U 178 9.07 -8.30 56.23
CA SER U 178 10.41 -8.15 55.66
C SER U 178 10.47 -7.10 54.56
N THR U 179 9.42 -7.08 53.74
CA THR U 179 9.37 -6.15 52.62
C THR U 179 9.36 -4.70 53.14
N ILE U 180 8.48 -4.44 54.11
CA ILE U 180 8.35 -3.09 54.66
C ILE U 180 9.64 -2.59 55.26
N ARG U 181 10.38 -3.48 55.90
CA ARG U 181 11.63 -3.09 56.54
C ARG U 181 12.67 -2.74 55.55
N SER U 182 12.62 -3.35 54.39
CA SER U 182 13.74 -3.29 53.46
C SER U 182 13.49 -2.42 52.24
N ASN U 183 12.25 -1.93 52.08
CA ASN U 183 11.91 -1.12 50.93
C ASN U 183 10.82 -0.10 51.26
N LEU U 184 11.18 1.18 51.22
CA LEU U 184 10.24 2.23 51.58
C LEU U 184 9.08 2.43 50.64
N SER U 185 9.13 1.89 49.42
CA SER U 185 8.04 2.10 48.48
C SER U 185 6.84 1.27 48.91
N VAL U 186 7.05 0.32 49.83
CA VAL U 186 6.00 -0.50 50.38
C VAL U 186 5.64 -0.08 51.78
N GLY U 187 4.36 -0.08 52.10
CA GLY U 187 3.90 0.56 53.34
C GLY U 187 2.46 0.31 53.74
N PRO U 189 -1.29 1.24 55.49
CA PRO U 189 -2.05 0.05 55.89
C PRO U 189 -2.03 -1.05 54.86
N LEU U 190 -2.28 -2.27 55.31
CA LEU U 190 -2.46 -3.42 54.44
C LEU U 190 -3.94 -3.76 54.38
N ASP U 191 -4.32 -4.42 53.32
CA ASP U 191 -5.68 -4.88 53.15
C ASP U 191 -5.64 -6.38 52.89
N LEU U 192 -6.38 -7.15 53.69
CA LEU U 192 -6.43 -8.61 53.56
C LEU U 192 -7.82 -9.10 53.23
N LEU U 193 -7.88 -10.25 52.58
CA LEU U 193 -9.14 -10.92 52.38
C LEU U 193 -8.90 -12.41 52.29
N VAL U 194 -9.67 -13.16 53.05
CA VAL U 194 -9.63 -14.61 53.03
C VAL U 194 -10.97 -15.13 52.52
N TYR U 195 -10.95 -16.07 51.58
CA TYR U 195 -12.19 -16.63 51.03
C TYR U 195 -12.17 -18.13 51.13
N HIS U 196 -13.27 -18.70 51.64
CA HIS U 196 -13.35 -20.15 51.84
C HIS U 196 -13.94 -20.87 50.62
N ARG U 197 -13.26 -21.91 50.14
CA ARG U 197 -13.69 -22.64 48.95
C ARG U 197 -15.15 -23.04 49.10
N ASP U 198 -15.94 -22.74 48.08
CA ASP U 198 -17.37 -23.11 48.00
C ASP U 198 -18.29 -22.34 48.92
N SER U 199 -17.79 -21.39 49.69
CA SER U 199 -18.65 -20.59 50.54
C SER U 199 -19.56 -19.65 49.72
N LEU U 200 -19.06 -19.15 48.60
CA LEU U 200 -19.79 -18.19 47.75
C LEU U 200 -20.37 -16.98 48.49
N ILE U 201 -19.66 -16.50 49.50
CA ILE U 201 -20.03 -15.27 50.24
C ILE U 201 -18.98 -14.21 49.95
N LEU U 202 -19.32 -12.95 50.20
CA LEU U 202 -18.36 -11.86 50.05
C LEU U 202 -17.78 -11.50 51.41
N PRO U 203 -16.61 -12.03 51.75
CA PRO U 203 -16.03 -11.67 53.03
C PRO U 203 -15.78 -10.19 53.16
N GLU U 204 -15.83 -9.65 54.36
CA GLU U 204 -15.67 -8.21 54.49
C GLU U 204 -14.21 -7.82 54.31
N GLY U 205 -13.30 -8.73 54.60
CA GLY U 205 -11.89 -8.42 54.50
C GLY U 205 -11.50 -7.61 55.72
N TYR U 206 -10.23 -7.25 55.83
CA TYR U 206 -9.72 -6.59 57.03
C TYR U 206 -8.56 -5.70 56.71
N ARG U 207 -8.49 -4.57 57.41
CA ARG U 207 -7.38 -3.65 57.21
C ARG U 207 -6.41 -3.65 58.38
N VAL U 208 -5.13 -3.84 58.08
CA VAL U 208 -4.11 -3.84 59.10
C VAL U 208 -3.45 -2.47 59.18
N THR U 209 -3.68 -1.75 60.27
CA THR U 209 -3.01 -0.47 60.43
C THR U 209 -1.71 -0.57 61.22
N GLU U 210 -0.93 0.50 61.15
CA GLU U 210 0.17 0.76 62.04
C GLU U 210 -0.06 0.23 63.47
N ASP U 211 -1.26 0.43 63.99
CA ASP U 211 -1.57 0.15 65.41
C ASP U 211 -1.97 -1.28 65.69
N ASP U 212 -2.13 -2.11 64.67
CA ASP U 212 -2.72 -3.41 64.85
C ASP U 212 -1.99 -4.21 65.91
N ALA U 213 -2.73 -4.66 66.92
CA ALA U 213 -2.12 -5.41 68.03
C ALA U 213 -1.48 -6.70 67.54
N TYR U 214 -2.23 -7.48 66.76
CA TYR U 214 -1.74 -8.78 66.31
C TYR U 214 -0.51 -8.69 65.40
N PHE U 215 -0.58 -7.84 64.37
CA PHE U 215 0.54 -7.66 63.48
C PHE U 215 1.76 -7.10 64.20
N SER U 216 1.58 -6.15 65.12
CA SER U 216 2.70 -5.66 65.91
C SER U 216 3.39 -6.79 66.63
N ALA U 217 2.57 -7.68 67.21
CA ALA U 217 3.05 -8.75 68.05
C ALA U 217 3.86 -9.77 67.24
N ILE U 218 3.35 -10.19 66.12
CA ILE U 218 4.06 -11.21 65.39
C ILE U 218 5.34 -10.64 64.78
N ARG U 219 5.37 -9.35 64.50
CA ARG U 219 6.61 -8.73 64.06
C ARG U 219 7.68 -8.78 65.16
N ARG U 220 7.28 -8.41 66.38
CA ARG U 220 8.19 -8.42 67.52
C ARG U 220 8.70 -9.84 67.78
N GLN U 221 7.82 -10.82 67.66
CA GLN U 221 8.16 -12.24 67.89
C GLN U 221 9.10 -12.76 66.84
N TRP U 222 8.73 -12.52 65.60
CA TRP U 222 9.56 -12.90 64.48
C TRP U 222 10.98 -12.32 64.59
N SER U 223 11.12 -11.07 65.04
CA SER U 223 12.45 -10.50 65.22
C SER U 223 13.24 -11.27 66.24
N ALA U 224 12.63 -11.45 67.39
CA ALA U 224 13.26 -12.15 68.51
C ALA U 224 13.65 -13.54 68.08
N GLY U 225 12.77 -14.20 67.33
CA GLY U 225 13.05 -15.54 66.83
C GLY U 225 14.29 -15.62 65.94
N LEU U 226 14.30 -14.80 64.88
CA LEU U 226 15.44 -14.68 63.99
C LEU U 226 16.74 -14.38 64.72
N HIS U 227 16.68 -13.46 65.67
CA HIS U 227 17.87 -13.05 66.37
C HIS U 227 18.41 -14.25 67.16
N ASP U 228 17.50 -14.99 67.79
CA ASP U 228 17.83 -16.20 68.57
C ASP U 228 18.53 -17.24 67.73
N LEU U 230 19.96 -17.09 64.95
CA LEU U 230 21.21 -16.64 64.42
C LEU U 230 22.33 -16.83 65.44
N GLU U 231 22.07 -16.56 66.71
CA GLU U 231 23.11 -16.65 67.75
C GLU U 231 23.40 -18.08 68.10
N ARG U 232 22.39 -18.92 67.93
CA ARG U 232 22.51 -20.33 68.23
C ARG U 232 22.95 -21.22 67.04
N LEU U 233 23.13 -20.64 65.86
CA LEU U 233 23.85 -21.28 64.78
C LEU U 233 25.31 -21.43 65.10
N PRO U 234 25.91 -22.50 64.60
CA PRO U 234 27.31 -22.69 64.88
C PRO U 234 28.24 -21.67 64.20
N SER U 235 29.46 -21.55 64.69
CA SER U 235 30.48 -20.74 64.06
C SER U 235 31.13 -21.45 62.88
N PRO U 236 31.54 -20.69 61.87
CA PRO U 236 32.27 -21.26 60.73
C PRO U 236 33.58 -21.88 61.16
N PRO U 237 33.96 -23.02 60.61
CA PRO U 237 35.21 -23.69 61.02
C PRO U 237 36.45 -22.82 60.83
N SER U 238 37.62 -23.35 61.22
CA SER U 238 38.91 -22.70 60.92
C SER U 238 38.97 -22.31 59.44
N ALA U 239 38.83 -23.34 58.59
CA ALA U 239 38.94 -23.22 57.13
C ALA U 239 38.46 -21.86 56.58
N TYR U 240 37.35 -21.32 57.07
CA TYR U 240 36.70 -20.15 56.43
C TYR U 240 37.42 -18.77 56.51
N ASN U 241 38.64 -18.70 57.03
CA ASN U 241 39.29 -17.38 57.19
C ASN U 241 40.56 -17.18 56.32
N THR V 1 24.29 -14.34 39.91
CA THR V 1 25.20 -13.24 40.29
C THR V 1 24.62 -12.48 41.47
N TYR V 2 25.25 -12.64 42.63
CA TYR V 2 24.88 -11.87 43.82
C TYR V 2 26.13 -11.70 44.63
N CYS V 3 26.49 -10.47 44.95
CA CYS V 3 27.70 -10.22 45.75
C CYS V 3 27.34 -9.31 46.90
N VAL V 4 28.00 -9.51 48.03
CA VAL V 4 27.84 -8.68 49.21
C VAL V 4 29.20 -8.35 49.77
N ALA V 5 29.33 -7.16 50.31
CA ALA V 5 30.55 -6.77 51.01
C ALA V 5 30.14 -5.93 52.18
N HIS V 7 31.71 -3.52 55.49
CA HIS V 7 32.82 -2.82 56.16
C HIS V 7 32.38 -2.50 57.56
N LEU V 8 33.01 -3.21 58.47
CA LEU V 8 32.65 -3.23 59.88
C LEU V 8 33.80 -2.74 60.73
N ALA V 9 33.49 -2.51 62.00
CA ALA V 9 34.48 -2.04 62.94
C ALA V 9 35.73 -2.91 62.88
N ASP V 10 35.56 -4.24 62.86
CA ASP V 10 36.75 -5.13 62.94
C ASP V 10 37.41 -5.46 61.60
N GLY V 11 36.83 -5.05 60.51
CA GLY V 11 37.42 -5.33 59.21
C GLY V 11 36.41 -5.44 58.08
N LEU V 12 36.70 -6.30 57.12
CA LEU V 12 35.88 -6.45 55.94
C LEU V 12 35.47 -7.90 55.75
N VAL V 13 34.28 -8.09 55.20
CA VAL V 13 33.82 -9.42 54.82
C VAL V 13 33.25 -9.35 53.40
N PHE V 14 33.68 -10.27 52.54
CA PHE V 14 33.24 -10.31 51.17
C PHE V 14 32.64 -11.66 50.85
N ALA V 15 31.58 -11.70 50.05
CA ALA V 15 31.02 -12.97 49.59
C ALA V 15 30.36 -12.81 48.25
N SER V 16 30.64 -13.75 47.35
CA SER V 16 30.07 -13.75 46.01
C SER V 16 29.58 -15.13 45.62
N ASP V 17 28.54 -15.22 44.77
CA ASP V 17 28.23 -16.47 44.11
C ASP V 17 29.14 -16.64 42.88
N SER V 18 28.78 -17.58 42.00
CA SER V 18 29.59 -17.87 40.84
C SER V 18 28.79 -18.14 39.56
N ARG V 19 27.48 -18.19 39.67
CA ARG V 19 26.66 -18.54 38.52
C ARG V 19 26.59 -17.34 37.60
N THR V 20 26.80 -17.59 36.32
CA THR V 20 27.09 -16.51 35.41
C THR V 20 26.42 -16.76 34.06
N ASN V 21 25.74 -15.73 33.56
CA ASN V 21 25.11 -15.84 32.28
C ASN V 21 26.19 -15.54 31.26
N ALA V 22 26.62 -16.54 30.51
CA ALA V 22 27.70 -16.38 29.56
C ALA V 22 27.21 -16.47 28.15
N GLY V 23 25.96 -16.10 27.89
CA GLY V 23 25.41 -16.32 26.56
C GLY V 23 24.16 -17.13 26.67
N ILE V 24 23.52 -17.36 25.52
CA ILE V 24 22.24 -18.06 25.53
C ILE V 24 22.54 -19.53 25.67
N ASP V 25 21.78 -20.20 26.53
CA ASP V 25 21.95 -21.60 26.78
C ASP V 25 23.38 -21.92 27.23
N HIS V 26 24.06 -20.95 27.83
CA HIS V 26 25.37 -21.20 28.34
C HIS V 26 25.48 -20.50 29.69
N ILE V 27 24.99 -21.17 30.72
CA ILE V 27 25.13 -20.68 32.08
C ILE V 27 26.28 -21.43 32.72
N ALA V 28 27.14 -20.73 33.43
CA ALA V 28 28.41 -21.31 33.83
C ALA V 28 28.94 -20.74 35.10
N THR V 29 29.96 -21.39 35.61
CA THR V 29 30.64 -20.95 36.84
C THR V 29 31.84 -20.05 36.56
N PHE V 30 31.85 -18.86 37.15
CA PHE V 30 33.00 -17.95 37.07
C PHE V 30 33.19 -17.28 38.41
N ARG V 31 34.45 -17.22 38.85
CA ARG V 31 34.77 -16.53 40.10
C ARG V 31 34.43 -15.06 39.99
N LYS V 32 33.84 -14.50 41.04
CA LYS V 32 33.46 -13.08 41.03
C LYS V 32 34.08 -12.33 42.19
N LEU V 33 35.16 -12.88 42.74
CA LEU V 33 35.85 -12.25 43.86
C LEU V 33 37.32 -12.44 43.63
N PHE V 34 38.05 -11.35 43.48
CA PHE V 34 39.47 -11.37 43.14
C PHE V 34 40.27 -10.59 44.16
N THR V 35 41.44 -11.07 44.52
CA THR V 35 42.28 -10.41 45.54
C THR V 35 43.58 -9.92 44.93
N PHE V 36 44.13 -8.87 45.50
CA PHE V 36 45.39 -8.31 45.04
C PHE V 36 46.10 -7.78 46.25
N GLY V 37 47.43 -7.71 46.20
CA GLY V 37 48.17 -7.07 47.29
C GLY V 37 49.60 -7.51 47.48
N THR V 38 50.28 -6.82 48.39
CA THR V 38 51.63 -7.20 48.84
C THR V 38 51.56 -7.38 50.37
N PRO V 39 51.93 -8.57 50.87
CA PRO V 39 51.83 -8.80 52.32
C PRO V 39 52.55 -7.76 53.19
N GLY V 40 51.88 -7.31 54.24
CA GLY V 40 52.44 -6.31 55.16
C GLY V 40 52.27 -4.89 54.68
N GLU V 41 51.72 -4.72 53.48
CA GLU V 41 51.53 -3.40 52.87
C GLU V 41 50.09 -3.15 52.42
N ARG V 42 49.48 -4.09 51.69
CA ARG V 42 48.09 -3.85 51.25
C ARG V 42 47.30 -5.09 50.83
N LEU V 43 46.00 -5.02 51.03
CA LEU V 43 45.05 -6.00 50.51
C LEU V 43 43.94 -5.27 49.75
N LEU V 44 43.64 -5.70 48.54
CA LEU V 44 42.50 -5.15 47.81
C LEU V 44 41.69 -6.26 47.21
N VAL V 45 40.38 -6.14 47.32
CA VAL V 45 39.48 -7.15 46.80
C VAL V 45 38.57 -6.49 45.78
N VAL V 46 38.37 -7.14 44.65
CA VAL V 46 37.42 -6.65 43.68
C VAL V 46 36.38 -7.70 43.43
N GLN V 47 35.11 -7.31 43.52
CA GLN V 47 34.02 -8.19 43.13
C GLN V 47 33.35 -7.67 41.89
N THR V 48 32.76 -8.59 41.12
CA THR V 48 32.19 -8.24 39.82
C THR V 48 30.75 -8.70 39.68
N ALA V 49 29.99 -7.95 38.89
CA ALA V 49 28.64 -8.31 38.53
C ALA V 49 28.31 -7.67 37.20
N GLY V 50 27.42 -8.26 36.45
CA GLY V 50 27.03 -7.72 35.16
C GLY V 50 27.65 -8.49 34.02
N ASN V 51 27.92 -7.82 32.93
CA ASN V 51 28.40 -8.49 31.74
C ASN V 51 29.75 -9.17 31.99
N LEU V 52 29.79 -10.46 31.68
CA LEU V 52 31.00 -11.25 31.82
C LEU V 52 32.18 -10.71 31.00
N ALA V 53 31.97 -10.53 29.71
CA ALA V 53 33.05 -10.07 28.85
C ALA V 53 33.70 -8.81 29.37
N THR V 54 32.88 -7.88 29.81
CA THR V 54 33.37 -6.60 30.21
C THR V 54 34.12 -6.78 31.48
N SER V 55 33.51 -7.43 32.45
CA SER V 55 34.16 -7.55 33.76
C SER V 55 35.46 -8.36 33.66
N GLN V 56 35.48 -9.38 32.81
CA GLN V 56 36.69 -10.14 32.61
C GLN V 56 37.77 -9.29 32.04
N SER V 57 37.45 -8.52 31.04
CA SER V 57 38.44 -7.65 30.44
C SER V 57 39.00 -6.66 31.47
N VAL V 58 38.14 -6.11 32.31
CA VAL V 58 38.60 -5.18 33.31
C VAL V 58 39.58 -5.85 34.27
N ILE V 59 39.22 -7.01 34.78
CA ILE V 59 40.06 -7.73 35.73
C ILE V 59 41.37 -8.12 35.08
N ASN V 60 41.30 -8.59 33.85
CA ASN V 60 42.48 -9.01 33.13
C ASN V 60 43.46 -7.88 32.95
N LEU V 61 42.97 -6.69 32.63
CA LEU V 61 43.85 -5.56 32.43
C LEU V 61 44.49 -5.14 33.74
N LEU V 62 43.71 -5.17 34.80
CA LEU V 62 44.27 -4.83 36.10
C LEU V 62 45.41 -5.77 36.46
N GLN V 63 45.28 -7.06 36.14
CA GLN V 63 46.31 -8.03 36.43
C GLN V 63 47.54 -7.77 35.59
N GLN V 64 47.37 -7.63 34.28
CA GLN V 64 48.50 -7.37 33.38
C GLN V 64 49.27 -6.13 33.83
N ARG V 65 48.53 -5.08 34.18
CA ARG V 65 49.16 -3.80 34.55
C ARG V 65 49.87 -3.77 35.89
N ILE V 66 49.53 -4.71 36.77
CA ILE V 66 50.19 -4.86 38.07
C ILE V 66 51.70 -5.07 37.86
N ARG V 67 52.02 -5.91 36.88
CA ARG V 67 53.37 -6.19 36.43
C ARG V 67 53.83 -5.17 35.36
N ARG V 68 53.74 -3.88 35.67
CA ARG V 68 54.13 -2.83 34.71
C ARG V 68 54.30 -1.45 35.40
N ASP V 69 55.34 -0.72 34.98
CA ASP V 69 55.70 0.59 35.56
C ASP V 69 54.67 1.67 35.18
N GLY V 70 53.74 1.99 36.08
CA GLY V 70 52.68 2.94 35.81
C GLY V 70 51.55 2.67 36.78
N ALA V 71 50.46 3.39 36.66
CA ALA V 71 49.31 3.22 37.57
C ALA V 71 48.84 1.78 37.65
N SER V 72 48.73 1.23 38.86
CA SER V 72 48.28 -0.13 39.08
C SER V 72 47.70 -0.29 40.47
N LEU V 73 46.89 -1.32 40.69
CA LEU V 73 46.37 -1.59 42.01
C LEU V 73 47.43 -1.80 43.11
N LEU V 74 48.70 -1.99 42.76
CA LEU V 74 49.73 -2.15 43.77
C LEU V 74 50.47 -0.88 44.21
N ASN V 75 50.25 0.25 43.54
CA ASN V 75 51.05 1.44 43.82
C ASN V 75 50.15 2.63 44.16
N VAL V 76 48.93 2.58 43.65
CA VAL V 76 47.85 3.44 44.03
C VAL V 76 47.90 3.76 45.55
N PRO V 77 47.90 5.05 45.92
CA PRO V 77 48.03 5.41 47.32
C PRO V 77 46.86 5.20 48.30
N SER V 78 45.64 4.96 47.83
CA SER V 78 44.49 4.78 48.72
C SER V 78 43.44 3.85 48.12
N VAL V 79 42.58 3.29 48.97
CA VAL V 79 41.49 2.46 48.47
C VAL V 79 40.57 3.27 47.52
N TYR V 80 40.32 4.52 47.87
CA TYR V 80 39.63 5.42 46.98
C TYR V 80 40.24 5.39 45.57
N ASP V 81 41.53 5.69 45.47
CA ASP V 81 42.21 5.74 44.19
C ASP V 81 42.21 4.40 43.47
N ALA V 82 42.19 3.31 44.23
CA ALA V 82 42.04 1.98 43.64
C ALA V 82 40.69 1.86 42.93
N THR V 83 39.64 2.27 43.65
CA THR V 83 38.29 2.25 43.11
C THR V 83 38.23 3.08 41.84
N ALA V 84 38.83 4.27 41.90
CA ALA V 84 38.86 5.17 40.74
C ALA V 84 39.56 4.50 39.57
N LEU V 85 40.61 3.75 39.88
CA LEU V 85 41.39 3.10 38.83
C LEU V 85 40.57 2.01 38.17
N VAL V 86 39.82 1.26 38.97
CA VAL V 86 38.96 0.21 38.42
C VAL V 86 37.95 0.86 37.48
N ALA V 87 37.30 1.91 37.95
CA ALA V 87 36.36 2.66 37.12
C ALA V 87 36.98 3.19 35.82
N GLU V 88 38.10 3.88 35.95
CA GLU V 88 38.89 4.34 34.83
C GLU V 88 39.09 3.19 33.82
N THR V 89 39.47 2.01 34.32
CA THR V 89 39.75 0.85 33.47
C THR V 89 38.46 0.41 32.78
N THR V 90 37.35 0.40 33.52
CA THR V 90 36.07 0.04 32.97
C THR V 90 35.74 0.92 31.77
N ARG V 91 35.85 2.25 31.94
CA ARG V 91 35.60 3.20 30.85
C ARG V 91 36.39 2.86 29.60
N GLU V 92 37.66 2.53 29.80
CA GLU V 92 38.55 2.17 28.72
C GLU V 92 38.05 0.93 27.95
N VAL V 93 37.56 -0.08 28.68
CA VAL V 93 37.04 -1.30 28.06
C VAL V 93 35.75 -1.05 27.26
N ALA V 95 34.77 1.78 25.90
CA ALA V 95 35.13 2.55 24.72
C ALA V 95 35.53 1.66 23.54
N ARG V 96 36.33 0.63 23.80
CA ARG V 96 36.86 -0.22 22.75
C ARG V 96 35.82 -1.17 22.11
N ASP V 97 35.00 -1.82 22.94
CA ASP V 97 34.01 -2.85 22.51
C ASP V 97 32.73 -2.26 21.90
N SER V 98 32.39 -1.05 22.32
CA SER V 98 31.33 -0.27 21.70
C SER V 98 31.59 -0.05 20.18
N GLY V 99 30.53 -0.14 19.38
CA GLY V 99 30.57 0.01 17.92
C GLY V 99 29.22 -0.42 17.35
N ASN V 100 29.07 -0.44 16.02
CA ASN V 100 27.83 -0.93 15.39
C ASN V 100 27.61 -2.43 15.63
N LEU V 101 28.71 -3.18 15.73
CA LEU V 101 28.68 -4.65 15.85
C LEU V 101 28.05 -5.13 17.16
N ALA V 102 28.39 -4.48 18.28
CA ALA V 102 27.71 -4.76 19.55
C ALA V 102 26.19 -4.48 19.42
N GLY V 103 25.83 -3.37 18.76
CA GLY V 103 24.43 -3.03 18.53
C GLY V 103 23.75 -2.56 19.81
N ASN V 104 22.63 -3.19 20.18
CA ASN V 104 21.87 -2.83 21.40
C ASN V 104 22.17 -3.71 22.61
N THR V 105 23.04 -4.72 22.43
CA THR V 105 23.46 -5.58 23.53
C THR V 105 24.07 -4.79 24.73
N ASP V 106 23.76 -5.22 25.94
CA ASP V 106 24.07 -4.43 27.14
C ASP V 106 25.41 -4.82 27.83
N LEU V 107 26.46 -4.04 27.59
CA LEU V 107 27.80 -4.36 28.04
C LEU V 107 28.18 -3.87 29.43
N SER V 108 27.23 -3.41 30.22
CA SER V 108 27.57 -2.71 31.46
C SER V 108 27.85 -3.70 32.56
N CYS V 109 28.68 -3.29 33.50
CA CYS V 109 28.87 -4.06 34.71
C CYS V 109 29.27 -3.18 35.88
N SER V 110 29.17 -3.78 37.06
CA SER V 110 29.38 -3.10 38.29
C SER V 110 30.41 -3.85 39.12
N PHE V 111 31.01 -3.16 40.08
CA PHE V 111 32.11 -3.72 40.88
C PHE V 111 32.04 -3.27 42.31
N VAL V 113 34.97 -2.61 45.35
CA VAL V 113 36.40 -2.54 45.60
C VAL V 113 36.53 -2.22 47.06
N GLY V 114 37.19 -3.09 47.78
CA GLY V 114 37.43 -2.82 49.19
C GLY V 114 38.78 -3.34 49.62
N GLY V 115 39.23 -2.90 50.78
CA GLY V 115 40.49 -3.39 51.33
C GLY V 115 41.15 -2.40 52.25
N GLN V 116 42.46 -2.53 52.38
CA GLN V 116 43.24 -1.65 53.22
C GLN V 116 44.63 -1.47 52.72
N ILE V 117 45.07 -0.24 52.73
CA ILE V 117 46.46 0.09 52.38
C ILE V 117 47.14 0.65 53.62
N ALA V 118 48.39 0.26 53.80
CA ALA V 118 49.16 0.63 55.00
C ALA V 118 49.05 2.10 55.28
N GLY V 119 48.68 2.44 56.51
CA GLY V 119 48.67 3.81 56.95
C GLY V 119 47.33 4.48 56.88
N GLY V 120 46.30 3.75 56.49
CA GLY V 120 44.96 4.31 56.53
C GLY V 120 43.98 3.22 56.83
N PRO V 121 42.79 3.57 57.30
CA PRO V 121 41.80 2.56 57.66
C PRO V 121 41.34 1.73 56.45
N PRO V 122 40.72 0.59 56.72
CA PRO V 122 40.09 -0.15 55.65
C PRO V 122 38.90 0.61 55.09
N ALA V 123 38.56 0.33 53.83
CA ALA V 123 37.45 1.00 53.16
C ALA V 123 36.77 0.08 52.16
N LEU V 124 35.56 0.45 51.77
CA LEU V 124 34.77 -0.34 50.80
C LEU V 124 33.96 0.57 49.89
N TYR V 125 34.10 0.38 48.58
CA TYR V 125 33.32 1.16 47.62
C TYR V 125 32.51 0.27 46.71
N SER V 126 31.47 0.83 46.12
CA SER V 126 30.70 0.14 45.06
C SER V 126 30.67 1.04 43.84
N ILE V 127 31.01 0.50 42.68
CA ILE V 127 30.99 1.24 41.43
C ILE V 127 29.77 0.86 40.65
N TYR V 128 29.06 1.86 40.16
CA TYR V 128 27.80 1.63 39.43
C TYR V 128 28.08 1.39 37.96
N PRO V 129 27.07 0.86 37.26
CA PRO V 129 27.21 0.69 35.82
C PRO V 129 27.80 1.89 35.11
N GLN V 130 27.44 3.08 35.57
CA GLN V 130 27.80 4.31 34.85
C GLN V 130 29.20 4.82 35.25
N GLY V 131 29.87 4.17 36.19
CA GLY V 131 31.26 4.51 36.52
C GLY V 131 31.52 5.43 37.71
N ASN V 132 30.46 5.96 38.30
CA ASN V 132 30.55 6.73 39.53
C ASN V 132 30.39 5.77 40.70
N PHE V 133 30.93 6.13 41.85
CA PHE V 133 30.89 5.22 42.98
C PHE V 133 30.59 5.81 44.34
N ILE V 134 30.19 4.92 45.23
CA ILE V 134 29.92 5.31 46.60
C ILE V 134 30.72 4.49 47.57
N GLN V 135 30.83 5.03 48.78
CA GLN V 135 31.59 4.43 49.86
C GLN V 135 30.64 3.98 50.96
N ALA V 136 30.89 2.81 51.49
CA ALA V 136 30.14 2.33 52.64
C ALA V 136 30.59 3.06 53.88
N THR V 137 29.65 3.32 54.78
CA THR V 137 29.92 4.04 56.03
C THR V 137 29.32 3.29 57.21
N PRO V 138 29.56 3.78 58.43
CA PRO V 138 28.96 3.13 59.60
C PRO V 138 27.44 3.05 59.57
N ASP V 139 26.79 4.09 59.05
CA ASP V 139 25.32 4.09 58.91
C ASP V 139 24.83 3.14 57.79
N THR V 140 25.64 2.94 56.76
CA THR V 140 25.31 2.03 55.67
C THR V 140 26.54 1.16 55.41
N PRO V 141 26.71 0.14 56.25
CA PRO V 141 27.92 -0.63 56.29
C PRO V 141 28.00 -1.80 55.35
N PHE V 142 26.93 -2.13 54.64
CA PHE V 142 27.02 -3.20 53.61
C PHE V 142 26.51 -2.74 52.27
N LEU V 143 27.05 -3.33 51.22
CA LEU V 143 26.67 -3.01 49.86
C LEU V 143 26.49 -4.30 49.06
N GLN V 144 25.57 -4.29 48.10
CA GLN V 144 25.27 -5.48 47.33
C GLN V 144 25.39 -5.23 45.84
N LEU V 145 25.67 -6.28 45.09
CA LEU V 145 25.59 -6.22 43.66
C LEU V 145 24.76 -7.35 43.20
N GLY V 146 24.23 -7.20 42.00
CA GLY V 146 23.52 -8.28 41.36
C GLY V 146 22.13 -8.39 41.90
N GLU V 147 21.70 -9.64 42.04
CA GLU V 147 20.34 -10.01 42.35
C GLU V 147 20.19 -10.06 43.88
N SER V 148 19.95 -8.90 44.47
CA SER V 148 20.18 -8.71 45.89
C SER V 148 18.95 -8.47 46.77
N LYS V 149 17.79 -8.29 46.16
CA LYS V 149 16.60 -7.95 46.96
C LYS V 149 16.19 -9.13 47.85
N TYR V 150 16.41 -10.34 47.35
CA TYR V 150 15.96 -11.53 48.08
C TYR V 150 16.63 -11.67 49.44
N GLY V 151 17.92 -11.36 49.48
CA GLY V 151 18.68 -11.51 50.71
C GLY V 151 18.94 -10.23 51.50
N LYS V 152 18.27 -9.15 51.10
CA LYS V 152 18.51 -7.86 51.74
C LYS V 152 17.90 -7.79 53.11
N PRO V 153 16.68 -8.29 53.29
CA PRO V 153 16.04 -8.12 54.58
C PRO V 153 16.84 -8.66 55.75
N ILE V 154 17.41 -9.85 55.64
CA ILE V 154 18.16 -10.38 56.78
C ILE V 154 19.36 -9.47 57.15
N LEU V 155 19.95 -8.82 56.16
CA LEU V 155 21.05 -7.91 56.42
C LEU V 155 20.55 -6.64 57.06
N ASP V 156 19.49 -6.10 56.51
CA ASP V 156 18.91 -4.90 57.07
C ASP V 156 18.58 -5.12 58.53
N ARG V 157 18.00 -6.27 58.84
CA ARG V 157 17.54 -6.57 60.21
C ARG V 157 18.64 -6.72 61.24
N ASN V 158 19.75 -7.35 60.86
CA ASN V 158 20.72 -7.78 61.83
C ASN V 158 22.06 -7.09 61.76
N LEU V 159 22.45 -6.63 60.59
CA LEU V 159 23.80 -6.15 60.41
C LEU V 159 23.96 -4.69 60.82
N THR V 160 25.04 -4.37 61.52
CA THR V 160 25.42 -2.97 61.84
C THR V 160 26.92 -2.88 61.84
N PHE V 161 27.44 -1.65 61.90
CA PHE V 161 28.88 -1.42 61.85
C PHE V 161 29.64 -2.24 62.91
N ASP V 162 29.02 -2.40 64.07
CA ASP V 162 29.62 -3.12 65.18
C ASP V 162 29.46 -4.64 65.17
N THR V 163 28.71 -5.18 64.22
CA THR V 163 28.58 -6.62 64.15
C THR V 163 29.98 -7.23 63.98
N PRO V 164 30.32 -8.27 64.78
CA PRO V 164 31.64 -8.92 64.59
C PRO V 164 31.71 -9.69 63.29
N LEU V 165 32.92 -9.97 62.84
CA LEU V 165 33.09 -10.55 61.53
C LEU V 165 32.42 -11.91 61.45
N GLU V 166 32.68 -12.82 62.40
CA GLU V 166 32.16 -14.20 62.29
C GLU V 166 30.64 -14.11 62.14
N GLN V 167 29.98 -13.17 62.82
CA GLN V 167 28.51 -13.06 62.75
C GLN V 167 28.01 -12.41 61.50
N ALA V 168 28.77 -11.46 60.99
CA ALA V 168 28.47 -10.88 59.69
C ALA V 168 28.55 -11.93 58.59
N LEU V 169 29.60 -12.75 58.62
CA LEU V 169 29.76 -13.78 57.62
C LEU V 169 28.58 -14.72 57.63
N ARG V 170 28.19 -15.11 58.82
CA ARG V 170 27.06 -16.02 59.03
C ARG V 170 25.83 -15.43 58.44
N CYS V 171 25.68 -14.15 58.69
CA CYS V 171 24.55 -13.41 58.19
C CYS V 171 24.51 -13.38 56.66
N ALA V 172 25.65 -13.11 56.07
CA ALA V 172 25.79 -13.20 54.63
C ALA V 172 25.36 -14.55 54.10
N LEU V 173 25.77 -15.62 54.76
CA LEU V 173 25.46 -16.95 54.26
C LEU V 173 23.96 -17.21 54.24
N VAL V 174 23.26 -16.71 55.23
CA VAL V 174 21.81 -16.88 55.27
C VAL V 174 21.19 -16.06 54.15
N SER V 175 21.75 -14.89 53.92
CA SER V 175 21.38 -14.10 52.75
C SER V 175 21.45 -14.93 51.45
N PHE V 176 22.55 -15.65 51.26
CA PHE V 176 22.71 -16.46 50.06
C PHE V 176 21.77 -17.64 50.04
N ASP V 177 21.52 -18.22 51.20
CA ASP V 177 20.57 -19.31 51.31
C ASP V 177 19.21 -18.92 50.71
N SER V 178 18.63 -17.84 51.20
CA SER V 178 17.34 -17.41 50.69
C SER V 178 17.39 -17.07 49.22
N THR V 179 18.45 -16.40 48.81
CA THR V 179 18.57 -15.95 47.43
C THR V 179 18.59 -17.18 46.50
N ILE V 180 19.43 -18.15 46.84
CA ILE V 180 19.56 -19.33 46.02
C ILE V 180 18.26 -20.10 45.88
N ARG V 181 17.48 -20.16 46.93
CA ARG V 181 16.20 -20.85 46.89
C ARG V 181 15.19 -20.17 46.02
N SER V 182 15.29 -18.84 45.90
CA SER V 182 14.22 -18.06 45.27
C SER V 182 14.58 -17.49 43.91
N ASN V 183 15.82 -17.68 43.47
CA ASN V 183 16.25 -17.17 42.17
C ASN V 183 17.34 -18.01 41.55
N LEU V 184 17.03 -18.67 40.46
CA LEU V 184 17.98 -19.60 39.83
C LEU V 184 19.20 -18.94 39.20
N SER V 185 19.18 -17.63 38.98
CA SER V 185 20.31 -16.98 38.34
C SER V 185 21.47 -16.93 39.33
N VAL V 186 21.19 -17.17 40.61
CA VAL V 186 22.21 -17.21 41.65
C VAL V 186 22.48 -18.64 42.07
N GLY V 187 23.75 -18.95 42.32
CA GLY V 187 24.16 -20.33 42.47
C GLY V 187 25.56 -20.57 42.99
N PRO V 189 29.25 -22.68 43.34
CA PRO V 189 29.94 -22.39 44.58
C PRO V 189 29.93 -20.92 44.93
N LEU V 190 30.14 -20.64 46.22
CA LEU V 190 30.35 -19.28 46.71
C LEU V 190 31.82 -19.10 47.03
N ASP V 191 32.24 -17.84 47.04
CA ASP V 191 33.61 -17.50 47.38
C ASP V 191 33.55 -16.45 48.47
N LEU V 192 34.25 -16.72 49.58
CA LEU V 192 34.24 -15.81 50.72
C LEU V 192 35.62 -15.31 50.96
N LEU V 193 35.70 -14.14 51.58
CA LEU V 193 36.95 -13.68 52.14
C LEU V 193 36.69 -12.79 53.35
N VAL V 194 37.40 -13.06 54.44
CA VAL V 194 37.34 -12.25 55.66
C VAL V 194 38.69 -11.58 55.90
N TYR V 195 38.70 -10.28 56.16
CA TYR V 195 39.95 -9.55 56.36
C TYR V 195 39.89 -8.81 57.67
N HIS V 196 40.94 -8.95 58.48
CA HIS V 196 40.96 -8.32 59.82
C HIS V 196 41.62 -6.95 59.77
N ARG V 197 40.95 -5.96 60.34
CA ARG V 197 41.45 -4.58 60.31
C ARG V 197 42.87 -4.54 60.79
N ASP V 198 43.70 -3.86 60.02
CA ASP V 198 45.14 -3.63 60.35
C ASP V 198 46.05 -4.87 60.24
N SER V 199 45.52 -6.02 59.83
CA SER V 199 46.34 -7.22 59.69
C SER V 199 47.31 -7.10 58.52
N LEU V 200 46.88 -6.41 57.47
CA LEU V 200 47.67 -6.24 56.24
C LEU V 200 48.26 -7.55 55.69
N ILE V 201 47.50 -8.64 55.80
CA ILE V 201 47.84 -9.91 55.18
C ILE V 201 46.83 -10.22 54.06
N LEU V 202 47.17 -11.12 53.15
CA LEU V 202 46.25 -11.55 52.09
C LEU V 202 45.60 -12.86 52.48
N PRO V 203 44.36 -12.82 52.99
CA PRO V 203 43.75 -14.07 53.46
C PRO V 203 43.53 -14.96 52.27
N GLU V 204 43.54 -16.26 52.47
CA GLU V 204 43.41 -17.13 51.31
C GLU V 204 41.99 -17.14 50.82
N GLY V 205 41.04 -16.86 51.70
CA GLY V 205 39.65 -16.91 51.31
C GLY V 205 39.22 -18.35 51.25
N TYR V 206 37.95 -18.60 51.00
CA TYR V 206 37.40 -19.96 51.11
C TYR V 206 36.24 -20.14 50.13
N ARG V 207 36.16 -21.31 49.55
CA ARG V 207 35.10 -21.61 48.62
C ARG V 207 34.08 -22.58 49.21
N VAL V 208 32.82 -22.18 49.15
CA VAL V 208 31.76 -23.00 49.65
C VAL V 208 31.14 -23.80 48.51
N THR V 209 31.32 -25.11 48.50
CA THR V 209 30.66 -25.94 47.49
C THR V 209 29.35 -26.51 47.97
N GLU V 210 28.61 -27.02 47.00
CA GLU V 210 27.46 -27.88 47.21
C GLU V 210 27.60 -28.80 48.43
N ASP V 211 28.79 -29.36 48.61
CA ASP V 211 29.01 -30.39 49.64
C ASP V 211 29.37 -29.87 51.02
N ASP V 212 29.56 -28.56 51.15
CA ASP V 212 30.13 -28.00 52.37
C ASP V 212 29.32 -28.41 53.60
N ALA V 213 29.99 -29.02 54.56
CA ALA V 213 29.31 -29.56 55.74
C ALA V 213 28.64 -28.44 56.52
N TYR V 214 29.40 -27.38 56.78
CA TYR V 214 28.91 -26.29 57.61
C TYR V 214 27.71 -25.61 56.96
N PHE V 215 27.86 -25.21 55.70
CA PHE V 215 26.80 -24.50 55.03
C PHE V 215 25.56 -25.38 54.90
N SER V 216 25.74 -26.68 54.65
CA SER V 216 24.59 -27.57 54.57
C SER V 216 23.85 -27.60 55.86
N ALA V 217 24.60 -27.61 56.94
CA ALA V 217 24.04 -27.69 58.28
C ALA V 217 23.24 -26.45 58.64
N ILE V 218 23.80 -25.27 58.44
CA ILE V 218 23.07 -24.10 58.86
C ILE V 218 21.85 -23.90 57.98
N ARG V 219 21.86 -24.37 56.75
CA ARG V 219 20.67 -24.30 55.90
C ARG V 219 19.54 -25.17 56.42
N ARG V 220 19.90 -26.39 56.77
CA ARG V 220 18.96 -27.32 57.39
C ARG V 220 18.38 -26.78 58.71
N GLN V 221 19.24 -26.19 59.54
CA GLN V 221 18.81 -25.62 60.80
C GLN V 221 17.89 -24.46 60.58
N TRP V 222 18.32 -23.53 59.72
CA TRP V 222 17.57 -22.34 59.45
C TRP V 222 16.17 -22.73 58.97
N SER V 223 16.05 -23.77 58.16
CA SER V 223 14.73 -24.18 57.66
C SER V 223 13.85 -24.64 58.79
N ALA V 224 14.40 -25.55 59.59
CA ALA V 224 13.70 -26.11 60.72
C ALA V 224 13.26 -25.00 61.66
N GLY V 225 14.15 -24.04 61.89
CA GLY V 225 13.84 -22.95 62.76
C GLY V 225 12.63 -22.19 62.25
N LEU V 226 12.69 -21.72 61.01
CA LEU V 226 11.63 -20.92 60.41
C LEU V 226 10.31 -21.65 60.45
N HIS V 227 10.35 -22.92 60.16
CA HIS V 227 9.14 -23.71 60.13
C HIS V 227 8.52 -23.77 61.53
N ASP V 228 9.38 -23.97 62.53
CA ASP V 228 8.98 -23.99 63.94
C ASP V 228 8.29 -22.70 64.34
N LEU V 230 7.02 -20.38 62.75
CA LEU V 230 5.79 -20.14 62.02
C LEU V 230 4.60 -20.90 62.62
N GLU V 231 4.81 -22.13 63.06
CA GLU V 231 3.73 -22.93 63.65
C GLU V 231 3.38 -22.52 65.07
N ARG V 232 4.38 -21.97 65.76
CA ARG V 232 4.21 -21.49 67.11
C ARG V 232 3.80 -20.00 67.26
N LEU V 233 3.70 -19.27 66.15
CA LEU V 233 3.03 -17.96 66.13
C LEU V 233 1.53 -18.10 66.40
N PRO V 234 0.93 -17.09 67.05
CA PRO V 234 -0.49 -17.19 67.39
C PRO V 234 -1.40 -17.06 66.19
N SER V 235 -2.65 -17.47 66.37
CA SER V 235 -3.68 -17.30 65.35
C SER V 235 -4.22 -15.86 65.32
N PRO V 236 -4.59 -15.36 64.14
CA PRO V 236 -5.25 -14.05 64.04
C PRO V 236 -6.57 -14.06 64.79
N PRO V 237 -6.93 -12.97 65.50
CA PRO V 237 -8.21 -12.87 66.22
C PRO V 237 -9.46 -13.07 65.34
N SER V 238 -10.65 -13.06 65.95
CA SER V 238 -11.93 -13.11 65.21
C SER V 238 -11.94 -12.07 64.11
N ALA V 239 -11.74 -10.81 64.53
CA ALA V 239 -11.73 -9.64 63.65
C ALA V 239 -11.21 -9.88 62.20
N TYR V 240 -10.13 -10.62 62.03
CA TYR V 240 -9.48 -10.74 60.73
C TYR V 240 -10.21 -11.51 59.58
N ASN V 241 -11.46 -11.95 59.76
CA ASN V 241 -12.09 -12.81 58.70
C ASN V 241 -13.36 -12.29 57.98
N THR W 1 0.18 30.30 41.73
CA THR W 1 -0.74 29.19 41.38
C THR W 1 -0.66 28.08 42.43
N TYR W 2 -1.73 27.95 43.21
CA TYR W 2 -1.84 26.86 44.15
C TYR W 2 -3.31 26.56 44.27
N CYS W 3 -3.69 25.31 44.07
CA CYS W 3 -5.09 24.91 44.20
C CYS W 3 -5.20 23.68 45.09
N VAL W 4 -6.29 23.59 45.85
CA VAL W 4 -6.58 22.45 46.70
C VAL W 4 -8.02 22.09 46.55
N ALA W 5 -8.28 20.79 46.61
CA ALA W 5 -9.65 20.31 46.59
C ALA W 5 -9.73 19.14 47.53
N HIS W 7 -12.38 16.00 49.08
CA HIS W 7 -13.60 15.22 48.98
C HIS W 7 -13.76 14.49 50.29
N LEU W 8 -14.78 14.95 51.03
CA LEU W 8 -15.05 14.53 52.39
C LEU W 8 -16.42 13.89 52.51
N ALA W 9 -16.64 13.30 53.67
CA ALA W 9 -17.89 12.65 53.96
C ALA W 9 -19.05 13.56 53.67
N ASP W 10 -18.98 14.83 54.10
CA ASP W 10 -20.14 15.77 53.92
C ASP W 10 -20.19 16.54 52.60
N GLY W 11 -19.17 16.42 51.77
CA GLY W 11 -19.19 17.07 50.46
C GLY W 11 -17.82 17.42 49.95
N LEU W 12 -17.73 18.55 49.27
CA LEU W 12 -16.51 18.96 48.59
C LEU W 12 -16.17 20.36 49.00
N VAL W 13 -14.87 20.63 49.03
CA VAL W 13 -14.38 21.98 49.27
C VAL W 13 -13.30 22.24 48.26
N PHE W 14 -13.38 23.42 47.62
CA PHE W 14 -12.39 23.83 46.65
C PHE W 14 -11.79 25.16 47.02
N ALA W 15 -10.49 25.34 46.77
CA ALA W 15 -9.88 26.65 46.95
C ALA W 15 -8.71 26.85 46.01
N SER W 16 -8.64 28.03 45.40
CA SER W 16 -7.59 28.36 44.47
C SER W 16 -7.07 29.77 44.71
N ASP W 17 -5.79 30.02 44.42
CA ASP W 17 -5.31 31.40 44.35
C ASP W 17 -5.61 31.95 42.96
N SER W 18 -4.96 33.06 42.60
CA SER W 18 -5.25 33.73 41.34
C SER W 18 -4.03 34.31 40.66
N ARG W 19 -2.89 34.27 41.33
CA ARG W 19 -1.71 34.87 40.78
C ARG W 19 -1.19 33.97 39.67
N THR W 20 -0.85 34.58 38.55
CA THR W 20 -0.63 33.84 37.34
C THR W 20 0.52 34.42 36.57
N ASN W 21 1.39 33.56 36.12
CA ASN W 21 2.47 33.97 35.28
C ASN W 21 1.93 34.05 33.86
N ALA W 22 1.78 35.25 33.34
CA ALA W 22 1.22 35.43 32.03
C ALA W 22 2.28 35.93 31.03
N GLY W 23 3.54 35.58 31.21
CA GLY W 23 4.58 36.12 30.35
C GLY W 23 5.63 36.78 31.22
N ILE W 24 6.67 37.29 30.56
CA ILE W 24 7.78 37.89 31.31
C ILE W 24 7.35 39.28 31.73
N ASP W 25 7.62 39.62 32.99
CA ASP W 25 7.25 40.90 33.57
C ASP W 25 5.76 41.16 33.45
N HIS W 26 4.96 40.10 33.39
CA HIS W 26 3.53 40.26 33.33
C HIS W 26 2.94 39.19 34.24
N ILE W 27 2.93 39.49 35.52
CA ILE W 27 2.24 38.64 36.49
C ILE W 27 0.88 39.26 36.81
N ALA W 28 -0.16 38.44 36.86
CA ALA W 28 -1.51 38.96 36.82
C ALA W 28 -2.48 38.08 37.53
N THR W 29 -3.67 38.61 37.74
CA THR W 29 -4.75 37.91 38.38
C THR W 29 -5.66 37.21 37.36
N PHE W 30 -5.84 35.90 37.51
CA PHE W 30 -6.81 35.13 36.72
C PHE W 30 -7.50 34.10 37.60
N ARG W 31 -8.81 34.01 37.48
CA ARG W 31 -9.59 33.04 38.24
C ARG W 31 -9.10 31.64 37.85
N LYS W 32 -8.95 30.77 38.84
CA LYS W 32 -8.55 29.39 38.58
C LYS W 32 -9.57 28.36 39.10
N LEU W 33 -10.81 28.77 39.27
CA LEU W 33 -11.85 27.92 39.78
C LEU W 33 -13.14 28.27 39.04
N PHE W 34 -13.68 27.32 38.31
CA PHE W 34 -14.81 27.54 37.45
C PHE W 34 -15.89 26.55 37.80
N THR W 35 -17.13 27.00 37.76
CA THR W 35 -18.26 26.12 38.08
C THR W 35 -19.17 25.91 36.85
N PHE W 36 -19.85 24.78 36.82
CA PHE W 36 -20.76 24.46 35.76
C PHE W 36 -21.90 23.66 36.38
N GLY W 37 -23.09 23.70 35.78
CA GLY W 37 -24.16 22.82 36.22
C GLY W 37 -25.56 23.29 35.96
N THR W 38 -26.51 22.43 36.29
CA THR W 38 -27.92 22.75 36.22
C THR W 38 -28.48 22.49 37.61
N PRO W 39 -29.12 23.50 38.23
CA PRO W 39 -29.67 23.30 39.60
C PRO W 39 -30.63 22.12 39.75
N GLY W 40 -30.45 21.34 40.82
CA GLY W 40 -31.25 20.15 41.07
C GLY W 40 -30.79 18.90 40.33
N GLU W 41 -29.79 19.04 39.46
CA GLU W 41 -29.30 17.94 38.64
C GLU W 41 -27.78 17.74 38.75
N ARG W 42 -26.98 18.80 38.63
CA ARG W 42 -25.51 18.60 38.76
C ARG W 42 -24.71 19.86 39.08
N LEU W 43 -23.61 19.64 39.80
CA LEU W 43 -22.58 20.66 40.00
C LEU W 43 -21.23 20.10 39.59
N LEU W 44 -20.49 20.84 38.77
CA LEU W 44 -19.11 20.45 38.45
C LEU W 44 -18.19 21.63 38.59
N VAL W 45 -17.03 21.39 39.20
CA VAL W 45 -16.06 22.45 39.39
C VAL W 45 -14.79 22.03 38.68
N VAL W 46 -14.19 22.96 37.96
CA VAL W 46 -12.87 22.73 37.36
C VAL W 46 -11.87 23.75 37.88
N GLN W 47 -10.74 23.27 38.35
CA GLN W 47 -9.64 24.15 38.75
C GLN W 47 -8.50 23.96 37.79
N THR W 48 -7.71 25.01 37.62
CA THR W 48 -6.63 25.02 36.65
C THR W 48 -5.28 25.38 37.28
N ALA W 49 -4.22 24.84 36.71
CA ALA W 49 -2.87 25.20 37.06
C ALA W 49 -1.98 24.92 35.86
N GLY W 50 -0.90 25.66 35.74
CA GLY W 50 -0.02 25.49 34.62
C GLY W 50 -0.16 26.59 33.59
N ASN W 51 0.12 26.28 32.34
CA ASN W 51 0.14 27.29 31.31
C ASN W 51 -1.21 27.96 31.15
N LEU W 52 -1.19 29.29 31.23
CA LEU W 52 -2.41 30.08 31.08
C LEU W 52 -3.11 29.87 29.74
N ALA W 53 -2.37 30.05 28.65
CA ALA W 53 -2.97 29.94 27.33
C ALA W 53 -3.70 28.62 27.16
N THR W 54 -3.08 27.56 27.62
CA THR W 54 -3.61 26.24 27.41
C THR W 54 -4.85 26.09 28.26
N SER W 55 -4.74 26.41 29.53
CA SER W 55 -5.88 26.21 30.40
C SER W 55 -7.04 27.09 30.00
N GLN W 56 -6.76 28.31 29.58
CA GLN W 56 -7.83 29.18 29.12
C GLN W 56 -8.54 28.60 27.92
N SER W 57 -7.78 28.11 26.96
CA SER W 57 -8.38 27.50 25.81
C SER W 57 -9.26 26.30 26.17
N VAL W 58 -8.79 25.48 27.10
CA VAL W 58 -9.58 24.34 27.51
C VAL W 58 -10.90 24.78 28.13
N ILE W 59 -10.85 25.71 29.06
CA ILE W 59 -12.04 26.20 29.72
C ILE W 59 -12.99 26.83 28.72
N ASN W 60 -12.43 27.63 27.83
CA ASN W 60 -13.23 28.31 26.83
C ASN W 60 -14.00 27.34 25.94
N LEU W 61 -13.35 26.27 25.51
CA LEU W 61 -14.01 25.30 24.67
C LEU W 61 -15.09 24.55 25.43
N LEU W 62 -14.83 24.23 26.68
CA LEU W 62 -15.86 23.58 27.49
C LEU W 62 -17.09 24.44 27.60
N GLN W 63 -16.90 25.77 27.74
CA GLN W 63 -18.04 26.69 27.85
C GLN W 63 -18.78 26.75 26.53
N GLN W 64 -18.08 26.98 25.42
CA GLN W 64 -18.72 27.05 24.11
C GLN W 64 -19.53 25.81 23.82
N ARG W 65 -18.96 24.65 24.14
CA ARG W 65 -19.60 23.37 23.84
C ARG W 65 -20.80 22.99 24.74
N ILE W 66 -20.91 23.60 25.90
CA ILE W 66 -22.06 23.43 26.77
C ILE W 66 -23.34 23.77 26.02
N ARG W 67 -23.28 24.89 25.29
CA ARG W 67 -24.35 25.38 24.43
C ARG W 67 -24.25 24.75 23.03
N ARG W 68 -24.21 23.41 22.97
CA ARG W 68 -24.11 22.70 21.68
C ARG W 68 -24.47 21.20 21.83
N ASP W 69 -25.23 20.69 20.85
CA ASP W 69 -25.72 19.30 20.86
C ASP W 69 -24.58 18.30 20.62
N GLY W 70 -24.11 17.67 21.69
CA GLY W 70 -22.98 16.74 21.61
C GLY W 70 -22.36 16.64 22.99
N ALA W 71 -21.24 15.93 23.12
CA ALA W 71 -20.55 15.78 24.42
C ALA W 71 -20.20 17.10 25.11
N SER W 72 -20.64 17.27 26.35
CA SER W 72 -20.42 18.51 27.11
C SER W 72 -20.53 18.24 28.58
N LEU W 73 -19.96 19.13 29.37
CA LEU W 73 -20.04 18.98 30.82
C LEU W 73 -21.46 18.91 31.40
N LEU W 74 -22.47 19.26 30.63
CA LEU W 74 -23.83 19.20 31.15
C LEU W 74 -24.60 17.91 30.87
N ASN W 75 -24.07 17.00 30.06
CA ASN W 75 -24.85 15.85 29.62
C ASN W 75 -24.10 14.55 29.95
N VAL W 76 -22.78 14.68 30.03
CA VAL W 76 -21.89 13.66 30.54
C VAL W 76 -22.52 12.94 31.74
N PRO W 77 -22.59 11.59 31.71
CA PRO W 77 -23.31 10.85 32.74
C PRO W 77 -22.66 10.70 34.14
N SER W 78 -21.37 11.00 34.31
CA SER W 78 -20.71 10.83 35.61
C SER W 78 -19.57 11.81 35.78
N VAL W 79 -19.16 12.04 37.03
CA VAL W 79 -18.01 12.91 37.27
C VAL W 79 -16.75 12.35 36.58
N TYR W 80 -16.61 11.03 36.59
CA TYR W 80 -15.52 10.36 35.87
C TYR W 80 -15.49 10.82 34.41
N ASP W 81 -16.62 10.68 33.73
CA ASP W 81 -16.71 11.06 32.32
C ASP W 81 -16.50 12.55 32.07
N ALA W 82 -16.86 13.38 33.04
CA ALA W 82 -16.55 14.78 32.98
C ALA W 82 -15.05 15.00 32.95
N THR W 83 -14.37 14.32 33.88
CA THR W 83 -12.90 14.42 34.00
C THR W 83 -12.26 13.98 32.69
N ALA W 84 -12.78 12.88 32.16
CA ALA W 84 -12.29 12.35 30.87
C ALA W 84 -12.50 13.34 29.74
N LEU W 85 -13.64 14.03 29.76
CA LEU W 85 -13.92 15.02 28.75
C LEU W 85 -12.94 16.20 28.85
N VAL W 86 -12.66 16.67 30.06
CA VAL W 86 -11.71 17.75 30.24
C VAL W 86 -10.36 17.33 29.64
N ALA W 87 -9.91 16.14 30.01
CA ALA W 87 -8.65 15.60 29.49
C ALA W 87 -8.64 15.50 27.96
N GLU W 88 -9.68 14.90 27.42
CA GLU W 88 -9.93 14.84 25.99
C GLU W 88 -9.74 16.22 25.38
N THR W 89 -10.34 17.23 26.00
CA THR W 89 -10.29 18.60 25.48
C THR W 89 -8.88 19.14 25.53
N THR W 90 -8.18 18.85 26.62
CA THR W 90 -6.81 19.28 26.77
C THR W 90 -5.96 18.75 25.63
N ARG W 91 -6.04 17.44 25.35
CA ARG W 91 -5.33 16.83 24.24
C ARG W 91 -5.55 17.59 22.94
N GLU W 92 -6.81 17.91 22.68
CA GLU W 92 -7.17 18.61 21.48
C GLU W 92 -6.46 19.97 21.39
N VAL W 93 -6.37 20.68 22.51
CA VAL W 93 -5.74 22.01 22.52
C VAL W 93 -4.23 21.91 22.28
N ALA W 95 -2.59 19.51 20.70
CA ALA W 95 -2.38 19.14 19.31
C ALA W 95 -2.31 20.36 18.37
N ARG W 96 -3.21 21.32 18.56
CA ARG W 96 -3.31 22.48 17.67
C ARG W 96 -2.15 23.49 17.82
N ASP W 97 -1.80 23.83 19.06
CA ASP W 97 -0.79 24.88 19.39
C ASP W 97 0.66 24.40 19.21
N SER W 98 0.87 23.10 19.37
CA SER W 98 2.15 22.47 19.06
C SER W 98 2.55 22.71 17.57
N GLY W 99 3.84 22.97 17.37
CA GLY W 99 4.40 23.26 16.05
C GLY W 99 5.82 23.75 16.23
N ASN W 100 6.50 24.14 15.15
CA ASN W 100 7.87 24.70 15.26
C ASN W 100 7.88 26.03 16.00
N LEU W 101 6.80 26.80 15.84
CA LEU W 101 6.69 28.17 16.37
C LEU W 101 6.70 28.20 17.89
N ALA W 102 5.96 27.29 18.53
CA ALA W 102 6.04 27.14 19.99
C ALA W 102 7.48 26.82 20.42
N GLY W 103 8.15 25.93 19.70
CA GLY W 103 9.55 25.57 19.97
C GLY W 103 9.68 24.71 21.23
N ASN W 104 10.51 25.14 22.18
CA ASN W 104 10.70 24.42 23.45
C ASN W 104 9.88 24.95 24.63
N THR W 105 9.10 26.00 24.40
CA THR W 105 8.20 26.55 25.44
C THR W 105 7.20 25.49 25.99
N ASP W 106 6.94 25.54 27.30
CA ASP W 106 6.22 24.46 27.99
C ASP W 106 4.70 24.72 28.14
N LEU W 107 3.92 24.08 27.28
CA LEU W 107 2.46 24.35 27.18
C LEU W 107 1.58 23.53 28.09
N SER W 108 2.16 22.82 29.05
CA SER W 108 1.37 21.81 29.77
C SER W 108 0.60 22.46 30.89
N CYS W 109 -0.54 21.86 31.24
CA CYS W 109 -1.26 22.26 32.43
C CYS W 109 -2.06 21.12 33.01
N SER W 110 -2.50 21.34 34.23
CA SER W 110 -3.15 20.33 35.04
C SER W 110 -4.45 20.90 35.58
N PHE W 111 -5.35 20.01 35.97
CA PHE W 111 -6.71 20.37 36.33
C PHE W 111 -7.22 19.54 37.46
N VAL W 113 -11.08 18.21 38.65
CA VAL W 113 -12.49 18.17 38.28
C VAL W 113 -13.22 17.45 39.39
N GLY W 114 -14.18 18.11 40.00
CA GLY W 114 -14.95 17.51 41.07
C GLY W 114 -16.37 18.01 41.07
N GLY W 115 -17.23 17.28 41.77
CA GLY W 115 -18.64 17.66 41.84
C GLY W 115 -19.56 16.51 42.10
N GLN W 116 -20.82 16.66 41.71
CA GLN W 116 -21.80 15.62 41.87
C GLN W 116 -22.87 15.68 40.80
N ILE W 117 -23.20 14.52 40.27
CA ILE W 117 -24.28 14.41 39.31
C ILE W 117 -25.38 13.59 39.96
N ALA W 118 -26.62 14.00 39.72
CA ALA W 118 -27.79 13.34 40.31
C ALA W 118 -27.71 11.84 40.16
N GLY W 119 -27.89 11.14 41.27
CA GLY W 119 -27.96 9.68 41.26
C GLY W 119 -26.66 8.97 41.52
N GLY W 120 -25.61 9.72 41.85
CA GLY W 120 -24.37 9.10 42.29
C GLY W 120 -23.65 10.00 43.24
N PRO W 121 -22.75 9.44 44.04
CA PRO W 121 -22.08 10.24 45.06
C PRO W 121 -21.22 11.35 44.43
N PRO W 122 -20.81 12.33 45.25
CA PRO W 122 -19.84 13.31 44.81
C PRO W 122 -18.46 12.67 44.63
N ALA W 123 -17.65 13.27 43.77
CA ALA W 123 -16.33 12.73 43.44
C ALA W 123 -15.35 13.85 43.10
N LEU W 124 -14.06 13.53 43.12
CA LEU W 124 -13.01 14.50 42.85
C LEU W 124 -11.81 13.85 42.15
N TYR W 125 -11.40 14.41 41.01
CA TYR W 125 -10.28 13.87 40.25
C TYR W 125 -9.25 14.93 40.01
N SER W 126 -8.01 14.49 39.74
CA SER W 126 -6.94 15.39 39.37
C SER W 126 -6.34 14.88 38.09
N ILE W 127 -6.19 15.76 37.11
CA ILE W 127 -5.63 15.41 35.80
C ILE W 127 -4.23 15.92 35.70
N TYR W 128 -3.31 15.06 35.27
CA TYR W 128 -1.91 15.40 35.28
C TYR W 128 -1.56 16.09 33.98
N PRO W 129 -0.39 16.74 33.93
CA PRO W 129 0.10 17.30 32.67
C PRO W 129 -0.05 16.39 31.47
N GLN W 130 0.14 15.09 31.66
CA GLN W 130 0.16 14.14 30.55
C GLN W 130 -1.23 13.63 30.16
N GLY W 131 -2.28 14.02 30.90
CA GLY W 131 -3.67 13.70 30.51
C GLY W 131 -4.34 12.50 31.19
N ASN W 132 -3.59 11.76 32.00
CA ASN W 132 -4.12 10.68 32.78
C ASN W 132 -4.53 11.26 34.13
N PHE W 133 -5.50 10.63 34.79
CA PHE W 133 -5.98 11.17 36.06
C PHE W 133 -6.27 10.20 37.18
N ILE W 134 -6.33 10.77 38.37
CA ILE W 134 -6.59 10.00 39.55
C ILE W 134 -7.73 10.54 40.30
N GLN W 135 -8.26 9.69 41.17
CA GLN W 135 -9.42 10.00 41.97
C GLN W 135 -9.02 10.08 43.41
N ALA W 136 -9.55 11.06 44.11
CA ALA W 136 -9.39 11.11 45.56
C ALA W 136 -10.27 10.05 46.20
N THR W 137 -9.76 9.49 47.31
CA THR W 137 -10.50 8.48 48.09
C THR W 137 -10.49 8.83 49.57
N PRO W 138 -11.19 8.03 50.39
CA PRO W 138 -11.16 8.30 51.84
C PRO W 138 -9.77 8.30 52.44
N ASP W 139 -8.90 7.42 51.96
CA ASP W 139 -7.53 7.33 52.47
C ASP W 139 -6.66 8.52 51.98
N THR W 140 -6.98 9.04 50.81
CA THR W 140 -6.28 10.22 50.26
C THR W 140 -7.36 11.21 49.79
N PRO W 141 -7.93 11.94 50.75
CA PRO W 141 -9.08 12.75 50.49
C PRO W 141 -8.83 14.16 49.98
N PHE W 142 -7.59 14.60 49.88
CA PHE W 142 -7.33 15.90 49.26
C PHE W 142 -6.30 15.80 48.18
N LEU W 143 -6.39 16.71 47.23
CA LEU W 143 -5.44 16.78 46.11
C LEU W 143 -5.02 18.24 45.88
N GLN W 144 -3.79 18.43 45.43
CA GLN W 144 -3.25 19.77 45.21
C GLN W 144 -2.69 19.98 43.82
N LEU W 145 -2.70 21.22 43.37
CA LEU W 145 -2.08 21.56 42.13
C LEU W 145 -1.20 22.72 42.39
N GLY W 146 -0.25 22.90 41.52
CA GLY W 146 0.59 24.06 41.58
C GLY W 146 1.65 23.92 42.64
N GLU W 147 1.93 25.04 43.28
CA GLU W 147 2.98 25.21 44.23
C GLU W 147 2.43 24.81 45.62
N SER W 148 2.48 23.51 45.90
CA SER W 148 1.73 22.92 46.99
C SER W 148 2.51 22.36 48.17
N LYS W 149 3.83 22.28 48.08
CA LYS W 149 4.61 21.67 49.17
C LYS W 149 4.54 22.54 50.45
N TYR W 150 4.50 23.84 50.30
CA TYR W 150 4.52 24.74 51.44
C TYR W 150 3.34 24.52 52.37
N GLY W 151 2.18 24.28 51.79
CA GLY W 151 0.96 24.14 52.57
C GLY W 151 0.45 22.72 52.72
N LYS W 152 1.29 21.76 52.35
CA LYS W 152 0.89 20.37 52.49
C LYS W 152 0.87 19.87 53.93
N PRO W 153 1.87 20.25 54.75
CA PRO W 153 1.95 19.63 56.06
C PRO W 153 0.70 19.86 56.87
N ILE W 154 0.16 21.06 56.89
CA ILE W 154 -1.01 21.29 57.69
C ILE W 154 -2.19 20.38 57.27
N LEU W 155 -2.26 20.07 55.98
CA LEU W 155 -3.33 19.22 55.48
C LEU W 155 -3.07 17.79 55.85
N ASP W 156 -1.84 17.36 55.67
CA ASP W 156 -1.45 16.01 56.08
C ASP W 156 -1.77 15.77 57.56
N ARG W 157 -1.45 16.75 58.39
CA ARG W 157 -1.63 16.61 59.84
C ARG W 157 -3.07 16.51 60.30
N ASN W 158 -3.95 17.29 59.71
CA ASN W 158 -5.28 17.48 60.27
C ASN W 158 -6.42 16.93 59.48
N LEU W 159 -6.26 16.86 58.19
CA LEU W 159 -7.38 16.57 57.32
C LEU W 159 -7.61 15.08 57.18
N THR W 160 -8.86 14.66 57.25
CA THR W 160 -9.24 13.26 56.97
C THR W 160 -10.59 13.27 56.29
N PHE W 161 -10.99 12.12 55.78
CA PHE W 161 -12.29 12.02 55.11
C PHE W 161 -13.46 12.53 55.96
N ASP W 162 -13.39 12.30 57.26
CA ASP W 162 -14.45 12.70 58.20
C ASP W 162 -14.39 14.15 58.70
N THR W 163 -13.36 14.90 58.35
CA THR W 163 -13.30 16.30 58.73
C THR W 163 -14.56 17.01 58.18
N PRO W 164 -15.29 17.76 59.02
CA PRO W 164 -16.42 18.53 58.51
C PRO W 164 -15.99 19.64 57.56
N LEU W 165 -16.91 20.11 56.73
CA LEU W 165 -16.56 21.09 55.70
C LEU W 165 -16.00 22.40 56.29
N GLU W 166 -16.69 23.00 57.27
CA GLU W 166 -16.25 24.30 57.82
C GLU W 166 -14.79 24.16 58.28
N GLN W 167 -14.42 23.02 58.86
CA GLN W 167 -13.06 22.85 59.38
C GLN W 167 -12.05 22.57 58.31
N ALA W 168 -12.47 21.84 57.28
CA ALA W 168 -11.62 21.63 56.14
C ALA W 168 -11.29 22.94 55.46
N LEU W 169 -12.31 23.79 55.29
CA LEU W 169 -12.10 25.08 54.65
C LEU W 169 -11.08 25.90 55.41
N ARG W 170 -11.26 25.91 56.71
CA ARG W 170 -10.39 26.65 57.60
C ARG W 170 -8.97 26.15 57.43
N CYS W 171 -8.85 24.85 57.35
CA CYS W 171 -7.59 24.21 57.19
C CYS W 171 -6.94 24.64 55.89
N ALA W 172 -7.71 24.63 54.82
CA ALA W 172 -7.24 25.12 53.54
C ALA W 172 -6.72 26.54 53.65
N LEU W 173 -7.45 27.40 54.34
CA LEU W 173 -7.04 28.78 54.42
C LEU W 173 -5.68 28.94 55.09
N VAL W 174 -5.42 28.14 56.12
CA VAL W 174 -4.14 28.16 56.78
C VAL W 174 -3.05 27.68 55.80
N SER W 175 -3.38 26.67 55.01
CA SER W 175 -2.49 26.20 53.97
C SER W 175 -2.07 27.39 53.10
N PHE W 176 -3.04 28.22 52.69
CA PHE W 176 -2.73 29.32 51.79
C PHE W 176 -1.92 30.37 52.49
N ASP W 177 -2.21 30.56 53.77
CA ASP W 177 -1.48 31.52 54.56
C ASP W 177 0.02 31.22 54.47
N SER W 178 0.41 30.01 54.83
CA SER W 178 1.83 29.66 54.82
C SER W 178 2.42 29.78 53.44
N THR W 179 1.64 29.33 52.44
CA THR W 179 2.12 29.32 51.08
C THR W 179 2.43 30.76 50.63
N ILE W 180 1.47 31.65 50.86
CA ILE W 180 1.62 33.02 50.42
C ILE W 180 2.81 33.70 51.06
N ARG W 181 3.09 33.40 52.30
CA ARG W 181 4.22 33.99 52.98
C ARG W 181 5.54 33.54 52.45
N SER W 182 5.60 32.32 51.95
CA SER W 182 6.86 31.69 51.63
C SER W 182 7.14 31.59 50.13
N ASN W 183 6.18 31.96 49.29
CA ASN W 183 6.33 31.86 47.85
C ASN W 183 5.53 32.94 47.14
N LEU W 184 6.23 33.86 46.50
CA LEU W 184 5.57 34.96 45.81
C LEU W 184 4.77 34.59 44.57
N SER W 185 4.96 33.41 44.00
CA SER W 185 4.24 33.04 42.81
C SER W 185 2.78 32.80 43.16
N VAL W 186 2.50 32.62 44.45
CA VAL W 186 1.14 32.40 44.95
C VAL W 186 0.61 33.64 45.64
N GLY W 187 -0.65 33.97 45.40
CA GLY W 187 -1.16 35.30 45.73
C GLY W 187 -2.66 35.51 45.63
N PRO W 189 -6.27 37.64 45.02
CA PRO W 189 -7.39 37.03 45.74
C PRO W 189 -7.45 35.54 45.63
N LEU W 190 -8.15 34.92 46.58
CA LEU W 190 -8.47 33.49 46.53
C LEU W 190 -9.91 33.32 46.14
N ASP W 191 -10.22 32.16 45.60
CA ASP W 191 -11.57 31.82 45.26
C ASP W 191 -11.93 30.49 45.95
N LEU W 192 -13.02 30.47 46.71
CA LEU W 192 -13.44 29.29 47.45
C LEU W 192 -14.79 28.83 46.98
N LEU W 193 -15.05 27.54 47.16
CA LEU W 193 -16.36 27.02 46.96
C LEU W 193 -16.56 25.82 47.85
N VAL W 194 -17.67 25.82 48.59
CA VAL W 194 -18.05 24.68 49.40
C VAL W 194 -19.35 24.06 48.86
N TYR W 195 -19.38 22.73 48.72
CA TYR W 195 -20.56 22.07 48.18
C TYR W 195 -21.01 20.99 49.14
N HIS W 196 -22.30 20.97 49.44
CA HIS W 196 -22.85 20.00 50.37
C HIS W 196 -23.33 18.71 49.66
N ARG W 197 -22.90 17.54 50.14
CA ARG W 197 -23.26 16.26 49.55
C ARG W 197 -24.77 16.17 49.37
N ASP W 198 -25.19 15.80 48.17
CA ASP W 198 -26.59 15.62 47.81
C ASP W 198 -27.43 16.89 47.70
N SER W 199 -26.86 18.08 47.88
CA SER W 199 -27.61 19.33 47.76
C SER W 199 -27.99 19.63 46.31
N LEU W 200 -27.13 19.25 45.37
CA LEU W 200 -27.34 19.46 43.92
C LEU W 200 -27.70 20.90 43.56
N ILE W 201 -27.11 21.85 44.28
CA ILE W 201 -27.26 23.27 43.98
C ILE W 201 -25.91 23.82 43.55
N LEU W 202 -25.91 24.98 42.89
CA LEU W 202 -24.68 25.61 42.46
C LEU W 202 -24.36 26.69 43.47
N PRO W 203 -23.44 26.42 44.41
CA PRO W 203 -23.10 27.46 45.38
C PRO W 203 -22.46 28.65 44.69
N GLU W 204 -22.64 29.84 45.24
CA GLU W 204 -22.10 31.01 44.58
C GLU W 204 -20.60 31.09 44.74
N GLY W 205 -20.09 30.50 45.82
CA GLY W 205 -18.67 30.55 46.05
C GLY W 205 -18.34 31.92 46.59
N TYR W 206 -17.08 32.15 46.95
CA TYR W 206 -16.71 33.35 47.66
C TYR W 206 -15.28 33.73 47.36
N ARG W 207 -15.04 35.02 47.21
CA ARG W 207 -13.70 35.49 46.92
C ARG W 207 -13.08 36.19 48.11
N VAL W 208 -11.90 35.74 48.47
CA VAL W 208 -11.18 36.32 49.57
C VAL W 208 -10.18 37.35 49.08
N THR W 209 -10.42 38.63 49.36
CA THR W 209 -9.46 39.66 48.98
C THR W 209 -8.49 40.00 50.09
N GLU W 210 -7.44 40.69 49.70
CA GLU W 210 -6.52 41.39 50.60
C GLU W 210 -7.21 41.96 51.87
N ASP W 211 -8.38 42.54 51.71
CA ASP W 211 -9.05 43.21 52.79
C ASP W 211 -9.88 42.32 53.68
N ASP W 212 -10.05 41.06 53.34
CA ASP W 212 -11.03 40.25 54.02
C ASP W 212 -10.81 40.29 55.53
N ALA W 213 -11.84 40.67 56.28
CA ALA W 213 -11.74 40.74 57.72
C ALA W 213 -11.40 39.36 58.32
N TYR W 214 -12.15 38.32 57.94
CA TYR W 214 -12.00 37.03 58.58
C TYR W 214 -10.64 36.51 58.32
N PHE W 215 -10.23 36.50 57.05
CA PHE W 215 -8.96 35.88 56.70
C PHE W 215 -7.82 36.66 57.34
N SER W 216 -7.93 37.98 57.40
CA SER W 216 -6.90 38.77 58.07
C SER W 216 -6.76 38.36 59.52
N ALA W 217 -7.90 38.13 60.16
CA ALA W 217 -7.94 37.81 61.56
C ALA W 217 -7.30 36.47 61.83
N ILE W 218 -7.66 35.43 61.07
CA ILE W 218 -7.17 34.13 61.42
C ILE W 218 -5.69 34.10 61.13
N ARG W 219 -5.20 34.90 60.18
CA ARG W 219 -3.75 34.95 59.93
C ARG W 219 -3.03 35.55 61.13
N ARG W 220 -3.56 36.64 61.66
CA ARG W 220 -2.99 37.30 62.82
C ARG W 220 -2.98 36.36 64.01
N GLN W 221 -4.07 35.61 64.18
CA GLN W 221 -4.20 34.67 65.32
C GLN W 221 -3.23 33.54 65.20
N TRP W 222 -3.21 32.96 64.02
CA TRP W 222 -2.33 31.85 63.75
C TRP W 222 -0.89 32.25 64.02
N SER W 223 -0.49 33.47 63.66
CA SER W 223 0.88 33.91 63.92
C SER W 223 1.17 33.94 65.37
N ALA W 224 0.29 34.62 66.10
CA ALA W 224 0.44 34.79 67.52
C ALA W 224 0.52 33.42 68.18
N GLY W 225 -0.31 32.50 67.73
CA GLY W 225 -0.36 31.17 68.29
C GLY W 225 0.96 30.48 68.13
N LEU W 226 1.45 30.38 66.90
CA LEU W 226 2.71 29.75 66.61
C LEU W 226 3.83 30.36 67.39
N HIS W 227 3.87 31.66 67.48
CA HIS W 227 4.93 32.34 68.20
C HIS W 227 4.90 31.93 69.69
N ASP W 228 3.70 31.90 70.26
CA ASP W 228 3.47 31.53 71.64
C ASP W 228 4.00 30.10 71.89
N LEU W 230 5.97 28.27 70.40
CA LEU W 230 7.39 28.15 70.18
C LEU W 230 8.16 28.59 71.41
N GLU W 231 7.71 29.65 72.06
CA GLU W 231 8.40 30.17 73.25
C GLU W 231 8.15 29.33 74.47
N ARG W 232 7.00 28.67 74.48
CA ARG W 232 6.62 27.82 75.59
C ARG W 232 7.04 26.34 75.44
N LEU W 233 7.66 25.96 74.33
CA LEU W 233 8.35 24.67 74.17
C LEU W 233 9.60 24.60 75.03
N PRO W 234 9.93 23.41 75.53
CA PRO W 234 11.07 23.27 76.45
C PRO W 234 12.40 23.42 75.75
N SER W 235 13.45 23.69 76.53
CA SER W 235 14.80 23.80 76.00
C SER W 235 15.40 22.41 75.79
N PRO W 236 16.27 22.27 74.78
CA PRO W 236 16.96 21.02 74.56
C PRO W 236 17.84 20.71 75.73
N PRO W 237 17.96 19.44 76.12
CA PRO W 237 18.84 19.06 77.23
C PRO W 237 20.30 19.43 77.05
N SER W 238 21.13 19.17 78.07
CA SER W 238 22.58 19.36 77.96
C SER W 238 23.09 18.70 76.69
N ALA W 239 22.84 17.38 76.61
CA ALA W 239 23.30 16.52 75.52
C ALA W 239 23.42 17.23 74.14
N TYR W 240 22.44 18.04 73.77
CA TYR W 240 22.38 18.60 72.42
C TYR W 240 23.46 19.63 71.96
N ASN W 241 24.51 19.91 72.75
CA ASN W 241 25.46 20.99 72.35
C ASN W 241 26.90 20.49 72.08
N THR X 1 16.47 13.98 51.94
CA THR X 1 17.54 15.00 51.92
C THR X 1 16.93 16.38 52.17
N TYR X 2 17.23 16.95 53.33
CA TYR X 2 16.84 18.31 53.65
C TYR X 2 17.86 18.86 54.62
N CYS X 3 18.46 20.00 54.30
CA CYS X 3 19.47 20.60 55.16
C CYS X 3 19.12 22.05 55.37
N VAL X 4 19.43 22.55 56.56
CA VAL X 4 19.25 23.97 56.91
C VAL X 4 20.47 24.45 57.60
N ALA X 5 20.80 25.70 57.36
CA ALA X 5 21.86 26.36 58.08
C ALA X 5 21.46 27.80 58.33
N HIS X 7 22.77 31.64 60.06
CA HIS X 7 23.85 32.47 60.51
C HIS X 7 23.18 33.61 61.22
N LEU X 8 23.37 33.59 62.52
CA LEU X 8 22.73 34.51 63.47
C LEU X 8 23.74 35.31 64.27
N ALA X 9 23.21 36.30 64.98
CA ALA X 9 24.04 37.21 65.73
C ALA X 9 24.99 36.44 66.63
N ASP X 10 24.48 35.41 67.31
CA ASP X 10 25.30 34.66 68.28
C ASP X 10 26.13 33.50 67.70
N GLY X 11 25.96 33.19 66.42
CA GLY X 11 26.75 32.13 65.82
C GLY X 11 26.05 31.41 64.68
N LEU X 12 26.29 30.10 64.57
CA LEU X 12 25.76 29.31 63.48
C LEU X 12 25.04 28.12 64.02
N VAL X 13 24.00 27.69 63.29
CA VAL X 13 23.29 26.46 63.61
C VAL X 13 23.12 25.68 62.32
N PHE X 14 23.45 24.38 62.37
CA PHE X 14 23.33 23.52 61.21
C PHE X 14 22.47 22.33 61.53
N ALA X 15 21.67 21.89 60.57
CA ALA X 15 20.89 20.65 60.75
C ALA X 15 20.63 19.96 59.44
N SER X 16 20.84 18.65 59.42
CA SER X 16 20.64 17.85 58.21
C SER X 16 19.90 16.57 58.51
N ASP X 17 19.10 16.06 57.57
CA ASP X 17 18.60 14.70 57.68
C ASP X 17 19.67 13.73 57.17
N SER X 18 19.27 12.48 56.92
CA SER X 18 20.23 11.44 56.52
C SER X 18 19.71 10.50 55.46
N ARG X 19 18.43 10.63 55.10
CA ARG X 19 17.85 9.69 54.16
C ARG X 19 18.34 10.06 52.79
N THR X 20 18.77 9.06 52.04
CA THR X 20 19.54 9.29 50.82
C THR X 20 19.15 8.32 49.74
N ASN X 21 18.94 8.85 48.55
CA ASN X 21 18.64 8.02 47.43
C ASN X 21 19.95 7.54 46.86
N ALA X 22 20.25 6.27 47.03
CA ALA X 22 21.52 5.72 46.62
C ALA X 22 21.39 4.80 45.42
N GLY X 23 20.40 5.02 44.57
CA GLY X 23 20.13 4.08 43.49
C GLY X 23 18.70 3.66 43.55
N ILE X 24 18.30 2.83 42.61
CA ILE X 24 16.90 2.36 42.56
C ILE X 24 16.71 1.27 43.60
N ASP X 25 15.62 1.37 44.34
CA ASP X 25 15.32 0.43 45.38
C ASP X 25 16.44 0.33 46.42
N HIS X 26 17.22 1.38 46.58
CA HIS X 26 18.27 1.40 47.56
C HIS X 26 18.24 2.79 48.22
N ILE X 27 17.36 2.94 49.19
CA ILE X 27 17.35 4.13 49.99
C ILE X 27 18.07 3.85 51.28
N ALA X 28 18.89 4.78 51.75
CA ALA X 28 19.79 4.48 52.83
C ALA X 28 20.17 5.69 53.63
N THR X 29 20.82 5.43 54.76
CA THR X 29 21.26 6.48 55.68
C THR X 29 22.69 6.88 55.36
N PHE X 30 22.92 8.17 55.12
CA PHE X 30 24.26 8.74 55.00
C PHE X 30 24.33 10.11 55.68
N ARG X 31 25.39 10.34 56.42
CA ARG X 31 25.59 11.62 57.09
C ARG X 31 25.69 12.71 56.03
N LYS X 32 25.06 13.86 56.28
CA LYS X 32 25.11 14.96 55.35
C LYS X 32 25.66 16.25 56.01
N LEU X 33 26.40 16.09 57.09
CA LEU X 33 26.94 17.24 57.81
C LEU X 33 28.30 16.84 58.32
N PHE X 34 29.31 17.56 57.85
CA PHE X 34 30.72 17.20 58.10
C PHE X 34 31.46 18.40 58.66
N THR X 35 32.34 18.16 59.64
CA THR X 35 33.04 19.25 60.31
C THR X 35 34.53 19.15 60.04
N PHE X 36 35.20 20.29 60.06
CA PHE X 36 36.65 20.35 59.84
C PHE X 36 37.18 21.48 60.69
N GLY X 37 38.44 21.40 61.09
CA GLY X 37 39.06 22.53 61.78
C GLY X 37 40.22 22.21 62.68
N THR X 38 40.82 23.27 63.21
CA THR X 38 41.87 23.16 64.23
C THR X 38 41.41 23.99 65.44
N PRO X 39 41.42 23.39 66.66
CA PRO X 39 40.84 24.10 67.83
C PRO X 39 41.59 25.38 68.15
N GLY X 40 40.85 26.45 68.43
CA GLY X 40 41.42 27.76 68.70
C GLY X 40 41.78 28.57 67.46
N GLU X 41 41.60 27.99 66.28
CA GLU X 41 41.92 28.65 65.00
C GLU X 41 40.73 28.65 64.02
N ARG X 42 40.06 27.51 63.81
CA ARG X 42 38.94 27.52 62.86
C ARG X 42 37.96 26.36 62.99
N LEU X 43 36.73 26.64 62.63
CA LEU X 43 35.70 25.61 62.44
C LEU X 43 35.07 25.80 61.06
N LEU X 44 34.97 24.72 60.30
CA LEU X 44 34.19 24.76 59.06
C LEU X 44 33.24 23.57 59.00
N VAL X 45 32.03 23.82 58.55
CA VAL X 45 31.03 22.78 58.39
C VAL X 45 30.61 22.70 56.94
N VAL X 46 30.51 21.51 56.41
CA VAL X 46 29.99 21.33 55.05
C VAL X 46 28.79 20.43 55.08
N GLN X 47 27.70 20.89 54.48
CA GLN X 47 26.51 20.05 54.32
C GLN X 47 26.30 19.72 52.86
N THR X 48 25.70 18.56 52.60
CA THR X 48 25.59 18.06 51.23
C THR X 48 24.15 17.76 50.88
N ALA X 49 23.84 17.88 49.60
CA ALA X 49 22.56 17.44 49.07
C ALA X 49 22.77 17.12 47.61
N GLY X 50 21.93 16.26 47.06
CA GLY X 50 22.06 15.91 45.63
C GLY X 50 22.70 14.55 45.45
N ASN X 51 23.39 14.36 44.35
CA ASN X 51 23.92 13.04 44.02
C ASN X 51 24.91 12.56 45.06
N LEU X 52 24.66 11.37 45.57
CA LEU X 52 25.53 10.78 46.59
C LEU X 52 26.96 10.58 46.11
N ALA X 53 27.13 9.92 44.96
CA ALA X 53 28.46 9.64 44.45
C ALA X 53 29.30 10.90 44.34
N THR X 54 28.70 11.96 43.84
CA THR X 54 29.42 13.17 43.61
C THR X 54 29.75 13.81 44.92
N SER X 55 28.78 13.98 45.78
CA SER X 55 29.05 14.65 47.04
C SER X 55 30.05 13.83 47.90
N GLN X 56 29.96 12.51 47.89
CA GLN X 56 30.92 11.72 48.64
C GLN X 56 32.31 11.94 48.11
N SER X 57 32.46 11.89 46.80
CA SER X 57 33.78 12.11 46.24
C SER X 57 34.33 13.48 46.63
N VAL X 58 33.49 14.50 46.62
CA VAL X 58 33.95 15.81 47.00
C VAL X 58 34.46 15.82 48.43
N ILE X 59 33.67 15.28 49.35
CA ILE X 59 34.02 15.28 50.75
C ILE X 59 35.27 14.47 50.99
N ASN X 60 35.34 13.33 50.33
CA ASN X 60 36.50 12.48 50.45
C ASN X 60 37.78 13.18 50.02
N LEU X 61 37.72 13.92 48.93
CA LEU X 61 38.92 14.58 48.45
C LEU X 61 39.32 15.68 49.42
N LEU X 62 38.33 16.41 49.94
CA LEU X 62 38.62 17.45 50.89
C LEU X 62 39.32 16.88 52.12
N GLN X 63 38.91 15.71 52.56
CA GLN X 63 39.57 15.04 53.69
C GLN X 63 40.99 14.60 53.37
N GLN X 64 41.17 13.86 52.27
CA GLN X 64 42.52 13.46 51.86
C GLN X 64 43.47 14.65 51.76
N ARG X 65 43.00 15.74 51.16
CA ARG X 65 43.86 16.90 50.90
C ARG X 65 44.21 17.74 52.13
N ILE X 66 43.43 17.59 53.19
CA ILE X 66 43.71 18.27 54.46
C ILE X 66 45.10 17.87 54.95
N ARG X 67 45.38 16.58 54.85
CA ARG X 67 46.69 15.97 55.17
C ARG X 67 47.67 16.06 53.96
N ARG X 68 47.87 17.27 53.41
CA ARG X 68 48.73 17.46 52.24
C ARG X 68 49.10 18.94 52.03
N ASP X 69 50.37 19.18 51.72
CA ASP X 69 50.93 20.55 51.53
C ASP X 69 50.39 21.21 50.24
N GLY X 70 49.39 22.08 50.38
CA GLY X 70 48.74 22.71 49.23
C GLY X 70 47.37 23.17 49.68
N ALA X 71 46.56 23.71 48.78
CA ALA X 71 45.23 24.24 49.14
C ALA X 71 44.35 23.20 49.85
N SER X 72 43.82 23.57 51.01
CA SER X 72 42.97 22.68 51.79
C SER X 72 42.09 23.47 52.72
N LEU X 73 41.00 22.86 53.19
CA LEU X 73 40.12 23.52 54.13
C LEU X 73 40.79 23.98 55.42
N LEU X 74 42.01 23.55 55.70
CA LEU X 74 42.68 24.01 56.93
C LEU X 74 43.58 25.22 56.80
N ASN X 75 43.85 25.70 55.58
CA ASN X 75 44.89 26.70 55.38
C ASN X 75 44.29 27.90 54.65
N VAL X 76 43.26 27.61 53.87
CA VAL X 76 42.39 28.60 53.26
C VAL X 76 42.11 29.81 54.17
N PRO X 77 42.29 31.04 53.66
CA PRO X 77 42.32 32.20 54.59
C PRO X 77 40.97 32.77 55.01
N SER X 78 39.89 32.36 54.37
CA SER X 78 38.55 32.85 54.72
C SER X 78 37.44 31.86 54.39
N VAL X 79 36.28 32.03 55.04
CA VAL X 79 35.17 31.10 54.80
C VAL X 79 34.75 31.19 53.33
N TYR X 80 34.80 32.38 52.77
CA TYR X 80 34.61 32.55 51.34
C TYR X 80 35.49 31.61 50.52
N ASP X 81 36.80 31.68 50.73
CA ASP X 81 37.76 30.86 50.00
C ASP X 81 37.53 29.37 50.24
N ALA X 82 37.06 29.01 51.43
CA ALA X 82 36.71 27.62 51.71
C ALA X 82 35.58 27.19 50.79
N THR X 83 34.54 28.03 50.72
CA THR X 83 33.40 27.76 49.86
C THR X 83 33.90 27.58 48.44
N ALA X 84 34.78 28.49 48.01
CA ALA X 84 35.30 28.46 46.65
C ALA X 84 36.05 27.16 46.40
N LEU X 85 36.76 26.69 47.43
CA LEU X 85 37.55 25.48 47.32
C LEU X 85 36.65 24.27 47.16
N VAL X 86 35.55 24.26 47.92
CA VAL X 86 34.58 23.19 47.78
C VAL X 86 34.06 23.16 46.35
N ALA X 87 33.65 24.33 45.85
CA ALA X 87 33.14 24.45 44.49
C ALA X 87 34.17 23.98 43.46
N GLU X 88 35.39 24.49 43.59
CA GLU X 88 36.54 24.08 42.77
C GLU X 88 36.66 22.56 42.74
N THR X 89 36.56 21.94 43.91
CA THR X 89 36.67 20.49 44.03
C THR X 89 35.53 19.80 43.32
N THR X 90 34.32 20.33 43.50
CA THR X 90 33.15 19.79 42.83
C THR X 90 33.41 19.74 41.32
N ARG X 91 33.83 20.86 40.74
CA ARG X 91 34.11 20.93 39.29
C ARG X 91 35.01 19.80 38.87
N GLU X 92 36.03 19.57 39.67
CA GLU X 92 37.02 18.55 39.39
C GLU X 92 36.40 17.16 39.34
N VAL X 93 35.51 16.88 40.28
CA VAL X 93 34.83 15.58 40.33
C VAL X 93 33.88 15.36 39.15
N ALA X 95 34.12 16.73 36.18
CA ALA X 95 34.93 16.58 34.97
C ALA X 95 35.34 15.12 34.76
N ARG X 96 35.72 14.44 35.83
CA ARG X 96 36.24 13.07 35.73
C ARG X 96 35.17 12.01 35.44
N ASP X 97 34.02 12.10 36.13
CA ASP X 97 32.92 11.11 36.03
C ASP X 97 32.04 11.27 34.77
N SER X 98 31.96 12.49 34.27
CA SER X 98 31.33 12.77 32.98
C SER X 98 32.00 11.95 31.85
N GLY X 99 31.17 11.45 30.94
CA GLY X 99 31.61 10.65 29.78
C GLY X 99 30.38 10.07 29.11
N ASN X 100 30.56 9.24 28.09
CA ASN X 100 29.41 8.55 27.46
C ASN X 100 28.72 7.56 28.41
N LEU X 101 29.51 6.96 29.30
CA LEU X 101 29.04 5.91 30.22
C LEU X 101 28.00 6.41 31.23
N ALA X 102 28.23 7.59 31.82
CA ALA X 102 27.21 8.24 32.66
C ALA X 102 25.92 8.49 31.86
N GLY X 103 26.05 8.96 30.62
CA GLY X 103 24.89 9.17 29.73
C GLY X 103 24.11 10.40 30.16
N ASN X 104 22.80 10.22 30.37
CA ASN X 104 21.92 11.33 30.80
C ASN X 104 21.66 11.39 32.29
N THR X 105 22.24 10.45 33.05
CA THR X 105 22.10 10.45 34.51
C THR X 105 22.61 11.77 35.16
N ASP X 106 21.94 12.23 36.20
CA ASP X 106 22.15 13.57 36.74
C ASP X 106 23.10 13.60 37.94
N LEU X 107 24.34 14.00 37.68
CA LEU X 107 25.40 13.94 38.69
C LEU X 107 25.57 15.18 39.57
N SER X 108 24.61 16.11 39.54
CA SER X 108 24.81 17.39 40.21
C SER X 108 24.52 17.31 41.69
N CYS X 109 25.17 18.17 42.46
CA CYS X 109 24.85 18.33 43.85
C CYS X 109 25.16 19.72 44.34
N SER X 110 24.64 19.99 45.53
CA SER X 110 24.76 21.28 46.17
C SER X 110 25.30 21.13 47.58
N PHE X 111 25.82 22.23 48.12
CA PHE X 111 26.48 22.22 49.40
C PHE X 111 26.19 23.48 50.20
N VAL X 113 28.44 25.69 53.11
CA VAL X 113 29.72 25.81 53.75
C VAL X 113 29.61 26.97 54.69
N GLY X 114 29.81 26.71 55.98
CA GLY X 114 29.78 27.78 56.96
C GLY X 114 30.77 27.54 58.05
N GLY X 115 31.05 28.58 58.81
CA GLY X 115 31.98 28.45 59.93
C GLY X 115 32.68 29.75 60.25
N GLN X 116 33.82 29.66 60.91
CA GLN X 116 34.58 30.82 61.33
C GLN X 116 36.05 30.53 61.36
N ILE X 117 36.81 31.45 60.81
CA ILE X 117 38.24 31.38 60.85
C ILE X 117 38.73 32.55 61.72
N ALA X 118 39.74 32.28 62.54
CA ALA X 118 40.31 33.26 63.47
C ALA X 118 40.56 34.60 62.78
N GLY X 119 40.02 35.66 63.36
CA GLY X 119 40.29 37.01 62.89
C GLY X 119 39.26 37.57 61.96
N GLY X 120 38.19 36.83 61.73
CA GLY X 120 37.06 37.39 61.00
C GLY X 120 35.77 36.78 61.50
N PRO X 121 34.65 37.47 61.24
CA PRO X 121 33.36 36.96 61.73
C PRO X 121 32.99 35.60 61.14
N PRO X 122 32.02 34.93 61.76
CA PRO X 122 31.49 33.73 61.16
C PRO X 122 30.74 34.06 59.85
N ALA X 123 30.66 33.08 58.94
CA ALA X 123 29.95 33.25 57.68
C ALA X 123 29.30 31.94 57.22
N LEU X 124 28.38 32.06 56.26
CA LEU X 124 27.61 30.89 55.75
C LEU X 124 27.31 31.09 54.29
N TYR X 125 27.68 30.13 53.47
CA TYR X 125 27.40 30.18 52.04
C TYR X 125 26.62 28.95 51.60
N SER X 126 25.95 29.09 50.46
CA SER X 126 25.31 27.96 49.81
C SER X 126 25.83 27.89 48.39
N ILE X 127 26.25 26.70 47.96
CA ILE X 127 26.70 26.48 46.60
C ILE X 127 25.61 25.79 45.82
N TYR X 128 25.31 26.30 44.63
CA TYR X 128 24.28 25.73 43.80
C TYR X 128 24.82 24.61 42.92
N PRO X 129 23.90 23.83 42.31
CA PRO X 129 24.32 22.78 41.37
C PRO X 129 25.32 23.22 40.33
N GLN X 130 25.23 24.47 39.89
CA GLN X 130 26.07 25.00 38.81
C GLN X 130 27.37 25.62 39.31
N GLY X 131 27.60 25.66 40.63
CA GLY X 131 28.96 25.94 41.17
C GLY X 131 29.18 27.36 41.66
N ASN X 132 28.17 28.18 41.45
CA ASN X 132 28.19 29.56 41.92
C ASN X 132 27.45 29.61 43.23
N PHE X 133 27.81 30.58 44.06
CA PHE X 133 27.29 30.56 45.40
C PHE X 133 26.85 31.88 45.95
N ILE X 134 26.03 31.78 46.99
CA ILE X 134 25.57 32.96 47.74
C ILE X 134 25.77 32.87 49.23
N GLN X 135 25.75 34.04 49.84
CA GLN X 135 26.12 34.23 51.22
C GLN X 135 24.91 34.65 51.99
N ALA X 136 24.71 34.07 53.14
CA ALA X 136 23.62 34.46 53.99
C ALA X 136 23.97 35.78 54.66
N THR X 137 22.96 36.61 54.89
CA THR X 137 23.11 37.91 55.50
C THR X 137 22.07 38.12 56.60
N PRO X 138 22.16 39.23 57.34
CA PRO X 138 21.13 39.51 58.32
C PRO X 138 19.70 39.51 57.80
N ASP X 139 19.49 40.06 56.60
CA ASP X 139 18.14 40.10 56.01
C ASP X 139 17.69 38.70 55.56
N THR X 140 18.64 37.85 55.18
CA THR X 140 18.34 36.48 54.73
C THR X 140 19.28 35.53 55.47
N PRO X 141 18.94 35.21 56.73
CA PRO X 141 19.88 34.60 57.65
C PRO X 141 19.83 33.10 57.66
N PHE X 142 18.92 32.50 56.91
CA PHE X 142 18.98 31.05 56.78
C PHE X 142 18.94 30.60 55.33
N LEU X 143 19.53 29.43 55.08
CA LEU X 143 19.58 28.83 53.75
C LEU X 143 19.24 27.35 53.83
N GLN X 144 18.63 26.82 52.78
CA GLN X 144 18.21 25.43 52.78
C GLN X 144 18.74 24.67 51.59
N LEU X 145 18.86 23.37 51.74
CA LEU X 145 19.13 22.50 50.60
C LEU X 145 18.15 21.39 50.61
N GLY X 146 17.98 20.79 49.46
CA GLY X 146 17.16 19.61 49.34
C GLY X 146 15.70 19.99 49.30
N GLU X 147 14.91 19.13 49.94
CA GLU X 147 13.49 19.15 49.92
C GLU X 147 13.04 20.10 51.05
N SER X 148 13.01 21.38 50.72
CA SER X 148 12.89 22.42 51.73
C SER X 148 11.61 23.27 51.78
N LYS X 149 10.72 23.12 50.82
CA LYS X 149 9.54 23.98 50.82
C LYS X 149 8.64 23.65 52.04
N TYR X 150 8.59 22.38 52.42
CA TYR X 150 7.64 21.94 53.44
C TYR X 150 7.91 22.64 54.76
N GLY X 151 9.19 22.82 55.08
CA GLY X 151 9.57 23.39 56.36
C GLY X 151 10.02 24.84 56.28
N LYS X 152 9.81 25.48 55.14
CA LYS X 152 10.22 26.87 54.99
C LYS X 152 9.33 27.85 55.75
N PRO X 153 8.00 27.65 55.74
CA PRO X 153 7.17 28.67 56.36
C PRO X 153 7.52 28.92 57.81
N ILE X 154 7.74 27.89 58.60
CA ILE X 154 8.00 28.13 60.02
C ILE X 154 9.27 28.96 60.23
N LEU X 155 10.25 28.80 59.33
CA LEU X 155 11.45 29.58 59.41
C LEU X 155 11.21 31.01 58.95
N ASP X 156 10.50 31.18 57.86
CA ASP X 156 10.15 32.51 57.39
C ASP X 156 9.42 33.30 58.47
N ARG X 157 8.50 32.64 59.14
CA ARG X 157 7.67 33.31 60.16
C ARG X 157 8.42 33.76 61.39
N ASN X 158 9.34 32.96 61.87
CA ASN X 158 9.90 33.16 63.20
C ASN X 158 11.37 33.52 63.27
N LEU X 159 12.14 33.11 62.28
CA LEU X 159 13.56 33.25 62.37
C LEU X 159 14.00 34.65 61.91
N THR X 160 14.91 35.25 62.65
CA THR X 160 15.58 36.47 62.24
C THR X 160 17.03 36.44 62.71
N PHE X 161 17.84 37.37 62.22
CA PHE X 161 19.26 37.41 62.58
C PHE X 161 19.49 37.39 64.08
N ASP X 162 18.60 38.06 64.82
CA ASP X 162 18.70 38.17 66.26
C ASP X 162 18.11 37.01 67.08
N THR X 163 17.47 36.04 66.42
CA THR X 163 16.99 34.85 67.14
C THR X 163 18.17 34.18 67.84
N PRO X 164 18.03 33.86 69.14
CA PRO X 164 19.12 33.14 69.84
C PRO X 164 19.27 31.71 69.34
N LEU X 165 20.44 31.12 69.58
CA LEU X 165 20.76 29.82 69.00
C LEU X 165 19.81 28.74 69.46
N GLU X 166 19.59 28.61 70.78
CA GLU X 166 18.70 27.52 71.30
C GLU X 166 17.35 27.64 70.59
N GLN X 167 16.84 28.85 70.34
CA GLN X 167 15.50 29.00 69.70
C GLN X 167 15.51 28.74 68.23
N ALA X 168 16.60 29.10 67.58
CA ALA X 168 16.77 28.79 66.19
C ALA X 168 16.80 27.29 65.99
N LEU X 169 17.54 26.59 66.85
CA LEU X 169 17.65 25.14 66.73
C LEU X 169 16.27 24.50 66.87
N ARG X 170 15.52 24.98 67.85
CA ARG X 170 14.19 24.50 68.12
C ARG X 170 13.32 24.70 66.90
N CYS X 171 13.47 25.88 66.31
CA CYS X 171 12.75 26.22 65.12
C CYS X 171 13.08 25.23 63.97
N ALA X 172 14.37 24.98 63.78
CA ALA X 172 14.80 24.02 62.79
C ALA X 172 14.12 22.69 63.00
N LEU X 173 14.05 22.24 64.25
CA LEU X 173 13.51 20.91 64.54
C LEU X 173 12.07 20.83 64.13
N VAL X 174 11.34 21.91 64.32
CA VAL X 174 9.95 21.92 63.91
C VAL X 174 9.85 21.86 62.37
N SER X 175 10.75 22.57 61.72
CA SER X 175 10.86 22.50 60.28
C SER X 175 11.00 21.04 59.83
N PHE X 176 11.88 20.29 60.50
CA PHE X 176 12.07 18.89 60.14
C PHE X 176 10.86 18.01 60.45
N ASP X 177 10.19 18.33 61.56
CA ASP X 177 8.99 17.64 61.91
C ASP X 177 8.01 17.66 60.72
N SER X 178 7.66 18.86 60.27
CA SER X 178 6.68 18.98 59.21
C SER X 178 7.14 18.26 57.95
N THR X 179 8.42 18.44 57.65
CA THR X 179 8.96 17.91 56.43
C THR X 179 8.83 16.40 56.45
N ILE X 180 9.27 15.81 57.55
CA ILE X 180 9.26 14.35 57.66
C ILE X 180 7.87 13.78 57.52
N ARG X 181 6.86 14.49 58.03
CA ARG X 181 5.49 14.01 57.95
C ARG X 181 4.95 14.04 56.57
N SER X 182 5.44 14.97 55.77
CA SER X 182 4.82 15.27 54.47
C SER X 182 5.63 14.81 53.27
N ASN X 183 6.84 14.30 53.49
CA ASN X 183 7.69 13.83 52.40
C ASN X 183 8.61 12.69 52.82
N LEU X 184 8.39 11.50 52.26
CA LEU X 184 9.16 10.32 52.66
C LEU X 184 10.61 10.34 52.25
N SER X 185 11.02 11.20 51.34
CA SER X 185 12.40 11.22 50.90
C SER X 185 13.29 11.79 52.04
N VAL X 186 12.65 12.45 53.02
CA VAL X 186 13.35 13.02 54.16
C VAL X 186 13.09 12.19 55.40
N GLY X 187 14.12 12.01 56.21
CA GLY X 187 14.10 10.97 57.24
C GLY X 187 15.24 10.99 58.24
N PRO X 189 17.97 9.30 61.01
CA PRO X 189 18.41 10.27 62.01
C PRO X 189 18.72 11.63 61.43
N LEU X 190 18.67 12.64 62.30
CA LEU X 190 19.14 13.98 61.98
C LEU X 190 20.50 14.22 62.63
N ASP X 191 21.25 15.17 62.08
CA ASP X 191 22.53 15.55 62.62
C ASP X 191 22.51 17.06 62.82
N LEU X 192 22.84 17.50 64.04
CA LEU X 192 22.83 18.92 64.39
C LEU X 192 24.18 19.37 64.82
N LEU X 193 24.42 20.66 64.65
CA LEU X 193 25.61 21.25 65.21
C LEU X 193 25.32 22.71 65.48
N VAL X 194 25.67 23.15 66.69
CA VAL X 194 25.57 24.55 67.08
C VAL X 194 26.97 25.11 67.35
N TYR X 195 27.27 26.29 66.81
CA TYR X 195 28.58 26.90 67.00
C TYR X 195 28.43 28.30 67.52
N HIS X 196 29.19 28.62 68.56
CA HIS X 196 29.09 29.93 69.21
C HIS X 196 30.08 30.92 68.62
N ARG X 197 29.58 32.11 68.24
CA ARG X 197 30.44 33.14 67.61
C ARG X 197 31.67 33.36 68.47
N ASP X 198 32.83 33.35 67.82
CA ASP X 198 34.14 33.62 68.45
C ASP X 198 34.66 32.55 69.39
N SER X 199 33.95 31.43 69.55
CA SER X 199 34.43 30.35 70.41
C SER X 199 35.66 29.65 69.81
N LEU X 200 35.70 29.55 68.49
CA LEU X 200 36.76 28.85 67.77
C LEU X 200 37.07 27.44 68.30
N ILE X 201 36.03 26.72 68.72
CA ILE X 201 36.14 25.31 69.12
C ILE X 201 35.37 24.45 68.12
N LEU X 202 35.65 23.15 68.08
CA LEU X 202 34.91 22.22 67.23
C LEU X 202 33.86 21.54 68.06
N PRO X 203 32.61 22.01 68.02
CA PRO X 203 31.58 21.32 68.79
C PRO X 203 31.42 19.87 68.36
N GLU X 204 30.99 19.00 69.27
CA GLU X 204 30.85 17.61 68.90
C GLU X 204 29.62 17.37 68.05
N GLY X 205 28.61 18.22 68.20
CA GLY X 205 27.41 18.06 67.41
C GLY X 205 26.62 16.94 68.03
N TYR X 206 25.44 16.64 67.49
CA TYR X 206 24.53 15.70 68.12
C TYR X 206 23.65 15.04 67.10
N ARG X 207 23.36 13.78 67.31
CA ARG X 207 22.49 13.04 66.41
C ARG X 207 21.12 12.73 67.05
N VAL X 208 20.07 13.10 66.32
CA VAL X 208 18.74 12.85 66.77
C VAL X 208 18.18 11.57 66.15
N THR X 209 17.99 10.54 66.96
CA THR X 209 17.39 9.33 66.45
C THR X 209 15.89 9.27 66.66
N GLU X 210 15.26 8.33 65.97
CA GLU X 210 13.90 7.87 66.20
C GLU X 210 13.48 7.89 67.68
N ASP X 211 14.38 7.47 68.56
CA ASP X 211 14.09 7.33 69.99
C ASP X 211 14.24 8.59 70.82
N ASP X 212 14.74 9.68 70.25
CA ASP X 212 15.11 10.82 71.03
C ASP X 212 13.96 11.30 71.87
N ALA X 213 14.18 11.38 73.18
CA ALA X 213 13.12 11.81 74.10
C ALA X 213 12.67 13.22 73.80
N TYR X 214 13.63 14.14 73.66
CA TYR X 214 13.30 15.57 73.50
C TYR X 214 12.57 15.83 72.22
N PHE X 215 13.10 15.31 71.12
CA PHE X 215 12.44 15.49 69.82
C PHE X 215 11.06 14.82 69.78
N SER X 216 10.89 13.64 70.38
CA SER X 216 9.58 13.02 70.45
C SER X 216 8.60 13.90 71.15
N ALA X 217 9.07 14.53 72.22
CA ALA X 217 8.21 15.36 73.07
C ALA X 217 7.75 16.62 72.37
N ILE X 218 8.67 17.32 71.72
CA ILE X 218 8.24 18.56 71.10
C ILE X 218 7.34 18.29 69.90
N ARG X 219 7.49 17.15 69.26
CA ARG X 219 6.59 16.79 68.19
C ARG X 219 5.18 16.60 68.75
N ARG X 220 5.07 15.86 69.85
CA ARG X 220 3.78 15.58 70.47
C ARG X 220 3.11 16.86 70.94
N GLN X 221 3.91 17.78 71.49
CA GLN X 221 3.42 19.09 71.94
C GLN X 221 2.96 19.97 70.80
N TRP X 222 3.80 20.05 69.78
CA TRP X 222 3.49 20.83 68.61
C TRP X 222 2.20 20.34 67.98
N SER X 223 1.97 19.03 67.94
CA SER X 223 0.70 18.52 67.39
C SER X 223 -0.48 19.03 68.19
N ALA X 224 -0.39 18.84 69.49
CA ALA X 224 -1.46 19.20 70.41
C ALA X 224 -1.74 20.68 70.31
N GLY X 225 -0.68 21.47 70.16
CA GLY X 225 -0.82 22.92 70.05
C GLY X 225 -1.59 23.31 68.80
N LEU X 226 -1.12 22.83 67.64
CA LEU X 226 -1.81 23.06 66.36
C LEU X 226 -3.29 22.62 66.37
N HIS X 227 -3.57 21.48 66.96
CA HIS X 227 -4.90 20.97 67.00
C HIS X 227 -5.78 21.90 67.82
N ASP X 228 -5.26 22.36 68.96
CA ASP X 228 -5.95 23.32 69.86
C ASP X 228 -6.32 24.61 69.16
N LEU X 230 -6.51 25.34 66.13
CA LEU X 230 -7.42 25.14 65.04
C LEU X 230 -8.86 25.10 65.50
N GLU X 231 -9.12 24.45 66.64
CA GLU X 231 -10.48 24.30 67.14
C GLU X 231 -11.00 25.58 67.76
N ARG X 232 -10.06 26.38 68.25
CA ARG X 232 -10.39 27.65 68.88
C ARG X 232 -10.38 28.87 67.95
N LEU X 233 -10.04 28.67 66.69
CA LEU X 233 -10.26 29.68 65.63
C LEU X 233 -11.75 29.87 65.35
N PRO X 234 -12.15 31.10 64.97
CA PRO X 234 -13.54 31.40 64.74
C PRO X 234 -14.04 30.79 63.43
N SER X 235 -15.36 30.68 63.32
CA SER X 235 -15.98 30.19 62.11
C SER X 235 -16.04 31.30 61.05
N PRO X 236 -15.94 30.93 59.77
CA PRO X 236 -16.14 31.88 58.68
C PRO X 236 -17.54 32.45 58.75
N PRO X 237 -17.71 33.75 58.47
CA PRO X 237 -19.05 34.38 58.43
C PRO X 237 -20.04 33.74 57.46
N SER X 238 -21.28 34.22 57.45
CA SER X 238 -22.31 33.78 56.47
C SER X 238 -21.75 33.83 55.05
N ALA X 239 -21.31 35.03 54.67
CA ALA X 239 -20.76 35.31 53.35
C ALA X 239 -20.05 34.12 52.68
N TYR X 240 -19.21 33.39 53.40
CA TYR X 240 -18.29 32.38 52.79
C TYR X 240 -18.92 31.10 52.19
N ASN X 241 -20.25 30.99 52.11
CA ASN X 241 -20.83 29.71 51.60
C ASN X 241 -21.66 29.79 50.27
N THR Y 1 6.55 52.48 20.03
CA THR Y 1 5.54 51.39 19.94
C THR Y 1 5.00 51.10 21.32
N TYR Y 2 3.74 51.46 21.53
CA TYR Y 2 3.05 51.13 22.75
C TYR Y 2 1.58 50.99 22.41
N CYS Y 3 0.97 49.84 22.73
CA CYS Y 3 -0.44 49.63 22.46
C CYS Y 3 -1.13 49.13 23.70
N VAL Y 4 -2.38 49.53 23.86
CA VAL Y 4 -3.22 49.10 24.96
C VAL Y 4 -4.59 48.75 24.44
N ALA Y 5 -5.19 47.74 25.06
CA ALA Y 5 -6.55 47.35 24.75
C ALA Y 5 -7.22 46.93 26.02
N HIS Y 7 -10.95 45.33 27.69
CA HIS Y 7 -12.22 44.67 27.52
C HIS Y 7 -12.99 44.83 28.81
N LEU Y 8 -14.04 45.65 28.70
CA LEU Y 8 -14.83 46.12 29.83
C LEU Y 8 -16.29 45.73 29.66
N ALA Y 9 -17.04 45.94 30.73
CA ALA Y 9 -18.44 45.57 30.76
C ALA Y 9 -19.16 46.17 29.58
N ASP Y 10 -18.91 47.44 29.28
CA ASP Y 10 -19.65 48.14 28.20
C ASP Y 10 -19.07 47.98 26.79
N GLY Y 11 -17.90 47.35 26.65
CA GLY Y 11 -17.32 47.14 25.32
C GLY Y 11 -15.80 47.07 25.32
N LEU Y 12 -15.19 47.60 24.25
CA LEU Y 12 -13.77 47.54 24.05
C LEU Y 12 -13.23 48.91 23.79
N VAL Y 13 -12.01 49.15 24.24
CA VAL Y 13 -11.30 50.38 23.94
C VAL Y 13 -9.89 50.00 23.46
N PHE Y 14 -9.45 50.57 22.34
CA PHE Y 14 -8.13 50.31 21.79
C PHE Y 14 -7.36 51.59 21.62
N ALA Y 15 -6.06 51.57 21.89
CA ALA Y 15 -5.23 52.73 21.62
C ALA Y 15 -3.82 52.33 21.29
N SER Y 16 -3.24 52.94 20.24
CA SER Y 16 -1.88 52.66 19.83
C SER Y 16 -1.13 53.93 19.53
N ASP Y 17 0.19 53.94 19.74
CA ASP Y 17 1.01 55.01 19.16
C ASP Y 17 1.31 54.68 17.67
N SER Y 18 2.30 55.39 17.09
CA SER Y 18 2.63 55.20 15.69
C SER Y 18 4.11 55.25 15.40
N ARG Y 19 4.92 55.55 16.40
CA ARG Y 19 6.34 55.69 16.16
C ARG Y 19 6.95 54.32 16.02
N THR Y 20 7.78 54.17 15.01
CA THR Y 20 8.19 52.85 14.59
C THR Y 20 9.65 52.87 14.22
N ASN Y 21 10.39 51.87 14.70
CA ASN Y 21 11.75 51.69 14.29
C ASN Y 21 11.76 50.93 12.97
N ALA Y 22 12.11 51.62 11.90
CA ALA Y 22 12.06 51.02 10.58
C ALA Y 22 13.45 50.83 10.02
N GLY Y 23 14.46 50.63 10.88
CA GLY Y 23 15.83 50.57 10.40
C GLY Y 23 16.65 51.57 11.15
N ILE Y 24 17.93 51.60 10.86
CA ILE Y 24 18.85 52.50 11.56
C ILE Y 24 18.67 53.88 10.96
N ASP Y 25 18.60 54.88 11.83
CA ASP Y 25 18.40 56.26 11.44
C ASP Y 25 17.16 56.42 10.57
N HIS Y 26 16.19 55.53 10.72
CA HIS Y 26 14.95 55.65 9.98
C HIS Y 26 13.83 55.33 10.97
N ILE Y 27 13.46 56.32 11.75
CA ILE Y 27 12.31 56.21 12.63
C ILE Y 27 11.14 56.90 11.97
N ALA Y 28 9.98 56.29 12.00
CA ALA Y 28 8.89 56.73 11.14
C ALA Y 28 7.53 56.44 11.73
N THR Y 29 6.53 57.00 11.10
CA THR Y 29 5.15 56.83 11.52
C THR Y 29 4.50 55.70 10.75
N PHE Y 30 3.94 54.73 11.48
CA PHE Y 30 3.12 53.66 10.86
C PHE Y 30 1.93 53.34 11.77
N ARG Y 31 0.75 53.25 11.19
CA ARG Y 31 -0.46 52.92 11.93
C ARG Y 31 -0.28 51.54 12.56
N LYS Y 32 -0.70 51.39 13.81
CA LYS Y 32 -0.58 50.11 14.52
C LYS Y 32 -1.93 49.62 15.02
N LEU Y 33 -3.01 50.11 14.43
CA LEU Y 33 -4.34 49.70 14.80
C LEU Y 33 -5.17 49.59 13.52
N PHE Y 34 -5.66 48.38 13.25
CA PHE Y 34 -6.35 48.08 12.01
C PHE Y 34 -7.70 47.48 12.32
N THR Y 35 -8.71 47.85 11.55
CA THR Y 35 -10.08 47.37 11.78
C THR Y 35 -10.56 46.53 10.61
N PHE Y 36 -11.47 45.62 10.88
CA PHE Y 36 -12.03 44.75 9.86
C PHE Y 36 -13.48 44.48 10.26
N GLY Y 37 -14.34 44.20 9.29
CA GLY Y 37 -15.68 43.73 9.63
C GLY Y 37 -16.73 43.97 8.60
N THR Y 38 -17.93 43.45 8.89
CA THR Y 38 -19.13 43.72 8.09
C THR Y 38 -20.18 44.32 9.02
N PRO Y 39 -20.74 45.51 8.68
CA PRO Y 39 -21.67 46.18 9.61
C PRO Y 39 -22.89 45.33 9.94
N GLY Y 40 -23.26 45.30 11.23
CA GLY Y 40 -24.39 44.50 11.70
C GLY Y 40 -24.06 43.05 11.97
N GLU Y 41 -22.82 42.64 11.66
CA GLU Y 41 -22.39 41.24 11.82
C GLU Y 41 -21.09 41.13 12.65
N ARG Y 42 -20.05 41.93 12.36
CA ARG Y 42 -18.82 41.80 13.16
C ARG Y 42 -17.89 43.00 13.09
N LEU Y 43 -17.16 43.20 14.17
CA LEU Y 43 -16.04 44.12 14.23
C LEU Y 43 -14.82 43.39 14.78
N LEU Y 44 -13.68 43.51 14.10
CA LEU Y 44 -12.42 42.99 14.64
C LEU Y 44 -11.35 44.04 14.53
N VAL Y 45 -10.55 44.15 15.57
CA VAL Y 45 -9.44 45.11 15.60
C VAL Y 45 -8.15 44.34 15.82
N VAL Y 46 -7.12 44.67 15.05
CA VAL Y 46 -5.81 44.08 15.25
C VAL Y 46 -4.80 45.20 15.53
N GLN Y 47 -4.05 45.06 16.62
CA GLN Y 47 -2.95 45.97 16.92
C GLN Y 47 -1.66 45.24 16.79
N THR Y 48 -0.61 45.97 16.45
CA THR Y 48 0.68 45.38 16.15
C THR Y 48 1.79 45.99 16.99
N ALA Y 49 2.80 45.19 17.26
CA ALA Y 49 4.02 45.66 17.89
C ALA Y 49 5.15 44.74 17.50
N GLY Y 50 6.38 45.25 17.49
CA GLY Y 50 7.54 44.43 17.14
C GLY Y 50 8.06 44.74 15.76
N ASN Y 51 8.63 43.75 15.08
CA ASN Y 51 9.22 43.96 13.77
C ASN Y 51 8.22 44.43 12.71
N LEU Y 52 8.55 45.56 12.08
CA LEU Y 52 7.68 46.18 11.11
C LEU Y 52 7.43 45.26 9.94
N ALA Y 53 8.50 44.76 9.35
CA ALA Y 53 8.37 43.91 8.16
C ALA Y 53 7.44 42.73 8.38
N THR Y 54 7.59 42.10 9.52
CA THR Y 54 6.79 40.94 9.82
C THR Y 54 5.35 41.35 10.04
N SER Y 55 5.11 42.34 10.90
CA SER Y 55 3.74 42.71 11.16
C SER Y 55 3.04 43.23 9.92
N GLN Y 56 3.74 43.98 9.08
CA GLN Y 56 3.13 44.46 7.87
C GLN Y 56 2.73 43.30 7.01
N SER Y 57 3.61 42.33 6.86
CA SER Y 57 3.29 41.18 6.03
C SER Y 57 2.08 40.43 6.54
N VAL Y 58 1.99 40.28 7.85
CA VAL Y 58 0.84 39.61 8.41
C VAL Y 58 -0.45 40.36 8.10
N ILE Y 59 -0.47 41.66 8.34
CA ILE Y 59 -1.66 42.48 8.08
C ILE Y 59 -2.03 42.44 6.61
N ASN Y 60 -1.03 42.57 5.77
CA ASN Y 60 -1.25 42.58 4.34
C ASN Y 60 -1.90 41.30 3.89
N LEU Y 61 -1.45 40.16 4.41
CA LEU Y 61 -2.01 38.88 3.98
C LEU Y 61 -3.43 38.73 4.47
N LEU Y 62 -3.70 39.18 5.68
CA LEU Y 62 -5.05 39.16 6.19
C LEU Y 62 -6.01 39.98 5.31
N GLN Y 63 -5.55 41.13 4.84
CA GLN Y 63 -6.36 41.95 3.95
C GLN Y 63 -6.59 41.29 2.61
N GLN Y 64 -5.53 40.83 1.95
CA GLN Y 64 -5.67 40.15 0.67
C GLN Y 64 -6.64 38.96 0.77
N ARG Y 65 -6.51 38.18 1.82
CA ARG Y 65 -7.32 36.97 1.98
C ARG Y 65 -8.80 37.19 2.34
N ILE Y 66 -9.12 38.38 2.85
CA ILE Y 66 -10.50 38.76 3.14
C ILE Y 66 -11.34 38.66 1.85
N ARG Y 67 -10.76 39.14 0.75
CA ARG Y 67 -11.33 39.07 -0.59
C ARG Y 67 -10.93 37.74 -1.27
N ARG Y 68 -11.21 36.60 -0.62
CA ARG Y 68 -10.88 35.26 -1.17
C ARG Y 68 -11.62 34.13 -0.44
N ASP Y 69 -12.12 33.16 -1.21
CA ASP Y 69 -12.93 32.04 -0.71
C ASP Y 69 -12.07 31.05 0.11
N GLY Y 70 -12.13 31.16 1.43
CA GLY Y 70 -11.30 30.34 2.32
C GLY Y 70 -11.20 31.06 3.65
N ALA Y 71 -10.43 30.52 4.59
CA ALA Y 71 -10.31 31.13 5.92
C ALA Y 71 -9.89 32.61 5.88
N SER Y 72 -10.66 33.47 6.54
CA SER Y 72 -10.37 34.89 6.58
C SER Y 72 -11.03 35.53 7.78
N LEU Y 73 -10.54 36.69 8.17
CA LEU Y 73 -11.12 37.41 9.32
C LEU Y 73 -12.61 37.75 9.18
N LEU Y 74 -13.20 37.59 8.00
CA LEU Y 74 -14.63 37.85 7.86
C LEU Y 74 -15.56 36.66 7.99
N ASN Y 75 -15.04 35.44 8.07
CA ASN Y 75 -15.89 34.27 8.00
C ASN Y 75 -15.66 33.38 9.25
N VAL Y 76 -14.45 33.51 9.80
CA VAL Y 76 -14.07 32.95 11.08
C VAL Y 76 -15.21 33.06 12.11
N PRO Y 77 -15.57 31.93 12.76
CA PRO Y 77 -16.79 31.93 13.60
C PRO Y 77 -16.71 32.58 15.00
N SER Y 78 -15.51 32.87 15.51
CA SER Y 78 -15.38 33.49 16.84
C SER Y 78 -14.12 34.35 16.96
N VAL Y 79 -14.11 35.25 17.93
CA VAL Y 79 -12.93 36.12 18.13
C VAL Y 79 -11.71 35.26 18.44
N TYR Y 80 -11.92 34.20 19.21
CA TYR Y 80 -10.89 33.21 19.43
C TYR Y 80 -10.25 32.75 18.11
N ASP Y 81 -11.07 32.24 17.20
CA ASP Y 81 -10.60 31.71 15.91
C ASP Y 81 -9.93 32.79 15.06
N ALA Y 82 -10.37 34.04 15.22
CA ALA Y 82 -9.72 35.17 14.55
C ALA Y 82 -8.29 35.30 15.04
N THR Y 83 -8.15 35.28 16.37
CA THR Y 83 -6.86 35.37 16.99
C THR Y 83 -5.98 34.25 16.48
N ALA Y 84 -6.53 33.04 16.46
CA ALA Y 84 -5.79 31.86 16.01
C ALA Y 84 -5.36 32.02 14.56
N LEU Y 85 -6.21 32.63 13.75
CA LEU Y 85 -5.90 32.86 12.37
C LEU Y 85 -4.75 33.86 12.20
N VAL Y 86 -4.77 34.93 12.99
CA VAL Y 86 -3.68 35.88 12.96
C VAL Y 86 -2.37 35.14 13.30
N ALA Y 87 -2.38 34.36 14.39
CA ALA Y 87 -1.21 33.61 14.80
C ALA Y 87 -0.73 32.66 13.71
N GLU Y 88 -1.67 31.88 13.17
CA GLU Y 88 -1.43 31.00 12.03
C GLU Y 88 -0.72 31.75 10.88
N THR Y 89 -1.21 32.95 10.56
CA THR Y 89 -0.62 33.76 9.52
C THR Y 89 0.79 34.20 9.88
N THR Y 90 0.97 34.62 11.14
CA THR Y 90 2.30 35.02 11.61
C THR Y 90 3.30 33.90 11.37
N ARG Y 91 2.97 32.67 11.80
CA ARG Y 91 3.84 31.50 11.59
C ARG Y 91 4.25 31.37 10.14
N GLU Y 92 3.28 31.53 9.26
CA GLU Y 92 3.53 31.43 7.85
C GLU Y 92 4.56 32.45 7.35
N VAL Y 93 4.45 33.68 7.84
CA VAL Y 93 5.37 34.74 7.44
C VAL Y 93 6.79 34.49 7.96
N ALA Y 95 8.16 31.60 8.69
CA ALA Y 95 8.72 30.48 7.93
C ALA Y 95 9.40 30.93 6.63
N ARG Y 96 8.78 31.84 5.91
CA ARG Y 96 9.28 32.28 4.61
C ARG Y 96 10.54 33.17 4.69
N ASP Y 97 10.55 34.16 5.58
CA ASP Y 97 11.62 35.17 5.71
C ASP Y 97 12.88 34.64 6.42
N SER Y 98 12.68 33.65 7.29
CA SER Y 98 13.77 32.93 7.92
C SER Y 98 14.68 32.25 6.86
N GLY Y 99 15.99 32.31 7.10
CA GLY Y 99 17.01 31.76 6.21
C GLY Y 99 18.37 32.22 6.70
N ASN Y 100 19.44 31.89 5.97
CA ASN Y 100 20.79 32.38 6.34
C ASN Y 100 20.91 33.91 6.21
N LEU Y 101 20.19 34.47 5.23
CA LEU Y 101 20.28 35.90 4.89
C LEU Y 101 19.79 36.81 6.01
N ALA Y 102 18.68 36.45 6.66
CA ALA Y 102 18.23 37.17 7.85
C ALA Y 102 19.31 37.12 8.94
N GLY Y 103 19.93 35.95 9.13
CA GLY Y 103 21.00 35.78 10.11
C GLY Y 103 20.48 35.80 11.55
N ASN Y 104 21.04 36.68 12.39
CA ASN Y 104 20.60 36.81 13.80
C ASN Y 104 19.61 37.93 14.06
N THR Y 105 19.25 38.69 13.02
CA THR Y 105 18.25 39.76 13.14
C THR Y 105 16.89 39.23 13.68
N ASP Y 106 16.22 40.04 14.52
CA ASP Y 106 15.06 39.58 15.29
C ASP Y 106 13.70 39.90 14.65
N LEU Y 107 13.10 38.91 14.00
CA LEU Y 107 11.90 39.11 13.19
C LEU Y 107 10.59 38.96 13.93
N SER Y 108 10.61 38.90 15.25
CA SER Y 108 9.39 38.56 15.99
C SER Y 108 8.50 39.76 16.18
N CYS Y 109 7.21 39.50 16.29
CA CYS Y 109 6.25 40.54 16.66
C CYS Y 109 5.06 39.96 17.39
N SER Y 110 4.32 40.87 18.00
CA SER Y 110 3.19 40.54 18.83
C SER Y 110 1.97 41.35 18.39
N PHE Y 111 0.79 40.87 18.76
CA PHE Y 111 -0.45 41.43 18.26
C PHE Y 111 -1.50 41.43 19.35
N VAL Y 113 -5.77 41.14 19.32
CA VAL Y 113 -6.92 40.90 18.47
C VAL Y 113 -8.12 40.98 19.37
N GLY Y 114 -9.03 41.89 19.09
CA GLY Y 114 -10.24 41.99 19.86
C GLY Y 114 -11.42 42.38 18.99
N GLY Y 115 -12.61 42.20 19.52
CA GLY Y 115 -13.80 42.62 18.81
C GLY Y 115 -15.02 41.83 19.21
N GLN Y 116 -16.01 41.78 18.31
CA GLN Y 116 -17.24 41.05 18.57
C GLN Y 116 -17.82 40.52 17.29
N ILE Y 117 -18.24 39.27 17.34
CA ILE Y 117 -18.93 38.64 16.25
C ILE Y 117 -20.36 38.35 16.69
N ALA Y 118 -21.31 38.59 15.79
CA ALA Y 118 -22.75 38.42 16.09
C ALA Y 118 -23.01 37.11 16.79
N GLY Y 119 -23.71 37.19 17.92
CA GLY Y 119 -24.15 35.99 18.62
C GLY Y 119 -23.25 35.55 19.75
N GLY Y 120 -22.21 36.31 20.04
CA GLY Y 120 -21.40 36.03 21.21
C GLY Y 120 -20.85 37.32 21.75
N PRO Y 121 -20.42 37.29 23.02
CA PRO Y 121 -19.92 38.51 23.64
C PRO Y 121 -18.65 39.04 22.98
N PRO Y 122 -18.29 40.29 23.25
CA PRO Y 122 -17.02 40.81 22.79
C PRO Y 122 -15.88 40.12 23.53
N ALA Y 123 -14.71 40.07 22.92
CA ALA Y 123 -13.52 39.44 23.50
C ALA Y 123 -12.23 40.13 23.06
N LEU Y 124 -11.14 39.86 23.79
CA LEU Y 124 -9.84 40.50 23.55
C LEU Y 124 -8.72 39.54 23.86
N TYR Y 125 -7.84 39.32 22.90
CA TYR Y 125 -6.69 38.44 23.08
C TYR Y 125 -5.39 39.17 22.81
N SER Y 126 -4.30 38.65 23.38
CA SER Y 126 -2.97 39.13 23.05
C SER Y 126 -2.15 37.94 22.60
N ILE Y 127 -1.47 38.10 21.46
CA ILE Y 127 -0.61 37.06 20.92
C ILE Y 127 0.82 37.40 21.21
N TYR Y 128 1.58 36.44 21.73
CA TYR Y 128 2.96 36.68 22.10
C TYR Y 128 3.89 36.44 20.92
N PRO Y 129 5.14 36.88 21.04
CA PRO Y 129 6.12 36.62 20.00
C PRO Y 129 6.15 35.18 19.52
N GLN Y 130 5.91 34.22 20.42
CA GLN Y 130 6.06 32.81 20.12
C GLN Y 130 4.78 32.20 19.58
N GLY Y 131 3.69 32.97 19.47
CA GLY Y 131 2.49 32.53 18.71
C GLY Y 131 1.35 31.94 19.53
N ASN Y 132 1.59 31.81 20.83
CA ASN Y 132 0.56 31.40 21.78
C ASN Y 132 -0.08 32.66 22.38
N PHE Y 133 -1.33 32.55 22.80
CA PHE Y 133 -2.05 33.73 23.21
C PHE Y 133 -2.89 33.59 24.45
N ILE Y 134 -3.20 34.75 25.02
CA ILE Y 134 -4.06 34.81 26.17
C ILE Y 134 -5.22 35.75 25.98
N GLN Y 135 -6.22 35.53 26.82
CA GLN Y 135 -7.47 36.24 26.76
C GLN Y 135 -7.60 37.15 27.96
N ALA Y 136 -8.05 38.39 27.74
CA ALA Y 136 -8.35 39.28 28.85
C ALA Y 136 -9.64 38.85 29.52
N THR Y 137 -9.70 39.01 30.84
CA THR Y 137 -10.87 38.62 31.63
C THR Y 137 -11.26 39.77 32.56
N PRO Y 138 -12.40 39.64 33.25
CA PRO Y 138 -12.75 40.65 34.25
C PRO Y 138 -11.68 40.97 35.29
N ASP Y 139 -10.96 39.96 35.77
CA ASP Y 139 -9.88 40.17 36.76
C ASP Y 139 -8.64 40.84 36.12
N THR Y 140 -8.42 40.61 34.83
CA THR Y 140 -7.30 41.21 34.11
C THR Y 140 -7.84 41.75 32.81
N PRO Y 141 -8.46 42.92 32.88
CA PRO Y 141 -9.25 43.45 31.79
C PRO Y 141 -8.51 44.31 30.81
N PHE Y 142 -7.24 44.59 31.03
CA PHE Y 142 -6.45 45.27 29.99
C PHE Y 142 -5.17 44.53 29.67
N LEU Y 143 -4.69 44.73 28.45
CA LEU Y 143 -3.48 44.12 27.97
C LEU Y 143 -2.64 45.13 27.19
N GLN Y 144 -1.31 45.00 27.24
CA GLN Y 144 -0.44 45.98 26.61
C GLN Y 144 0.56 45.31 25.70
N LEU Y 145 1.05 46.07 24.73
CA LEU Y 145 2.15 45.62 23.90
C LEU Y 145 3.15 46.69 23.85
N GLY Y 146 4.37 46.30 23.52
CA GLY Y 146 5.41 47.25 23.29
C GLY Y 146 5.99 47.73 24.59
N GLU Y 147 6.30 49.01 24.61
CA GLU Y 147 6.99 49.67 25.69
C GLU Y 147 5.94 50.16 26.72
N SER Y 148 5.55 49.26 27.61
CA SER Y 148 4.34 49.46 28.41
C SER Y 148 4.52 49.66 29.89
N LYS Y 149 5.73 49.50 30.40
CA LYS Y 149 5.91 49.58 31.85
C LYS Y 149 5.65 51.01 32.35
N TYR Y 150 6.01 52.00 31.53
CA TYR Y 150 5.92 53.39 31.95
C TYR Y 150 4.48 53.77 32.29
N GLY Y 151 3.53 53.27 31.50
CA GLY Y 151 2.13 53.65 31.65
C GLY Y 151 1.26 52.58 32.28
N LYS Y 152 1.89 51.54 32.83
CA LYS Y 152 1.14 50.49 33.49
C LYS Y 152 0.54 50.90 34.82
N PRO Y 153 1.31 51.61 35.65
CA PRO Y 153 0.75 51.92 36.97
C PRO Y 153 -0.60 52.62 36.97
N ILE Y 154 -0.78 53.64 36.15
CA ILE Y 154 -2.04 54.33 36.15
C ILE Y 154 -3.21 53.39 35.79
N LEU Y 155 -2.95 52.41 34.95
CA LEU Y 155 -4.00 51.45 34.58
C LEU Y 155 -4.25 50.46 35.71
N ASP Y 156 -3.19 49.94 36.29
CA ASP Y 156 -3.32 49.07 37.45
C ASP Y 156 -4.14 49.74 38.55
N ARG Y 157 -3.83 50.99 38.84
CA ARG Y 157 -4.52 51.70 39.90
C ARG Y 157 -6.01 51.92 39.68
N ASN Y 158 -6.42 52.28 38.48
CA ASN Y 158 -7.74 52.84 38.25
C ASN Y 158 -8.67 51.99 37.43
N LEU Y 159 -8.14 51.17 36.57
CA LEU Y 159 -8.96 50.46 35.65
C LEU Y 159 -9.52 49.18 36.24
N THR Y 160 -10.79 48.91 35.98
CA THR Y 160 -11.41 47.63 36.32
C THR Y 160 -12.44 47.29 35.25
N PHE Y 161 -12.96 46.08 35.30
CA PHE Y 161 -13.90 45.62 34.29
C PHE Y 161 -15.08 46.55 34.15
N ASP Y 162 -15.49 47.12 35.29
CA ASP Y 162 -16.67 47.99 35.33
C ASP Y 162 -16.42 49.46 34.98
N THR Y 163 -15.16 49.85 34.75
CA THR Y 163 -14.86 51.23 34.34
C THR Y 163 -15.62 51.51 33.04
N PRO Y 164 -16.36 52.64 32.96
CA PRO Y 164 -17.05 52.98 31.71
C PRO Y 164 -16.09 53.36 30.62
N LEU Y 165 -16.54 53.30 29.38
CA LEU Y 165 -15.63 53.45 28.24
C LEU Y 165 -14.98 54.83 28.20
N GLU Y 166 -15.76 55.89 28.33
CA GLU Y 166 -15.21 57.26 28.30
C GLU Y 166 -14.08 57.41 29.35
N GLN Y 167 -14.23 56.83 30.53
CA GLN Y 167 -13.19 56.92 31.55
C GLN Y 167 -11.99 56.04 31.32
N ALA Y 168 -12.22 54.87 30.75
CA ALA Y 168 -11.13 54.00 30.36
C ALA Y 168 -10.26 54.66 29.30
N LEU Y 169 -10.91 55.28 28.31
CA LEU Y 169 -10.19 55.96 27.24
C LEU Y 169 -9.31 57.08 27.81
N ARG Y 170 -9.89 57.83 28.72
CA ARG Y 170 -9.19 58.90 29.38
C ARG Y 170 -7.97 58.35 30.10
N CYS Y 171 -8.17 57.23 30.75
CA CYS Y 171 -7.13 56.57 31.51
C CYS Y 171 -5.99 56.14 30.59
N ALA Y 172 -6.35 55.53 29.48
CA ALA Y 172 -5.39 55.20 28.44
C ALA Y 172 -4.57 56.42 28.02
N LEU Y 173 -5.23 57.55 27.82
CA LEU Y 173 -4.52 58.72 27.33
C LEU Y 173 -3.47 59.18 28.31
N VAL Y 174 -3.78 59.08 29.59
CA VAL Y 174 -2.81 59.47 30.61
C VAL Y 174 -1.63 58.49 30.60
N SER Y 175 -1.94 57.22 30.39
CA SER Y 175 -0.90 56.20 30.20
C SER Y 175 0.07 56.64 29.09
N PHE Y 176 -0.47 57.10 27.96
CA PHE Y 176 0.37 57.53 26.86
C PHE Y 176 1.16 58.79 27.15
N ASP Y 177 0.53 59.70 27.88
CA ASP Y 177 1.19 60.91 28.30
C ASP Y 177 2.51 60.55 29.01
N SER Y 178 2.44 59.75 30.07
CA SER Y 178 3.62 59.42 30.85
C SER Y 178 4.66 58.68 30.01
N THR Y 179 4.17 57.77 29.16
CA THR Y 179 5.05 56.97 28.34
C THR Y 179 5.83 57.89 27.39
N ILE Y 180 5.12 58.76 26.70
CA ILE Y 180 5.75 59.65 25.74
C ILE Y 180 6.81 60.54 26.35
N ARG Y 181 6.57 61.00 27.57
CA ARG Y 181 7.53 61.84 28.26
C ARG Y 181 8.79 61.14 28.64
N SER Y 182 8.70 59.84 28.88
CA SER Y 182 9.79 59.12 29.48
C SER Y 182 10.51 58.19 28.54
N ASN Y 183 10.00 58.01 27.33
CA ASN Y 183 10.59 57.09 26.35
C ASN Y 183 10.37 57.56 24.91
N LEU Y 184 11.46 57.94 24.25
CA LEU Y 184 11.37 58.47 22.91
C LEU Y 184 10.97 57.49 21.84
N SER Y 185 11.01 56.20 22.11
CA SER Y 185 10.64 55.22 21.09
C SER Y 185 9.10 55.25 20.88
N VAL Y 186 8.38 55.87 21.81
CA VAL Y 186 6.95 56.00 21.73
C VAL Y 186 6.59 57.43 21.37
N GLY Y 187 5.58 57.60 20.51
CA GLY Y 187 5.34 58.89 19.88
C GLY Y 187 4.06 59.04 19.09
N PRO Y 189 1.51 60.54 16.04
CA PRO Y 189 0.10 60.47 16.40
C PRO Y 189 -0.30 59.18 17.06
N LEU Y 190 -1.40 59.24 17.80
CA LEU Y 190 -2.05 58.06 18.39
C LEU Y 190 -3.30 57.75 17.63
N ASP Y 191 -3.72 56.50 17.71
CA ASP Y 191 -4.91 56.04 17.02
C ASP Y 191 -5.77 55.36 18.07
N LEU Y 192 -7.02 55.80 18.17
CA LEU Y 192 -7.96 55.26 19.16
C LEU Y 192 -9.15 54.66 18.49
N LEU Y 193 -9.76 53.72 19.17
CA LEU Y 193 -11.03 53.21 18.73
C LEU Y 193 -11.81 52.73 19.95
N VAL Y 194 -13.06 53.15 20.03
CA VAL Y 194 -13.98 52.72 21.06
C VAL Y 194 -15.14 51.93 20.45
N TYR Y 195 -15.45 50.77 21.00
CA TYR Y 195 -16.52 49.93 20.45
C TYR Y 195 -17.51 49.59 21.52
N HIS Y 196 -18.80 49.78 21.21
CA HIS Y 196 -19.85 49.56 22.20
C HIS Y 196 -20.38 48.12 22.14
N ARG Y 197 -20.45 47.46 23.30
CA ARG Y 197 -20.91 46.07 23.35
C ARG Y 197 -22.23 45.92 22.64
N ASP Y 198 -22.31 44.93 21.77
CA ASP Y 198 -23.54 44.59 21.01
C ASP Y 198 -23.96 45.60 19.92
N SER Y 199 -23.19 46.65 19.70
CA SER Y 199 -23.51 47.62 18.63
C SER Y 199 -23.29 47.01 17.24
N LEU Y 200 -22.30 46.13 17.10
CA LEU Y 200 -21.96 45.51 15.82
C LEU Y 200 -21.80 46.47 14.64
N ILE Y 201 -21.27 47.66 14.92
CA ILE Y 201 -20.93 48.65 13.89
C ILE Y 201 -19.42 48.82 13.85
N LEU Y 202 -18.90 49.36 12.77
CA LEU Y 202 -17.47 49.63 12.65
C LEU Y 202 -17.25 51.09 12.98
N PRO Y 203 -16.84 51.40 14.21
CA PRO Y 203 -16.56 52.80 14.52
C PRO Y 203 -15.45 53.36 13.67
N GLU Y 204 -15.47 54.65 13.41
CA GLU Y 204 -14.46 55.20 12.53
C GLU Y 204 -13.14 55.32 13.24
N GLY Y 205 -13.18 55.45 14.55
CA GLY Y 205 -11.94 55.61 15.29
C GLY Y 205 -11.45 57.04 15.12
N TYR Y 206 -10.36 57.40 15.77
CA TYR Y 206 -9.95 58.79 15.84
C TYR Y 206 -8.45 58.90 16.03
N ARG Y 207 -7.85 59.87 15.38
CA ARG Y 207 -6.42 60.05 15.47
C ARG Y 207 -6.04 61.31 16.26
N VAL Y 208 -5.18 61.11 17.24
CA VAL Y 208 -4.75 62.20 18.08
C VAL Y 208 -3.42 62.72 17.61
N THR Y 209 -3.42 63.94 17.08
CA THR Y 209 -2.15 64.52 16.67
C THR Y 209 -1.54 65.39 17.74
N GLU Y 210 -0.28 65.73 17.53
CA GLU Y 210 0.42 66.81 18.21
C GLU Y 210 -0.47 67.99 18.59
N ASP Y 211 -1.35 68.40 17.69
CA ASP Y 211 -2.14 69.62 17.87
C ASP Y 211 -3.41 69.45 18.68
N ASP Y 212 -3.77 68.21 19.02
CA ASP Y 212 -5.11 67.94 19.52
C ASP Y 212 -5.42 68.81 20.73
N ALA Y 213 -6.51 69.56 20.65
CA ALA Y 213 -6.87 70.48 21.73
C ALA Y 213 -7.12 69.73 23.04
N TYR Y 214 -7.93 68.68 22.97
CA TYR Y 214 -8.32 67.95 24.17
C TYR Y 214 -7.14 67.27 24.82
N PHE Y 215 -6.36 66.53 24.04
CA PHE Y 215 -5.21 65.86 24.60
C PHE Y 215 -4.18 66.85 25.14
N SER Y 216 -3.95 67.97 24.47
CA SER Y 216 -3.03 68.97 25.01
C SER Y 216 -3.49 69.43 26.37
N ALA Y 217 -4.80 69.61 26.49
CA ALA Y 217 -5.40 70.16 27.70
C ALA Y 217 -5.27 69.22 28.88
N ILE Y 218 -5.62 67.96 28.68
CA ILE Y 218 -5.56 67.07 29.81
C ILE Y 218 -4.12 66.81 30.22
N ARG Y 219 -3.18 66.93 29.30
CA ARG Y 219 -1.76 66.83 29.68
C ARG Y 219 -1.32 67.99 30.57
N ARG Y 220 -1.69 69.20 30.18
CA ARG Y 220 -1.40 70.39 30.98
C ARG Y 220 -2.02 70.31 32.36
N GLN Y 221 -3.27 69.81 32.43
CA GLN Y 221 -4.00 69.66 33.70
C GLN Y 221 -3.36 68.62 34.59
N TRP Y 222 -3.09 67.46 34.01
CA TRP Y 222 -2.46 66.36 34.72
C TRP Y 222 -1.12 66.80 35.30
N SER Y 223 -0.34 67.58 34.57
CA SER Y 223 0.93 68.09 35.13
C SER Y 223 0.72 68.96 36.35
N ALA Y 224 -0.15 69.94 36.20
CA ALA Y 224 -0.47 70.87 37.26
C ALA Y 224 -0.97 70.12 38.48
N GLY Y 225 -1.81 69.11 38.24
CA GLY Y 225 -2.37 68.31 39.32
C GLY Y 225 -1.27 67.60 40.11
N LEU Y 226 -0.43 66.85 39.41
CA LEU Y 226 0.69 66.12 40.03
C LEU Y 226 1.62 67.04 40.80
N HIS Y 227 1.93 68.19 40.22
CA HIS Y 227 2.83 69.13 40.86
C HIS Y 227 2.21 69.63 42.19
N ASP Y 228 0.92 69.93 42.16
CA ASP Y 228 0.15 70.35 43.34
C ASP Y 228 0.21 69.32 44.45
N LEU Y 230 2.05 66.91 45.00
CA LEU Y 230 3.39 66.66 45.49
C LEU Y 230 3.82 67.69 46.51
N GLU Y 231 3.47 68.95 46.29
CA GLU Y 231 3.84 70.02 47.23
C GLU Y 231 3.01 69.98 48.52
N ARG Y 232 1.78 69.47 48.39
CA ARG Y 232 0.85 69.40 49.50
C ARG Y 232 0.89 68.07 50.28
N LEU Y 233 1.73 67.14 49.85
CA LEU Y 233 2.09 65.97 50.67
C LEU Y 233 2.89 66.38 51.89
N PRO Y 234 2.73 65.65 53.00
CA PRO Y 234 3.47 66.01 54.23
C PRO Y 234 4.95 65.72 54.17
N SER Y 235 5.70 66.33 55.08
CA SER Y 235 7.13 66.08 55.21
C SER Y 235 7.40 64.77 55.97
N PRO Y 236 8.49 64.08 55.62
CA PRO Y 236 8.90 62.89 56.37
C PRO Y 236 9.21 63.26 57.80
N PRO Y 237 8.83 62.41 58.78
CA PRO Y 237 9.15 62.66 60.20
C PRO Y 237 10.65 62.84 60.50
N SER Y 238 10.97 63.15 61.76
CA SER Y 238 12.37 63.22 62.22
C SER Y 238 13.13 61.95 61.80
N ALA Y 239 12.61 60.81 62.25
CA ALA Y 239 13.18 59.48 62.00
C ALA Y 239 13.94 59.35 60.65
N TYR Y 240 13.40 59.87 59.56
CA TYR Y 240 13.94 59.56 58.22
C TYR Y 240 15.33 60.14 57.83
N ASN Y 241 16.05 60.79 58.75
CA ASN Y 241 17.33 61.43 58.36
C ASN Y 241 18.55 60.81 59.06
N THR Z 1 14.18 44.40 42.44
CA THR Z 1 15.42 45.23 42.36
C THR Z 1 15.15 46.52 41.60
N TYR Z 2 15.16 47.62 42.34
CA TYR Z 2 15.03 48.92 41.73
C TYR Z 2 15.81 49.86 42.62
N CYS Z 3 16.74 50.61 42.05
CA CYS Z 3 17.49 51.60 42.82
C CYS Z 3 17.46 52.94 42.10
N VAL Z 4 17.46 54.01 42.90
CA VAL Z 4 17.53 55.37 42.40
C VAL Z 4 18.54 56.13 43.18
N ALA Z 5 19.21 57.04 42.52
CA ALA Z 5 20.12 57.99 43.19
C ALA Z 5 20.01 59.33 42.50
N HIS Z 7 21.60 63.42 42.40
CA HIS Z 7 22.63 64.36 42.78
C HIS Z 7 22.09 65.73 42.47
N LEU Z 8 21.83 66.45 43.56
CA LEU Z 8 21.14 67.71 43.55
C LEU Z 8 22.00 68.81 44.16
N ALA Z 9 21.52 70.05 44.00
CA ALA Z 9 22.24 71.20 44.47
C ALA Z 9 22.61 71.03 45.93
N ASP Z 10 21.66 70.56 46.76
CA ASP Z 10 21.90 70.47 48.21
C ASP Z 10 22.54 69.17 48.69
N GLY Z 11 22.74 68.20 47.80
CA GLY Z 11 23.40 66.96 48.20
C GLY Z 11 22.96 65.74 47.40
N LEU Z 12 22.91 64.59 48.07
CA LEU Z 12 22.60 63.34 47.43
C LEU Z 12 21.46 62.64 48.14
N VAL Z 13 20.68 61.91 47.39
CA VAL Z 13 19.61 61.09 47.93
C VAL Z 13 19.71 59.72 47.25
N PHE Z 14 19.68 58.66 48.05
CA PHE Z 14 19.73 57.31 47.55
C PHE Z 14 18.54 56.52 48.05
N ALA Z 15 17.99 55.65 47.21
CA ALA Z 15 16.93 54.74 47.66
C ALA Z 15 16.95 53.43 46.89
N SER Z 16 16.83 52.31 47.61
CA SER Z 16 16.85 51.00 46.99
C SER Z 16 15.76 50.12 47.56
N ASP Z 17 15.23 49.19 46.77
CA ASP Z 17 14.39 48.15 47.35
C ASP Z 17 15.30 47.04 47.89
N SER Z 18 14.71 45.88 48.17
CA SER Z 18 15.47 44.76 48.77
C SER Z 18 15.12 43.40 48.19
N ARG Z 19 14.10 43.34 47.33
CA ARG Z 19 13.65 42.07 46.85
C ARG Z 19 14.62 41.58 45.82
N THR Z 20 15.00 40.30 45.93
CA THR Z 20 16.12 39.81 45.20
C THR Z 20 15.81 38.44 44.68
N ASN Z 21 16.12 38.21 43.39
CA ASN Z 21 16.02 36.89 42.82
C ASN Z 21 17.28 36.10 43.15
N ALA Z 22 17.17 35.12 44.02
CA ALA Z 22 18.34 34.43 44.51
C ALA Z 22 18.33 33.01 44.04
N GLY Z 23 17.74 32.75 42.89
CA GLY Z 23 17.57 31.37 42.45
C GLY Z 23 16.11 31.11 42.16
N ILE Z 24 15.81 29.90 41.71
CA ILE Z 24 14.43 29.53 41.35
C ILE Z 24 13.69 29.21 42.64
N ASP Z 25 12.48 29.73 42.75
CA ASP Z 25 11.66 29.57 43.94
C ASP Z 25 12.38 30.05 45.21
N HIS Z 26 13.33 30.97 45.07
CA HIS Z 26 14.02 31.51 46.23
C HIS Z 26 14.15 33.00 45.98
N ILE Z 27 13.08 33.71 46.28
CA ILE Z 27 13.09 35.17 46.29
C ILE Z 27 13.24 35.67 47.70
N ALA Z 28 14.10 36.64 47.90
CA ALA Z 28 14.54 36.95 49.25
C ALA Z 28 14.92 38.40 49.41
N THR Z 29 15.09 38.79 50.67
CA THR Z 29 15.48 40.14 51.01
C THR Z 29 16.98 40.28 51.16
N PHE Z 30 17.57 41.22 50.43
CA PHE Z 30 18.98 41.58 50.57
C PHE Z 30 19.14 43.07 50.43
N ARG Z 31 19.91 43.67 51.33
CA ARG Z 31 20.19 45.10 51.29
C ARG Z 31 20.90 45.41 49.98
N LYS Z 32 20.52 46.50 49.34
CA LYS Z 32 21.18 46.91 48.08
C LYS Z 32 21.76 48.32 48.17
N LEU Z 33 22.03 48.77 49.38
CA LEU Z 33 22.58 50.09 49.59
C LEU Z 33 23.57 49.98 50.71
N PHE Z 34 24.82 50.30 50.42
CA PHE Z 34 25.91 50.15 51.38
C PHE Z 34 26.68 51.44 51.52
N THR Z 35 27.09 51.78 52.74
CA THR Z 35 27.77 53.04 53.01
C THR Z 35 29.19 52.78 53.50
N PHE Z 36 30.08 53.73 53.25
CA PHE Z 36 31.47 53.61 53.64
C PHE Z 36 31.93 55.01 53.98
N GLY Z 37 32.93 55.13 54.84
CA GLY Z 37 33.55 56.44 55.05
C GLY Z 37 34.20 56.66 56.37
N THR Z 38 34.85 57.81 56.49
CA THR Z 38 35.44 58.26 57.75
C THR Z 38 34.82 59.62 58.07
N PRO Z 39 34.22 59.79 59.28
CA PRO Z 39 33.53 61.05 59.58
C PRO Z 39 34.44 62.28 59.49
N GLY Z 40 33.93 63.35 58.86
CA GLY Z 40 34.69 64.58 58.67
C GLY Z 40 35.62 64.56 57.48
N GLU Z 41 35.71 63.41 56.80
CA GLU Z 41 36.60 63.25 55.64
C GLU Z 41 35.84 62.73 54.39
N ARG Z 42 35.02 61.69 54.51
CA ARG Z 42 34.33 61.18 53.32
C ARG Z 42 33.11 60.34 53.59
N LEU Z 43 32.16 60.41 52.66
CA LEU Z 43 31.05 59.47 52.60
C LEU Z 43 30.97 58.86 51.20
N LEU Z 44 30.86 57.53 51.12
CA LEU Z 44 30.60 56.90 49.83
C LEU Z 44 29.47 55.89 49.96
N VAL Z 45 28.58 55.89 48.97
CA VAL Z 45 27.45 54.95 48.97
C VAL Z 45 27.53 54.12 47.71
N VAL Z 46 27.34 52.82 47.86
CA VAL Z 46 27.28 51.93 46.71
C VAL Z 46 25.92 51.23 46.69
N GLN Z 47 25.24 51.30 45.56
CA GLN Z 47 24.01 50.53 45.36
C GLN Z 47 24.25 49.46 44.32
N THR Z 48 23.51 48.36 44.42
CA THR Z 48 23.72 47.19 43.58
C THR Z 48 22.46 46.78 42.88
N ALA Z 49 22.63 46.18 41.72
CA ALA Z 49 21.54 45.57 40.98
C ALA Z 49 22.12 44.49 40.07
N GLY Z 50 21.33 43.46 39.76
CA GLY Z 50 21.81 42.39 38.91
C GLY Z 50 22.12 41.15 39.70
N ASN Z 51 23.09 40.36 39.22
CA ASN Z 51 23.39 39.07 39.84
C ASN Z 51 23.83 39.20 41.29
N LEU Z 52 23.13 38.48 42.16
CA LEU Z 52 23.39 38.53 43.58
C LEU Z 52 24.82 38.07 43.89
N ALA Z 53 25.20 36.90 43.40
CA ALA Z 53 26.53 36.34 43.69
C ALA Z 53 27.66 37.26 43.33
N THR Z 54 27.53 37.87 42.18
CA THR Z 54 28.53 38.81 41.72
C THR Z 54 28.55 40.05 42.58
N SER Z 55 27.41 40.69 42.78
CA SER Z 55 27.40 41.93 43.54
C SER Z 55 27.82 41.70 44.99
N GLN Z 56 27.43 40.57 45.56
CA GLN Z 56 27.87 40.26 46.91
C GLN Z 56 29.36 40.11 47.03
N SER Z 57 29.93 39.38 46.08
CA SER Z 57 31.36 39.26 46.06
C SER Z 57 32.07 40.62 45.94
N VAL Z 58 31.56 41.49 45.09
CA VAL Z 58 32.20 42.78 44.92
C VAL Z 58 32.19 43.53 46.24
N ILE Z 59 31.03 43.60 46.87
CA ILE Z 59 30.89 44.38 48.08
C ILE Z 59 31.75 43.81 49.18
N ASN Z 60 31.75 42.50 49.26
CA ASN Z 60 32.55 41.82 50.24
C ASN Z 60 34.02 42.16 50.10
N LEU Z 61 34.52 42.19 48.89
CA LEU Z 61 35.94 42.45 48.68
C LEU Z 61 36.25 43.88 49.03
N LEU Z 62 35.36 44.79 48.67
CA LEU Z 62 35.56 46.18 49.01
C LEU Z 62 35.66 46.36 50.51
N GLN Z 63 34.84 45.62 51.27
CA GLN Z 63 34.89 45.70 52.73
C GLN Z 63 36.18 45.13 53.28
N GLN Z 64 36.53 43.91 52.87
CA GLN Z 64 37.77 43.31 53.33
C GLN Z 64 38.97 44.21 53.06
N ARG Z 65 39.03 44.81 51.88
CA ARG Z 65 40.18 45.62 51.46
C ARG Z 65 40.29 46.98 52.14
N ILE Z 66 39.20 47.46 52.71
CA ILE Z 66 39.18 48.72 53.45
C ILE Z 66 40.17 48.62 54.62
N ARG Z 67 40.14 47.47 55.29
CA ARG Z 67 41.07 47.12 56.36
C ARG Z 67 42.37 46.47 55.79
N ARG Z 68 43.03 47.17 54.86
CA ARG Z 68 44.27 46.65 54.23
C ARG Z 68 45.05 47.76 53.49
N ASP Z 69 46.38 47.73 53.64
CA ASP Z 69 47.29 48.74 53.06
C ASP Z 69 47.35 48.57 51.53
N GLY Z 70 46.62 49.42 50.81
CA GLY Z 70 46.57 49.37 49.35
C GLY Z 70 45.31 50.07 48.90
N ALA Z 71 45.02 50.06 47.60
CA ALA Z 71 43.82 50.72 47.07
C ALA Z 71 42.53 50.26 47.75
N SER Z 72 41.75 51.23 48.25
CA SER Z 72 40.49 50.93 48.95
C SER Z 72 39.58 52.13 48.90
N LEU Z 73 38.29 51.92 49.12
CA LEU Z 73 37.34 53.02 49.14
C LEU Z 73 37.61 54.09 50.19
N LEU Z 74 38.51 53.86 51.13
CA LEU Z 74 38.83 54.89 52.11
C LEU Z 74 40.02 55.80 51.78
N ASN Z 75 40.78 55.53 50.72
CA ASN Z 75 42.03 56.23 50.50
C ASN Z 75 42.04 56.83 49.09
N VAL Z 76 41.30 56.19 48.20
CA VAL Z 76 40.96 56.70 46.89
C VAL Z 76 40.73 58.22 46.91
N PRO Z 77 41.39 58.96 46.02
CA PRO Z 77 41.35 60.43 46.13
C PRO Z 77 40.09 61.16 45.61
N SER Z 78 39.21 60.50 44.87
CA SER Z 78 38.01 61.15 44.33
C SER Z 78 36.86 60.17 44.14
N VAL Z 79 35.64 60.69 44.07
CA VAL Z 79 34.48 59.82 43.85
C VAL Z 79 34.62 59.09 42.51
N TYR Z 80 35.14 59.78 41.51
CA TYR Z 80 35.49 59.15 40.25
C TYR Z 80 36.32 57.88 40.47
N ASP Z 81 37.45 58.03 41.16
CA ASP Z 81 38.38 56.90 41.39
C ASP Z 81 37.74 55.80 42.22
N ALA Z 82 36.80 56.17 43.08
CA ALA Z 82 36.04 55.17 43.84
C ALA Z 82 35.21 54.33 42.90
N THR Z 83 34.53 55.02 41.99
CA THR Z 83 33.71 54.36 40.98
C THR Z 83 34.59 53.41 40.17
N ALA Z 84 35.75 53.90 39.77
CA ALA Z 84 36.69 53.11 38.96
C ALA Z 84 37.13 51.89 39.72
N LEU Z 85 37.32 52.05 41.02
CA LEU Z 85 37.75 50.94 41.85
C LEU Z 85 36.68 49.88 41.93
N VAL Z 86 35.43 50.30 42.09
CA VAL Z 86 34.33 49.36 42.14
C VAL Z 86 34.35 48.56 40.85
N ALA Z 87 34.44 49.26 39.72
CA ALA Z 87 34.44 48.63 38.41
C ALA Z 87 35.58 47.65 38.28
N GLU Z 88 36.77 48.13 38.63
CA GLU Z 88 37.98 47.31 38.67
C GLU Z 88 37.72 46.01 39.47
N THR Z 89 37.09 46.14 40.62
CA THR Z 89 36.79 45.01 41.46
C THR Z 89 35.80 44.07 40.79
N THR Z 90 34.77 44.64 40.17
CA THR Z 90 33.81 43.84 39.42
C THR Z 90 34.52 42.96 38.38
N ARG Z 91 35.38 43.57 37.56
CA ARG Z 91 36.16 42.82 36.54
C ARG Z 91 36.87 41.63 37.14
N GLU Z 92 37.50 41.88 38.28
CA GLU Z 92 38.21 40.83 38.97
C GLU Z 92 37.32 39.66 39.37
N VAL Z 93 36.12 39.96 39.86
CA VAL Z 93 35.17 38.92 40.26
C VAL Z 93 34.66 38.11 39.06
N ALA Z 95 36.18 37.64 36.17
CA ALA Z 95 37.30 36.81 35.70
C ALA Z 95 37.40 35.46 36.42
N ARG Z 96 37.23 35.47 37.73
CA ARG Z 96 37.36 34.26 38.55
C ARG Z 96 36.21 33.24 38.37
N ASP Z 97 34.97 33.72 38.39
CA ASP Z 97 33.74 32.86 38.36
C ASP Z 97 33.41 32.33 36.96
N SER Z 98 33.81 33.07 35.95
CA SER Z 98 33.74 32.61 34.56
C SER Z 98 34.53 31.30 34.36
N GLY Z 99 33.95 30.39 33.57
CA GLY Z 99 34.52 29.07 33.28
C GLY Z 99 33.46 28.25 32.54
N ASN Z 100 33.75 26.98 32.24
CA ASN Z 100 32.75 26.10 31.61
C ASN Z 100 31.56 25.83 32.53
N LEU Z 101 31.82 25.80 33.85
CA LEU Z 101 30.82 25.43 34.86
C LEU Z 101 29.67 26.44 34.97
N ALA Z 102 30.00 27.74 34.93
CA ALA Z 102 28.95 28.76 34.84
C ALA Z 102 28.11 28.56 33.57
N GLY Z 103 28.76 28.28 32.44
CA GLY Z 103 28.05 28.01 31.17
C GLY Z 103 27.48 29.28 30.58
N ASN Z 104 26.18 29.29 30.29
CA ASN Z 104 25.51 30.47 29.70
C ASN Z 104 24.78 31.33 30.73
N THR Z 105 24.81 30.94 31.99
CA THR Z 105 24.20 31.76 33.07
C THR Z 105 24.78 33.20 33.15
N ASP Z 106 23.93 34.17 33.43
CA ASP Z 106 24.28 35.59 33.28
C ASP Z 106 24.76 36.26 34.56
N LEU Z 107 26.08 36.42 34.68
CA LEU Z 107 26.70 36.89 35.92
C LEU Z 107 26.88 38.40 36.06
N SER Z 108 26.25 39.18 35.19
CA SER Z 108 26.52 40.61 35.16
C SER Z 108 25.74 41.36 36.22
N CYS Z 109 26.30 42.47 36.67
CA CYS Z 109 25.57 43.38 37.54
C CYS Z 109 26.06 44.78 37.38
N SER Z 110 25.25 45.69 37.91
CA SER Z 110 25.45 47.10 37.78
C SER Z 110 25.46 47.74 39.16
N PHE Z 111 26.02 48.93 39.24
CA PHE Z 111 26.21 49.62 40.50
C PHE Z 111 25.99 51.11 40.37
N VAL Z 113 27.61 54.50 42.42
CA VAL Z 113 28.58 54.93 43.40
C VAL Z 113 28.45 56.44 43.50
N GLY Z 114 28.15 56.93 44.69
CA GLY Z 114 28.03 58.36 44.89
C GLY Z 114 28.51 58.76 46.28
N GLY Z 115 28.76 60.04 46.45
CA GLY Z 115 29.20 60.52 47.74
C GLY Z 115 30.02 61.77 47.64
N GLN Z 116 30.82 62.03 48.67
CA GLN Z 116 31.68 63.21 48.72
C GLN Z 116 32.94 62.98 49.50
N ILE Z 117 34.05 63.41 48.94
CA ILE Z 117 35.33 63.32 49.60
C ILE Z 117 35.79 64.75 49.87
N ALA Z 118 36.38 64.95 51.04
CA ALA Z 118 36.81 66.28 51.49
C ALA Z 118 37.58 66.98 50.40
N GLY Z 119 37.18 68.22 50.11
CA GLY Z 119 37.93 69.06 49.19
C GLY Z 119 37.43 69.02 47.78
N GLY Z 120 36.35 68.30 47.51
CA GLY Z 120 35.71 68.39 46.21
C GLY Z 120 34.21 68.19 46.34
N PRO Z 121 33.46 68.63 45.34
CA PRO Z 121 32.00 68.54 45.44
C PRO Z 121 31.51 67.11 45.51
N PRO Z 122 30.24 66.92 45.90
CA PRO Z 122 29.66 65.59 45.83
C PRO Z 122 29.47 65.17 44.39
N ALA Z 123 29.44 63.87 44.14
CA ALA Z 123 29.28 63.32 42.81
C ALA Z 123 28.51 61.99 42.84
N LEU Z 124 28.01 61.58 41.67
CA LEU Z 124 27.24 60.35 41.52
C LEU Z 124 27.53 59.72 40.19
N TYR Z 125 27.92 58.44 40.20
CA TYR Z 125 28.13 57.68 38.96
C TYR Z 125 27.28 56.41 38.91
N SER Z 126 27.06 55.93 37.70
CA SER Z 126 26.40 54.66 37.50
C SER Z 126 27.33 53.80 36.66
N ILE Z 127 27.57 52.56 37.11
CA ILE Z 127 28.39 51.63 36.36
C ILE Z 127 27.48 50.65 35.64
N TYR Z 128 27.76 50.43 34.36
CA TYR Z 128 26.95 49.53 33.56
C TYR Z 128 27.46 48.09 33.63
N PRO Z 129 26.64 47.15 33.14
CA PRO Z 129 27.05 45.75 33.19
C PRO Z 129 28.44 45.52 32.64
N GLN Z 130 28.81 46.32 31.64
CA GLN Z 130 30.05 46.10 30.90
C GLN Z 130 31.23 46.84 31.54
N GLY Z 131 31.01 47.58 32.62
CA GLY Z 131 32.13 48.11 33.43
C GLY Z 131 32.57 49.55 33.15
N ASN Z 132 31.94 50.15 32.15
CA ASN Z 132 32.10 51.58 31.86
C ASN Z 132 31.00 52.36 32.55
N PHE Z 133 31.27 53.61 32.87
CA PHE Z 133 30.34 54.37 33.70
C PHE Z 133 30.10 55.80 33.30
N ILE Z 134 28.98 56.32 33.80
CA ILE Z 134 28.60 57.69 33.56
C ILE Z 134 28.30 58.42 34.82
N GLN Z 135 28.35 59.73 34.70
CA GLN Z 135 28.23 60.65 35.81
C GLN Z 135 26.95 61.41 35.68
N ALA Z 136 26.22 61.56 36.77
CA ALA Z 136 25.03 62.40 36.76
C ALA Z 136 25.45 63.87 36.77
N THR Z 137 24.66 64.70 36.07
CA THR Z 137 24.93 66.13 35.92
C THR Z 137 23.67 66.93 36.21
N PRO Z 138 23.77 68.27 36.23
CA PRO Z 138 22.59 69.10 36.46
C PRO Z 138 21.47 68.84 35.46
N ASP Z 139 21.81 68.60 34.20
CA ASP Z 139 20.79 68.31 33.16
C ASP Z 139 20.18 66.91 33.33
N THR Z 140 20.96 65.97 33.85
CA THR Z 140 20.48 64.60 34.09
C THR Z 140 20.87 64.20 35.53
N PRO Z 141 20.08 64.67 36.50
CA PRO Z 141 20.47 64.63 37.88
C PRO Z 141 20.06 63.39 38.63
N PHE Z 142 19.30 62.50 37.99
CA PHE Z 142 19.04 61.20 38.64
C PHE Z 142 19.37 60.02 37.75
N LEU Z 143 19.70 58.90 38.37
CA LEU Z 143 20.06 57.68 37.66
C LEU Z 143 19.35 56.51 38.33
N GLN Z 144 19.00 55.51 37.54
CA GLN Z 144 18.28 54.36 38.05
C GLN Z 144 18.98 53.05 37.75
N LEU Z 145 18.73 52.04 38.56
CA LEU Z 145 19.14 50.69 38.24
C LEU Z 145 17.97 49.79 38.37
N GLY Z 146 18.06 48.65 37.73
CA GLY Z 146 17.05 47.62 37.90
C GLY Z 146 15.82 47.91 37.07
N GLU Z 147 14.68 47.57 37.67
CA GLU Z 147 13.39 47.62 37.08
C GLU Z 147 12.85 49.06 37.29
N SER Z 148 13.24 49.95 36.40
CA SER Z 148 13.05 51.38 36.62
C SER Z 148 12.03 52.12 35.72
N LYS Z 149 11.48 51.47 34.69
CA LYS Z 149 10.63 52.21 33.75
C LYS Z 149 9.34 52.62 34.44
N TYR Z 150 8.86 51.79 35.34
CA TYR Z 150 7.58 52.04 35.99
C TYR Z 150 7.56 53.36 36.74
N GLY Z 151 8.67 53.66 37.41
CA GLY Z 151 8.74 54.84 38.26
C GLY Z 151 9.54 55.98 37.68
N LYS Z 152 9.87 55.87 36.40
CA LYS Z 152 10.64 56.94 35.75
C LYS Z 152 9.82 58.20 35.50
N PRO Z 153 8.56 58.07 35.06
CA PRO Z 153 7.85 59.26 34.66
C PRO Z 153 7.74 60.28 35.77
N ILE Z 154 7.41 59.85 36.97
CA ILE Z 154 7.27 60.83 38.03
C ILE Z 154 8.57 61.62 38.28
N LEU Z 155 9.71 60.98 38.08
CA LEU Z 155 10.99 61.63 38.26
C LEU Z 155 11.28 62.57 37.11
N ASP Z 156 11.04 62.10 35.90
CA ASP Z 156 11.18 62.96 34.74
C ASP Z 156 10.36 64.23 34.85
N ARG Z 157 9.11 64.09 35.30
CA ARG Z 157 8.21 65.23 35.42
C ARG Z 157 8.63 66.27 36.44
N ASN Z 158 9.08 65.85 37.61
CA ASN Z 158 9.19 66.75 38.76
C ASN Z 158 10.59 67.05 39.23
N LEU Z 159 11.52 66.15 38.99
CA LEU Z 159 12.83 66.29 39.56
C LEU Z 159 13.73 67.16 38.71
N THR Z 160 14.48 68.04 39.36
CA THR Z 160 15.53 68.82 38.68
C THR Z 160 16.68 69.03 39.66
N PHE Z 161 17.80 69.53 39.16
CA PHE Z 161 18.98 69.71 40.00
C PHE Z 161 18.67 70.52 41.26
N ASP Z 162 17.77 71.50 41.12
CA ASP Z 162 17.42 72.41 42.20
C ASP Z 162 16.32 71.92 43.14
N THR Z 163 15.72 70.77 42.87
CA THR Z 163 14.76 70.19 43.81
C THR Z 163 15.44 70.00 45.18
N PRO Z 164 14.82 70.46 46.27
CA PRO Z 164 15.38 70.23 47.61
C PRO Z 164 15.34 68.76 48.02
N LEU Z 165 16.17 68.38 48.99
CA LEU Z 165 16.34 66.96 49.31
C LEU Z 165 15.05 66.34 49.82
N GLU Z 166 14.38 66.98 50.79
CA GLU Z 166 13.15 66.42 51.34
C GLU Z 166 12.14 66.12 50.20
N GLN Z 167 12.06 67.01 49.21
CA GLN Z 167 11.11 66.79 48.10
C GLN Z 167 11.55 65.73 47.13
N ALA Z 168 12.85 65.65 46.90
CA ALA Z 168 13.39 64.61 46.04
C ALA Z 168 13.10 63.26 46.65
N LEU Z 169 13.32 63.13 47.94
CA LEU Z 169 13.10 61.87 48.63
C LEU Z 169 11.66 61.45 48.48
N ARG Z 170 10.76 62.42 48.68
CA ARG Z 170 9.34 62.19 48.57
C ARG Z 170 9.01 61.69 47.19
N CYS Z 171 9.63 62.33 46.21
CA CYS Z 171 9.46 61.97 44.85
C CYS Z 171 9.89 60.52 44.61
N ALA Z 172 11.07 60.17 45.12
CA ALA Z 172 11.57 58.80 45.03
C ALA Z 172 10.57 57.81 45.61
N LEU Z 173 9.99 58.15 46.75
CA LEU Z 173 9.05 57.23 47.38
C LEU Z 173 7.83 56.97 46.50
N VAL Z 174 7.36 57.98 45.80
CA VAL Z 174 6.21 57.80 44.92
C VAL Z 174 6.63 56.93 43.74
N SER Z 175 7.84 57.14 43.26
CA SER Z 175 8.42 56.25 42.25
C SER Z 175 8.33 54.77 42.68
N PHE Z 176 8.72 54.49 43.93
CA PHE Z 176 8.66 53.12 44.44
C PHE Z 176 7.24 52.61 44.59
N ASP Z 177 6.34 53.50 45.02
CA ASP Z 177 4.95 53.16 45.15
C ASP Z 177 4.44 52.54 43.83
N SER Z 178 4.56 53.29 42.74
CA SER Z 178 4.06 52.82 41.47
C SER Z 178 4.74 51.53 41.05
N THR Z 179 6.05 51.47 41.27
CA THR Z 179 6.83 50.34 40.83
C THR Z 179 6.32 49.08 41.54
N ILE Z 180 6.19 49.18 42.86
CA ILE Z 180 5.79 48.05 43.67
C ILE Z 180 4.41 47.52 43.30
N ARG Z 181 3.51 48.41 42.94
CA ARG Z 181 2.20 47.99 42.55
C ARG Z 181 2.18 47.25 41.25
N SER Z 182 3.10 47.59 40.36
CA SER Z 182 3.01 47.12 38.97
C SER Z 182 4.01 46.03 38.62
N ASN Z 183 4.91 45.70 39.53
CA ASN Z 183 5.94 44.71 39.28
C ASN Z 183 6.34 44.02 40.57
N LEU Z 184 6.05 42.73 40.64
CA LEU Z 184 6.36 41.96 41.83
C LEU Z 184 7.83 41.71 42.12
N SER Z 185 8.71 41.92 41.15
CA SER Z 185 10.11 41.64 41.38
C SER Z 185 10.68 42.71 42.31
N VAL Z 186 9.95 43.82 42.46
CA VAL Z 186 10.36 44.91 43.32
C VAL Z 186 9.52 44.93 44.58
N GLY Z 187 10.15 45.20 45.72
CA GLY Z 187 9.52 44.91 47.01
C GLY Z 187 10.23 45.43 48.23
N PRO Z 189 11.40 45.52 52.31
CA PRO Z 189 11.72 46.88 52.77
C PRO Z 189 12.53 47.68 51.80
N LEU Z 190 12.46 49.01 51.94
CA LEU Z 190 13.32 49.93 51.21
C LEU Z 190 14.38 50.47 52.13
N ASP Z 191 15.48 50.92 51.56
CA ASP Z 191 16.56 51.51 52.30
C ASP Z 191 16.86 52.86 51.69
N LEU Z 192 16.85 53.90 52.52
CA LEU Z 192 17.07 55.28 52.07
C LEU Z 192 18.28 55.84 52.73
N LEU Z 193 18.88 56.81 52.05
CA LEU Z 193 19.93 57.60 52.67
C LEU Z 193 19.96 58.98 52.05
N VAL Z 194 19.97 60.00 52.89
CA VAL Z 194 20.07 61.40 52.45
C VAL Z 194 21.36 61.98 52.95
N TYR Z 195 22.12 62.64 52.09
CA TYR Z 195 23.39 63.23 52.47
C TYR Z 195 23.43 64.69 52.11
N HIS Z 196 23.85 65.53 53.05
CA HIS Z 196 23.85 66.98 52.85
C HIS Z 196 25.21 67.45 52.33
N ARG Z 197 25.18 68.25 51.26
CA ARG Z 197 26.41 68.72 50.62
C ARG Z 197 27.31 69.37 51.64
N ASP Z 198 28.58 68.97 51.64
CA ASP Z 198 29.63 69.50 52.52
C ASP Z 198 29.52 69.10 54.02
N SER Z 199 28.54 68.29 54.41
CA SER Z 199 28.41 67.85 55.80
C SER Z 199 29.55 66.91 56.19
N LEU Z 200 30.01 66.08 55.25
CA LEU Z 200 31.05 65.07 55.49
C LEU Z 200 30.81 64.16 56.70
N ILE Z 201 29.54 63.83 56.94
CA ILE Z 201 29.16 62.89 58.01
C ILE Z 201 28.58 61.65 57.36
N LEU Z 202 28.52 60.55 58.10
CA LEU Z 202 27.90 59.32 57.61
C LEU Z 202 26.50 59.24 58.16
N PRO Z 203 25.49 59.64 57.37
CA PRO Z 203 24.12 59.51 57.87
C PRO Z 203 23.77 58.08 58.17
N GLU Z 204 22.87 57.86 59.12
CA GLU Z 204 22.55 56.48 59.47
C GLU Z 204 21.67 55.84 58.42
N GLY Z 205 20.91 56.65 57.70
CA GLY Z 205 20.02 56.10 56.69
C GLY Z 205 18.82 55.54 57.40
N TYR Z 206 17.84 55.05 56.64
CA TYR Z 206 16.57 54.66 57.22
C TYR Z 206 15.94 53.55 56.42
N ARG Z 207 15.32 52.61 57.10
CA ARG Z 207 14.66 51.53 56.44
C ARG Z 207 13.13 51.65 56.50
N VAL Z 208 12.51 51.56 55.33
CA VAL Z 208 11.06 51.66 55.25
C VAL Z 208 10.44 50.28 55.19
N THR Z 209 9.75 49.88 56.24
CA THR Z 209 9.08 48.59 56.21
C THR Z 209 7.64 48.69 55.77
N GLU Z 210 7.08 47.53 55.46
CA GLU Z 210 5.63 47.31 55.32
C GLU Z 210 4.78 48.17 56.26
N ASP Z 211 5.20 48.29 57.51
CA ASP Z 211 4.42 48.96 58.54
C ASP Z 211 4.58 50.47 58.60
N ASP Z 212 5.51 51.04 57.85
CA ASP Z 212 5.87 52.42 58.04
C ASP Z 212 4.67 53.34 57.97
N ALA Z 213 4.46 54.13 59.01
CA ALA Z 213 3.29 55.01 59.08
C ALA Z 213 3.30 56.04 57.97
N TYR Z 214 4.44 56.71 57.79
CA TYR Z 214 4.54 57.78 56.81
C TYR Z 214 4.35 57.28 55.39
N PHE Z 215 5.09 56.23 55.03
CA PHE Z 215 4.97 55.70 53.69
C PHE Z 215 3.56 55.15 53.43
N SER Z 216 2.94 54.49 54.39
CA SER Z 216 1.58 54.01 54.21
C SER Z 216 0.65 55.17 53.88
N ALA Z 217 0.87 56.28 54.58
CA ALA Z 217 0.00 57.45 54.49
C ALA Z 217 0.11 58.10 53.14
N ILE Z 218 1.33 58.33 52.67
CA ILE Z 218 1.46 59.02 51.41
C ILE Z 218 0.97 58.14 50.26
N ARG Z 219 1.05 56.83 50.40
CA ARG Z 219 0.49 55.94 49.38
C ARG Z 219 -1.03 56.05 49.31
N ARG Z 220 -1.68 56.04 50.48
CA ARG Z 220 -3.12 56.22 50.58
C ARG Z 220 -3.57 57.58 50.00
N GLN Z 221 -2.81 58.63 50.30
CA GLN Z 221 -3.10 59.98 49.80
C GLN Z 221 -2.93 60.06 48.30
N TRP Z 222 -1.79 59.59 47.82
CA TRP Z 222 -1.50 59.60 46.41
C TRP Z 222 -2.60 58.88 45.65
N SER Z 223 -3.09 57.75 46.15
CA SER Z 223 -4.18 57.03 45.46
C SER Z 223 -5.42 57.87 45.34
N ALA Z 224 -5.86 58.40 46.47
CA ALA Z 224 -7.04 59.23 46.55
C ALA Z 224 -6.89 60.41 45.59
N GLY Z 225 -5.70 61.00 45.55
CA GLY Z 225 -5.45 62.16 44.71
C GLY Z 225 -5.64 61.83 43.24
N LEU Z 226 -4.94 60.79 42.78
CA LEU Z 226 -5.05 60.32 41.39
C LEU Z 226 -6.48 59.97 41.00
N HIS Z 227 -7.19 59.29 41.89
CA HIS Z 227 -8.55 58.90 41.60
C HIS Z 227 -9.43 60.15 41.42
N ASP Z 228 -9.24 61.14 42.29
CA ASP Z 228 -9.94 62.44 42.21
C ASP Z 228 -9.72 63.15 40.89
N LEU Z 230 -8.67 62.18 38.15
CA LEU Z 230 -9.16 61.42 37.01
C LEU Z 230 -10.66 61.64 36.79
N GLU Z 231 -11.44 61.71 37.87
CA GLU Z 231 -12.89 61.89 37.75
C GLU Z 231 -13.25 63.31 37.38
N ARG Z 232 -12.39 64.24 37.79
CA ARG Z 232 -12.60 65.67 37.54
C ARG Z 232 -11.97 66.20 36.23
N LEU Z 233 -11.27 65.35 35.50
CA LEU Z 233 -10.88 65.64 34.11
C LEU Z 233 -12.10 65.69 33.20
N PRO Z 234 -12.06 66.54 32.16
CA PRO Z 234 -13.21 66.68 31.27
C PRO Z 234 -13.44 65.48 30.38
N SER Z 235 -14.64 65.39 29.81
CA SER Z 235 -14.97 64.36 28.82
C SER Z 235 -14.41 64.71 27.44
N PRO Z 236 -14.05 63.67 26.64
CA PRO Z 236 -13.60 63.90 25.27
C PRO Z 236 -14.72 64.54 24.45
N PRO Z 237 -14.42 65.50 23.56
CA PRO Z 237 -15.42 66.11 22.68
C PRO Z 237 -16.20 65.11 21.81
N SER Z 238 -17.18 65.62 21.05
CA SER Z 238 -17.92 64.79 20.09
C SER Z 238 -16.95 64.02 19.20
N ALA Z 239 -16.09 64.79 18.54
CA ALA Z 239 -15.09 64.29 17.59
C ALA Z 239 -14.54 62.88 17.90
N TYR Z 240 -14.22 62.59 19.16
CA TYR Z 240 -13.51 61.36 19.50
C TYR Z 240 -14.24 59.99 19.33
N ASN Z 241 -15.45 59.93 18.77
CA ASN Z 241 -16.18 58.64 18.76
C ASN Z 241 -16.44 58.12 17.35
N THR AA 1 25.31 57.32 -5.03
CA THR AA 1 24.12 56.42 -4.93
C THR AA 1 23.10 57.00 -3.99
N TYR AA 2 22.00 57.46 -4.54
CA TYR AA 2 20.89 57.94 -3.74
C TYR AA 2 19.63 57.66 -4.55
N CYS AA 3 18.67 56.96 -3.97
CA CYS AA 3 17.41 56.68 -4.65
C CYS AA 3 16.24 57.06 -3.75
N VAL AA 4 15.16 57.52 -4.37
CA VAL AA 4 13.94 57.84 -3.67
C VAL AA 4 12.78 57.28 -4.44
N ALA AA 5 11.76 56.84 -3.73
CA ALA AA 5 10.52 56.40 -4.32
C ALA AA 5 9.37 56.82 -3.42
N HIS AA 7 5.01 56.70 -2.89
CA HIS AA 7 3.72 56.09 -3.21
C HIS AA 7 2.66 56.99 -2.67
N LEU AA 8 1.97 57.64 -3.61
CA LEU AA 8 1.03 58.71 -3.36
C LEU AA 8 -0.35 58.35 -3.88
N ALA AA 9 -1.31 59.18 -3.49
CA ALA AA 9 -2.66 58.94 -3.86
C ALA AA 9 -2.77 58.74 -5.35
N ASP AA 10 -2.10 59.59 -6.13
CA ASP AA 10 -2.26 59.55 -7.61
C ASP AA 10 -1.34 58.57 -8.34
N GLY AA 11 -0.41 57.95 -7.63
CA GLY AA 11 0.48 56.98 -8.27
C GLY AA 11 1.85 56.88 -7.60
N LEU AA 12 2.86 56.64 -8.42
CA LEU AA 12 4.22 56.42 -7.94
C LEU AA 12 5.18 57.36 -8.64
N VAL AA 13 6.23 57.77 -7.92
CA VAL AA 13 7.31 58.55 -8.49
C VAL AA 13 8.60 57.92 -8.04
N PHE AA 14 9.50 57.72 -8.98
CA PHE AA 14 10.80 57.14 -8.70
C PHE AA 14 11.92 58.06 -9.20
N ALA AA 15 13.01 58.15 -8.46
CA ALA AA 15 14.17 58.91 -8.91
C ALA AA 15 15.45 58.34 -8.34
N SER AA 16 16.47 58.19 -9.20
CA SER AA 16 17.76 57.65 -8.79
C SER AA 16 18.90 58.47 -9.39
N ASP AA 17 20.03 58.56 -8.69
CA ASP AA 17 21.23 59.06 -9.33
C ASP AA 17 21.87 57.94 -10.15
N SER AA 18 23.14 58.14 -10.51
CA SER AA 18 23.86 57.15 -11.31
C SER AA 18 25.32 56.94 -10.92
N ARG AA 19 25.83 57.75 -10.01
CA ARG AA 19 27.22 57.68 -9.68
C ARG AA 19 27.43 56.45 -8.82
N THR AA 20 28.49 55.70 -9.15
CA THR AA 20 28.65 54.38 -8.61
C THR AA 20 30.09 54.15 -8.28
N ASN AA 21 30.33 53.63 -7.09
CA ASN AA 21 31.65 53.19 -6.72
C ASN AA 21 31.90 51.79 -7.29
N ALA AA 22 32.76 51.68 -8.28
CA ALA AA 22 32.95 50.43 -8.97
C ALA AA 22 34.33 49.91 -8.72
N GLY AA 23 34.91 50.22 -7.58
CA GLY AA 23 36.30 49.84 -7.33
C GLY AA 23 37.08 51.07 -6.97
N ILE AA 24 38.37 50.87 -6.67
CA ILE AA 24 39.23 51.99 -6.25
C ILE AA 24 39.63 52.77 -7.49
N ASP AA 25 39.56 54.09 -7.39
CA ASP AA 25 39.86 54.98 -8.52
C ASP AA 25 39.02 54.65 -9.75
N HIS AA 26 37.85 54.06 -9.56
CA HIS AA 26 37.00 53.77 -10.65
C HIS AA 26 35.58 54.09 -10.22
N ILE AA 27 35.25 55.37 -10.31
CA ILE AA 27 33.91 55.81 -10.08
C ILE AA 27 33.22 56.03 -11.43
N ALA AA 28 31.98 55.60 -11.56
CA ALA AA 28 31.40 55.48 -12.88
C ALA AA 28 29.92 55.61 -12.86
N THR AA 29 29.35 55.75 -14.06
CA THR AA 29 27.92 55.92 -14.23
C THR AA 29 27.24 54.59 -14.51
N PHE AA 30 26.24 54.25 -13.68
CA PHE AA 30 25.41 53.06 -13.90
C PHE AA 30 23.98 53.37 -13.55
N ARG AA 31 23.06 52.97 -14.42
CA ARG AA 31 21.63 53.17 -14.19
C ARG AA 31 21.22 52.43 -12.96
N LYS AA 32 20.41 53.07 -12.12
CA LYS AA 32 19.95 52.44 -10.88
C LYS AA 32 18.43 52.39 -10.79
N LEU AA 33 17.79 52.44 -11.94
CA LEU AA 33 16.33 52.39 -12.00
C LEU AA 33 15.97 51.58 -13.23
N PHE AA 34 15.27 50.47 -13.03
CA PHE AA 34 14.94 49.54 -14.08
C PHE AA 34 13.45 49.28 -14.10
N THR AA 35 12.88 49.16 -15.30
CA THR AA 35 11.44 48.97 -15.45
C THR AA 35 11.15 47.62 -16.08
N PHE AA 36 9.99 47.07 -15.77
CA PHE AA 36 9.58 45.78 -16.32
C PHE AA 36 8.08 45.87 -16.50
N GLY AA 37 7.53 45.10 -17.42
CA GLY AA 37 6.08 44.97 -17.48
C GLY AA 37 5.51 44.60 -18.83
N THR AA 38 4.19 44.40 -18.84
CA THR AA 38 3.43 44.19 -20.07
C THR AA 38 2.35 45.27 -20.12
N PRO AA 39 2.27 46.06 -21.23
CA PRO AA 39 1.29 47.15 -21.29
C PRO AA 39 -0.16 46.71 -21.12
N GLY AA 40 -0.91 47.45 -20.31
CA GLY AA 40 -2.30 47.11 -19.99
C GLY AA 40 -2.47 46.08 -18.89
N GLU AA 41 -1.36 45.52 -18.40
CA GLU AA 41 -1.40 44.47 -17.37
C GLU AA 41 -0.52 44.83 -16.15
N ARG AA 42 0.72 45.26 -16.34
CA ARG AA 42 1.54 45.57 -15.17
C ARG AA 42 2.75 46.47 -15.45
N LEU AA 43 3.12 47.25 -14.44
CA LEU AA 43 4.37 47.98 -14.42
C LEU AA 43 5.11 47.69 -13.11
N LEU AA 44 6.39 47.35 -13.19
CA LEU AA 44 7.21 47.19 -12.00
C LEU AA 44 8.51 47.92 -12.18
N VAL AA 45 8.94 48.61 -11.14
CA VAL AA 45 10.20 49.34 -11.15
C VAL AA 45 11.09 48.81 -10.04
N VAL AA 46 12.35 48.58 -10.36
CA VAL AA 46 13.32 48.19 -9.36
C VAL AA 46 14.44 49.20 -9.31
N GLN AA 47 14.74 49.69 -8.12
CA GLN AA 47 15.90 50.56 -7.92
C GLN AA 47 16.92 49.87 -7.07
N THR AA 48 18.18 50.23 -7.27
CA THR AA 48 19.29 49.53 -6.64
C THR AA 48 20.19 50.47 -5.89
N ALA AA 49 20.82 49.95 -4.85
CA ALA AA 49 21.84 50.66 -4.10
C ALA AA 49 22.72 49.64 -3.39
N GLY AA 50 23.98 49.99 -3.14
CA GLY AA 50 24.91 49.08 -2.55
C GLY AA 50 25.89 48.50 -3.55
N ASN AA 51 26.36 47.29 -3.29
CA ASN AA 51 27.40 46.67 -4.13
C ASN AA 51 26.97 46.48 -5.57
N LEU AA 52 27.79 47.01 -6.47
CA LEU AA 52 27.48 46.97 -7.89
C LEU AA 52 27.36 45.52 -8.40
N ALA AA 53 28.37 44.72 -8.12
CA ALA AA 53 28.40 43.35 -8.64
C ALA AA 53 27.17 42.58 -8.25
N THR AA 54 26.76 42.74 -7.01
CA THR AA 54 25.63 42.01 -6.51
C THR AA 54 24.38 42.50 -7.17
N SER AA 55 24.18 43.80 -7.17
CA SER AA 55 22.93 44.32 -7.72
C SER AA 55 22.83 44.05 -9.20
N GLN AA 56 23.94 44.14 -9.91
CA GLN AA 56 23.92 43.82 -11.31
C GLN AA 56 23.53 42.38 -11.55
N SER AA 57 24.12 41.48 -10.80
CA SER AA 57 23.76 40.09 -10.94
C SER AA 57 22.29 39.84 -10.67
N VAL AA 58 21.73 40.48 -9.64
CA VAL AA 58 20.34 40.33 -9.35
C VAL AA 58 19.49 40.78 -10.55
N ILE AA 59 19.75 41.97 -11.05
CA ILE AA 59 18.96 42.52 -12.14
C ILE AA 59 19.08 41.64 -13.37
N ASN AA 60 20.29 41.22 -13.64
CA ASN AA 60 20.56 40.39 -14.80
C ASN AA 60 19.77 39.10 -14.76
N LEU AA 61 19.71 38.48 -13.60
CA LEU AA 61 18.96 37.23 -13.49
C LEU AA 61 17.47 37.47 -13.66
N LEU AA 62 16.96 38.54 -13.08
CA LEU AA 62 15.56 38.86 -13.24
C LEU AA 62 15.21 39.03 -14.69
N GLN AA 63 16.10 39.65 -15.47
CA GLN AA 63 15.86 39.83 -16.90
C GLN AA 63 15.88 38.51 -17.64
N GLN AA 64 16.93 37.71 -17.44
CA GLN AA 64 17.03 36.42 -18.10
C GLN AA 64 15.79 35.56 -17.83
N ARG AA 65 15.35 35.56 -16.58
CA ARG AA 65 14.24 34.71 -16.15
C ARG AA 65 12.86 35.14 -16.61
N ILE AA 66 12.73 36.41 -16.99
CA ILE AA 66 11.50 36.94 -17.56
C ILE AA 66 11.12 36.13 -18.82
N ARG AA 67 12.13 35.85 -19.65
CA ARG AA 67 12.02 35.03 -20.85
C ARG AA 67 12.23 33.53 -20.52
N ARG AA 68 11.46 33.01 -19.55
CA ARG AA 68 11.59 31.60 -19.14
C ARG AA 68 10.37 31.13 -18.30
N ASP AA 69 9.89 29.91 -18.59
CA ASP AA 69 8.70 29.32 -17.95
C ASP AA 69 8.99 29.00 -16.48
N GLY AA 70 8.54 29.87 -15.58
CA GLY AA 70 8.77 29.70 -14.14
C GLY AA 70 8.63 31.06 -13.48
N ALA AA 71 8.87 31.15 -12.18
CA ALA AA 71 8.70 32.41 -11.44
C ALA AA 71 9.49 33.56 -12.04
N SER AA 72 8.81 34.67 -12.32
CA SER AA 72 9.44 35.83 -12.92
C SER AA 72 8.64 37.08 -12.64
N LEU AA 73 9.28 38.24 -12.77
CA LEU AA 73 8.59 39.50 -12.54
C LEU AA 73 7.38 39.75 -13.43
N LEU AA 74 7.18 38.95 -14.47
CA LEU AA 74 5.99 39.12 -15.32
C LEU AA 74 4.78 38.26 -14.97
N ASN AA 75 4.88 37.31 -14.04
CA ASN AA 75 3.81 36.35 -13.85
C ASN AA 75 3.39 36.35 -12.37
N VAL AA 76 4.34 36.71 -11.52
CA VAL AA 76 4.12 37.02 -10.12
C VAL AA 76 2.78 37.75 -9.91
N PRO AA 77 1.94 37.25 -8.97
CA PRO AA 77 0.58 37.79 -8.87
C PRO AA 77 0.39 39.14 -8.15
N SER AA 78 1.39 39.64 -7.43
CA SER AA 78 1.26 40.90 -6.68
C SER AA 78 2.59 41.61 -6.52
N VAL AA 79 2.54 42.92 -6.26
CA VAL AA 79 3.77 43.69 -6.06
C VAL AA 79 4.54 43.15 -4.86
N TYR AA 80 3.81 42.75 -3.83
CA TYR AA 80 4.41 42.03 -2.72
C TYR AA 80 5.28 40.86 -3.21
N ASP AA 81 4.68 39.94 -3.97
CA ASP AA 81 5.39 38.74 -4.44
C ASP AA 81 6.55 39.08 -5.36
N ALA AA 82 6.46 40.20 -6.06
CA ALA AA 82 7.56 40.70 -6.86
C ALA AA 82 8.73 41.05 -5.98
N THR AA 83 8.43 41.81 -4.93
CA THR AA 83 9.44 42.19 -3.96
C THR AA 83 10.09 40.95 -3.39
N ALA AA 84 9.26 39.97 -3.02
CA ALA AA 84 9.76 38.73 -2.42
C ALA AA 84 10.67 38.03 -3.40
N LEU AA 85 10.33 38.09 -4.68
CA LEU AA 85 11.11 37.42 -5.70
C LEU AA 85 12.47 38.09 -5.85
N VAL AA 86 12.48 39.42 -5.81
CA VAL AA 86 13.75 40.13 -5.88
C VAL AA 86 14.63 39.68 -4.73
N ALA AA 87 14.06 39.68 -3.52
CA ALA AA 87 14.78 39.28 -2.32
C ALA AA 87 15.31 37.86 -2.43
N GLU AA 88 14.42 36.96 -2.81
CA GLU AA 88 14.77 35.57 -3.10
C GLU AA 88 15.99 35.50 -4.04
N THR AA 89 15.96 36.30 -5.10
CA THR AA 89 17.04 36.31 -6.08
C THR AA 89 18.32 36.82 -5.47
N THR AA 90 18.21 37.88 -4.67
CA THR AA 90 19.36 38.43 -3.97
C THR AA 90 20.06 37.34 -3.13
N ARG AA 91 19.28 36.62 -2.30
CA ARG AA 91 19.83 35.52 -1.49
C ARG AA 91 20.64 34.55 -2.34
N GLU AA 92 20.09 34.20 -3.49
CA GLU AA 92 20.72 33.26 -4.38
C GLU AA 92 22.08 33.76 -4.85
N VAL AA 93 22.16 35.06 -5.16
CA VAL AA 93 23.41 35.65 -5.63
C VAL AA 93 24.47 35.70 -4.53
N ALA AA 95 24.70 33.72 -1.90
CA ALA AA 95 25.14 32.36 -1.65
C ALA AA 95 26.29 31.93 -2.56
N ARG AA 96 26.18 32.26 -3.85
CA ARG AA 96 27.18 31.81 -4.83
C ARG AA 96 28.55 32.54 -4.72
N ASP AA 97 28.52 33.86 -4.56
CA ASP AA 97 29.74 34.71 -4.55
C ASP AA 97 30.52 34.66 -3.22
N SER AA 98 29.80 34.38 -2.14
CA SER AA 98 30.41 34.12 -0.84
C SER AA 98 31.38 32.92 -0.91
N GLY AA 99 32.51 33.06 -0.24
CA GLY AA 99 33.59 32.06 -0.22
C GLY AA 99 34.81 32.68 0.44
N ASN AA 100 35.92 31.94 0.50
CA ASN AA 100 37.18 32.50 1.09
C ASN AA 100 37.72 33.65 0.25
N LEU AA 101 37.51 33.58 -1.07
CA LEU AA 101 38.06 34.53 -2.03
C LEU AA 101 37.51 35.94 -1.85
N ALA AA 102 36.21 36.07 -1.64
CA ALA AA 102 35.61 37.37 -1.29
C ALA AA 102 36.26 37.92 0.00
N GLY AA 103 36.43 37.05 1.01
CA GLY AA 103 37.06 37.44 2.28
C GLY AA 103 36.14 38.30 3.12
N ASN AA 104 36.60 39.49 3.52
CA ASN AA 104 35.80 40.42 4.34
C ASN AA 104 35.12 41.52 3.55
N THR AA 105 35.33 41.54 2.24
CA THR AA 105 34.66 42.53 1.36
C THR AA 105 33.10 42.48 1.46
N ASP AA 106 32.45 43.64 1.41
CA ASP AA 106 31.03 43.76 1.74
C ASP AA 106 30.09 43.70 0.53
N LEU AA 107 29.47 42.55 0.32
CA LEU AA 107 28.68 42.29 -0.90
C LEU AA 107 27.21 42.64 -0.82
N SER AA 108 26.80 43.38 0.20
CA SER AA 108 25.37 43.58 0.42
C SER AA 108 24.83 44.71 -0.45
N CYS AA 109 23.56 44.60 -0.77
CA CYS AA 109 22.86 45.70 -1.43
C CYS AA 109 21.38 45.69 -1.10
N SER AA 110 20.76 46.82 -1.42
CA SER AA 110 19.38 47.09 -1.10
C SER AA 110 18.64 47.53 -2.35
N PHE AA 111 17.33 47.40 -2.31
CA PHE AA 111 16.48 47.60 -3.49
C PHE AA 111 15.18 48.27 -3.12
N VAL AA 113 11.23 48.18 -4.80
CA VAL AA 113 10.41 47.53 -5.78
C VAL AA 113 9.06 48.15 -5.65
N GLY AA 114 8.58 48.75 -6.73
CA GLY AA 114 7.26 49.35 -6.71
C GLY AA 114 6.58 49.21 -8.04
N GLY AA 115 5.28 49.43 -8.05
CA GLY AA 115 4.53 49.38 -9.29
C GLY AA 115 3.09 49.00 -9.08
N GLN AA 116 2.46 48.48 -10.13
CA GLN AA 116 1.05 48.09 -10.08
C GLN AA 116 0.78 46.93 -11.00
N ILE AA 117 0.05 45.96 -10.49
CA ILE AA 117 -0.39 44.84 -11.28
C ILE AA 117 -1.90 44.94 -11.40
N ALA AA 118 -2.43 44.62 -12.59
CA ALA AA 118 -3.86 44.70 -12.88
C ALA AA 118 -4.69 44.06 -11.80
N GLY AA 119 -5.67 44.81 -11.29
CA GLY AA 119 -6.60 44.27 -10.30
C GLY AA 119 -6.24 44.53 -8.86
N GLY AA 120 -5.18 45.26 -8.60
CA GLY AA 120 -4.89 45.69 -7.25
C GLY AA 120 -4.21 47.03 -7.27
N PRO AA 121 -4.24 47.75 -6.15
CA PRO AA 121 -3.68 49.10 -6.13
C PRO AA 121 -2.17 49.10 -6.37
N PRO AA 122 -1.60 50.27 -6.65
CA PRO AA 122 -0.16 50.37 -6.73
C PRO AA 122 0.45 50.19 -5.35
N ALA AA 123 1.70 49.75 -5.29
CA ALA AA 123 2.42 49.56 -4.03
C ALA AA 123 3.91 49.84 -4.17
N LEU AA 124 4.58 50.01 -3.04
CA LEU AA 124 6.01 50.30 -3.01
C LEU AA 124 6.68 49.65 -1.80
N TYR AA 125 7.74 48.89 -2.03
CA TYR AA 125 8.48 48.25 -0.96
C TYR AA 125 9.96 48.62 -1.00
N SER AA 126 10.62 48.50 0.14
CA SER AA 126 12.05 48.66 0.21
C SER AA 126 12.63 47.39 0.84
N ILE AA 127 13.65 46.83 0.19
CA ILE AA 127 14.32 45.65 0.70
C ILE AA 127 15.62 46.05 1.33
N TYR AA 128 15.86 45.55 2.53
CA TYR AA 128 17.07 45.89 3.26
C TYR AA 128 18.23 44.97 2.88
N PRO AA 129 19.46 45.36 3.25
CA PRO AA 129 20.62 44.50 3.04
C PRO AA 129 20.40 43.05 3.44
N GLN AA 130 19.64 42.82 4.51
CA GLN AA 130 19.47 41.50 5.08
C GLN AA 130 18.31 40.73 4.46
N GLY AA 131 17.57 41.33 3.53
CA GLY AA 131 16.60 40.58 2.70
C GLY AA 131 15.15 40.61 3.15
N ASN AA 132 14.91 41.26 4.29
CA ASN AA 132 13.56 41.52 4.77
C ASN AA 132 13.13 42.90 4.29
N PHE AA 133 11.82 43.10 4.12
CA PHE AA 133 11.37 44.33 3.52
C PHE AA 133 10.18 44.99 4.17
N ILE AA 134 10.03 46.27 3.86
CA ILE AA 134 8.90 47.05 4.33
C ILE AA 134 8.18 47.76 3.22
N GLN AA 135 6.95 48.11 3.53
CA GLN AA 135 6.01 48.67 2.58
C GLN AA 135 5.74 50.11 2.95
N ALA AA 136 5.72 51.00 1.97
CA ALA AA 136 5.35 52.37 2.21
C ALA AA 136 3.85 52.47 2.37
N THR AA 137 3.43 53.37 3.25
CA THR AA 137 2.02 53.57 3.57
C THR AA 137 1.68 55.05 3.52
N PRO AA 138 0.40 55.39 3.68
CA PRO AA 138 0.04 56.80 3.68
C PRO AA 138 0.78 57.63 4.71
N ASP AA 139 0.99 57.07 5.91
CA ASP AA 139 1.70 57.80 6.98
C ASP AA 139 3.20 57.93 6.67
N THR AA 140 3.75 56.97 5.93
CA THR AA 140 5.18 56.98 5.55
C THR AA 140 5.26 56.68 4.06
N PRO AA 141 4.99 57.70 3.25
CA PRO AA 141 4.75 57.52 1.84
C PRO AA 141 5.98 57.60 0.97
N PHE AA 142 7.16 57.90 1.52
CA PHE AA 142 8.36 57.81 0.73
C PHE AA 142 9.45 57.00 1.41
N LEU AA 143 10.32 56.41 0.59
CA LEU AA 143 11.41 55.58 1.07
C LEU AA 143 12.68 55.93 0.30
N GLN AA 144 13.82 55.81 0.96
CA GLN AA 144 15.08 56.18 0.35
C GLN AA 144 16.09 55.06 0.42
N LEU AA 145 17.03 55.09 -0.50
CA LEU AA 145 18.18 54.21 -0.41
C LEU AA 145 19.40 55.04 -0.59
N GLY AA 146 20.50 54.48 -0.13
CA GLY AA 146 21.79 55.09 -0.35
C GLY AA 146 22.03 56.22 0.61
N GLU AA 147 22.67 57.24 0.09
CA GLU AA 147 23.14 58.38 0.82
C GLU AA 147 21.99 59.40 0.87
N SER AA 148 21.10 59.19 1.85
CA SER AA 148 19.81 59.86 1.87
C SER AA 148 19.54 60.91 2.97
N LYS AA 149 20.43 61.04 3.96
CA LYS AA 149 20.18 61.97 5.04
C LYS AA 149 20.18 63.43 4.55
N TYR AA 150 21.03 63.73 3.58
CA TYR AA 150 21.17 65.10 3.10
C TYR AA 150 19.86 65.65 2.55
N GLY AA 151 19.13 64.81 1.83
CA GLY AA 151 17.91 65.26 1.15
C GLY AA 151 16.63 64.81 1.81
N LYS AA 152 16.75 64.30 3.03
CA LYS AA 152 15.57 63.86 3.75
C LYS AA 152 14.71 65.00 4.25
N PRO AA 153 15.32 66.05 4.82
CA PRO AA 153 14.49 67.06 5.43
C PRO AA 153 13.46 67.66 4.50
N ILE AA 154 13.84 67.99 3.28
CA ILE AA 154 12.87 68.61 2.40
C ILE AA 154 11.65 67.69 2.14
N LEU AA 155 11.89 66.39 2.12
CA LEU AA 155 10.80 65.45 1.92
C LEU AA 155 9.95 65.32 3.18
N ASP AA 156 10.60 65.22 4.34
CA ASP AA 156 9.88 65.20 5.60
C ASP AA 156 8.97 66.41 5.74
N ARG AA 157 9.48 67.58 5.40
CA ARG AA 157 8.72 68.82 5.53
C ARG AA 157 7.50 68.91 4.64
N ASN AA 158 7.62 68.50 3.39
CA ASN AA 158 6.61 68.85 2.37
C ASN AA 158 5.80 67.71 1.81
N LEU AA 159 6.34 66.52 1.82
CA LEU AA 159 5.70 65.42 1.16
C LEU AA 159 4.66 64.75 2.04
N THR AA 160 3.51 64.42 1.46
CA THR AA 160 2.49 63.61 2.13
C THR AA 160 1.79 62.75 1.09
N PHE AA 161 0.98 61.80 1.54
CA PHE AA 161 0.31 60.89 0.64
C PHE AA 161 -0.47 61.62 -0.44
N ASP AA 162 -1.06 62.75 -0.08
CA ASP AA 162 -1.90 63.54 -0.97
C ASP AA 162 -1.15 64.52 -1.88
N THR AA 163 0.15 64.67 -1.72
CA THR AA 163 0.93 65.50 -2.63
C THR AA 163 0.71 64.98 -4.07
N PRO AA 164 0.34 65.87 -5.01
CA PRO AA 164 0.27 65.45 -6.43
C PRO AA 164 1.63 65.04 -7.02
N LEU AA 165 1.60 64.28 -8.10
CA LEU AA 165 2.82 63.72 -8.65
C LEU AA 165 3.79 64.80 -9.12
N GLU AA 166 3.32 65.77 -9.92
CA GLU AA 166 4.21 66.84 -10.45
C GLU AA 166 4.96 67.51 -9.25
N GLN AA 167 4.29 67.74 -8.12
CA GLN AA 167 4.93 68.39 -6.98
C GLN AA 167 5.84 67.50 -6.22
N ALA AA 168 5.49 66.23 -6.13
CA ALA AA 168 6.37 65.25 -5.51
C ALA AA 168 7.66 65.14 -6.29
N LEU AA 169 7.56 65.08 -7.62
CA LEU AA 169 8.75 64.98 -8.45
C LEU AA 169 9.67 66.17 -8.25
N ARG AA 170 9.07 67.34 -8.21
CA ARG AA 170 9.77 68.58 -7.97
C ARG AA 170 10.50 68.53 -6.64
N CYS AA 171 9.80 68.02 -5.66
CA CYS AA 171 10.34 67.88 -4.34
C CYS AA 171 11.55 66.97 -4.33
N ALA AA 172 11.41 65.83 -5.01
CA ALA AA 172 12.54 64.89 -5.19
C ALA AA 172 13.75 65.55 -5.83
N LEU AA 173 13.51 66.37 -6.87
CA LEU AA 173 14.62 67.04 -7.52
C LEU AA 173 15.38 68.00 -6.59
N VAL AA 174 14.67 68.69 -5.72
CA VAL AA 174 15.33 69.55 -4.74
C VAL AA 174 16.14 68.70 -3.75
N SER AA 175 15.56 67.57 -3.36
CA SER AA 175 16.29 66.60 -2.54
C SER AA 175 17.65 66.24 -3.18
N PHE AA 176 17.66 65.98 -4.49
CA PHE AA 176 18.90 65.63 -5.18
C PHE AA 176 19.84 66.81 -5.26
N ASP AA 177 19.28 68.00 -5.46
CA ASP AA 177 20.08 69.22 -5.52
C ASP AA 177 20.96 69.34 -4.26
N SER AA 178 20.33 69.31 -3.09
CA SER AA 178 21.08 69.42 -1.84
C SER AA 178 22.09 68.30 -1.66
N THR AA 179 21.67 67.09 -2.04
CA THR AA 179 22.51 65.92 -1.85
C THR AA 179 23.77 66.05 -2.71
N ILE AA 180 23.58 66.39 -3.97
CA ILE AA 180 24.70 66.51 -4.89
C ILE AA 180 25.70 67.56 -4.45
N ARG AA 181 25.23 68.65 -3.87
CA ARG AA 181 26.11 69.72 -3.41
C ARG AA 181 26.93 69.33 -2.23
N SER AA 182 26.40 68.44 -1.42
CA SER AA 182 27.02 68.14 -0.11
C SER AA 182 27.74 66.81 -0.04
N ASN AA 183 27.63 65.99 -1.08
CA ASN AA 183 28.22 64.64 -1.07
C ASN AA 183 28.60 64.19 -2.47
N LEU AA 184 29.89 64.06 -2.71
CA LEU AA 184 30.37 63.70 -4.02
C LEU AA 184 30.05 62.30 -4.48
N SER AA 185 29.66 61.42 -3.57
CA SER AA 185 29.39 60.03 -3.96
C SER AA 185 28.08 59.97 -4.76
N VAL AA 186 27.29 61.05 -4.70
CA VAL AA 186 26.05 61.16 -5.45
C VAL AA 186 26.23 62.13 -6.61
N GLY AA 187 25.64 61.79 -7.75
CA GLY AA 187 25.96 62.48 -8.98
C GLY AA 187 25.09 62.18 -10.19
N PRO AA 189 24.16 61.67 -14.30
CA PRO AA 189 22.75 61.89 -14.60
C PRO AA 189 21.83 61.24 -13.61
N LEU AA 190 20.61 61.77 -13.55
CA LEU AA 190 19.54 61.18 -12.77
C LEU AA 190 18.59 60.49 -13.70
N ASP AA 191 17.85 59.53 -13.16
CA ASP AA 191 16.83 58.83 -13.92
C ASP AA 191 15.52 58.92 -13.13
N LEU AA 192 14.47 59.40 -13.80
CA LEU AA 192 13.16 59.60 -13.18
C LEU AA 192 12.12 58.75 -13.87
N LEU AA 193 11.08 58.41 -13.13
CA LEU AA 193 9.93 57.77 -13.71
C LEU AA 193 8.71 58.11 -12.89
N VAL AA 194 7.68 58.56 -13.58
CA VAL AA 194 6.40 58.86 -12.95
C VAL AA 194 5.33 57.90 -13.49
N TYR AA 195 4.54 57.31 -12.62
CA TYR AA 195 3.52 56.35 -13.03
C TYR AA 195 2.18 56.75 -12.46
N HIS AA 196 1.17 56.76 -13.31
CA HIS AA 196 -0.16 57.21 -12.89
C HIS AA 196 -1.00 56.02 -12.42
N ARG AA 197 -1.62 56.16 -11.25
CA ARG AA 197 -2.43 55.09 -10.67
C ARG AA 197 -3.44 54.59 -11.69
N ASP AA 198 -3.51 53.28 -11.86
CA ASP AA 198 -4.48 52.61 -12.74
C ASP AA 198 -4.24 52.79 -14.26
N SER AA 199 -3.18 53.49 -14.66
CA SER AA 199 -2.87 53.65 -16.08
C SER AA 199 -2.43 52.33 -16.72
N LEU AA 200 -1.73 51.51 -15.95
CA LEU AA 200 -1.16 50.23 -16.44
C LEU AA 200 -0.37 50.33 -17.75
N ILE AA 201 0.35 51.44 -17.91
CA ILE AA 201 1.26 51.63 -19.06
C ILE AA 201 2.70 51.70 -18.55
N LEU AA 202 3.67 51.48 -19.42
CA LEU AA 202 5.07 51.57 -19.07
C LEU AA 202 5.59 52.93 -19.48
N PRO AA 203 5.64 53.88 -18.55
CA PRO AA 203 6.16 55.19 -18.93
C PRO AA 203 7.59 55.11 -19.41
N GLU AA 204 8.01 56.01 -20.29
CA GLU AA 204 9.35 55.91 -20.83
C GLU AA 204 10.37 56.40 -19.83
N GLY AA 205 9.94 57.28 -18.92
CA GLY AA 205 10.86 57.76 -17.90
C GLY AA 205 11.75 58.78 -18.56
N TYR AA 206 12.65 59.40 -17.80
CA TYR AA 206 13.38 60.53 -18.30
C TYR AA 206 14.72 60.64 -17.60
N ARG AA 207 15.73 61.03 -18.35
CA ARG AA 207 17.05 61.20 -17.79
C ARG AA 207 17.45 62.67 -17.69
N VAL AA 208 17.85 63.07 -16.50
CA VAL AA 208 18.28 64.43 -16.26
C VAL AA 208 19.79 64.55 -16.34
N THR AA 209 20.30 65.21 -17.38
CA THR AA 209 21.73 65.40 -17.48
C THR AA 209 22.19 66.72 -16.89
N GLU AA 210 23.50 66.81 -16.69
CA GLU AA 210 24.22 68.05 -16.45
C GLU AA 210 23.61 69.28 -17.16
N ASP AA 211 23.22 69.10 -18.42
CA ASP AA 211 22.77 70.21 -19.24
C ASP AA 211 21.29 70.57 -19.10
N ASP AA 212 20.52 69.77 -18.37
CA ASP AA 212 19.07 69.91 -18.39
C ASP AA 212 18.65 71.35 -18.07
N ALA AA 213 17.88 71.96 -18.96
CA ALA AA 213 17.46 73.34 -18.78
C ALA AA 213 16.62 73.50 -17.53
N TYR AA 214 15.62 72.64 -17.37
CA TYR AA 214 14.68 72.77 -16.27
C TYR AA 214 15.37 72.57 -14.93
N PHE AA 215 16.14 71.50 -14.79
CA PHE AA 215 16.83 71.23 -13.55
C PHE AA 215 17.86 72.31 -13.23
N SER AA 216 18.57 72.81 -14.23
CA SER AA 216 19.50 73.91 -13.97
C SER AA 216 18.77 75.10 -13.39
N ALA AA 217 17.59 75.38 -13.95
CA ALA AA 217 16.81 76.56 -13.59
C ALA AA 217 16.30 76.48 -12.16
N ILE AA 218 15.73 75.35 -11.78
CA ILE AA 218 15.16 75.29 -10.45
C ILE AA 218 16.27 75.28 -9.41
N ARG AA 219 17.45 74.79 -9.76
CA ARG AA 219 18.59 74.88 -8.83
C ARG AA 219 19.00 76.33 -8.60
N ARG AA 220 19.12 77.09 -9.68
CA ARG AA 220 19.47 78.49 -9.58
C ARG AA 220 18.43 79.25 -8.74
N GLN AA 221 17.16 78.94 -8.96
CA GLN AA 221 16.06 79.62 -8.25
C GLN AA 221 16.07 79.29 -6.79
N TRP AA 222 16.18 77.99 -6.49
CA TRP AA 222 16.20 77.52 -5.15
C TRP AA 222 17.36 78.16 -4.39
N SER AA 223 18.52 78.32 -5.01
CA SER AA 223 19.64 79.01 -4.34
C SER AA 223 19.31 80.43 -3.97
N ALA AA 224 18.83 81.16 -4.98
CA ALA AA 224 18.48 82.56 -4.81
C ALA AA 224 17.45 82.68 -3.69
N GLY AA 225 16.49 81.75 -3.67
CA GLY AA 225 15.40 81.79 -2.69
C GLY AA 225 15.93 81.66 -1.28
N LEU AA 226 16.70 80.60 -1.05
CA LEU AA 226 17.33 80.37 0.23
C LEU AA 226 18.19 81.54 0.70
N HIS AA 227 18.96 82.09 -0.20
CA HIS AA 227 19.85 83.19 0.14
C HIS AA 227 19.04 84.39 0.60
N ASP AA 228 17.95 84.67 -0.13
CA ASP AA 228 16.99 85.74 0.21
C ASP AA 228 16.41 85.57 1.60
N LEU AA 230 17.28 83.94 4.04
CA LEU AA 230 18.28 83.98 5.10
C LEU AA 230 18.63 85.38 5.48
N GLU AA 231 18.73 86.27 4.51
CA GLU AA 231 19.06 87.68 4.78
C GLU AA 231 17.91 88.44 5.40
N ARG AA 232 16.72 87.97 5.10
CA ARG AA 232 15.51 88.52 5.63
C ARG AA 232 15.03 88.13 6.99
N LEU AA 233 15.60 87.05 7.48
CA LEU AA 233 15.32 86.57 8.81
C LEU AA 233 15.78 87.60 9.81
N PRO AA 234 15.07 87.72 10.94
CA PRO AA 234 15.43 88.68 11.96
C PRO AA 234 16.71 88.36 12.72
N SER AA 235 17.27 89.36 13.40
CA SER AA 235 18.46 89.17 14.24
C SER AA 235 18.07 88.59 15.59
N PRO AA 236 18.97 87.78 16.19
CA PRO AA 236 18.74 87.26 17.53
C PRO AA 236 18.66 88.41 18.54
N PRO AA 237 17.76 88.33 19.56
CA PRO AA 237 17.65 89.38 20.58
C PRO AA 237 18.94 89.64 21.36
N SER AA 238 18.92 90.63 22.27
CA SER AA 238 20.07 90.91 23.16
C SER AA 238 20.51 89.64 23.85
N ALA AA 239 19.56 89.03 24.54
CA ALA AA 239 19.77 87.78 25.30
C ALA AA 239 20.84 86.82 24.73
N TYR AA 240 20.85 86.59 23.42
CA TYR AA 240 21.68 85.54 22.84
C TYR AA 240 23.22 85.72 22.85
N ASN AA 241 23.78 86.75 23.48
CA ASN AA 241 25.24 86.97 23.37
C ASN AA 241 26.02 86.86 24.68
N THR BA 1 22.80 63.89 18.99
CA THR BA 1 24.18 64.46 19.02
C THR BA 1 24.51 65.07 17.67
N TYR BA 2 24.59 66.40 17.65
CA TYR BA 2 25.03 67.11 16.46
C TYR BA 2 25.70 68.36 16.93
N CYS BA 3 26.93 68.58 16.52
CA CYS BA 3 27.63 69.81 16.89
C CYS BA 3 28.21 70.49 15.66
N VAL BA 4 28.27 71.81 15.68
CA VAL BA 4 28.86 72.61 14.60
C VAL BA 4 29.71 73.66 15.22
N ALA BA 5 30.81 73.97 14.55
CA ALA BA 5 31.66 75.09 14.92
C ALA BA 5 32.15 75.76 13.66
N HIS BA 7 34.74 78.95 12.13
CA HIS BA 7 35.80 79.91 12.34
C HIS BA 7 35.76 80.86 11.16
N LEU BA 8 35.36 82.09 11.49
CA LEU BA 8 35.09 83.15 10.54
C LEU BA 8 35.98 84.36 10.77
N ALA BA 9 35.95 85.27 9.81
CA ALA BA 9 36.78 86.46 9.87
C ALA BA 9 36.60 87.18 11.19
N ASP BA 10 35.35 87.32 11.64
CA ASP BA 10 35.07 88.07 12.87
C ASP BA 10 35.16 87.27 14.19
N GLY BA 11 35.36 85.97 14.12
CA GLY BA 11 35.49 85.17 15.34
C GLY BA 11 35.04 83.73 15.20
N LEU BA 12 34.46 83.20 16.28
CA LEU BA 12 34.03 81.82 16.32
C LEU BA 12 32.57 81.72 16.74
N VAL BA 13 31.90 80.70 16.22
CA VAL BA 13 30.54 80.40 16.61
C VAL BA 13 30.45 78.92 16.86
N PHE BA 14 29.88 78.54 18.00
CA PHE BA 14 29.73 77.14 18.38
C PHE BA 14 28.29 76.81 18.69
N ALA BA 15 27.83 75.63 18.29
CA ALA BA 15 26.48 75.21 18.63
C ALA BA 15 26.40 73.70 18.74
N SER BA 16 25.75 73.23 19.79
CA SER BA 16 25.59 71.78 20.05
C SER BA 16 24.18 71.45 20.50
N ASP BA 17 23.68 70.26 20.17
CA ASP BA 17 22.45 69.78 20.79
C ASP BA 17 22.79 69.21 22.15
N SER BA 18 21.86 68.44 22.71
CA SER BA 18 22.07 67.86 24.02
C SER BA 18 21.56 66.42 24.16
N ARG BA 19 20.89 65.91 23.15
CA ARG BA 19 20.26 64.61 23.27
C ARG BA 19 21.36 63.58 23.16
N THR BA 20 21.33 62.61 24.06
CA THR BA 20 22.45 61.74 24.24
C THR BA 20 21.98 60.33 24.47
N ASN BA 21 22.60 59.39 23.77
CA ASN BA 21 22.34 58.01 24.00
C ASN BA 21 23.18 57.53 25.18
N ALA BA 22 22.52 57.26 26.29
CA ALA BA 22 23.24 56.92 27.50
C ALA BA 22 23.00 55.49 27.89
N GLY BA 23 22.77 54.61 26.91
CA GLY BA 23 22.41 53.25 27.23
C GLY BA 23 21.10 52.92 26.55
N ILE BA 24 20.66 51.68 26.72
CA ILE BA 24 19.42 51.22 26.05
C ILE BA 24 18.25 51.74 26.84
N ASP BA 25 17.25 52.28 26.13
CA ASP BA 25 16.08 52.86 26.75
C ASP BA 25 16.45 53.95 27.77
N HIS BA 26 17.59 54.59 27.58
CA HIS BA 26 17.97 55.69 28.45
C HIS BA 26 18.56 56.76 27.57
N ILE BA 27 17.68 57.55 26.99
CA ILE BA 27 18.10 58.70 26.24
C ILE BA 27 17.94 59.91 27.12
N ALA BA 28 18.91 60.81 27.10
CA ALA BA 28 18.95 61.84 28.09
C ALA BA 28 19.63 63.10 27.62
N THR BA 29 19.49 64.16 28.42
CA THR BA 29 20.09 65.44 28.13
C THR BA 29 21.44 65.58 28.79
N PHE BA 30 22.47 65.89 28.00
CA PHE BA 30 23.81 66.22 28.53
C PHE BA 30 24.41 67.34 27.71
N ARG BA 31 24.98 68.33 28.40
CA ARG BA 31 25.64 69.45 27.73
C ARG BA 31 26.82 68.93 26.89
N LYS BA 32 26.98 69.45 25.68
CA LYS BA 32 28.05 68.99 24.79
C LYS BA 32 28.92 70.15 24.36
N LEU BA 33 28.90 71.22 25.14
CA LEU BA 33 29.69 72.40 24.82
C LEU BA 33 30.21 72.95 26.14
N PHE BA 34 31.53 72.97 26.29
CA PHE BA 34 32.18 73.37 27.52
C PHE BA 34 33.18 74.49 27.25
N THR BA 35 33.24 75.45 28.15
CA THR BA 35 34.14 76.59 27.99
C THR BA 35 35.22 76.62 29.08
N PHE BA 36 36.36 77.20 28.78
CA PHE BA 36 37.46 77.28 29.69
C PHE BA 36 38.18 78.58 29.40
N GLY BA 37 38.85 79.15 30.39
CA GLY BA 37 39.69 80.30 30.13
C GLY BA 37 39.95 81.21 31.30
N THR BA 38 40.80 82.21 31.06
CA THR BA 38 41.04 83.29 31.99
C THR BA 38 40.74 84.60 31.25
N PRO BA 39 39.84 85.44 31.80
CA PRO BA 39 39.48 86.70 31.09
C PRO BA 39 40.67 87.59 30.76
N GLY BA 40 40.69 88.12 29.54
CA GLY BA 40 41.79 88.97 29.07
C GLY BA 40 43.00 88.22 28.56
N GLU BA 41 42.99 86.89 28.69
CA GLU BA 41 44.12 86.05 28.28
C GLU BA 41 43.69 84.93 27.32
N ARG BA 42 42.63 84.17 27.62
CA ARG BA 42 42.24 83.10 26.70
C ARG BA 42 40.81 82.60 26.84
N LEU BA 43 40.25 82.15 25.72
CA LEU BA 43 39.00 81.41 25.70
C LEU BA 43 39.20 80.10 24.93
N LEU BA 44 38.77 78.98 25.50
CA LEU BA 44 38.77 77.72 24.78
C LEU BA 44 37.44 77.04 24.94
N VAL BA 45 36.92 76.51 23.84
CA VAL BA 45 35.66 75.77 23.86
C VAL BA 45 35.90 74.35 23.39
N VAL BA 46 35.32 73.39 24.11
CA VAL BA 46 35.39 72.01 23.69
C VAL BA 46 33.99 71.47 23.48
N GLN BA 47 33.75 70.87 22.32
CA GLN BA 47 32.48 70.18 22.05
C GLN BA 47 32.73 68.71 21.93
N THR BA 48 31.73 67.92 22.29
CA THR BA 48 31.86 66.47 22.38
C THR BA 48 30.80 65.75 21.55
N ALA BA 49 31.17 64.59 21.05
CA ALA BA 49 30.25 63.71 20.37
C ALA BA 49 30.77 62.28 20.51
N GLY BA 50 29.90 61.30 20.47
CA GLY BA 50 30.30 59.91 20.58
C GLY BA 50 29.97 59.35 21.94
N ASN BA 51 30.77 58.38 22.41
CA ASN BA 51 30.48 57.72 23.66
C ASN BA 51 30.49 58.66 24.86
N LEU BA 52 29.38 58.64 25.59
CA LEU BA 52 29.21 59.50 26.74
C LEU BA 52 30.30 59.27 27.79
N ALA BA 53 30.47 58.02 28.19
CA ALA BA 53 31.40 57.69 29.28
C ALA BA 53 32.79 58.20 28.98
N THR BA 54 33.20 58.03 27.74
CA THR BA 54 34.52 58.44 27.35
C THR BA 54 34.63 59.95 27.33
N SER BA 55 33.71 60.62 26.67
CA SER BA 55 33.80 62.06 26.57
C SER BA 55 33.66 62.73 27.94
N GLN BA 56 32.79 62.19 28.80
CA GLN BA 56 32.71 62.72 30.15
C GLN BA 56 34.01 62.59 30.89
N SER BA 57 34.63 61.44 30.82
CA SER BA 57 35.88 61.26 31.49
C SER BA 57 36.93 62.23 31.00
N VAL BA 58 36.97 62.44 29.70
CA VAL BA 58 37.95 63.37 29.15
C VAL BA 58 37.72 64.76 29.71
N ILE BA 59 36.48 65.23 29.66
CA ILE BA 59 36.17 66.57 30.13
C ILE BA 59 36.45 66.72 31.61
N ASN BA 60 36.08 65.70 32.36
CA ASN BA 60 36.32 65.72 33.78
C ASN BA 60 37.78 65.84 34.13
N LEU BA 61 38.64 65.11 33.43
CA LEU BA 61 40.06 65.18 33.72
C LEU BA 61 40.63 66.53 33.35
N LEU BA 62 40.18 67.09 32.23
CA LEU BA 62 40.65 68.41 31.84
C LEU BA 62 40.29 69.44 32.89
N GLN BA 63 39.10 69.33 33.48
CA GLN BA 63 38.71 70.23 34.58
C GLN BA 63 39.56 70.04 35.84
N GLN BA 64 39.68 68.81 36.32
CA GLN BA 64 40.50 68.54 37.48
C GLN BA 64 41.91 69.07 37.30
N ARG BA 65 42.50 68.84 36.13
CA ARG BA 65 43.90 69.21 35.88
C ARG BA 65 44.17 70.70 35.72
N ILE BA 66 43.12 71.46 35.42
CA ILE BA 66 43.20 72.92 35.32
C ILE BA 66 43.71 73.51 36.64
N ARG BA 67 43.17 72.97 37.73
CA ARG BA 67 43.57 73.30 39.10
C ARG BA 67 44.78 72.41 39.57
N ARG BA 68 45.87 72.39 38.80
CA ARG BA 68 47.05 71.58 39.10
C ARG BA 68 48.28 72.01 38.29
N ASP BA 69 49.43 72.04 38.98
CA ASP BA 69 50.72 72.48 38.39
C ASP BA 69 51.27 71.45 37.36
N GLY BA 70 51.05 71.72 36.06
CA GLY BA 70 51.43 70.80 34.99
C GLY BA 70 50.59 71.13 33.77
N ALA BA 71 50.73 70.36 32.70
CA ALA BA 71 49.98 70.63 31.46
C ALA BA 71 48.47 70.71 31.66
N SER BA 72 47.86 71.80 31.19
CA SER BA 72 46.42 72.02 31.35
C SER BA 72 45.94 73.00 30.32
N LEU BA 73 44.64 72.98 30.06
CA LEU BA 73 44.06 73.93 29.10
C LEU BA 73 44.29 75.40 29.43
N LEU BA 74 44.75 75.73 30.62
CA LEU BA 74 45.01 77.14 30.94
C LEU BA 74 46.43 77.63 30.73
N ASN BA 75 47.39 76.76 30.42
CA ASN BA 75 48.80 77.16 30.40
C ASN BA 75 49.42 76.80 29.03
N VAL BA 76 48.84 75.79 28.39
CA VAL BA 76 49.07 75.44 27.00
C VAL BA 76 49.25 76.69 26.11
N PRO BA 77 50.34 76.74 25.32
CA PRO BA 77 50.68 78.00 24.64
C PRO BA 77 49.91 78.34 23.36
N SER BA 78 49.17 77.40 22.79
CA SER BA 78 48.42 77.66 21.55
C SER BA 78 47.17 76.79 21.43
N VAL BA 79 46.22 77.21 20.60
CA VAL BA 79 45.00 76.42 20.41
C VAL BA 79 45.34 75.04 19.85
N TYR BA 80 46.32 75.01 18.97
CA TYR BA 80 46.88 73.73 18.51
C TYR BA 80 47.23 72.81 19.68
N ASP BA 81 48.08 73.28 20.58
CA ASP BA 81 48.53 72.48 21.72
C ASP BA 81 47.38 72.09 22.66
N ALA BA 82 46.35 72.93 22.73
CA ALA BA 82 45.15 72.60 23.48
C ALA BA 82 44.49 71.40 22.87
N THR BA 83 44.32 71.43 21.56
CA THR BA 83 43.71 70.34 20.80
C THR BA 83 44.51 69.07 21.04
N ALA BA 84 45.83 69.20 20.96
CA ALA BA 84 46.72 68.06 21.19
C ALA BA 84 46.56 67.50 22.59
N LEU BA 85 46.38 68.40 23.55
CA LEU BA 85 46.20 67.97 24.93
C LEU BA 85 44.89 67.20 25.10
N VAL BA 86 43.83 67.68 24.47
CA VAL BA 86 42.56 66.99 24.54
C VAL BA 86 42.74 65.57 23.99
N ALA BA 87 43.36 65.48 22.81
CA ALA BA 87 43.63 64.19 22.18
C ALA BA 87 44.46 63.27 23.07
N GLU BA 88 45.57 63.81 23.58
CA GLU BA 88 46.43 63.15 24.56
C GLU BA 88 45.58 62.58 25.71
N THR BA 89 44.68 63.38 26.25
CA THR BA 89 43.81 62.96 27.35
C THR BA 89 42.88 61.83 26.92
N THR BA 90 42.32 61.96 25.72
CA THR BA 90 41.44 60.94 25.19
C THR BA 90 42.15 59.60 25.17
N ARG BA 91 43.36 59.56 24.60
CA ARG BA 91 44.19 58.33 24.56
C ARG BA 91 44.31 57.69 25.92
N GLU BA 92 44.58 58.54 26.91
CA GLU BA 92 44.75 58.08 28.27
C GLU BA 92 43.48 57.40 28.80
N VAL BA 93 42.32 57.97 28.50
CA VAL BA 93 41.06 57.40 28.96
C VAL BA 93 40.76 56.05 28.28
N ALA BA 95 42.91 53.92 27.01
CA ALA BA 95 43.84 52.93 27.55
C ALA BA 95 43.33 52.26 28.83
N ARG BA 96 42.76 53.05 29.73
CA ARG BA 96 42.31 52.54 31.03
C ARG BA 96 41.04 51.66 30.97
N ASP BA 97 40.03 52.10 30.21
CA ASP BA 97 38.70 51.44 30.14
C ASP BA 97 38.70 50.20 29.24
N SER BA 98 39.60 50.18 28.26
CA SER BA 98 39.83 49.00 27.43
C SER BA 98 40.25 47.79 28.30
N GLY BA 99 39.72 46.63 27.95
CA GLY BA 99 39.97 45.37 28.66
C GLY BA 99 39.02 44.31 28.12
N ASN BA 100 39.03 43.10 28.69
CA ASN BA 100 38.08 42.05 28.27
C ASN BA 100 36.63 42.42 28.60
N LEU BA 101 36.44 43.15 29.70
CA LEU BA 101 35.12 43.50 30.22
C LEU BA 101 34.32 44.41 29.27
N ALA BA 102 34.97 45.42 28.69
CA ALA BA 102 34.33 46.24 27.66
C ALA BA 102 33.91 45.35 26.48
N GLY BA 103 34.78 44.43 26.07
CA GLY BA 103 34.48 43.50 24.98
C GLY BA 103 34.50 44.19 23.62
N ASN BA 104 33.41 44.08 22.85
CA ASN BA 104 33.32 44.72 21.52
C ASN BA 104 32.58 46.06 21.52
N THR BA 105 32.09 46.50 22.68
CA THR BA 105 31.41 47.79 22.80
C THR BA 105 32.32 48.97 22.32
N ASP BA 106 31.71 49.95 21.66
CA ASP BA 106 32.45 51.00 20.96
C ASP BA 106 32.66 52.31 21.77
N LEU BA 107 33.87 52.45 22.33
CA LEU BA 107 34.16 53.53 23.28
C LEU BA 107 34.68 54.82 22.67
N SER BA 108 34.60 54.96 21.35
CA SER BA 108 35.25 56.09 20.69
C SER BA 108 34.43 57.35 20.78
N CYS BA 109 35.11 58.48 20.76
CA CYS BA 109 34.41 59.75 20.62
C CYS BA 109 35.28 60.79 19.96
N SER BA 110 34.62 61.87 19.55
CA SER BA 110 35.24 62.94 18.80
C SER BA 110 34.95 64.27 19.46
N PHE BA 111 35.76 65.26 19.12
CA PHE BA 111 35.73 66.55 19.81
C PHE BA 111 35.98 67.68 18.84
N VAL BA 113 37.74 71.56 19.28
CA VAL BA 113 38.44 72.45 20.19
C VAL BA 113 38.73 73.72 19.43
N GLY BA 114 38.22 74.82 19.94
CA GLY BA 114 38.42 76.10 19.29
C GLY BA 114 38.52 77.21 20.30
N GLY BA 115 39.04 78.34 19.87
CA GLY BA 115 39.15 79.48 20.76
C GLY BA 115 40.28 80.40 20.37
N GLN BA 116 40.76 81.18 21.33
CA GLN BA 116 41.84 82.13 21.10
C GLN BA 116 42.67 82.32 22.33
N ILE BA 117 43.98 82.29 22.15
CA ILE BA 117 44.90 82.58 23.21
C ILE BA 117 45.60 83.90 22.88
N ALA BA 118 45.82 84.74 23.89
CA ALA BA 118 46.45 86.07 23.72
C ALA BA 118 47.70 86.00 22.87
N GLY BA 119 47.76 86.84 21.83
CA GLY BA 119 48.94 86.94 21.01
C GLY BA 119 48.92 86.09 19.78
N GLY BA 120 47.84 85.41 19.50
CA GLY BA 120 47.68 84.73 18.22
C GLY BA 120 46.24 84.70 17.80
N PRO BA 121 45.97 84.49 16.51
CA PRO BA 121 44.60 84.53 16.02
C PRO BA 121 43.74 83.43 16.62
N PRO BA 122 42.42 83.54 16.48
CA PRO BA 122 41.54 82.45 16.88
C PRO BA 122 41.71 81.27 15.94
N ALA BA 123 41.40 80.07 16.44
CA ALA BA 123 41.54 78.83 15.65
C ALA BA 123 40.48 77.80 16.04
N LEU BA 124 40.29 76.82 15.18
CA LEU BA 124 39.29 75.77 15.40
C LEU BA 124 39.75 74.44 14.84
N TYR BA 125 39.74 73.39 15.68
CA TYR BA 125 40.17 72.05 15.25
C TYR BA 125 39.07 71.05 15.51
N SER BA 126 39.13 69.94 14.78
CA SER BA 126 38.25 68.82 15.03
C SER BA 126 39.11 67.60 15.23
N ILE BA 127 38.84 66.85 16.30
CA ILE BA 127 39.58 65.62 16.58
C ILE BA 127 38.73 64.45 16.21
N TYR BA 128 39.31 63.50 15.48
CA TYR BA 128 38.58 62.35 15.02
C TYR BA 128 38.60 61.24 16.06
N PRO BA 129 37.73 60.23 15.88
CA PRO BA 129 37.77 59.07 16.77
C PRO BA 129 39.14 58.50 17.04
N GLN BA 130 40.01 58.53 16.03
CA GLN BA 130 41.32 57.89 16.11
C GLN BA 130 42.40 58.81 16.69
N GLY BA 131 42.05 60.06 17.02
CA GLY BA 131 42.95 60.93 17.80
C GLY BA 131 43.82 61.92 17.02
N ASN BA 132 43.74 61.83 15.70
CA ASN BA 132 44.37 62.80 14.81
C ASN BA 132 43.35 63.89 14.45
N PHE BA 133 43.85 65.07 14.15
CA PHE BA 133 42.95 66.19 13.99
C PHE BA 133 43.25 67.12 12.84
N ILE BA 134 42.22 67.88 12.48
CA ILE BA 134 42.33 68.87 11.43
C ILE BA 134 41.86 70.22 11.85
N GLN BA 135 42.30 71.21 11.10
CA GLN BA 135 42.09 72.59 11.40
C GLN BA 135 41.18 73.18 10.36
N ALA BA 136 40.22 73.99 10.79
CA ALA BA 136 39.36 74.72 9.86
C ALA BA 136 40.13 75.89 9.27
N THR BA 137 39.86 76.19 8.00
CA THR BA 137 40.54 77.24 7.27
C THR BA 137 39.52 78.10 6.55
N PRO BA 138 39.96 79.20 5.93
CA PRO BA 138 39.04 80.03 5.16
C PRO BA 138 38.27 79.29 4.08
N ASP BA 139 38.94 78.36 3.39
CA ASP BA 139 38.27 77.55 2.33
C ASP BA 139 37.29 76.51 2.94
N THR BA 140 37.56 76.02 4.15
CA THR BA 140 36.68 75.08 4.84
C THR BA 140 36.47 75.59 6.28
N PRO BA 141 35.56 76.56 6.43
CA PRO BA 141 35.46 77.35 7.66
C PRO BA 141 34.49 76.81 8.67
N PHE BA 142 33.77 75.74 8.36
CA PHE BA 142 32.99 75.07 9.40
C PHE BA 142 33.26 73.58 9.49
N LEU BA 143 33.04 73.03 10.69
CA LEU BA 143 33.26 71.61 10.96
C LEU BA 143 32.11 71.07 11.77
N GLN BA 144 31.78 69.80 11.56
CA GLN BA 144 30.64 69.20 12.24
C GLN BA 144 30.99 67.93 12.96
N LEU BA 145 30.21 67.61 13.98
CA LEU BA 145 30.34 66.32 14.64
C LEU BA 145 28.99 65.73 14.78
N GLY BA 146 28.97 64.42 14.94
CA GLY BA 146 27.72 63.72 15.13
C GLY BA 146 26.96 63.49 13.86
N GLU BA 147 25.65 63.61 14.00
CA GLU BA 147 24.70 63.36 12.96
C GLU BA 147 24.50 64.65 12.14
N SER BA 148 25.39 64.83 11.18
CA SER BA 148 25.56 66.13 10.52
C SER BA 148 25.15 66.24 9.03
N LYS BA 149 24.83 65.13 8.38
CA LYS BA 149 24.52 65.18 6.96
C LYS BA 149 23.20 65.95 6.71
N TYR BA 150 22.25 65.82 7.62
CA TYR BA 150 20.94 66.47 7.44
C TYR BA 150 21.04 68.00 7.32
N GLY BA 151 21.90 68.60 8.14
CA GLY BA 151 22.05 70.05 8.16
C GLY BA 151 23.29 70.61 7.47
N LYS BA 152 23.98 69.76 6.71
CA LYS BA 152 25.14 70.21 5.99
C LYS BA 152 24.83 71.09 4.79
N PRO BA 153 23.80 70.75 4.00
CA PRO BA 153 23.61 71.54 2.78
C PRO BA 153 23.43 73.00 3.05
N ILE BA 154 22.63 73.39 4.03
CA ILE BA 154 22.41 74.82 4.23
C ILE BA 154 23.73 75.55 4.56
N LEU BA 155 24.65 74.86 5.22
CA LEU BA 155 25.93 75.46 5.55
C LEU BA 155 26.83 75.52 4.33
N ASP BA 156 26.87 74.45 3.58
CA ASP BA 156 27.61 74.46 2.31
C ASP BA 156 27.15 75.60 1.40
N ARG BA 157 25.85 75.80 1.28
CA ARG BA 157 25.31 76.81 0.38
C ARG BA 157 25.63 78.23 0.78
N ASN BA 158 25.57 78.55 2.05
CA ASN BA 158 25.54 79.93 2.48
C ASN BA 158 26.74 80.41 3.26
N LEU BA 159 27.41 79.51 3.95
CA LEU BA 159 28.46 79.92 4.85
C LEU BA 159 29.78 80.09 4.16
N THR BA 160 30.50 81.16 4.49
CA THR BA 160 31.86 81.39 4.01
C THR BA 160 32.65 82.10 5.09
N PHE BA 161 33.96 82.17 4.93
CA PHE BA 161 34.81 82.75 5.94
C PHE BA 161 34.34 84.14 6.34
N ASP BA 162 33.82 84.88 5.36
CA ASP BA 162 33.43 86.27 5.55
C ASP BA 162 32.03 86.47 6.07
N THR BA 163 31.27 85.40 6.21
CA THR BA 163 29.93 85.51 6.79
C THR BA 163 30.07 86.13 8.19
N PRO BA 164 29.28 87.18 8.49
CA PRO BA 164 29.31 87.74 9.85
C PRO BA 164 28.75 86.79 10.90
N LEU BA 165 29.08 87.03 12.16
CA LEU BA 165 28.73 86.08 13.22
C LEU BA 165 27.23 85.90 13.40
N GLU BA 166 26.49 87.02 13.51
CA GLU BA 166 25.04 86.94 13.68
C GLU BA 166 24.42 86.04 12.56
N GLN BA 167 24.91 86.16 11.33
CA GLN BA 167 24.32 85.40 10.23
C GLN BA 167 24.75 83.97 10.21
N ALA BA 168 25.98 83.73 10.63
CA ALA BA 168 26.45 82.36 10.77
C ALA BA 168 25.63 81.63 11.81
N LEU BA 169 25.39 82.29 12.94
CA LEU BA 169 24.62 81.69 14.02
C LEU BA 169 23.22 81.31 13.54
N ARG BA 170 22.61 82.23 12.81
CA ARG BA 170 21.30 82.02 12.24
C ARG BA 170 21.32 80.81 11.34
N CYS BA 171 22.36 80.75 10.55
CA CYS BA 171 22.54 79.66 9.62
C CYS BA 171 22.62 78.32 10.37
N ALA BA 172 23.44 78.29 11.42
CA ALA BA 172 23.54 77.14 12.28
C ALA BA 172 22.18 76.70 12.81
N LEU BA 173 21.37 77.67 13.25
CA LEU BA 173 20.09 77.32 13.80
C LEU BA 173 19.18 76.65 12.79
N VAL BA 174 19.23 77.09 11.56
CA VAL BA 174 18.43 76.46 10.53
C VAL BA 174 18.95 75.03 10.31
N SER BA 175 20.27 74.87 10.34
CA SER BA 175 20.87 73.55 10.26
C SER BA 175 20.26 72.61 11.32
N PHE BA 176 20.13 73.10 12.55
CA PHE BA 176 19.55 72.30 13.63
C PHE BA 176 18.07 72.04 13.43
N ASP BA 177 17.37 73.03 12.88
CA ASP BA 177 15.95 72.86 12.58
C ASP BA 177 15.74 71.63 11.69
N SER BA 178 16.40 71.58 10.55
CA SER BA 178 16.22 70.47 9.63
C SER BA 178 16.62 69.15 10.28
N THR BA 179 17.72 69.20 11.02
CA THR BA 179 18.27 67.99 11.59
C THR BA 179 17.24 67.41 12.59
N ILE BA 180 16.73 68.28 13.48
CA ILE BA 180 15.80 67.86 14.50
C ILE BA 180 14.54 67.26 13.91
N ARG BA 181 14.08 67.80 12.80
CA ARG BA 181 12.89 67.28 12.16
C ARG BA 181 13.07 65.93 11.55
N SER BA 182 14.29 65.63 11.11
CA SER BA 182 14.53 64.45 10.31
C SER BA 182 15.27 63.32 11.04
N ASN BA 183 15.73 63.56 12.27
CA ASN BA 183 16.46 62.56 13.02
C ASN BA 183 16.23 62.72 14.52
N LEU BA 184 15.57 61.74 15.12
CA LEU BA 184 15.25 61.82 16.54
C LEU BA 184 16.43 61.76 17.50
N SER BA 185 17.59 61.31 17.05
CA SER BA 185 18.72 61.16 17.94
C SER BA 185 19.22 62.56 18.31
N VAL BA 186 18.80 63.56 17.56
CA VAL BA 186 19.19 64.95 17.80
C VAL BA 186 18.02 65.70 18.39
N GLY BA 187 18.32 66.56 19.36
CA GLY BA 187 17.25 67.13 20.18
C GLY BA 187 17.64 68.26 21.12
N PRO BA 189 17.42 70.72 24.59
CA PRO BA 189 17.94 72.05 24.36
C PRO BA 189 19.24 72.10 23.57
N LEU BA 190 19.50 73.26 22.96
CA LEU BA 190 20.76 73.53 22.28
C LEU BA 190 21.55 74.47 23.12
N ASP BA 191 22.85 74.44 22.90
CA ASP BA 191 23.76 75.34 23.60
C ASP BA 191 24.57 76.07 22.56
N LEU BA 192 24.58 77.40 22.62
CA LEU BA 192 25.31 78.23 21.68
C LEU BA 192 26.36 79.04 22.37
N LEU BA 193 27.40 79.39 21.61
CA LEU BA 193 28.36 80.37 22.09
C LEU BA 193 28.97 81.10 20.92
N VAL BA 194 28.99 82.42 21.03
CA VAL BA 194 29.58 83.27 20.02
C VAL BA 194 30.77 84.00 20.63
N TYR BA 195 31.90 84.00 19.93
CA TYR BA 195 33.12 84.65 20.46
C TYR BA 195 33.68 85.63 19.46
N HIS BA 196 33.98 86.84 19.89
CA HIS BA 196 34.43 87.89 18.99
C HIS BA 196 35.95 87.90 18.90
N ARG BA 197 36.48 87.92 17.67
CA ARG BA 197 37.92 87.89 17.46
C ARG BA 197 38.58 88.99 18.29
N ASP BA 198 39.63 88.62 19.02
CA ASP BA 198 40.46 89.54 19.84
C ASP BA 198 39.79 90.09 21.09
N SER BA 199 38.55 89.70 21.39
CA SER BA 199 37.87 90.16 22.60
C SER BA 199 38.52 89.59 23.87
N LEU BA 200 39.02 88.35 23.79
CA LEU BA 200 39.61 87.64 24.92
C LEU BA 200 38.75 87.65 26.20
N ILE BA 201 37.43 87.57 26.04
CA ILE BA 201 36.50 87.43 27.16
C ILE BA 201 35.83 86.06 27.08
N LEU BA 202 35.25 85.60 28.18
CA LEU BA 202 34.52 84.34 28.19
C LEU BA 202 33.04 84.64 28.07
N PRO BA 203 32.47 84.51 26.87
CA PRO BA 203 31.05 84.79 26.72
C PRO BA 203 30.23 83.82 27.55
N GLU BA 204 29.06 84.24 28.00
CA GLU BA 204 28.28 83.37 28.83
C GLU BA 204 27.63 82.28 28.02
N GLY BA 205 27.40 82.54 26.74
CA GLY BA 205 26.77 81.54 25.91
C GLY BA 205 25.28 81.53 26.24
N TYR BA 206 24.49 80.70 25.53
CA TYR BA 206 23.05 80.78 25.62
C TYR BA 206 22.43 79.44 25.31
N ARG BA 207 21.37 79.11 26.04
CA ARG BA 207 20.69 77.85 25.85
C ARG BA 207 19.32 78.04 25.21
N VAL BA 208 19.11 77.31 24.13
CA VAL BA 208 17.86 77.40 23.42
C VAL BA 208 16.95 76.27 23.83
N THR BA 209 15.87 76.59 24.53
CA THR BA 209 14.92 75.54 24.90
C THR BA 209 13.77 75.41 23.91
N GLU BA 210 13.05 74.31 24.03
CA GLU BA 210 11.75 74.11 23.44
C GLU BA 210 10.91 75.40 23.32
N ASP BA 211 10.93 76.23 24.37
CA ASP BA 211 10.04 77.39 24.45
C ASP BA 211 10.57 78.64 23.77
N ASP BA 212 11.81 78.62 23.31
CA ASP BA 212 12.49 79.84 22.89
C ASP BA 212 11.65 80.59 21.85
N ALA BA 213 11.34 81.85 22.13
CA ALA BA 213 10.50 82.65 21.24
C ALA BA 213 11.16 82.82 19.88
N TYR BA 214 12.43 83.22 19.87
CA TYR BA 214 13.13 83.51 18.63
C TYR BA 214 13.28 82.28 17.76
N PHE BA 215 13.78 81.19 18.33
CA PHE BA 215 13.94 79.98 17.57
C PHE BA 215 12.60 79.46 17.06
N SER BA 216 11.53 79.53 17.86
CA SER BA 216 10.22 79.06 17.41
C SER BA 216 9.81 79.83 16.19
N ALA BA 217 10.09 81.13 16.23
CA ALA BA 217 9.67 82.05 15.17
C ALA BA 217 10.40 81.79 13.85
N ILE BA 218 11.72 81.66 13.91
CA ILE BA 218 12.42 81.44 12.66
C ILE BA 218 12.14 80.06 12.07
N ARG BA 219 11.80 79.08 12.90
CA ARG BA 219 11.35 77.80 12.36
C ARG BA 219 10.03 77.95 11.59
N ARG BA 220 9.06 78.65 12.18
CA ARG BA 220 7.75 78.87 11.56
C ARG BA 220 7.91 79.64 10.25
N GLN BA 221 8.80 80.62 10.25
CA GLN BA 221 9.09 81.45 9.06
C GLN BA 221 9.76 80.65 7.95
N TRP BA 222 10.81 79.93 8.33
CA TRP BA 222 11.51 79.07 7.42
C TRP BA 222 10.55 78.08 6.76
N SER BA 223 9.62 77.51 7.51
CA SER BA 223 8.66 76.56 6.91
C SER BA 223 7.83 77.22 5.86
N ALA BA 224 7.23 78.35 6.23
CA ALA BA 224 6.36 79.12 5.35
C ALA BA 224 7.13 79.52 4.09
N GLY BA 225 8.38 79.92 4.26
CA GLY BA 225 9.22 80.29 3.14
C GLY BA 225 9.41 79.14 2.16
N LEU BA 226 9.89 78.01 2.66
CA LEU BA 226 10.11 76.80 1.85
C LEU BA 226 8.85 76.37 1.13
N HIS BA 227 7.72 76.40 1.83
CA HIS BA 227 6.48 75.97 1.26
C HIS BA 227 6.13 76.89 0.07
N ASP BA 228 6.32 78.20 0.27
CA ASP BA 228 6.07 79.21 -0.76
C ASP BA 228 6.89 78.97 -2.01
N LEU BA 230 8.43 76.48 -3.06
CA LEU BA 230 8.12 75.23 -3.70
C LEU BA 230 6.91 75.33 -4.61
N GLU BA 231 5.89 76.05 -4.19
CA GLU BA 231 4.67 76.17 -5.00
C GLU BA 231 4.86 77.10 -6.16
N ARG BA 232 5.79 78.03 -6.00
CA ARG BA 232 6.07 79.02 -7.04
C ARG BA 232 7.22 78.62 -8.02
N LEU BA 233 7.85 77.48 -7.80
CA LEU BA 233 8.70 76.86 -8.81
C LEU BA 233 7.90 76.42 -10.01
N PRO BA 234 8.51 76.47 -11.20
CA PRO BA 234 7.80 76.06 -12.41
C PRO BA 234 7.55 74.57 -12.53
N SER BA 235 6.62 74.22 -13.40
CA SER BA 235 6.33 72.81 -13.69
C SER BA 235 7.36 72.22 -14.66
N PRO BA 236 7.66 70.92 -14.52
CA PRO BA 236 8.53 70.24 -15.48
C PRO BA 236 7.91 70.27 -16.87
N PRO BA 237 8.71 70.47 -17.94
CA PRO BA 237 8.19 70.44 -19.32
C PRO BA 237 7.46 69.15 -19.72
N SER BA 238 6.90 69.10 -20.94
CA SER BA 238 6.30 67.88 -21.49
C SER BA 238 7.27 66.70 -21.34
N ALA BA 239 8.46 66.89 -21.92
CA ALA BA 239 9.53 65.88 -21.94
C ALA BA 239 9.55 64.95 -20.71
N TYR BA 240 9.39 65.48 -19.49
CA TYR BA 240 9.65 64.70 -18.27
C TYR BA 240 8.69 63.54 -17.93
N ASN BA 241 7.72 63.19 -18.79
CA ASN BA 241 6.73 62.14 -18.39
C ASN BA 241 6.71 60.83 -19.19
N THR CA 1 51.76 46.55 -19.03
CA THR CA 1 50.42 45.88 -18.96
C THR CA 1 49.30 46.93 -18.95
N TYR CA 2 48.57 47.02 -20.05
CA TYR CA 2 47.41 47.86 -20.12
C TYR CA 2 46.44 47.20 -21.07
N CYS CA 3 45.21 46.97 -20.64
CA CYS CA 3 44.21 46.35 -21.51
C CYS CA 3 42.96 47.18 -21.48
N VAL CA 4 42.25 47.21 -22.61
CA VAL CA 4 40.96 47.88 -22.74
C VAL CA 4 40.02 46.97 -23.47
N ALA CA 5 38.75 47.06 -23.10
CA ALA CA 5 37.70 46.39 -23.82
C ALA CA 5 36.48 47.26 -23.83
N HIS CA 7 32.27 47.48 -25.05
CA HIS CA 7 31.06 46.83 -25.49
C HIS CA 7 30.12 47.91 -25.97
N LEU CA 8 29.93 47.89 -27.30
CA LEU CA 8 29.23 48.92 -28.03
C LEU CA 8 28.05 48.36 -28.80
N ALA CA 9 27.23 49.27 -29.31
CA ALA CA 9 26.01 48.88 -30.00
C ALA CA 9 26.33 47.88 -31.08
N ASP CA 10 27.38 48.12 -31.86
CA ASP CA 10 27.70 47.22 -33.00
C ASP CA 10 28.58 46.00 -32.67
N GLY CA 11 29.07 45.88 -31.44
CA GLY CA 11 29.86 44.71 -31.06
C GLY CA 11 30.89 45.00 -29.98
N LEU CA 12 32.04 44.33 -30.08
CA LEU CA 12 33.07 44.41 -29.06
C LEU CA 12 34.38 44.76 -29.69
N VAL CA 13 35.21 45.49 -28.95
CA VAL CA 13 36.57 45.80 -29.36
C VAL CA 13 37.50 45.54 -28.20
N PHE CA 14 38.58 44.82 -28.45
CA PHE CA 14 39.53 44.48 -27.42
C PHE CA 14 40.92 44.93 -27.82
N ALA CA 15 41.70 45.42 -26.86
CA ALA CA 15 43.08 45.76 -27.14
C ALA CA 15 43.95 45.60 -25.94
N SER CA 16 45.12 45.00 -26.13
CA SER CA 16 46.07 44.77 -25.03
C SER CA 16 47.50 45.06 -25.44
N ASP CA 17 48.33 45.51 -24.51
CA ASP CA 17 49.77 45.56 -24.79
C ASP CA 17 50.35 44.17 -24.53
N SER CA 18 51.68 44.09 -24.42
CA SER CA 18 52.36 42.83 -24.26
C SER CA 18 53.55 42.87 -23.31
N ARG CA 19 53.92 44.06 -22.83
CA ARG CA 19 55.07 44.17 -21.99
C ARG CA 19 54.71 43.68 -20.61
N THR CA 20 55.59 42.86 -20.05
CA THR CA 20 55.25 42.07 -18.90
C THR CA 20 56.41 42.00 -17.96
N ASN CA 21 56.13 42.22 -16.69
CA ASN CA 21 57.13 42.06 -15.68
C ASN CA 21 57.21 40.60 -15.29
N ALA CA 22 58.28 39.95 -15.66
CA ALA CA 22 58.39 38.52 -15.46
C ALA CA 22 59.46 38.21 -14.42
N GLY CA 23 59.68 39.10 -13.47
CA GLY CA 23 60.77 38.91 -12.54
C GLY CA 23 61.65 40.12 -12.57
N ILE CA 24 62.69 40.11 -11.73
CA ILE CA 24 63.60 41.26 -11.65
C ILE CA 24 64.54 41.20 -12.82
N ASP CA 25 64.74 42.35 -13.46
CA ASP CA 25 65.60 42.45 -14.63
C ASP CA 25 65.17 41.51 -15.77
N HIS CA 26 63.90 41.15 -15.80
CA HIS CA 26 63.41 40.26 -16.83
C HIS CA 26 62.08 40.79 -17.24
N ILE CA 27 62.12 41.80 -18.08
CA ILE CA 27 60.91 42.31 -18.69
C ILE CA 27 60.77 41.73 -20.07
N ALA CA 28 59.58 41.31 -20.44
CA ALA CA 28 59.42 40.50 -21.63
C ALA CA 28 58.08 40.64 -22.28
N THR CA 29 57.98 40.10 -23.48
CA THR CA 29 56.75 40.13 -24.25
C THR CA 29 55.90 38.88 -24.02
N PHE CA 30 54.65 39.08 -23.63
CA PHE CA 30 53.67 37.99 -23.50
C PHE CA 30 52.30 38.45 -23.98
N ARG CA 31 51.65 37.64 -24.80
CA ARG CA 31 50.33 37.94 -25.27
C ARG CA 31 49.37 38.07 -24.07
N LYS CA 32 48.48 39.07 -24.10
CA LYS CA 32 47.52 39.27 -23.02
C LYS CA 32 46.09 39.27 -23.52
N LEU CA 33 45.88 38.67 -24.67
CA LEU CA 33 44.55 38.61 -25.27
C LEU CA 33 44.41 37.26 -25.92
N PHE CA 34 43.46 36.48 -25.47
CA PHE CA 34 43.27 35.11 -25.92
C PHE CA 34 41.84 34.89 -26.38
N THR CA 35 41.66 34.11 -27.44
CA THR CA 35 40.34 33.89 -28.00
C THR CA 35 39.95 32.44 -27.91
N PHE CA 36 38.65 32.19 -27.86
CA PHE CA 36 38.13 30.83 -27.77
C PHE CA 36 36.82 30.81 -28.50
N GLY CA 37 36.43 29.66 -29.03
CA GLY CA 37 35.10 29.54 -29.58
C GLY CA 37 34.92 28.48 -30.63
N THR CA 38 33.67 28.31 -31.04
CA THR CA 38 33.31 27.43 -32.15
C THR CA 38 32.57 28.32 -33.18
N PRO CA 39 33.04 28.35 -34.45
CA PRO CA 39 32.41 29.20 -35.45
C PRO CA 39 30.91 28.95 -35.65
N GLY CA 40 30.13 30.03 -35.72
CA GLY CA 40 28.68 29.95 -35.86
C GLY CA 40 27.94 29.73 -34.56
N GLU CA 41 28.67 29.55 -33.46
CA GLU CA 41 28.07 29.28 -32.15
C GLU CA 41 28.58 30.25 -31.05
N ARG CA 42 29.89 30.47 -30.94
CA ARG CA 42 30.35 31.39 -29.90
C ARG CA 42 31.74 31.95 -30.10
N LEU CA 43 31.94 33.17 -29.59
CA LEU CA 43 33.26 33.77 -29.47
C LEU CA 43 33.46 34.27 -28.03
N LEU CA 44 34.58 33.92 -27.43
CA LEU CA 44 34.93 34.46 -26.12
C LEU CA 44 36.36 34.94 -26.14
N VAL CA 45 36.58 36.11 -25.54
CA VAL CA 45 37.92 36.67 -25.45
C VAL CA 45 38.26 36.87 -24.00
N VAL CA 46 39.48 36.50 -23.63
CA VAL CA 46 39.96 36.74 -22.28
C VAL CA 46 41.21 37.59 -22.34
N GLN CA 47 41.22 38.67 -21.58
CA GLN CA 47 42.42 39.49 -21.40
C GLN CA 47 42.93 39.37 -19.99
N THR CA 48 44.24 39.54 -19.82
CA THR CA 48 44.91 39.28 -18.55
C THR CA 48 45.74 40.47 -18.12
N ALA CA 49 45.86 40.63 -16.82
CA ALA CA 49 46.73 41.64 -16.23
C ALA CA 49 47.10 41.19 -14.84
N GLY CA 50 48.25 41.60 -14.36
CA GLY CA 50 48.71 41.19 -13.03
C GLY CA 50 49.79 40.14 -13.09
N ASN CA 51 49.84 39.28 -12.09
CA ASN CA 51 50.90 38.29 -12.01
C ASN CA 51 50.91 37.33 -13.19
N LEU CA 52 52.06 37.25 -13.84
CA LEU CA 52 52.23 36.38 -15.00
C LEU CA 52 51.97 34.91 -14.67
N ALA CA 53 52.63 34.40 -13.64
CA ALA CA 53 52.50 32.99 -13.31
C ALA CA 53 51.05 32.61 -13.11
N THR CA 54 50.33 33.45 -12.41
CA THR CA 54 48.97 33.13 -12.07
C THR CA 54 48.12 33.18 -13.31
N SER CA 55 48.22 34.26 -14.06
CA SER CA 55 47.37 34.38 -15.24
C SER CA 55 47.68 33.29 -16.26
N GLN CA 56 48.96 32.94 -16.41
CA GLN CA 56 49.31 31.88 -17.34
C GLN CA 56 48.68 30.60 -16.93
N SER CA 57 48.78 30.27 -15.65
CA SER CA 57 48.19 29.05 -15.17
C SER CA 57 46.68 29.01 -15.42
N VAL CA 58 46.01 30.14 -15.19
CA VAL CA 58 44.59 30.19 -15.43
C VAL CA 58 44.26 29.91 -16.89
N ILE CA 59 44.94 30.61 -17.79
CA ILE CA 59 44.70 30.43 -19.20
C ILE CA 59 44.99 29.00 -19.65
N ASN CA 60 46.10 28.47 -19.16
CA ASN CA 60 46.51 27.14 -19.51
C ASN CA 60 45.47 26.11 -19.12
N LEU CA 61 44.90 26.26 -17.93
CA LEU CA 61 43.91 25.30 -17.48
C LEU CA 61 42.63 25.42 -18.31
N LEU CA 62 42.24 26.64 -18.63
CA LEU CA 62 41.07 26.84 -19.47
C LEU CA 62 41.24 26.16 -20.82
N GLN CA 63 42.44 26.22 -21.39
CA GLN CA 63 42.73 25.55 -22.66
C GLN CA 63 42.70 24.02 -22.52
N GLN CA 64 43.42 23.47 -21.56
CA GLN CA 64 43.41 22.02 -21.33
C GLN CA 64 41.98 21.50 -21.15
N ARG CA 65 41.18 22.20 -20.37
CA ARG CA 65 39.82 21.75 -20.04
C ARG CA 65 38.81 21.84 -21.17
N ILE CA 66 39.10 22.68 -22.16
CA ILE CA 66 38.25 22.81 -23.35
C ILE CA 66 38.10 21.46 -24.03
N ARG CA 67 39.23 20.75 -24.13
CA ARG CA 67 39.32 19.40 -24.65
C ARG CA 67 39.05 18.36 -23.50
N ARG CA 68 37.92 18.48 -22.82
CA ARG CA 68 37.56 17.55 -21.72
C ARG CA 68 36.07 17.65 -21.35
N ASP CA 69 35.45 16.50 -21.11
CA ASP CA 69 34.01 16.39 -20.77
C ASP CA 69 33.72 16.96 -19.35
N GLY CA 70 33.22 18.19 -19.29
CA GLY CA 70 32.95 18.86 -18.03
C GLY CA 70 32.91 20.35 -18.29
N ALA CA 71 32.76 21.17 -17.25
CA ALA CA 71 32.68 22.63 -17.41
C ALA CA 71 33.88 23.21 -18.17
N SER CA 72 33.60 23.99 -19.22
CA SER CA 72 34.64 24.60 -20.04
C SER CA 72 34.11 25.80 -20.75
N LEU CA 73 34.99 26.68 -21.19
CA LEU CA 73 34.57 27.84 -21.97
C LEU CA 73 33.77 27.53 -23.25
N LEU CA 74 33.74 26.29 -23.71
CA LEU CA 74 32.97 25.98 -24.92
C LEU CA 74 31.54 25.50 -24.69
N ASN CA 75 31.13 25.23 -23.44
CA ASN CA 75 29.86 24.56 -23.21
C ASN CA 75 29.01 25.41 -22.25
N VAL CA 76 29.70 26.20 -21.43
CA VAL CA 76 29.13 27.25 -20.60
C VAL CA 76 28.02 28.01 -21.33
N PRO CA 77 26.84 28.16 -20.68
CA PRO CA 77 25.66 28.65 -21.43
C PRO CA 77 25.56 30.15 -21.66
N SER CA 78 26.38 30.96 -20.99
CA SER CA 78 26.30 32.43 -21.13
C SER CA 78 27.65 33.10 -20.85
N VAL CA 79 27.83 34.32 -21.35
CA VAL CA 79 29.09 35.03 -21.13
C VAL CA 79 29.30 35.24 -19.64
N TYR CA 80 28.21 35.51 -18.94
CA TYR CA 80 28.25 35.56 -17.48
C TYR CA 80 28.94 34.32 -16.91
N ASP CA 81 28.40 33.13 -17.24
CA ASP CA 81 28.92 31.87 -16.69
C ASP CA 81 30.36 31.61 -17.12
N ALA CA 82 30.75 32.14 -18.28
CA ALA CA 82 32.14 32.08 -18.74
C ALA CA 82 33.03 32.87 -17.79
N THR CA 83 32.59 34.08 -17.50
CA THR CA 83 33.30 34.94 -16.56
C THR CA 83 33.44 34.25 -15.21
N ALA CA 84 32.34 33.68 -14.74
CA ALA CA 84 32.33 32.98 -13.46
C ALA CA 84 33.32 31.82 -13.48
N LEU CA 85 33.39 31.13 -14.61
CA LEU CA 85 34.29 29.99 -14.74
C LEU CA 85 35.73 30.44 -14.65
N VAL CA 86 36.04 31.55 -15.30
CA VAL CA 86 37.39 32.08 -15.25
C VAL CA 86 37.74 32.37 -13.79
N ALA CA 87 36.84 33.07 -13.12
CA ALA CA 87 37.04 33.41 -11.71
C ALA CA 87 37.23 32.16 -10.85
N GLU CA 88 36.31 31.21 -11.02
CA GLU CA 88 36.39 29.89 -10.38
C GLU CA 88 37.79 29.28 -10.58
N THR CA 89 38.29 29.33 -11.80
CA THR CA 89 39.61 28.78 -12.13
C THR CA 89 40.71 29.54 -11.42
N THR CA 90 40.58 30.86 -11.39
CA THR CA 90 41.56 31.70 -10.70
C THR CA 90 41.69 31.28 -9.24
N ARG CA 91 40.55 31.18 -8.55
CA ARG CA 91 40.53 30.71 -7.14
C ARG CA 91 41.31 29.42 -6.94
N GLU CA 92 41.06 28.48 -7.85
CA GLU CA 92 41.73 27.20 -7.82
C GLU CA 92 43.26 27.34 -7.91
N VAL CA 93 43.73 28.21 -8.78
CA VAL CA 93 45.17 28.42 -8.96
C VAL CA 93 45.82 29.08 -7.74
N ALA CA 95 44.74 28.95 -4.64
CA ALA CA 95 44.74 27.95 -3.56
C ALA CA 95 46.00 27.07 -3.59
N ARG CA 96 46.39 26.61 -4.77
CA ARG CA 96 47.51 25.69 -4.91
C ARG CA 96 48.91 26.32 -4.68
N ASP CA 97 49.14 27.50 -5.25
CA ASP CA 97 50.45 28.20 -5.19
C ASP CA 97 50.74 28.90 -3.85
N SER CA 98 49.66 29.30 -3.17
CA SER CA 98 49.76 29.82 -1.81
C SER CA 98 50.40 28.78 -0.86
N GLY CA 99 51.25 29.27 0.04
CA GLY CA 99 51.99 28.45 1.00
C GLY CA 99 53.04 29.32 1.68
N ASN CA 100 53.88 28.75 2.54
CA ASN CA 100 54.98 29.50 3.18
C ASN CA 100 56.02 29.96 2.16
N LEU CA 101 56.22 29.15 1.12
CA LEU CA 101 57.26 29.37 0.11
C LEU CA 101 57.02 30.64 -0.72
N ALA CA 102 55.79 30.89 -1.14
CA ALA CA 102 55.45 32.15 -1.79
C ALA CA 102 55.75 33.34 -0.84
N GLY CA 103 55.40 33.20 0.44
CA GLY CA 103 55.67 34.23 1.44
C GLY CA 103 54.75 35.44 1.27
N ASN CA 104 55.33 36.64 1.15
CA ASN CA 104 54.54 37.88 0.96
C ASN CA 104 54.43 38.34 -0.48
N THR CA 105 55.04 37.61 -1.41
CA THR CA 105 54.92 37.92 -2.85
C THR CA 105 53.45 37.97 -3.34
N ASP CA 106 53.14 38.90 -4.24
CA ASP CA 106 51.76 39.20 -4.60
C ASP CA 106 51.27 38.47 -5.87
N LEU CA 107 50.51 37.40 -5.68
CA LEU CA 107 50.10 36.51 -6.77
C LEU CA 107 48.78 36.87 -7.47
N SER CA 108 48.25 38.06 -7.23
CA SER CA 108 46.92 38.36 -7.73
C SER CA 108 46.95 38.78 -9.18
N CYS CA 109 45.86 38.53 -9.88
CA CYS CA 109 45.67 39.08 -11.22
C CYS CA 109 44.21 39.27 -11.55
N SER CA 110 44.00 40.02 -12.62
CA SER CA 110 42.68 40.45 -13.06
C SER CA 110 42.50 40.13 -14.53
N PHE CA 111 41.25 40.06 -14.95
CA PHE CA 111 40.90 39.56 -16.26
C PHE CA 111 39.74 40.35 -16.85
N VAL CA 113 36.61 39.35 -19.60
CA VAL CA 113 36.00 38.27 -20.34
C VAL CA 113 34.87 38.89 -21.10
N GLY CA 114 34.91 38.79 -22.41
CA GLY CA 114 33.83 39.28 -23.22
C GLY CA 114 33.57 38.40 -24.43
N GLY CA 115 32.42 38.56 -25.06
CA GLY CA 115 32.13 37.83 -26.27
C GLY CA 115 30.64 37.67 -26.48
N GLN CA 116 30.28 36.64 -27.24
CA GLN CA 116 28.89 36.37 -27.54
C GLN CA 116 28.67 34.89 -27.73
N ILE CA 117 27.61 34.40 -27.12
CA ILE CA 117 27.17 33.04 -27.32
C ILE CA 117 25.83 33.08 -28.05
N ALA CA 118 25.67 32.15 -29.01
CA ALA CA 118 24.45 32.08 -29.83
C ALA CA 118 23.22 32.19 -28.98
N GLY CA 119 22.33 33.10 -29.37
CA GLY CA 119 21.03 33.21 -28.73
C GLY CA 119 20.94 34.24 -27.65
N GLY CA 120 22.02 34.99 -27.43
CA GLY CA 120 21.94 36.11 -26.52
C GLY CA 120 22.87 37.19 -26.98
N PRO CA 121 22.63 38.43 -26.53
CA PRO CA 121 23.49 39.53 -26.96
C PRO CA 121 24.94 39.38 -26.52
N PRO CA 122 25.83 40.20 -27.11
CA PRO CA 122 27.23 40.18 -26.67
C PRO CA 122 27.31 40.81 -25.29
N ALA CA 123 28.33 40.45 -24.51
CA ALA CA 123 28.55 41.00 -23.18
C ALA CA 123 30.04 41.12 -22.85
N LEU CA 124 30.34 41.90 -21.80
CA LEU CA 124 31.74 42.17 -21.39
C LEU CA 124 31.84 42.31 -19.90
N TYR CA 125 32.70 41.54 -19.27
CA TYR CA 125 32.89 41.61 -17.83
C TYR CA 125 34.33 41.90 -17.48
N SER CA 126 34.54 42.43 -16.28
CA SER CA 126 35.89 42.59 -15.73
C SER CA 126 35.94 41.91 -14.38
N ILE CA 127 36.93 41.07 -14.17
CA ILE CA 127 37.11 40.36 -12.91
C ILE CA 127 38.21 41.05 -12.13
N TYR CA 128 37.94 41.33 -10.86
CA TYR CA 128 38.91 42.02 -10.02
C TYR CA 128 39.87 41.03 -9.37
N PRO CA 129 40.98 41.56 -8.79
CA PRO CA 129 41.91 40.70 -8.08
C PRO CA 129 41.26 39.73 -7.10
N GLN CA 130 40.16 40.17 -6.47
CA GLN CA 130 39.52 39.42 -5.40
C GLN CA 130 38.46 38.44 -5.93
N GLY CA 131 38.22 38.41 -7.25
CA GLY CA 131 37.41 37.33 -7.86
C GLY CA 131 35.95 37.64 -8.13
N ASN CA 132 35.52 38.82 -7.69
CA ASN CA 132 34.19 39.33 -7.99
C ASN CA 132 34.27 40.21 -9.22
N PHE CA 133 33.17 40.30 -9.95
CA PHE CA 133 33.22 40.95 -11.23
C PHE CA 133 32.07 41.88 -11.55
N ILE CA 134 32.33 42.75 -12.51
CA ILE CA 134 31.31 43.66 -13.01
C ILE CA 134 31.16 43.62 -14.50
N GLN CA 135 30.02 44.10 -14.95
CA GLN CA 135 29.60 44.02 -16.31
C GLN CA 135 29.56 45.42 -16.89
N ALA CA 136 30.07 45.57 -18.11
CA ALA CA 136 29.97 46.84 -18.81
C ALA CA 136 28.56 47.04 -19.33
N THR CA 137 28.11 48.28 -19.31
CA THR CA 137 26.74 48.65 -19.72
C THR CA 137 26.80 49.83 -20.69
N PRO CA 138 25.66 50.20 -21.27
CA PRO CA 138 25.64 51.38 -22.11
C PRO CA 138 26.18 52.63 -21.45
N ASP CA 139 25.88 52.86 -20.17
CA ASP CA 139 26.34 54.06 -19.46
C ASP CA 139 27.85 53.98 -19.16
N THR CA 140 28.36 52.76 -18.97
CA THR CA 140 29.79 52.54 -18.73
C THR CA 140 30.26 51.43 -19.69
N PRO CA 141 30.53 51.82 -20.95
CA PRO CA 141 30.71 50.86 -22.01
C PRO CA 141 32.12 50.43 -22.23
N PHE CA 142 33.09 50.99 -21.51
CA PHE CA 142 34.46 50.44 -21.60
C PHE CA 142 35.05 50.14 -20.23
N LEU CA 143 35.98 49.18 -20.20
CA LEU CA 143 36.64 48.76 -18.98
C LEU CA 143 38.12 48.61 -19.24
N GLN CA 144 38.93 48.87 -18.22
CA GLN CA 144 40.37 48.83 -18.37
C GLN CA 144 41.04 47.95 -17.33
N LEU CA 145 42.19 47.41 -17.68
CA LEU CA 145 43.02 46.71 -16.72
C LEU CA 145 44.38 47.29 -16.78
N GLY CA 146 45.12 47.10 -15.71
CA GLY CA 146 46.52 47.45 -15.69
C GLY CA 146 46.69 48.91 -15.46
N GLU CA 147 47.69 49.44 -16.15
CA GLU CA 147 48.15 50.80 -16.00
C GLU CA 147 47.32 51.71 -16.92
N SER CA 148 46.15 52.13 -16.42
CA SER CA 148 45.09 52.66 -17.29
C SER CA 148 44.74 54.11 -17.11
N LYS CA 149 45.29 54.76 -16.09
CA LYS CA 149 44.92 56.15 -15.85
C LYS CA 149 45.40 57.07 -17.01
N TYR CA 150 46.55 56.76 -17.59
CA TYR CA 150 47.16 57.62 -18.57
C TYR CA 150 46.29 57.79 -19.78
N GLY CA 151 45.65 56.70 -20.18
CA GLY CA 151 44.83 56.68 -21.39
C GLY CA 151 43.34 56.70 -21.15
N LYS CA 152 42.93 56.96 -19.92
CA LYS CA 152 41.51 57.04 -19.60
C LYS CA 152 40.82 58.28 -20.13
N PRO CA 153 41.45 59.45 -20.01
CA PRO CA 153 40.73 60.64 -20.43
C PRO CA 153 40.23 60.62 -21.84
N ILE CA 154 41.04 60.20 -22.80
CA ILE CA 154 40.57 60.19 -24.18
C ILE CA 154 39.32 59.28 -24.39
N LEU CA 155 39.22 58.21 -23.63
CA LEU CA 155 38.08 57.34 -23.70
C LEU CA 155 36.87 57.96 -23.02
N ASP CA 156 37.08 58.51 -21.83
CA ASP CA 156 36.02 59.22 -21.15
C ASP CA 156 35.42 60.31 -22.05
N ARG CA 157 36.26 61.09 -22.71
CA ARG CA 157 35.81 62.19 -23.55
C ARG CA 157 35.00 61.78 -24.76
N ASN CA 158 35.38 60.71 -25.45
CA ASN CA 158 34.87 60.45 -26.77
C ASN CA 158 34.05 59.22 -26.92
N LEU CA 159 34.27 58.24 -26.08
CA LEU CA 159 33.63 56.94 -26.27
C LEU CA 159 32.25 56.89 -25.67
N THR CA 160 31.31 56.32 -26.41
CA THR CA 160 29.97 56.06 -25.89
C THR CA 160 29.46 54.76 -26.47
N PHE CA 161 28.35 54.25 -25.95
CA PHE CA 161 27.79 53.01 -26.42
C PHE CA 161 27.58 52.99 -27.92
N ASP CA 162 27.18 54.14 -28.47
CA ASP CA 162 26.89 54.28 -29.90
C ASP CA 162 28.09 54.54 -30.81
N THR CA 163 29.28 54.74 -30.25
CA THR CA 163 30.48 54.90 -31.07
C THR CA 163 30.64 53.66 -31.97
N PRO CA 164 30.85 53.85 -33.28
CA PRO CA 164 31.06 52.71 -34.16
C PRO CA 164 32.39 52.03 -33.90
N LEU CA 165 32.53 50.80 -34.34
CA LEU CA 165 33.70 49.98 -33.98
C LEU CA 165 35.01 50.58 -34.51
N GLU CA 166 35.04 50.95 -35.81
CA GLU CA 166 36.29 51.51 -36.41
C GLU CA 166 36.74 52.71 -35.55
N GLN CA 167 35.80 53.54 -35.08
CA GLN CA 167 36.18 54.73 -34.30
C GLN CA 167 36.60 54.41 -32.89
N ALA CA 168 35.95 53.43 -32.29
CA ALA CA 168 36.31 52.98 -30.97
C ALA CA 168 37.73 52.42 -30.99
N LEU CA 169 38.05 51.63 -31.99
CA LEU CA 169 39.38 51.06 -32.11
C LEU CA 169 40.44 52.15 -32.22
N ARG CA 170 40.15 53.12 -33.06
CA ARG CA 170 41.01 54.26 -33.25
C ARG CA 170 41.24 54.95 -31.91
N CYS CA 171 40.16 55.12 -31.19
CA CYS CA 171 40.20 55.76 -29.90
C CYS CA 171 41.11 54.99 -28.93
N ALA CA 172 40.93 53.68 -28.89
CA ALA CA 172 41.79 52.82 -28.12
C ALA CA 172 43.25 52.99 -28.47
N LEU CA 173 43.56 53.07 -29.75
CA LEU CA 173 44.95 53.23 -30.15
C LEU CA 173 45.57 54.52 -29.61
N VAL CA 174 44.81 55.59 -29.61
CA VAL CA 174 45.32 56.84 -29.09
C VAL CA 174 45.55 56.69 -27.59
N SER CA 175 44.65 55.99 -26.92
CA SER CA 175 44.82 55.68 -25.50
C SER CA 175 46.18 55.02 -25.27
N PHE CA 176 46.53 54.07 -26.14
CA PHE CA 176 47.82 53.36 -25.99
C PHE CA 176 49.00 54.26 -26.32
N ASP CA 177 48.82 55.13 -27.30
CA ASP CA 177 49.84 56.08 -27.65
C ASP CA 177 50.29 56.87 -26.41
N SER CA 178 49.34 57.53 -25.76
CA SER CA 178 49.67 58.33 -24.61
C SER CA 178 50.29 57.49 -23.51
N THR CA 179 49.74 56.30 -23.31
CA THR CA 179 50.17 55.45 -22.21
C THR CA 179 51.63 55.06 -22.42
N ILE CA 180 51.93 54.61 -23.62
CA ILE CA 180 53.28 54.19 -23.94
C ILE CA 180 54.30 55.28 -23.76
N ARG CA 181 53.93 56.50 -24.10
CA ARG CA 181 54.84 57.63 -23.96
C ARG CA 181 55.15 57.96 -22.54
N SER CA 182 54.21 57.69 -21.65
CA SER CA 182 54.30 58.21 -20.29
C SER CA 182 54.60 57.16 -19.25
N ASN CA 183 54.61 55.89 -19.64
CA ASN CA 183 54.85 54.81 -18.71
C ASN CA 183 55.55 53.62 -19.39
N LEU CA 184 56.79 53.36 -18.99
CA LEU CA 184 57.57 52.31 -19.62
C LEU CA 184 57.10 50.89 -19.36
N SER CA 185 56.25 50.68 -18.36
CA SER CA 185 55.81 49.32 -18.05
C SER CA 185 54.85 48.86 -19.14
N VAL CA 186 54.37 49.78 -19.97
CA VAL CA 186 53.49 49.46 -21.07
C VAL CA 186 54.21 49.58 -22.38
N GLY CA 187 53.95 48.67 -23.30
CA GLY CA 187 54.81 48.51 -24.46
C GLY CA 187 54.31 47.59 -25.55
N PRO CA 189 54.65 44.82 -28.77
CA PRO CA 189 53.49 44.86 -29.67
C PRO CA 189 52.16 44.90 -28.94
N LEU CA 190 51.15 45.38 -29.64
CA LEU CA 190 49.77 45.36 -29.15
C LEU CA 190 49.02 44.28 -29.89
N ASP CA 191 47.95 43.81 -29.29
CA ASP CA 191 47.11 42.82 -29.88
C ASP CA 191 45.69 43.35 -29.86
N LEU CA 192 45.05 43.35 -31.02
CA LEU CA 192 43.69 43.87 -31.16
C LEU CA 192 42.75 42.80 -31.63
N LEU CA 193 41.48 42.95 -31.29
CA LEU CA 193 40.45 42.13 -31.87
C LEU CA 193 39.15 42.88 -31.90
N VAL CA 194 38.51 42.86 -33.06
CA VAL CA 194 37.21 43.50 -33.25
C VAL CA 194 36.18 42.41 -33.58
N TYR CA 195 35.03 42.44 -32.92
CA TYR CA 195 34.00 41.45 -33.14
C TYR CA 195 32.70 42.11 -33.44
N HIS CA 196 32.05 41.66 -34.50
CA HIS CA 196 30.79 42.26 -34.92
C HIS CA 196 29.57 41.57 -34.30
N ARG CA 197 28.65 42.37 -33.72
CA ARG CA 197 27.48 41.83 -33.04
C ARG CA 197 26.75 40.86 -33.95
N ASP CA 198 26.45 39.68 -33.41
CA ASP CA 198 25.69 38.62 -34.11
C ASP CA 198 26.42 37.93 -35.26
N SER CA 199 27.68 38.26 -35.53
CA SER CA 199 28.46 37.57 -36.55
C SER CA 199 28.78 36.12 -36.16
N LEU CA 200 29.00 35.87 -34.87
CA LEU CA 200 29.37 34.54 -34.36
C LEU CA 200 30.51 33.86 -35.10
N ILE CA 201 31.49 34.66 -35.54
CA ILE CA 201 32.72 34.15 -36.14
C ILE CA 201 33.90 34.47 -35.23
N LEU CA 202 35.02 33.77 -35.39
CA LEU CA 202 36.21 34.04 -34.61
C LEU CA 202 37.12 34.91 -35.44
N PRO CA 203 37.10 36.22 -35.22
CA PRO CA 203 38.02 37.05 -35.98
C PRO CA 203 39.46 36.68 -35.73
N GLU CA 204 40.34 36.91 -36.70
CA GLU CA 204 41.72 36.54 -36.52
C GLU CA 204 42.44 37.50 -35.59
N GLY CA 205 41.96 38.73 -35.51
CA GLY CA 205 42.62 39.71 -34.67
C GLY CA 205 43.89 40.17 -35.37
N TYR CA 206 44.61 41.11 -34.78
CA TYR CA 206 45.70 41.74 -35.45
C TYR CA 206 46.74 42.20 -34.48
N ARG CA 207 48.00 42.07 -34.85
CA ARG CA 207 49.08 42.53 -33.99
C ARG CA 207 49.77 43.80 -34.53
N VAL CA 208 49.87 44.80 -33.66
CA VAL CA 208 50.50 46.06 -34.03
C VAL CA 208 51.92 46.06 -33.56
N THR CA 209 52.85 46.02 -34.48
CA THR CA 209 54.25 46.12 -34.09
C THR CA 209 54.79 47.54 -34.15
N GLU CA 210 55.95 47.71 -33.54
CA GLU CA 210 56.83 48.87 -33.73
C GLU CA 210 56.78 49.46 -35.15
N ASP CA 211 56.78 48.61 -36.16
CA ASP CA 211 56.88 49.05 -37.55
C ASP CA 211 55.56 49.44 -38.21
N ASP CA 212 54.43 49.22 -37.54
CA ASP CA 212 53.12 49.34 -38.18
C ASP CA 212 52.95 50.69 -38.85
N ALA CA 213 52.66 50.69 -40.15
CA ALA CA 213 52.56 51.94 -40.92
C ALA CA 213 51.42 52.80 -40.39
N TYR CA 214 50.26 52.20 -40.20
CA TYR CA 214 49.07 52.93 -39.77
C TYR CA 214 49.21 53.52 -38.39
N PHE CA 215 49.62 52.70 -37.43
CA PHE CA 215 49.81 53.20 -36.08
C PHE CA 215 50.91 54.28 -36.03
N SER CA 216 52.00 54.12 -36.76
CA SER CA 216 53.04 55.14 -36.76
C SER CA 216 52.46 56.44 -37.22
N ALA CA 217 51.60 56.36 -38.23
CA ALA CA 217 51.05 57.53 -38.89
C ALA CA 217 50.11 58.30 -37.98
N ILE CA 218 49.21 57.59 -37.32
CA ILE CA 218 48.26 58.31 -36.47
C ILE CA 218 48.94 58.85 -35.22
N ARG CA 219 50.03 58.25 -34.77
CA ARG CA 219 50.82 58.85 -33.70
C ARG CA 219 51.47 60.19 -34.10
N ARG CA 220 52.09 60.19 -35.28
CA ARG CA 220 52.69 61.40 -35.83
C ARG CA 220 51.64 62.50 -35.99
N GLN CA 221 50.46 62.14 -36.47
CA GLN CA 221 49.37 63.09 -36.72
C GLN CA 221 48.83 63.64 -35.44
N TRP CA 222 48.55 62.75 -34.51
CA TRP CA 222 48.07 63.13 -33.22
C TRP CA 222 49.04 64.09 -32.51
N SER CA 223 50.35 63.87 -32.61
CA SER CA 223 51.30 64.80 -32.03
C SER CA 223 51.19 66.18 -32.63
N ALA CA 224 51.24 66.22 -33.96
CA ALA CA 224 51.16 67.47 -34.69
C ALA CA 224 49.87 68.21 -34.32
N GLY CA 225 48.78 67.46 -34.21
CA GLY CA 225 47.50 68.04 -33.89
C GLY CA 225 47.51 68.71 -32.55
N LEU CA 226 47.92 67.96 -31.53
CA LEU CA 226 48.01 68.49 -30.16
C LEU CA 226 48.89 69.72 -30.09
N HIS CA 227 50.03 69.68 -30.78
CA HIS CA 227 50.95 70.78 -30.72
C HIS CA 227 50.30 72.03 -31.32
N ASP CA 228 49.60 71.85 -32.45
CA ASP CA 228 48.84 72.93 -33.12
C ASP CA 228 47.80 73.57 -32.21
N LEU CA 230 47.42 73.54 -29.09
CA LEU CA 230 48.04 74.18 -27.97
C LEU CA 230 48.55 75.57 -28.27
N GLU CA 231 49.15 75.75 -29.44
CA GLU CA 231 49.65 77.07 -29.84
C GLU CA 231 48.54 78.05 -30.23
N ARG CA 232 47.44 77.49 -30.72
CA ARG CA 232 46.31 78.28 -31.17
C ARG CA 232 45.23 78.53 -30.10
N LEU CA 233 45.42 77.99 -28.91
CA LEU CA 233 44.65 78.40 -27.73
C LEU CA 233 44.97 79.83 -27.34
N PRO CA 234 43.98 80.57 -26.81
CA PRO CA 234 44.22 81.94 -26.40
C PRO CA 234 45.11 82.11 -25.18
N SER CA 235 45.64 83.31 -25.01
CA SER CA 235 46.43 83.67 -23.84
C SER CA 235 45.54 83.99 -22.63
N PRO CA 236 46.04 83.69 -21.43
CA PRO CA 236 45.30 84.02 -20.22
C PRO CA 236 45.16 85.52 -20.11
N PRO CA 237 44.00 86.03 -19.63
CA PRO CA 237 43.80 87.48 -19.42
C PRO CA 237 44.83 88.15 -18.50
N SER CA 238 44.73 89.48 -18.35
CA SER CA 238 45.57 90.22 -17.38
C SER CA 238 45.50 89.58 -16.00
N ALA CA 239 44.27 89.47 -15.51
CA ALA CA 239 43.96 88.89 -14.19
C ALA CA 239 44.93 87.77 -13.71
N TYR CA 240 45.30 86.83 -14.58
CA TYR CA 240 46.05 85.64 -14.15
C TYR CA 240 47.51 85.80 -13.63
N ASN CA 241 48.03 87.03 -13.48
CA ASN CA 241 49.45 87.16 -13.11
C ASN CA 241 49.72 87.82 -11.75
N THR DA 1 43.28 65.77 -5.21
CA THR DA 1 44.68 66.24 -4.94
C THR DA 1 45.56 65.96 -6.14
N TYR DA 2 45.96 67.03 -6.83
CA TYR DA 2 46.90 66.92 -7.92
C TYR DA 2 47.66 68.22 -7.95
N CYS DA 3 48.99 68.16 -7.91
CA CYS DA 3 49.81 69.34 -7.96
C CYS DA 3 50.88 69.17 -9.02
N VAL DA 4 51.23 70.27 -9.68
CA VAL DA 4 52.30 70.30 -10.68
C VAL DA 4 53.15 71.51 -10.42
N ALA DA 5 54.44 71.36 -10.67
CA ALA DA 5 55.36 72.48 -10.62
C ALA DA 5 56.36 72.31 -11.73
N HIS DA 7 60.01 74.01 -13.50
CA HIS DA 7 61.14 74.90 -13.42
C HIS DA 7 61.70 75.00 -14.83
N LEU DA 8 61.53 76.20 -15.39
CA LEU DA 8 61.84 76.52 -16.76
C LEU DA 8 62.86 77.65 -16.86
N ALA DA 9 63.34 77.85 -18.08
CA ALA DA 9 64.36 78.83 -18.34
C ALA DA 9 63.95 80.18 -17.78
N ASP DA 10 62.69 80.56 -18.00
CA ASP DA 10 62.24 81.91 -17.59
C ASP DA 10 61.69 82.00 -16.15
N GLY DA 11 61.57 80.89 -15.44
CA GLY DA 11 61.13 80.94 -14.06
C GLY DA 11 60.40 79.69 -13.60
N LEU DA 12 59.40 79.87 -12.73
CA LEU DA 12 58.69 78.77 -12.15
C LEU DA 12 57.21 78.94 -12.37
N VAL DA 13 56.52 77.83 -12.50
CA VAL DA 13 55.06 77.82 -12.57
C VAL DA 13 54.55 76.74 -11.64
N PHE DA 14 53.58 77.10 -10.81
CA PHE DA 14 52.99 76.17 -9.87
C PHE DA 14 51.49 76.09 -10.05
N ALA DA 15 50.92 74.90 -9.91
CA ALA DA 15 49.46 74.76 -9.96
C ALA DA 15 48.98 73.60 -9.11
N SER DA 16 47.93 73.83 -8.33
CA SER DA 16 47.37 72.81 -7.44
C SER DA 16 45.85 72.81 -7.49
N ASP DA 17 45.23 71.64 -7.31
CA ASP DA 17 43.80 71.62 -7.08
C ASP DA 17 43.55 71.89 -5.59
N SER DA 18 42.34 71.61 -5.15
CA SER DA 18 41.95 71.92 -3.77
C SER DA 18 41.07 70.85 -3.13
N ARG DA 19 40.65 69.85 -3.89
CA ARG DA 19 39.77 68.85 -3.36
C ARG DA 19 40.57 67.93 -2.46
N THR DA 20 40.02 67.65 -1.28
CA THR DA 20 40.78 67.03 -0.24
C THR DA 20 39.93 66.03 0.48
N ASN DA 21 40.49 64.85 0.69
CA ASN DA 21 39.84 63.84 1.47
C ASN DA 21 40.10 64.12 2.93
N ALA DA 22 39.09 64.55 3.67
CA ALA DA 22 39.28 64.97 5.04
C ALA DA 22 38.58 64.02 5.98
N GLY DA 23 38.46 62.76 5.62
CA GLY DA 23 37.71 61.83 6.42
C GLY DA 23 36.63 61.20 5.57
N ILE DA 24 35.87 60.30 6.17
CA ILE DA 24 34.85 59.55 5.42
C ILE DA 24 33.66 60.46 5.28
N ASP DA 25 33.10 60.49 4.06
CA ASP DA 25 31.96 61.35 3.76
C ASP DA 25 32.25 62.82 4.09
N HIS DA 26 33.51 63.22 4.08
CA HIS DA 26 33.87 64.60 4.31
C HIS DA 26 34.95 64.95 3.31
N ILE DA 27 34.51 65.25 2.10
CA ILE DA 27 35.42 65.76 1.08
C ILE DA 27 35.28 67.26 1.01
N ALA DA 28 36.39 67.97 0.93
CA ALA DA 28 36.36 69.39 1.19
C ALA DA 28 37.44 70.13 0.45
N THR DA 29 37.31 71.46 0.45
CA THR DA 29 38.25 72.34 -0.20
C THR DA 29 39.32 72.79 0.77
N PHE DA 30 40.58 72.57 0.42
CA PHE DA 30 41.72 73.10 1.17
C PHE DA 30 42.82 73.55 0.20
N ARG DA 31 43.37 74.74 0.42
CA ARG DA 31 44.44 75.27 -0.40
C ARG DA 31 45.62 74.34 -0.29
N LYS DA 32 46.28 74.07 -1.42
CA LYS DA 32 47.44 73.19 -1.42
C LYS DA 32 48.67 73.89 -2.03
N LEU DA 33 48.67 75.21 -2.00
CA LEU DA 33 49.77 76.00 -2.53
C LEU DA 33 49.96 77.19 -1.61
N PHE DA 34 51.13 77.29 -1.00
CA PHE DA 34 51.42 78.30 -0.02
C PHE DA 34 52.67 79.06 -0.40
N THR DA 35 52.65 80.38 -0.19
CA THR DA 35 53.81 81.22 -0.55
C THR DA 35 54.46 81.84 0.69
N PHE DA 36 55.75 82.12 0.60
CA PHE DA 36 56.48 82.72 1.70
C PHE DA 36 57.51 83.61 1.07
N GLY DA 37 57.93 84.65 1.78
CA GLY DA 37 59.10 85.41 1.33
C GLY DA 37 59.17 86.83 1.82
N THR DA 38 60.28 87.48 1.46
CA THR DA 38 60.47 88.90 1.70
C THR DA 38 60.75 89.55 0.34
N PRO DA 39 59.96 90.59 -0.05
CA PRO DA 39 60.14 91.19 -1.37
C PRO DA 39 61.55 91.72 -1.62
N GLY DA 40 62.08 91.45 -2.81
CA GLY DA 40 63.44 91.87 -3.17
C GLY DA 40 64.54 90.97 -2.67
N GLU DA 41 64.17 89.96 -1.89
CA GLU DA 41 65.13 89.01 -1.31
C GLU DA 41 64.78 87.52 -1.63
N ARG DA 42 63.53 87.08 -1.43
CA ARG DA 42 63.21 85.69 -1.71
C ARG DA 42 61.73 85.38 -1.91
N LEU DA 43 61.48 84.37 -2.73
CA LEU DA 43 60.16 83.77 -2.86
C LEU DA 43 60.28 82.27 -2.68
N LEU DA 44 59.42 81.70 -1.83
CA LEU DA 44 59.37 80.24 -1.72
C LEU DA 44 57.93 79.79 -1.78
N VAL DA 45 57.68 78.71 -2.51
CA VAL DA 45 56.34 78.14 -2.62
C VAL DA 45 56.38 76.71 -2.13
N VAL DA 46 55.40 76.33 -1.33
CA VAL DA 46 55.25 74.95 -0.89
C VAL DA 46 53.91 74.41 -1.33
N GLN DA 47 53.92 73.28 -2.02
CA GLN DA 47 52.69 72.58 -2.35
C GLN DA 47 52.60 71.28 -1.56
N THR DA 48 51.38 70.85 -1.29
CA THR DA 48 51.14 69.73 -0.42
C THR DA 48 50.26 68.68 -1.07
N ALA DA 49 50.48 67.44 -0.67
CA ALA DA 49 49.64 66.32 -1.08
C ALA DA 49 49.73 65.25 -0.02
N GLY DA 50 48.70 64.44 0.11
CA GLY DA 50 48.71 63.36 1.07
C GLY DA 50 47.84 63.69 2.25
N ASN DA 51 48.19 63.15 3.42
CA ASN DA 51 47.38 63.33 4.62
C ASN DA 51 47.22 64.77 5.03
N LEU DA 52 45.96 65.18 5.16
CA LEU DA 52 45.64 66.56 5.48
C LEU DA 52 46.23 66.95 6.83
N ALA DA 53 45.96 66.16 7.86
CA ALA DA 53 46.41 66.51 9.21
C ALA DA 53 47.91 66.74 9.27
N THR DA 54 48.64 65.89 8.61
CA THR DA 54 50.08 65.98 8.63
C THR DA 54 50.51 67.21 7.87
N SER DA 55 50.03 67.38 6.67
CA SER DA 55 50.49 68.50 5.88
C SER DA 55 50.09 69.83 6.50
N GLN DA 56 48.91 69.88 7.09
CA GLN DA 56 48.50 71.10 7.78
C GLN DA 56 49.42 71.43 8.95
N SER DA 57 49.74 70.42 9.74
CA SER DA 57 50.67 70.62 10.84
C SER DA 57 52.05 71.10 10.38
N VAL DA 58 52.56 70.52 9.31
CA VAL DA 58 53.81 70.98 8.77
C VAL DA 58 53.76 72.46 8.37
N ILE DA 59 52.75 72.83 7.59
CA ILE DA 59 52.63 74.21 7.11
C ILE DA 59 52.46 75.16 8.26
N ASN DA 60 51.63 74.77 9.20
CA ASN DA 60 51.39 75.58 10.37
C ASN DA 60 52.66 75.86 11.17
N LEU DA 61 53.50 74.85 11.34
CA LEU DA 61 54.73 75.06 12.10
C LEU DA 61 55.70 75.95 11.33
N LEU DA 62 55.79 75.76 10.03
CA LEU DA 62 56.64 76.63 9.22
C LEU DA 62 56.21 78.08 9.36
N GLN DA 63 54.90 78.35 9.41
CA GLN DA 63 54.41 79.72 9.57
C GLN DA 63 54.73 80.26 10.94
N GLN DA 64 54.40 79.53 11.99
CA GLN DA 64 54.71 79.97 13.36
C GLN DA 64 56.21 80.30 13.50
N ARG DA 65 57.06 79.44 12.95
CA ARG DA 65 58.51 79.57 13.12
C ARG DA 65 59.16 80.70 12.33
N ILE DA 66 58.46 81.17 11.30
CA ILE DA 66 58.92 82.30 10.51
C ILE DA 66 59.11 83.53 11.41
N ARG DA 67 58.14 83.72 12.30
CA ARG DA 67 58.14 84.77 13.33
C ARG DA 67 58.88 84.29 14.61
N ARG DA 68 60.12 83.81 14.47
CA ARG DA 68 60.90 83.29 15.60
C ARG DA 68 62.40 83.17 15.26
N ASP DA 69 63.26 83.56 16.22
CA ASP DA 69 64.73 83.57 16.05
C ASP DA 69 65.28 82.14 16.02
N GLY DA 70 65.56 81.63 14.82
CA GLY DA 70 66.06 80.26 14.64
C GLY DA 70 65.80 79.85 13.21
N ALA DA 71 66.09 78.61 12.86
CA ALA DA 71 65.85 78.13 11.50
C ALA DA 71 64.41 78.33 11.00
N SER DA 72 64.25 78.97 9.84
CA SER DA 72 62.93 79.25 9.26
C SER DA 72 63.05 79.43 7.77
N LEU DA 73 61.94 79.28 7.06
CA LEU DA 73 61.95 79.52 5.63
C LEU DA 73 62.41 80.92 5.19
N LEU DA 74 62.53 81.88 6.10
CA LEU DA 74 62.99 83.22 5.71
C LEU DA 74 64.47 83.48 5.85
N ASN DA 75 65.23 82.57 6.44
CA ASN DA 75 66.63 82.87 6.77
C ASN DA 75 67.55 81.80 6.17
N VAL DA 76 66.98 80.61 5.99
CA VAL DA 76 67.56 79.52 5.24
C VAL DA 76 68.32 80.03 3.99
N PRO DA 77 69.57 79.61 3.80
CA PRO DA 77 70.40 80.24 2.77
C PRO DA 77 70.17 79.80 1.31
N SER DA 78 69.45 78.71 1.08
CA SER DA 78 69.22 78.22 -0.29
C SER DA 78 67.91 77.47 -0.41
N VAL DA 79 67.42 77.34 -1.64
CA VAL DA 79 66.17 76.60 -1.85
C VAL DA 79 66.34 75.15 -1.39
N TYR DA 80 67.52 74.59 -1.64
CA TYR DA 80 67.86 73.28 -1.13
C TYR DA 80 67.58 73.19 0.37
N ASP DA 81 68.18 74.10 1.13
CA ASP DA 81 68.05 74.08 2.59
C ASP DA 81 66.62 74.31 3.04
N ALA DA 82 65.85 75.05 2.24
CA ALA DA 82 64.43 75.23 2.50
C ALA DA 82 63.70 73.89 2.41
N THR DA 83 64.00 73.17 1.33
CA THR DA 83 63.43 71.85 1.11
C THR DA 83 63.78 70.92 2.27
N ALA DA 84 65.04 70.97 2.67
CA ALA DA 84 65.51 70.16 3.78
C ALA DA 84 64.77 70.51 5.05
N LEU DA 85 64.51 71.80 5.24
CA LEU DA 85 63.81 72.25 6.44
C LEU DA 85 62.38 71.74 6.46
N VAL DA 86 61.71 71.79 5.31
CA VAL DA 86 60.37 71.27 5.22
C VAL DA 86 60.40 69.80 5.61
N ALA DA 87 61.32 69.04 5.02
CA ALA DA 87 61.44 67.62 5.33
C ALA DA 87 61.69 67.39 6.82
N GLU DA 88 62.67 68.10 7.35
CA GLU DA 88 63.00 68.09 8.77
C GLU DA 88 61.72 68.28 9.60
N THR DA 89 60.93 69.27 9.23
CA THR DA 89 59.69 69.56 9.94
C THR DA 89 58.72 68.38 9.84
N THR DA 90 58.61 67.81 8.64
CA THR DA 90 57.71 66.68 8.44
C THR DA 90 58.06 65.58 9.41
N ARG DA 91 59.35 65.21 9.48
CA ARG DA 91 59.82 64.15 10.40
C ARG DA 91 59.35 64.41 11.82
N GLU DA 92 59.48 65.66 12.23
CA GLU DA 92 59.08 66.08 13.56
C GLU DA 92 57.59 65.83 13.82
N VAL DA 93 56.75 66.12 12.83
CA VAL DA 93 55.30 65.95 12.96
C VAL DA 93 54.92 64.48 13.04
N ALA DA 95 56.81 61.97 14.04
CA ALA DA 95 57.25 61.47 15.33
C ALA DA 95 56.21 61.66 16.44
N ARG DA 96 55.58 62.82 16.49
CA ARG DA 96 54.65 63.16 17.56
C ARG DA 96 53.29 62.41 17.47
N ASP DA 97 52.71 62.37 16.27
CA ASP DA 97 51.37 61.80 16.03
C ASP DA 97 51.35 60.26 16.00
N SER DA 98 52.48 59.66 15.61
CA SER DA 98 52.68 58.23 15.69
C SER DA 98 52.51 57.73 17.16
N GLY DA 99 51.85 56.58 17.29
CA GLY DA 99 51.55 55.95 18.59
C GLY DA 99 50.59 54.78 18.35
N ASN DA 100 50.14 54.13 19.41
CA ASN DA 100 49.14 53.04 19.27
C ASN DA 100 47.80 53.55 18.75
N LEU DA 101 47.46 54.79 19.13
CA LEU DA 101 46.16 55.39 18.81
C LEU DA 101 45.94 55.60 17.31
N ALA DA 102 46.96 56.09 16.61
CA ALA DA 102 46.90 56.18 15.15
C ALA DA 102 46.67 54.78 14.55
N GLY DA 103 47.39 53.77 15.07
CA GLY DA 103 47.23 52.38 14.61
C GLY DA 103 47.84 52.16 13.24
N ASN DA 104 47.06 51.66 12.28
CA ASN DA 104 47.54 51.42 10.91
C ASN DA 104 47.18 52.52 9.92
N THR DA 105 46.47 53.55 10.38
CA THR DA 105 46.13 54.70 9.52
C THR DA 105 47.38 55.39 8.91
N ASP DA 106 47.26 55.84 7.66
CA ASP DA 106 48.44 56.26 6.88
C ASP DA 106 48.67 57.78 6.89
N LEU DA 107 49.63 58.20 7.71
CA LEU DA 107 49.88 59.62 7.98
C LEU DA 107 50.87 60.30 7.06
N SER DA 108 51.25 59.66 5.96
CA SER DA 108 52.31 60.21 5.13
C SER DA 108 51.81 61.32 4.22
N CYS DA 109 52.71 62.23 3.87
CA CYS DA 109 52.42 63.20 2.81
C CYS DA 109 53.69 63.66 2.12
N SER DA 110 53.48 64.31 0.98
CA SER DA 110 54.53 64.73 0.10
C SER DA 110 54.37 66.20 -0.23
N PHE DA 111 55.46 66.83 -0.68
CA PHE DA 111 55.52 68.26 -0.84
C PHE DA 111 56.33 68.63 -2.04
N VAL DA 113 58.72 72.03 -3.04
CA VAL DA 113 59.26 73.27 -2.56
C VAL DA 113 60.03 73.86 -3.70
N GLY DA 114 59.66 75.05 -4.10
CA GLY DA 114 60.39 75.75 -5.15
C GLY DA 114 60.44 77.24 -4.92
N GLY DA 115 61.33 77.91 -5.62
CA GLY DA 115 61.41 79.35 -5.51
C GLY DA 115 62.79 79.88 -5.85
N GLN DA 116 63.09 81.07 -5.34
CA GLN DA 116 64.39 81.70 -5.59
C GLN DA 116 64.82 82.55 -4.42
N ILE DA 117 66.06 82.41 -4.04
CA ILE DA 117 66.65 83.24 -3.01
C ILE DA 117 67.71 84.11 -3.68
N ALA DA 118 67.77 85.38 -3.27
CA ALA DA 118 68.71 86.35 -3.85
C ALA DA 118 70.09 85.75 -3.95
N GLY DA 119 70.68 85.84 -5.15
CA GLY DA 119 72.06 85.46 -5.35
C GLY DA 119 72.26 84.06 -5.86
N GLY DA 120 71.18 83.35 -6.15
CA GLY DA 120 71.31 82.06 -6.79
C GLY DA 120 70.11 81.83 -7.67
N PRO DA 121 70.24 80.93 -8.64
CA PRO DA 121 69.13 80.69 -9.57
C PRO DA 121 67.88 80.13 -8.87
N PRO DA 122 66.74 80.16 -9.56
CA PRO DA 122 65.56 79.52 -9.03
C PRO DA 122 65.75 78.01 -9.05
N ALA DA 123 65.02 77.32 -8.17
CA ALA DA 123 65.09 75.86 -8.08
C ALA DA 123 63.74 75.26 -7.67
N LEU DA 124 63.61 73.95 -7.87
CA LEU DA 124 62.38 73.24 -7.56
C LEU DA 124 62.67 71.81 -7.10
N TYR DA 125 62.13 71.44 -5.94
CA TYR DA 125 62.35 70.11 -5.39
C TYR DA 125 61.03 69.43 -5.11
N SER DA 126 61.06 68.10 -5.05
CA SER DA 126 59.90 67.33 -4.62
C SER DA 126 60.34 66.43 -3.49
N ILE DA 127 59.59 66.45 -2.40
CA ILE DA 127 59.88 65.61 -1.23
C ILE DA 127 58.93 64.43 -1.23
N TYR DA 128 59.48 63.24 -1.05
CA TYR DA 128 58.68 62.04 -1.08
C TYR DA 128 58.08 61.73 0.29
N PRO DA 129 57.10 60.82 0.34
CA PRO DA 129 56.58 60.38 1.61
C PRO DA 129 57.62 60.06 2.65
N GLN DA 130 58.74 59.48 2.23
CA GLN DA 130 59.76 59.00 3.16
C GLN DA 130 60.78 60.08 3.56
N GLY DA 131 60.67 61.30 3.01
CA GLY DA 131 61.46 62.44 3.48
C GLY DA 131 62.73 62.79 2.72
N ASN DA 132 63.06 61.96 1.73
CA ASN DA 132 64.16 62.24 0.81
C ASN DA 132 63.60 62.94 -0.42
N PHE DA 133 64.43 63.74 -1.07
CA PHE DA 133 63.92 64.57 -2.15
C PHE DA 133 64.79 64.66 -3.38
N ILE DA 134 64.13 65.08 -4.47
CA ILE DA 134 64.81 65.28 -5.73
C ILE DA 134 64.55 66.64 -6.31
N GLN DA 135 65.44 67.01 -7.21
CA GLN DA 135 65.47 68.31 -7.79
C GLN DA 135 65.12 68.21 -9.25
N ALA DA 136 64.31 69.12 -9.72
CA ALA DA 136 63.99 69.18 -11.15
C ALA DA 136 65.16 69.77 -11.89
N THR DA 137 65.39 69.28 -13.11
CA THR DA 137 66.50 69.72 -13.96
C THR DA 137 65.99 70.01 -15.37
N PRO DA 138 66.85 70.57 -16.23
CA PRO DA 138 66.44 70.82 -17.59
C PRO DA 138 65.90 69.61 -18.32
N ASP DA 139 66.49 68.44 -18.09
CA ASP DA 139 66.03 67.19 -18.74
C ASP DA 139 64.68 66.70 -18.14
N THR DA 140 64.44 67.00 -16.87
CA THR DA 140 63.19 66.64 -16.21
C THR DA 140 62.68 67.88 -15.48
N PRO DA 141 62.04 68.78 -16.24
CA PRO DA 141 61.73 70.09 -15.74
C PRO DA 141 60.39 70.24 -15.05
N PHE DA 142 59.58 69.19 -14.99
CA PHE DA 142 58.35 69.27 -14.20
C PHE DA 142 58.18 68.11 -13.28
N LEU DA 143 57.46 68.34 -12.21
CA LEU DA 143 57.25 67.34 -11.17
C LEU DA 143 55.81 67.38 -10.73
N GLN DA 144 55.28 66.23 -10.33
CA GLN DA 144 53.87 66.13 -9.96
C GLN DA 144 53.66 65.48 -8.62
N LEU DA 145 52.57 65.84 -7.97
CA LEU DA 145 52.17 65.15 -6.76
C LEU DA 145 50.75 64.75 -6.90
N GLY DA 146 50.36 63.77 -6.12
CA GLY DA 146 48.98 63.35 -6.07
C GLY DA 146 48.64 62.47 -7.24
N GLU DA 147 47.42 62.67 -7.72
CA GLU DA 147 46.80 61.86 -8.73
C GLU DA 147 47.20 62.45 -10.08
N SER DA 148 48.37 62.04 -10.54
CA SER DA 148 49.04 62.71 -11.65
C SER DA 148 49.16 61.96 -12.98
N LYS DA 149 48.80 60.69 -13.03
CA LYS DA 149 48.98 59.91 -14.27
C LYS DA 149 48.05 60.43 -15.40
N TYR DA 150 46.87 60.86 -15.02
CA TYR DA 150 45.89 61.29 -16.01
C TYR DA 150 46.39 62.46 -16.87
N GLY DA 151 47.08 63.41 -16.24
CA GLY DA 151 47.50 64.62 -16.91
C GLY DA 151 48.98 64.64 -17.24
N LYS DA 152 49.65 63.51 -17.08
CA LYS DA 152 51.07 63.44 -17.40
C LYS DA 152 51.38 63.49 -18.88
N PRO DA 153 50.61 62.77 -19.70
CA PRO DA 153 50.99 62.73 -21.10
C PRO DA 153 51.10 64.08 -21.76
N ILE DA 154 50.15 64.96 -21.54
CA ILE DA 154 50.22 66.25 -22.22
C ILE DA 154 51.50 67.02 -21.82
N LEU DA 155 51.96 66.84 -20.60
CA LEU DA 155 53.18 67.49 -20.16
C LEU DA 155 54.39 66.82 -20.77
N ASP DA 156 54.41 65.49 -20.77
CA ASP DA 156 55.50 64.76 -21.41
C ASP DA 156 55.66 65.17 -22.86
N ARG DA 157 54.55 65.28 -23.56
CA ARG DA 157 54.58 65.61 -24.99
C ARG DA 157 55.11 67.00 -25.30
N ASN DA 158 54.72 68.00 -24.52
CA ASN DA 158 54.88 69.39 -24.93
C ASN DA 158 55.84 70.22 -24.12
N LEU DA 159 56.02 69.87 -22.88
CA LEU DA 159 56.78 70.70 -21.99
C LEU DA 159 58.27 70.41 -22.10
N THR DA 160 59.08 71.46 -22.11
CA THR DA 160 60.55 71.35 -22.03
C THR DA 160 61.07 72.53 -21.25
N PHE DA 161 62.35 72.48 -20.89
CA PHE DA 161 62.95 73.55 -20.11
C PHE DA 161 62.76 74.94 -20.74
N ASP DA 162 62.80 74.98 -22.07
CA ASP DA 162 62.67 76.23 -22.82
C ASP DA 162 61.24 76.70 -23.09
N THR DA 163 60.23 75.92 -22.72
CA THR DA 163 58.85 76.36 -22.87
C THR DA 163 58.66 77.68 -22.09
N PRO DA 164 58.09 78.71 -22.72
CA PRO DA 164 57.83 79.95 -21.98
C PRO DA 164 56.77 79.77 -20.92
N LEU DA 165 56.73 80.68 -19.94
CA LEU DA 165 55.84 80.53 -18.81
C LEU DA 165 54.37 80.50 -19.21
N GLU DA 166 53.92 81.48 -20.01
CA GLU DA 166 52.48 81.55 -20.39
C GLU DA 166 52.07 80.21 -21.02
N GLN DA 167 52.94 79.60 -21.83
CA GLN DA 167 52.59 78.32 -22.47
C GLN DA 167 52.64 77.13 -21.54
N ALA DA 168 53.58 77.15 -20.62
CA ALA DA 168 53.63 76.12 -19.63
C ALA DA 168 52.36 76.13 -18.79
N LEU DA 169 51.94 77.32 -18.38
CA LEU DA 169 50.76 77.45 -17.55
C LEU DA 169 49.55 76.89 -18.26
N ARG DA 170 49.45 77.23 -19.54
CA ARG DA 170 48.37 76.76 -20.38
C ARG DA 170 48.39 75.26 -20.44
N CYS DA 171 49.58 74.72 -20.58
CA CYS DA 171 49.78 73.30 -20.62
C CYS DA 171 49.31 72.63 -19.33
N ALA DA 172 49.72 73.19 -18.20
CA ALA DA 172 49.24 72.73 -16.91
C ALA DA 172 47.73 72.71 -16.82
N LEU DA 173 47.08 73.76 -17.31
CA LEU DA 173 45.63 73.82 -17.22
C LEU DA 173 44.97 72.67 -17.98
N VAL DA 174 45.53 72.31 -19.13
CA VAL DA 174 44.97 71.24 -19.91
C VAL DA 174 45.17 69.94 -19.14
N SER DA 175 46.32 69.82 -18.51
CA SER DA 175 46.57 68.69 -17.63
C SER DA 175 45.43 68.54 -16.61
N PHE DA 176 45.03 69.66 -15.99
CA PHE DA 176 44.00 69.61 -14.97
C PHE DA 176 42.65 69.28 -15.58
N ASP DA 177 42.41 69.80 -16.78
CA ASP DA 177 41.17 69.54 -17.50
C ASP DA 177 40.95 68.03 -17.61
N SER DA 178 41.92 67.34 -18.19
CA SER DA 178 41.78 65.89 -18.35
C SER DA 178 41.65 65.16 -17.00
N THR DA 179 42.45 65.61 -16.01
CA THR DA 179 42.45 64.96 -14.73
C THR DA 179 41.05 65.07 -14.08
N ILE DA 180 40.52 66.29 -14.06
CA ILE DA 180 39.24 66.53 -13.44
C ILE DA 180 38.12 65.72 -14.07
N ARG DA 181 38.18 65.54 -15.38
CA ARG DA 181 37.16 64.75 -16.08
C ARG DA 181 37.20 63.30 -15.76
N SER DA 182 38.38 62.80 -15.44
CA SER DA 182 38.57 61.36 -15.33
C SER DA 182 38.72 60.84 -13.90
N ASN DA 183 38.79 61.74 -12.94
CA ASN DA 183 39.02 61.37 -11.54
C ASN DA 183 38.39 62.36 -10.58
N LEU DA 184 37.38 61.90 -9.85
CA LEU DA 184 36.64 62.77 -8.95
C LEU DA 184 37.39 63.23 -7.74
N SER DA 185 38.51 62.61 -7.41
CA SER DA 185 39.22 62.99 -6.22
C SER DA 185 39.90 64.35 -6.46
N VAL DA 186 40.00 64.74 -7.72
CA VAL DA 186 40.62 66.02 -8.11
C VAL DA 186 39.56 66.98 -8.53
N GLY DA 187 39.71 68.23 -8.12
CA GLY DA 187 38.61 69.18 -8.23
C GLY DA 187 38.95 70.65 -7.99
N PRO DA 189 38.22 74.64 -6.69
CA PRO DA 189 39.07 75.60 -7.35
C PRO DA 189 40.51 75.17 -7.46
N LEU DA 190 41.21 75.76 -8.43
CA LEU DA 190 42.65 75.59 -8.59
C LEU DA 190 43.35 76.83 -8.15
N ASP DA 191 44.60 76.68 -7.78
CA ASP DA 191 45.40 77.79 -7.33
C ASP DA 191 46.69 77.78 -8.17
N LEU DA 192 47.00 78.91 -8.80
CA LEU DA 192 48.15 79.03 -9.67
C LEU DA 192 49.07 80.08 -9.18
N LEU DA 193 50.33 79.93 -9.52
CA LEU DA 193 51.30 80.98 -9.27
C LEU DA 193 52.41 80.89 -10.31
N VAL DA 194 52.72 82.03 -10.92
CA VAL DA 194 53.79 82.14 -11.87
C VAL DA 194 54.84 83.07 -11.32
N TYR DA 195 56.11 82.66 -11.38
CA TYR DA 195 57.20 83.49 -10.86
C TYR DA 195 58.27 83.70 -11.92
N HIS DA 196 58.69 84.95 -12.10
CA HIS DA 196 59.65 85.28 -13.15
C HIS DA 196 61.07 85.25 -12.62
N ARG DA 197 61.96 84.55 -13.35
CA ARG DA 197 63.35 84.37 -12.90
C ARG DA 197 63.95 85.73 -12.58
N ASP DA 198 64.58 85.84 -11.42
CA ASP DA 198 65.29 87.03 -10.96
C ASP DA 198 64.40 88.22 -10.60
N SER DA 199 63.09 88.09 -10.66
CA SER DA 199 62.20 89.18 -10.25
C SER DA 199 62.25 89.41 -8.74
N LEU DA 200 62.43 88.34 -7.95
CA LEU DA 200 62.44 88.42 -6.49
C LEU DA 200 61.24 89.17 -5.86
N ILE DA 201 60.06 89.02 -6.47
CA ILE DA 201 58.81 89.57 -5.93
C ILE DA 201 57.89 88.41 -5.55
N LEU DA 202 56.90 88.67 -4.72
CA LEU DA 202 55.94 87.65 -4.32
C LEU DA 202 54.71 87.85 -5.17
N PRO DA 203 54.58 87.08 -6.26
CA PRO DA 203 53.36 87.21 -7.05
C PRO DA 203 52.11 86.89 -6.25
N GLU DA 204 50.99 87.51 -6.58
CA GLU DA 204 49.80 87.29 -5.78
C GLU DA 204 49.22 85.92 -6.08
N GLY DA 205 49.47 85.41 -7.27
CA GLY DA 205 48.90 84.13 -7.64
C GLY DA 205 47.46 84.34 -8.01
N TYR DA 206 46.77 83.27 -8.42
CA TYR DA 206 45.42 83.41 -8.93
C TYR DA 206 44.63 82.15 -8.70
N ARG DA 207 43.37 82.30 -8.37
CA ARG DA 207 42.51 81.17 -8.16
C ARG DA 207 41.50 80.98 -9.30
N VAL DA 208 41.47 79.77 -9.82
CA VAL DA 208 40.55 79.43 -10.89
C VAL DA 208 39.32 78.77 -10.34
N THR DA 209 38.18 79.44 -10.41
CA THR DA 209 36.94 78.82 -9.97
C THR DA 209 36.16 78.17 -11.10
N GLU DA 210 35.20 77.35 -10.71
CA GLU DA 210 34.14 76.85 -11.57
C GLU DA 210 33.70 77.85 -12.66
N ASP DA 211 33.57 79.12 -12.29
CA ASP DA 211 33.04 80.14 -13.20
C ASP DA 211 34.04 80.76 -14.16
N ASP DA 212 35.32 80.47 -14.00
CA ASP DA 212 36.35 81.22 -14.68
C ASP DA 212 36.08 81.25 -16.18
N ALA DA 213 36.01 82.45 -16.73
CA ALA DA 213 35.73 82.58 -18.16
C ALA DA 213 36.82 81.90 -18.98
N TYR DA 214 38.09 82.21 -18.70
CA TYR DA 214 39.19 81.75 -19.55
C TYR DA 214 39.28 80.25 -19.51
N PHE DA 215 39.28 79.69 -18.32
CA PHE DA 215 39.41 78.25 -18.19
C PHE DA 215 38.21 77.54 -18.83
N SER DA 216 37.01 78.07 -18.67
CA SER DA 216 35.86 77.45 -19.31
C SER DA 216 36.05 77.41 -20.79
N ALA DA 217 36.58 78.49 -21.34
CA ALA DA 217 36.75 78.66 -22.78
C ALA DA 217 37.77 77.67 -23.34
N ILE DA 218 38.92 77.55 -22.70
CA ILE DA 218 39.91 76.67 -23.27
C ILE DA 218 39.48 75.22 -23.14
N ARG DA 219 38.67 74.90 -22.15
CA ARG DA 219 38.14 73.54 -22.03
C ARG DA 219 37.22 73.23 -23.20
N ARG DA 220 36.33 74.16 -23.51
CA ARG DA 220 35.37 74.01 -24.61
C ARG DA 220 36.10 73.88 -25.94
N GLN DA 221 37.17 74.67 -26.11
CA GLN DA 221 38.00 74.63 -27.32
C GLN DA 221 38.75 73.34 -27.46
N TRP DA 222 39.43 72.96 -26.40
CA TRP DA 222 40.17 71.72 -26.38
C TRP DA 222 39.26 70.53 -26.71
N SER DA 223 38.03 70.52 -26.21
CA SER DA 223 37.10 69.43 -26.55
C SER DA 223 36.83 69.38 -28.03
N ALA DA 224 36.43 70.53 -28.57
CA ALA DA 224 36.09 70.65 -29.97
C ALA DA 224 37.28 70.25 -30.84
N GLY DA 225 38.48 70.64 -30.43
CA GLY DA 225 39.68 70.26 -31.13
C GLY DA 225 39.88 68.75 -31.19
N LEU DA 226 39.90 68.11 -30.03
CA LEU DA 226 40.03 66.66 -29.94
C LEU DA 226 38.99 65.93 -30.77
N HIS DA 227 37.75 66.40 -30.72
CA HIS DA 227 36.65 65.74 -31.40
C HIS DA 227 36.87 65.83 -32.91
N ASP DA 228 37.31 67.00 -33.37
CA ASP DA 228 37.72 67.22 -34.79
C ASP DA 228 38.82 66.29 -35.28
N LEU DA 230 39.84 63.59 -34.16
CA LEU DA 230 39.45 62.20 -34.08
C LEU DA 230 38.67 61.79 -35.30
N GLU DA 231 37.80 62.66 -35.77
CA GLU DA 231 36.98 62.35 -36.95
C GLU DA 231 37.76 62.42 -38.23
N ARG DA 232 38.80 63.25 -38.22
CA ARG DA 232 39.62 63.44 -39.40
C ARG DA 232 40.85 62.52 -39.48
N LEU DA 233 41.04 61.67 -38.48
CA LEU DA 233 42.02 60.58 -38.56
C LEU DA 233 41.57 59.54 -39.54
N PRO DA 234 42.52 58.89 -40.20
CA PRO DA 234 42.17 57.93 -41.27
C PRO DA 234 41.63 56.60 -40.73
N SER DA 235 41.00 55.81 -41.60
CA SER DA 235 40.55 54.46 -41.28
C SER DA 235 41.68 53.45 -41.32
N PRO DA 236 41.61 52.40 -40.49
CA PRO DA 236 42.64 51.36 -40.50
C PRO DA 236 42.61 50.66 -41.83
N PRO DA 237 43.78 50.30 -42.39
CA PRO DA 237 43.84 49.57 -43.67
C PRO DA 237 43.09 48.25 -43.69
N SER DA 238 43.06 47.58 -44.85
CA SER DA 238 42.43 46.26 -44.99
C SER DA 238 42.97 45.33 -43.91
N ALA DA 239 44.30 45.20 -43.92
CA ALA DA 239 45.04 44.33 -43.00
C ALA DA 239 44.41 44.17 -41.59
N TYR DA 240 43.92 45.25 -40.98
CA TYR DA 240 43.50 45.20 -39.58
C TYR DA 240 42.26 44.36 -39.20
N ASN DA 241 41.64 43.62 -40.13
CA ASN DA 241 40.38 42.92 -39.78
C ASN DA 241 40.48 41.40 -39.85
N THR EA 1 77.46 29.07 -12.95
CA THR EA 1 76.08 28.59 -13.16
C THR EA 1 75.38 29.50 -14.15
N TYR EA 2 75.10 28.97 -15.32
CA TYR EA 2 74.30 29.67 -16.31
C TYR EA 2 73.60 28.60 -17.11
N CYS EA 3 72.28 28.68 -17.21
CA CYS EA 3 71.52 27.72 -18.01
C CYS EA 3 70.60 28.46 -18.97
N VAL EA 4 70.38 27.89 -20.14
CA VAL EA 4 69.45 28.41 -21.13
C VAL EA 4 68.61 27.29 -21.66
N ALA EA 5 67.36 27.60 -21.95
CA ALA EA 5 66.49 26.67 -22.62
C ALA EA 5 65.65 27.43 -23.60
N HIS EA 7 62.31 27.03 -26.46
CA HIS EA 7 61.20 26.28 -27.00
C HIS EA 7 60.83 26.93 -28.30
N LEU EA 8 61.13 26.19 -29.37
CA LEU EA 8 61.02 26.65 -30.75
C LEU EA 8 60.05 25.79 -31.56
N ALA EA 9 59.75 26.26 -32.75
CA ALA EA 9 58.81 25.60 -33.62
C ALA EA 9 59.19 24.15 -33.79
N ASP EA 10 60.47 23.87 -34.01
CA ASP EA 10 60.92 22.49 -34.30
C ASP EA 10 61.25 21.65 -33.07
N GLY EA 11 61.23 22.22 -31.88
CA GLY EA 11 61.50 21.44 -30.66
C GLY EA 11 62.12 22.25 -29.54
N LEU EA 12 63.01 21.61 -28.78
CA LEU EA 12 63.60 22.22 -27.61
C LEU EA 12 65.10 22.13 -27.69
N VAL EA 13 65.77 23.13 -27.13
CA VAL EA 13 67.23 23.11 -27.00
C VAL EA 13 67.57 23.52 -25.58
N PHE EA 14 68.42 22.74 -24.93
CA PHE EA 14 68.86 23.01 -23.56
C PHE EA 14 70.37 23.11 -23.49
N ALA EA 15 70.88 24.03 -22.68
CA ALA EA 15 72.33 24.11 -22.46
C ALA EA 15 72.65 24.65 -21.09
N SER EA 16 73.59 24.01 -20.41
CA SER EA 16 73.98 24.41 -19.07
C SER EA 16 75.48 24.40 -18.93
N ASP EA 17 76.04 25.27 -18.09
CA ASP EA 17 77.43 25.10 -17.65
C ASP EA 17 77.49 24.05 -16.50
N SER EA 18 78.61 24.01 -15.80
CA SER EA 18 78.82 23.03 -14.75
C SER EA 18 79.57 23.57 -13.54
N ARG EA 19 80.05 24.80 -13.62
CA ARG EA 19 80.83 25.35 -12.52
C ARG EA 19 79.90 25.73 -11.38
N THR EA 20 80.26 25.35 -10.18
CA THR EA 20 79.32 25.33 -9.07
C THR EA 20 79.98 25.74 -7.80
N ASN EA 21 79.34 26.64 -7.07
CA ASN EA 21 79.84 27.10 -5.81
C ASN EA 21 79.38 26.10 -4.79
N ALA EA 22 80.30 25.30 -4.27
CA ALA EA 22 79.96 24.25 -3.35
C ALA EA 22 80.44 24.54 -1.95
N GLY EA 23 80.53 25.80 -1.57
CA GLY EA 23 81.15 26.12 -0.31
C GLY EA 23 82.28 27.09 -0.53
N ILE EA 24 82.89 27.50 0.57
CA ILE EA 24 83.98 28.50 0.48
C ILE EA 24 85.24 27.77 0.06
N ASP EA 25 85.96 28.38 -0.88
CA ASP EA 25 87.17 27.79 -1.42
C ASP EA 25 86.94 26.40 -1.99
N HIS EA 26 85.72 26.11 -2.43
CA HIS EA 26 85.43 24.85 -3.00
C HIS EA 26 84.51 25.07 -4.17
N ILE EA 27 85.11 25.40 -5.30
CA ILE EA 27 84.37 25.53 -6.55
C ILE EA 27 84.58 24.27 -7.36
N ALA EA 28 83.53 23.74 -7.96
CA ALA EA 28 83.60 22.40 -8.50
C ALA EA 28 82.67 22.19 -9.64
N THR EA 29 82.85 21.07 -10.32
CA THR EA 29 82.02 20.69 -11.47
C THR EA 29 80.85 19.82 -11.04
N PHE EA 30 79.64 20.24 -11.39
CA PHE EA 30 78.42 19.43 -11.20
C PHE EA 30 77.49 19.59 -12.40
N ARG EA 31 76.95 18.49 -12.89
CA ARG EA 31 76.03 18.51 -14.00
C ARG EA 31 74.80 19.29 -13.58
N LYS EA 32 74.29 20.13 -14.48
CA LYS EA 32 73.10 20.93 -14.18
C LYS EA 32 71.98 20.68 -15.19
N LEU EA 33 72.04 19.54 -15.85
CA LEU EA 33 71.05 19.20 -16.86
C LEU EA 33 70.79 17.72 -16.72
N PHE EA 34 69.55 17.38 -16.40
CA PHE EA 34 69.15 16.00 -16.15
C PHE EA 34 67.97 15.59 -17.03
N THR EA 35 67.99 14.36 -17.54
CA THR EA 35 66.94 13.89 -18.43
C THR EA 35 66.16 12.75 -17.80
N PHE EA 36 64.91 12.61 -18.20
CA PHE EA 36 64.05 11.55 -17.69
C PHE EA 36 63.15 11.15 -18.83
N GLY EA 37 62.66 9.91 -18.82
CA GLY EA 37 61.60 9.56 -19.76
C GLY EA 37 61.50 8.10 -20.09
N THR EA 38 60.47 7.77 -20.87
CA THR EA 38 60.31 6.44 -21.43
C THR EA 38 60.24 6.60 -22.97
N PRO EA 39 61.10 5.88 -23.73
CA PRO EA 39 61.14 6.07 -25.18
C PRO EA 39 59.79 5.79 -25.87
N GLY EA 40 59.41 6.66 -26.80
CA GLY EA 40 58.15 6.56 -27.50
C GLY EA 40 56.96 7.11 -26.73
N GLU EA 41 57.18 7.56 -25.49
CA GLU EA 41 56.12 8.10 -24.64
C GLU EA 41 56.45 9.52 -24.10
N ARG EA 42 57.65 9.72 -23.54
CA ARG EA 42 57.94 11.05 -23.00
C ARG EA 42 59.43 11.36 -22.83
N LEU EA 43 59.76 12.64 -22.96
CA LEU EA 43 61.08 13.18 -22.57
C LEU EA 43 60.87 14.37 -21.65
N LEU EA 44 61.56 14.40 -20.51
CA LEU EA 44 61.58 15.57 -19.67
C LEU EA 44 63.00 15.93 -19.31
N VAL EA 45 63.31 17.21 -19.36
CA VAL EA 45 64.63 17.71 -18.96
C VAL EA 45 64.49 18.68 -17.81
N VAL EA 46 65.35 18.53 -16.80
CA VAL EA 46 65.37 19.48 -15.70
C VAL EA 46 66.73 20.10 -15.63
N GLN EA 47 66.77 21.43 -15.60
CA GLN EA 47 68.01 22.15 -15.34
C GLN EA 47 67.96 22.83 -13.99
N THR EA 48 69.13 23.02 -13.37
CA THR EA 48 69.21 23.52 -12.02
C THR EA 48 70.11 24.73 -11.91
N ALA EA 49 69.80 25.58 -10.96
CA ALA EA 49 70.66 26.72 -10.63
C ALA EA 49 70.38 27.10 -9.19
N GLY EA 50 71.37 27.68 -8.51
CA GLY EA 50 71.19 28.09 -7.12
C GLY EA 50 71.90 27.15 -6.18
N ASN EA 51 71.38 27.00 -4.98
CA ASN EA 51 72.03 26.20 -3.96
C ASN EA 51 72.17 24.74 -4.37
N LEU EA 52 73.41 24.26 -4.33
CA LEU EA 52 73.71 22.91 -4.71
C LEU EA 52 72.96 21.92 -3.85
N ALA EA 53 73.08 22.03 -2.53
CA ALA EA 53 72.45 21.04 -1.62
C ALA EA 53 70.99 20.88 -1.89
N THR EA 54 70.31 21.99 -2.11
CA THR EA 54 68.89 21.98 -2.32
C THR EA 54 68.59 21.36 -3.65
N SER EA 55 69.23 21.83 -4.70
CA SER EA 55 68.92 21.29 -6.01
C SER EA 55 69.28 19.79 -6.12
N GLN EA 56 70.38 19.37 -5.52
CA GLN EA 56 70.71 17.97 -5.51
C GLN EA 56 69.63 17.17 -4.84
N SER EA 57 69.18 17.62 -3.69
CA SER EA 57 68.17 16.88 -2.96
C SER EA 57 66.90 16.76 -3.79
N VAL EA 58 66.53 17.83 -4.48
CA VAL EA 58 65.34 17.78 -5.31
C VAL EA 58 65.47 16.74 -6.41
N ILE EA 59 66.59 16.78 -7.13
CA ILE EA 59 66.83 15.85 -8.20
C ILE EA 59 66.87 14.42 -7.70
N ASN EA 60 67.56 14.23 -6.58
CA ASN EA 60 67.68 12.92 -6.00
C ASN EA 60 66.33 12.32 -5.65
N LEU EA 61 65.43 13.12 -5.08
CA LEU EA 61 64.12 12.63 -4.71
C LEU EA 61 63.28 12.31 -5.94
N LEU EA 62 63.38 13.14 -6.96
CA LEU EA 62 62.69 12.86 -8.21
C LEU EA 62 63.14 11.51 -8.80
N GLN EA 63 64.43 11.19 -8.74
CA GLN EA 63 64.95 9.91 -9.24
C GLN EA 63 64.49 8.75 -8.41
N GLN EA 64 64.66 8.81 -7.09
CA GLN EA 64 64.15 7.75 -6.21
C GLN EA 64 62.65 7.46 -6.44
N ARG EA 65 61.85 8.51 -6.56
CA ARG EA 65 60.40 8.37 -6.68
C ARG EA 65 59.90 7.87 -8.03
N ILE EA 66 60.74 7.97 -9.05
CA ILE EA 66 60.44 7.44 -10.38
C ILE EA 66 60.16 5.93 -10.27
N ARG EA 67 61.01 5.26 -9.49
CA ARG EA 67 60.91 3.85 -9.17
C ARG EA 67 59.99 3.63 -7.94
N ARG EA 68 58.76 4.15 -7.98
CA ARG EA 68 57.81 4.01 -6.87
C ARG EA 68 56.36 4.36 -7.30
N ASP EA 69 55.41 3.55 -6.83
CA ASP EA 69 53.97 3.69 -7.16
C ASP EA 69 53.35 4.95 -6.52
N GLY EA 70 53.22 6.03 -7.29
CA GLY EA 70 52.73 7.31 -6.78
C GLY EA 70 53.21 8.39 -7.72
N ALA EA 71 52.93 9.66 -7.40
CA ALA EA 71 53.31 10.77 -8.28
C ALA EA 71 54.82 10.78 -8.61
N SER EA 72 55.14 10.83 -9.91
CA SER EA 72 56.52 10.84 -10.36
C SER EA 72 56.62 11.43 -11.76
N LEU EA 73 57.81 11.88 -12.13
CA LEU EA 73 58.02 12.44 -13.46
C LEU EA 73 57.67 11.51 -14.60
N LEU EA 74 57.45 10.22 -14.34
CA LEU EA 74 57.10 9.30 -15.43
C LEU EA 74 55.61 9.08 -15.65
N ASN EA 75 54.75 9.57 -14.77
CA ASN EA 75 53.34 9.20 -14.82
C ASN EA 75 52.46 10.47 -14.89
N VAL EA 76 53.00 11.54 -14.34
CA VAL EA 76 52.49 12.89 -14.51
C VAL EA 76 51.93 13.13 -15.93
N PRO EA 77 50.70 13.64 -16.03
CA PRO EA 77 50.04 13.68 -17.35
C PRO EA 77 50.46 14.81 -18.31
N SER EA 78 51.16 15.84 -17.86
CA SER EA 78 51.55 16.96 -18.72
C SER EA 78 52.84 17.61 -18.26
N VAL EA 79 53.51 18.33 -19.16
CA VAL EA 79 54.74 19.02 -18.79
C VAL EA 79 54.46 20.03 -17.68
N TYR EA 80 53.31 20.68 -17.77
CA TYR EA 80 52.86 21.55 -16.69
C TYR EA 80 52.94 20.83 -15.32
N ASP EA 81 52.27 19.68 -15.23
CA ASP EA 81 52.20 18.94 -13.97
C ASP EA 81 53.56 18.44 -13.52
N ALA EA 82 54.45 18.20 -14.49
CA ALA EA 82 55.83 17.85 -14.18
C ALA EA 82 56.51 19.01 -13.46
N THR EA 83 56.36 20.21 -14.04
CA THR EA 83 56.90 21.43 -13.47
C THR EA 83 56.36 21.61 -12.05
N ALA EA 84 55.06 21.41 -11.89
CA ALA EA 84 54.41 21.55 -10.60
C ALA EA 84 54.99 20.57 -9.60
N LEU EA 85 55.27 19.37 -10.09
CA LEU EA 85 55.82 18.32 -9.22
C LEU EA 85 57.20 18.70 -8.75
N VAL EA 86 58.02 19.22 -9.65
CA VAL EA 86 59.36 19.65 -9.28
C VAL EA 86 59.24 20.71 -8.18
N ALA EA 87 58.38 21.70 -8.41
CA ALA EA 87 58.15 22.76 -7.42
C ALA EA 87 57.70 22.20 -6.07
N GLU EA 88 56.67 21.34 -6.13
CA GLU EA 88 56.16 20.63 -4.97
C GLU EA 88 57.31 19.97 -4.19
N THR EA 89 58.19 19.30 -4.92
CA THR EA 89 59.33 18.63 -4.31
C THR EA 89 60.27 19.64 -3.67
N THR EA 90 60.52 20.74 -4.36
CA THR EA 90 61.40 21.79 -3.84
C THR EA 90 60.88 22.25 -2.48
N ARG EA 91 59.59 22.58 -2.40
CA ARG EA 91 58.95 23.01 -1.13
C ARG EA 91 59.23 22.03 0.00
N GLU EA 92 59.09 20.75 -0.32
CA GLU EA 92 59.32 19.69 0.64
C GLU EA 92 60.76 19.71 1.17
N VAL EA 93 61.73 19.92 0.28
CA VAL EA 93 63.13 19.94 0.69
C VAL EA 93 63.45 21.15 1.57
N ALA EA 95 61.39 22.84 3.48
CA ALA EA 95 60.75 22.63 4.77
C ALA EA 95 61.65 21.86 5.75
N ARG EA 96 62.30 20.81 5.25
CA ARG EA 96 63.09 19.92 6.11
C ARG EA 96 64.42 20.54 6.59
N ASP EA 97 65.16 21.19 5.68
CA ASP EA 97 66.50 21.75 5.95
C ASP EA 97 66.47 23.08 6.72
N SER EA 98 65.39 23.82 6.56
CA SER EA 98 65.13 25.01 7.36
C SER EA 98 65.09 24.67 8.88
N GLY EA 99 65.68 25.56 9.68
CA GLY EA 99 65.78 25.40 11.13
C GLY EA 99 66.72 26.47 11.66
N ASN EA 100 67.01 26.47 12.96
CA ASN EA 100 67.99 27.42 13.55
C ASN EA 100 69.41 27.18 13.01
N LEU EA 101 69.72 25.91 12.74
CA LEU EA 101 71.07 25.49 12.33
C LEU EA 101 71.49 26.08 10.98
N ALA EA 102 70.59 26.08 10.00
CA ALA EA 102 70.87 26.77 8.73
C ALA EA 102 71.13 28.26 8.98
N GLY EA 103 70.33 28.89 9.85
CA GLY EA 103 70.52 30.31 10.21
C GLY EA 103 70.10 31.23 9.08
N ASN EA 104 70.99 32.12 8.65
CA ASN EA 104 70.70 33.07 7.56
C ASN EA 104 71.21 32.63 6.19
N THR EA 105 71.87 31.48 6.13
CA THR EA 105 72.35 30.93 4.85
C THR EA 105 71.21 30.72 3.82
N ASP EA 106 71.50 31.01 2.54
CA ASP EA 106 70.47 31.10 1.50
C ASP EA 106 70.28 29.79 0.72
N LEU EA 107 69.24 29.04 1.08
CA LEU EA 107 69.00 27.71 0.50
C LEU EA 107 68.19 27.65 -0.80
N SER EA 108 67.96 28.77 -1.46
CA SER EA 108 67.00 28.81 -2.55
C SER EA 108 67.63 28.36 -3.85
N CYS EA 109 66.81 27.82 -4.73
CA CYS EA 109 67.27 27.50 -6.07
C CYS EA 109 66.13 27.53 -7.05
N SER EA 110 66.52 27.54 -8.31
CA SER EA 110 65.61 27.66 -9.42
C SER EA 110 65.84 26.53 -10.43
N PHE EA 111 64.84 26.29 -11.26
CA PHE EA 111 64.87 25.17 -12.17
C PHE EA 111 64.25 25.52 -13.51
N VAL EA 113 62.10 23.24 -16.45
CA VAL EA 113 61.53 21.95 -16.74
C VAL EA 113 60.94 22.05 -18.11
N GLY EA 114 61.40 21.21 -19.02
CA GLY EA 114 60.86 21.22 -20.37
C GLY EA 114 60.84 19.83 -20.95
N GLY EA 115 60.07 19.66 -22.01
CA GLY EA 115 60.01 18.37 -22.68
C GLY EA 115 58.72 18.17 -23.43
N GLN EA 116 58.39 16.90 -23.68
CA GLN EA 116 57.17 16.54 -24.36
C GLN EA 116 56.62 15.21 -23.89
N ILE EA 117 55.33 15.18 -23.67
CA ILE EA 117 54.64 13.98 -23.30
C ILE EA 117 53.69 13.63 -24.44
N ALA EA 118 53.61 12.34 -24.75
CA ALA EA 118 52.79 11.83 -25.88
C ALA EA 118 51.41 12.43 -25.86
N GLY EA 119 51.00 13.00 -26.98
CA GLY EA 119 49.65 13.50 -27.12
C GLY EA 119 49.48 14.98 -26.84
N GLY EA 120 50.56 15.68 -26.56
CA GLY EA 120 50.48 17.13 -26.48
C GLY EA 120 51.79 17.74 -26.94
N PRO EA 121 51.77 19.02 -27.29
CA PRO EA 121 52.97 19.65 -27.81
C PRO EA 121 54.09 19.70 -26.78
N PRO EA 122 55.33 19.98 -27.23
CA PRO EA 122 56.41 20.23 -26.29
C PRO EA 122 56.17 21.53 -25.53
N ALA EA 123 56.74 21.63 -24.34
CA ALA EA 123 56.60 22.83 -23.51
C ALA EA 123 57.86 23.07 -22.65
N LEU EA 124 57.98 24.29 -22.12
CA LEU EA 124 59.15 24.69 -21.33
C LEU EA 124 58.74 25.66 -20.26
N TYR EA 125 59.07 25.36 -19.02
CA TYR EA 125 58.77 26.23 -17.88
C TYR EA 125 60.03 26.61 -17.12
N SER EA 126 59.96 27.71 -16.39
CA SER EA 126 61.02 28.10 -15.47
C SER EA 126 60.39 28.29 -14.11
N ILE EA 127 60.99 27.68 -13.09
CA ILE EA 127 60.52 27.81 -11.72
C ILE EA 127 61.43 28.78 -10.97
N TYR EA 128 60.82 29.73 -10.28
CA TYR EA 128 61.58 30.74 -9.57
C TYR EA 128 61.97 30.25 -8.20
N PRO EA 129 62.91 30.96 -7.55
CA PRO EA 129 63.24 30.65 -6.16
C PRO EA 129 62.03 30.43 -5.26
N GLN EA 130 60.95 31.19 -5.47
CA GLN EA 130 59.81 31.18 -4.57
C GLN EA 130 58.79 30.11 -4.93
N GLY EA 131 59.02 29.36 -6.00
CA GLY EA 131 58.21 28.15 -6.30
C GLY EA 131 57.05 28.30 -7.28
N ASN EA 132 56.83 29.53 -7.73
CA ASN EA 132 55.89 29.83 -8.80
C ASN EA 132 56.64 29.86 -10.14
N PHE EA 133 55.94 29.56 -11.21
CA PHE EA 133 56.61 29.39 -12.47
C PHE EA 133 55.94 30.02 -13.65
N ILE EA 134 56.75 30.19 -14.69
CA ILE EA 134 56.25 30.68 -15.97
C ILE EA 134 56.61 29.77 -17.13
N GLN EA 135 55.86 29.96 -18.21
CA GLN EA 135 55.94 29.16 -19.40
C GLN EA 135 56.50 29.99 -20.53
N ALA EA 136 57.42 29.43 -21.28
CA ALA EA 136 57.90 30.10 -22.46
C ALA EA 136 56.86 30.03 -23.56
N THR EA 137 56.78 31.09 -24.35
CA THR EA 137 55.82 31.19 -25.46
C THR EA 137 56.51 31.63 -26.74
N PRO EA 138 55.79 31.62 -27.87
CA PRO EA 138 56.38 32.12 -29.10
C PRO EA 138 56.99 33.53 -29.00
N ASP EA 139 56.34 34.43 -28.25
CA ASP EA 139 56.84 35.82 -28.10
C ASP EA 139 58.06 35.86 -27.18
N THR EA 140 58.14 34.93 -26.23
CA THR EA 140 59.28 34.84 -25.31
C THR EA 140 59.75 33.40 -25.25
N PRO EA 141 60.54 33.00 -26.27
CA PRO EA 141 60.79 31.59 -26.53
C PRO EA 141 62.00 31.05 -25.85
N PHE EA 142 62.77 31.90 -25.16
CA PHE EA 142 63.89 31.36 -24.36
C PHE EA 142 63.87 31.87 -22.95
N LEU EA 143 64.42 31.07 -22.05
CA LEU EA 143 64.47 31.39 -20.63
C LEU EA 143 65.85 31.06 -20.09
N GLN EA 144 66.30 31.83 -19.11
CA GLN EA 144 67.64 31.64 -18.57
C GLN EA 144 67.63 31.48 -17.07
N LEU EA 145 68.64 30.83 -16.56
CA LEU EA 145 68.86 30.77 -15.13
C LEU EA 145 70.27 31.15 -14.86
N GLY EA 146 70.51 31.56 -13.63
CA GLY EA 146 71.86 31.82 -13.19
C GLY EA 146 72.32 33.16 -13.69
N GLU EA 147 73.59 33.20 -14.03
CA GLU EA 147 74.32 34.40 -14.36
C GLU EA 147 74.15 34.66 -15.87
N SER EA 148 73.04 35.31 -16.21
CA SER EA 148 72.54 35.30 -17.58
C SER EA 148 72.55 36.63 -18.32
N LYS EA 149 72.87 37.72 -17.65
CA LYS EA 149 72.82 39.02 -18.33
C LYS EA 149 73.92 39.11 -19.41
N TYR EA 150 75.07 38.50 -19.17
CA TYR EA 150 76.19 38.60 -20.09
C TYR EA 150 75.86 38.08 -21.47
N GLY EA 151 75.13 36.97 -21.52
CA GLY EA 151 74.82 36.32 -22.78
C GLY EA 151 73.41 36.50 -23.25
N LYS EA 152 72.69 37.43 -22.63
CA LYS EA 152 71.32 37.71 -23.05
C LYS EA 152 71.22 38.46 -24.37
N PRO EA 153 72.07 39.48 -24.59
CA PRO EA 153 71.88 40.27 -25.80
C PRO EA 153 71.91 39.45 -27.10
N ILE EA 154 72.87 38.54 -27.24
CA ILE EA 154 72.92 37.79 -28.47
C ILE EA 154 71.62 36.99 -28.71
N LEU EA 155 70.98 36.53 -27.64
CA LEU EA 155 69.73 35.78 -27.77
C LEU EA 155 68.58 36.70 -28.11
N ASP EA 156 68.51 37.83 -27.41
CA ASP EA 156 67.50 38.82 -27.74
C ASP EA 156 67.57 39.21 -29.20
N ARG EA 157 68.78 39.44 -29.71
CA ARG EA 157 68.96 39.92 -31.08
C ARG EA 157 68.54 38.94 -32.13
N ASN EA 158 68.85 37.67 -31.95
CA ASN EA 158 68.79 36.72 -33.04
C ASN EA 158 67.75 35.63 -32.91
N LEU EA 159 67.39 35.28 -31.69
CA LEU EA 159 66.53 34.14 -31.46
C LEU EA 159 65.05 34.49 -31.59
N THR EA 160 64.29 33.64 -32.28
CA THR EA 160 62.83 33.75 -32.34
C THR EA 160 62.24 32.36 -32.37
N PHE EA 161 60.93 32.27 -32.22
CA PHE EA 161 60.26 30.97 -32.18
C PHE EA 161 60.59 30.11 -33.40
N ASP EA 162 60.74 30.77 -34.54
CA ASP EA 162 61.00 30.09 -35.81
C ASP EA 162 62.48 29.76 -36.09
N THR EA 163 63.39 30.21 -35.25
CA THR EA 163 64.80 29.86 -35.43
C THR EA 163 64.91 28.32 -35.44
N PRO EA 164 65.59 27.73 -36.44
CA PRO EA 164 65.80 26.27 -36.42
C PRO EA 164 66.71 25.83 -35.28
N LEU EA 165 66.66 24.55 -34.93
CA LEU EA 165 67.37 24.05 -33.77
C LEU EA 165 68.89 24.22 -33.91
N GLU EA 166 69.48 23.77 -35.03
CA GLU EA 166 70.92 23.86 -35.23
C GLU EA 166 71.39 25.32 -34.99
N GLN EA 167 70.63 26.30 -35.47
CA GLN EA 167 71.02 27.71 -35.30
C GLN EA 167 70.80 28.24 -33.90
N ALA EA 168 69.74 27.77 -33.24
CA ALA EA 168 69.51 28.14 -31.86
C ALA EA 168 70.63 27.63 -30.98
N LEU EA 169 71.06 26.39 -31.21
CA LEU EA 169 72.14 25.81 -30.43
C LEU EA 169 73.42 26.61 -30.59
N ARG EA 170 73.71 26.97 -31.82
CA ARG EA 170 74.86 27.77 -32.14
C ARG EA 170 74.80 29.10 -31.39
N CYS EA 171 73.62 29.67 -31.39
CA CYS EA 171 73.39 30.91 -30.73
C CYS EA 171 73.66 30.79 -29.24
N ALA EA 172 73.12 29.74 -28.64
CA ALA EA 172 73.39 29.43 -27.23
C ALA EA 172 74.88 29.35 -26.95
N LEU EA 173 75.63 28.68 -27.83
CA LEU EA 173 77.06 28.53 -27.61
C LEU EA 173 77.78 29.88 -27.57
N VAL EA 174 77.37 30.80 -28.42
CA VAL EA 174 77.98 32.12 -28.42
C VAL EA 174 77.64 32.84 -27.12
N SER EA 175 76.40 32.64 -26.67
CA SER EA 175 75.98 33.16 -25.37
C SER EA 175 76.94 32.71 -24.27
N PHE EA 176 77.29 31.43 -24.28
CA PHE EA 176 78.21 30.90 -23.27
C PHE EA 176 79.61 31.43 -23.43
N ASP EA 177 80.03 31.60 -24.68
CA ASP EA 177 81.35 32.16 -24.96
C ASP EA 177 81.50 33.48 -24.20
N SER EA 178 80.61 34.42 -24.46
CA SER EA 178 80.73 35.75 -23.85
C SER EA 178 80.69 35.65 -22.35
N THR EA 179 79.80 34.79 -21.86
CA THR EA 179 79.56 34.68 -20.43
C THR EA 179 80.85 34.18 -19.75
N ILE EA 180 81.41 33.12 -20.30
CA ILE EA 180 82.61 32.56 -19.75
C ILE EA 180 83.78 33.52 -19.71
N ARG EA 181 83.90 34.36 -20.73
CA ARG EA 181 84.98 35.33 -20.77
C ARG EA 181 84.83 36.40 -19.73
N SER EA 182 83.60 36.72 -19.37
CA SER EA 182 83.36 37.90 -18.56
C SER EA 182 83.00 37.61 -17.11
N ASN EA 183 82.82 36.34 -16.76
CA ASN EA 183 82.39 35.97 -15.43
C ASN EA 183 82.93 34.60 -15.06
N LEU EA 184 83.83 34.57 -14.09
CA LEU EA 184 84.46 33.33 -13.69
C LEU EA 184 83.55 32.32 -13.02
N SER EA 185 82.38 32.74 -12.53
CA SER EA 185 81.51 31.80 -11.81
C SER EA 185 80.91 30.82 -12.80
N VAL EA 186 81.01 31.14 -14.09
CA VAL EA 186 80.51 30.29 -15.15
C VAL EA 186 81.68 29.62 -15.86
N GLY EA 187 81.51 28.34 -16.20
CA GLY EA 187 82.65 27.54 -16.62
C GLY EA 187 82.35 26.16 -17.19
N PRO EA 189 82.98 22.09 -18.12
CA PRO EA 189 82.28 21.65 -19.31
C PRO EA 189 80.87 22.16 -19.38
N LEU EA 190 80.33 22.19 -20.60
CA LEU EA 190 78.91 22.45 -20.82
C LEU EA 190 78.20 21.18 -21.18
N ASP EA 191 76.89 21.16 -20.96
CA ASP EA 191 76.07 20.01 -21.27
C ASP EA 191 74.92 20.52 -22.14
N LEU EA 192 74.75 19.89 -23.30
CA LEU EA 192 73.72 20.29 -24.25
C LEU EA 192 72.77 19.16 -24.49
N LEU EA 193 71.55 19.52 -24.87
CA LEU EA 193 70.61 18.54 -25.35
C LEU EA 193 69.66 19.19 -26.33
N VAL EA 194 69.47 18.54 -27.47
CA VAL EA 194 68.54 18.98 -28.49
C VAL EA 194 67.43 17.94 -28.64
N TYR EA 195 66.18 18.37 -28.65
CA TYR EA 195 65.06 17.44 -28.78
C TYR EA 195 64.17 17.87 -29.93
N HIS EA 196 63.82 16.91 -30.79
CA HIS EA 196 63.01 17.20 -31.98
C HIS EA 196 61.51 17.01 -31.70
N ARG EA 197 60.72 18.02 -32.06
CA ARG EA 197 59.29 18.00 -31.77
C ARG EA 197 58.69 16.71 -32.29
N ASP EA 198 57.90 16.05 -31.45
CA ASP EA 198 57.17 14.81 -31.78
C ASP EA 198 58.03 13.56 -31.95
N SER EA 199 59.34 13.67 -31.75
CA SER EA 199 60.22 12.49 -31.87
C SER EA 199 59.97 11.48 -30.73
N LEU EA 200 59.64 12.00 -29.54
CA LEU EA 200 59.44 11.18 -28.33
C LEU EA 200 60.56 10.18 -28.04
N ILE EA 201 61.80 10.57 -28.33
CA ILE EA 201 62.99 9.77 -27.99
C ILE EA 201 63.80 10.52 -26.93
N LEU EA 202 64.68 9.81 -26.23
CA LEU EA 202 65.56 10.43 -25.25
C LEU EA 202 66.91 10.67 -25.89
N PRO EA 203 67.18 11.88 -26.38
CA PRO EA 203 68.49 12.12 -26.99
C PRO EA 203 69.60 11.91 -26.00
N GLU EA 204 70.78 11.52 -26.45
CA GLU EA 204 71.85 11.26 -25.50
C GLU EA 204 72.43 12.56 -24.96
N GLY EA 205 72.33 13.63 -25.73
CA GLY EA 205 72.87 14.90 -25.30
C GLY EA 205 74.36 14.86 -25.54
N TYR EA 206 75.06 15.94 -25.23
CA TYR EA 206 76.47 16.03 -25.56
C TYR EA 206 77.18 16.96 -24.59
N ARG EA 207 78.41 16.61 -24.24
CA ARG EA 207 79.19 17.42 -23.35
C ARG EA 207 80.35 18.14 -24.07
N VAL EA 208 80.40 19.46 -23.87
CA VAL EA 208 81.43 20.25 -24.48
C VAL EA 208 82.55 20.50 -23.51
N THR EA 209 83.71 19.91 -23.77
CA THR EA 209 84.86 20.16 -22.90
C THR EA 209 85.74 21.29 -23.41
N GLU EA 210 86.62 21.73 -22.54
CA GLU EA 210 87.78 22.56 -22.87
C GLU EA 210 88.40 22.26 -24.24
N ASP EA 211 88.52 20.98 -24.58
CA ASP EA 211 89.20 20.55 -25.80
C ASP EA 211 88.35 20.56 -27.05
N ASP EA 212 87.05 20.79 -26.94
CA ASP EA 212 86.14 20.54 -28.05
C ASP EA 212 86.60 21.29 -29.30
N ALA EA 213 86.80 20.55 -30.40
CA ALA EA 213 87.29 21.15 -31.64
C ALA EA 213 86.31 22.21 -32.16
N TYR EA 214 85.03 21.85 -32.24
CA TYR EA 214 84.03 22.73 -32.82
C TYR EA 214 83.86 24.00 -32.01
N PHE EA 215 83.67 23.85 -30.71
CA PHE EA 215 83.48 25.02 -29.86
C PHE EA 215 84.73 25.90 -29.87
N SER EA 216 85.92 25.32 -29.83
CA SER EA 216 87.13 26.14 -29.91
C SER EA 216 87.14 26.97 -31.16
N ALA EA 217 86.71 26.35 -32.27
CA ALA EA 217 86.77 26.97 -33.59
C ALA EA 217 85.81 28.14 -33.69
N ILE EA 218 84.57 27.94 -33.26
CA ILE EA 218 83.63 29.04 -33.40
C ILE EA 218 83.97 30.18 -32.46
N ARG EA 219 84.63 29.90 -31.34
CA ARG EA 219 85.10 30.99 -30.47
C ARG EA 219 86.18 31.83 -31.14
N ARG EA 220 87.15 31.16 -31.75
CA ARG EA 220 88.22 31.83 -32.49
C ARG EA 220 87.67 32.66 -33.65
N GLN EA 221 86.69 32.11 -34.36
CA GLN EA 221 86.04 32.80 -35.49
C GLN EA 221 85.27 34.01 -35.02
N TRP EA 222 84.44 33.81 -34.01
CA TRP EA 222 83.65 34.88 -33.47
C TRP EA 222 84.54 36.03 -33.02
N SER EA 223 85.69 35.74 -32.41
CA SER EA 223 86.59 36.82 -32.00
C SER EA 223 87.09 37.62 -33.16
N ALA EA 224 87.60 36.89 -34.15
CA ALA EA 224 88.13 37.50 -35.36
C ALA EA 224 87.06 38.33 -36.03
N GLY EA 225 85.84 37.81 -36.07
CA GLY EA 225 84.73 38.52 -36.69
C GLY EA 225 84.47 39.86 -36.01
N LEU EA 226 84.25 39.82 -34.70
CA LEU EA 226 84.02 41.01 -33.91
C LEU EA 226 85.13 42.03 -34.06
N HIS EA 227 86.37 41.57 -34.03
CA HIS EA 227 87.51 42.46 -34.13
C HIS EA 227 87.51 43.17 -35.50
N ASP EA 228 87.21 42.41 -36.55
CA ASP EA 228 87.07 42.95 -37.92
C ASP EA 228 86.00 44.03 -38.01
N LEU EA 230 84.60 45.79 -35.92
CA LEU EA 230 84.90 46.95 -35.10
C LEU EA 230 85.85 47.90 -35.79
N GLU EA 231 86.84 47.37 -36.49
CA GLU EA 231 87.82 48.21 -37.20
C GLU EA 231 87.26 48.81 -38.47
N ARG EA 232 86.29 48.12 -39.07
CA ARG EA 232 85.66 48.57 -40.30
C ARG EA 232 84.39 49.43 -40.10
N LEU EA 233 83.99 49.65 -38.85
CA LEU EA 233 83.00 50.67 -38.52
C LEU EA 233 83.54 52.06 -38.76
N PRO EA 234 82.68 53.00 -39.14
CA PRO EA 234 83.15 54.36 -39.40
C PRO EA 234 83.57 55.13 -38.14
N SER EA 235 84.33 56.19 -38.34
CA SER EA 235 84.72 57.07 -37.25
C SER EA 235 83.59 58.04 -36.90
N PRO EA 236 83.48 58.41 -35.61
CA PRO EA 236 82.53 59.45 -35.20
C PRO EA 236 82.83 60.78 -35.89
N PRO EA 237 81.80 61.55 -36.32
CA PRO EA 237 82.00 62.86 -36.93
C PRO EA 237 82.79 63.87 -36.07
N SER EA 238 83.07 65.05 -36.62
CA SER EA 238 83.68 66.16 -35.86
C SER EA 238 82.95 66.38 -34.55
N ALA EA 239 81.63 66.66 -34.68
CA ALA EA 239 80.73 66.93 -33.57
C ALA EA 239 81.09 66.21 -32.24
N TYR EA 240 81.43 64.92 -32.28
CA TYR EA 240 81.59 64.13 -31.06
C TYR EA 240 82.76 64.44 -30.08
N ASN EA 241 83.56 65.50 -30.30
CA ASN EA 241 84.74 65.71 -29.44
C ASN EA 241 84.73 67.01 -28.60
N THR FA 1 70.26 53.05 -15.91
CA THR FA 1 71.54 53.54 -15.34
C THR FA 1 72.68 52.60 -15.71
N TYR FA 2 73.56 53.06 -16.57
CA TYR FA 2 74.75 52.31 -16.93
C TYR FA 2 75.80 53.33 -17.28
N CYS FA 3 76.96 53.27 -16.62
CA CYS FA 3 78.04 54.20 -16.91
C CYS FA 3 79.31 53.42 -17.14
N VAL FA 4 80.16 53.93 -18.04
CA VAL FA 4 81.48 53.36 -18.31
C VAL FA 4 82.48 54.46 -18.34
N ALA FA 5 83.68 54.16 -17.88
CA ALA FA 5 84.79 55.07 -18.01
C ALA FA 5 86.03 54.26 -18.31
N HIS FA 7 90.39 54.52 -18.92
CA HIS FA 7 91.63 55.24 -18.80
C HIS FA 7 92.65 54.52 -19.63
N LEU FA 8 93.01 55.19 -20.72
CA LEU FA 8 93.85 54.65 -21.78
C LEU FA 8 95.09 55.48 -21.98
N ALA FA 9 96.01 54.94 -22.77
CA ALA FA 9 97.29 55.56 -23.00
C ALA FA 9 97.10 56.99 -23.45
N ASP FA 10 96.15 57.23 -24.37
CA ASP FA 10 95.95 58.58 -24.93
C ASP FA 10 95.00 59.50 -24.16
N GLY FA 11 94.36 59.00 -23.12
CA GLY FA 11 93.49 59.85 -22.30
C GLY FA 11 92.35 59.11 -21.64
N LEU FA 12 91.20 59.78 -21.53
CA LEU FA 12 90.04 59.24 -20.86
C LEU FA 12 88.84 59.30 -21.76
N VAL FA 13 87.95 58.33 -21.61
CA VAL FA 13 86.67 58.33 -22.30
C VAL FA 13 85.60 58.02 -21.27
N PHE FA 14 84.54 58.83 -21.24
CA PHE FA 14 83.41 58.63 -20.33
C PHE FA 14 82.09 58.52 -21.08
N ALA FA 15 81.20 57.64 -20.64
CA ALA FA 15 79.88 57.53 -21.27
C ALA FA 15 78.85 57.06 -20.26
N SER FA 16 77.71 57.73 -20.25
CA SER FA 16 76.63 57.40 -19.35
C SER FA 16 75.31 57.40 -20.06
N ASP FA 17 74.37 56.58 -19.60
CA ASP FA 17 72.97 56.75 -20.04
C ASP FA 17 72.31 57.86 -19.21
N SER FA 18 70.98 57.92 -19.26
CA SER FA 18 70.23 58.95 -18.55
C SER FA 18 68.94 58.47 -17.90
N ARG FA 19 68.57 57.22 -18.15
CA ARG FA 19 67.30 56.74 -17.64
C ARG FA 19 67.46 56.47 -16.15
N THR FA 20 66.48 56.93 -15.38
CA THR FA 20 66.64 57.00 -13.97
C THR FA 20 65.37 56.64 -13.27
N ASN FA 21 65.49 55.80 -12.26
CA ASN FA 21 64.35 55.46 -11.45
C ASN FA 21 64.17 56.51 -10.40
N ALA FA 22 63.13 57.31 -10.52
CA ALA FA 22 62.94 58.45 -9.64
C ALA FA 22 61.73 58.24 -8.76
N GLY FA 23 61.41 57.00 -8.43
CA GLY FA 23 60.21 56.74 -7.67
C GLY FA 23 59.38 55.74 -8.42
N ILE FA 24 58.25 55.37 -7.84
CA ILE FA 24 57.38 54.36 -8.45
C ILE FA 24 56.59 55.03 -9.54
N ASP FA 25 56.50 54.37 -10.68
CA ASP FA 25 55.81 54.90 -11.84
C ASP FA 25 56.35 56.29 -12.24
N HIS FA 26 57.60 56.58 -11.94
CA HIS FA 26 58.20 57.84 -12.35
C HIS FA 26 59.62 57.52 -12.81
N ILE FA 27 59.73 57.09 -14.05
CA ILE FA 27 61.04 56.89 -14.67
C ILE FA 27 61.33 58.09 -15.54
N ALA FA 28 62.54 58.60 -15.48
CA ALA FA 28 62.82 59.90 -16.03
C ALA FA 28 64.26 60.05 -16.48
N THR FA 29 64.50 61.14 -17.20
CA THR FA 29 65.82 61.44 -17.74
C THR FA 29 66.58 62.37 -16.80
N PHE FA 30 67.78 61.95 -16.40
CA PHE FA 30 68.68 62.78 -15.60
C PHE FA 30 70.12 62.56 -16.04
N ARG FA 31 70.84 63.66 -16.22
CA ARG FA 31 72.24 63.58 -16.64
C ARG FA 31 73.02 62.83 -15.57
N LYS FA 32 73.92 61.94 -15.99
CA LYS FA 32 74.74 61.20 -15.02
C LYS FA 32 76.22 61.40 -15.27
N LEU FA 33 76.58 62.49 -15.92
CA LEU FA 33 77.96 62.78 -16.23
C LEU FA 33 78.14 64.26 -16.07
N PHE FA 34 79.01 64.66 -15.14
CA PHE FA 34 79.22 66.05 -14.79
C PHE FA 34 80.69 66.42 -14.87
N THR FA 35 80.98 67.62 -15.38
CA THR FA 35 82.36 68.03 -15.58
C THR FA 35 82.67 69.20 -14.67
N PHE FA 36 83.93 69.34 -14.30
CA PHE FA 36 84.40 70.45 -13.48
C PHE FA 36 85.80 70.80 -13.94
N GLY FA 37 86.22 72.05 -13.74
CA GLY FA 37 87.62 72.37 -14.00
C GLY FA 37 87.91 73.81 -14.32
N THR FA 38 89.20 74.11 -14.44
CA THR FA 38 89.68 75.42 -14.89
C THR FA 38 90.57 75.15 -16.11
N PRO FA 39 90.28 75.81 -17.27
CA PRO FA 39 91.06 75.54 -18.49
C PRO FA 39 92.57 75.80 -18.32
N GLY FA 40 93.38 74.87 -18.84
CA GLY FA 40 94.83 74.95 -18.73
C GLY FA 40 95.39 74.45 -17.40
N GLU FA 41 94.52 74.07 -16.47
CA GLU FA 41 94.92 73.61 -15.13
C GLU FA 41 94.31 72.24 -14.78
N ARG FA 42 93.00 72.04 -14.96
CA ARG FA 42 92.43 70.73 -14.60
C ARG FA 42 91.08 70.42 -15.24
N LEU FA 43 90.86 69.12 -15.45
CA LEU FA 43 89.56 68.60 -15.83
C LEU FA 43 89.19 67.47 -14.88
N LEU FA 44 87.99 67.51 -14.34
CA LEU FA 44 87.48 66.38 -13.56
C LEU FA 44 86.08 66.03 -14.01
N VAL FA 45 85.82 64.74 -14.13
CA VAL FA 45 84.50 64.25 -14.51
C VAL FA 45 83.95 63.35 -13.42
N VAL FA 46 82.69 63.55 -13.06
CA VAL FA 46 82.04 62.68 -12.10
C VAL FA 46 80.82 62.02 -12.73
N GLN FA 47 80.76 60.70 -12.64
CA GLN FA 47 79.57 59.97 -13.07
C GLN FA 47 78.87 59.37 -11.88
N THR FA 48 77.57 59.22 -12.01
CA THR FA 48 76.72 58.80 -10.89
C THR FA 48 75.89 57.58 -11.24
N ALA FA 49 75.60 56.79 -10.24
CA ALA FA 49 74.68 55.66 -10.36
C ALA FA 49 74.11 55.39 -9.00
N GLY FA 50 72.92 54.84 -8.96
CA GLY FA 50 72.28 54.53 -7.68
C GLY FA 50 71.19 55.52 -7.34
N ASN FA 51 70.95 55.73 -6.06
CA ASN FA 51 69.86 56.57 -5.64
C ASN FA 51 69.99 58.01 -6.14
N LEU FA 52 68.95 58.47 -6.80
CA LEU FA 52 68.91 59.80 -7.37
C LEU FA 52 69.07 60.89 -6.31
N ALA FA 53 68.25 60.84 -5.26
CA ALA FA 53 68.29 61.86 -4.22
C ALA FA 53 69.66 62.02 -3.63
N THR FA 54 70.31 60.91 -3.36
CA THR FA 54 71.64 60.94 -2.77
C THR FA 54 72.66 61.51 -3.76
N SER FA 55 72.69 60.96 -4.96
CA SER FA 55 73.68 61.42 -5.89
C SER FA 55 73.47 62.89 -6.25
N GLN FA 56 72.23 63.32 -6.38
CA GLN FA 56 71.98 64.72 -6.67
C GLN FA 56 72.49 65.60 -5.56
N SER FA 57 72.22 65.24 -4.32
CA SER FA 57 72.70 66.02 -3.22
C SER FA 57 74.23 66.10 -3.21
N VAL FA 58 74.91 65.00 -3.50
CA VAL FA 58 76.35 65.01 -3.54
C VAL FA 58 76.85 65.97 -4.60
N ILE FA 59 76.33 65.86 -5.80
CA ILE FA 59 76.75 66.73 -6.89
C ILE FA 59 76.46 68.18 -6.58
N ASN FA 60 75.28 68.43 -6.03
CA ASN FA 60 74.88 69.79 -5.70
C ASN FA 60 75.81 70.44 -4.69
N LEU FA 61 76.23 69.69 -3.69
CA LEU FA 61 77.14 70.23 -2.68
C LEU FA 61 78.52 70.48 -3.27
N LEU FA 62 79.00 69.57 -4.13
CA LEU FA 62 80.27 69.80 -4.78
C LEU FA 62 80.25 71.09 -5.61
N GLN FA 63 79.12 71.37 -6.27
CA GLN FA 63 79.01 72.60 -7.06
C GLN FA 63 78.99 73.82 -6.16
N GLN FA 64 78.13 73.84 -5.15
CA GLN FA 64 78.05 74.98 -4.23
C GLN FA 64 79.43 75.28 -3.62
N ARG FA 65 80.14 74.23 -3.22
CA ARG FA 65 81.43 74.40 -2.53
C ARG FA 65 82.59 74.84 -3.41
N ILE FA 66 82.45 74.65 -4.71
CA ILE FA 66 83.45 75.10 -5.68
C ILE FA 66 83.65 76.61 -5.51
N ARG FA 67 82.52 77.31 -5.37
CA ARG FA 67 82.47 78.75 -5.15
C ARG FA 67 82.55 79.07 -3.64
N ARG FA 68 83.58 78.56 -2.95
CA ARG FA 68 83.76 78.76 -1.51
C ARG FA 68 85.18 78.41 -1.04
N ASP FA 69 85.74 79.27 -0.17
CA ASP FA 69 87.14 79.14 0.33
C ASP FA 69 87.29 77.94 1.29
N GLY FA 70 87.81 76.83 0.77
CA GLY FA 70 87.93 75.58 1.54
C GLY FA 70 88.04 74.44 0.57
N ALA FA 71 88.07 73.19 1.06
CA ALA FA 71 88.19 72.02 0.18
C ALA FA 71 87.12 71.97 -0.91
N SER FA 72 87.55 71.84 -2.17
CA SER FA 72 86.65 71.77 -3.31
C SER FA 72 87.31 71.10 -4.48
N LEU FA 73 86.52 70.60 -5.41
CA LEU FA 73 87.08 69.95 -6.61
C LEU FA 73 88.03 70.82 -7.42
N LEU FA 74 88.08 72.13 -7.17
CA LEU FA 74 89.00 72.98 -7.93
C LEU FA 74 90.36 73.21 -7.32
N ASN FA 75 90.60 72.78 -6.08
CA ASN FA 75 91.81 73.18 -5.38
C ASN FA 75 92.55 71.93 -4.89
N VAL FA 76 91.77 70.89 -4.67
CA VAL FA 76 92.26 69.55 -4.42
C VAL FA 76 93.51 69.26 -5.28
N PRO FA 77 94.60 68.78 -4.65
CA PRO FA 77 95.86 68.64 -5.39
C PRO FA 77 96.02 67.44 -6.34
N SER FA 78 95.15 66.42 -6.29
CA SER FA 78 95.28 65.24 -7.15
C SER FA 78 93.93 64.60 -7.44
N VAL FA 79 93.86 63.83 -8.51
CA VAL FA 79 92.62 63.12 -8.84
C VAL FA 79 92.23 62.17 -7.71
N TYR FA 80 93.22 61.53 -7.10
CA TYR FA 80 92.98 60.76 -5.89
C TYR FA 80 92.19 61.57 -4.84
N ASP FA 81 92.71 62.73 -4.47
CA ASP FA 81 92.09 63.56 -3.43
C ASP FA 81 90.72 64.06 -3.85
N ALA FA 82 90.50 64.23 -5.15
CA ALA FA 82 89.19 64.57 -5.66
C ALA FA 82 88.22 63.45 -5.36
N THR FA 83 88.65 62.21 -5.68
CA THR FA 83 87.84 61.02 -5.43
C THR FA 83 87.50 60.91 -3.95
N ALA FA 84 88.50 61.15 -3.12
CA ALA FA 84 88.33 61.10 -1.68
C ALA FA 84 87.32 62.15 -1.22
N LEU FA 85 87.38 63.32 -1.86
CA LEU FA 85 86.47 64.38 -1.50
C LEU FA 85 85.02 63.99 -1.85
N VAL FA 86 84.83 63.39 -3.01
CA VAL FA 86 83.50 62.99 -3.41
C VAL FA 86 82.98 62.04 -2.37
N ALA FA 87 83.80 61.05 -2.02
CA ALA FA 87 83.42 60.05 -1.03
C ALA FA 87 83.07 60.69 0.30
N GLU FA 88 83.97 61.53 0.78
CA GLU FA 88 83.76 62.32 1.97
C GLU FA 88 82.38 63.00 1.93
N THR FA 89 82.06 63.62 0.80
CA THR FA 89 80.80 64.33 0.63
C THR FA 89 79.63 63.35 0.69
N THR FA 90 79.79 62.20 0.04
CA THR FA 90 78.75 61.16 0.08
C THR FA 90 78.42 60.79 1.53
N ARG FA 91 79.44 60.49 2.34
CA ARG FA 91 79.26 60.16 3.76
C ARG FA 91 78.43 61.19 4.49
N GLU FA 92 78.75 62.45 4.22
CA GLU FA 92 78.04 63.55 4.82
C GLU FA 92 76.55 63.52 4.48
N VAL FA 93 76.23 63.24 3.22
CA VAL FA 93 74.84 63.23 2.77
C VAL FA 93 74.05 62.07 3.38
N ALA FA 95 74.70 60.52 6.24
CA ALA FA 95 74.51 60.84 7.66
C ALA FA 95 73.25 61.66 7.92
N ARG FA 96 73.01 62.68 7.10
CA ARG FA 96 71.88 63.60 7.32
C ARG FA 96 70.49 62.98 7.03
N ASP FA 97 70.37 62.26 5.90
CA ASP FA 97 69.08 61.70 5.41
C ASP FA 97 68.65 60.42 6.14
N SER FA 98 69.63 59.69 6.64
CA SER FA 98 69.38 58.55 7.52
C SER FA 98 68.58 58.99 8.77
N GLY FA 99 67.63 58.13 9.17
CA GLY FA 99 66.75 58.37 10.32
C GLY FA 99 65.65 57.31 10.31
N ASN FA 100 64.69 57.40 11.23
CA ASN FA 100 63.55 56.45 11.24
C ASN FA 100 62.66 56.62 10.01
N LEU FA 101 62.56 57.87 9.52
CA LEU FA 101 61.67 58.23 8.42
C LEU FA 101 62.05 57.56 7.09
N ALA FA 102 63.35 57.52 6.77
CA ALA FA 102 63.81 56.77 5.60
C ALA FA 102 63.43 55.28 5.76
N GLY FA 103 63.61 54.71 6.95
CA GLY FA 103 63.24 53.32 7.23
C GLY FA 103 64.20 52.34 6.59
N ASN FA 104 63.68 51.40 5.79
CA ASN FA 104 64.51 50.40 5.08
C ASN FA 104 64.83 50.74 3.64
N THR FA 105 64.33 51.88 3.15
CA THR FA 105 64.64 52.35 1.80
C THR FA 105 66.17 52.51 1.55
N ASP FA 106 66.64 52.16 0.35
CA ASP FA 106 68.06 52.03 0.06
C ASP FA 106 68.69 53.28 -0.58
N LEU FA 107 69.37 54.07 0.24
CA LEU FA 107 69.90 55.38 -0.17
C LEU FA 107 71.29 55.38 -0.80
N SER FA 108 71.83 54.22 -1.14
CA SER FA 108 73.23 54.15 -1.51
C SER FA 108 73.42 54.53 -2.97
N CYS FA 109 74.61 55.05 -3.29
CA CYS FA 109 74.97 55.25 -4.68
C CYS FA 109 76.46 55.18 -4.85
N SER FA 110 76.83 55.07 -6.10
CA SER FA 110 78.22 54.89 -6.50
C SER FA 110 78.59 55.96 -7.53
N PHE FA 111 79.89 56.17 -7.68
CA PHE FA 111 80.41 57.24 -8.54
C PHE FA 111 81.66 56.83 -9.28
N VAL FA 113 85.09 58.95 -10.71
CA VAL FA 113 85.76 60.23 -10.70
C VAL FA 113 87.03 60.05 -11.49
N GLY FA 114 87.16 60.82 -12.56
CA GLY FA 114 88.35 60.74 -13.40
C GLY FA 114 88.71 62.08 -13.95
N GLY FA 115 89.95 62.19 -14.42
CA GLY FA 115 90.38 63.43 -15.03
C GLY FA 115 91.87 63.62 -14.95
N GLN FA 116 92.30 64.87 -15.04
CA GLN FA 116 93.71 65.20 -14.96
C GLN FA 116 93.92 66.57 -14.34
N ILE FA 117 94.88 66.64 -13.43
CA ILE FA 117 95.28 67.88 -12.83
C ILE FA 117 96.71 68.18 -13.29
N ALA FA 118 96.97 69.44 -13.61
CA ALA FA 118 98.29 69.87 -14.12
C ALA FA 118 99.41 69.28 -13.30
N GLY FA 119 100.37 68.66 -13.97
CA GLY FA 119 101.58 68.20 -13.33
C GLY FA 119 101.57 66.74 -12.95
N GLY FA 120 100.49 66.03 -13.27
CA GLY FA 120 100.47 64.61 -13.03
C GLY FA 120 99.63 63.95 -14.10
N PRO FA 121 99.82 62.66 -14.30
CA PRO FA 121 99.06 61.96 -15.34
C PRO FA 121 97.55 61.96 -15.09
N PRO FA 122 96.77 61.62 -16.11
CA PRO FA 122 95.35 61.43 -15.92
C PRO FA 122 95.11 60.18 -15.09
N ALA FA 123 93.97 60.13 -14.40
CA ALA FA 123 93.59 58.98 -13.57
C ALA FA 123 92.08 58.77 -13.55
N LEU FA 124 91.67 57.59 -13.10
CA LEU FA 124 90.24 57.22 -13.05
C LEU FA 124 89.98 56.34 -11.85
N TYR FA 125 89.01 56.72 -11.03
CA TYR FA 125 88.63 55.91 -9.88
C TYR FA 125 87.15 55.54 -9.92
N SER FA 126 86.78 54.49 -9.20
CA SER FA 126 85.39 54.16 -8.99
C SER FA 126 85.15 54.07 -7.50
N ILE FA 127 84.09 54.73 -7.01
CA ILE FA 127 83.71 54.69 -5.59
C ILE FA 127 82.52 53.77 -5.42
N TYR FA 128 82.62 52.89 -4.43
CA TYR FA 128 81.59 51.90 -4.22
C TYR FA 128 80.52 52.45 -3.31
N PRO FA 129 79.37 51.76 -3.23
CA PRO FA 129 78.32 52.16 -2.31
C PRO FA 129 78.81 52.46 -0.92
N GLN FA 130 79.82 51.72 -0.46
CA GLN FA 130 80.28 51.82 0.93
C GLN FA 130 81.34 52.91 1.14
N GLY FA 131 81.76 53.58 0.08
CA GLY FA 131 82.62 54.75 0.19
C GLY FA 131 84.12 54.56 -0.01
N ASN FA 132 84.53 53.30 -0.17
CA ASN FA 132 85.90 52.97 -0.50
C ASN FA 132 86.02 52.89 -2.01
N PHE FA 133 87.22 53.13 -2.53
CA PHE FA 133 87.36 53.19 -3.97
C PHE FA 133 88.59 52.52 -4.56
N ILE FA 134 88.49 52.27 -5.86
CA ILE FA 134 89.58 51.68 -6.60
C ILE FA 134 89.96 52.50 -7.80
N GLN FA 135 91.17 52.25 -8.27
CA GLN FA 135 91.76 52.98 -9.37
C GLN FA 135 91.91 52.07 -10.56
N ALA FA 136 91.57 52.57 -11.74
CA ALA FA 136 91.79 51.80 -12.96
C ALA FA 136 93.28 51.82 -13.30
N THR FA 137 93.77 50.72 -13.86
CA THR FA 137 95.17 50.57 -14.22
C THR FA 137 95.28 50.03 -15.65
N PRO FA 138 96.50 49.96 -16.18
CA PRO FA 138 96.67 49.37 -17.50
C PRO FA 138 96.09 47.98 -17.67
N ASP FA 139 96.22 47.13 -16.63
CA ASP FA 139 95.69 45.76 -16.70
C ASP FA 139 94.15 45.74 -16.62
N THR FA 140 93.57 46.72 -15.92
CA THR FA 140 92.13 46.83 -15.79
C THR FA 140 91.75 48.29 -16.10
N PRO FA 141 91.67 48.61 -17.40
CA PRO FA 141 91.61 49.99 -17.84
C PRO FA 141 90.22 50.55 -17.98
N PHE FA 142 89.19 49.75 -17.77
CA PHE FA 142 87.86 50.30 -17.76
C PHE FA 142 87.07 49.89 -16.53
N LEU FA 143 86.11 50.72 -16.15
CA LEU FA 143 85.28 50.49 -14.98
C LEU FA 143 83.84 50.83 -15.32
N GLN FA 144 82.91 50.12 -14.70
CA GLN FA 144 81.49 50.31 -15.00
C GLN FA 144 80.68 50.56 -13.75
N LEU FA 145 79.56 51.23 -13.92
CA LEU FA 145 78.60 51.37 -12.85
C LEU FA 145 77.28 50.99 -13.37
N GLY FA 146 76.39 50.65 -12.46
CA GLY FA 146 75.02 50.40 -12.83
C GLY FA 146 74.86 49.01 -13.40
N GLU FA 147 73.97 48.94 -14.39
CA GLU FA 147 73.55 47.72 -15.02
C GLU FA 147 74.53 47.37 -16.17
N SER FA 148 75.63 46.71 -15.80
CA SER FA 148 76.79 46.64 -16.66
C SER FA 148 77.17 45.28 -17.20
N LYS FA 149 76.51 44.23 -16.75
CA LYS FA 149 76.91 42.89 -17.22
C LYS FA 149 76.61 42.72 -18.73
N TYR FA 150 75.53 43.33 -19.20
CA TYR FA 150 75.08 43.13 -20.56
C TYR FA 150 76.14 43.56 -21.57
N GLY FA 151 76.80 44.67 -21.27
CA GLY FA 151 77.75 45.25 -22.19
C GLY FA 151 79.19 45.05 -21.80
N LYS FA 152 79.42 44.19 -20.82
CA LYS FA 152 80.79 43.92 -20.40
C LYS FA 152 81.61 43.08 -21.40
N PRO FA 153 81.00 42.06 -22.00
CA PRO FA 153 81.82 41.20 -22.85
C PRO FA 153 82.50 41.92 -23.98
N ILE FA 154 81.81 42.80 -24.67
CA ILE FA 154 82.46 43.50 -25.79
C ILE FA 154 83.67 44.33 -25.33
N LEU FA 155 83.63 44.86 -24.11
CA LEU FA 155 84.75 45.59 -23.57
C LEU FA 155 85.86 44.66 -23.16
N ASP FA 156 85.52 43.58 -22.47
CA ASP FA 156 86.52 42.57 -22.11
C ASP FA 156 87.28 42.08 -23.34
N ARG FA 157 86.56 41.78 -24.41
CA ARG FA 157 87.16 41.24 -25.62
C ARG FA 157 88.11 42.18 -26.31
N ASN FA 158 87.78 43.46 -26.41
CA ASN FA 158 88.44 44.36 -27.36
C ASN FA 158 89.26 45.46 -26.73
N LEU FA 159 88.90 45.87 -25.54
CA LEU FA 159 89.52 47.04 -24.96
C LEU FA 159 90.78 46.70 -24.22
N THR FA 160 91.80 47.54 -24.41
CA THR FA 160 93.06 47.45 -23.66
C THR FA 160 93.60 48.84 -23.43
N PHE FA 161 94.61 48.96 -22.59
CA PHE FA 161 95.18 50.26 -22.28
C PHE FA 161 95.59 51.04 -23.53
N ASP FA 162 96.08 50.30 -24.52
CA ASP FA 162 96.58 50.89 -25.77
C ASP FA 162 95.52 51.16 -26.85
N THR FA 163 94.27 50.76 -26.63
CA THR FA 163 93.21 51.10 -27.56
C THR FA 163 93.15 52.64 -27.73
N PRO FA 164 93.15 53.15 -28.97
CA PRO FA 164 92.98 54.59 -29.17
C PRO FA 164 91.60 55.09 -28.76
N LEU FA 165 91.49 56.38 -28.52
CA LEU FA 165 90.26 56.93 -27.96
C LEU FA 165 89.08 56.72 -28.90
N GLU FA 166 89.21 57.09 -30.17
CA GLU FA 166 88.10 56.98 -31.13
C GLU FA 166 87.55 55.54 -31.09
N GLN FA 167 88.44 54.54 -31.00
CA GLN FA 167 87.99 53.15 -31.01
C GLN FA 167 87.40 52.70 -29.70
N ALA FA 168 87.92 53.22 -28.60
CA ALA FA 168 87.36 52.95 -27.30
C ALA FA 168 85.93 53.48 -27.25
N LEU FA 169 85.74 54.69 -27.75
CA LEU FA 169 84.41 55.31 -27.71
C LEU FA 169 83.42 54.48 -28.49
N ARG FA 170 83.87 54.04 -29.65
CA ARG FA 170 83.06 53.20 -30.51
C ARG FA 170 82.67 51.94 -29.78
N CYS FA 171 83.64 51.38 -29.09
CA CYS FA 171 83.45 50.19 -28.33
C CYS FA 171 82.37 50.40 -27.25
N ALA FA 172 82.51 51.50 -26.52
CA ALA FA 172 81.54 51.88 -25.52
C ALA FA 172 80.14 51.95 -26.12
N LEU FA 173 80.01 52.54 -27.30
CA LEU FA 173 78.70 52.68 -27.91
C LEU FA 173 78.05 51.35 -28.21
N VAL FA 174 78.85 50.39 -28.65
CA VAL FA 174 78.32 49.05 -28.88
C VAL FA 174 77.89 48.39 -27.56
N SER FA 175 78.67 48.62 -26.52
CA SER FA 175 78.29 48.21 -25.19
C SER FA 175 76.87 48.73 -24.85
N PHE FA 176 76.60 50.00 -25.13
CA PHE FA 176 75.30 50.58 -24.81
C PHE FA 176 74.21 50.03 -25.69
N ASP FA 177 74.54 49.78 -26.94
CA ASP FA 177 73.61 49.16 -27.86
C ASP FA 177 73.03 47.87 -27.26
N SER FA 178 73.89 46.94 -26.91
CA SER FA 178 73.44 45.67 -26.39
C SER FA 178 72.64 45.87 -25.11
N THR FA 179 73.13 46.77 -24.27
CA THR FA 179 72.54 46.96 -22.97
C THR FA 179 71.10 47.46 -23.16
N ILE FA 180 70.97 48.47 -23.99
CA ILE FA 180 69.66 49.07 -24.20
C ILE FA 180 68.65 48.09 -24.78
N ARG FA 181 69.10 47.18 -25.63
CA ARG FA 181 68.22 46.16 -26.19
C ARG FA 181 67.75 45.14 -25.18
N SER FA 182 68.55 44.90 -24.16
CA SER FA 182 68.29 43.78 -23.29
C SER FA 182 67.81 44.17 -21.91
N ASN FA 183 67.80 45.47 -21.61
CA ASN FA 183 67.39 45.94 -20.29
C ASN FA 183 66.78 47.30 -20.36
N LEU FA 184 65.49 47.37 -20.04
CA LEU FA 184 64.76 48.64 -20.11
C LEU FA 184 65.13 49.70 -19.11
N SER FA 185 65.82 49.35 -18.03
CA SER FA 185 66.18 50.33 -17.02
C SER FA 185 67.25 51.26 -17.59
N VAL FA 186 67.88 50.88 -18.70
CA VAL FA 186 68.90 51.66 -19.35
C VAL FA 186 68.33 52.27 -20.61
N GLY FA 187 68.69 53.51 -20.88
CA GLY FA 187 68.00 54.27 -21.93
C GLY FA 187 68.62 55.58 -22.32
N PRO FA 189 68.63 59.61 -23.68
CA PRO FA 189 69.90 59.98 -24.32
C PRO FA 189 71.11 59.50 -23.56
N LEU FA 190 72.23 59.42 -24.28
CA LEU FA 190 73.52 59.17 -23.68
C LEU FA 190 74.31 60.45 -23.63
N ASP FA 191 75.28 60.49 -22.72
CA ASP FA 191 76.19 61.61 -22.61
C ASP FA 191 77.61 61.09 -22.67
N LEU FA 192 78.42 61.64 -23.58
CA LEU FA 192 79.80 61.19 -23.80
C LEU FA 192 80.76 62.32 -23.55
N LEU FA 193 81.96 61.95 -23.17
CA LEU FA 193 83.03 62.92 -23.08
C LEU FA 193 84.35 62.22 -23.33
N VAL FA 194 85.14 62.79 -24.23
CA VAL FA 194 86.48 62.30 -24.54
C VAL FA 194 87.50 63.35 -24.11
N TYR FA 195 88.54 62.95 -23.39
CA TYR FA 195 89.56 63.88 -22.94
C TYR FA 195 90.92 63.41 -23.37
N HIS FA 196 91.71 64.31 -23.95
CA HIS FA 196 93.03 63.97 -24.47
C HIS FA 196 94.12 64.19 -23.42
N ARG FA 197 94.97 63.17 -23.21
CA ARG FA 197 96.02 63.24 -22.20
C ARG FA 197 96.84 64.52 -22.38
N ASP FA 198 97.04 65.24 -21.29
CA ASP FA 198 97.85 66.47 -21.26
C ASP FA 198 97.24 67.68 -21.96
N SER FA 199 96.04 67.58 -22.51
CA SER FA 199 95.39 68.73 -23.15
C SER FA 199 94.98 69.80 -22.12
N LEU FA 200 94.59 69.37 -20.92
CA LEU FA 200 94.12 70.26 -19.86
C LEU FA 200 93.04 71.27 -20.29
N ILE FA 201 92.15 70.84 -21.19
CA ILE FA 201 90.99 71.64 -21.61
C ILE FA 201 89.72 70.94 -21.17
N LEU FA 202 88.61 71.67 -21.11
CA LEU FA 202 87.34 71.09 -20.73
C LEU FA 202 86.56 70.80 -21.99
N PRO FA 203 86.58 69.55 -22.45
CA PRO FA 203 85.82 69.25 -23.67
C PRO FA 203 84.34 69.48 -23.46
N GLU FA 204 83.62 69.82 -24.51
CA GLU FA 204 82.20 70.13 -24.33
C GLU FA 204 81.40 68.86 -24.13
N GLY FA 205 81.90 67.74 -24.63
CA GLY FA 205 81.18 66.49 -24.50
C GLY FA 205 80.07 66.51 -25.53
N TYR FA 206 79.32 65.42 -25.61
CA TYR FA 206 78.31 65.29 -26.66
C TYR FA 206 77.16 64.41 -26.20
N ARG FA 207 75.95 64.77 -26.60
CA ARG FA 207 74.79 63.99 -26.23
C ARG FA 207 74.20 63.21 -27.42
N VAL FA 208 74.03 61.93 -27.21
CA VAL FA 208 73.50 61.06 -28.24
C VAL FA 208 72.02 60.86 -28.04
N THR FA 209 71.21 61.40 -28.94
CA THR FA 209 69.77 61.20 -28.82
C THR FA 209 69.30 60.02 -29.67
N GLU FA 210 68.06 59.61 -29.39
CA GLU FA 210 67.26 58.75 -30.25
C GLU FA 210 67.52 58.96 -31.76
N ASP FA 211 67.63 60.21 -32.18
CA ASP FA 211 67.73 60.55 -33.62
C ASP FA 211 69.13 60.49 -34.19
N ASP FA 212 70.15 60.29 -33.37
CA ASP FA 212 71.52 60.47 -33.81
C ASP FA 212 71.81 59.64 -35.05
N ALA FA 213 72.26 60.29 -36.11
CA ALA FA 213 72.54 59.61 -37.37
C ALA FA 213 73.63 58.55 -37.20
N TYR FA 214 74.74 58.93 -36.59
CA TYR FA 214 75.90 58.04 -36.46
C TYR FA 214 75.57 56.82 -35.60
N PHE FA 215 75.01 57.04 -34.42
CA PHE FA 215 74.66 55.94 -33.56
C PHE FA 215 73.61 55.03 -34.19
N SER FA 216 72.62 55.60 -34.88
CA SER FA 216 71.61 54.76 -35.55
C SER FA 216 72.27 53.85 -36.56
N ALA FA 217 73.25 54.40 -37.27
CA ALA FA 217 73.94 53.69 -38.34
C ALA FA 217 74.78 52.54 -37.82
N ILE FA 218 75.58 52.78 -36.80
CA ILE FA 218 76.42 51.71 -36.34
C ILE FA 218 75.58 50.61 -35.67
N ARG FA 219 74.44 50.94 -35.10
CA ARG FA 219 73.54 49.91 -34.57
C ARG FA 219 72.99 49.02 -35.67
N ARG FA 220 72.54 49.63 -36.76
CA ARG FA 220 72.06 48.90 -37.93
C ARG FA 220 73.14 48.00 -38.53
N GLN FA 221 74.36 48.52 -38.62
CA GLN FA 221 75.50 47.78 -39.16
C GLN FA 221 75.87 46.62 -38.29
N TRP FA 222 76.01 46.90 -37.01
CA TRP FA 222 76.34 45.89 -36.03
C TRP FA 222 75.31 44.74 -36.06
N SER FA 223 74.03 45.04 -36.21
CA SER FA 223 73.02 43.98 -36.31
C SER FA 223 73.23 43.10 -37.52
N ALA FA 224 73.36 43.75 -38.67
CA ALA FA 224 73.60 43.07 -39.95
C ALA FA 224 74.85 42.20 -39.87
N GLY FA 225 75.89 42.74 -39.25
CA GLY FA 225 77.15 42.02 -39.10
C GLY FA 225 76.98 40.73 -38.31
N LEU FA 226 76.43 40.87 -37.10
CA LEU FA 226 76.17 39.72 -36.24
C LEU FA 226 75.30 38.67 -36.92
N HIS FA 227 74.26 39.11 -37.60
CA HIS FA 227 73.36 38.19 -38.25
C HIS FA 227 74.12 37.40 -39.34
N ASP FA 228 74.95 38.10 -40.11
CA ASP FA 228 75.81 37.49 -41.14
C ASP FA 228 76.74 36.43 -40.59
N LEU FA 230 76.71 34.81 -37.95
CA LEU FA 230 75.98 33.71 -37.36
C LEU FA 230 75.57 32.69 -38.40
N GLU FA 231 75.13 33.16 -39.57
CA GLU FA 231 74.68 32.25 -40.64
C GLU FA 231 75.83 31.60 -41.36
N ARG FA 232 76.97 32.27 -41.36
CA ARG FA 232 78.18 31.75 -41.99
C ARG FA 232 79.11 30.92 -41.07
N LEU FA 233 78.77 30.80 -39.79
CA LEU FA 233 79.39 29.82 -38.90
C LEU FA 233 79.05 28.41 -39.32
N PRO FA 234 79.97 27.45 -39.11
CA PRO FA 234 79.71 26.05 -39.49
C PRO FA 234 78.69 25.35 -38.63
N SER FA 235 78.15 24.25 -39.15
CA SER FA 235 77.19 23.43 -38.41
C SER FA 235 77.92 22.51 -37.42
N PRO FA 236 77.27 22.21 -36.28
CA PRO FA 236 77.83 21.25 -35.34
C PRO FA 236 77.94 19.87 -35.98
N PRO FA 237 79.02 19.11 -35.70
CA PRO FA 237 79.19 17.75 -36.25
C PRO FA 237 78.04 16.78 -35.90
N SER FA 238 78.11 15.55 -36.43
CA SER FA 238 77.15 14.49 -36.07
C SER FA 238 77.02 14.38 -34.56
N ALA FA 239 78.18 14.12 -33.93
CA ALA FA 239 78.30 13.94 -32.48
C ALA FA 239 77.28 14.74 -31.63
N TYR FA 240 77.05 16.00 -31.94
CA TYR FA 240 76.25 16.87 -31.07
C TYR FA 240 74.72 16.61 -30.89
N ASN FA 241 74.17 15.51 -31.45
CA ASN FA 241 72.69 15.31 -31.38
C ASN FA 241 72.11 14.10 -30.62
N THR GA 1 93.33 17.44 11.84
CA THR GA 1 92.03 16.97 11.29
C THR GA 1 92.01 17.18 9.77
N TYR GA 2 92.07 16.08 9.03
CA TYR GA 2 91.91 16.12 7.60
C TYR GA 2 91.28 14.82 7.21
N CYS GA 3 90.17 14.87 6.51
CA CYS GA 3 89.51 13.63 6.04
C CYS GA 3 89.25 13.71 4.56
N VAL GA 4 89.33 12.57 3.87
CA VAL GA 4 89.00 12.47 2.46
C VAL GA 4 88.14 11.27 2.24
N ALA GA 5 87.22 11.38 1.29
CA ALA GA 5 86.43 10.24 0.85
C ALA GA 5 86.24 10.34 -0.63
N HIS GA 7 84.26 8.50 -4.08
CA HIS GA 7 83.28 7.58 -4.62
C HIS GA 7 83.62 7.41 -6.08
N LEU GA 8 84.05 6.19 -6.37
CA LEU GA 8 84.57 5.79 -7.66
C LEU GA 8 83.77 4.65 -8.28
N ALA GA 9 84.05 4.39 -9.54
CA ALA GA 9 83.36 3.36 -10.29
C ALA GA 9 83.37 2.04 -9.53
N ASP GA 10 84.53 1.67 -8.97
CA ASP GA 10 84.66 0.37 -8.28
C ASP GA 10 84.28 0.35 -6.80
N GLY GA 11 83.96 1.49 -6.21
CA GLY GA 11 83.55 1.51 -4.82
C GLY GA 11 83.89 2.80 -4.09
N LEU GA 12 84.23 2.68 -2.82
CA LEU GA 12 84.50 3.82 -1.97
C LEU GA 12 85.84 3.66 -1.30
N VAL GA 13 86.51 4.78 -1.07
CA VAL GA 13 87.73 4.80 -0.30
C VAL GA 13 87.63 5.94 0.71
N PHE GA 14 87.96 5.66 1.96
CA PHE GA 14 87.91 6.65 3.02
C PHE GA 14 89.24 6.74 3.74
N ALA GA 15 89.63 7.94 4.13
CA ALA GA 15 90.87 8.10 4.91
C ALA GA 15 90.79 9.32 5.80
N SER GA 16 91.20 9.16 7.06
CA SER GA 16 91.16 10.23 8.03
C SER GA 16 92.43 10.25 8.84
N ASP GA 17 92.84 11.44 9.32
CA ASP GA 17 93.92 11.50 10.33
C ASP GA 17 93.28 11.29 11.70
N SER GA 18 94.01 11.63 12.76
CA SER GA 18 93.55 11.42 14.10
C SER GA 18 93.90 12.53 15.06
N ARG GA 19 94.69 13.50 14.61
CA ARG GA 19 95.12 14.53 15.51
C ARG GA 19 93.98 15.48 15.74
N THR GA 20 93.80 15.85 16.99
CA THR GA 20 92.58 16.50 17.38
C THR GA 20 92.90 17.56 18.41
N ASN GA 21 92.33 18.75 18.20
CA ASN GA 21 92.43 19.76 19.20
C ASN GA 21 91.35 19.60 20.26
N ALA GA 22 91.75 19.24 21.47
CA ALA GA 22 90.81 18.87 22.48
C ALA GA 22 90.87 19.87 23.60
N GLY GA 23 91.21 21.11 23.30
CA GLY GA 23 91.40 22.09 24.35
C GLY GA 23 92.79 22.68 24.22
N ILE GA 24 93.10 23.63 25.09
CA ILE GA 24 94.40 24.34 25.01
C ILE GA 24 95.43 23.43 25.64
N ASP GA 25 96.57 23.34 24.98
CA ASP GA 25 97.66 22.47 25.42
C ASP GA 25 97.20 21.00 25.59
N HIS GA 26 96.16 20.60 24.87
CA HIS GA 26 95.70 19.24 24.95
C HIS GA 26 95.37 18.83 23.53
N ILE GA 27 96.40 18.45 22.80
CA ILE GA 27 96.24 17.90 21.47
C ILE GA 27 96.39 16.39 21.56
N ALA GA 28 95.50 15.67 20.90
CA ALA GA 28 95.35 14.27 21.20
C ALA GA 28 94.87 13.48 20.02
N THR GA 29 94.95 12.17 20.16
CA THR GA 29 94.53 11.25 19.13
C THR GA 29 93.09 10.81 19.36
N PHE GA 30 92.26 10.99 18.35
CA PHE GA 30 90.90 10.47 18.35
C PHE GA 30 90.56 9.94 16.94
N ARG GA 31 89.97 8.75 16.89
CA ARG GA 31 89.54 8.17 15.62
C ARG GA 31 88.52 9.08 14.97
N LYS GA 32 88.63 9.27 13.66
CA LYS GA 32 87.66 10.12 12.94
C LYS GA 32 86.99 9.38 11.79
N LEU GA 33 86.97 8.06 11.87
CA LEU GA 33 86.36 7.23 10.84
C LEU GA 33 85.67 6.07 11.53
N PHE GA 34 84.35 5.99 11.37
CA PHE GA 34 83.54 5.02 12.10
C PHE GA 34 82.70 4.22 11.12
N THR GA 35 82.56 2.92 11.36
CA THR GA 35 81.85 2.04 10.44
C THR GA 35 80.62 1.46 11.12
N PHE GA 36 79.61 1.15 10.33
CA PHE GA 36 78.36 0.60 10.83
C PHE GA 36 77.86 -0.34 9.77
N GLY GA 37 77.08 -1.35 10.16
CA GLY GA 37 76.41 -2.17 9.16
C GLY GA 37 76.06 -3.56 9.59
N THR GA 38 75.35 -4.26 8.70
CA THR GA 38 75.06 -5.67 8.88
C THR GA 38 75.61 -6.38 7.63
N PRO GA 39 76.48 -7.39 7.82
CA PRO GA 39 77.06 -8.10 6.66
C PRO GA 39 76.03 -8.68 5.68
N GLY GA 40 76.26 -8.48 4.38
CA GLY GA 40 75.37 -8.94 3.33
C GLY GA 40 74.19 -8.01 3.08
N GLU GA 41 74.06 -6.96 3.87
CA GLU GA 41 72.94 -6.00 3.76
C GLU GA 41 73.41 -4.54 3.63
N ARG GA 42 74.32 -4.07 4.47
CA ARG GA 42 74.76 -2.67 4.36
C ARG GA 42 76.08 -2.33 5.04
N LEU GA 43 76.77 -1.35 4.45
CA LEU GA 43 77.95 -0.74 5.05
C LEU GA 43 77.78 0.77 5.04
N LEU GA 44 77.99 1.41 6.20
CA LEU GA 44 77.99 2.85 6.26
C LEU GA 44 79.21 3.32 7.02
N VAL GA 45 79.84 4.37 6.50
CA VAL GA 45 81.00 4.94 7.13
C VAL GA 45 80.72 6.40 7.44
N VAL GA 46 81.09 6.84 8.64
CA VAL GA 46 80.95 8.23 9.02
C VAL GA 46 82.31 8.78 9.40
N GLN GA 47 82.69 9.89 8.79
CA GLN GA 47 83.90 10.60 9.18
C GLN GA 47 83.54 11.93 9.80
N THR GA 48 84.41 12.40 10.70
CA THR GA 48 84.12 13.59 11.50
C THR GA 48 85.22 14.62 11.42
N ALA GA 49 84.83 15.87 11.55
CA ALA GA 49 85.78 16.98 11.61
C ALA GA 49 85.08 18.11 12.34
N GLY GA 50 85.86 18.94 13.02
CA GLY GA 50 85.30 20.06 13.78
C GLY GA 50 85.33 19.82 15.27
N ASN GA 51 84.39 20.41 15.99
CA ASN GA 51 84.36 20.32 17.44
C ASN GA 51 84.24 18.89 17.96
N LEU GA 52 85.19 18.52 18.82
CA LEU GA 52 85.28 17.15 19.34
C LEU GA 52 84.04 16.79 20.12
N ALA GA 53 83.67 17.65 21.06
CA ALA GA 53 82.51 17.38 21.93
C ALA GA 53 81.24 17.11 21.16
N THR GA 54 81.03 17.91 20.14
CA THR GA 54 79.86 17.78 19.33
C THR GA 54 79.92 16.48 18.54
N SER GA 55 81.01 16.26 17.83
CA SER GA 55 81.05 15.09 16.95
C SER GA 55 81.00 13.83 17.76
N GLN GA 56 81.63 13.84 18.92
CA GLN GA 56 81.56 12.66 19.77
C GLN GA 56 80.16 12.38 20.21
N SER GA 57 79.46 13.40 20.62
CA SER GA 57 78.08 13.21 21.02
C SER GA 57 77.24 12.66 19.88
N VAL GA 58 77.45 13.17 18.68
CA VAL GA 58 76.69 12.70 17.55
C VAL GA 58 76.94 11.21 17.33
N ILE GA 59 78.19 10.82 17.28
CA ILE GA 59 78.54 9.44 17.05
C ILE GA 59 78.02 8.52 18.14
N ASN GA 60 78.17 8.97 19.38
CA ASN GA 60 77.69 8.22 20.50
C ASN GA 60 76.19 7.96 20.46
N LEU GA 61 75.41 8.97 20.08
CA LEU GA 61 73.97 8.77 19.98
C LEU GA 61 73.62 7.82 18.86
N LEU GA 62 74.30 7.93 17.72
CA LEU GA 62 74.06 7.01 16.63
C LEU GA 62 74.31 5.57 17.03
N GLN GA 63 75.35 5.34 17.84
CA GLN GA 63 75.65 3.99 18.35
C GLN GA 63 74.60 3.49 19.32
N GLN GA 64 74.26 4.29 20.34
CA GLN GA 64 73.21 3.92 21.29
C GLN GA 64 71.90 3.58 20.58
N ARG GA 65 71.52 4.41 19.61
CA ARG GA 65 70.24 4.24 18.93
C ARG GA 65 70.14 3.05 17.97
N ILE GA 66 71.30 2.53 17.54
CA ILE GA 66 71.36 1.35 16.67
C ILE GA 66 70.68 0.19 17.35
N ARG GA 67 70.98 0.06 18.65
CA ARG GA 67 70.36 -0.93 19.55
C ARG GA 67 69.04 -0.39 20.16
N ARG GA 68 68.11 0.06 19.31
CA ARG GA 68 66.83 0.61 19.78
C ARG GA 68 65.79 0.70 18.63
N ASP GA 69 64.55 0.32 18.96
CA ASP GA 69 63.44 0.26 17.99
C ASP GA 69 63.02 1.68 17.57
N GLY GA 70 63.47 2.12 16.39
CA GLY GA 70 63.18 3.47 15.90
C GLY GA 70 64.24 3.81 14.87
N ALA GA 71 64.21 5.03 14.35
CA ALA GA 71 65.17 5.45 13.32
C ALA GA 71 66.62 5.23 13.75
N SER GA 72 67.39 4.54 12.92
CA SER GA 72 68.80 4.27 13.20
C SER GA 72 69.55 3.97 11.93
N LEU GA 73 70.88 4.11 11.97
CA LEU GA 73 71.71 3.82 10.79
C LEU GA 73 71.57 2.41 10.25
N LEU GA 74 70.94 1.49 10.98
CA LEU GA 74 70.75 0.14 10.46
C LEU GA 74 69.44 -0.14 9.75
N ASN GA 75 68.49 0.78 9.74
CA ASN GA 75 67.15 0.47 9.26
C ASN GA 75 66.74 1.48 8.18
N VAL GA 76 67.33 2.67 8.29
CA VAL GA 76 67.29 3.71 7.27
C VAL GA 76 67.38 3.12 5.85
N PRO GA 77 66.45 3.50 4.95
CA PRO GA 77 66.37 2.81 3.66
C PRO GA 77 67.38 3.21 2.57
N SER GA 78 68.12 4.30 2.73
CA SER GA 78 69.10 4.74 1.72
C SER GA 78 70.25 5.51 2.33
N VAL GA 79 71.36 5.58 1.61
CA VAL GA 79 72.51 6.33 2.11
C VAL GA 79 72.14 7.80 2.29
N TYR GA 80 71.33 8.32 1.38
CA TYR GA 80 70.76 9.64 1.55
C TYR GA 80 70.14 9.79 2.95
N ASP GA 81 69.20 8.91 3.28
CA ASP GA 81 68.47 9.00 4.56
C ASP GA 81 69.37 8.81 5.76
N ALA GA 82 70.45 8.04 5.58
CA ALA GA 82 71.48 7.92 6.61
C ALA GA 82 72.12 9.28 6.87
N THR GA 83 72.52 9.94 5.78
CA THR GA 83 73.13 11.26 5.85
C THR GA 83 72.19 12.21 6.56
N ALA GA 84 70.93 12.17 6.17
CA ALA GA 84 69.90 13.03 6.77
C ALA GA 84 69.79 12.76 8.27
N LEU GA 85 69.91 11.48 8.66
CA LEU GA 85 69.77 11.12 10.03
C LEU GA 85 70.93 11.66 10.82
N VAL GA 86 72.12 11.58 10.27
CA VAL GA 86 73.29 12.11 10.94
C VAL GA 86 73.07 13.59 11.17
N ALA GA 87 72.65 14.30 10.13
CA ALA GA 87 72.39 15.74 10.23
C ALA GA 87 71.34 16.05 11.29
N GLU GA 88 70.22 15.34 11.21
CA GLU GA 88 69.14 15.41 12.19
C GLU GA 88 69.71 15.27 13.61
N THR GA 89 70.58 14.29 13.80
CA THR GA 89 71.19 14.05 15.10
C THR GA 89 72.08 15.22 15.52
N THR GA 90 72.86 15.75 14.58
CA THR GA 90 73.71 16.89 14.84
C THR GA 90 72.87 18.05 15.38
N ARG GA 91 71.78 18.38 14.68
CA ARG GA 91 70.86 19.46 15.13
C ARG GA 91 70.42 19.29 16.59
N GLU GA 92 70.06 18.05 16.91
CA GLU GA 92 69.63 17.72 18.24
C GLU GA 92 70.72 18.03 19.28
N VAL GA 93 71.96 17.68 18.96
CA VAL GA 93 73.09 17.90 19.89
C VAL GA 93 73.39 19.39 20.08
N ALA GA 95 71.29 21.87 19.74
CA ALA GA 95 70.18 22.45 20.50
C ALA GA 95 70.40 22.34 22.01
N ARG GA 96 70.88 21.19 22.45
CA ARG GA 96 71.03 20.92 23.89
C ARG GA 96 72.20 21.67 24.55
N ASP GA 97 73.36 21.69 23.88
CA ASP GA 97 74.61 22.28 24.43
C ASP GA 97 74.65 23.82 24.35
N SER GA 98 73.93 24.36 23.37
CA SER GA 98 73.74 25.80 23.25
C SER GA 98 73.06 26.37 24.51
N GLY GA 99 73.53 27.54 24.93
CA GLY GA 99 73.05 28.24 26.12
C GLY GA 99 73.98 29.41 26.41
N ASN GA 100 73.75 30.13 27.52
CA ASN GA 100 74.66 31.24 27.92
C ASN GA 100 76.06 30.73 28.27
N LEU GA 101 76.11 29.52 28.85
CA LEU GA 101 77.35 28.92 29.37
C LEU GA 101 78.38 28.65 28.26
N ALA GA 102 77.94 28.10 27.14
CA ALA GA 102 78.82 27.95 25.97
C ALA GA 102 79.37 29.32 25.54
N GLY GA 103 78.49 30.34 25.50
CA GLY GA 103 78.90 31.70 25.14
C GLY GA 103 79.18 31.83 23.66
N ASN GA 104 80.37 32.31 23.30
CA ASN GA 104 80.78 32.47 21.87
C ASN GA 104 81.64 31.34 21.33
N THR GA 105 81.95 30.35 22.16
CA THR GA 105 82.70 29.17 21.72
C THR GA 105 82.01 28.42 20.54
N ASP GA 106 82.81 27.91 19.60
CA ASP GA 106 82.29 27.43 18.31
C ASP GA 106 82.06 25.92 18.26
N LEU GA 107 80.80 25.52 18.41
CA LEU GA 107 80.44 24.10 18.57
C LEU GA 107 80.17 23.33 17.29
N SER GA 108 80.49 23.90 16.14
CA SER GA 108 80.06 23.30 14.88
C SER GA 108 80.98 22.15 14.47
N CYS GA 109 80.44 21.21 13.73
CA CYS GA 109 81.26 20.22 13.08
C CYS GA 109 80.62 19.70 11.81
N SER GA 110 81.44 19.00 11.04
CA SER GA 110 81.07 18.52 9.73
C SER GA 110 81.35 17.03 9.66
N PHE GA 111 80.71 16.38 8.71
CA PHE GA 111 80.76 14.93 8.60
C PHE GA 111 80.80 14.48 7.14
N VAL GA 113 79.35 10.98 5.12
CA VAL GA 113 78.60 9.76 5.28
C VAL GA 113 78.59 9.09 3.94
N GLY GA 114 79.13 7.88 3.88
CA GLY GA 114 79.14 7.13 2.64
C GLY GA 114 78.97 5.66 2.88
N GLY GA 115 78.64 4.94 1.83
CA GLY GA 115 78.47 3.50 1.95
C GLY GA 115 77.53 2.94 0.91
N GLN GA 116 76.97 1.77 1.21
CA GLN GA 116 76.04 1.11 0.32
C GLN GA 116 75.03 0.29 1.08
N ILE GA 117 73.79 0.41 0.67
CA ILE GA 117 72.72 -0.39 1.22
C ILE GA 117 72.23 -1.30 0.10
N ALA GA 118 71.93 -2.55 0.45
CA ALA GA 118 71.46 -3.55 -0.50
C ALA GA 118 70.39 -2.99 -1.39
N GLY GA 119 70.59 -3.14 -2.70
CA GLY GA 119 69.58 -2.81 -3.68
C GLY GA 119 69.72 -1.45 -4.29
N GLY GA 120 70.76 -0.74 -3.93
CA GLY GA 120 71.06 0.52 -4.60
C GLY GA 120 72.54 0.75 -4.64
N PRO GA 121 73.00 1.62 -5.55
CA PRO GA 121 74.44 1.82 -5.70
C PRO GA 121 75.07 2.42 -4.44
N PRO GA 122 76.39 2.35 -4.33
CA PRO GA 122 77.08 3.07 -3.29
C PRO GA 122 76.98 4.57 -3.49
N ALA GA 123 77.08 5.33 -2.39
CA ALA GA 123 76.97 6.79 -2.42
C ALA GA 123 77.82 7.44 -1.35
N LEU GA 124 78.07 8.74 -1.51
CA LEU GA 124 78.91 9.49 -0.58
C LEU GA 124 78.39 10.91 -0.44
N TYR GA 125 78.17 11.34 0.79
CA TYR GA 125 77.72 12.70 1.06
C TYR GA 125 78.67 13.42 2.01
N SER GA 126 78.63 14.75 1.97
CA SER GA 126 79.34 15.57 2.93
C SER GA 126 78.35 16.52 3.56
N ILE GA 127 78.34 16.57 4.89
CA ILE GA 127 77.44 17.46 5.64
C ILE GA 127 78.23 18.66 6.12
N TYR GA 128 77.69 19.84 5.89
CA TYR GA 128 78.37 21.07 6.25
C TYR GA 128 78.06 21.47 7.68
N PRO GA 129 78.84 22.42 8.24
CA PRO GA 129 78.57 22.89 9.57
C PRO GA 129 77.12 23.22 9.81
N GLN GA 130 76.44 23.74 8.79
CA GLN GA 130 75.09 24.26 8.94
C GLN GA 130 74.02 23.18 8.74
N GLY GA 131 74.41 21.95 8.42
CA GLY GA 131 73.48 20.82 8.44
C GLY GA 131 72.88 20.40 7.12
N ASN GA 132 73.19 21.16 6.08
CA ASN GA 132 72.79 20.82 4.72
C ASN GA 132 73.94 20.04 4.08
N PHE GA 133 73.61 19.19 3.11
CA PHE GA 133 74.64 18.34 2.54
C PHE GA 133 74.64 18.18 1.04
N ILE GA 134 75.79 17.73 0.55
CA ILE GA 134 75.96 17.49 -0.85
C ILE GA 134 76.46 16.09 -1.11
N GLN GA 135 76.25 15.66 -2.34
CA GLN GA 135 76.55 14.32 -2.80
C GLN GA 135 77.69 14.37 -3.79
N ALA GA 136 78.63 13.46 -3.67
CA ALA GA 136 79.69 13.34 -4.64
C ALA GA 136 79.14 12.69 -5.90
N THR GA 137 79.65 13.12 -7.06
CA THR GA 137 79.23 12.62 -8.35
C THR GA 137 80.45 12.26 -9.20
N PRO GA 138 80.21 11.64 -10.37
CA PRO GA 138 81.33 11.37 -11.26
C PRO GA 138 82.22 12.55 -11.59
N ASP GA 139 81.61 13.73 -11.80
CA ASP GA 139 82.36 14.95 -12.14
C ASP GA 139 83.10 15.51 -10.92
N THR GA 140 82.58 15.28 -9.71
CA THR GA 140 83.25 15.68 -8.45
C THR GA 140 83.26 14.48 -7.50
N PRO GA 141 84.22 13.56 -7.70
CA PRO GA 141 84.15 12.25 -7.08
C PRO GA 141 84.85 12.16 -5.76
N PHE GA 142 85.51 13.21 -5.31
CA PHE GA 142 86.04 13.20 -3.96
C PHE GA 142 85.62 14.41 -3.17
N LEU GA 143 85.58 14.25 -1.85
CA LEU GA 143 85.21 15.31 -0.92
C LEU GA 143 86.16 15.32 0.26
N GLN GA 144 86.41 16.49 0.82
CA GLN GA 144 87.35 16.63 1.93
C GLN GA 144 86.72 17.33 3.10
N LEU GA 145 87.27 17.06 4.27
CA LEU GA 145 86.92 17.83 5.45
C LEU GA 145 88.18 18.26 6.10
N GLY GA 146 88.06 19.27 6.93
CA GLY GA 146 89.17 19.70 7.75
C GLY GA 146 90.13 20.53 6.95
N GLU GA 147 91.40 20.34 7.26
CA GLU GA 147 92.49 21.11 6.75
C GLU GA 147 92.95 20.46 5.42
N SER GA 148 92.27 20.83 4.33
CA SER GA 148 92.35 20.07 3.09
C SER GA 148 92.99 20.76 1.89
N LYS GA 149 93.33 22.04 2.00
CA LYS GA 149 93.90 22.74 0.84
C LYS GA 149 95.29 22.16 0.48
N TYR GA 150 96.06 21.76 1.49
CA TYR GA 150 97.44 21.33 1.28
C TYR GA 150 97.51 20.10 0.36
N GLY GA 151 96.57 19.19 0.54
CA GLY GA 151 96.57 17.94 -0.22
C GLY GA 151 95.57 17.87 -1.34
N LYS GA 152 94.94 19.00 -1.67
CA LYS GA 152 93.96 19.01 -2.72
C LYS GA 152 94.56 18.86 -4.09
N PRO GA 153 95.69 19.51 -4.37
CA PRO GA 153 96.14 19.55 -5.75
C PRO GA 153 96.42 18.17 -6.28
N ILE GA 154 97.06 17.32 -5.50
CA ILE GA 154 97.35 15.99 -6.02
C ILE GA 154 96.06 15.22 -6.39
N LEU GA 155 94.98 15.46 -5.68
CA LEU GA 155 93.73 14.80 -5.98
C LEU GA 155 93.08 15.40 -7.20
N ASP GA 156 93.08 16.71 -7.27
CA ASP GA 156 92.58 17.41 -8.46
C ASP GA 156 93.28 16.92 -9.73
N ARG GA 157 94.59 16.78 -9.66
CA ARG GA 157 95.37 16.39 -10.82
C ARG GA 157 95.08 14.99 -11.30
N ASN GA 158 94.95 14.04 -10.39
CA ASN GA 158 95.03 12.61 -10.76
C ASN GA 158 93.79 11.82 -10.60
N LEU GA 159 92.92 12.24 -9.69
CA LEU GA 159 91.77 11.45 -9.36
C LEU GA 159 90.60 11.70 -10.30
N THR GA 160 89.95 10.63 -10.73
CA THR GA 160 88.71 10.72 -11.50
C THR GA 160 87.80 9.56 -11.11
N PHE GA 161 86.55 9.60 -11.56
CA PHE GA 161 85.58 8.57 -11.21
C PHE GA 161 86.09 7.17 -11.54
N ASP GA 162 86.84 7.07 -12.64
CA ASP GA 162 87.35 5.78 -13.12
C ASP GA 162 88.68 5.32 -12.51
N THR GA 163 89.32 6.15 -11.68
CA THR GA 163 90.50 5.71 -11.00
C THR GA 163 90.19 4.44 -10.20
N PRO GA 164 91.00 3.36 -10.35
CA PRO GA 164 90.82 2.18 -9.50
C PRO GA 164 91.08 2.43 -8.02
N LEU GA 165 90.55 1.58 -7.16
CA LEU GA 165 90.63 1.82 -5.74
C LEU GA 165 92.07 1.86 -5.23
N GLU GA 166 92.87 0.84 -5.57
CA GLU GA 166 94.25 0.76 -5.07
C GLU GA 166 94.97 2.09 -5.41
N GLN GA 167 94.73 2.65 -6.60
CA GLN GA 167 95.41 3.90 -6.99
C GLN GA 167 94.84 5.13 -6.35
N ALA GA 168 93.54 5.15 -6.12
CA ALA GA 168 92.94 6.21 -5.36
C ALA GA 168 93.49 6.26 -3.93
N LEU GA 169 93.60 5.10 -3.30
CA LEU GA 169 94.11 5.03 -1.94
C LEU GA 169 95.51 5.60 -1.88
N ARG GA 170 96.32 5.19 -2.84
CA ARG GA 170 97.70 5.63 -2.94
C ARG GA 170 97.74 7.13 -3.06
N CYS GA 171 96.85 7.63 -3.87
CA CYS GA 171 96.74 9.05 -4.09
C CYS GA 171 96.41 9.76 -2.80
N ALA GA 172 95.42 9.25 -2.07
CA ALA GA 172 95.04 9.78 -0.78
C ALA GA 172 96.23 9.84 0.15
N LEU GA 173 97.03 8.78 0.17
CA LEU GA 173 98.19 8.76 1.07
C LEU GA 173 99.18 9.87 0.77
N VAL GA 174 99.37 10.17 -0.51
CA VAL GA 174 100.29 11.23 -0.88
C VAL GA 174 99.69 12.56 -0.44
N SER GA 175 98.37 12.68 -0.58
CA SER GA 175 97.67 13.84 -0.06
C SER GA 175 98.01 14.08 1.43
N PHE GA 176 97.98 13.00 2.22
CA PHE GA 176 98.27 13.10 3.66
C PHE GA 176 99.73 13.41 3.93
N ASP GA 177 100.61 12.84 3.10
CA ASP GA 177 102.01 13.12 3.21
C ASP GA 177 102.29 14.64 3.16
N SER GA 178 101.85 15.28 2.09
CA SER GA 178 102.06 16.73 1.96
C SER GA 178 101.42 17.51 3.08
N THR GA 179 100.21 17.10 3.45
CA THR GA 179 99.47 17.80 4.46
C THR GA 179 100.26 17.75 5.80
N ILE GA 180 100.66 16.54 6.18
CA ILE GA 180 101.36 16.36 7.45
C ILE GA 180 102.66 17.14 7.53
N ARG GA 181 103.38 17.25 6.42
CA ARG GA 181 104.61 18.04 6.39
C ARG GA 181 104.39 19.52 6.54
N SER GA 182 103.25 20.02 6.10
CA SER GA 182 103.05 21.46 6.01
C SER GA 182 102.13 22.04 7.08
N ASN GA 183 101.50 21.18 7.88
CA ASN GA 183 100.52 21.63 8.86
C ASN GA 183 100.49 20.69 10.05
N LEU GA 184 100.93 21.20 11.19
CA LEU GA 184 100.99 20.40 12.39
C LEU GA 184 99.66 19.98 13.01
N SER GA 185 98.58 20.63 12.63
CA SER GA 185 97.28 20.27 13.21
C SER GA 185 96.82 18.88 12.66
N VAL GA 186 97.46 18.42 11.59
CA VAL GA 186 97.18 17.14 11.01
C VAL GA 186 98.29 16.16 11.33
N GLY GA 187 97.91 14.92 11.64
CA GLY GA 187 98.85 13.99 12.22
C GLY GA 187 98.41 12.54 12.29
N PRO GA 189 98.20 8.63 13.97
CA PRO GA 189 97.89 7.61 12.98
C PRO GA 189 96.79 8.00 12.06
N LEU GA 190 96.77 7.34 10.90
CA LEU GA 190 95.68 7.48 9.93
C LEU GA 190 94.84 6.25 9.95
N ASP GA 191 93.60 6.40 9.53
CA ASP GA 191 92.67 5.31 9.49
C ASP GA 191 92.12 5.26 8.07
N LEU GA 192 92.22 4.08 7.44
CA LEU GA 192 91.76 3.90 6.07
C LEU GA 192 90.67 2.86 6.02
N LEU GA 193 89.83 2.96 5.01
CA LEU GA 193 88.89 1.91 4.71
C LEU GA 193 88.57 1.91 3.23
N VAL GA 194 88.65 0.74 2.61
CA VAL GA 194 88.32 0.57 1.22
C VAL GA 194 87.12 -0.33 1.14
N TYR GA 195 86.13 0.04 0.34
CA TYR GA 195 84.93 -0.79 0.17
C TYR GA 195 84.66 -1.06 -1.28
N HIS GA 196 84.40 -2.34 -1.61
CA HIS GA 196 84.21 -2.75 -3.01
C HIS GA 196 82.73 -2.72 -3.40
N ARG GA 197 82.43 -2.07 -4.52
CA ARG GA 197 81.05 -1.90 -4.95
C ARG GA 197 80.38 -3.25 -4.96
N ASP GA 198 79.19 -3.31 -4.35
CA ASP GA 198 78.32 -4.50 -4.33
C ASP GA 198 78.82 -5.66 -3.46
N SER GA 199 79.93 -5.50 -2.76
CA SER GA 199 80.42 -6.54 -1.88
C SER GA 199 79.52 -6.72 -0.65
N LEU GA 200 78.93 -5.62 -0.17
CA LEU GA 200 78.09 -5.62 1.03
C LEU GA 200 78.71 -6.32 2.24
N ILE GA 201 80.03 -6.18 2.40
CA ILE GA 201 80.73 -6.68 3.59
C ILE GA 201 81.28 -5.48 4.37
N LEU GA 202 81.61 -5.69 5.64
CA LEU GA 202 82.19 -4.64 6.45
C LEU GA 202 83.68 -4.84 6.47
N PRO GA 203 84.42 -4.13 5.62
CA PRO GA 203 85.88 -4.27 5.68
C PRO GA 203 86.44 -3.90 7.04
N GLU GA 204 87.55 -4.50 7.43
CA GLU GA 204 88.08 -4.20 8.75
C GLU GA 204 88.74 -2.85 8.77
N GLY GA 205 89.22 -2.38 7.62
CA GLY GA 205 89.90 -1.11 7.57
C GLY GA 205 91.29 -1.29 8.12
N TYR GA 206 92.09 -0.26 8.12
CA TYR GA 206 93.48 -0.40 8.47
C TYR GA 206 94.03 0.89 9.05
N ARG GA 207 94.90 0.76 10.04
CA ARG GA 207 95.49 1.93 10.66
C ARG GA 207 96.95 2.08 10.30
N VAL GA 208 97.28 3.28 9.82
CA VAL GA 208 98.64 3.58 9.45
C VAL GA 208 99.35 4.30 10.59
N THR GA 209 100.31 3.65 11.22
CA THR GA 209 101.09 4.30 12.26
C THR GA 209 102.37 4.91 11.73
N GLU GA 210 102.95 5.76 12.56
CA GLU GA 210 104.32 6.24 12.44
C GLU GA 210 105.29 5.19 11.84
N ASP GA 211 105.16 3.94 12.27
CA ASP GA 211 106.12 2.88 11.90
C ASP GA 211 105.82 2.17 10.61
N ASP GA 212 104.69 2.47 9.98
CA ASP GA 212 104.23 1.67 8.84
C ASP GA 212 105.29 1.58 7.75
N ALA GA 213 105.66 0.34 7.39
CA ALA GA 213 106.73 0.14 6.40
C ALA GA 213 106.36 0.74 5.05
N TYR GA 214 105.14 0.44 4.59
CA TYR GA 214 104.72 0.86 3.27
C TYR GA 214 104.64 2.37 3.19
N PHE GA 215 103.95 2.99 4.13
CA PHE GA 215 103.77 4.43 4.07
C PHE GA 215 105.12 5.13 4.21
N SER GA 216 106.01 4.63 5.06
CA SER GA 216 107.33 5.24 5.19
C SER GA 216 108.03 5.22 3.86
N ALA GA 217 107.88 4.11 3.15
CA ALA GA 217 108.59 3.89 1.90
C ALA GA 217 108.09 4.84 0.84
N ILE GA 218 106.77 4.95 0.68
CA ILE GA 218 106.29 5.77 -0.42
C ILE GA 218 106.55 7.24 -0.12
N ARG GA 219 106.65 7.61 1.14
CA ARG GA 219 107.05 8.97 1.46
C ARG GA 219 108.49 9.26 1.04
N ARG GA 220 109.39 8.33 1.37
CA ARG GA 220 110.79 8.46 1.01
C ARG GA 220 110.97 8.53 -0.52
N GLN GA 221 110.20 7.70 -1.23
CA GLN GA 221 110.27 7.66 -2.69
C GLN GA 221 109.73 8.93 -3.31
N TRP GA 222 108.56 9.34 -2.85
CA TRP GA 222 107.93 10.57 -3.32
C TRP GA 222 108.86 11.77 -3.12
N SER GA 223 109.58 11.84 -2.00
CA SER GA 223 110.54 12.94 -1.79
C SER GA 223 111.62 12.95 -2.81
N ALA GA 224 112.27 11.80 -2.94
CA ALA GA 224 113.36 11.62 -3.88
C ALA GA 224 112.88 12.00 -5.27
N GLY GA 225 111.67 11.56 -5.61
CA GLY GA 225 111.13 11.79 -6.94
C GLY GA 225 111.02 13.27 -7.20
N LEU GA 226 110.32 13.97 -6.31
CA LEU GA 226 110.12 15.42 -6.43
C LEU GA 226 111.42 16.19 -6.51
N HIS GA 227 112.37 15.80 -5.69
CA HIS GA 227 113.64 16.46 -5.68
C HIS GA 227 114.33 16.28 -7.06
N ASP GA 228 114.27 15.07 -7.60
CA ASP GA 228 114.85 14.74 -8.91
C ASP GA 228 114.24 15.61 -10.00
N LEU GA 230 112.64 18.26 -9.99
CA LEU GA 230 112.91 19.66 -9.81
C LEU GA 230 114.28 20.03 -10.35
N GLU GA 231 115.28 19.19 -10.15
CA GLU GA 231 116.63 19.50 -10.61
C GLU GA 231 116.78 19.31 -12.10
N ARG GA 232 115.97 18.40 -12.64
CA ARG GA 232 116.00 18.12 -14.05
C ARG GA 232 115.01 18.97 -14.93
N LEU GA 233 114.23 19.84 -14.30
CA LEU GA 233 113.50 20.88 -15.00
C LEU GA 233 114.46 21.90 -15.61
N PRO GA 234 114.09 22.48 -16.75
CA PRO GA 234 114.98 23.42 -17.43
C PRO GA 234 115.10 24.76 -16.74
N SER GA 235 116.13 25.50 -17.11
CA SER GA 235 116.31 26.86 -16.61
C SER GA 235 115.43 27.86 -17.36
N PRO GA 236 114.98 28.91 -16.68
CA PRO GA 236 114.23 29.97 -17.34
C PRO GA 236 115.07 30.63 -18.41
N PRO GA 237 114.49 30.99 -19.58
CA PRO GA 237 115.22 31.68 -20.65
C PRO GA 237 115.87 33.01 -20.23
N SER GA 238 116.61 33.63 -21.16
CA SER GA 238 117.19 34.96 -20.94
C SER GA 238 116.12 35.91 -20.43
N ALA GA 239 115.05 36.03 -21.24
CA ALA GA 239 113.92 36.92 -20.98
C ALA GA 239 113.59 37.14 -19.47
N TYR GA 240 113.60 36.08 -18.66
CA TYR GA 240 113.10 36.18 -17.30
C TYR GA 240 113.89 37.03 -16.26
N ASN GA 241 114.95 37.75 -16.65
CA ASN GA 241 115.76 38.45 -15.61
C ASN GA 241 115.80 39.99 -15.67
N THR HA 1 94.56 35.66 -5.52
CA THR HA 1 95.61 36.36 -4.75
C THR HA 1 96.49 35.34 -4.05
N TYR HA 2 97.72 35.24 -4.52
CA TYR HA 2 98.73 34.43 -3.84
C TYR HA 2 100.08 35.08 -4.11
N CYS HA 3 100.83 35.39 -3.06
CA CYS HA 3 102.16 35.98 -3.21
C CYS HA 3 103.18 35.20 -2.40
N VAL HA 4 104.40 35.11 -2.92
CA VAL HA 4 105.50 34.44 -2.25
C VAL HA 4 106.70 35.32 -2.34
N ALA HA 5 107.52 35.31 -1.29
CA ALA HA 5 108.81 35.99 -1.31
C ALA HA 5 109.79 35.16 -0.55
N HIS HA 7 113.93 34.96 0.88
CA HIS HA 7 115.17 35.61 1.19
C HIS HA 7 116.21 34.52 1.39
N LEU HA 8 117.13 34.48 0.43
CA LEU HA 8 118.13 33.44 0.29
C LEU HA 8 119.53 34.00 0.33
N ALA HA 9 120.48 33.09 0.42
CA ALA HA 9 121.87 33.46 0.54
C ALA HA 9 122.26 34.43 -0.57
N ASP HA 10 121.84 34.13 -1.80
CA ASP HA 10 122.25 34.95 -2.96
C ASP HA 10 121.37 36.16 -3.24
N GLY HA 11 120.26 36.32 -2.53
CA GLY HA 11 119.39 37.49 -2.75
C GLY HA 11 117.93 37.26 -2.44
N LEU HA 12 117.06 37.90 -3.21
CA LEU HA 12 115.64 37.83 -3.00
C LEU HA 12 114.91 37.39 -4.27
N VAL HA 13 113.81 36.67 -4.10
CA VAL HA 13 112.94 36.31 -5.21
C VAL HA 13 111.52 36.61 -4.80
N PHE HA 14 110.79 37.32 -5.67
CA PHE HA 14 109.40 37.67 -5.41
C PHE HA 14 108.49 37.17 -6.52
N ALA HA 15 107.31 36.69 -6.18
CA ALA HA 15 106.34 36.27 -7.19
C ALA HA 15 104.93 36.47 -6.70
N SER HA 16 104.08 37.04 -7.56
CA SER HA 16 102.68 37.30 -7.23
C SER HA 16 101.78 36.91 -8.37
N ASP HA 17 100.55 36.50 -8.07
CA ASP HA 17 99.52 36.42 -9.13
C ASP HA 17 98.91 37.80 -9.34
N SER HA 18 97.77 37.85 -10.02
CA SER HA 18 97.12 39.11 -10.35
C SER HA 18 95.60 39.10 -10.26
N ARG HA 19 95.03 37.93 -9.99
CA ARG HA 19 93.60 37.82 -9.96
C ARG HA 19 93.11 38.43 -8.67
N THR HA 20 92.08 39.26 -8.77
CA THR HA 20 91.70 40.10 -7.69
C THR HA 20 90.20 40.21 -7.58
N ASN HA 21 89.71 40.07 -6.37
CA ASN HA 21 88.32 40.23 -6.13
C ASN HA 21 88.08 41.71 -5.97
N ALA HA 22 87.42 42.31 -6.94
CA ALA HA 22 87.18 43.74 -6.92
C ALA HA 22 85.71 44.08 -6.68
N GLY HA 23 84.97 43.24 -5.97
CA GLY HA 23 83.55 43.46 -5.84
C GLY HA 23 82.83 42.23 -6.30
N ILE HA 24 81.51 42.27 -6.20
CA ILE HA 24 80.71 41.09 -6.56
C ILE HA 24 80.61 41.07 -8.06
N ASP HA 25 80.79 39.87 -8.64
CA ASP HA 25 80.73 39.67 -10.06
C ASP HA 25 81.70 40.59 -10.80
N HIS HA 26 82.78 40.99 -10.13
CA HIS HA 26 83.80 41.80 -10.77
C HIS HA 26 85.15 41.25 -10.30
N ILE HA 27 85.62 40.20 -10.95
CA ILE HA 27 86.93 39.69 -10.73
C ILE HA 27 87.85 40.19 -11.82
N ALA HA 28 89.05 40.61 -11.46
CA ALA HA 28 89.87 41.38 -12.39
C ALA HA 28 91.34 41.24 -12.15
N THR HA 29 92.12 41.74 -13.10
CA THR HA 29 93.56 41.68 -13.02
C THR HA 29 94.15 42.96 -12.44
N PHE HA 30 94.95 42.82 -11.39
CA PHE HA 30 95.67 43.95 -10.78
C PHE HA 30 97.05 43.49 -10.35
N ARG HA 31 98.06 44.29 -10.66
CA ARG HA 31 99.42 43.98 -10.27
C ARG HA 31 99.49 43.95 -8.74
N LYS HA 32 100.20 42.96 -8.19
CA LYS HA 32 100.37 42.86 -6.74
C LYS HA 32 101.85 42.86 -6.33
N LEU HA 33 102.71 43.38 -7.19
CA LEU HA 33 104.14 43.45 -6.91
C LEU HA 33 104.64 44.79 -7.43
N PHE HA 34 105.14 45.64 -6.53
CA PHE HA 34 105.55 46.99 -6.86
C PHE HA 34 106.99 47.21 -6.43
N THR HA 35 107.76 47.92 -7.24
CA THR HA 35 109.17 48.16 -6.95
C THR HA 35 109.45 49.64 -6.70
N PHE HA 36 110.46 49.94 -5.91
CA PHE HA 36 110.84 51.31 -5.61
C PHE HA 36 112.34 51.32 -5.45
N GLY HA 37 112.97 52.47 -5.69
CA GLY HA 37 114.39 52.58 -5.38
C GLY HA 37 115.16 53.61 -6.17
N THR HA 38 116.42 53.77 -5.81
CA THR HA 38 117.36 54.59 -6.56
C THR HA 38 118.55 53.70 -6.92
N PRO HA 39 118.92 53.61 -8.23
CA PRO HA 39 119.98 52.71 -8.64
C PRO HA 39 121.31 52.99 -7.93
N GLY HA 40 121.98 51.93 -7.48
CA GLY HA 40 123.25 52.05 -6.76
C GLY HA 40 123.11 52.35 -5.29
N GLU HA 41 121.89 52.57 -4.84
CA GLU HA 41 121.61 52.90 -3.43
C GLU HA 41 120.56 51.96 -2.79
N ARG HA 42 119.41 51.71 -3.44
CA ARG HA 42 118.42 50.83 -2.82
C ARG HA 42 117.39 50.23 -3.76
N LEU HA 43 116.92 49.04 -3.39
CA LEU HA 43 115.78 48.41 -4.01
C LEU HA 43 114.80 48.00 -2.94
N LEU HA 44 113.54 48.36 -3.12
CA LEU HA 44 112.48 47.85 -2.25
C LEU HA 44 111.32 47.32 -3.05
N VAL HA 45 110.80 46.18 -2.65
CA VAL HA 45 109.65 45.60 -3.31
C VAL HA 45 108.52 45.45 -2.31
N VAL HA 46 107.32 45.81 -2.72
CA VAL HA 46 106.15 45.62 -1.89
C VAL HA 46 105.14 44.73 -2.61
N GLN HA 47 104.67 43.70 -1.93
CA GLN HA 47 103.60 42.87 -2.46
C GLN HA 47 102.37 43.04 -1.62
N THR HA 48 101.22 42.86 -2.25
CA THR HA 48 99.93 43.15 -1.61
C THR HA 48 98.98 41.98 -1.68
N ALA HA 49 98.11 41.89 -0.69
CA ALA HA 49 97.06 40.90 -0.66
C ALA HA 49 95.96 41.45 0.21
N GLY HA 50 94.73 41.01 -0.03
CA GLY HA 50 93.62 41.44 0.79
C GLY HA 50 92.79 42.45 0.06
N ASN HA 51 92.17 43.35 0.80
CA ASN HA 51 91.25 44.32 0.20
C ASN HA 51 91.93 45.22 -0.82
N LEU HA 52 91.38 45.25 -2.02
CA LEU HA 52 91.94 46.04 -3.10
C LEU HA 52 91.97 47.51 -2.77
N ALA HA 53 90.83 48.06 -2.35
CA ALA HA 53 90.74 49.50 -2.08
C ALA HA 53 91.81 49.95 -1.09
N THR HA 54 92.00 49.16 -0.06
CA THR HA 54 92.93 49.51 0.98
C THR HA 54 94.33 49.42 0.46
N SER HA 55 94.67 48.30 -0.14
CA SER HA 55 96.04 48.13 -0.60
C SER HA 55 96.39 49.16 -1.69
N GLN HA 56 95.46 49.46 -2.57
CA GLN HA 56 95.72 50.48 -3.58
C GLN HA 56 95.99 51.81 -2.96
N SER HA 57 95.17 52.19 -1.99
CA SER HA 57 95.39 53.46 -1.32
C SER HA 57 96.77 53.50 -0.66
N VAL HA 58 97.17 52.41 -0.03
CA VAL HA 58 98.47 52.38 0.63
C VAL HA 58 99.58 52.59 -0.38
N ILE HA 59 99.54 51.84 -1.45
CA ILE HA 59 100.56 51.94 -2.49
C ILE HA 59 100.59 53.34 -3.12
N ASN HA 60 99.41 53.88 -3.39
CA ASN HA 60 99.30 55.18 -3.97
C ASN HA 60 99.92 56.24 -3.11
N LEU HA 61 99.69 56.17 -1.81
CA LEU HA 61 100.24 57.18 -0.92
C LEU HA 61 101.75 57.06 -0.86
N LEU HA 62 102.24 55.84 -0.82
CA LEU HA 62 103.68 55.64 -0.79
C LEU HA 62 104.33 56.27 -2.02
N GLN HA 63 103.68 56.16 -3.18
CA GLN HA 63 104.20 56.73 -4.42
C GLN HA 63 104.15 58.24 -4.39
N GLN HA 64 103.01 58.83 -4.06
CA GLN HA 64 102.92 60.27 -3.93
C GLN HA 64 103.98 60.83 -2.98
N ARG HA 65 104.16 60.19 -1.83
CA ARG HA 65 105.07 60.70 -0.80
C ARG HA 65 106.57 60.56 -1.11
N ILE HA 66 106.90 59.69 -2.05
CA ILE HA 66 108.27 59.51 -2.51
C ILE HA 66 108.79 60.85 -3.05
N ARG HA 67 107.94 61.52 -3.81
CA ARG HA 67 108.20 62.85 -4.38
C ARG HA 67 107.77 63.96 -3.36
N ARG HA 68 108.30 63.90 -2.13
CA ARG HA 68 107.94 64.87 -1.08
C ARG HA 68 108.92 64.82 0.12
N ASP HA 69 109.30 66.00 0.61
CA ASP HA 69 110.27 66.16 1.72
C ASP HA 69 109.68 65.67 3.06
N GLY HA 70 110.03 64.45 3.47
CA GLY HA 70 109.50 63.85 4.69
C GLY HA 70 109.67 62.34 4.57
N ALA HA 71 109.18 61.58 5.55
CA ALA HA 71 109.35 60.11 5.55
C ALA HA 71 108.80 59.44 4.28
N SER HA 72 109.64 58.64 3.62
CA SER HA 72 109.28 57.98 2.37
C SER HA 72 110.14 56.76 2.15
N LEU HA 73 109.66 55.85 1.31
CA LEU HA 73 110.44 54.65 0.99
C LEU HA 73 111.82 54.93 0.42
N LEU HA 74 112.12 56.15 0.00
CA LEU HA 74 113.44 56.42 -0.55
C LEU HA 74 114.47 56.95 0.42
N ASN HA 75 114.09 57.28 1.66
CA ASN HA 75 115.01 57.98 2.57
C ASN HA 75 115.13 57.21 3.90
N VAL HA 76 114.08 56.46 4.21
CA VAL HA 76 114.05 55.45 5.25
C VAL HA 76 115.37 54.67 5.35
N PRO HA 77 115.95 54.57 6.56
CA PRO HA 77 117.34 54.09 6.67
C PRO HA 77 117.56 52.57 6.64
N SER HA 78 116.50 51.78 6.75
CA SER HA 78 116.63 50.32 6.73
C SER HA 78 115.37 49.63 6.20
N VAL HA 79 115.51 48.39 5.75
CA VAL HA 79 114.34 47.65 5.25
C VAL HA 79 113.30 47.48 6.36
N TYR HA 80 113.77 47.27 7.58
CA TYR HA 80 112.89 47.30 8.74
C TYR HA 80 112.01 48.56 8.76
N ASP HA 81 112.64 49.73 8.73
CA ASP HA 81 111.91 51.00 8.80
C ASP HA 81 110.98 51.21 7.60
N ALA HA 82 111.34 50.63 6.46
CA ALA HA 82 110.47 50.65 5.29
C ALA HA 82 109.20 49.88 5.57
N THR HA 83 109.37 48.68 6.12
CA THR HA 83 108.24 47.84 6.52
C THR HA 83 107.35 48.57 7.52
N ALA HA 84 107.98 49.21 8.52
CA ALA HA 84 107.26 49.98 9.52
C ALA HA 84 106.48 51.12 8.86
N LEU HA 85 107.07 51.75 7.84
CA LEU HA 85 106.44 52.87 7.16
C LEU HA 85 105.20 52.39 6.41
N VAL HA 86 105.32 51.24 5.74
CA VAL HA 86 104.18 50.68 5.03
C VAL HA 86 103.05 50.43 6.03
N ALA HA 87 103.38 49.79 7.15
CA ALA HA 87 102.39 49.53 8.21
C ALA HA 87 101.75 50.82 8.71
N GLU HA 88 102.60 51.79 9.06
CA GLU HA 88 102.17 53.13 9.48
C GLU HA 88 101.17 53.71 8.47
N THR HA 89 101.48 53.60 7.19
CA THR HA 89 100.61 54.09 6.13
C THR HA 89 99.29 53.33 6.11
N THR HA 90 99.36 52.00 6.26
CA THR HA 90 98.16 51.17 6.29
C THR HA 90 97.21 51.68 7.39
N ARG HA 91 97.73 51.86 8.61
CA ARG HA 91 96.93 52.37 9.74
C ARG HA 91 96.19 53.65 9.37
N GLU HA 92 96.91 54.54 8.72
CA GLU HA 92 96.37 55.81 8.31
C GLU HA 92 95.18 55.64 7.35
N VAL HA 93 95.30 54.72 6.41
CA VAL HA 93 94.22 54.46 5.44
C VAL HA 93 92.98 53.84 6.09
N ALA HA 95 92.06 54.15 9.23
CA ALA HA 95 91.43 55.18 10.05
C ALA HA 95 90.43 56.03 9.27
N ARG HA 96 90.80 56.41 8.05
CA ARG HA 96 89.98 57.31 7.24
C ARG HA 96 88.70 56.65 6.67
N ASP HA 97 88.83 55.43 6.13
CA ASP HA 97 87.73 54.71 5.43
C ASP HA 97 86.72 54.05 6.40
N SER HA 98 87.19 53.71 7.59
CA SER HA 98 86.33 53.26 8.67
C SER HA 98 85.27 54.33 9.02
N GLY HA 99 84.05 53.86 9.28
CA GLY HA 99 82.89 54.70 9.62
C GLY HA 99 81.64 53.82 9.61
N ASN HA 100 80.46 54.42 9.82
CA ASN HA 100 79.19 53.66 9.72
C ASN HA 100 78.93 53.14 8.31
N LEU HA 101 79.37 53.91 7.32
CA LEU HA 101 79.11 53.62 5.90
C LEU HA 101 79.76 52.32 5.42
N ALA HA 102 81.02 52.09 5.81
CA ALA HA 102 81.67 50.80 5.54
C ALA HA 102 80.86 49.66 6.18
N GLY HA 103 80.40 49.85 7.42
CA GLY HA 103 79.59 48.86 8.13
C GLY HA 103 80.43 47.66 8.57
N ASN HA 104 80.02 46.46 8.19
CA ASN HA 104 80.75 45.21 8.55
C ASN HA 104 81.68 44.69 7.46
N THR HA 105 81.73 45.38 6.33
CA THR HA 105 82.65 45.01 5.25
C THR HA 105 84.15 44.99 5.71
N ASP HA 106 84.92 44.03 5.21
CA ASP HA 106 86.25 43.74 5.73
C ASP HA 106 87.38 44.42 4.94
N LEU HA 107 87.89 45.52 5.49
CA LEU HA 107 88.87 46.37 4.80
C LEU HA 107 90.35 45.99 5.00
N SER HA 108 90.64 44.84 5.58
CA SER HA 108 92.01 44.54 5.97
C SER HA 108 92.83 44.05 4.79
N CYS HA 109 94.13 44.29 4.86
CA CYS HA 109 95.04 43.67 3.92
C CYS HA 109 96.42 43.48 4.51
N SER HA 110 97.20 42.68 3.81
CA SER HA 110 98.52 42.29 4.23
C SER HA 110 99.55 42.57 3.13
N PHE HA 111 100.81 42.64 3.50
CA PHE HA 111 101.86 43.08 2.62
C PHE HA 111 103.14 42.31 2.86
N VAL HA 113 107.30 43.26 2.37
CA VAL HA 113 108.23 44.31 2.08
C VAL HA 113 109.63 43.73 2.16
N GLY HA 114 110.36 43.77 1.06
CA GLY HA 114 111.69 43.22 1.04
C GLY HA 114 112.58 44.02 0.14
N GLY HA 115 113.88 43.83 0.30
CA GLY HA 115 114.82 44.53 -0.55
C GLY HA 115 116.16 44.71 0.13
N GLN HA 116 116.90 45.70 -0.33
CA GLN HA 116 118.22 45.99 0.22
C GLN HA 116 118.54 47.46 0.13
N ILE HA 117 119.06 48.00 1.21
CA ILE HA 117 119.52 49.37 1.23
C ILE HA 117 121.03 49.34 1.41
N ALA HA 118 121.72 50.23 0.69
CA ALA HA 118 123.19 50.29 0.70
C ALA HA 118 123.71 50.25 2.13
N GLY HA 119 124.65 49.34 2.37
CA GLY HA 119 125.35 49.28 3.64
C GLY HA 119 124.79 48.29 4.61
N GLY HA 120 123.77 47.55 4.22
CA GLY HA 120 123.29 46.47 5.05
C GLY HA 120 122.78 45.35 4.21
N PRO HA 121 122.70 44.14 4.78
CA PRO HA 121 122.24 43.00 3.99
C PRO HA 121 120.80 43.16 3.47
N PRO HA 122 120.42 42.33 2.49
CA PRO HA 122 119.02 42.30 2.08
C PRO HA 122 118.16 41.73 3.19
N ALA HA 123 116.88 42.09 3.20
CA ALA HA 123 115.91 41.60 4.20
C ALA HA 123 114.51 41.47 3.62
N LEU HA 124 113.65 40.74 4.33
CA LEU HA 124 112.28 40.46 3.88
C LEU HA 124 111.33 40.36 5.05
N TYR HA 125 110.26 41.13 5.02
CA TYR HA 125 109.28 41.13 6.10
C TYR HA 125 107.91 40.83 5.55
N SER HA 126 107.03 40.34 6.43
CA SER HA 126 105.62 40.20 6.10
C SER HA 126 104.80 40.94 7.14
N ILE HA 127 103.87 41.78 6.69
CA ILE HA 127 102.99 42.52 7.57
C ILE HA 127 101.64 41.83 7.59
N TYR HA 128 101.12 41.61 8.79
CA TYR HA 128 99.83 40.97 8.94
C TYR HA 128 98.68 41.95 8.86
N PRO HA 129 97.44 41.43 8.72
CA PRO HA 129 96.27 42.30 8.73
C PRO HA 129 96.24 43.31 9.86
N GLN HA 130 96.74 42.93 11.04
CA GLN HA 130 96.66 43.76 12.23
C GLN HA 130 97.85 44.73 12.36
N GLY HA 131 98.81 44.70 11.43
CA GLY HA 131 99.82 45.78 11.33
C GLY HA 131 101.17 45.50 11.97
N ASN HA 132 101.26 44.35 12.63
CA ASN HA 132 102.51 43.86 13.21
C ASN HA 132 103.16 42.88 12.22
N PHE HA 133 104.47 42.79 12.29
CA PHE HA 133 105.17 42.09 11.23
C PHE HA 133 106.28 41.18 11.70
N ILE HA 134 106.62 40.25 10.81
CA ILE HA 134 107.74 39.36 11.04
C ILE HA 134 108.74 39.34 9.90
N GLN HA 135 109.94 38.88 10.23
CA GLN HA 135 111.11 38.90 9.36
C GLN HA 135 111.46 37.50 8.99
N ALA HA 136 111.75 37.27 7.71
CA ALA HA 136 112.21 35.96 7.27
C ALA HA 136 113.64 35.77 7.67
N THR HA 137 114.00 34.54 8.02
CA THR HA 137 115.35 34.19 8.49
C THR HA 137 115.85 32.96 7.75
N PRO HA 138 117.12 32.60 7.95
CA PRO HA 138 117.62 31.36 7.33
C PRO HA 138 116.80 30.11 7.62
N ASP HA 139 116.32 29.96 8.86
CA ASP HA 139 115.49 28.79 9.22
C ASP HA 139 114.08 28.84 8.60
N THR HA 140 113.56 30.05 8.37
CA THR HA 140 112.25 30.26 7.74
C THR HA 140 112.43 31.31 6.62
N PRO HA 141 112.94 30.86 5.46
CA PRO HA 141 113.43 31.75 4.43
C PRO HA 141 112.40 32.14 3.41
N PHE HA 142 111.20 31.61 3.46
CA PHE HA 142 110.12 32.12 2.58
C PHE HA 142 108.86 32.48 3.35
N LEU HA 143 108.10 33.41 2.79
CA LEU HA 143 106.85 33.87 3.38
C LEU HA 143 105.79 33.99 2.31
N GLN HA 144 104.54 33.76 2.68
CA GLN HA 144 103.46 33.78 1.71
C GLN HA 144 102.34 34.70 2.13
N LEU HA 145 101.59 35.17 1.15
CA LEU HA 145 100.36 35.88 1.42
C LEU HA 145 99.27 35.26 0.61
N GLY HA 146 98.04 35.48 1.04
CA GLY HA 146 96.89 35.11 0.26
C GLY HA 146 96.60 33.66 0.45
N GLU HA 147 96.17 33.05 -0.64
CA GLU HA 147 95.71 31.70 -0.71
C GLU HA 147 96.94 30.78 -0.93
N SER HA 148 97.62 30.45 0.17
CA SER HA 148 98.96 29.87 0.09
C SER HA 148 99.12 28.41 0.55
N LYS HA 149 98.09 27.80 1.11
CA LYS HA 149 98.26 26.44 1.59
C LYS HA 149 98.52 25.47 0.41
N TYR HA 150 97.89 25.72 -0.74
CA TYR HA 150 97.96 24.76 -1.84
C TYR HA 150 99.38 24.56 -2.33
N GLY HA 151 100.15 25.64 -2.35
CA GLY HA 151 101.50 25.61 -2.88
C GLY HA 151 102.59 25.65 -1.82
N LYS HA 152 102.21 25.46 -0.56
CA LYS HA 152 103.19 25.46 0.51
C LYS HA 152 104.05 24.21 0.56
N PRO HA 153 103.45 23.02 0.39
CA PRO HA 153 104.26 21.83 0.52
C PRO HA 153 105.49 21.79 -0.36
N ILE HA 154 105.37 22.15 -1.64
CA ILE HA 154 106.56 22.09 -2.48
C ILE HA 154 107.69 23.00 -1.98
N LEU HA 155 107.33 24.13 -1.38
CA LEU HA 155 108.33 25.02 -0.83
C LEU HA 155 108.92 24.47 0.47
N ASP HA 156 108.07 23.97 1.35
CA ASP HA 156 108.54 23.32 2.55
C ASP HA 156 109.55 22.23 2.22
N ARG HA 157 109.24 21.40 1.23
CA ARG HA 157 110.07 20.26 0.90
C ARG HA 157 111.43 20.62 0.35
N ASN HA 158 111.51 21.63 -0.50
CA ASN HA 158 112.69 21.84 -1.31
C ASN HA 158 113.47 23.09 -1.03
N LEU HA 159 112.82 24.10 -0.54
CA LEU HA 159 113.46 25.39 -0.40
C LEU HA 159 114.25 25.49 0.90
N THR HA 160 115.44 26.06 0.82
CA THR HA 160 116.24 26.39 2.01
C THR HA 160 117.01 27.68 1.74
N PHE HA 161 117.60 28.24 2.78
CA PHE HA 161 118.33 29.49 2.65
C PHE HA 161 119.37 29.43 1.54
N ASP HA 162 120.00 28.27 1.37
CA ASP HA 162 121.07 28.07 0.40
C ASP HA 162 120.61 27.73 -1.01
N THR HA 163 119.31 27.54 -1.23
CA THR HA 163 118.83 27.30 -2.57
C THR HA 163 119.23 28.48 -3.45
N PRO HA 164 119.83 28.22 -4.62
CA PRO HA 164 120.15 29.31 -5.55
C PRO HA 164 118.91 29.98 -6.12
N LEU HA 165 119.06 31.19 -6.63
CA LEU HA 165 117.91 31.96 -7.06
C LEU HA 165 117.16 31.28 -8.19
N GLU HA 166 117.86 30.88 -9.26
CA GLU HA 166 117.21 30.28 -10.41
C GLU HA 166 116.32 29.10 -9.94
N GLN HA 167 116.79 28.32 -8.98
CA GLN HA 167 116.03 27.15 -8.52
C GLN HA 167 114.90 27.52 -7.62
N ALA HA 168 115.09 28.55 -6.82
CA ALA HA 168 114.02 29.05 -5.98
C ALA HA 168 112.87 29.56 -6.85
N LEU HA 169 113.21 30.31 -7.89
CA LEU HA 169 112.20 30.85 -8.78
C LEU HA 169 111.39 29.72 -9.41
N ARG HA 170 112.10 28.69 -9.86
CA ARG HA 170 111.49 27.52 -10.45
C ARG HA 170 110.52 26.88 -9.48
N CYS HA 171 110.97 26.79 -8.24
CA CYS HA 171 110.19 26.21 -7.18
C CYS HA 171 108.91 27.00 -6.96
N ALA HA 172 109.05 28.32 -6.90
CA ALA HA 172 107.90 29.21 -6.82
C ALA HA 172 106.90 28.97 -7.95
N LEU HA 173 107.41 28.80 -9.16
CA LEU HA 173 106.50 28.59 -10.27
C LEU HA 173 105.67 27.31 -10.15
N VAL HA 174 106.28 26.26 -9.65
CA VAL HA 174 105.55 25.04 -9.42
C VAL HA 174 104.50 25.22 -8.32
N SER HA 175 104.87 25.97 -7.29
CA SER HA 175 103.90 26.38 -6.28
C SER HA 175 102.66 27.02 -6.92
N PHE HA 176 102.88 27.94 -7.87
CA PHE HA 176 101.74 28.61 -8.54
C PHE HA 176 100.95 27.66 -9.41
N ASP HA 177 101.66 26.74 -10.06
CA ASP HA 177 101.02 25.75 -10.89
C ASP HA 177 99.94 25.03 -10.08
N SER HA 178 100.33 24.43 -8.96
CA SER HA 178 99.39 23.67 -8.17
C SER HA 178 98.25 24.55 -7.69
N THR HA 179 98.60 25.77 -7.27
CA THR HA 179 97.62 26.66 -6.66
C THR HA 179 96.56 27.00 -7.72
N ILE HA 180 97.02 27.40 -8.89
CA ILE HA 180 96.10 27.76 -9.95
C ILE HA 180 95.13 26.64 -10.33
N ARG HA 181 95.61 25.42 -10.33
CA ARG HA 181 94.78 24.29 -10.67
C ARG HA 181 93.71 24.02 -9.67
N SER HA 182 93.98 24.35 -8.42
CA SER HA 182 93.13 23.90 -7.32
C SER HA 182 92.31 25.01 -6.70
N ASN HA 183 92.53 26.26 -7.12
CA ASN HA 183 91.79 27.39 -6.57
C ASN HA 183 91.61 28.51 -7.55
N LEU HA 184 90.37 28.77 -7.95
CA LEU HA 184 90.10 29.77 -9.00
C LEU HA 184 90.35 31.19 -8.61
N SER HA 185 90.46 31.47 -7.31
CA SER HA 185 90.65 32.85 -6.88
C SER HA 185 92.07 33.29 -7.25
N VAL HA 186 92.94 32.35 -7.60
CA VAL HA 186 94.29 32.63 -8.01
C VAL HA 186 94.43 32.42 -9.51
N GLY HA 187 95.19 33.29 -10.14
CA GLY HA 187 95.18 33.35 -11.61
C GLY HA 187 96.25 34.21 -12.25
N PRO HA 189 97.84 36.82 -15.22
CA PRO HA 189 99.30 36.75 -15.28
C PRO HA 189 99.95 36.77 -13.93
N LEU HA 190 101.19 36.30 -13.89
CA LEU HA 190 102.05 36.39 -12.70
C LEU HA 190 103.10 37.44 -12.92
N ASP HA 191 103.62 37.98 -11.84
CA ASP HA 191 104.66 38.97 -11.90
C ASP HA 191 105.81 38.48 -11.04
N LEU HA 192 107.01 38.42 -11.61
CA LEU HA 192 108.20 37.94 -10.89
C LEU HA 192 109.25 39.00 -10.82
N LEU HA 193 110.09 38.89 -9.80
CA LEU HA 193 111.24 39.73 -9.70
C LEU HA 193 112.33 39.00 -8.93
N VAL HA 194 113.52 38.99 -9.51
CA VAL HA 194 114.68 38.40 -8.87
C VAL HA 194 115.71 39.50 -8.60
N TYR HA 195 116.26 39.54 -7.39
CA TYR HA 195 117.24 40.56 -7.02
C TYR HA 195 118.49 39.91 -6.46
N HIS HA 196 119.64 40.33 -6.97
CA HIS HA 196 120.91 39.73 -6.58
C HIS HA 196 121.54 40.48 -5.39
N ARG HA 197 121.93 39.74 -4.36
CA ARG HA 197 122.49 40.34 -3.16
C ARG HA 197 123.62 41.29 -3.55
N ASP HA 198 123.59 42.49 -2.99
CA ASP HA 198 124.62 43.53 -3.16
C ASP HA 198 124.66 44.19 -4.55
N SER HA 199 123.78 43.80 -5.46
CA SER HA 199 123.78 44.40 -6.79
C SER HA 199 123.32 45.85 -6.74
N LEU HA 200 122.39 46.16 -5.84
CA LEU HA 200 121.79 47.51 -5.70
C LEU HA 200 121.28 48.12 -6.99
N ILE HA 201 120.72 47.28 -7.87
CA ILE HA 201 120.08 47.74 -9.11
C ILE HA 201 118.60 47.43 -9.03
N LEU HA 202 117.79 48.09 -9.86
CA LEU HA 202 116.34 47.82 -9.90
C LEU HA 202 116.05 46.88 -11.06
N PRO HA 203 115.87 45.57 -10.79
CA PRO HA 203 115.61 44.66 -11.90
C PRO HA 203 114.31 44.99 -12.56
N GLU HA 204 114.17 44.70 -13.84
CA GLU HA 204 112.96 45.07 -14.50
C GLU HA 204 111.84 44.13 -14.11
N GLY HA 205 112.17 42.91 -13.73
CA GLY HA 205 111.13 41.94 -13.36
C GLY HA 205 110.51 41.41 -14.65
N TYR HA 206 109.57 40.49 -14.53
CA TYR HA 206 109.06 39.79 -15.69
C TYR HA 206 107.63 39.32 -15.46
N ARG HA 207 106.82 39.41 -16.50
CA ARG HA 207 105.43 38.98 -16.40
C ARG HA 207 105.16 37.68 -17.16
N VAL HA 208 104.59 36.71 -16.44
CA VAL HA 208 104.27 35.45 -17.02
C VAL HA 208 102.82 35.43 -17.46
N THR HA 209 102.58 35.38 -18.76
CA THR HA 209 101.22 35.26 -19.24
C THR HA 209 100.80 33.82 -19.50
N GLU HA 210 99.49 33.64 -19.67
CA GLU HA 210 98.87 32.47 -20.27
C GLU HA 210 99.71 31.80 -21.37
N ASP HA 211 100.30 32.62 -22.25
CA ASP HA 211 101.03 32.10 -23.41
C ASP HA 211 102.49 31.72 -23.17
N ASP HA 212 103.02 32.00 -21.99
CA ASP HA 212 104.45 31.87 -21.76
C ASP HA 212 104.95 30.48 -22.15
N ALA HA 213 105.93 30.42 -23.03
CA ALA HA 213 106.46 29.15 -23.50
C ALA HA 213 107.06 28.34 -22.35
N TYR HA 214 107.93 28.99 -21.56
CA TYR HA 214 108.66 28.30 -20.51
C TYR HA 214 107.73 27.77 -19.44
N PHE HA 215 106.85 28.62 -18.94
CA PHE HA 215 105.91 28.19 -17.91
C PHE HA 215 104.96 27.11 -18.42
N SER HA 216 104.47 27.21 -19.66
CA SER HA 216 103.64 26.16 -20.22
C SER HA 216 104.36 24.83 -20.21
N ALA HA 217 105.65 24.89 -20.56
CA ALA HA 217 106.46 23.68 -20.68
C ALA HA 217 106.70 23.00 -19.34
N ILE HA 218 107.09 23.75 -18.33
CA ILE HA 218 107.38 23.11 -17.06
C ILE HA 218 106.10 22.61 -16.40
N ARG HA 219 104.96 23.21 -16.69
CA ARG HA 219 103.67 22.65 -16.23
C ARG HA 219 103.36 21.29 -16.87
N ARG HA 220 103.52 21.20 -18.19
CA ARG HA 220 103.36 19.94 -18.92
C ARG HA 220 104.30 18.85 -18.42
N GLN HA 221 105.56 19.23 -18.16
CA GLN HA 221 106.56 18.30 -17.66
C GLN HA 221 106.22 17.82 -16.26
N TRP HA 222 105.91 18.77 -15.39
CA TRP HA 222 105.59 18.48 -14.00
C TRP HA 222 104.41 17.53 -13.92
N SER HA 223 103.42 17.70 -14.80
CA SER HA 223 102.28 16.76 -14.83
C SER HA 223 102.69 15.36 -15.18
N ALA HA 224 103.43 15.25 -16.27
CA ALA HA 224 103.93 13.96 -16.74
C ALA HA 224 104.76 13.28 -15.66
N GLY HA 225 105.60 14.07 -14.96
CA GLY HA 225 106.45 13.54 -13.94
C GLY HA 225 105.64 12.92 -12.81
N LEU HA 226 104.73 13.70 -12.25
CA LEU HA 226 103.84 13.25 -11.19
C LEU HA 226 103.06 12.02 -11.57
N HIS HA 227 102.54 12.00 -12.78
CA HIS HA 227 101.74 10.88 -13.24
C HIS HA 227 102.60 9.61 -13.28
N ASP HA 228 103.83 9.75 -13.78
CA ASP HA 228 104.81 8.66 -13.82
C ASP HA 228 105.10 8.09 -12.44
N LEU HA 230 103.63 8.25 -9.74
CA LEU HA 230 102.47 7.66 -9.12
C LEU HA 230 102.24 6.23 -9.58
N GLU HA 231 102.44 5.97 -10.87
CA GLU HA 231 102.20 4.64 -11.41
C GLU HA 231 103.31 3.68 -11.03
N ARG HA 232 104.49 4.23 -10.81
CA ARG HA 232 105.67 3.44 -10.46
C ARG HA 232 105.91 3.29 -8.94
N LEU HA 233 105.07 3.91 -8.12
CA LEU HA 233 104.99 3.58 -6.69
C LEU HA 233 104.46 2.17 -6.47
N PRO HA 234 104.92 1.50 -5.40
CA PRO HA 234 104.46 0.15 -5.14
C PRO HA 234 103.02 0.06 -4.66
N SER HA 235 102.45 -1.13 -4.75
CA SER HA 235 101.10 -1.38 -4.26
C SER HA 235 101.10 -1.59 -2.74
N PRO HA 236 100.02 -1.18 -2.07
CA PRO HA 236 99.86 -1.49 -0.65
C PRO HA 236 99.84 -2.99 -0.39
N PRO HA 237 100.50 -3.47 0.68
CA PRO HA 237 100.48 -4.91 1.02
C PRO HA 237 99.08 -5.52 1.21
N SER HA 238 99.01 -6.82 1.46
CA SER HA 238 97.75 -7.50 1.79
C SER HA 238 97.02 -6.76 2.90
N ALA HA 239 97.72 -6.63 4.03
CA ALA HA 239 97.23 -5.98 5.24
C ALA HA 239 96.21 -4.83 5.00
N TYR HA 240 96.46 -3.95 4.04
CA TYR HA 240 95.65 -2.71 3.88
C TYR HA 240 94.17 -2.84 3.42
N ASN HA 241 93.61 -4.07 3.30
CA ASN HA 241 92.22 -4.17 2.77
C ASN HA 241 91.17 -4.74 3.73
#